data_9J1K
#
_entry.id   9J1K
#
_cell.length_a   1.00
_cell.length_b   1.00
_cell.length_c   1.00
_cell.angle_alpha   90.00
_cell.angle_beta   90.00
_cell.angle_gamma   90.00
#
_symmetry.space_group_name_H-M   'P 1'
#
loop_
_entity.id
_entity.type
_entity.pdbx_description
1 polymer 'AA protein'
2 polymer FtbJ
3 polymer FtbK
4 polymer FtbL
5 polymer 'CCA-adding enzyme'
#
loop_
_entity_poly.entity_id
_entity_poly.type
_entity_poly.pdbx_seq_one_letter_code
_entity_poly.pdbx_strand_id
1 'polypeptide(L)'
;MAFEENLYCDYTPGAAKAVAGKDVILAVFNAAGDKLLAVAGQQGLTVNRSKDSIEITSKDTVGGWKSKIGGMKEWSIEND
GLYVADAESHKELAKYFESDSPVCVKIINQASKKGLFGGLAIVADYSFEAPFDEAMTYSVKLDGMGALVDLTITEGGDQM
PGETPVAPAE
;
D,E,F,G,H,a,b,c,d,g,A,B,C,I,N,S,T,U,V,W,Y,Z,e,f,h,n,o,p,q,r
2 'polypeptide(L)'
;MAESKSITFELNESVLTAQVGRLDEMAMVVERRFSELKMTIEDVGNADPGSKISESLGGLQSGLGTISSAFGQLGSSSEA
ITSGFGTAVGSVGGITDAFKNLGSSVQNGTLFSSLATGIGGMSTMLGGVSGGVQGITNLASGFMELKNHLGGLMSSIGGV
GGIMGKLTSPMGLVIIGIVALVAAFTYLMTTNESFRNTVMSVVTQVAQLFGQLVASLMPIIMQIVTAVMQIGAALMPMVM
QFISFFAQLLAQLMPFINMLISMLMPVIMQIVQVVMSLVSALLPSIMTVIQGIMSVIQFLIPIIMQIATVVVQIVVTIIS
YISKIMPIVMTIIGVIVSIITTIISYVVIIATTIASVIGKIISFIASVITAVIGIVQPIIAFITNIFTTIVTIIGAAFQM
VFTVASKIWNSIMSTISGIIDGIKAVITGISTTVSSVFNGVKRIITGVFDGIKSAWGGLTDFVGNIFDGVSSAIQTVVDN
VKGFVNVVIRGINGAIGLINKIPGVEIGKIPQLISGTTNFQGGFARMNEGGRGEMVVLPSGSQVIPHDATMKYARESARG
NKSMLYTSQGADLARVENLLERLLQKNPVIKMDDKVVAEVVSRNQANSFDQYNYTMGGAAYS
;
J,O,i
3 'polypeptide(L)'
;MSDLFLELNGKVHSLSETFPGLSVQEVSRQSPQLSMETAEIAGTDGVIPGMTQFKPFIFSAKCNLQALDIPDYHLAVREI
YEFLFQRDSYYIWSDQMPGIRYEVHPKPVDFSRESDRVGLLTIEFDVFKGYAESRGTSLDPMTFEVDLWQMGMNLSNRDD
LFYVFRENTFRVYNAGSDRVNPLMRHELDIAMTANGTPTIHNLTTGESFEYRKELQKTDVLLLNNIYPLVNNRRVGKDTN
HGIITLEKGWNDFEIKGVTDVTIAFNFPFIYR
;
K,k,P,X,j,s
4 'polypeptide(L)'
;MDYVIIQSMDKEVEEILTDIDYGSFSYDYEKNTSRAISFTVNKTKQNAAIFDLVGNEAILTYQGQQFVIKKCTPKSIGGT
ISKQITAQHICYTVQDHVQYNVKSGRKKYSIQTVLEFALQDNVLGFSYEIQGSFPLVELEDLGNKNGLELVNLCLEEFGA
ILFADNKKLYFYDEKSWYVRTEKQFRYLYNTEEVSVDTNTDNLKTEIKCYGKQKENADKLTGDNKYMAVVTYTSPNEAIY
GKRMANAKSDDKITNNDDLLIFAKKQILDVPETALTIAYKGKEPVSERDVWYFIHEPMGFETEVKVTKIKSSHPWSKKFQ
EIGFSNSRRDMVRIQTQIANQVKKASVDTNKINSFSSIAMNAYDSRILTEVVGVVDGD
;
L,Q,l
5 'polypeptide(L)'
;MATEIRVLKNVDDTVFYPKTHVTAVEGLDSATTTTSGLMPASDKTKLNGIEANAEKNNVTAIDIANWNKKQDAILVSENG
SNFKITVTNAGELKATKVE
;
M,R,m
#
# COMPACT_ATOMS: atom_id res chain seq x y z
N ALA A 2 -35.56 52.06 -8.13
CA ALA A 2 -35.39 51.39 -9.42
C ALA A 2 -35.25 52.41 -10.55
N PHE A 3 -35.12 53.67 -10.18
CA PHE A 3 -35.00 54.77 -11.14
C PHE A 3 -34.09 55.84 -10.54
N GLU A 4 -34.24 57.07 -11.03
CA GLU A 4 -33.15 58.06 -11.11
C GLU A 4 -32.18 57.64 -12.21
N GLU A 5 -32.72 57.05 -13.27
CA GLU A 5 -31.97 56.55 -14.41
C GLU A 5 -30.94 55.50 -14.00
N ASN A 6 -31.26 54.74 -12.95
CA ASN A 6 -30.37 53.70 -12.43
C ASN A 6 -28.99 54.26 -12.14
N LEU A 7 -28.95 55.46 -11.58
CA LEU A 7 -27.68 56.11 -11.28
C LEU A 7 -26.88 55.31 -10.25
N TYR A 8 -27.56 54.79 -9.23
CA TYR A 8 -26.90 54.01 -8.19
C TYR A 8 -27.51 52.62 -7.99
N CYS A 9 -28.66 52.32 -8.58
CA CYS A 9 -29.33 51.04 -8.40
C CYS A 9 -29.36 50.34 -9.76
N ASP A 10 -28.33 49.56 -10.04
CA ASP A 10 -28.30 48.76 -11.26
C ASP A 10 -29.32 47.63 -11.16
N TYR A 11 -30.15 47.49 -12.19
CA TYR A 11 -31.24 46.53 -12.17
C TYR A 11 -31.37 45.70 -13.44
N THR A 12 -30.55 45.93 -14.45
CA THR A 12 -30.68 45.18 -15.69
C THR A 12 -30.25 43.73 -15.48
N PRO A 13 -31.09 42.74 -15.78
CA PRO A 13 -30.69 41.34 -15.64
C PRO A 13 -29.90 40.89 -16.86
N GLY A 14 -28.59 40.68 -16.68
CA GLY A 14 -27.75 40.17 -17.74
C GLY A 14 -27.40 38.72 -17.53
N ALA A 15 -27.09 38.36 -16.29
CA ALA A 15 -26.77 36.98 -15.94
C ALA A 15 -27.06 36.78 -14.47
N ALA A 16 -27.28 35.52 -14.10
CA ALA A 16 -27.53 35.19 -12.70
C ALA A 16 -26.31 35.47 -11.84
N LYS A 17 -25.12 35.21 -12.37
CA LYS A 17 -23.80 35.47 -11.78
C LYS A 17 -23.62 34.71 -10.48
N ALA A 18 -24.64 33.97 -10.05
CA ALA A 18 -24.61 33.13 -8.86
C ALA A 18 -25.89 32.31 -8.86
N VAL A 19 -25.78 31.05 -8.46
CA VAL A 19 -26.93 30.16 -8.37
C VAL A 19 -26.97 29.58 -6.96
N ALA A 20 -28.06 29.82 -6.25
CA ALA A 20 -28.21 29.27 -4.91
C ALA A 20 -28.29 27.75 -4.97
N GLY A 21 -27.59 27.09 -4.05
CA GLY A 21 -27.59 25.64 -4.03
C GLY A 21 -28.94 25.04 -3.69
N LYS A 22 -29.82 25.82 -3.05
CA LYS A 22 -31.16 25.32 -2.74
C LYS A 22 -31.94 25.00 -4.00
N ASP A 23 -31.67 25.73 -5.09
CA ASP A 23 -32.43 25.55 -6.32
C ASP A 23 -32.11 24.24 -7.03
N VAL A 24 -30.83 23.87 -7.07
CA VAL A 24 -30.41 22.67 -7.78
C VAL A 24 -30.80 21.44 -6.98
N ILE A 25 -31.53 20.53 -7.60
CA ILE A 25 -32.02 19.34 -6.93
C ILE A 25 -31.78 18.10 -7.78
N LEU A 26 -31.86 16.95 -7.13
CA LEU A 26 -31.72 15.64 -7.75
C LEU A 26 -33.08 14.95 -7.78
N ALA A 27 -33.41 14.35 -8.92
CA ALA A 27 -34.66 13.62 -9.08
C ALA A 27 -34.37 12.26 -9.72
N VAL A 28 -35.23 11.30 -9.43
CA VAL A 28 -35.09 9.95 -9.97
C VAL A 28 -36.39 9.55 -10.64
N PHE A 29 -36.28 8.68 -11.63
CA PHE A 29 -37.45 8.15 -12.31
C PHE A 29 -37.93 6.88 -11.62
N ASN A 30 -39.24 6.76 -11.46
CA ASN A 30 -39.82 5.58 -10.84
C ASN A 30 -39.64 4.37 -11.75
N ALA A 31 -40.15 3.22 -11.29
CA ALA A 31 -39.93 1.98 -12.01
C ALA A 31 -40.53 2.03 -13.42
N ALA A 32 -41.75 2.53 -13.54
CA ALA A 32 -42.37 2.65 -14.85
C ALA A 32 -41.78 3.80 -15.67
N GLY A 33 -41.22 4.81 -15.01
CA GLY A 33 -40.66 5.95 -15.68
C GLY A 33 -41.65 7.08 -15.91
N ASP A 34 -42.93 6.87 -15.64
CA ASP A 34 -43.93 7.91 -15.87
C ASP A 34 -43.81 9.06 -14.89
N LYS A 35 -43.21 8.84 -13.72
CA LYS A 35 -43.12 9.85 -12.68
C LYS A 35 -41.67 10.18 -12.39
N LEU A 36 -41.36 11.47 -12.34
CA LEU A 36 -40.08 11.97 -11.85
C LEU A 36 -40.29 12.46 -10.43
N LEU A 37 -39.51 11.94 -9.49
CA LEU A 37 -39.66 12.27 -8.08
C LEU A 37 -38.38 12.87 -7.54
N ALA A 38 -38.48 14.05 -6.95
CA ALA A 38 -37.34 14.63 -6.25
C ALA A 38 -37.16 13.93 -4.91
N VAL A 39 -35.90 13.60 -4.59
CA VAL A 39 -35.63 12.91 -3.34
C VAL A 39 -36.03 13.79 -2.16
N ALA A 40 -36.69 13.20 -1.18
CA ALA A 40 -37.23 13.96 -0.07
C ALA A 40 -36.15 14.42 0.88
N GLY A 41 -36.21 15.69 1.27
CA GLY A 41 -35.35 16.23 2.30
C GLY A 41 -33.87 16.26 1.97
N GLN A 42 -33.52 16.67 0.76
CA GLN A 42 -32.11 16.83 0.40
C GLN A 42 -31.50 18.00 1.15
N GLN A 43 -30.22 17.87 1.49
CA GLN A 43 -29.48 18.97 2.11
C GLN A 43 -28.12 19.20 1.47
N GLY A 44 -27.62 18.29 0.65
CA GLY A 44 -26.36 18.49 -0.04
C GLY A 44 -26.36 17.67 -1.32
N LEU A 45 -25.48 18.06 -2.25
CA LEU A 45 -25.39 17.37 -3.53
C LEU A 45 -24.08 17.72 -4.23
N THR A 46 -23.38 16.71 -4.72
CA THR A 46 -22.14 16.91 -5.46
C THR A 46 -22.09 15.95 -6.64
N VAL A 47 -21.64 16.45 -7.78
CA VAL A 47 -21.51 15.66 -9.00
C VAL A 47 -20.04 15.57 -9.34
N ASN A 48 -19.54 14.34 -9.47
CA ASN A 48 -18.13 14.10 -9.76
C ASN A 48 -17.98 13.61 -11.19
N ARG A 49 -17.07 14.23 -11.93
CA ARG A 49 -16.75 13.81 -13.30
C ARG A 49 -15.24 13.88 -13.47
N SER A 50 -14.63 12.75 -13.83
CA SER A 50 -13.19 12.66 -13.93
C SER A 50 -12.80 11.95 -15.22
N LYS A 51 -11.60 12.24 -15.70
CA LYS A 51 -11.06 11.64 -16.90
C LYS A 51 -9.65 11.14 -16.64
N ASP A 52 -9.36 9.92 -17.06
CA ASP A 52 -8.04 9.36 -16.88
C ASP A 52 -7.03 10.00 -17.83
N SER A 53 -5.77 9.98 -17.43
CA SER A 53 -4.67 10.49 -18.22
C SER A 53 -3.65 9.39 -18.45
N ILE A 54 -3.23 9.22 -19.70
CA ILE A 54 -2.28 8.19 -20.09
C ILE A 54 -0.98 8.85 -20.47
N GLU A 55 0.12 8.42 -19.85
CA GLU A 55 1.43 8.99 -20.10
C GLU A 55 2.05 8.34 -21.33
N ILE A 56 2.44 9.16 -22.30
CA ILE A 56 2.93 8.65 -23.58
C ILE A 56 4.32 9.22 -23.88
N THR A 57 5.07 9.56 -22.85
CA THR A 57 6.42 10.06 -23.06
C THR A 57 7.35 8.93 -23.48
N SER A 58 8.33 9.26 -24.30
CA SER A 58 9.30 8.29 -24.80
C SER A 58 10.66 8.97 -24.87
N LYS A 59 11.61 8.32 -25.54
CA LYS A 59 12.95 8.83 -25.66
C LYS A 59 13.09 9.92 -26.72
N ASP A 60 12.06 10.12 -27.55
CA ASP A 60 12.11 11.10 -28.63
C ASP A 60 11.31 12.35 -28.31
N THR A 61 10.83 12.51 -27.07
CA THR A 61 10.14 13.72 -26.67
C THR A 61 11.16 14.71 -26.13
N VAL A 62 11.22 15.88 -26.75
CA VAL A 62 12.20 16.91 -26.40
C VAL A 62 11.47 18.10 -25.81
N GLY A 63 12.05 18.66 -24.74
CA GLY A 63 11.48 19.84 -24.12
C GLY A 63 11.60 19.83 -22.61
N GLY A 64 11.87 18.68 -22.03
CA GLY A 64 11.99 18.55 -20.59
C GLY A 64 10.68 18.35 -19.86
N TRP A 65 9.56 18.25 -20.57
CA TRP A 65 8.25 18.05 -19.97
C TRP A 65 7.65 16.75 -20.49
N LYS A 66 7.10 15.95 -19.57
CA LYS A 66 6.49 14.69 -19.98
C LYS A 66 5.17 14.95 -20.70
N SER A 67 4.77 14.00 -21.53
CA SER A 67 3.61 14.12 -22.38
C SER A 67 2.48 13.20 -21.90
N LYS A 68 1.25 13.69 -21.96
CA LYS A 68 0.08 12.93 -21.56
C LYS A 68 -1.02 13.09 -22.60
N ILE A 69 -1.95 12.14 -22.60
CA ILE A 69 -3.14 12.20 -23.45
C ILE A 69 -4.35 11.83 -22.60
N GLY A 70 -5.53 12.21 -23.11
CA GLY A 70 -6.75 11.90 -22.42
C GLY A 70 -7.09 10.43 -22.47
N GLY A 71 -7.91 10.00 -21.51
CA GLY A 71 -8.28 8.61 -21.37
C GLY A 71 -9.76 8.43 -21.17
N MET A 72 -10.10 7.41 -20.38
CA MET A 72 -11.48 7.06 -20.13
C MET A 72 -12.14 8.11 -19.25
N LYS A 73 -13.47 8.07 -19.18
CA LYS A 73 -14.24 8.96 -18.32
C LYS A 73 -15.18 8.16 -17.43
N GLU A 74 -15.52 8.76 -16.29
CA GLU A 74 -16.42 8.15 -15.33
C GLU A 74 -17.08 9.26 -14.52
N TRP A 75 -18.19 8.91 -13.86
CA TRP A 75 -18.91 9.90 -13.08
C TRP A 75 -19.67 9.24 -11.95
N SER A 76 -19.93 10.02 -10.91
CA SER A 76 -20.67 9.57 -9.74
C SER A 76 -21.32 10.77 -9.08
N ILE A 77 -22.48 10.52 -8.47
CA ILE A 77 -23.24 11.56 -7.78
C ILE A 77 -23.61 11.03 -6.40
N GLU A 78 -23.26 11.78 -5.36
CA GLU A 78 -23.60 11.41 -3.99
C GLU A 78 -24.29 12.59 -3.32
N ASN A 79 -25.42 12.31 -2.66
CA ASN A 79 -26.16 13.35 -1.97
C ASN A 79 -26.66 12.78 -0.64
N ASP A 80 -27.23 13.66 0.19
CA ASP A 80 -27.63 13.29 1.53
C ASP A 80 -28.70 14.26 2.01
N GLY A 81 -29.21 14.00 3.20
CA GLY A 81 -30.20 14.89 3.79
C GLY A 81 -30.98 14.19 4.89
N LEU A 82 -32.16 14.73 5.16
CA LEU A 82 -33.05 14.12 6.15
C LEU A 82 -33.79 12.93 5.55
N TYR A 83 -33.99 11.92 6.38
CA TYR A 83 -34.59 10.66 5.94
C TYR A 83 -36.01 10.54 6.47
N VAL A 84 -36.96 10.33 5.56
CA VAL A 84 -38.34 10.02 5.90
C VAL A 84 -38.69 8.74 5.17
N ALA A 85 -38.86 7.64 5.91
CA ALA A 85 -39.05 6.33 5.29
C ALA A 85 -40.36 6.24 4.52
N ASP A 86 -41.34 7.09 4.83
CA ASP A 86 -42.62 7.04 4.15
C ASP A 86 -42.63 7.80 2.83
N ALA A 87 -41.54 8.48 2.49
CA ALA A 87 -41.50 9.24 1.24
C ALA A 87 -41.51 8.30 0.04
N GLU A 88 -42.20 8.73 -1.02
CA GLU A 88 -42.27 7.93 -2.23
C GLU A 88 -40.91 7.78 -2.89
N SER A 89 -40.11 8.87 -2.91
CA SER A 89 -38.80 8.81 -3.53
C SER A 89 -37.89 7.83 -2.79
N HIS A 90 -37.94 7.85 -1.46
CA HIS A 90 -37.12 6.91 -0.69
C HIS A 90 -37.58 5.48 -0.88
N LYS A 91 -38.89 5.27 -1.02
CA LYS A 91 -39.39 3.93 -1.32
C LYS A 91 -38.89 3.45 -2.67
N GLU A 92 -38.91 4.31 -3.68
CA GLU A 92 -38.40 3.95 -4.99
C GLU A 92 -36.90 3.65 -4.93
N LEU A 93 -36.15 4.45 -4.17
CA LEU A 93 -34.72 4.20 -4.03
C LEU A 93 -34.46 2.85 -3.34
N ALA A 94 -35.24 2.53 -2.31
CA ALA A 94 -35.08 1.24 -1.64
C ALA A 94 -35.41 0.10 -2.59
N LYS A 95 -36.46 0.25 -3.40
CA LYS A 95 -36.81 -0.78 -4.37
C LYS A 95 -35.68 -0.96 -5.38
N TYR A 96 -35.10 0.15 -5.86
CA TYR A 96 -33.98 0.06 -6.79
C TYR A 96 -32.80 -0.64 -6.17
N PHE A 97 -32.47 -0.31 -4.91
CA PHE A 97 -31.34 -0.92 -4.25
C PHE A 97 -31.56 -2.41 -4.04
N GLU A 98 -32.76 -2.81 -3.64
CA GLU A 98 -33.02 -4.21 -3.36
C GLU A 98 -33.08 -5.03 -4.64
N SER A 99 -33.77 -4.54 -5.67
CA SER A 99 -33.96 -5.28 -6.90
C SER A 99 -32.71 -5.32 -7.77
N ASP A 100 -31.70 -4.51 -7.46
CA ASP A 100 -30.46 -4.45 -8.24
C ASP A 100 -30.75 -4.14 -9.71
N SER A 101 -31.31 -2.96 -9.92
CA SER A 101 -31.66 -2.50 -11.26
C SER A 101 -31.14 -1.08 -11.47
N PRO A 102 -30.79 -0.72 -12.70
CA PRO A 102 -30.34 0.65 -12.97
C PRO A 102 -31.47 1.65 -12.73
N VAL A 103 -31.07 2.85 -12.31
CA VAL A 103 -32.01 3.93 -12.00
C VAL A 103 -31.63 5.14 -12.82
N CYS A 104 -32.63 5.76 -13.45
CA CYS A 104 -32.43 6.99 -14.21
C CYS A 104 -32.54 8.18 -13.28
N VAL A 105 -31.50 9.03 -13.28
CA VAL A 105 -31.42 10.18 -12.40
C VAL A 105 -31.19 11.43 -13.24
N LYS A 106 -31.58 12.57 -12.66
CA LYS A 106 -31.54 13.85 -13.36
C LYS A 106 -31.29 14.95 -12.34
N ILE A 107 -30.24 15.73 -12.55
CA ILE A 107 -29.96 16.92 -11.76
C ILE A 107 -30.55 18.11 -12.52
N ILE A 108 -31.44 18.85 -11.84
CA ILE A 108 -32.17 19.93 -12.48
C ILE A 108 -32.07 21.19 -11.61
N ASN A 109 -32.42 22.32 -12.20
CA ASN A 109 -32.49 23.60 -11.53
C ASN A 109 -33.98 23.96 -11.42
N GLN A 110 -34.55 23.75 -10.23
CA GLN A 110 -35.99 23.93 -10.05
C GLN A 110 -36.43 25.38 -10.14
N ALA A 111 -35.51 26.33 -9.99
CA ALA A 111 -35.87 27.74 -10.07
C ALA A 111 -35.66 28.30 -11.46
N SER A 112 -34.49 28.06 -12.05
CA SER A 112 -34.22 28.51 -13.41
C SER A 112 -35.02 27.76 -14.45
N LYS A 113 -35.70 26.67 -14.06
CA LYS A 113 -36.54 25.88 -14.95
C LYS A 113 -35.73 25.31 -16.12
N LYS A 114 -34.53 24.81 -15.82
CA LYS A 114 -33.70 24.16 -16.81
C LYS A 114 -33.04 22.94 -16.21
N GLY A 115 -32.94 21.86 -16.99
CA GLY A 115 -32.22 20.69 -16.57
C GLY A 115 -30.72 20.86 -16.71
N LEU A 116 -29.97 20.10 -15.90
CA LEU A 116 -28.52 20.20 -15.89
C LEU A 116 -27.83 18.92 -16.34
N PHE A 117 -28.15 17.79 -15.72
CA PHE A 117 -27.49 16.53 -16.06
C PHE A 117 -28.50 15.40 -16.00
N GLY A 118 -28.20 14.33 -16.73
CA GLY A 118 -29.03 13.13 -16.66
C GLY A 118 -28.22 11.89 -16.95
N GLY A 119 -28.71 10.75 -16.49
CA GLY A 119 -28.08 9.50 -16.85
C GLY A 119 -28.51 8.35 -15.96
N LEU A 120 -28.03 7.17 -16.34
CA LEU A 120 -28.29 5.94 -15.61
C LEU A 120 -27.21 5.70 -14.57
N ALA A 121 -27.61 5.09 -13.45
CA ALA A 121 -26.66 4.78 -12.39
C ALA A 121 -27.15 3.57 -11.61
N ILE A 122 -26.34 3.14 -10.65
CA ILE A 122 -26.71 2.09 -9.71
C ILE A 122 -26.51 2.63 -8.31
N VAL A 123 -27.34 2.17 -7.37
CA VAL A 123 -27.26 2.66 -6.00
C VAL A 123 -26.10 1.96 -5.31
N ALA A 124 -24.91 2.56 -5.39
CA ALA A 124 -23.72 1.94 -4.82
C ALA A 124 -23.70 2.00 -3.30
N ASP A 125 -24.28 3.05 -2.71
CA ASP A 125 -24.29 3.18 -1.27
C ASP A 125 -25.59 3.84 -0.84
N TYR A 126 -26.18 3.33 0.24
CA TYR A 126 -27.42 3.87 0.79
C TYR A 126 -27.37 3.65 2.30
N SER A 127 -26.91 4.66 3.02
CA SER A 127 -26.62 4.54 4.44
C SER A 127 -27.46 5.54 5.24
N PHE A 128 -27.61 5.25 6.53
CA PHE A 128 -28.38 6.08 7.43
C PHE A 128 -27.62 6.27 8.73
N GLU A 129 -27.93 7.38 9.41
CA GLU A 129 -27.30 7.72 10.68
C GLU A 129 -28.33 8.43 11.55
N ALA A 130 -28.43 8.02 12.81
CA ALA A 130 -29.45 8.54 13.73
C ALA A 130 -28.81 8.96 15.04
N PRO A 131 -28.18 10.13 15.08
CA PRO A 131 -27.68 10.65 16.35
C PRO A 131 -28.83 10.97 17.30
N PHE A 132 -28.58 10.81 18.59
CA PHE A 132 -29.64 10.96 19.57
C PHE A 132 -30.08 12.40 19.80
N ASP A 133 -29.32 13.37 19.30
CA ASP A 133 -29.65 14.78 19.50
C ASP A 133 -29.89 15.51 18.19
N GLU A 134 -30.07 14.80 17.08
CA GLU A 134 -30.33 15.41 15.79
C GLU A 134 -31.43 14.61 15.10
N ALA A 135 -31.70 14.96 13.84
CA ALA A 135 -32.69 14.25 13.05
C ALA A 135 -32.03 13.11 12.29
N MET A 136 -32.82 12.09 11.99
CA MET A 136 -32.31 10.95 11.22
C MET A 136 -31.89 11.41 9.83
N THR A 137 -30.72 10.94 9.39
CA THR A 137 -30.11 11.41 8.16
C THR A 137 -29.83 10.23 7.25
N TYR A 138 -30.02 10.44 5.95
CA TYR A 138 -29.71 9.46 4.92
C TYR A 138 -28.62 10.02 4.01
N SER A 139 -27.89 9.12 3.37
CA SER A 139 -26.88 9.49 2.38
C SER A 139 -26.81 8.39 1.34
N VAL A 140 -27.00 8.77 0.07
CA VAL A 140 -26.99 7.81 -1.03
C VAL A 140 -25.99 8.27 -2.08
N LYS A 141 -25.16 7.34 -2.53
CA LYS A 141 -24.14 7.57 -3.55
C LYS A 141 -24.36 6.58 -4.69
N LEU A 142 -24.32 7.09 -5.93
CA LEU A 142 -24.48 6.29 -7.12
C LEU A 142 -23.35 6.61 -8.08
N ASP A 143 -23.02 5.64 -8.94
CA ASP A 143 -22.02 5.83 -9.98
C ASP A 143 -22.60 5.40 -11.31
N GLY A 144 -22.12 6.02 -12.39
CA GLY A 144 -22.77 5.88 -13.68
C GLY A 144 -22.48 4.58 -14.39
N MET A 145 -23.49 4.09 -15.10
CA MET A 145 -23.34 2.95 -16.01
C MET A 145 -23.05 3.43 -17.43
N GLY A 146 -22.07 4.33 -17.59
CA GLY A 146 -21.70 4.85 -18.89
C GLY A 146 -21.86 6.36 -18.96
N ALA A 147 -22.40 6.83 -20.08
CA ALA A 147 -22.44 8.25 -20.37
C ALA A 147 -23.36 9.00 -19.42
N LEU A 148 -22.95 10.21 -19.07
CA LEU A 148 -23.77 11.16 -18.32
C LEU A 148 -24.05 12.34 -19.23
N VAL A 149 -25.29 12.45 -19.71
CA VAL A 149 -25.62 13.50 -20.67
C VAL A 149 -25.69 14.84 -19.98
N ASP A 150 -24.95 15.80 -20.51
CA ASP A 150 -24.91 17.17 -19.99
C ASP A 150 -25.97 17.99 -20.71
N LEU A 151 -27.04 18.35 -19.99
CA LEU A 151 -28.16 19.04 -20.59
C LEU A 151 -27.92 20.53 -20.81
N THR A 152 -26.85 21.09 -20.24
CA THR A 152 -26.57 22.50 -20.46
C THR A 152 -26.21 22.79 -21.91
N ILE A 153 -25.47 21.88 -22.56
CA ILE A 153 -25.08 22.03 -23.95
C ILE A 153 -25.87 21.13 -24.87
N THR A 154 -26.85 20.40 -24.36
CA THR A 154 -27.70 19.53 -25.16
C THR A 154 -29.12 20.05 -25.12
N GLU A 155 -29.72 20.22 -26.30
CA GLU A 155 -31.07 20.78 -26.38
C GLU A 155 -32.09 19.80 -25.80
N GLY A 156 -33.06 20.35 -25.07
CA GLY A 156 -34.12 19.54 -24.50
C GLY A 156 -33.79 18.98 -23.14
N GLY A 157 -34.76 18.25 -22.58
CA GLY A 157 -34.58 17.61 -21.30
C GLY A 157 -34.91 18.50 -20.12
N ASP A 158 -36.15 19.01 -20.08
CA ASP A 158 -36.58 19.91 -19.02
C ASP A 158 -37.83 19.41 -18.29
N GLN A 159 -38.10 18.10 -18.33
CA GLN A 159 -39.21 17.57 -17.56
C GLN A 159 -38.88 17.63 -16.07
N MET A 160 -39.92 17.85 -15.27
CA MET A 160 -39.77 18.16 -13.86
C MET A 160 -40.72 17.32 -13.02
N PRO A 161 -40.41 17.13 -11.74
CA PRO A 161 -41.31 16.38 -10.86
C PRO A 161 -42.67 17.03 -10.74
N GLY A 162 -43.70 16.20 -10.64
CA GLY A 162 -45.06 16.69 -10.54
C GLY A 162 -45.67 17.01 -11.89
N ALA B 2 -28.14 92.69 12.80
CA ALA B 2 -27.66 92.15 11.53
C ALA B 2 -26.85 93.19 10.78
N PHE B 3 -26.37 94.20 11.51
CA PHE B 3 -25.66 95.32 10.91
C PHE B 3 -24.66 95.84 11.94
N GLU B 4 -24.28 97.12 11.80
CA GLU B 4 -23.14 97.72 12.47
C GLU B 4 -21.84 97.15 11.89
N GLU B 5 -21.83 97.00 10.56
CA GLU B 5 -20.69 96.45 9.83
C GLU B 5 -20.30 95.06 10.33
N ASN B 6 -21.28 94.33 10.88
CA ASN B 6 -21.04 93.01 11.46
C ASN B 6 -19.91 93.05 12.48
N LEU B 7 -19.93 94.10 13.32
CA LEU B 7 -18.86 94.28 14.31
C LEU B 7 -18.84 93.13 15.30
N TYR B 8 -20.01 92.69 15.76
CA TYR B 8 -20.10 91.60 16.72
C TYR B 8 -20.86 90.38 16.18
N CYS B 9 -21.97 90.58 15.50
CA CYS B 9 -22.75 89.48 14.95
C CYS B 9 -22.39 89.29 13.48
N ASP B 10 -21.98 88.07 13.13
CA ASP B 10 -21.55 87.73 11.78
C ASP B 10 -22.64 86.93 11.07
N TYR B 11 -22.91 87.31 9.82
CA TYR B 11 -23.95 86.65 9.02
C TYR B 11 -23.44 86.21 7.66
N THR B 12 -22.12 86.15 7.47
CA THR B 12 -21.58 85.76 6.18
C THR B 12 -21.76 84.26 5.96
N PRO B 13 -22.47 83.84 4.93
CA PRO B 13 -22.61 82.40 4.64
C PRO B 13 -21.41 81.87 3.88
N GLY B 14 -20.59 81.08 4.55
CA GLY B 14 -19.46 80.45 3.91
C GLY B 14 -19.55 78.94 3.93
N ALA B 15 -20.19 78.42 4.96
CA ALA B 15 -20.41 76.98 5.14
C ALA B 15 -21.48 76.81 6.21
N ALA B 16 -21.75 75.56 6.59
CA ALA B 16 -22.71 75.27 7.64
C ALA B 16 -22.05 74.86 8.96
N LYS B 17 -20.89 74.22 8.90
CA LYS B 17 -20.05 73.85 10.04
C LYS B 17 -20.75 72.85 10.95
N ALA B 18 -21.98 72.48 10.62
CA ALA B 18 -22.77 71.51 11.35
C ALA B 18 -24.04 71.23 10.57
N VAL B 19 -24.51 69.99 10.67
CA VAL B 19 -25.74 69.56 10.02
C VAL B 19 -26.63 68.91 11.06
N ALA B 20 -27.86 69.40 11.19
CA ALA B 20 -28.81 68.81 12.12
C ALA B 20 -29.13 67.38 11.71
N GLY B 21 -29.17 66.48 12.69
CA GLY B 21 -29.44 65.09 12.40
C GLY B 21 -30.82 64.85 11.83
N LYS B 22 -31.80 65.68 12.23
CA LYS B 22 -33.16 65.53 11.76
C LYS B 22 -33.31 65.85 10.27
N ASP B 23 -32.29 66.44 9.65
CA ASP B 23 -32.35 66.80 8.25
C ASP B 23 -31.82 65.72 7.32
N VAL B 24 -31.37 64.59 7.86
CA VAL B 24 -30.83 63.49 7.06
C VAL B 24 -31.86 62.38 7.05
N ILE B 25 -32.50 62.16 5.91
CA ILE B 25 -33.61 61.23 5.77
C ILE B 25 -33.18 60.06 4.90
N LEU B 26 -33.50 58.84 5.36
CA LEU B 26 -33.35 57.65 4.56
C LEU B 26 -34.67 57.34 3.87
N ALA B 27 -34.61 57.07 2.57
CA ALA B 27 -35.80 56.80 1.77
C ALA B 27 -35.54 55.59 0.88
N VAL B 28 -36.64 54.97 0.46
CA VAL B 28 -36.58 53.77 -0.36
C VAL B 28 -37.49 53.95 -1.57
N PHE B 29 -37.17 53.26 -2.65
CA PHE B 29 -38.00 53.25 -3.84
C PHE B 29 -39.02 52.13 -3.73
N ASN B 30 -40.27 52.42 -4.07
CA ASN B 30 -41.33 51.44 -3.94
C ASN B 30 -41.12 50.30 -4.94
N ALA B 31 -41.98 49.29 -4.84
CA ALA B 31 -41.82 48.08 -5.66
C ALA B 31 -41.82 48.42 -7.15
N ALA B 32 -42.76 49.26 -7.58
CA ALA B 32 -42.72 49.75 -8.95
C ALA B 32 -41.51 50.65 -9.18
N GLY B 33 -41.16 51.48 -8.20
CA GLY B 33 -40.01 52.35 -8.30
C GLY B 33 -40.33 53.78 -8.70
N ASP B 34 -41.55 54.07 -9.15
CA ASP B 34 -41.87 55.40 -9.64
C ASP B 34 -41.88 56.42 -8.50
N LYS B 35 -42.12 55.98 -7.27
CA LYS B 35 -42.22 56.87 -6.12
C LYS B 35 -41.09 56.59 -5.14
N LEU B 36 -40.49 57.66 -4.63
CA LEU B 36 -39.49 57.57 -3.57
C LEU B 36 -40.15 57.96 -2.26
N LEU B 37 -40.16 57.04 -1.29
CA LEU B 37 -40.89 57.22 -0.05
C LEU B 37 -39.90 57.27 1.11
N ALA B 38 -39.98 58.32 1.92
CA ALA B 38 -39.23 58.37 3.16
C ALA B 38 -39.84 57.41 4.17
N VAL B 39 -38.98 56.73 4.92
CA VAL B 39 -39.46 55.79 5.92
C VAL B 39 -40.22 56.55 7.00
N ALA B 40 -41.37 56.02 7.40
CA ALA B 40 -42.25 56.75 8.31
C ALA B 40 -41.68 56.76 9.73
N GLY B 41 -41.61 57.94 10.32
CA GLY B 41 -41.25 58.08 11.72
C GLY B 41 -39.86 57.61 12.09
N GLN B 42 -38.87 57.95 11.27
CA GLN B 42 -37.49 57.62 11.62
C GLN B 42 -37.01 58.48 12.78
N GLN B 43 -36.19 57.88 13.64
CA GLN B 43 -35.60 58.60 14.77
C GLN B 43 -34.10 58.44 14.88
N GLY B 44 -33.51 57.40 14.31
CA GLY B 44 -32.07 57.24 14.33
C GLY B 44 -31.62 56.50 13.08
N LEU B 45 -30.45 56.88 12.59
CA LEU B 45 -29.94 56.32 11.35
C LEU B 45 -28.41 56.34 11.37
N THR B 46 -27.81 55.22 11.01
CA THR B 46 -26.36 55.12 10.93
C THR B 46 -25.96 54.34 9.68
N VAL B 47 -24.84 54.74 9.09
CA VAL B 47 -24.30 54.12 7.89
C VAL B 47 -22.92 53.59 8.22
N ASN B 48 -22.69 52.31 7.97
CA ASN B 48 -21.40 51.68 8.21
C ASN B 48 -20.76 51.32 6.88
N ARG B 49 -19.54 51.77 6.68
CA ARG B 49 -18.75 51.43 5.50
C ARG B 49 -17.38 50.96 5.95
N SER B 50 -17.00 49.76 5.53
CA SER B 50 -15.76 49.17 6.01
C SER B 50 -14.97 48.56 4.86
N LYS B 51 -13.66 48.52 5.03
CA LYS B 51 -12.75 47.94 4.06
C LYS B 51 -11.75 47.05 4.80
N ASP B 52 -11.56 45.83 4.31
CA ASP B 52 -10.64 44.91 4.94
C ASP B 52 -9.20 45.29 4.63
N SER B 53 -8.30 44.83 5.50
CA SER B 53 -6.86 45.06 5.34
C SER B 53 -6.15 43.71 5.28
N ILE B 54 -5.33 43.53 4.25
CA ILE B 54 -4.60 42.28 4.05
C ILE B 54 -3.15 42.51 4.46
N GLU B 55 -2.66 41.67 5.38
CA GLU B 55 -1.29 41.78 5.86
C GLU B 55 -0.35 41.07 4.90
N ILE B 56 0.73 41.77 4.52
CA ILE B 56 1.68 41.24 3.55
C ILE B 56 3.09 41.27 4.13
N THR B 57 3.20 41.16 5.45
CA THR B 57 4.52 41.16 6.09
C THR B 57 5.30 39.93 5.66
N SER B 58 6.59 40.13 5.40
CA SER B 58 7.46 39.05 4.96
C SER B 58 8.84 39.25 5.56
N LYS B 59 9.73 38.28 5.31
CA LYS B 59 11.07 38.32 5.88
C LYS B 59 11.91 39.45 5.29
N ASP B 60 11.56 39.97 4.13
CA ASP B 60 12.30 41.06 3.50
C ASP B 60 11.69 42.42 3.83
N THR B 61 10.95 42.52 4.92
CA THR B 61 10.36 43.78 5.37
C THR B 61 11.24 44.34 6.48
N VAL B 62 11.69 45.59 6.31
CA VAL B 62 12.59 46.22 7.25
C VAL B 62 11.83 47.32 7.99
N GLY B 63 12.49 47.87 9.01
CA GLY B 63 11.94 48.96 9.79
C GLY B 63 11.19 48.56 11.03
N GLY B 64 10.90 47.27 11.22
CA GLY B 64 10.19 46.83 12.39
C GLY B 64 8.73 47.17 12.43
N TRP B 65 8.10 47.41 11.28
CA TRP B 65 6.68 47.73 11.20
C TRP B 65 6.00 46.78 10.23
N LYS B 66 4.81 46.31 10.60
CA LYS B 66 4.04 45.45 9.73
C LYS B 66 3.56 46.21 8.50
N SER B 67 3.41 45.50 7.40
CA SER B 67 2.95 46.06 6.14
C SER B 67 1.59 45.50 5.79
N LYS B 68 0.69 46.38 5.33
CA LYS B 68 -0.67 45.99 4.98
C LYS B 68 -1.07 46.67 3.67
N ILE B 69 -2.11 46.14 3.05
CA ILE B 69 -2.69 46.72 1.85
C ILE B 69 -4.21 46.71 1.99
N GLY B 70 -4.86 47.55 1.18
CA GLY B 70 -6.30 47.60 1.18
C GLY B 70 -6.92 46.32 0.65
N GLY B 71 -8.19 46.11 1.01
CA GLY B 71 -8.89 44.90 0.65
C GLY B 71 -10.28 45.19 0.14
N MET B 72 -11.18 44.25 0.39
CA MET B 72 -12.55 44.34 -0.09
C MET B 72 -13.31 45.41 0.70
N LYS B 73 -14.46 45.81 0.18
CA LYS B 73 -15.30 46.80 0.86
C LYS B 73 -16.72 46.28 1.02
N GLU B 74 -17.40 46.79 2.04
CA GLU B 74 -18.78 46.42 2.33
C GLU B 74 -19.45 47.55 3.10
N TRP B 75 -20.79 47.51 3.14
CA TRP B 75 -21.54 48.57 3.79
C TRP B 75 -22.87 48.04 4.32
N SER B 76 -23.44 48.80 5.24
CA SER B 76 -24.73 48.49 5.85
C SER B 76 -25.37 49.78 6.33
N ILE B 77 -26.69 49.72 6.49
CA ILE B 77 -27.47 50.86 6.98
C ILE B 77 -28.40 50.38 8.08
N GLU B 78 -28.36 51.03 9.23
CA GLU B 78 -29.22 50.70 10.35
C GLU B 78 -30.13 51.89 10.66
N ASN B 79 -31.43 51.69 10.54
CA ASN B 79 -32.41 52.73 10.82
C ASN B 79 -33.36 52.24 11.91
N ASP B 80 -33.91 53.17 12.67
CA ASP B 80 -34.89 52.82 13.69
C ASP B 80 -35.74 54.04 14.01
N GLY B 81 -36.93 53.78 14.53
CA GLY B 81 -37.83 54.88 14.87
C GLY B 81 -39.18 54.36 15.31
N LEU B 82 -40.17 55.25 15.26
CA LEU B 82 -41.54 54.89 15.60
C LEU B 82 -42.17 54.08 14.47
N TYR B 83 -42.92 53.05 14.85
CA TYR B 83 -43.51 52.13 13.89
C TYR B 83 -45.01 52.36 13.83
N VAL B 84 -45.51 52.59 12.60
CA VAL B 84 -46.94 52.67 12.34
C VAL B 84 -47.23 51.69 11.20
N ALA B 85 -48.17 50.77 11.45
CA ALA B 85 -48.34 49.62 10.57
C ALA B 85 -48.81 50.03 9.18
N ASP B 86 -49.86 50.83 9.10
CA ASP B 86 -50.49 51.13 7.81
C ASP B 86 -49.75 52.21 7.02
N ALA B 87 -48.55 52.60 7.46
CA ALA B 87 -47.76 53.55 6.69
C ALA B 87 -47.35 52.93 5.36
N GLU B 88 -47.34 53.75 4.31
CA GLU B 88 -47.01 53.25 2.97
C GLU B 88 -45.57 52.76 2.90
N SER B 89 -44.64 53.51 3.49
CA SER B 89 -43.23 53.12 3.45
C SER B 89 -43.01 51.80 4.19
N HIS B 90 -43.65 51.63 5.35
CA HIS B 90 -43.51 50.39 6.09
C HIS B 90 -44.18 49.22 5.36
N LYS B 91 -45.29 49.48 4.67
CA LYS B 91 -45.90 48.43 3.84
C LYS B 91 -44.95 48.00 2.73
N GLU B 92 -44.30 48.96 2.08
CA GLU B 92 -43.33 48.63 1.04
C GLU B 92 -42.15 47.85 1.61
N LEU B 93 -41.68 48.24 2.80
CA LEU B 93 -40.58 47.51 3.43
C LEU B 93 -40.99 46.08 3.75
N ALA B 94 -42.20 45.88 4.26
CA ALA B 94 -42.68 44.54 4.56
C ALA B 94 -42.81 43.71 3.29
N LYS B 95 -43.31 44.33 2.21
CA LYS B 95 -43.41 43.61 0.94
C LYS B 95 -42.04 43.21 0.43
N TYR B 96 -41.05 44.10 0.55
CA TYR B 96 -39.69 43.77 0.16
C TYR B 96 -39.14 42.62 0.98
N PHE B 97 -39.36 42.66 2.30
CA PHE B 97 -38.86 41.60 3.16
C PHE B 97 -39.50 40.26 2.84
N GLU B 98 -40.80 40.25 2.58
CA GLU B 98 -41.49 39.00 2.28
C GLU B 98 -41.10 38.46 0.91
N SER B 99 -41.02 39.33 -0.10
CA SER B 99 -40.77 38.88 -1.45
C SER B 99 -39.31 38.48 -1.68
N ASP B 100 -38.41 38.86 -0.76
CA ASP B 100 -36.97 38.58 -0.88
C ASP B 100 -36.43 39.16 -2.19
N SER B 101 -36.50 40.49 -2.29
CA SER B 101 -36.04 41.22 -3.45
C SER B 101 -35.17 42.39 -3.02
N PRO B 102 -34.23 42.81 -3.87
CA PRO B 102 -33.39 43.95 -3.52
C PRO B 102 -34.20 45.24 -3.42
N VAL B 103 -33.72 46.14 -2.57
CA VAL B 103 -34.38 47.42 -2.31
C VAL B 103 -33.43 48.54 -2.71
N CYS B 104 -33.94 49.52 -3.45
CA CYS B 104 -33.17 50.69 -3.84
C CYS B 104 -33.32 51.75 -2.75
N VAL B 105 -32.27 51.93 -1.96
CA VAL B 105 -32.30 52.87 -0.84
C VAL B 105 -31.41 54.06 -1.17
N LYS B 106 -31.73 55.20 -0.57
CA LYS B 106 -30.91 56.39 -0.73
C LYS B 106 -31.07 57.26 0.50
N ILE B 107 -29.98 57.91 0.89
CA ILE B 107 -29.95 58.79 2.05
C ILE B 107 -29.68 60.20 1.56
N ILE B 108 -30.56 61.13 1.92
CA ILE B 108 -30.54 62.49 1.39
C ILE B 108 -30.57 63.49 2.55
N ASN B 109 -30.23 64.72 2.24
CA ASN B 109 -30.29 65.84 3.17
C ASN B 109 -31.40 66.76 2.68
N GLN B 110 -32.60 66.59 3.25
CA GLN B 110 -33.75 67.34 2.78
C GLN B 110 -33.64 68.83 3.10
N ALA B 111 -32.80 69.21 4.05
CA ALA B 111 -32.62 70.64 4.34
C ALA B 111 -31.92 71.34 3.19
N SER B 112 -30.82 70.76 2.70
CA SER B 112 -30.08 71.31 1.56
C SER B 112 -30.55 70.74 0.24
N LYS B 113 -31.52 69.83 0.25
CA LYS B 113 -32.05 69.20 -0.97
C LYS B 113 -30.94 68.57 -1.80
N LYS B 114 -30.01 67.90 -1.12
CA LYS B 114 -28.89 67.24 -1.78
C LYS B 114 -28.81 65.80 -1.30
N GLY B 115 -28.69 64.87 -2.24
CA GLY B 115 -28.50 63.48 -1.88
C GLY B 115 -27.11 63.22 -1.34
N LEU B 116 -27.03 62.26 -0.43
CA LEU B 116 -25.77 61.88 0.19
C LEU B 116 -25.26 60.52 -0.26
N PHE B 117 -26.10 59.49 -0.19
CA PHE B 117 -25.67 58.15 -0.55
C PHE B 117 -26.81 57.43 -1.26
N GLY B 118 -26.45 56.41 -2.03
CA GLY B 118 -27.45 55.57 -2.67
C GLY B 118 -26.91 54.17 -2.84
N GLY B 119 -27.83 53.22 -3.02
CA GLY B 119 -27.37 51.85 -3.25
C GLY B 119 -28.52 50.87 -3.29
N LEU B 120 -28.16 49.62 -3.52
CA LEU B 120 -29.07 48.49 -3.52
C LEU B 120 -28.76 47.60 -2.34
N ALA B 121 -29.77 47.27 -1.55
CA ALA B 121 -29.58 46.57 -0.29
C ALA B 121 -30.56 45.42 -0.16
N ILE B 122 -30.33 44.57 0.84
CA ILE B 122 -31.23 43.50 1.23
C ILE B 122 -31.67 43.76 2.66
N VAL B 123 -32.94 43.50 2.95
CA VAL B 123 -33.47 43.76 4.28
C VAL B 123 -33.01 42.64 5.20
N ALA B 124 -31.86 42.82 5.83
CA ALA B 124 -31.29 41.77 6.67
C ALA B 124 -32.09 41.59 7.95
N ASP B 125 -32.52 42.69 8.57
CA ASP B 125 -33.25 42.61 9.83
C ASP B 125 -34.42 43.58 9.79
N TYR B 126 -35.56 43.15 10.34
CA TYR B 126 -36.75 44.00 10.44
C TYR B 126 -37.47 43.57 11.73
N SER B 127 -37.18 44.26 12.82
CA SER B 127 -37.65 43.88 14.13
C SER B 127 -38.47 45.00 14.75
N PHE B 128 -39.29 44.62 15.74
CA PHE B 128 -40.20 45.56 16.39
C PHE B 128 -40.14 45.38 17.90
N GLU B 129 -40.47 46.45 18.61
CA GLU B 129 -40.51 46.46 20.07
C GLU B 129 -41.75 47.20 20.52
N ALA B 130 -42.26 46.83 21.69
CA ALA B 130 -43.48 47.46 22.19
C ALA B 130 -43.56 47.39 23.71
N PRO B 131 -42.81 48.23 24.43
CA PRO B 131 -42.98 48.31 25.88
C PRO B 131 -44.28 49.02 26.23
N PHE B 132 -44.77 48.74 27.44
CA PHE B 132 -46.06 49.29 27.86
C PHE B 132 -45.96 50.71 28.39
N ASP B 133 -44.77 51.32 28.38
CA ASP B 133 -44.62 52.72 28.78
C ASP B 133 -44.41 53.65 27.59
N GLU B 134 -43.95 53.15 26.45
CA GLU B 134 -43.64 54.01 25.32
C GLU B 134 -44.39 53.56 24.06
N ALA B 135 -44.05 54.14 22.93
CA ALA B 135 -44.70 53.81 21.67
C ALA B 135 -44.02 52.64 20.99
N MET B 136 -44.79 51.92 20.18
CA MET B 136 -44.24 50.80 19.42
C MET B 136 -43.18 51.31 18.45
N THR B 137 -42.04 50.61 18.41
CA THR B 137 -40.90 51.06 17.63
C THR B 137 -40.44 49.96 16.69
N TYR B 138 -39.77 50.37 15.62
CA TYR B 138 -39.23 49.48 14.62
C TYR B 138 -37.74 49.74 14.44
N SER B 139 -37.03 48.69 14.02
CA SER B 139 -35.61 48.78 13.69
C SER B 139 -35.33 47.91 12.48
N VAL B 140 -34.74 48.50 11.44
CA VAL B 140 -34.44 47.81 10.20
C VAL B 140 -32.93 47.92 9.94
N LYS B 141 -32.36 46.83 9.43
CA LYS B 141 -30.95 46.77 9.08
C LYS B 141 -30.82 46.19 7.68
N LEU B 142 -30.14 46.92 6.81
CA LEU B 142 -29.98 46.53 5.41
C LEU B 142 -28.49 46.36 5.10
N ASP B 143 -28.12 45.16 4.62
CA ASP B 143 -26.77 44.89 4.19
C ASP B 143 -26.58 45.37 2.75
N GLY B 144 -25.32 45.50 2.34
CA GLY B 144 -25.03 46.01 1.01
C GLY B 144 -24.99 44.93 -0.05
N MET B 145 -25.68 45.18 -1.16
CA MET B 145 -25.54 44.39 -2.38
C MET B 145 -24.60 45.14 -3.31
N GLY B 146 -23.39 44.62 -3.49
CA GLY B 146 -22.46 45.27 -4.39
C GLY B 146 -22.01 46.61 -3.85
N ALA B 147 -22.08 47.64 -4.69
CA ALA B 147 -21.50 48.93 -4.39
C ALA B 147 -22.54 49.90 -3.84
N LEU B 148 -22.05 50.83 -3.01
CA LEU B 148 -22.82 51.99 -2.56
C LEU B 148 -22.23 53.21 -3.24
N VAL B 149 -23.06 53.96 -3.94
CA VAL B 149 -22.61 55.17 -4.63
C VAL B 149 -22.65 56.34 -3.66
N ASP B 150 -21.52 57.01 -3.48
CA ASP B 150 -21.41 58.19 -2.64
C ASP B 150 -21.82 59.40 -3.48
N LEU B 151 -23.02 59.91 -3.24
CA LEU B 151 -23.56 61.00 -4.06
C LEU B 151 -22.94 62.34 -3.77
N THR B 152 -22.13 62.47 -2.71
CA THR B 152 -21.54 63.75 -2.38
C THR B 152 -20.40 64.13 -3.31
N ILE B 153 -19.82 63.17 -4.03
CA ILE B 153 -18.68 63.45 -4.90
C ILE B 153 -19.03 63.11 -6.35
N THR B 154 -20.32 63.20 -6.68
CA THR B 154 -20.75 62.99 -8.06
C THR B 154 -22.01 63.79 -8.32
N GLU B 155 -22.28 64.05 -9.60
CA GLU B 155 -23.45 64.82 -9.98
C GLU B 155 -24.70 63.94 -9.94
N GLY B 156 -25.85 64.61 -9.86
CA GLY B 156 -27.11 63.91 -9.84
C GLY B 156 -27.46 63.35 -8.47
N GLY B 157 -28.49 62.52 -8.46
CA GLY B 157 -28.97 61.93 -7.23
C GLY B 157 -29.54 62.91 -6.24
N ASP B 158 -30.31 63.89 -6.72
CA ASP B 158 -30.90 64.91 -5.87
C ASP B 158 -32.43 64.92 -5.98
N GLN B 159 -33.03 63.75 -6.13
CA GLN B 159 -34.48 63.62 -6.23
C GLN B 159 -35.05 63.43 -4.83
N MET B 160 -35.79 64.43 -4.35
CA MET B 160 -36.42 64.35 -3.03
C MET B 160 -37.65 63.44 -3.08
N PRO B 161 -38.00 62.83 -1.95
CA PRO B 161 -39.21 62.00 -1.91
C PRO B 161 -40.47 62.85 -2.12
N GLY B 162 -41.48 62.23 -2.72
CA GLY B 162 -42.72 62.91 -3.01
C GLY B 162 -43.36 62.44 -4.30
N ALA C 2 -19.95 124.92 46.05
CA ALA C 2 -19.07 124.55 44.95
C ALA C 2 -17.92 125.53 44.82
N PHE C 3 -17.68 126.29 45.88
CA PHE C 3 -16.62 127.29 45.92
C PHE C 3 -16.06 127.34 47.34
N GLU C 4 -15.37 128.42 47.66
CA GLU C 4 -14.47 128.47 48.82
C GLU C 4 -13.54 127.27 48.81
N GLU C 5 -12.93 127.03 47.65
CA GLU C 5 -12.05 125.90 47.38
C GLU C 5 -12.75 124.55 47.55
N ASN C 6 -14.08 124.55 47.46
CA ASN C 6 -14.88 123.34 47.55
C ASN C 6 -14.55 122.54 48.82
N LEU C 7 -14.49 123.26 49.94
CA LEU C 7 -14.11 122.62 51.20
C LEU C 7 -15.17 121.61 51.66
N TYR C 8 -16.40 121.71 51.17
CA TYR C 8 -17.43 120.74 51.49
C TYR C 8 -18.22 120.25 50.29
N CYS C 9 -18.14 120.90 49.14
CA CYS C 9 -18.93 120.55 47.96
C CYS C 9 -17.97 120.28 46.80
N ASP C 10 -17.55 119.03 46.67
CA ASP C 10 -16.64 118.65 45.60
C ASP C 10 -17.45 118.34 44.34
N TYR C 11 -17.28 119.17 43.31
CA TYR C 11 -17.94 118.97 42.03
C TYR C 11 -16.98 118.50 40.94
N THR C 12 -15.75 118.18 41.29
CA THR C 12 -14.79 117.72 40.28
C THR C 12 -15.16 116.33 39.81
N PRO C 13 -15.42 116.13 38.51
CA PRO C 13 -15.77 114.79 38.01
C PRO C 13 -14.53 113.95 37.77
N GLY C 14 -14.34 112.94 38.61
CA GLY C 14 -13.23 112.02 38.44
C GLY C 14 -13.68 110.71 37.82
N ALA C 15 -14.82 110.20 38.29
CA ALA C 15 -15.41 108.99 37.74
C ALA C 15 -16.87 108.95 38.14
N ALA C 16 -17.66 108.19 37.38
CA ALA C 16 -19.06 108.02 37.72
C ALA C 16 -19.22 107.29 39.06
N LYS C 17 -18.40 106.25 39.29
CA LYS C 17 -18.33 105.50 40.53
C LYS C 17 -19.60 104.71 40.81
N ALA C 18 -20.61 104.88 39.97
CA ALA C 18 -21.88 104.17 40.10
C ALA C 18 -22.68 104.39 38.83
N VAL C 19 -23.26 103.31 38.31
CA VAL C 19 -24.11 103.36 37.12
C VAL C 19 -25.47 102.80 37.50
N ALA C 20 -26.49 103.66 37.44
CA ALA C 20 -27.84 103.25 37.79
C ALA C 20 -28.38 102.27 36.74
N GLY C 21 -29.28 101.40 37.19
CA GLY C 21 -29.89 100.43 36.29
C GLY C 21 -30.81 101.04 35.26
N LYS C 22 -31.23 102.29 35.45
CA LYS C 22 -32.06 102.95 34.45
C LYS C 22 -31.33 103.09 33.12
N ASP C 23 -30.01 103.16 33.15
CA ASP C 23 -29.22 103.49 31.97
C ASP C 23 -28.74 102.29 31.18
N VAL C 24 -28.94 101.07 31.67
CA VAL C 24 -28.46 99.87 31.01
C VAL C 24 -29.62 99.27 30.23
N ILE C 25 -29.57 99.38 28.91
CA ILE C 25 -30.68 99.00 28.04
C ILE C 25 -30.25 97.81 27.19
N LEU C 26 -31.14 96.82 27.11
CA LEU C 26 -31.01 95.70 26.18
C LEU C 26 -31.70 96.07 24.87
N ALA C 27 -31.01 95.84 23.75
CA ALA C 27 -31.55 96.15 22.44
C ALA C 27 -31.27 95.01 21.48
N VAL C 28 -32.11 94.89 20.46
CA VAL C 28 -31.98 93.85 19.45
C VAL C 28 -32.09 94.48 18.07
N PHE C 29 -31.53 93.79 17.07
CA PHE C 29 -31.69 94.19 15.69
C PHE C 29 -32.90 93.50 15.07
N ASN C 30 -33.56 94.19 14.15
CA ASN C 30 -34.73 93.65 13.49
C ASN C 30 -34.30 92.60 12.46
N ALA C 31 -35.26 92.09 11.68
CA ALA C 31 -34.96 91.04 10.71
C ALA C 31 -33.96 91.54 9.68
N ALA C 32 -34.16 92.76 9.15
CA ALA C 32 -33.22 93.32 8.21
C ALA C 32 -31.96 93.84 8.90
N GLY C 33 -32.05 94.20 10.18
CA GLY C 33 -30.92 94.75 10.91
C GLY C 33 -30.66 96.21 10.67
N ASP C 34 -31.47 96.88 9.84
CA ASP C 34 -31.24 98.29 9.57
C ASP C 34 -31.49 99.14 10.80
N LYS C 35 -32.53 98.85 11.57
CA LYS C 35 -32.93 99.64 12.73
C LYS C 35 -32.81 98.78 13.98
N LEU C 36 -31.93 99.18 14.89
CA LEU C 36 -31.84 98.54 16.19
C LEU C 36 -32.83 99.19 17.14
N LEU C 37 -33.46 98.38 17.99
CA LEU C 37 -34.51 98.89 18.87
C LEU C 37 -34.45 98.17 20.20
N ALA C 38 -34.81 98.89 21.27
CA ALA C 38 -34.80 98.35 22.61
C ALA C 38 -36.05 97.51 22.86
N VAL C 39 -35.93 96.58 23.80
CA VAL C 39 -37.05 95.74 24.19
C VAL C 39 -37.97 96.54 25.11
N ALA C 40 -39.25 96.61 24.75
CA ALA C 40 -40.19 97.42 25.49
C ALA C 40 -40.43 96.87 26.88
N GLY C 41 -40.57 97.76 27.85
CA GLY C 41 -40.91 97.39 29.22
C GLY C 41 -39.85 96.59 29.95
N GLN C 42 -38.58 96.93 29.77
CA GLN C 42 -37.52 96.27 30.52
C GLN C 42 -37.60 96.62 31.99
N GLN C 43 -37.37 95.63 32.85
CA GLN C 43 -37.39 95.86 34.28
C GLN C 43 -36.15 95.29 34.97
N GLY C 44 -35.60 94.22 34.42
CA GLY C 44 -34.40 93.63 34.98
C GLY C 44 -33.65 92.85 33.93
N LEU C 45 -32.32 92.86 34.04
CA LEU C 45 -31.48 92.22 33.05
C LEU C 45 -30.19 91.73 33.70
N THR C 46 -29.83 90.49 33.42
CA THR C 46 -28.60 89.88 33.90
C THR C 46 -27.83 89.32 32.72
N VAL C 47 -26.50 89.44 32.78
CA VAL C 47 -25.60 88.90 31.76
C VAL C 47 -24.65 87.95 32.44
N ASN C 48 -24.62 86.70 31.99
CA ASN C 48 -23.76 85.67 32.56
C ASN C 48 -22.70 85.25 31.55
N ARG C 49 -21.44 85.32 31.96
CA ARG C 49 -20.33 84.83 31.16
C ARG C 49 -19.51 83.89 32.02
N SER C 50 -19.29 82.67 31.53
CA SER C 50 -18.62 81.66 32.33
C SER C 50 -17.55 80.95 31.51
N LYS C 51 -16.51 80.50 32.22
CA LYS C 51 -15.43 79.72 31.66
C LYS C 51 -15.42 78.34 32.33
N ASP C 52 -14.66 77.42 31.74
CA ASP C 52 -14.53 76.07 32.25
C ASP C 52 -13.14 75.86 32.84
N SER C 53 -13.06 75.01 33.86
CA SER C 53 -11.81 74.66 34.50
C SER C 53 -11.51 73.19 34.24
N ILE C 54 -10.34 72.91 33.69
CA ILE C 54 -9.89 71.55 33.39
C ILE C 54 -8.82 71.18 34.40
N GLU C 55 -9.05 70.10 35.15
CA GLU C 55 -8.07 69.63 36.13
C GLU C 55 -6.95 68.89 35.43
N ILE C 56 -5.71 69.24 35.76
CA ILE C 56 -4.54 68.60 35.16
C ILE C 56 -3.64 68.05 36.25
N THR C 57 -4.23 67.76 37.41
CA THR C 57 -3.45 67.22 38.52
C THR C 57 -2.91 65.84 38.17
N SER C 58 -1.65 65.60 38.54
CA SER C 58 -1.00 64.32 38.30
C SER C 58 -0.12 64.01 39.50
N LYS C 59 0.64 62.92 39.41
CA LYS C 59 1.57 62.55 40.47
C LYS C 59 2.83 63.40 40.46
N ASP C 60 3.03 64.21 39.43
CA ASP C 60 4.20 65.08 39.36
C ASP C 60 4.01 66.39 40.12
N THR C 61 2.76 66.84 40.26
CA THR C 61 2.51 68.08 40.98
C THR C 61 2.85 67.93 42.45
N VAL C 62 3.40 69.00 43.02
CA VAL C 62 3.82 69.01 44.41
C VAL C 62 3.26 70.25 45.10
N GLY C 63 3.31 70.25 46.42
CA GLY C 63 2.80 71.35 47.23
C GLY C 63 1.45 71.10 47.86
N GLY C 64 0.76 70.02 47.48
CA GLY C 64 -0.52 69.68 48.07
C GLY C 64 -1.72 70.36 47.44
N TRP C 65 -1.54 71.14 46.39
CA TRP C 65 -2.63 71.85 45.73
C TRP C 65 -2.82 71.30 44.32
N LYS C 66 -4.08 71.10 43.94
CA LYS C 66 -4.38 70.58 42.61
C LYS C 66 -4.12 71.65 41.55
N SER C 67 -3.90 71.19 40.33
CA SER C 67 -3.59 72.06 39.20
C SER C 67 -4.77 72.10 38.23
N LYS C 68 -5.13 73.31 37.82
CA LYS C 68 -6.23 73.53 36.89
C LYS C 68 -5.81 74.53 35.82
N ILE C 69 -6.47 74.44 34.68
CA ILE C 69 -6.25 75.36 33.56
C ILE C 69 -7.60 75.82 33.04
N GLY C 70 -7.58 76.93 32.29
CA GLY C 70 -8.80 77.44 31.70
C GLY C 70 -9.32 76.56 30.59
N GLY C 71 -10.61 76.68 30.31
CA GLY C 71 -11.29 75.86 29.33
C GLY C 71 -12.10 76.70 28.37
N MET C 72 -13.26 76.17 27.97
CA MET C 72 -14.11 76.82 27.00
C MET C 72 -14.86 77.98 27.65
N LYS C 73 -15.72 78.63 26.87
CA LYS C 73 -16.44 79.82 27.30
C LYS C 73 -17.89 79.72 26.86
N GLU C 74 -18.77 80.38 27.61
CA GLU C 74 -20.17 80.44 27.23
C GLU C 74 -20.80 81.68 27.86
N TRP C 75 -21.93 82.10 27.31
CA TRP C 75 -22.60 83.30 27.80
C TRP C 75 -24.09 83.24 27.52
N SER C 76 -24.84 83.96 28.36
CA SER C 76 -26.29 84.02 28.25
C SER C 76 -26.77 85.35 28.81
N ILE C 77 -27.99 85.72 28.42
CA ILE C 77 -28.61 86.97 28.85
C ILE C 77 -30.04 86.68 29.27
N GLU C 78 -30.43 87.16 30.45
CA GLU C 78 -31.80 87.01 30.94
C GLU C 78 -32.40 88.39 31.12
N ASN C 79 -33.66 88.56 30.70
CA ASN C 79 -34.30 89.85 30.79
C ASN C 79 -35.78 89.67 31.09
N ASP C 80 -36.25 90.35 32.14
CA ASP C 80 -37.65 90.28 32.54
C ASP C 80 -38.21 91.69 32.62
N GLY C 81 -39.51 91.81 32.43
CA GLY C 81 -40.15 93.11 32.51
C GLY C 81 -41.62 93.05 32.18
N LEU C 82 -42.17 94.21 31.83
CA LEU C 82 -43.58 94.31 31.47
C LEU C 82 -43.78 93.92 30.01
N TYR C 83 -44.86 93.19 29.75
CA TYR C 83 -45.15 92.68 28.41
C TYR C 83 -46.21 93.55 27.75
N VAL C 84 -45.89 94.05 26.55
CA VAL C 84 -46.83 94.75 25.70
C VAL C 84 -46.85 93.99 24.38
N ALA C 85 -47.93 93.25 24.13
CA ALA C 85 -47.98 92.37 22.97
C ALA C 85 -47.93 93.15 21.66
N ASP C 86 -48.45 94.38 21.65
CA ASP C 86 -48.47 95.17 20.43
C ASP C 86 -47.15 95.88 20.17
N ALA C 87 -46.20 95.83 21.08
CA ALA C 87 -44.91 96.48 20.88
C ALA C 87 -44.16 95.84 19.73
N GLU C 88 -43.43 96.66 18.97
CA GLU C 88 -42.67 96.13 17.84
C GLU C 88 -41.50 95.27 18.28
N SER C 89 -40.90 95.59 19.44
CA SER C 89 -39.80 94.77 19.94
C SER C 89 -40.26 93.37 20.27
N HIS C 90 -41.40 93.25 20.95
CA HIS C 90 -41.92 91.92 21.27
C HIS C 90 -42.37 91.19 20.02
N LYS C 91 -42.90 91.91 19.02
CA LYS C 91 -43.25 91.27 17.77
C LYS C 91 -42.01 90.70 17.07
N GLU C 92 -40.92 91.47 17.06
CA GLU C 92 -39.69 90.98 16.47
C GLU C 92 -39.14 89.79 17.23
N LEU C 93 -39.22 89.82 18.56
CA LEU C 93 -38.77 88.69 19.36
C LEU C 93 -39.59 87.44 19.06
N ALA C 94 -40.91 87.59 18.94
CA ALA C 94 -41.77 86.46 18.61
C ALA C 94 -41.45 85.92 17.22
N LYS C 95 -41.20 86.80 16.26
CA LYS C 95 -40.83 86.36 14.92
C LYS C 95 -39.51 85.60 14.94
N TYR C 96 -38.53 86.08 15.72
CA TYR C 96 -37.27 85.37 15.84
C TYR C 96 -37.47 84.00 16.47
N PHE C 97 -38.30 83.93 17.52
CA PHE C 97 -38.55 82.66 18.19
C PHE C 97 -39.23 81.67 17.26
N GLU C 98 -40.20 82.14 16.47
CA GLU C 98 -40.90 81.26 15.54
C GLU C 98 -39.96 80.78 14.44
N SER C 99 -39.25 81.71 13.80
CA SER C 99 -38.40 81.38 12.66
C SER C 99 -37.06 80.79 13.07
N ASP C 100 -36.80 80.65 14.37
CA ASP C 100 -35.58 80.03 14.92
C ASP C 100 -34.30 80.61 14.34
N SER C 101 -34.37 81.80 13.75
CA SER C 101 -33.17 82.45 13.25
C SER C 101 -32.41 83.10 14.39
N PRO C 102 -31.08 83.13 14.31
CA PRO C 102 -30.30 83.82 15.33
C PRO C 102 -30.59 85.32 15.31
N VAL C 103 -30.52 85.93 16.49
CA VAL C 103 -30.83 87.35 16.67
C VAL C 103 -29.56 88.06 17.11
N CYS C 104 -29.25 89.17 16.45
CA CYS C 104 -28.17 90.04 16.88
C CYS C 104 -28.66 90.94 18.00
N VAL C 105 -27.95 90.94 19.12
CA VAL C 105 -28.41 91.55 20.35
C VAL C 105 -27.25 92.34 20.96
N LYS C 106 -27.58 93.31 21.81
CA LYS C 106 -26.54 94.13 22.40
C LYS C 106 -27.04 94.76 23.69
N ILE C 107 -26.09 95.12 24.54
CA ILE C 107 -26.33 95.80 25.82
C ILE C 107 -25.59 97.13 25.74
N ILE C 108 -26.31 98.23 25.98
CA ILE C 108 -25.72 99.56 25.88
C ILE C 108 -26.07 100.40 27.10
N ASN C 109 -25.35 101.51 27.25
CA ASN C 109 -25.57 102.50 28.29
C ASN C 109 -26.22 103.71 27.65
N GLN C 110 -27.53 103.84 27.78
CA GLN C 110 -28.25 104.91 27.09
C GLN C 110 -27.94 106.29 27.65
N ALA C 111 -27.40 106.38 28.86
CA ALA C 111 -27.11 107.69 29.45
C ALA C 111 -25.70 108.15 29.09
N SER C 112 -24.70 107.32 29.39
CA SER C 112 -23.32 107.66 29.07
C SER C 112 -23.02 107.61 27.58
N LYS C 113 -24.00 107.21 26.76
CA LYS C 113 -23.85 107.12 25.31
C LYS C 113 -22.69 106.21 24.93
N LYS C 114 -22.60 105.06 25.60
CA LYS C 114 -21.57 104.06 25.33
C LYS C 114 -22.21 102.69 25.25
N GLY C 115 -21.57 101.81 24.48
CA GLY C 115 -22.00 100.44 24.35
C GLY C 115 -21.19 99.51 25.24
N LEU C 116 -21.84 98.42 25.67
CA LEU C 116 -21.21 97.47 26.59
C LEU C 116 -20.93 96.13 25.94
N PHE C 117 -21.95 95.47 25.38
CA PHE C 117 -21.77 94.13 24.84
C PHE C 117 -22.60 93.95 23.58
N GLY C 118 -22.26 92.92 22.81
CA GLY C 118 -23.03 92.58 21.63
C GLY C 118 -22.65 91.23 21.05
N GLY C 119 -23.60 90.59 20.37
CA GLY C 119 -23.31 89.31 19.74
C GLY C 119 -24.57 88.63 19.27
N LEU C 120 -24.38 87.43 18.72
CA LEU C 120 -25.47 86.61 18.22
C LEU C 120 -26.01 85.73 19.34
N ALA C 121 -27.32 85.48 19.31
CA ALA C 121 -27.93 84.68 20.35
C ALA C 121 -29.13 83.94 19.79
N ILE C 122 -29.57 82.93 20.53
CA ILE C 122 -30.80 82.18 20.25
C ILE C 122 -31.74 82.35 21.43
N VAL C 123 -33.03 82.55 21.12
CA VAL C 123 -34.05 82.74 22.14
C VAL C 123 -34.42 81.37 22.71
N ALA C 124 -33.78 81.01 23.83
CA ALA C 124 -34.03 79.70 24.42
C ALA C 124 -35.35 79.65 25.18
N ASP C 125 -35.83 80.79 25.69
CA ASP C 125 -37.04 80.81 26.49
C ASP C 125 -37.77 82.12 26.27
N TYR C 126 -39.10 82.04 26.22
CA TYR C 126 -39.96 83.22 26.05
C TYR C 126 -41.27 82.93 26.77
N SER C 127 -41.38 83.39 28.02
CA SER C 127 -42.49 83.03 28.89
C SER C 127 -43.20 84.28 29.38
N PHE C 128 -44.48 84.12 29.74
CA PHE C 128 -45.30 85.21 30.23
C PHE C 128 -46.12 84.74 31.42
N GLU C 129 -46.15 85.56 32.47
CA GLU C 129 -46.99 85.32 33.64
C GLU C 129 -48.04 86.42 33.73
N ALA C 130 -49.25 86.05 34.14
CA ALA C 130 -50.38 86.98 34.23
C ALA C 130 -51.09 86.82 35.57
N PRO C 131 -50.51 87.36 36.64
CA PRO C 131 -51.23 87.39 37.92
C PRO C 131 -52.38 88.38 37.86
N PHE C 132 -53.40 88.13 38.68
CA PHE C 132 -54.59 88.97 38.67
C PHE C 132 -54.44 90.22 39.55
N ASP C 133 -53.30 90.40 40.21
CA ASP C 133 -53.03 91.59 41.00
C ASP C 133 -52.23 92.64 40.25
N GLU C 134 -51.24 92.22 39.45
CA GLU C 134 -50.35 93.13 38.76
C GLU C 134 -50.50 92.94 37.24
N ALA C 135 -49.65 93.63 36.50
CA ALA C 135 -49.71 93.59 35.04
C ALA C 135 -49.00 92.35 34.50
N MET C 136 -49.19 92.11 33.21
CA MET C 136 -48.50 91.01 32.55
C MET C 136 -47.00 91.22 32.57
N THR C 137 -46.25 90.14 32.78
CA THR C 137 -44.80 90.16 32.77
C THR C 137 -44.28 89.16 31.73
N TYR C 138 -43.10 89.47 31.21
CA TYR C 138 -42.44 88.63 30.23
C TYR C 138 -41.00 88.37 30.68
N SER C 139 -40.49 87.20 30.30
CA SER C 139 -39.12 86.81 30.60
C SER C 139 -38.52 86.17 29.35
N VAL C 140 -37.31 86.60 28.99
CA VAL C 140 -36.62 86.12 27.80
C VAL C 140 -35.21 85.69 28.19
N LYS C 141 -34.79 84.54 27.69
CA LYS C 141 -33.44 84.05 27.89
C LYS C 141 -32.80 83.82 26.53
N LEU C 142 -31.59 84.34 26.35
CA LEU C 142 -30.85 84.22 25.11
C LEU C 142 -29.52 83.55 25.38
N ASP C 143 -29.23 82.47 24.64
CA ASP C 143 -27.97 81.76 24.75
C ASP C 143 -27.06 82.13 23.60
N GLY C 144 -25.77 82.31 23.88
CA GLY C 144 -24.84 82.72 22.84
C GLY C 144 -24.49 81.57 21.90
N MET C 145 -24.43 81.89 20.61
CA MET C 145 -23.94 80.97 19.60
C MET C 145 -22.42 80.99 19.49
N GLY C 146 -21.75 81.90 20.18
CA GLY C 146 -20.31 82.02 20.06
C GLY C 146 -19.73 83.17 20.84
N ALA C 147 -18.87 83.95 20.19
CA ALA C 147 -18.16 85.02 20.89
C ALA C 147 -19.11 86.16 21.24
N LEU C 148 -19.06 86.60 22.50
CA LEU C 148 -19.75 87.80 22.94
C LEU C 148 -18.69 88.88 23.09
N VAL C 149 -18.57 89.73 22.07
CA VAL C 149 -17.51 90.74 22.06
C VAL C 149 -17.77 91.75 23.17
N ASP C 150 -16.69 92.35 23.67
CA ASP C 150 -16.74 93.29 24.78
C ASP C 150 -16.48 94.69 24.21
N LEU C 151 -17.53 95.52 24.19
CA LEU C 151 -17.41 96.86 23.66
C LEU C 151 -16.75 97.83 24.64
N THR C 152 -16.60 97.44 25.91
CA THR C 152 -15.96 98.33 26.87
C THR C 152 -14.45 98.40 26.69
N ILE C 153 -13.85 97.40 26.04
CA ILE C 153 -12.42 97.38 25.78
C ILE C 153 -12.09 97.46 24.29
N THR C 154 -13.10 97.51 23.44
CA THR C 154 -12.90 97.63 21.99
C THR C 154 -13.59 98.88 21.49
N GLU C 155 -12.93 99.59 20.58
CA GLU C 155 -13.49 100.81 20.03
C GLU C 155 -14.72 100.50 19.18
N GLY C 156 -15.60 101.49 19.07
CA GLY C 156 -16.83 101.32 18.31
C GLY C 156 -17.96 100.77 19.14
N GLY C 157 -18.99 100.29 18.44
CA GLY C 157 -20.16 99.73 19.10
C GLY C 157 -20.94 100.75 19.91
N ASP C 158 -21.20 101.91 19.33
CA ASP C 158 -21.89 103.00 20.03
C ASP C 158 -23.17 103.46 19.34
N GLN C 159 -23.70 102.68 18.39
CA GLN C 159 -25.00 103.00 17.81
C GLN C 159 -26.12 102.69 18.78
N MET C 160 -27.09 103.58 18.85
CA MET C 160 -28.23 103.52 19.76
C MET C 160 -29.52 103.48 18.98
N PRO C 161 -30.60 102.95 19.59
CA PRO C 161 -31.86 102.82 18.86
C PRO C 161 -32.42 104.18 18.47
N GLY C 162 -33.12 104.20 17.35
CA GLY C 162 -33.71 105.43 16.83
C GLY C 162 -33.78 105.44 15.32
N ALA D 2 -36.42 6.37 -16.67
CA ALA D 2 -36.81 5.34 -17.62
C ALA D 2 -37.69 5.92 -18.71
N PHE D 3 -37.68 7.25 -18.84
CA PHE D 3 -38.56 7.93 -19.79
C PHE D 3 -37.87 9.20 -20.25
N GLU D 4 -38.66 10.16 -20.73
CA GLU D 4 -38.19 11.37 -21.41
C GLU D 4 -37.58 11.01 -22.76
N GLU D 5 -38.25 10.12 -23.49
CA GLU D 5 -37.86 9.69 -24.83
C GLU D 5 -36.46 9.09 -24.85
N ASN D 6 -36.03 8.55 -23.70
CA ASN D 6 -34.70 7.95 -23.56
C ASN D 6 -33.61 8.91 -24.02
N LEU D 7 -33.77 10.19 -23.67
CA LEU D 7 -32.82 11.21 -24.09
C LEU D 7 -31.44 10.96 -23.50
N TYR D 8 -31.39 10.56 -22.23
CA TYR D 8 -30.13 10.28 -21.55
C TYR D 8 -30.04 8.87 -20.97
N CYS D 9 -31.16 8.17 -20.83
CA CYS D 9 -31.17 6.82 -20.27
C CYS D 9 -31.59 5.85 -21.37
N ASP D 10 -30.63 5.07 -21.86
CA ASP D 10 -30.87 4.10 -22.93
C ASP D 10 -31.26 2.77 -22.29
N TYR D 11 -32.56 2.54 -22.17
CA TYR D 11 -33.08 1.34 -21.52
C TYR D 11 -33.43 0.23 -22.51
N THR D 12 -33.18 0.43 -23.80
CA THR D 12 -33.53 -0.59 -24.78
C THR D 12 -32.59 -1.78 -24.66
N PRO D 13 -33.12 -2.99 -24.46
CA PRO D 13 -32.24 -4.18 -24.39
C PRO D 13 -31.91 -4.71 -25.77
N GLY D 14 -30.64 -4.62 -26.16
CA GLY D 14 -30.21 -5.17 -27.43
C GLY D 14 -29.19 -6.29 -27.26
N ALA D 15 -28.37 -6.19 -26.22
CA ALA D 15 -27.37 -7.20 -25.94
C ALA D 15 -26.97 -7.08 -24.46
N ALA D 16 -26.51 -8.20 -23.91
CA ALA D 16 -26.08 -8.19 -22.51
C ALA D 16 -24.79 -7.39 -22.34
N LYS D 17 -23.87 -7.49 -23.30
CA LYS D 17 -22.60 -6.78 -23.33
C LYS D 17 -21.64 -7.31 -22.28
N ALA D 18 -22.11 -8.22 -21.42
CA ALA D 18 -21.32 -8.85 -20.38
C ALA D 18 -22.21 -9.87 -19.70
N VAL D 19 -21.57 -10.84 -19.05
CA VAL D 19 -22.26 -11.87 -18.28
C VAL D 19 -21.54 -12.02 -16.95
N ALA D 20 -22.29 -11.88 -15.85
CA ALA D 20 -21.70 -12.07 -14.53
C ALA D 20 -21.22 -13.50 -14.36
N GLY D 21 -20.02 -13.65 -13.79
CA GLY D 21 -19.45 -14.98 -13.63
C GLY D 21 -20.26 -15.87 -12.71
N LYS D 22 -20.99 -15.26 -11.77
CA LYS D 22 -21.82 -16.03 -10.85
C LYS D 22 -23.01 -16.68 -11.54
N ASP D 23 -23.31 -16.30 -12.78
CA ASP D 23 -24.47 -16.84 -13.50
C ASP D 23 -24.17 -18.15 -14.20
N VAL D 24 -22.91 -18.44 -14.50
CA VAL D 24 -22.53 -19.65 -15.22
C VAL D 24 -21.94 -20.64 -14.22
N ILE D 25 -22.56 -21.82 -14.12
CA ILE D 25 -22.15 -22.83 -13.15
C ILE D 25 -22.07 -24.18 -13.85
N LEU D 26 -21.34 -25.09 -13.22
CA LEU D 26 -21.14 -26.45 -13.72
C LEU D 26 -21.95 -27.42 -12.90
N ALA D 27 -22.68 -28.31 -13.59
CA ALA D 27 -23.46 -29.35 -12.95
C ALA D 27 -23.05 -30.70 -13.54
N VAL D 28 -23.33 -31.76 -12.80
CA VAL D 28 -23.01 -33.12 -13.22
C VAL D 28 -24.26 -33.98 -13.08
N PHE D 29 -24.32 -35.04 -13.88
CA PHE D 29 -25.39 -36.02 -13.76
C PHE D 29 -25.00 -37.08 -12.74
N ASN D 30 -25.95 -37.44 -11.88
CA ASN D 30 -25.69 -38.43 -10.84
C ASN D 30 -25.47 -39.81 -11.47
N ALA D 31 -25.22 -40.79 -10.61
CA ALA D 31 -24.91 -42.14 -11.09
C ALA D 31 -26.06 -42.71 -11.90
N ALA D 32 -27.29 -42.53 -11.42
CA ALA D 32 -28.45 -42.99 -12.18
C ALA D 32 -28.69 -42.15 -13.43
N GLY D 33 -28.15 -40.94 -13.49
CA GLY D 33 -28.35 -40.08 -14.64
C GLY D 33 -29.72 -39.45 -14.75
N ASP D 34 -30.53 -39.53 -13.69
CA ASP D 34 -31.90 -39.02 -13.75
C ASP D 34 -32.00 -37.56 -13.37
N LYS D 35 -31.14 -37.08 -12.45
CA LYS D 35 -31.22 -35.70 -11.98
C LYS D 35 -29.87 -35.01 -12.13
N LEU D 36 -29.91 -33.76 -12.54
CA LEU D 36 -28.73 -32.92 -12.63
C LEU D 36 -28.48 -32.27 -11.26
N LEU D 37 -27.21 -32.23 -10.86
CA LEU D 37 -26.82 -31.65 -9.58
C LEU D 37 -25.74 -30.61 -9.81
N ALA D 38 -26.00 -29.38 -9.38
CA ALA D 38 -24.98 -28.35 -9.40
C ALA D 38 -24.04 -28.56 -8.21
N VAL D 39 -22.73 -28.48 -8.48
CA VAL D 39 -21.75 -28.71 -7.43
C VAL D 39 -21.87 -27.62 -6.38
N ALA D 40 -21.90 -28.02 -5.11
CA ALA D 40 -22.13 -27.07 -4.03
C ALA D 40 -20.92 -26.17 -3.83
N GLY D 41 -21.20 -24.88 -3.64
CA GLY D 41 -20.16 -23.92 -3.28
C GLY D 41 -19.10 -23.70 -4.33
N GLN D 42 -19.50 -23.60 -5.60
CA GLN D 42 -18.54 -23.26 -6.65
C GLN D 42 -18.10 -21.82 -6.51
N GLN D 43 -16.82 -21.57 -6.79
CA GLN D 43 -16.28 -20.22 -6.78
C GLN D 43 -15.45 -19.88 -8.01
N GLY D 44 -14.93 -20.87 -8.74
CA GLY D 44 -14.17 -20.60 -9.94
C GLY D 44 -14.27 -21.73 -10.94
N LEU D 45 -14.54 -21.39 -12.20
CA LEU D 45 -14.72 -22.36 -13.26
C LEU D 45 -13.93 -21.95 -14.48
N THR D 46 -13.23 -22.91 -15.08
CA THR D 46 -12.44 -22.67 -16.28
C THR D 46 -12.66 -23.81 -17.26
N VAL D 47 -12.94 -23.48 -18.50
CA VAL D 47 -13.11 -24.46 -19.57
C VAL D 47 -12.01 -24.21 -20.61
N ASN D 48 -11.17 -25.21 -20.84
CA ASN D 48 -10.06 -25.10 -21.78
C ASN D 48 -10.32 -25.99 -22.98
N ARG D 49 -10.28 -25.39 -24.16
CA ARG D 49 -10.39 -26.10 -25.43
C ARG D 49 -9.15 -25.80 -26.25
N SER D 50 -8.50 -26.84 -26.76
CA SER D 50 -7.26 -26.67 -27.50
C SER D 50 -7.28 -27.53 -28.75
N LYS D 51 -6.53 -27.07 -29.76
CA LYS D 51 -6.38 -27.79 -31.02
C LYS D 51 -4.91 -27.84 -31.39
N ASP D 52 -4.46 -28.99 -31.87
CA ASP D 52 -3.08 -29.15 -32.28
C ASP D 52 -2.83 -28.50 -33.63
N SER D 53 -1.57 -28.25 -33.93
CA SER D 53 -1.14 -27.66 -35.19
C SER D 53 -0.14 -28.58 -35.87
N ILE D 54 -0.38 -28.85 -37.15
CA ILE D 54 0.51 -29.70 -37.95
C ILE D 54 1.22 -28.81 -38.96
N GLU D 55 2.54 -28.89 -38.98
CA GLU D 55 3.36 -28.02 -39.84
C GLU D 55 3.49 -28.67 -41.22
N ILE D 56 3.08 -27.95 -42.25
CA ILE D 56 3.16 -28.42 -43.63
C ILE D 56 3.95 -27.42 -44.45
N THR D 57 4.97 -26.81 -43.84
CA THR D 57 5.75 -25.78 -44.49
C THR D 57 6.34 -26.27 -45.80
N SER D 58 6.16 -25.48 -46.86
CA SER D 58 6.67 -25.79 -48.19
C SER D 58 7.79 -24.82 -48.50
N LYS D 59 9.03 -25.32 -48.48
CA LYS D 59 10.19 -24.48 -48.74
C LYS D 59 10.36 -24.16 -50.22
N ASP D 60 9.59 -24.78 -51.10
CA ASP D 60 9.69 -24.56 -52.53
C ASP D 60 8.65 -23.60 -53.07
N THR D 61 7.92 -22.92 -52.19
CA THR D 61 6.92 -21.94 -52.57
C THR D 61 7.39 -20.54 -52.17
N VAL D 62 7.05 -19.55 -53.00
CA VAL D 62 7.46 -18.18 -52.73
C VAL D 62 6.86 -17.73 -51.40
N GLY D 63 7.53 -16.80 -50.74
CA GLY D 63 7.12 -16.37 -49.43
C GLY D 63 8.23 -16.46 -48.40
N GLY D 64 8.10 -17.40 -47.47
CA GLY D 64 9.06 -17.54 -46.38
C GLY D 64 8.36 -17.79 -45.07
N TRP D 65 7.05 -17.95 -45.11
CA TRP D 65 6.23 -18.18 -43.93
C TRP D 65 5.90 -19.67 -43.80
N LYS D 66 6.05 -20.19 -42.58
CA LYS D 66 5.68 -21.57 -42.33
C LYS D 66 4.18 -21.75 -42.41
N SER D 67 3.75 -22.91 -42.91
CA SER D 67 2.34 -23.22 -43.09
C SER D 67 1.91 -24.29 -42.10
N LYS D 68 0.77 -24.05 -41.46
CA LYS D 68 0.22 -24.98 -40.47
C LYS D 68 -1.24 -25.25 -40.77
N ILE D 69 -1.71 -26.40 -40.29
CA ILE D 69 -3.12 -26.77 -40.39
C ILE D 69 -3.61 -27.27 -39.04
N GLY D 70 -4.92 -27.23 -38.86
CA GLY D 70 -5.51 -27.65 -37.60
C GLY D 70 -5.36 -29.14 -37.38
N GLY D 71 -5.14 -29.51 -36.12
CA GLY D 71 -4.98 -30.90 -35.74
C GLY D 71 -6.16 -31.47 -34.98
N MET D 72 -5.87 -32.24 -33.94
CA MET D 72 -6.91 -32.85 -33.12
C MET D 72 -7.27 -31.93 -31.96
N LYS D 73 -8.49 -32.10 -31.45
CA LYS D 73 -9.02 -31.23 -30.41
C LYS D 73 -9.10 -31.95 -29.07
N GLU D 74 -8.98 -31.18 -28.00
CA GLU D 74 -9.05 -31.69 -26.64
C GLU D 74 -9.65 -30.63 -25.74
N TRP D 75 -10.17 -31.06 -24.60
CA TRP D 75 -10.79 -30.12 -23.67
C TRP D 75 -10.72 -30.63 -22.24
N SER D 76 -10.76 -29.67 -21.32
CA SER D 76 -10.69 -29.95 -19.89
C SER D 76 -11.44 -28.87 -19.13
N ILE D 77 -11.78 -29.19 -17.88
CA ILE D 77 -12.51 -28.26 -17.02
C ILE D 77 -11.87 -28.27 -15.64
N GLU D 78 -11.67 -27.07 -15.09
CA GLU D 78 -11.17 -26.92 -13.73
C GLU D 78 -12.22 -26.19 -12.90
N ASN D 79 -12.56 -26.74 -11.75
CA ASN D 79 -13.60 -26.15 -10.90
C ASN D 79 -13.15 -26.18 -9.46
N ASP D 80 -13.15 -25.02 -8.81
CA ASP D 80 -12.74 -24.92 -7.42
C ASP D 80 -13.75 -24.10 -6.64
N GLY D 81 -13.81 -24.34 -5.35
CA GLY D 81 -14.74 -23.59 -4.52
C GLY D 81 -14.71 -24.07 -3.08
N LEU D 82 -15.79 -23.73 -2.36
CA LEU D 82 -15.94 -24.19 -0.99
C LEU D 82 -16.38 -25.64 -0.96
N TYR D 83 -15.90 -26.38 0.03
CA TYR D 83 -16.15 -27.81 0.13
C TYR D 83 -17.04 -28.09 1.34
N VAL D 84 -18.16 -28.76 1.10
CA VAL D 84 -19.01 -29.31 2.14
C VAL D 84 -19.17 -30.79 1.84
N ALA D 85 -18.68 -31.64 2.74
CA ALA D 85 -18.62 -33.07 2.46
C ALA D 85 -19.99 -33.72 2.42
N ASP D 86 -21.00 -33.11 3.03
CA ASP D 86 -22.33 -33.69 3.10
C ASP D 86 -23.19 -33.39 1.88
N ALA D 87 -22.70 -32.59 0.94
CA ALA D 87 -23.46 -32.26 -0.25
C ALA D 87 -23.61 -33.50 -1.15
N GLU D 88 -24.77 -33.59 -1.81
CA GLU D 88 -25.00 -34.69 -2.73
C GLU D 88 -24.06 -34.64 -3.92
N SER D 89 -23.80 -33.44 -4.45
CA SER D 89 -22.93 -33.32 -5.60
C SER D 89 -21.51 -33.79 -5.29
N HIS D 90 -21.00 -33.46 -4.11
CA HIS D 90 -19.67 -33.90 -3.74
C HIS D 90 -19.62 -35.41 -3.52
N LYS D 91 -20.71 -35.99 -2.99
CA LYS D 91 -20.79 -37.45 -2.87
C LYS D 91 -20.73 -38.10 -4.25
N GLU D 92 -21.48 -37.55 -5.21
CA GLU D 92 -21.45 -38.09 -6.57
C GLU D 92 -20.07 -37.94 -7.19
N LEU D 93 -19.41 -36.80 -6.95
CA LEU D 93 -18.06 -36.60 -7.47
C LEU D 93 -17.09 -37.60 -6.88
N ALA D 94 -17.19 -37.86 -5.58
CA ALA D 94 -16.31 -38.85 -4.95
C ALA D 94 -16.56 -40.24 -5.51
N LYS D 95 -17.83 -40.61 -5.70
CA LYS D 95 -18.14 -41.90 -6.28
C LYS D 95 -17.60 -42.01 -7.70
N TYR D 96 -17.73 -40.95 -8.49
CA TYR D 96 -17.22 -40.97 -9.86
C TYR D 96 -15.71 -41.10 -9.89
N PHE D 97 -15.01 -40.38 -9.02
CA PHE D 97 -13.56 -40.48 -8.98
C PHE D 97 -13.09 -41.83 -8.47
N GLU D 98 -13.88 -42.46 -7.60
CA GLU D 98 -13.44 -43.72 -6.98
C GLU D 98 -13.31 -44.83 -8.02
N SER D 99 -14.27 -44.96 -8.92
CA SER D 99 -14.31 -46.11 -9.84
C SER D 99 -14.80 -45.66 -11.22
N ASP D 100 -13.85 -45.33 -12.10
CA ASP D 100 -14.11 -45.04 -13.50
C ASP D 100 -15.35 -44.19 -13.71
N SER D 101 -16.39 -44.78 -14.33
CA SER D 101 -17.69 -44.16 -14.51
C SER D 101 -17.57 -42.79 -15.16
N PRO D 102 -17.29 -42.71 -16.47
CA PRO D 102 -17.22 -41.42 -17.15
C PRO D 102 -18.44 -40.56 -16.89
N VAL D 103 -18.25 -39.44 -16.22
CA VAL D 103 -19.34 -38.61 -15.73
C VAL D 103 -19.78 -37.65 -16.83
N CYS D 104 -21.10 -37.54 -17.01
CA CYS D 104 -21.66 -36.52 -17.88
C CYS D 104 -21.75 -35.20 -17.12
N VAL D 105 -21.16 -34.16 -17.69
CA VAL D 105 -21.12 -32.85 -17.06
C VAL D 105 -21.67 -31.82 -18.05
N LYS D 106 -22.18 -30.72 -17.50
CA LYS D 106 -22.69 -29.62 -18.29
C LYS D 106 -22.26 -28.30 -17.64
N ILE D 107 -22.06 -27.30 -18.48
CA ILE D 107 -21.85 -25.92 -18.04
C ILE D 107 -23.05 -25.13 -18.53
N ILE D 108 -23.81 -24.56 -17.60
CA ILE D 108 -25.09 -23.92 -17.93
C ILE D 108 -25.20 -22.59 -17.22
N ASN D 109 -26.05 -21.73 -17.76
CA ASN D 109 -26.29 -20.39 -17.23
C ASN D 109 -27.57 -20.45 -16.40
N GLN D 110 -27.42 -20.46 -15.08
CA GLN D 110 -28.56 -20.59 -14.19
C GLN D 110 -29.47 -19.36 -14.21
N ALA D 111 -28.95 -18.20 -14.62
CA ALA D 111 -29.75 -16.99 -14.64
C ALA D 111 -30.47 -16.80 -15.97
N SER D 112 -29.72 -16.82 -17.07
CA SER D 112 -30.31 -16.63 -18.39
C SER D 112 -31.17 -17.81 -18.83
N LYS D 113 -31.13 -18.92 -18.10
CA LYS D 113 -31.91 -20.11 -18.43
C LYS D 113 -31.57 -20.64 -19.83
N LYS D 114 -30.28 -20.92 -20.04
CA LYS D 114 -29.82 -21.47 -21.30
C LYS D 114 -28.56 -22.29 -21.06
N GLY D 115 -28.38 -23.33 -21.87
CA GLY D 115 -27.20 -24.16 -21.75
C GLY D 115 -26.03 -23.67 -22.58
N LEU D 116 -24.82 -24.01 -22.13
CA LEU D 116 -23.61 -23.62 -22.82
C LEU D 116 -22.81 -24.81 -23.34
N PHE D 117 -22.49 -25.78 -22.50
CA PHE D 117 -21.66 -26.91 -22.92
C PHE D 117 -22.11 -28.17 -22.20
N GLY D 118 -21.74 -29.32 -22.78
CA GLY D 118 -22.01 -30.59 -22.16
C GLY D 118 -21.20 -31.69 -22.79
N GLY D 119 -20.87 -32.70 -22.00
CA GLY D 119 -20.13 -33.83 -22.52
C GLY D 119 -19.64 -34.74 -21.42
N LEU D 120 -19.03 -35.83 -21.84
CA LEU D 120 -18.48 -36.83 -20.92
C LEU D 120 -17.05 -36.47 -20.55
N ALA D 121 -16.67 -36.80 -19.31
CA ALA D 121 -15.34 -36.49 -18.82
C ALA D 121 -14.98 -37.45 -17.71
N ILE D 122 -13.69 -37.45 -17.36
CA ILE D 122 -13.18 -38.23 -16.24
C ILE D 122 -12.57 -37.29 -15.22
N VAL D 123 -12.73 -37.65 -13.94
CA VAL D 123 -12.22 -36.86 -12.84
C VAL D 123 -10.74 -37.19 -12.64
N ALA D 124 -9.86 -36.39 -13.22
CA ALA D 124 -8.44 -36.66 -13.12
C ALA D 124 -7.87 -36.29 -11.75
N ASP D 125 -8.42 -35.25 -11.11
CA ASP D 125 -7.88 -34.78 -9.85
C ASP D 125 -9.02 -34.32 -8.95
N TYR D 126 -8.88 -34.59 -7.65
CA TYR D 126 -9.90 -34.21 -6.67
C TYR D 126 -9.18 -33.98 -5.35
N SER D 127 -8.86 -32.73 -5.05
CA SER D 127 -8.03 -32.38 -3.89
C SER D 127 -8.77 -31.39 -3.01
N PHE D 128 -8.30 -31.28 -1.77
CA PHE D 128 -8.89 -30.39 -0.77
C PHE D 128 -7.78 -29.58 -0.10
N GLU D 129 -8.20 -28.51 0.58
CA GLU D 129 -7.27 -27.64 1.28
C GLU D 129 -8.00 -27.01 2.46
N ALA D 130 -7.36 -27.04 3.63
CA ALA D 130 -7.98 -26.55 4.87
C ALA D 130 -7.03 -25.63 5.62
N PRO D 131 -6.88 -24.39 5.16
CA PRO D 131 -6.09 -23.42 5.93
C PRO D 131 -6.76 -23.11 7.26
N PHE D 132 -5.94 -22.84 8.27
CA PHE D 132 -6.47 -22.65 9.62
C PHE D 132 -7.17 -21.32 9.80
N ASP D 133 -7.01 -20.38 8.87
CA ASP D 133 -7.63 -19.06 8.98
C ASP D 133 -8.58 -18.78 7.81
N GLU D 134 -9.15 -19.84 7.24
CA GLU D 134 -10.03 -19.69 6.08
C GLU D 134 -10.90 -20.94 5.99
N ALA D 135 -11.96 -20.82 5.19
CA ALA D 135 -12.82 -21.97 4.95
C ALA D 135 -12.09 -23.02 4.13
N MET D 136 -12.41 -24.29 4.40
CA MET D 136 -11.74 -25.39 3.72
C MET D 136 -12.31 -25.58 2.33
N THR D 137 -11.43 -25.59 1.33
CA THR D 137 -11.83 -25.52 -0.07
C THR D 137 -11.55 -26.84 -0.78
N TYR D 138 -12.11 -26.95 -1.98
CA TYR D 138 -11.93 -28.11 -2.85
C TYR D 138 -11.58 -27.65 -4.25
N SER D 139 -10.84 -28.50 -4.96
CA SER D 139 -10.50 -28.30 -6.36
C SER D 139 -10.67 -29.60 -7.11
N VAL D 140 -11.18 -29.52 -8.34
CA VAL D 140 -11.44 -30.69 -9.16
C VAL D 140 -11.07 -30.38 -10.60
N LYS D 141 -10.57 -31.40 -11.29
CA LYS D 141 -10.17 -31.29 -12.69
C LYS D 141 -10.76 -32.45 -13.47
N LEU D 142 -11.36 -32.16 -14.62
CA LEU D 142 -11.98 -33.16 -15.48
C LEU D 142 -11.36 -33.08 -16.86
N ASP D 143 -11.02 -34.23 -17.42
CA ASP D 143 -10.50 -34.33 -18.78
C ASP D 143 -11.57 -34.93 -19.68
N GLY D 144 -11.79 -34.32 -20.84
CA GLY D 144 -12.89 -34.74 -21.68
C GLY D 144 -12.63 -36.06 -22.40
N MET D 145 -13.72 -36.73 -22.75
CA MET D 145 -13.69 -37.92 -23.58
C MET D 145 -14.47 -37.61 -24.85
N GLY D 146 -13.78 -37.55 -25.98
CA GLY D 146 -14.44 -37.29 -27.25
C GLY D 146 -14.93 -35.86 -27.36
N ALA D 147 -16.01 -35.68 -28.13
CA ALA D 147 -16.50 -34.36 -28.47
C ALA D 147 -17.09 -33.67 -27.25
N LEU D 148 -16.95 -32.34 -27.21
CA LEU D 148 -17.60 -31.49 -26.24
C LEU D 148 -18.68 -30.71 -26.98
N VAL D 149 -19.94 -31.05 -26.73
CA VAL D 149 -21.05 -30.46 -27.47
C VAL D 149 -21.15 -28.98 -27.10
N ASP D 150 -21.23 -28.13 -28.12
CA ASP D 150 -21.37 -26.68 -27.93
C ASP D 150 -22.84 -26.35 -28.09
N LEU D 151 -23.52 -26.11 -26.97
CA LEU D 151 -24.95 -25.83 -26.99
C LEU D 151 -25.28 -24.39 -27.34
N THR D 152 -24.29 -23.51 -27.44
CA THR D 152 -24.57 -22.13 -27.81
C THR D 152 -24.98 -22.02 -29.27
N ILE D 153 -24.39 -22.83 -30.15
CA ILE D 153 -24.71 -22.81 -31.57
C ILE D 153 -25.81 -23.81 -31.91
N THR D 154 -25.79 -24.98 -31.30
CA THR D 154 -26.81 -25.99 -31.54
C THR D 154 -28.03 -25.75 -30.65
N GLU D 155 -29.07 -26.55 -30.88
CA GLU D 155 -30.31 -26.42 -30.14
C GLU D 155 -30.41 -27.48 -29.05
N GLY D 156 -31.34 -27.28 -28.13
CA GLY D 156 -31.56 -28.23 -27.06
C GLY D 156 -30.57 -28.06 -25.92
N GLY D 157 -30.57 -29.07 -25.05
CA GLY D 157 -29.68 -29.08 -23.90
C GLY D 157 -29.97 -28.00 -22.88
N ASP D 158 -31.24 -27.80 -22.56
CA ASP D 158 -31.66 -26.83 -21.55
C ASP D 158 -32.12 -27.48 -20.25
N GLN D 159 -31.77 -28.75 -20.03
CA GLN D 159 -32.12 -29.43 -18.80
C GLN D 159 -31.26 -28.88 -17.65
N MET D 160 -31.91 -28.58 -16.53
CA MET D 160 -31.28 -27.88 -15.44
C MET D 160 -31.57 -28.57 -14.11
N PRO D 161 -30.70 -28.41 -13.11
CA PRO D 161 -30.84 -29.18 -11.88
C PRO D 161 -32.20 -28.97 -11.21
N GLY D 162 -32.73 -30.06 -10.66
CA GLY D 162 -34.03 -30.04 -10.01
C GLY D 162 -34.61 -31.43 -9.87
N ALA E 2 -23.30 148.58 85.16
CA ALA E 2 -21.96 148.54 84.59
C ALA E 2 -20.96 149.27 85.49
N PHE E 3 -21.45 149.75 86.62
CA PHE E 3 -20.61 150.48 87.56
C PHE E 3 -20.70 149.86 88.95
N GLU E 4 -20.06 150.50 89.94
CA GLU E 4 -20.04 150.02 91.31
C GLU E 4 -19.54 148.57 91.38
N GLU E 5 -18.43 148.32 90.67
CA GLU E 5 -17.73 147.04 90.63
C GLU E 5 -18.62 145.94 90.08
N ASN E 6 -19.83 146.29 89.67
CA ASN E 6 -20.83 145.33 89.17
C ASN E 6 -21.15 144.28 90.23
N LEU E 7 -21.59 144.77 91.39
CA LEU E 7 -21.85 143.88 92.52
C LEU E 7 -23.16 143.11 92.35
N TYR E 8 -24.17 143.71 91.74
CA TYR E 8 -25.46 143.08 91.55
C TYR E 8 -25.79 142.80 90.08
N CYS E 9 -24.80 142.89 89.20
CA CYS E 9 -25.00 142.57 87.80
C CYS E 9 -23.65 142.21 87.19
N ASP E 10 -23.70 141.60 86.01
CA ASP E 10 -22.49 141.19 85.32
C ASP E 10 -22.52 141.68 83.88
N TYR E 11 -21.36 142.15 83.41
CA TYR E 11 -21.21 142.61 82.04
C TYR E 11 -20.05 141.97 81.30
N THR E 12 -19.22 141.19 81.96
CA THR E 12 -18.04 140.62 81.31
C THR E 12 -18.43 139.53 80.34
N PRO E 13 -18.11 139.65 79.05
CA PRO E 13 -18.42 138.58 78.11
C PRO E 13 -17.33 137.52 78.06
N GLY E 14 -17.66 136.29 78.42
CA GLY E 14 -16.71 135.20 78.35
C GLY E 14 -17.12 134.15 77.34
N ALA E 15 -18.43 133.98 77.16
CA ALA E 15 -18.98 133.05 76.19
C ALA E 15 -20.42 133.44 75.91
N ALA E 16 -20.94 132.93 74.79
CA ALA E 16 -22.33 133.19 74.45
C ALA E 16 -23.28 132.57 75.48
N LYS E 17 -22.98 131.34 75.91
CA LYS E 17 -23.73 130.56 76.91
C LYS E 17 -25.11 130.17 76.40
N ALA E 18 -25.51 130.60 75.21
CA ALA E 18 -26.79 130.28 74.59
C ALA E 18 -26.79 130.85 73.18
N VAL E 19 -27.46 130.14 72.27
CA VAL E 19 -27.60 130.60 70.89
C VAL E 19 -29.08 130.59 70.55
N ALA E 20 -29.60 131.75 70.13
CA ALA E 20 -31.00 131.84 69.76
C ALA E 20 -31.25 131.12 68.44
N GLY E 21 -32.47 130.59 68.30
CA GLY E 21 -32.84 129.92 67.08
C GLY E 21 -33.10 130.85 65.91
N LYS E 22 -33.20 132.16 66.16
CA LYS E 22 -33.42 133.11 65.08
C LYS E 22 -32.24 133.13 64.11
N ASP E 23 -31.02 133.05 64.64
CA ASP E 23 -29.81 133.35 63.89
C ASP E 23 -29.21 132.13 63.20
N VAL E 24 -29.81 130.95 63.34
CA VAL E 24 -29.32 129.75 62.65
C VAL E 24 -30.01 129.68 61.30
N ILE E 25 -29.23 129.75 60.23
CA ILE E 25 -29.74 129.95 58.88
C ILE E 25 -29.26 128.81 58.00
N LEU E 26 -30.17 128.23 57.23
CA LEU E 26 -29.84 127.27 56.18
C LEU E 26 -29.82 127.99 54.86
N ALA E 27 -28.77 127.78 54.07
CA ALA E 27 -28.64 128.41 52.76
C ALA E 27 -28.18 127.37 51.75
N VAL E 28 -28.52 127.62 50.49
CA VAL E 28 -28.22 126.70 49.40
C VAL E 28 -27.47 127.47 48.32
N PHE E 29 -26.49 126.81 47.72
CA PHE E 29 -25.80 127.40 46.58
C PHE E 29 -26.70 127.37 45.36
N ASN E 30 -26.70 128.47 44.60
CA ASN E 30 -27.58 128.58 43.44
C ASN E 30 -27.06 127.69 42.31
N ALA E 31 -27.75 127.76 41.16
CA ALA E 31 -27.40 126.91 40.02
C ALA E 31 -25.96 127.15 39.59
N ALA E 32 -25.60 128.41 39.34
CA ALA E 32 -24.19 128.72 39.11
C ALA E 32 -23.40 128.68 40.41
N GLY E 33 -24.06 128.95 41.53
CA GLY E 33 -23.42 128.92 42.84
C GLY E 33 -22.69 130.19 43.23
N ASP E 34 -22.67 131.20 42.36
CA ASP E 34 -21.92 132.42 42.66
C ASP E 34 -22.46 133.10 43.91
N LYS E 35 -23.78 133.20 44.03
CA LYS E 35 -24.44 133.76 45.21
C LYS E 35 -25.10 132.63 45.99
N LEU E 36 -24.79 132.55 47.28
CA LEU E 36 -25.38 131.56 48.17
C LEU E 36 -26.66 132.15 48.74
N LEU E 37 -27.80 131.54 48.40
CA LEU E 37 -29.10 132.12 48.72
C LEU E 37 -29.70 131.42 49.94
N ALA E 38 -30.15 132.22 50.90
CA ALA E 38 -30.88 131.69 52.05
C ALA E 38 -32.34 131.48 51.67
N VAL E 39 -32.91 130.38 52.16
CA VAL E 39 -34.28 130.04 51.82
C VAL E 39 -35.23 130.90 52.63
N ALA E 40 -36.17 131.54 51.94
CA ALA E 40 -37.13 132.43 52.60
C ALA E 40 -38.14 131.62 53.40
N GLY E 41 -38.76 132.29 54.36
CA GLY E 41 -39.76 131.65 55.20
C GLY E 41 -39.22 130.57 56.10
N GLN E 42 -38.06 130.77 56.69
CA GLN E 42 -37.48 129.77 57.57
C GLN E 42 -38.07 129.88 58.97
N GLN E 43 -38.74 128.81 59.41
CA GLN E 43 -39.32 128.79 60.75
C GLN E 43 -38.64 127.75 61.63
N GLY E 44 -38.62 126.50 61.18
CA GLY E 44 -38.06 125.40 61.95
C GLY E 44 -37.01 124.66 61.14
N LEU E 45 -35.99 124.16 61.85
CA LEU E 45 -34.91 123.42 61.20
C LEU E 45 -34.30 122.45 62.20
N THR E 46 -34.04 121.23 61.74
CA THR E 46 -33.36 120.22 62.53
C THR E 46 -32.28 119.56 61.68
N VAL E 47 -31.27 119.02 62.34
CA VAL E 47 -30.21 118.27 61.69
C VAL E 47 -30.10 116.92 62.38
N ASN E 48 -29.57 115.93 61.65
CA ASN E 48 -29.35 114.61 62.20
C ASN E 48 -28.09 114.02 61.60
N ARG E 49 -27.13 113.69 62.45
CA ARG E 49 -25.93 112.97 62.06
C ARG E 49 -25.82 111.73 62.93
N SER E 50 -25.69 110.57 62.30
CA SER E 50 -25.68 109.32 63.04
C SER E 50 -24.70 108.36 62.40
N LYS E 51 -24.39 107.28 63.12
CA LYS E 51 -23.60 106.19 62.56
C LYS E 51 -24.01 104.89 63.22
N ASP E 52 -23.75 103.79 62.52
CA ASP E 52 -24.18 102.48 62.97
C ASP E 52 -23.21 101.92 64.02
N SER E 53 -23.70 100.95 64.78
CA SER E 53 -22.92 100.26 65.79
C SER E 53 -23.00 98.76 65.49
N ILE E 54 -21.88 98.18 65.09
CA ILE E 54 -21.82 96.76 64.74
C ILE E 54 -21.36 95.97 65.95
N GLU E 55 -22.14 94.96 66.32
CA GLU E 55 -21.82 94.12 67.46
C GLU E 55 -20.84 93.02 67.04
N ILE E 56 -19.77 92.86 67.81
CA ILE E 56 -18.77 91.84 67.52
C ILE E 56 -18.57 90.96 68.75
N THR E 57 -19.62 90.78 69.54
CA THR E 57 -19.55 89.89 70.69
C THR E 57 -19.30 88.45 70.25
N SER E 58 -18.46 87.75 71.01
CA SER E 58 -18.13 86.37 70.72
C SER E 58 -18.08 85.59 72.03
N LYS E 59 -17.58 84.36 71.98
CA LYS E 59 -17.54 83.51 73.15
C LYS E 59 -16.34 83.78 74.05
N ASP E 60 -15.37 84.58 73.62
CA ASP E 60 -14.20 84.90 74.42
C ASP E 60 -14.32 86.23 75.14
N THR E 61 -15.44 86.94 74.99
CA THR E 61 -15.64 88.22 75.66
C THR E 61 -16.18 87.96 77.06
N VAL E 62 -15.32 88.12 78.05
CA VAL E 62 -15.68 87.90 79.45
C VAL E 62 -16.19 89.19 80.05
N GLY E 63 -17.11 89.06 81.01
CA GLY E 63 -17.68 90.20 81.70
C GLY E 63 -19.19 90.29 81.64
N GLY E 64 -19.85 89.53 80.77
CA GLY E 64 -21.30 89.60 80.67
C GLY E 64 -21.83 90.85 80.01
N TRP E 65 -21.05 91.50 79.16
CA TRP E 65 -21.45 92.72 78.48
C TRP E 65 -21.24 92.59 76.99
N LYS E 66 -22.17 93.14 76.21
CA LYS E 66 -22.01 93.15 74.76
C LYS E 66 -20.89 94.10 74.36
N SER E 67 -20.17 93.74 73.29
CA SER E 67 -19.08 94.55 72.77
C SER E 67 -19.45 94.97 71.35
N LYS E 68 -19.34 96.27 71.08
CA LYS E 68 -19.69 96.85 69.79
C LYS E 68 -18.58 97.80 69.33
N ILE E 69 -18.57 98.07 68.03
CA ILE E 69 -17.67 99.07 67.45
C ILE E 69 -18.44 99.93 66.46
N GLY E 70 -17.80 101.02 66.02
CA GLY E 70 -18.47 101.98 65.18
C GLY E 70 -18.67 101.51 63.75
N GLY E 71 -19.53 102.24 63.04
CA GLY E 71 -19.85 101.97 61.66
C GLY E 71 -19.74 103.23 60.81
N MET E 72 -20.45 103.20 59.69
CA MET E 72 -20.44 104.32 58.74
C MET E 72 -21.46 105.38 59.16
N LYS E 73 -21.16 106.63 58.81
CA LYS E 73 -21.96 107.77 59.23
C LYS E 73 -22.83 108.28 58.09
N GLU E 74 -23.97 108.86 58.46
CA GLU E 74 -24.92 109.45 57.53
C GLU E 74 -25.49 110.71 58.15
N TRP E 75 -26.00 111.60 57.31
CA TRP E 75 -26.50 112.88 57.77
C TRP E 75 -27.66 113.35 56.90
N SER E 76 -28.62 114.01 57.54
CA SER E 76 -29.80 114.52 56.86
C SER E 76 -30.35 115.71 57.64
N ILE E 77 -30.85 116.71 56.91
CA ILE E 77 -31.41 117.90 57.53
C ILE E 77 -32.87 118.06 57.11
N GLU E 78 -33.61 118.77 57.96
CA GLU E 78 -35.03 119.05 57.75
C GLU E 78 -35.28 120.53 57.99
N ASN E 79 -36.09 121.13 57.13
CA ASN E 79 -36.50 122.52 57.29
C ASN E 79 -37.98 122.63 56.99
N ASP E 80 -38.63 123.63 57.59
CA ASP E 80 -40.05 123.83 57.34
C ASP E 80 -40.47 125.24 57.74
N GLY E 81 -41.45 125.80 57.03
CA GLY E 81 -41.96 127.11 57.38
C GLY E 81 -42.82 127.80 56.35
N LEU E 82 -42.81 129.12 56.36
CA LEU E 82 -43.58 129.89 55.39
C LEU E 82 -43.03 129.70 53.99
N TYR E 83 -43.92 129.56 53.01
CA TYR E 83 -43.53 129.32 51.63
C TYR E 83 -44.17 130.35 50.73
N VAL E 84 -43.36 130.95 49.85
CA VAL E 84 -43.85 131.81 48.79
C VAL E 84 -43.19 131.35 47.49
N ALA E 85 -44.01 131.18 46.45
CA ALA E 85 -43.49 130.67 45.19
C ALA E 85 -42.54 131.65 44.51
N ASP E 86 -42.74 132.95 44.74
CA ASP E 86 -41.91 133.97 44.09
C ASP E 86 -40.50 134.04 44.67
N ALA E 87 -40.25 133.40 45.80
CA ALA E 87 -38.92 133.44 46.40
C ALA E 87 -37.92 132.72 45.49
N GLU E 88 -36.84 133.42 45.14
CA GLU E 88 -35.86 132.87 44.21
C GLU E 88 -35.25 131.58 44.76
N SER E 89 -35.01 131.54 46.06
CA SER E 89 -34.49 130.31 46.68
C SER E 89 -35.46 129.16 46.49
N HIS E 90 -36.76 129.41 46.66
CA HIS E 90 -37.76 128.36 46.46
C HIS E 90 -37.81 127.92 45.00
N LYS E 91 -37.72 128.87 44.06
CA LYS E 91 -37.71 128.52 42.65
C LYS E 91 -36.51 127.63 42.32
N GLU E 92 -35.34 127.96 42.86
CA GLU E 92 -34.16 127.16 42.55
C GLU E 92 -34.19 125.82 43.27
N LEU E 93 -34.82 125.75 44.45
CA LEU E 93 -35.04 124.47 45.10
C LEU E 93 -35.94 123.57 44.25
N ALA E 94 -37.01 124.15 43.69
CA ALA E 94 -37.87 123.38 42.79
C ALA E 94 -37.11 122.93 41.55
N LYS E 95 -36.26 123.81 41.01
CA LYS E 95 -35.44 123.44 39.85
C LYS E 95 -34.51 122.29 40.19
N TYR E 96 -33.87 122.32 41.35
CA TYR E 96 -33.00 121.22 41.76
C TYR E 96 -33.79 119.93 41.93
N PHE E 97 -34.97 120.01 42.55
CA PHE E 97 -35.79 118.82 42.75
C PHE E 97 -36.20 118.21 41.42
N GLU E 98 -36.55 119.04 40.45
CA GLU E 98 -36.96 118.54 39.15
C GLU E 98 -35.77 117.95 38.39
N SER E 99 -34.63 118.67 38.40
CA SER E 99 -33.49 118.27 37.59
C SER E 99 -32.72 117.09 38.15
N ASP E 100 -32.97 116.70 39.40
CA ASP E 100 -32.26 115.60 40.05
C ASP E 100 -30.75 115.85 40.06
N SER E 101 -30.37 116.92 40.74
CA SER E 101 -28.98 117.35 40.83
C SER E 101 -28.61 117.63 42.27
N PRO E 102 -27.36 117.41 42.65
CA PRO E 102 -26.95 117.67 44.03
C PRO E 102 -27.02 119.14 44.39
N VAL E 103 -27.21 119.41 45.68
CA VAL E 103 -27.34 120.74 46.22
C VAL E 103 -26.24 120.97 47.25
N CYS E 104 -25.66 122.16 47.25
CA CYS E 104 -24.68 122.55 48.26
C CYS E 104 -25.41 123.25 49.40
N VAL E 105 -25.32 122.66 50.59
CA VAL E 105 -26.11 123.05 51.75
C VAL E 105 -25.15 123.58 52.82
N LYS E 106 -25.48 124.76 53.36
CA LYS E 106 -24.66 125.38 54.40
C LYS E 106 -25.53 125.78 55.58
N ILE E 107 -25.11 125.39 56.77
CA ILE E 107 -25.72 125.82 58.02
C ILE E 107 -24.79 126.85 58.65
N ILE E 108 -25.29 128.07 58.86
CA ILE E 108 -24.48 129.17 59.35
C ILE E 108 -25.20 129.84 60.51
N ASN E 109 -24.47 130.69 61.22
CA ASN E 109 -24.99 131.50 62.32
C ASN E 109 -24.78 132.96 61.94
N GLN E 110 -25.86 133.67 61.60
CA GLN E 110 -25.73 135.04 61.13
C GLN E 110 -25.33 135.99 62.26
N ALA E 111 -25.70 135.68 63.51
CA ALA E 111 -25.33 136.55 64.62
C ALA E 111 -23.82 136.62 64.79
N SER E 112 -23.16 135.48 64.85
CA SER E 112 -21.71 135.43 64.95
C SER E 112 -21.02 135.47 63.60
N LYS E 113 -21.78 135.42 62.51
CA LYS E 113 -21.24 135.40 61.15
C LYS E 113 -20.25 134.24 60.98
N LYS E 114 -20.56 133.12 61.63
CA LYS E 114 -19.72 131.93 61.60
C LYS E 114 -20.52 130.76 61.05
N GLY E 115 -19.97 130.10 60.04
CA GLY E 115 -20.62 128.90 59.52
C GLY E 115 -20.51 127.74 60.48
N LEU E 116 -21.45 126.81 60.36
CA LEU E 116 -21.51 125.65 61.23
C LEU E 116 -21.30 124.34 60.48
N PHE E 117 -22.03 124.12 59.39
CA PHE E 117 -21.99 122.86 58.67
C PHE E 117 -21.97 123.11 57.17
N GLY E 118 -21.33 122.21 56.43
CA GLY E 118 -21.31 122.29 54.99
C GLY E 118 -21.34 120.93 54.32
N GLY E 119 -22.21 120.74 53.34
CA GLY E 119 -22.30 119.43 52.72
C GLY E 119 -22.97 119.47 51.37
N LEU E 120 -23.04 118.28 50.76
CA LEU E 120 -23.71 118.05 49.49
C LEU E 120 -24.83 117.05 49.72
N ALA E 121 -26.04 117.41 49.28
CA ALA E 121 -27.23 116.62 49.55
C ALA E 121 -28.12 116.57 48.32
N ILE E 122 -29.28 115.94 48.48
CA ILE E 122 -30.33 115.92 47.46
C ILE E 122 -31.66 116.19 48.14
N VAL E 123 -32.62 116.66 47.34
CA VAL E 123 -33.95 116.98 47.86
C VAL E 123 -34.75 115.69 47.97
N ALA E 124 -34.67 115.03 49.13
CA ALA E 124 -35.41 113.79 49.32
C ALA E 124 -36.91 114.03 49.29
N ASP E 125 -37.36 115.10 49.93
CA ASP E 125 -38.78 115.41 50.00
C ASP E 125 -38.99 116.91 49.97
N TYR E 126 -39.97 117.35 49.17
CA TYR E 126 -40.35 118.76 49.07
C TYR E 126 -41.88 118.80 49.07
N SER E 127 -42.46 118.97 50.26
CA SER E 127 -43.90 118.87 50.44
C SER E 127 -44.49 120.21 50.85
N PHE E 128 -45.79 120.36 50.60
CA PHE E 128 -46.51 121.58 50.93
C PHE E 128 -47.83 121.24 51.59
N GLU E 129 -48.33 122.17 52.41
CA GLU E 129 -49.60 122.03 53.08
C GLU E 129 -50.32 123.36 53.04
N ALA E 130 -51.65 123.32 52.97
CA ALA E 130 -52.47 124.52 52.83
C ALA E 130 -53.67 124.45 53.75
N PRO E 131 -53.59 125.01 54.95
CA PRO E 131 -54.75 125.06 55.85
C PRO E 131 -55.59 126.31 55.59
N PHE E 132 -56.91 126.12 55.55
CA PHE E 132 -57.81 127.21 55.19
C PHE E 132 -57.81 128.32 56.23
N ASP E 133 -57.37 128.05 57.46
CA ASP E 133 -57.41 129.04 58.53
C ASP E 133 -56.05 129.62 58.89
N GLU E 134 -54.96 129.05 58.39
CA GLU E 134 -53.61 129.52 58.67
C GLU E 134 -52.87 129.77 57.36
N ALA E 135 -51.64 130.24 57.48
CA ALA E 135 -50.79 130.43 56.32
C ALA E 135 -50.29 129.08 55.81
N MET E 136 -50.06 129.00 54.51
CA MET E 136 -49.66 127.75 53.87
C MET E 136 -48.17 127.52 54.08
N THR E 137 -47.80 126.25 54.25
CA THR E 137 -46.50 125.85 54.78
C THR E 137 -45.77 124.94 53.80
N TYR E 138 -44.45 124.96 53.88
CA TYR E 138 -43.59 124.06 53.11
C TYR E 138 -42.68 123.29 54.05
N SER E 139 -42.23 122.14 53.57
CA SER E 139 -41.27 121.30 54.29
C SER E 139 -40.30 120.68 53.30
N VAL E 140 -39.02 120.69 53.65
CA VAL E 140 -37.95 120.11 52.85
C VAL E 140 -37.17 119.15 53.72
N LYS E 141 -36.98 117.93 53.23
CA LYS E 141 -36.12 116.93 53.86
C LYS E 141 -35.03 116.55 52.88
N LEU E 142 -33.78 116.64 53.31
CA LEU E 142 -32.65 116.33 52.45
C LEU E 142 -31.71 115.38 53.19
N ASP E 143 -31.14 114.42 52.47
CA ASP E 143 -30.16 113.49 53.01
C ASP E 143 -28.91 113.56 52.16
N GLY E 144 -27.76 113.73 52.79
CA GLY E 144 -26.52 113.99 52.07
C GLY E 144 -25.64 112.77 51.90
N MET E 145 -24.95 112.72 50.76
CA MET E 145 -23.93 111.72 50.52
C MET E 145 -22.57 112.28 50.93
N GLY E 146 -21.66 111.39 51.24
CA GLY E 146 -20.32 111.81 51.62
C GLY E 146 -20.33 112.52 52.98
N ALA E 147 -19.22 113.19 53.23
CA ALA E 147 -19.03 113.85 54.52
C ALA E 147 -19.86 115.13 54.60
N LEU E 148 -20.20 115.49 55.83
CA LEU E 148 -20.81 116.77 56.16
C LEU E 148 -19.83 117.49 57.08
N VAL E 149 -19.04 118.39 56.52
CA VAL E 149 -17.96 119.00 57.27
C VAL E 149 -18.51 119.94 58.33
N ASP E 150 -17.87 119.97 59.49
CA ASP E 150 -18.27 120.80 60.62
C ASP E 150 -17.42 122.07 60.57
N LEU E 151 -18.04 123.17 60.13
CA LEU E 151 -17.33 124.44 60.05
C LEU E 151 -16.92 124.95 61.42
N THR E 152 -17.52 124.43 62.49
CA THR E 152 -17.09 124.79 63.84
C THR E 152 -15.67 124.29 64.11
N ILE E 153 -15.35 123.09 63.64
CA ILE E 153 -14.03 122.52 63.89
C ILE E 153 -13.03 123.02 62.85
N THR E 154 -13.34 122.86 61.57
CA THR E 154 -12.44 123.30 60.52
C THR E 154 -12.43 124.81 60.40
N GLU E 155 -11.42 125.33 59.72
CA GLU E 155 -11.24 126.77 59.54
C GLU E 155 -11.77 127.17 58.18
N GLY E 156 -12.71 128.12 58.17
CA GLY E 156 -13.30 128.59 56.93
C GLY E 156 -14.81 128.43 56.91
N GLY E 157 -15.40 128.51 55.72
CA GLY E 157 -16.84 128.34 55.58
C GLY E 157 -17.66 129.39 56.29
N ASP E 158 -17.30 130.65 56.13
CA ASP E 158 -17.99 131.74 56.83
C ASP E 158 -18.50 132.78 55.83
N GLN E 159 -19.16 132.32 54.76
CA GLN E 159 -19.71 133.23 53.78
C GLN E 159 -20.81 134.09 54.39
N MET E 160 -20.88 135.34 53.94
CA MET E 160 -21.78 136.33 54.54
C MET E 160 -23.27 136.06 54.30
N PRO E 161 -23.71 135.33 53.25
CA PRO E 161 -25.16 135.22 53.25
C PRO E 161 -25.68 134.03 54.04
N LEU F 573 15.67 -36.05 -34.60
CA LEU F 573 16.01 -37.46 -34.45
C LEU F 573 15.30 -38.31 -35.49
N ALA F 574 14.35 -37.69 -36.22
CA ALA F 574 13.59 -38.41 -37.22
C ALA F 574 14.47 -38.87 -38.38
N ARG F 575 15.41 -38.01 -38.80
CA ARG F 575 16.30 -38.39 -39.89
C ARG F 575 17.27 -39.47 -39.47
N VAL F 576 17.61 -39.52 -38.17
CA VAL F 576 18.38 -40.66 -37.65
C VAL F 576 17.59 -41.95 -37.85
N GLU F 577 16.31 -41.92 -37.53
CA GLU F 577 15.45 -43.09 -37.72
C GLU F 577 15.34 -43.45 -39.20
N ASN F 578 15.21 -42.45 -40.07
CA ASN F 578 15.11 -42.70 -41.50
C ASN F 578 16.38 -43.37 -42.02
N LEU F 579 17.55 -42.86 -41.60
CA LEU F 579 18.80 -43.44 -42.05
C LEU F 579 18.98 -44.84 -41.49
N LEU F 580 18.56 -45.07 -40.25
CA LEU F 580 18.65 -46.42 -39.68
C LEU F 580 17.75 -47.38 -40.42
N GLU F 581 16.55 -46.95 -40.81
CA GLU F 581 15.67 -47.81 -41.58
C GLU F 581 16.29 -48.11 -42.94
N ARG F 582 16.79 -47.07 -43.63
CA ARG F 582 17.43 -47.27 -44.93
C ARG F 582 18.62 -48.21 -44.82
N LEU F 583 19.33 -48.15 -43.70
CA LEU F 583 20.45 -49.02 -43.43
C LEU F 583 20.02 -50.41 -42.99
N LEU F 584 18.79 -50.56 -42.51
CA LEU F 584 18.23 -51.87 -42.25
C LEU F 584 17.75 -52.54 -43.53
N GLN F 585 17.50 -51.75 -44.57
CA GLN F 585 17.04 -52.30 -45.84
C GLN F 585 18.00 -53.36 -46.38
N LYS F 586 19.31 -53.14 -46.23
CA LYS F 586 20.34 -53.97 -46.85
C LYS F 586 20.09 -55.46 -46.66
N ASN F 587 20.22 -56.21 -47.75
CA ASN F 587 20.03 -57.66 -47.72
C ASN F 587 21.11 -58.32 -46.87
N PRO F 588 20.75 -59.16 -45.91
CA PRO F 588 21.74 -59.87 -45.10
C PRO F 588 22.27 -61.13 -45.79
N VAL F 589 22.56 -61.01 -47.08
CA VAL F 589 23.06 -62.11 -47.89
C VAL F 589 24.44 -61.71 -48.38
N ILE F 590 25.45 -62.53 -48.08
CA ILE F 590 26.82 -62.27 -48.47
C ILE F 590 27.25 -63.36 -49.44
N LYS F 591 27.33 -62.99 -50.71
CA LYS F 591 27.69 -63.93 -51.78
C LYS F 591 29.16 -64.29 -51.61
N MET F 592 29.45 -65.59 -51.44
CA MET F 592 30.81 -66.07 -51.31
C MET F 592 31.16 -66.92 -52.51
N ASP F 593 32.36 -66.73 -53.04
CA ASP F 593 32.75 -67.37 -54.30
C ASP F 593 33.01 -68.86 -54.05
N ASP F 594 32.77 -69.66 -55.09
CA ASP F 594 32.97 -71.10 -55.00
C ASP F 594 34.22 -71.60 -55.70
N LYS F 595 34.68 -70.89 -56.74
CA LYS F 595 35.85 -71.33 -57.48
C LYS F 595 37.10 -71.30 -56.61
N VAL F 596 37.29 -70.21 -55.86
CA VAL F 596 38.46 -70.10 -55.01
C VAL F 596 38.40 -71.11 -53.87
N VAL F 597 37.19 -71.35 -53.33
CA VAL F 597 37.03 -72.35 -52.29
C VAL F 597 37.41 -73.72 -52.82
N ALA F 598 36.95 -74.06 -54.02
CA ALA F 598 37.29 -75.34 -54.62
C ALA F 598 38.79 -75.46 -54.86
N GLU F 599 39.42 -74.38 -55.33
CA GLU F 599 40.86 -74.44 -55.63
C GLU F 599 41.67 -74.62 -54.35
N VAL F 600 41.29 -73.91 -53.28
CA VAL F 600 41.99 -74.07 -52.01
C VAL F 600 41.77 -75.47 -51.44
N VAL F 601 40.54 -75.98 -51.53
CA VAL F 601 40.28 -77.33 -51.06
C VAL F 601 41.12 -78.34 -51.83
N SER F 602 41.23 -78.15 -53.15
CA SER F 602 42.05 -79.04 -53.96
C SER F 602 43.51 -78.96 -53.56
N ARG F 603 44.01 -77.76 -53.27
CA ARG F 603 45.41 -77.62 -52.86
C ARG F 603 45.67 -78.31 -51.53
N ASN F 604 44.76 -78.15 -50.56
CA ASN F 604 44.94 -78.81 -49.28
C ASN F 604 44.86 -80.32 -49.41
N GLN F 605 43.93 -80.81 -50.24
CA GLN F 605 43.85 -82.24 -50.50
C GLN F 605 45.12 -82.75 -51.15
N ALA F 606 45.70 -81.96 -52.06
CA ALA F 606 46.96 -82.35 -52.69
C ALA F 606 48.09 -82.41 -51.67
N ASN F 607 48.10 -81.46 -50.73
CA ASN F 607 49.08 -81.52 -49.65
C ASN F 607 48.95 -82.81 -48.84
N SER F 608 47.70 -83.16 -48.50
CA SER F 608 47.47 -84.40 -47.76
C SER F 608 47.89 -85.62 -48.57
N PHE F 609 47.59 -85.62 -49.86
CA PHE F 609 47.97 -86.74 -50.73
C PHE F 609 49.48 -86.87 -50.81
N ASP F 610 50.19 -85.75 -50.94
CA ASP F 610 51.65 -85.80 -50.97
C ASP F 610 52.21 -86.31 -49.66
N GLN F 611 51.63 -85.89 -48.54
CA GLN F 611 52.06 -86.39 -47.24
C GLN F 611 51.90 -87.90 -47.16
N TYR F 612 50.72 -88.40 -47.57
CA TYR F 612 50.46 -89.83 -47.49
C TYR F 612 51.37 -90.61 -48.42
N ASN F 613 51.63 -90.08 -49.62
CA ASN F 613 52.55 -90.74 -50.54
C ASN F 613 53.95 -90.79 -49.96
N TYR F 614 54.41 -89.70 -49.35
CA TYR F 614 55.75 -89.69 -48.76
C TYR F 614 55.85 -90.69 -47.62
N THR F 615 54.81 -90.80 -46.79
CA THR F 615 54.83 -91.78 -45.72
C THR F 615 54.77 -93.21 -46.24
N MET F 616 54.38 -93.40 -47.49
CA MET F 616 54.33 -94.71 -48.12
C MET F 616 55.49 -94.94 -49.08
N GLY F 617 56.61 -94.26 -48.85
CA GLY F 617 57.73 -94.36 -49.76
C GLY F 617 57.46 -93.65 -51.07
N GLY F 618 57.29 -94.42 -52.14
CA GLY F 618 56.97 -93.86 -53.43
C GLY F 618 55.90 -94.65 -54.16
N ALA F 619 55.17 -95.50 -53.42
CA ALA F 619 54.15 -96.36 -53.99
C ALA F 619 52.86 -95.57 -54.17
N ALA F 620 52.91 -94.60 -55.08
CA ALA F 620 51.76 -93.76 -55.41
C ALA F 620 52.00 -93.19 -56.80
N TYR F 621 51.23 -92.15 -57.16
CA TYR F 621 51.34 -91.54 -58.47
C TYR F 621 52.77 -91.09 -58.78
N SER F 622 53.50 -90.65 -57.75
CA SER F 622 54.90 -90.26 -57.93
C SER F 622 55.74 -90.70 -56.74
N MET G 1 5.17 -22.36 -55.98
CA MET G 1 4.46 -23.63 -55.92
C MET G 1 5.33 -24.76 -56.47
N SER G 2 5.27 -25.93 -55.84
CA SER G 2 6.03 -27.09 -56.24
C SER G 2 5.11 -28.20 -56.69
N ASP G 3 5.56 -28.97 -57.68
CA ASP G 3 4.80 -30.10 -58.19
C ASP G 3 5.77 -31.13 -58.74
N LEU G 4 5.29 -32.36 -58.87
CA LEU G 4 6.07 -33.47 -59.38
C LEU G 4 5.33 -34.10 -60.54
N PHE G 5 6.03 -34.30 -61.66
CA PHE G 5 5.45 -34.88 -62.87
C PHE G 5 6.02 -36.28 -63.07
N LEU G 6 5.13 -37.23 -63.36
CA LEU G 6 5.50 -38.62 -63.56
C LEU G 6 5.14 -39.03 -64.98
N GLU G 7 6.12 -39.51 -65.72
CA GLU G 7 5.90 -40.10 -67.03
C GLU G 7 5.73 -41.61 -66.86
N LEU G 8 4.53 -42.09 -67.21
CA LEU G 8 4.13 -43.48 -67.06
C LEU G 8 3.32 -43.89 -68.27
N ASN G 9 3.74 -44.97 -68.93
CA ASN G 9 3.03 -45.51 -70.10
C ASN G 9 2.80 -44.44 -71.17
N GLY G 10 3.80 -43.59 -71.36
CA GLY G 10 3.69 -42.55 -72.36
C GLY G 10 2.79 -41.40 -72.02
N LYS G 11 2.34 -41.30 -70.77
CA LYS G 11 1.47 -40.23 -70.32
C LYS G 11 2.11 -39.49 -69.16
N VAL G 12 1.97 -38.16 -69.17
CA VAL G 12 2.52 -37.31 -68.13
C VAL G 12 1.40 -36.96 -67.16
N HIS G 13 1.60 -37.33 -65.89
CA HIS G 13 0.62 -37.08 -64.83
C HIS G 13 1.24 -36.16 -63.79
N SER G 14 0.51 -35.10 -63.44
CA SER G 14 0.93 -34.25 -62.33
C SER G 14 0.42 -34.85 -61.02
N LEU G 15 1.32 -34.97 -60.04
CA LEU G 15 0.95 -35.59 -58.78
C LEU G 15 -0.15 -34.80 -58.08
N SER G 16 -0.04 -33.48 -58.06
CA SER G 16 -1.07 -32.65 -57.43
C SER G 16 -2.37 -32.72 -58.22
N GLU G 17 -2.30 -32.67 -59.55
CA GLU G 17 -3.51 -32.69 -60.36
C GLU G 17 -4.24 -34.01 -60.24
N THR G 18 -3.51 -35.13 -60.22
CA THR G 18 -4.14 -36.43 -60.14
C THR G 18 -4.88 -36.61 -58.82
N PHE G 19 -4.25 -36.20 -57.72
CA PHE G 19 -4.85 -36.30 -56.39
C PHE G 19 -5.03 -34.91 -55.81
N PRO G 20 -6.24 -34.36 -55.85
CA PRO G 20 -6.43 -32.97 -55.38
C PRO G 20 -6.04 -32.75 -53.92
N GLY G 21 -6.24 -33.74 -53.06
CA GLY G 21 -5.90 -33.59 -51.66
C GLY G 21 -4.44 -33.70 -51.34
N LEU G 22 -3.61 -34.11 -52.30
CA LEU G 22 -2.19 -34.29 -52.10
C LEU G 22 -1.42 -33.14 -52.75
N SER G 23 -0.56 -32.49 -51.97
CA SER G 23 0.24 -31.36 -52.45
C SER G 23 1.69 -31.57 -52.08
N VAL G 24 2.59 -31.30 -53.03
CA VAL G 24 4.02 -31.49 -52.82
C VAL G 24 4.57 -30.29 -52.08
N GLN G 25 5.18 -30.53 -50.91
CA GLN G 25 5.76 -29.45 -50.14
C GLN G 25 7.14 -29.08 -50.66
N GLU G 26 8.00 -30.06 -50.87
CA GLU G 26 9.39 -29.78 -51.20
C GLU G 26 10.00 -30.98 -51.91
N VAL G 27 11.01 -30.71 -52.74
CA VAL G 27 11.76 -31.77 -53.41
C VAL G 27 13.23 -31.62 -53.06
N SER G 28 13.95 -32.74 -53.15
CA SER G 28 15.37 -32.76 -52.84
C SER G 28 16.01 -33.94 -53.57
N ARG G 29 17.32 -33.86 -53.73
CA ARG G 29 18.06 -34.85 -54.51
C ARG G 29 19.37 -35.16 -53.81
N GLN G 30 19.59 -36.43 -53.50
CA GLN G 30 20.84 -36.86 -52.90
C GLN G 30 22.00 -36.60 -53.86
N SER G 31 23.15 -36.23 -53.30
CA SER G 31 24.32 -35.95 -54.12
C SER G 31 24.80 -37.21 -54.80
N PRO G 32 25.51 -37.07 -55.93
CA PRO G 32 26.05 -38.25 -56.61
C PRO G 32 26.94 -39.06 -55.68
N GLN G 33 26.74 -40.38 -55.71
CA GLN G 33 27.47 -41.28 -54.83
C GLN G 33 28.74 -41.72 -55.53
N LEU G 34 29.76 -40.88 -55.44
CA LEU G 34 31.06 -41.20 -56.03
C LEU G 34 31.70 -42.35 -55.27
N SER G 35 32.34 -43.26 -56.01
CA SER G 35 33.02 -44.39 -55.41
C SER G 35 34.22 -44.75 -56.27
N MET G 36 35.41 -44.63 -55.69
CA MET G 36 36.63 -45.02 -56.38
C MET G 36 36.96 -46.47 -56.04
N GLU G 37 37.27 -47.27 -57.06
CA GLU G 37 37.56 -48.69 -56.88
C GLU G 37 38.95 -48.81 -56.28
N THR G 38 39.02 -48.75 -54.96
CA THR G 38 40.29 -48.75 -54.26
C THR G 38 40.96 -50.11 -54.30
N ALA G 39 42.29 -50.09 -54.42
CA ALA G 39 43.11 -51.28 -54.31
C ALA G 39 44.21 -51.00 -53.30
N GLU G 40 44.35 -51.88 -52.31
CA GLU G 40 45.28 -51.68 -51.21
C GLU G 40 46.45 -52.64 -51.33
N ILE G 41 47.66 -52.11 -51.20
CA ILE G 41 48.88 -52.90 -51.12
C ILE G 41 49.39 -52.80 -49.69
N ALA G 42 49.48 -53.94 -49.01
CA ALA G 42 49.86 -53.94 -47.61
C ALA G 42 51.26 -53.38 -47.43
N GLY G 43 51.43 -52.56 -46.39
CA GLY G 43 52.69 -51.92 -46.11
C GLY G 43 52.84 -50.53 -46.68
N THR G 44 52.03 -50.16 -47.67
CA THR G 44 52.07 -48.84 -48.27
C THR G 44 50.97 -47.96 -47.70
N ASP G 45 51.04 -46.68 -48.02
CA ASP G 45 50.11 -45.68 -47.50
C ASP G 45 48.99 -45.44 -48.49
N GLY G 46 47.76 -45.32 -47.98
CA GLY G 46 46.64 -45.00 -48.81
C GLY G 46 46.24 -46.14 -49.74
N VAL G 47 45.57 -45.77 -50.83
CA VAL G 47 45.03 -46.72 -51.79
C VAL G 47 45.41 -46.25 -53.19
N ILE G 48 45.31 -47.18 -54.14
CA ILE G 48 45.50 -46.89 -55.56
C ILE G 48 44.11 -46.81 -56.20
N PRO G 49 43.63 -45.63 -56.57
CA PRO G 49 42.28 -45.55 -57.14
C PRO G 49 42.21 -46.23 -58.51
N GLY G 50 41.07 -46.85 -58.77
CA GLY G 50 40.83 -47.45 -60.06
C GLY G 50 40.14 -46.48 -61.00
N MET G 51 38.93 -46.82 -61.42
CA MET G 51 38.10 -45.93 -62.23
C MET G 51 36.92 -45.47 -61.39
N THR G 52 36.77 -44.16 -61.25
CA THR G 52 35.69 -43.61 -60.44
C THR G 52 34.34 -43.97 -61.05
N GLN G 53 33.42 -44.45 -60.21
CA GLN G 53 32.09 -44.81 -60.63
C GLN G 53 31.06 -44.09 -59.75
N PHE G 54 29.80 -44.15 -60.17
CA PHE G 54 28.72 -43.48 -59.46
C PHE G 54 27.64 -44.48 -59.13
N LYS G 55 27.28 -44.57 -57.86
CA LYS G 55 26.28 -45.50 -57.37
C LYS G 55 24.88 -44.90 -57.53
N PRO G 56 23.84 -45.74 -57.51
CA PRO G 56 22.47 -45.21 -57.56
C PRO G 56 22.17 -44.33 -56.36
N PHE G 57 21.28 -43.35 -56.57
CA PHE G 57 20.97 -42.45 -55.47
C PHE G 57 19.46 -42.25 -55.31
N ILE G 58 19.06 -41.30 -54.48
CA ILE G 58 17.68 -41.16 -54.03
C ILE G 58 17.19 -39.75 -54.32
N PHE G 59 15.99 -39.65 -54.89
CA PHE G 59 15.31 -38.38 -55.09
C PHE G 59 14.08 -38.37 -54.19
N SER G 60 14.00 -37.38 -53.30
CA SER G 60 12.97 -37.36 -52.27
C SER G 60 12.01 -36.21 -52.50
N ALA G 61 10.76 -36.42 -52.09
CA ALA G 61 9.71 -35.42 -52.23
C ALA G 61 8.85 -35.47 -50.98
N LYS G 62 8.89 -34.41 -50.18
CA LYS G 62 8.05 -34.27 -48.99
C LYS G 62 6.73 -33.65 -49.40
N CYS G 63 5.63 -34.33 -49.06
CA CYS G 63 4.28 -33.89 -49.43
C CYS G 63 3.33 -34.17 -48.28
N ASN G 64 2.11 -33.67 -48.40
CA ASN G 64 1.06 -33.92 -47.43
C ASN G 64 -0.24 -34.19 -48.15
N LEU G 65 -1.11 -34.97 -47.50
CA LEU G 65 -2.43 -35.29 -48.02
C LEU G 65 -3.48 -34.77 -47.05
N GLN G 66 -4.42 -33.98 -47.58
CA GLN G 66 -5.51 -33.41 -46.78
C GLN G 66 -6.82 -33.88 -47.39
N ALA G 67 -7.50 -34.78 -46.70
CA ALA G 67 -8.72 -35.39 -47.20
C ALA G 67 -9.95 -34.73 -46.57
N LEU G 68 -11.11 -35.00 -47.20
CA LEU G 68 -12.36 -34.44 -46.69
C LEU G 68 -12.83 -35.16 -45.44
N ASP G 69 -12.71 -36.48 -45.40
CA ASP G 69 -13.16 -37.27 -44.26
C ASP G 69 -12.35 -38.56 -44.21
N ILE G 70 -12.61 -39.36 -43.16
CA ILE G 70 -11.81 -40.57 -42.94
C ILE G 70 -11.94 -41.57 -44.09
N PRO G 71 -13.15 -41.92 -44.56
CA PRO G 71 -13.21 -42.81 -45.74
C PRO G 71 -12.50 -42.24 -46.95
N ASP G 72 -12.62 -40.93 -47.15
CA ASP G 72 -11.88 -40.29 -48.24
C ASP G 72 -10.38 -40.40 -48.02
N TYR G 73 -9.94 -40.26 -46.76
CA TYR G 73 -8.51 -40.40 -46.47
C TYR G 73 -8.00 -41.79 -46.82
N HIS G 74 -8.73 -42.82 -46.41
CA HIS G 74 -8.31 -44.19 -46.70
C HIS G 74 -8.32 -44.46 -48.20
N LEU G 75 -9.37 -43.99 -48.89
CA LEU G 75 -9.43 -44.20 -50.34
C LEU G 75 -8.29 -43.48 -51.04
N ALA G 76 -7.97 -42.25 -50.62
CA ALA G 76 -6.87 -41.52 -51.22
C ALA G 76 -5.54 -42.21 -50.97
N VAL G 77 -5.34 -42.74 -49.75
CA VAL G 77 -4.11 -43.46 -49.46
C VAL G 77 -3.96 -44.67 -50.37
N ARG G 78 -5.04 -45.44 -50.51
CA ARG G 78 -4.99 -46.62 -51.36
C ARG G 78 -4.73 -46.25 -52.81
N GLU G 79 -5.40 -45.19 -53.30
CA GLU G 79 -5.21 -44.79 -54.69
C GLU G 79 -3.80 -44.28 -54.94
N ILE G 80 -3.23 -43.54 -53.98
CA ILE G 80 -1.85 -43.09 -54.11
C ILE G 80 -0.90 -44.27 -54.15
N TYR G 81 -1.13 -45.26 -53.29
CA TYR G 81 -0.27 -46.44 -53.30
C TYR G 81 -0.38 -47.19 -54.62
N GLU G 82 -1.59 -47.28 -55.17
CA GLU G 82 -1.77 -47.91 -56.47
C GLU G 82 -1.04 -47.14 -57.57
N PHE G 83 -1.12 -45.81 -57.54
CA PHE G 83 -0.55 -44.99 -58.59
C PHE G 83 0.97 -45.00 -58.55
N LEU G 84 1.56 -44.89 -57.36
CA LEU G 84 3.00 -44.72 -57.26
C LEU G 84 3.75 -46.01 -57.61
N PHE G 85 3.27 -47.15 -57.09
CA PHE G 85 4.00 -48.41 -57.19
C PHE G 85 3.55 -49.16 -58.44
N GLN G 86 4.43 -49.25 -59.43
CA GLN G 86 4.16 -49.95 -60.67
C GLN G 86 5.17 -51.08 -60.85
N ARG G 87 4.90 -51.93 -61.84
CA ARG G 87 5.77 -53.08 -62.09
C ARG G 87 7.16 -52.64 -62.54
N ASP G 88 7.23 -51.66 -63.43
CA ASP G 88 8.48 -51.25 -64.05
C ASP G 88 8.80 -49.81 -63.71
N SER G 89 10.06 -49.44 -63.94
CA SER G 89 10.53 -48.09 -63.66
C SER G 89 9.84 -47.08 -64.56
N TYR G 90 9.73 -45.84 -64.09
CA TYR G 90 9.10 -44.79 -64.87
C TYR G 90 9.96 -43.54 -64.78
N TYR G 91 9.44 -42.41 -65.25
CA TYR G 91 10.21 -41.18 -65.24
C TYR G 91 9.59 -40.16 -64.31
N ILE G 92 10.42 -39.32 -63.70
CA ILE G 92 9.95 -38.26 -62.82
C ILE G 92 10.75 -36.99 -63.07
N TRP G 93 10.10 -35.85 -62.86
CA TRP G 93 10.80 -34.57 -62.82
C TRP G 93 9.99 -33.59 -61.98
N SER G 94 10.53 -32.40 -61.78
CA SER G 94 9.98 -31.43 -60.85
C SER G 94 9.81 -30.08 -61.53
N ASP G 95 8.93 -29.26 -60.94
CA ASP G 95 8.70 -27.91 -61.47
C ASP G 95 9.95 -27.05 -61.34
N GLN G 96 10.72 -27.24 -60.27
CA GLN G 96 11.88 -26.40 -60.03
C GLN G 96 12.90 -26.52 -61.15
N MET G 97 13.11 -27.73 -61.65
CA MET G 97 14.04 -27.98 -62.75
C MET G 97 13.33 -28.84 -63.79
N PRO G 98 12.48 -28.22 -64.62
CA PRO G 98 11.65 -29.00 -65.55
C PRO G 98 12.37 -29.49 -66.80
N GLY G 99 13.68 -29.27 -66.91
CA GLY G 99 14.44 -29.75 -68.03
C GLY G 99 15.22 -31.02 -67.80
N ILE G 100 15.22 -31.54 -66.57
CA ILE G 100 16.00 -32.71 -66.20
C ILE G 100 15.05 -33.73 -65.58
N ARG G 101 15.13 -34.97 -66.07
CA ARG G 101 14.25 -36.04 -65.60
C ARG G 101 15.09 -37.24 -65.17
N TYR G 102 14.51 -38.05 -64.29
CA TYR G 102 15.17 -39.22 -63.73
C TYR G 102 14.33 -40.46 -64.00
N GLU G 103 14.99 -41.54 -64.39
CA GLU G 103 14.34 -42.85 -64.49
C GLU G 103 14.47 -43.54 -63.14
N VAL G 104 13.33 -43.77 -62.49
CA VAL G 104 13.32 -44.17 -61.08
C VAL G 104 12.38 -45.35 -60.86
N HIS G 105 12.58 -45.99 -59.70
CA HIS G 105 11.76 -47.00 -59.08
C HIS G 105 11.32 -46.53 -57.69
N PRO G 106 10.07 -46.71 -57.32
CA PRO G 106 9.61 -46.22 -56.00
C PRO G 106 10.20 -47.05 -54.88
N LYS G 107 10.12 -46.50 -53.67
CA LYS G 107 10.59 -47.14 -52.46
C LYS G 107 9.49 -47.17 -51.43
N PRO G 108 9.49 -48.15 -50.53
CA PRO G 108 8.42 -48.24 -49.52
C PRO G 108 8.45 -47.04 -48.58
N VAL G 109 7.33 -46.32 -48.55
CA VAL G 109 7.18 -45.15 -47.70
C VAL G 109 5.80 -45.20 -47.05
N ASP G 110 5.77 -45.02 -45.73
CA ASP G 110 4.53 -45.16 -44.97
C ASP G 110 3.93 -43.80 -44.66
N PHE G 111 2.61 -43.70 -44.78
CA PHE G 111 1.91 -42.48 -44.41
C PHE G 111 1.99 -42.27 -42.91
N SER G 112 2.26 -41.03 -42.50
CA SER G 112 2.29 -40.65 -41.09
C SER G 112 0.99 -39.92 -40.78
N ARG G 113 0.06 -40.62 -40.15
CA ARG G 113 -1.26 -40.06 -39.86
C ARG G 113 -1.14 -39.11 -38.68
N GLU G 114 -1.34 -37.81 -38.95
CA GLU G 114 -1.24 -36.80 -37.91
C GLU G 114 -2.59 -36.48 -37.28
N SER G 115 -3.65 -36.43 -38.09
CA SER G 115 -4.99 -36.16 -37.59
C SER G 115 -5.94 -37.13 -38.29
N ASP G 116 -7.25 -36.89 -38.12
CA ASP G 116 -8.24 -37.77 -38.70
C ASP G 116 -8.34 -37.62 -40.22
N ARG G 117 -7.81 -36.53 -40.79
CA ARG G 117 -7.93 -36.28 -42.21
C ARG G 117 -6.64 -35.88 -42.91
N VAL G 118 -5.54 -35.69 -42.17
CA VAL G 118 -4.30 -35.21 -42.77
C VAL G 118 -3.20 -36.24 -42.51
N GLY G 119 -2.36 -36.43 -43.52
CA GLY G 119 -1.24 -37.34 -43.40
C GLY G 119 0.00 -36.87 -44.14
N LEU G 120 1.14 -36.87 -43.45
CA LEU G 120 2.39 -36.45 -44.06
C LEU G 120 3.07 -37.63 -44.73
N LEU G 121 3.75 -37.36 -45.84
CA LEU G 121 4.43 -38.40 -46.60
C LEU G 121 5.75 -37.86 -47.12
N THR G 122 6.73 -38.74 -47.25
CA THR G 122 8.03 -38.39 -47.83
C THR G 122 8.39 -39.47 -48.84
N ILE G 123 7.93 -39.28 -50.07
CA ILE G 123 8.17 -40.27 -51.11
C ILE G 123 9.64 -40.27 -51.49
N GLU G 124 10.20 -41.47 -51.69
CA GLU G 124 11.59 -41.61 -52.10
C GLU G 124 11.65 -42.48 -53.34
N PHE G 125 12.28 -41.97 -54.39
CA PHE G 125 12.45 -42.70 -55.64
C PHE G 125 13.93 -43.02 -55.79
N ASP G 126 14.24 -44.30 -55.92
CA ASP G 126 15.60 -44.73 -56.19
C ASP G 126 15.87 -44.60 -57.68
N VAL G 127 16.85 -43.78 -58.04
CA VAL G 127 17.35 -43.70 -59.41
C VAL G 127 18.58 -44.59 -59.49
N PHE G 128 18.51 -45.61 -60.34
CA PHE G 128 19.50 -46.68 -60.38
C PHE G 128 20.55 -46.49 -61.46
N LYS G 129 20.27 -45.68 -62.49
CA LYS G 129 21.27 -45.43 -63.51
C LYS G 129 22.44 -44.62 -62.97
N GLY G 130 22.27 -43.96 -61.83
CA GLY G 130 23.33 -43.17 -61.22
C GLY G 130 23.48 -41.78 -61.79
N TYR G 131 22.63 -41.39 -62.74
CA TYR G 131 22.74 -40.08 -63.37
C TYR G 131 21.36 -39.62 -63.81
N ALA G 132 21.26 -38.32 -64.08
CA ALA G 132 20.05 -37.72 -64.62
C ALA G 132 20.27 -37.37 -66.08
N GLU G 133 19.18 -37.34 -66.85
CA GLU G 133 19.25 -37.06 -68.27
C GLU G 133 18.20 -36.01 -68.63
N SER G 134 18.46 -35.31 -69.73
CA SER G 134 17.55 -34.28 -70.20
C SER G 134 16.25 -34.90 -70.69
N ARG G 135 15.17 -34.11 -70.59
CA ARG G 135 13.87 -34.59 -71.05
C ARG G 135 13.84 -34.80 -72.56
N GLY G 136 14.59 -34.00 -73.31
CA GLY G 136 14.62 -34.12 -74.76
C GLY G 136 16.00 -34.55 -75.24
N THR G 137 16.02 -35.24 -76.36
CA THR G 137 17.26 -35.70 -76.96
C THR G 137 17.90 -34.57 -77.76
N SER G 138 19.02 -34.89 -78.42
CA SER G 138 19.71 -33.90 -79.23
C SER G 138 18.96 -33.54 -80.50
N LEU G 139 18.08 -34.43 -80.98
CA LEU G 139 17.33 -34.15 -82.19
C LEU G 139 16.29 -33.04 -82.00
N ASP G 140 15.86 -32.80 -80.77
CA ASP G 140 14.86 -31.77 -80.52
C ASP G 140 15.48 -30.39 -80.76
N PRO G 141 14.81 -29.51 -81.48
CA PRO G 141 15.39 -28.19 -81.75
C PRO G 141 15.52 -27.37 -80.48
N MET G 142 16.50 -26.48 -80.47
CA MET G 142 16.75 -25.59 -79.34
C MET G 142 15.93 -24.32 -79.44
N THR G 143 14.61 -24.48 -79.57
CA THR G 143 13.70 -23.36 -79.77
C THR G 143 12.82 -23.16 -78.55
N PHE G 144 12.31 -21.94 -78.42
CA PHE G 144 11.47 -21.60 -77.27
C PHE G 144 10.16 -22.40 -77.29
N GLU G 145 9.56 -22.55 -78.46
CA GLU G 145 8.25 -23.20 -78.55
C GLU G 145 8.28 -24.68 -78.22
N VAL G 146 9.46 -25.31 -78.18
CA VAL G 146 9.53 -26.72 -77.83
C VAL G 146 9.28 -26.92 -76.34
N ASP G 147 9.51 -25.90 -75.51
CA ASP G 147 9.23 -25.94 -74.07
C ASP G 147 9.89 -27.13 -73.40
N LEU G 148 11.19 -27.30 -73.67
CA LEU G 148 11.91 -28.45 -73.13
C LEU G 148 13.18 -28.04 -72.41
N TRP G 149 13.87 -27.01 -72.91
CA TRP G 149 15.17 -26.63 -72.39
C TRP G 149 15.04 -25.57 -71.31
N GLN G 150 15.95 -25.64 -70.33
CA GLN G 150 15.98 -24.70 -69.22
C GLN G 150 17.42 -24.27 -68.98
N MET G 151 17.59 -23.32 -68.07
CA MET G 151 18.92 -22.88 -67.70
C MET G 151 19.61 -23.95 -66.85
N GLY G 152 20.94 -23.91 -66.86
CA GLY G 152 21.72 -24.84 -66.07
C GLY G 152 21.97 -26.19 -66.71
N MET G 153 21.59 -26.37 -67.98
CA MET G 153 21.83 -27.62 -68.69
C MET G 153 23.12 -27.58 -69.51
N ASN G 154 24.07 -26.72 -69.12
CA ASN G 154 25.39 -26.63 -69.75
C ASN G 154 25.32 -26.28 -71.22
N LEU G 155 24.26 -25.60 -71.65
CA LEU G 155 24.16 -25.15 -73.03
C LEU G 155 25.15 -24.01 -73.26
N SER G 156 25.96 -24.13 -74.32
CA SER G 156 26.99 -23.16 -74.59
C SER G 156 26.38 -21.86 -75.11
N ASN G 157 26.57 -20.78 -74.35
CA ASN G 157 26.11 -19.46 -74.80
C ASN G 157 27.21 -18.72 -75.55
N ARG G 158 27.82 -19.39 -76.52
CA ARG G 158 28.80 -18.76 -77.39
C ARG G 158 28.68 -19.18 -78.85
N ASP G 159 27.99 -20.26 -79.19
CA ASP G 159 27.91 -20.70 -80.57
C ASP G 159 26.67 -21.57 -80.73
N ASP G 160 26.24 -21.73 -81.98
CA ASP G 160 25.06 -22.53 -82.28
C ASP G 160 25.35 -24.01 -82.10
N LEU G 161 24.32 -24.77 -81.73
CA LEU G 161 24.42 -26.20 -81.50
C LEU G 161 23.40 -26.90 -82.40
N PHE G 162 23.89 -27.56 -83.44
CA PHE G 162 23.06 -28.38 -84.31
C PHE G 162 23.68 -29.77 -84.42
N TYR G 163 22.82 -30.77 -84.63
CA TYR G 163 23.26 -32.16 -84.65
C TYR G 163 22.94 -32.85 -85.98
N VAL G 164 22.77 -32.07 -87.04
CA VAL G 164 22.64 -32.60 -88.39
C VAL G 164 23.69 -31.90 -89.26
N PHE G 165 24.50 -32.67 -89.96
CA PHE G 165 25.63 -32.13 -90.70
C PHE G 165 25.59 -32.62 -92.14
N ARG G 166 26.06 -31.77 -93.05
CA ARG G 166 26.03 -32.06 -94.48
C ARG G 166 27.43 -32.18 -95.09
N GLU G 167 28.48 -32.01 -94.31
CA GLU G 167 29.85 -32.04 -94.82
C GLU G 167 30.61 -33.22 -94.20
N ASN G 168 31.85 -33.39 -94.66
CA ASN G 168 32.68 -34.52 -94.23
C ASN G 168 33.49 -34.22 -92.98
N THR G 169 33.48 -32.98 -92.48
CA THR G 169 34.24 -32.63 -91.29
C THR G 169 33.45 -31.59 -90.51
N PHE G 170 33.24 -31.84 -89.22
CA PHE G 170 32.42 -30.95 -88.42
C PHE G 170 32.74 -31.16 -86.94
N ARG G 171 31.98 -30.47 -86.09
CA ARG G 171 32.11 -30.57 -84.64
C ARG G 171 30.74 -30.83 -84.04
N VAL G 172 30.70 -31.70 -83.03
CA VAL G 172 29.47 -32.03 -82.32
C VAL G 172 29.69 -31.76 -80.84
N TYR G 173 28.73 -31.08 -80.21
CA TYR G 173 28.87 -30.65 -78.81
C TYR G 173 28.02 -31.55 -77.93
N ASN G 174 28.68 -32.35 -77.09
CA ASN G 174 28.02 -33.12 -76.05
C ASN G 174 28.02 -32.26 -74.78
N ALA G 175 26.84 -31.82 -74.37
CA ALA G 175 26.68 -30.92 -73.23
C ALA G 175 26.58 -31.65 -71.90
N GLY G 176 26.58 -32.98 -71.91
CA GLY G 176 26.44 -33.72 -70.68
C GLY G 176 27.69 -33.69 -69.83
N SER G 177 27.56 -34.21 -68.61
CA SER G 177 28.66 -34.29 -67.67
C SER G 177 29.40 -35.62 -67.74
N ASP G 178 29.00 -36.52 -68.65
CA ASP G 178 29.64 -37.80 -68.81
C ASP G 178 29.95 -38.03 -70.29
N ARG G 179 31.02 -38.77 -70.54
CA ARG G 179 31.34 -39.17 -71.91
C ARG G 179 30.33 -40.21 -72.38
N VAL G 180 29.66 -39.92 -73.48
CA VAL G 180 28.59 -40.78 -73.96
C VAL G 180 29.22 -42.03 -74.57
N ASN G 181 29.02 -43.17 -73.93
CA ASN G 181 29.59 -44.44 -74.38
C ASN G 181 28.49 -45.49 -74.42
N PRO G 182 28.13 -46.01 -75.59
CA PRO G 182 27.09 -47.05 -75.65
C PRO G 182 27.46 -48.31 -74.88
N LEU G 183 28.75 -48.57 -74.69
CA LEU G 183 29.17 -49.72 -73.89
C LEU G 183 28.75 -49.58 -72.44
N MET G 184 28.52 -48.35 -71.96
CA MET G 184 28.04 -48.10 -70.61
C MET G 184 26.53 -47.99 -70.55
N ARG G 185 25.82 -48.65 -71.47
CA ARG G 185 24.36 -48.64 -71.52
C ARG G 185 23.82 -47.21 -71.70
N HIS G 186 24.54 -46.41 -72.47
CA HIS G 186 24.08 -45.07 -72.83
C HIS G 186 23.30 -45.13 -74.13
N GLU G 187 22.40 -44.16 -74.30
CA GLU G 187 21.61 -44.05 -75.51
C GLU G 187 22.33 -43.16 -76.52
N LEU G 188 22.56 -43.69 -77.72
CA LEU G 188 23.27 -42.95 -78.75
C LEU G 188 22.90 -43.54 -80.10
N ASP G 189 22.41 -42.70 -81.01
CA ASP G 189 22.01 -43.12 -82.34
C ASP G 189 22.66 -42.24 -83.38
N ILE G 190 23.14 -42.85 -84.45
CA ILE G 190 23.71 -42.14 -85.59
C ILE G 190 23.01 -42.62 -86.84
N ALA G 191 22.49 -41.69 -87.63
CA ALA G 191 21.86 -42.00 -88.91
C ALA G 191 22.60 -41.26 -90.01
N MET G 192 23.28 -42.01 -90.88
CA MET G 192 24.05 -41.40 -91.95
C MET G 192 23.62 -42.00 -93.28
N THR G 193 23.39 -41.12 -94.25
CA THR G 193 23.13 -41.49 -95.64
C THR G 193 24.15 -40.80 -96.52
N ALA G 194 24.80 -41.57 -97.39
CA ALA G 194 25.81 -41.05 -98.30
C ALA G 194 26.04 -42.07 -99.40
N ASN G 195 27.02 -41.78 -100.25
CA ASN G 195 27.37 -42.64 -101.38
C ASN G 195 28.84 -43.03 -101.28
N GLY G 196 29.10 -44.34 -101.25
CA GLY G 196 30.45 -44.87 -101.25
C GLY G 196 30.67 -45.80 -100.09
N THR G 197 31.95 -45.99 -99.74
CA THR G 197 32.33 -46.79 -98.59
C THR G 197 32.67 -45.85 -97.44
N PRO G 198 31.92 -45.84 -96.35
CA PRO G 198 32.09 -44.83 -95.32
C PRO G 198 33.07 -45.22 -94.22
N THR G 199 33.61 -44.20 -93.57
CA THR G 199 34.47 -44.38 -92.40
C THR G 199 34.36 -43.14 -91.54
N ILE G 200 33.87 -43.31 -90.31
CA ILE G 200 33.64 -42.19 -89.39
C ILE G 200 34.78 -42.17 -88.39
N HIS G 201 35.33 -40.98 -88.14
CA HIS G 201 36.47 -40.81 -87.25
C HIS G 201 36.14 -39.73 -86.23
N ASN G 202 36.22 -40.09 -84.95
CA ASN G 202 36.15 -39.13 -83.85
C ASN G 202 37.58 -38.83 -83.45
N LEU G 203 38.05 -37.63 -83.83
CA LEU G 203 39.46 -37.29 -83.65
C LEU G 203 39.78 -37.02 -82.19
N THR G 204 38.93 -36.26 -81.49
CA THR G 204 39.21 -35.94 -80.10
C THR G 204 39.26 -37.20 -79.25
N THR G 205 38.30 -38.09 -79.42
CA THR G 205 38.34 -39.38 -78.74
C THR G 205 39.36 -40.31 -79.38
N GLY G 206 39.53 -40.21 -80.70
CA GLY G 206 40.43 -41.09 -81.41
C GLY G 206 39.81 -42.38 -81.88
N GLU G 207 38.49 -42.45 -81.96
CA GLU G 207 37.79 -43.68 -82.35
C GLU G 207 37.47 -43.65 -83.83
N SER G 208 37.14 -44.83 -84.37
CA SER G 208 36.84 -44.95 -85.79
C SER G 208 35.91 -46.12 -86.02
N PHE G 209 34.81 -45.85 -86.73
CA PHE G 209 33.89 -46.89 -87.18
C PHE G 209 34.05 -47.06 -88.68
N GLU G 210 34.21 -48.30 -89.13
CA GLU G 210 34.51 -48.61 -90.52
C GLU G 210 33.49 -49.58 -91.07
N TYR G 211 32.89 -49.24 -92.20
CA TYR G 211 32.00 -50.12 -92.94
C TYR G 211 32.66 -50.47 -94.26
N ARG G 212 32.68 -51.75 -94.62
CA ARG G 212 33.47 -52.26 -95.72
C ARG G 212 32.62 -52.66 -96.92
N LYS G 213 31.56 -51.90 -97.19
CA LYS G 213 30.72 -52.15 -98.36
C LYS G 213 30.28 -50.83 -98.95
N GLU G 214 29.96 -50.86 -100.25
CA GLU G 214 29.49 -49.67 -100.94
C GLU G 214 28.09 -49.30 -100.47
N LEU G 215 27.84 -48.01 -100.33
CA LEU G 215 26.57 -47.51 -99.86
C LEU G 215 26.00 -46.52 -100.87
N GLN G 216 24.68 -46.53 -101.04
CA GLN G 216 24.00 -45.57 -101.89
C GLN G 216 23.21 -44.60 -101.04
N LYS G 217 22.86 -43.46 -101.64
CA LYS G 217 22.13 -42.41 -100.95
C LYS G 217 20.78 -42.87 -100.43
N THR G 218 20.17 -43.87 -101.06
CA THR G 218 18.86 -44.34 -100.65
C THR G 218 18.92 -45.26 -99.44
N ASP G 219 20.08 -45.78 -99.09
CA ASP G 219 20.24 -46.66 -97.94
C ASP G 219 20.73 -45.86 -96.74
N VAL G 220 20.07 -46.06 -95.60
CA VAL G 220 20.41 -45.36 -94.37
C VAL G 220 21.20 -46.30 -93.48
N LEU G 221 22.34 -45.83 -92.98
CA LEU G 221 23.14 -46.59 -92.02
C LEU G 221 22.82 -46.06 -90.62
N LEU G 222 22.33 -46.94 -89.77
CA LEU G 222 21.87 -46.58 -88.43
C LEU G 222 22.69 -47.35 -87.41
N LEU G 223 23.43 -46.61 -86.58
CA LEU G 223 24.16 -47.18 -85.46
C LEU G 223 23.39 -46.83 -84.19
N ASN G 224 22.76 -47.84 -83.58
CA ASN G 224 22.06 -47.65 -82.32
C ASN G 224 22.79 -48.43 -81.25
N ASN G 225 23.28 -47.71 -80.23
CA ASN G 225 24.10 -48.30 -79.17
C ASN G 225 25.29 -49.04 -79.77
N ILE G 226 25.26 -50.37 -79.72
CA ILE G 226 26.35 -51.18 -80.25
C ILE G 226 25.88 -52.07 -81.40
N TYR G 227 24.86 -51.62 -82.14
CA TYR G 227 24.35 -52.35 -83.29
C TYR G 227 24.40 -51.48 -84.53
N PRO G 228 25.20 -51.81 -85.53
CA PRO G 228 25.11 -51.14 -86.83
C PRO G 228 24.19 -51.90 -87.78
N LEU G 229 23.33 -51.16 -88.47
CA LEU G 229 22.38 -51.75 -89.40
C LEU G 229 22.27 -50.89 -90.65
N VAL G 230 21.87 -51.52 -91.74
CA VAL G 230 21.45 -50.81 -92.95
C VAL G 230 20.05 -51.29 -93.30
N ASN G 231 19.11 -50.35 -93.41
CA ASN G 231 17.70 -50.66 -93.64
C ASN G 231 17.20 -51.65 -92.60
N ASN G 232 17.59 -51.43 -91.34
CA ASN G 232 17.21 -52.29 -90.22
C ASN G 232 17.63 -53.75 -90.45
N ARG G 233 18.84 -53.94 -90.96
CA ARG G 233 19.42 -55.26 -91.15
C ARG G 233 20.82 -55.29 -90.57
N ARG G 234 21.08 -56.27 -89.71
CA ARG G 234 22.36 -56.32 -89.01
C ARG G 234 23.50 -56.63 -89.97
N VAL G 235 24.53 -55.79 -89.98
CA VAL G 235 25.67 -55.94 -90.86
C VAL G 235 26.96 -55.91 -90.07
N GLY G 236 26.90 -56.35 -88.81
CA GLY G 236 28.07 -56.29 -87.96
C GLY G 236 29.25 -57.08 -88.49
N LYS G 237 28.98 -58.11 -89.30
CA LYS G 237 30.08 -58.92 -89.85
C LYS G 237 30.91 -58.13 -90.86
N ASP G 238 30.34 -57.10 -91.48
CA ASP G 238 31.01 -56.35 -92.52
C ASP G 238 31.63 -55.05 -92.02
N THR G 239 31.75 -54.89 -90.70
CA THR G 239 32.34 -53.71 -90.11
C THR G 239 33.60 -54.08 -89.35
N ASN G 240 34.27 -53.06 -88.81
CA ASN G 240 35.43 -53.26 -87.96
C ASN G 240 35.06 -53.42 -86.49
N HIS G 241 33.76 -53.41 -86.18
CA HIS G 241 33.22 -53.57 -84.83
C HIS G 241 33.61 -52.44 -83.89
N GLY G 242 34.18 -51.36 -84.43
CA GLY G 242 34.46 -50.21 -83.61
C GLY G 242 33.21 -49.41 -83.31
N ILE G 243 33.25 -48.70 -82.18
CA ILE G 243 32.14 -47.85 -81.76
C ILE G 243 32.69 -46.49 -81.38
N ILE G 244 32.00 -45.44 -81.79
CA ILE G 244 32.41 -44.08 -81.47
C ILE G 244 31.80 -43.66 -80.15
N THR G 245 32.44 -42.71 -79.49
CA THR G 245 31.95 -42.14 -78.24
C THR G 245 32.08 -40.64 -78.30
N LEU G 246 31.23 -39.96 -77.53
CA LEU G 246 31.21 -38.50 -77.48
C LEU G 246 31.81 -38.04 -76.17
N GLU G 247 32.96 -37.39 -76.25
CA GLU G 247 33.59 -36.82 -75.07
C GLU G 247 32.82 -35.58 -74.61
N LYS G 248 33.15 -35.12 -73.40
CA LYS G 248 32.54 -33.90 -72.89
C LYS G 248 32.97 -32.71 -73.75
N GLY G 249 32.01 -31.83 -74.04
CA GLY G 249 32.31 -30.67 -74.85
C GLY G 249 32.33 -30.96 -76.33
N TRP G 250 33.30 -30.42 -77.05
CA TRP G 250 33.32 -30.52 -78.50
C TRP G 250 34.10 -31.74 -78.96
N ASN G 251 33.57 -32.40 -79.99
CA ASN G 251 34.22 -33.54 -80.63
C ASN G 251 34.35 -33.25 -82.11
N ASP G 252 35.55 -33.40 -82.65
CA ASP G 252 35.82 -33.17 -84.06
C ASP G 252 35.62 -34.48 -84.82
N PHE G 253 34.69 -34.48 -85.77
CA PHE G 253 34.36 -35.67 -86.53
C PHE G 253 34.76 -35.46 -87.99
N GLU G 254 35.33 -36.52 -88.58
CA GLU G 254 35.73 -36.51 -89.98
C GLU G 254 35.23 -37.78 -90.64
N ILE G 255 34.57 -37.63 -91.79
CA ILE G 255 34.00 -38.76 -92.52
C ILE G 255 34.76 -38.92 -93.83
N LYS G 256 35.24 -40.12 -94.09
CA LYS G 256 36.06 -40.41 -95.26
C LYS G 256 35.43 -41.52 -96.09
N GLY G 257 35.64 -41.43 -97.41
CA GLY G 257 35.25 -42.47 -98.33
C GLY G 257 33.89 -42.32 -98.98
N VAL G 258 33.13 -41.29 -98.62
CA VAL G 258 31.80 -41.06 -99.19
C VAL G 258 31.64 -39.59 -99.54
N THR G 259 30.61 -39.31 -100.33
CA THR G 259 30.26 -37.96 -100.75
C THR G 259 28.81 -37.68 -100.38
N ASP G 260 28.43 -36.40 -100.50
CA ASP G 260 27.10 -35.89 -100.14
C ASP G 260 26.61 -36.52 -98.84
N VAL G 261 27.42 -36.37 -97.80
CA VAL G 261 27.15 -37.00 -96.51
C VAL G 261 26.02 -36.26 -95.81
N THR G 262 25.09 -37.03 -95.22
CA THR G 262 24.06 -36.49 -94.36
C THR G 262 24.02 -37.33 -93.10
N ILE G 263 24.57 -36.81 -92.01
CA ILE G 263 24.74 -37.55 -90.76
C ILE G 263 24.04 -36.80 -89.65
N ALA G 264 23.25 -37.53 -88.84
CA ALA G 264 22.50 -36.96 -87.75
C ALA G 264 22.76 -37.75 -86.48
N PHE G 265 22.93 -37.02 -85.37
CA PHE G 265 23.18 -37.60 -84.06
C PHE G 265 21.93 -37.44 -83.20
N ASN G 266 21.55 -38.50 -82.51
CA ASN G 266 20.35 -38.50 -81.65
C ASN G 266 20.73 -39.18 -80.34
N PHE G 267 20.96 -38.38 -79.30
CA PHE G 267 21.35 -38.90 -78.01
C PHE G 267 20.90 -37.92 -76.93
N PRO G 268 20.59 -38.40 -75.73
CA PRO G 268 20.29 -37.50 -74.62
C PRO G 268 21.55 -37.10 -73.86
N PHE G 269 21.43 -35.98 -73.16
CA PHE G 269 22.53 -35.45 -72.37
C PHE G 269 22.52 -36.08 -70.99
N ILE G 270 23.71 -36.45 -70.50
CA ILE G 270 23.87 -37.12 -69.22
C ILE G 270 24.33 -36.11 -68.18
N TYR G 271 23.49 -35.87 -67.18
CA TYR G 271 23.78 -34.94 -66.11
C TYR G 271 23.94 -35.69 -64.79
N ARG G 272 24.36 -34.95 -63.77
CA ARG G 272 24.57 -35.54 -62.45
C ARG G 272 24.50 -34.50 -61.35
N MET H 1 40.68 -54.31 -79.43
CA MET H 1 39.54 -53.88 -78.62
C MET H 1 39.40 -54.74 -77.37
N ASP H 2 38.96 -54.12 -76.28
CA ASP H 2 38.84 -54.81 -75.00
C ASP H 2 37.50 -55.48 -74.79
N TYR H 3 36.55 -55.30 -75.70
CA TYR H 3 35.26 -55.97 -75.58
C TYR H 3 35.27 -57.28 -76.37
N VAL H 4 34.20 -58.05 -76.21
CA VAL H 4 34.09 -59.39 -76.76
C VAL H 4 33.21 -59.34 -78.00
N ILE H 5 33.66 -59.98 -79.08
CA ILE H 5 32.90 -60.08 -80.32
C ILE H 5 32.35 -61.49 -80.43
N ILE H 6 31.04 -61.60 -80.61
CA ILE H 6 30.35 -62.88 -80.63
C ILE H 6 29.97 -63.21 -82.07
N GLN H 7 30.38 -64.39 -82.53
CA GLN H 7 30.04 -64.91 -83.84
C GLN H 7 29.33 -66.25 -83.66
N SER H 8 28.19 -66.40 -84.31
CA SER H 8 27.32 -67.54 -84.09
C SER H 8 27.96 -68.82 -84.64
N MET H 9 27.32 -69.95 -84.34
CA MET H 9 27.81 -71.24 -84.79
C MET H 9 27.81 -71.33 -86.31
N ASP H 10 26.76 -70.83 -86.95
CA ASP H 10 26.66 -70.83 -88.40
C ASP H 10 27.35 -69.63 -89.04
N LYS H 11 27.96 -68.75 -88.24
CA LYS H 11 28.67 -67.57 -88.72
C LYS H 11 27.79 -66.64 -89.52
N GLU H 12 26.48 -66.70 -89.31
CA GLU H 12 25.56 -65.83 -90.05
C GLU H 12 25.58 -64.40 -89.51
N VAL H 13 25.68 -64.24 -88.20
CA VAL H 13 25.61 -62.94 -87.55
C VAL H 13 26.78 -62.80 -86.59
N GLU H 14 27.47 -61.66 -86.66
CA GLU H 14 28.59 -61.35 -85.78
C GLU H 14 28.35 -59.98 -85.17
N GLU H 15 28.32 -59.90 -83.84
CA GLU H 15 27.99 -58.67 -83.14
C GLU H 15 28.93 -58.51 -81.96
N ILE H 16 28.62 -57.56 -81.09
CA ILE H 16 29.41 -57.27 -79.90
C ILE H 16 28.61 -57.72 -78.69
N LEU H 17 29.21 -58.58 -77.86
CA LEU H 17 28.55 -59.07 -76.65
C LEU H 17 28.74 -58.03 -75.56
N THR H 18 27.67 -57.29 -75.26
CA THR H 18 27.70 -56.23 -74.28
C THR H 18 27.10 -56.69 -72.95
N ASP H 19 27.24 -55.84 -71.95
CA ASP H 19 26.73 -56.10 -70.59
C ASP H 19 27.32 -57.38 -70.00
N ILE H 20 28.56 -57.70 -70.37
CA ILE H 20 29.27 -58.82 -69.76
C ILE H 20 29.70 -58.42 -68.36
N ASP H 21 29.51 -59.34 -67.40
CA ASP H 21 29.94 -59.07 -66.04
C ASP H 21 31.46 -59.12 -65.96
N TYR H 22 32.10 -57.97 -66.22
CA TYR H 22 33.55 -57.92 -66.31
C TYR H 22 34.23 -58.26 -64.99
N GLY H 23 33.51 -58.14 -63.87
CA GLY H 23 34.08 -58.57 -62.61
C GLY H 23 34.37 -60.06 -62.58
N SER H 24 33.51 -60.86 -63.20
CA SER H 24 33.71 -62.30 -63.28
C SER H 24 34.60 -62.72 -64.45
N PHE H 25 34.92 -61.80 -65.35
CA PHE H 25 35.76 -62.14 -66.50
C PHE H 25 37.16 -62.53 -66.05
N SER H 26 37.71 -63.57 -66.68
CA SER H 26 39.04 -64.04 -66.35
C SER H 26 39.64 -64.71 -67.57
N TYR H 27 40.94 -64.53 -67.75
CA TYR H 27 41.71 -65.12 -68.83
C TYR H 27 42.86 -65.91 -68.24
N ASP H 28 42.88 -67.22 -68.49
CA ASP H 28 43.86 -68.11 -67.89
C ASP H 28 44.77 -68.67 -68.97
N TYR H 29 46.08 -68.59 -68.74
CA TYR H 29 47.08 -69.14 -69.63
C TYR H 29 48.14 -69.88 -68.82
N GLU H 30 48.57 -71.02 -69.34
CA GLU H 30 49.69 -71.75 -68.78
C GLU H 30 50.40 -72.46 -69.92
N LYS H 31 51.72 -72.29 -69.98
CA LYS H 31 52.49 -72.74 -71.13
C LYS H 31 52.32 -74.24 -71.36
N ASN H 32 52.02 -74.59 -72.60
CA ASN H 32 51.78 -75.97 -73.03
C ASN H 32 50.65 -76.64 -72.26
N THR H 33 49.89 -75.88 -71.47
CA THR H 33 48.86 -76.45 -70.61
C THR H 33 47.46 -75.95 -70.94
N SER H 34 47.24 -74.64 -70.95
CA SER H 34 45.88 -74.16 -71.12
C SER H 34 45.86 -72.73 -71.64
N ARG H 35 44.77 -72.37 -72.30
CA ARG H 35 44.53 -71.01 -72.77
C ARG H 35 43.03 -70.84 -72.93
N ALA H 36 42.39 -70.09 -72.03
CA ALA H 36 40.95 -70.02 -72.02
C ALA H 36 40.48 -68.72 -71.40
N ILE H 37 39.21 -68.40 -71.62
CA ILE H 37 38.55 -67.25 -71.03
C ILE H 37 37.20 -67.69 -70.47
N SER H 38 36.87 -67.21 -69.27
CA SER H 38 35.61 -67.55 -68.63
C SER H 38 34.96 -66.29 -68.08
N PHE H 39 33.64 -66.20 -68.22
CA PHE H 39 32.91 -65.04 -67.73
C PHE H 39 31.43 -65.42 -67.60
N THR H 40 30.61 -64.42 -67.28
CA THR H 40 29.18 -64.61 -67.07
C THR H 40 28.43 -63.46 -67.73
N VAL H 41 27.37 -63.78 -68.48
CA VAL H 41 26.60 -62.80 -69.22
C VAL H 41 25.17 -62.81 -68.70
N ASN H 42 24.64 -61.63 -68.39
CA ASN H 42 23.26 -61.47 -67.97
C ASN H 42 22.43 -60.90 -69.11
N LYS H 43 21.24 -61.46 -69.30
CA LYS H 43 20.35 -61.03 -70.37
C LYS H 43 19.74 -59.68 -69.99
N THR H 44 20.08 -58.64 -70.73
CA THR H 44 19.54 -57.30 -70.52
C THR H 44 18.98 -56.78 -71.84
N LYS H 45 18.45 -55.56 -71.81
CA LYS H 45 17.89 -54.96 -73.01
C LYS H 45 18.95 -54.74 -74.07
N GLN H 46 20.15 -54.33 -73.66
CA GLN H 46 21.21 -54.01 -74.62
C GLN H 46 21.69 -55.23 -75.39
N ASN H 47 21.50 -56.44 -74.86
CA ASN H 47 21.97 -57.65 -75.53
C ASN H 47 20.88 -58.70 -75.68
N ALA H 48 19.61 -58.35 -75.47
CA ALA H 48 18.54 -59.32 -75.61
C ALA H 48 18.40 -59.81 -77.05
N ALA H 49 18.79 -58.96 -78.01
CA ALA H 49 18.66 -59.35 -79.41
C ALA H 49 19.56 -60.52 -79.76
N ILE H 50 20.78 -60.54 -79.22
CA ILE H 50 21.78 -61.55 -79.57
C ILE H 50 22.07 -62.47 -78.40
N PHE H 51 21.29 -62.40 -77.31
CA PHE H 51 21.54 -63.27 -76.17
C PHE H 51 21.24 -64.73 -76.49
N ASP H 52 20.41 -65.00 -77.49
CA ASP H 52 20.13 -66.37 -77.88
C ASP H 52 21.26 -66.99 -78.68
N LEU H 53 22.11 -66.18 -79.30
CA LEU H 53 23.19 -66.69 -80.13
C LEU H 53 24.34 -67.24 -79.31
N VAL H 54 24.65 -66.63 -78.16
CA VAL H 54 25.79 -67.07 -77.36
C VAL H 54 25.46 -68.44 -76.78
N GLY H 55 26.22 -69.45 -77.20
CA GLY H 55 26.01 -70.80 -76.74
C GLY H 55 27.23 -71.65 -77.07
N ASN H 56 27.03 -72.96 -76.99
CA ASN H 56 28.13 -73.87 -77.31
C ASN H 56 28.49 -73.76 -78.79
N GLU H 57 29.78 -73.91 -79.08
CA GLU H 57 30.40 -73.87 -80.39
C GLU H 57 30.43 -72.46 -80.99
N ALA H 58 29.94 -71.45 -80.28
CA ALA H 58 30.07 -70.08 -80.76
C ALA H 58 31.52 -69.63 -80.64
N ILE H 59 31.85 -68.55 -81.35
CA ILE H 59 33.21 -68.04 -81.41
C ILE H 59 33.25 -66.66 -80.75
N LEU H 60 34.21 -66.46 -79.86
CA LEU H 60 34.41 -65.17 -79.20
C LEU H 60 35.78 -64.61 -79.59
N THR H 61 35.77 -63.39 -80.11
CA THR H 61 36.99 -62.67 -80.43
C THR H 61 37.29 -61.72 -79.28
N TYR H 62 38.48 -61.87 -78.70
CA TYR H 62 38.93 -61.06 -77.58
C TYR H 62 40.38 -60.71 -77.79
N GLN H 63 40.67 -59.41 -77.88
CA GLN H 63 42.04 -58.91 -78.10
C GLN H 63 42.67 -59.55 -79.32
N GLY H 64 41.86 -59.79 -80.36
CA GLY H 64 42.35 -60.37 -81.58
C GLY H 64 42.53 -61.87 -81.56
N GLN H 65 42.06 -62.56 -80.53
CA GLN H 65 42.20 -64.01 -80.44
C GLN H 65 40.83 -64.65 -80.43
N GLN H 66 40.74 -65.84 -81.03
CA GLN H 66 39.49 -66.56 -81.18
C GLN H 66 39.40 -67.68 -80.16
N PHE H 67 38.27 -67.76 -79.46
CA PHE H 67 38.02 -68.79 -78.47
C PHE H 67 36.69 -69.46 -78.79
N VAL H 68 36.67 -70.79 -78.80
CA VAL H 68 35.46 -71.55 -79.02
C VAL H 68 34.85 -71.89 -77.67
N ILE H 69 33.56 -71.62 -77.53
CA ILE H 69 32.84 -71.91 -76.29
C ILE H 69 32.67 -73.41 -76.15
N LYS H 70 33.08 -73.96 -75.01
CA LYS H 70 32.99 -75.39 -74.77
C LYS H 70 32.12 -75.75 -73.58
N LYS H 71 31.58 -74.77 -72.86
CA LYS H 71 30.71 -75.04 -71.71
C LYS H 71 29.84 -73.83 -71.49
N CYS H 72 28.53 -73.99 -71.69
CA CYS H 72 27.55 -72.94 -71.46
C CYS H 72 26.52 -73.42 -70.46
N THR H 73 26.22 -72.57 -69.47
CA THR H 73 25.33 -72.92 -68.37
C THR H 73 24.26 -71.83 -68.24
N PRO H 74 23.21 -71.89 -69.05
CA PRO H 74 22.07 -71.00 -68.83
C PRO H 74 21.44 -71.25 -67.48
N LYS H 75 21.03 -70.18 -66.81
CA LYS H 75 20.44 -70.28 -65.48
C LYS H 75 19.36 -69.21 -65.35
N SER H 76 18.25 -69.57 -64.71
CA SER H 76 17.11 -68.68 -64.55
C SER H 76 16.73 -68.64 -63.08
N ILE H 77 16.95 -67.50 -62.44
CA ILE H 77 16.54 -67.28 -61.05
C ILE H 77 15.65 -66.05 -61.06
N GLY H 78 14.34 -66.28 -61.18
CA GLY H 78 13.38 -65.19 -61.23
C GLY H 78 13.37 -64.45 -62.55
N GLY H 79 13.78 -63.20 -62.54
CA GLY H 79 13.75 -62.37 -63.73
C GLY H 79 15.07 -62.23 -64.44
N THR H 80 16.12 -62.82 -63.88
CA THR H 80 17.47 -62.71 -64.42
C THR H 80 17.86 -64.04 -65.06
N ILE H 81 18.29 -63.98 -66.31
CA ILE H 81 18.81 -65.14 -67.04
C ILE H 81 20.29 -64.92 -67.26
N SER H 82 21.10 -65.86 -66.77
CA SER H 82 22.55 -65.72 -66.83
C SER H 82 23.16 -66.95 -67.47
N LYS H 83 24.17 -66.73 -68.31
CA LYS H 83 24.94 -67.79 -68.94
C LYS H 83 26.38 -67.73 -68.48
N GLN H 84 26.89 -68.84 -67.99
CA GLN H 84 28.29 -68.95 -67.57
C GLN H 84 29.07 -69.55 -68.73
N ILE H 85 29.94 -68.73 -69.34
CA ILE H 85 30.61 -69.08 -70.58
C ILE H 85 32.07 -69.40 -70.28
N THR H 86 32.53 -70.56 -70.77
CA THR H 86 33.93 -70.93 -70.76
C THR H 86 34.33 -71.28 -72.18
N ALA H 87 35.39 -70.65 -72.67
CA ALA H 87 35.82 -70.82 -74.05
C ALA H 87 37.32 -71.07 -74.09
N GLN H 88 37.71 -72.10 -74.84
CA GLN H 88 39.12 -72.46 -74.99
C GLN H 88 39.65 -71.92 -76.30
N HIS H 89 40.96 -71.67 -76.36
CA HIS H 89 41.55 -71.14 -77.58
C HIS H 89 41.32 -72.10 -78.74
N ILE H 90 41.09 -71.53 -79.93
CA ILE H 90 40.69 -72.32 -81.08
C ILE H 90 41.76 -73.34 -81.48
N CYS H 91 43.01 -73.13 -81.05
CA CYS H 91 44.08 -74.06 -81.41
C CYS H 91 43.76 -75.47 -80.94
N TYR H 92 43.22 -75.61 -79.73
CA TYR H 92 42.89 -76.93 -79.21
C TYR H 92 41.84 -77.63 -80.05
N THR H 93 41.05 -76.88 -80.84
CA THR H 93 40.08 -77.51 -81.72
C THR H 93 40.76 -78.39 -82.76
N VAL H 94 42.07 -78.24 -82.94
CA VAL H 94 42.84 -79.14 -83.79
C VAL H 94 42.72 -80.59 -83.35
N GLN H 95 42.19 -80.85 -82.16
CA GLN H 95 41.96 -82.24 -81.75
C GLN H 95 40.82 -82.88 -82.53
N ASP H 96 40.10 -82.12 -83.36
CA ASP H 96 39.05 -82.69 -84.19
C ASP H 96 39.58 -83.35 -85.46
N HIS H 97 40.89 -83.31 -85.68
CA HIS H 97 41.53 -83.95 -86.81
C HIS H 97 42.39 -85.11 -86.30
N VAL H 98 42.16 -86.30 -86.86
CA VAL H 98 42.82 -87.51 -86.41
C VAL H 98 43.60 -88.11 -87.58
N GLN H 99 44.86 -88.45 -87.34
CA GLN H 99 45.72 -89.10 -88.33
C GLN H 99 45.65 -90.60 -88.07
N TYR H 100 44.91 -91.31 -88.92
CA TYR H 100 44.69 -92.73 -88.71
C TYR H 100 45.90 -93.57 -89.11
N ASN H 101 46.66 -93.13 -90.10
CA ASN H 101 47.80 -93.92 -90.56
C ASN H 101 48.87 -94.01 -89.49
N VAL H 102 49.59 -95.13 -89.48
CA VAL H 102 50.61 -95.42 -88.48
C VAL H 102 51.93 -95.70 -89.19
N LYS H 103 52.99 -95.05 -88.74
CA LYS H 103 54.34 -95.32 -89.23
C LYS H 103 54.97 -96.35 -88.30
N SER H 104 54.70 -97.62 -88.58
CA SER H 104 55.08 -98.70 -87.67
C SER H 104 56.60 -98.83 -87.56
N GLY H 105 57.04 -99.31 -86.41
CA GLY H 105 58.45 -99.52 -86.14
C GLY H 105 59.07 -98.36 -85.38
N ARG H 106 60.32 -98.58 -84.99
CA ARG H 106 61.09 -97.57 -84.27
C ARG H 106 61.90 -96.75 -85.26
N LYS H 107 61.72 -95.44 -85.23
CA LYS H 107 62.41 -94.57 -86.17
C LYS H 107 62.73 -93.24 -85.51
N LYS H 108 63.83 -92.63 -85.95
CA LYS H 108 64.25 -91.33 -85.42
C LYS H 108 63.61 -90.24 -86.27
N TYR H 109 62.70 -89.47 -85.66
CA TYR H 109 62.02 -88.37 -86.33
C TYR H 109 62.51 -87.04 -85.79
N SER H 110 62.34 -86.02 -86.61
CA SER H 110 62.49 -84.62 -86.19
C SER H 110 61.11 -84.03 -85.93
N ILE H 111 61.12 -82.82 -85.37
CA ILE H 111 59.84 -82.15 -85.09
C ILE H 111 59.11 -81.82 -86.39
N GLN H 112 59.85 -81.48 -87.44
CA GLN H 112 59.21 -81.09 -88.70
C GLN H 112 58.41 -82.24 -89.29
N THR H 113 59.00 -83.44 -89.32
CA THR H 113 58.32 -84.59 -89.91
C THR H 113 57.06 -84.95 -89.13
N VAL H 114 57.16 -84.95 -87.79
CA VAL H 114 56.01 -85.31 -86.97
C VAL H 114 54.90 -84.27 -87.13
N LEU H 115 55.27 -82.98 -87.15
CA LEU H 115 54.26 -81.94 -87.32
C LEU H 115 53.60 -82.02 -88.69
N GLU H 116 54.38 -82.31 -89.74
CA GLU H 116 53.80 -82.49 -91.07
C GLU H 116 52.84 -83.68 -91.09
N PHE H 117 53.23 -84.79 -90.45
CA PHE H 117 52.37 -85.95 -90.40
C PHE H 117 51.08 -85.66 -89.65
N ALA H 118 51.17 -84.91 -88.55
CA ALA H 118 49.99 -84.65 -87.72
C ALA H 118 48.96 -83.81 -88.45
N LEU H 119 49.41 -82.77 -89.15
CA LEU H 119 48.52 -81.81 -89.79
C LEU H 119 48.47 -81.99 -91.30
N GLN H 120 48.49 -83.24 -91.75
CA GLN H 120 48.43 -83.53 -93.18
C GLN H 120 46.98 -83.54 -93.64
N ASP H 121 46.70 -82.79 -94.72
CA ASP H 121 45.38 -82.74 -95.34
C ASP H 121 44.31 -82.31 -94.34
N ASN H 122 44.60 -81.22 -93.62
CA ASN H 122 43.64 -80.68 -92.67
C ASN H 122 42.46 -80.04 -93.40
N VAL H 123 41.27 -80.23 -92.85
CA VAL H 123 40.06 -79.60 -93.36
C VAL H 123 39.60 -78.46 -92.49
N LEU H 124 40.34 -78.13 -91.43
CA LEU H 124 39.97 -77.04 -90.52
C LEU H 124 40.85 -75.81 -90.71
N GLY H 125 41.68 -75.77 -91.75
CA GLY H 125 42.53 -74.62 -92.00
C GLY H 125 43.60 -74.39 -90.96
N PHE H 126 44.27 -75.44 -90.53
CA PHE H 126 45.34 -75.34 -89.54
C PHE H 126 46.69 -75.35 -90.22
N SER H 127 47.58 -74.47 -89.76
CA SER H 127 48.94 -74.37 -90.27
C SER H 127 49.90 -74.27 -89.10
N TYR H 128 51.14 -74.68 -89.34
CA TYR H 128 52.16 -74.72 -88.30
C TYR H 128 53.44 -74.05 -88.78
N GLU H 129 54.15 -73.45 -87.84
CA GLU H 129 55.46 -72.86 -88.09
C GLU H 129 56.39 -73.26 -86.96
N ILE H 130 57.67 -73.41 -87.29
CA ILE H 130 58.69 -73.84 -86.34
C ILE H 130 59.78 -72.77 -86.30
N GLN H 131 60.15 -72.35 -85.09
CA GLN H 131 61.16 -71.31 -84.91
C GLN H 131 62.08 -71.76 -83.77
N GLY H 132 63.20 -72.36 -84.13
CA GLY H 132 64.17 -72.82 -83.15
C GLY H 132 64.88 -74.06 -83.65
N SER H 133 65.70 -74.62 -82.76
CA SER H 133 66.46 -75.83 -83.04
C SER H 133 66.06 -76.91 -82.04
N PHE H 134 65.80 -78.11 -82.54
CA PHE H 134 65.35 -79.21 -81.71
C PHE H 134 66.12 -80.48 -82.09
N PRO H 135 66.34 -81.37 -81.13
CA PRO H 135 67.06 -82.61 -81.40
C PRO H 135 66.15 -83.64 -82.07
N LEU H 136 66.75 -84.77 -82.42
CA LEU H 136 66.03 -85.90 -83.02
C LEU H 136 65.57 -86.83 -81.92
N VAL H 137 64.34 -87.34 -82.05
CA VAL H 137 63.76 -88.23 -81.06
C VAL H 137 63.28 -89.49 -81.75
N GLU H 138 63.62 -90.65 -81.18
CA GLU H 138 63.19 -91.92 -81.75
C GLU H 138 61.88 -92.35 -81.11
N LEU H 139 60.92 -92.72 -81.97
CA LEU H 139 59.57 -93.06 -81.54
C LEU H 139 59.12 -94.36 -82.20
N GLU H 140 58.10 -94.97 -81.60
CA GLU H 140 57.55 -96.24 -82.05
C GLU H 140 56.15 -96.00 -82.61
N ASP H 141 55.88 -96.58 -83.77
CA ASP H 141 54.57 -96.60 -84.43
C ASP H 141 53.82 -95.28 -84.27
N LEU H 142 54.46 -94.21 -84.74
CA LEU H 142 53.86 -92.89 -84.68
C LEU H 142 52.58 -92.85 -85.53
N GLY H 143 51.52 -92.28 -84.95
CA GLY H 143 50.25 -92.13 -85.62
C GLY H 143 49.12 -92.65 -84.77
N ASN H 144 47.96 -92.82 -85.40
CA ASN H 144 46.74 -93.32 -84.74
C ASN H 144 46.36 -92.43 -83.56
N LYS H 145 46.52 -91.13 -83.73
CA LYS H 145 46.17 -90.16 -82.69
C LYS H 145 45.60 -88.91 -83.35
N ASN H 146 44.89 -88.12 -82.55
CA ASN H 146 44.37 -86.86 -83.05
C ASN H 146 45.49 -85.81 -83.10
N GLY H 147 45.15 -84.64 -83.65
CA GLY H 147 46.14 -83.60 -83.79
C GLY H 147 46.68 -83.10 -82.47
N LEU H 148 45.80 -82.90 -81.48
CA LEU H 148 46.24 -82.37 -80.20
C LEU H 148 47.15 -83.35 -79.48
N GLU H 149 46.86 -84.66 -79.57
CA GLU H 149 47.72 -85.64 -78.94
C GLU H 149 49.12 -85.61 -79.53
N LEU H 150 49.22 -85.51 -80.85
CA LEU H 150 50.53 -85.46 -81.48
C LEU H 150 51.26 -84.15 -81.16
N VAL H 151 50.52 -83.04 -81.06
CA VAL H 151 51.14 -81.77 -80.69
C VAL H 151 51.68 -81.85 -79.27
N ASN H 152 50.91 -82.44 -78.35
CA ASN H 152 51.39 -82.60 -76.98
C ASN H 152 52.59 -83.53 -76.93
N LEU H 153 52.59 -84.58 -77.75
CA LEU H 153 53.75 -85.46 -77.83
C LEU H 153 54.98 -84.71 -78.30
N CYS H 154 54.83 -83.86 -79.31
CA CYS H 154 55.95 -83.04 -79.78
C CYS H 154 56.45 -82.12 -78.68
N LEU H 155 55.53 -81.46 -77.97
CA LEU H 155 55.93 -80.55 -76.90
C LEU H 155 56.67 -81.28 -75.79
N GLU H 156 56.21 -82.49 -75.44
CA GLU H 156 56.83 -83.23 -74.36
C GLU H 156 58.19 -83.78 -74.78
N GLU H 157 58.32 -84.23 -76.03
CA GLU H 157 59.55 -84.88 -76.46
C GLU H 157 60.62 -83.87 -76.86
N PHE H 158 60.32 -83.01 -77.82
CA PHE H 158 61.30 -82.07 -78.34
C PHE H 158 61.52 -80.87 -77.43
N GLY H 159 60.74 -80.74 -76.36
CA GLY H 159 60.90 -79.61 -75.46
C GLY H 159 60.56 -78.28 -76.10
N ALA H 160 59.49 -78.23 -76.87
CA ALA H 160 59.06 -77.02 -77.56
C ALA H 160 57.96 -76.32 -76.75
N ILE H 161 57.70 -75.07 -77.13
CA ILE H 161 56.64 -74.26 -76.53
C ILE H 161 55.70 -73.83 -77.64
N LEU H 162 54.41 -74.07 -77.45
CA LEU H 162 53.40 -73.83 -78.47
C LEU H 162 52.64 -72.55 -78.15
N PHE H 163 52.55 -71.66 -79.14
CA PHE H 163 51.70 -70.48 -79.02
C PHE H 163 50.97 -70.29 -80.35
N ALA H 164 49.67 -70.00 -80.26
CA ALA H 164 48.82 -69.98 -81.43
C ALA H 164 48.34 -68.58 -81.75
N ASP H 165 48.57 -68.14 -82.99
CA ASP H 165 47.89 -66.99 -83.55
C ASP H 165 46.64 -67.52 -84.23
N ASN H 166 45.55 -67.55 -83.48
CA ASN H 166 44.30 -68.17 -83.92
C ASN H 166 44.53 -69.61 -84.37
N LYS H 167 44.52 -69.84 -85.68
CA LYS H 167 44.65 -71.17 -86.24
C LYS H 167 46.06 -71.48 -86.75
N LYS H 168 47.03 -70.62 -86.47
CA LYS H 168 48.41 -70.83 -86.89
C LYS H 168 49.26 -71.10 -85.65
N LEU H 169 49.79 -72.31 -85.55
CA LEU H 169 50.51 -72.73 -84.35
C LEU H 169 52.01 -72.56 -84.55
N TYR H 170 52.62 -71.70 -83.73
CA TYR H 170 54.06 -71.50 -83.72
C TYR H 170 54.68 -72.35 -82.62
N PHE H 171 55.76 -73.04 -82.96
CA PHE H 171 56.49 -73.89 -82.02
C PHE H 171 57.88 -73.30 -81.85
N TYR H 172 58.15 -72.74 -80.68
CA TYR H 172 59.45 -72.18 -80.35
C TYR H 172 60.23 -73.15 -79.46
N ASP H 173 61.48 -72.80 -79.20
CA ASP H 173 62.28 -73.45 -78.18
C ASP H 173 62.49 -72.47 -77.03
N GLU H 174 63.17 -72.93 -75.98
CA GLU H 174 63.36 -72.10 -74.80
C GLU H 174 64.15 -70.83 -75.13
N LYS H 175 65.13 -70.94 -76.03
CA LYS H 175 65.95 -69.78 -76.37
C LYS H 175 65.14 -68.71 -77.07
N SER H 176 64.31 -69.09 -78.06
CA SER H 176 63.59 -68.11 -78.86
C SER H 176 62.23 -67.75 -78.30
N TRP H 177 61.77 -68.41 -77.24
CA TRP H 177 60.45 -68.11 -76.69
C TRP H 177 60.50 -66.88 -75.80
N TYR H 178 61.30 -66.93 -74.74
CA TYR H 178 61.37 -65.82 -73.80
C TYR H 178 62.12 -64.64 -74.40
N VAL H 179 61.58 -63.44 -74.19
CA VAL H 179 62.21 -62.20 -74.62
C VAL H 179 62.42 -61.33 -73.39
N ARG H 180 63.65 -60.82 -73.24
CA ARG H 180 63.98 -60.02 -72.07
C ARG H 180 63.33 -58.65 -72.15
N THR H 181 62.85 -58.16 -71.01
CA THR H 181 62.18 -56.88 -70.93
C THR H 181 62.70 -56.11 -69.73
N GLU H 182 62.57 -54.79 -69.80
CA GLU H 182 63.03 -53.92 -68.71
C GLU H 182 62.02 -53.81 -67.58
N LYS H 183 60.79 -54.28 -67.78
CA LYS H 183 59.81 -54.27 -66.70
C LYS H 183 60.25 -55.21 -65.58
N GLN H 184 60.01 -54.79 -64.35
CA GLN H 184 60.50 -55.53 -63.19
C GLN H 184 59.42 -55.59 -62.12
N PHE H 185 59.50 -56.63 -61.30
CA PHE H 185 58.62 -56.81 -60.14
C PHE H 185 59.35 -56.33 -58.90
N ARG H 186 58.78 -55.35 -58.20
CA ARG H 186 59.40 -54.76 -57.03
C ARG H 186 58.49 -54.90 -55.82
N TYR H 187 59.09 -55.27 -54.69
CA TYR H 187 58.34 -55.42 -53.45
C TYR H 187 57.86 -54.06 -52.95
N LEU H 188 56.61 -54.03 -52.48
CA LEU H 188 55.95 -52.83 -51.96
C LEU H 188 55.62 -51.81 -53.04
N TYR H 189 56.03 -52.07 -54.29
CA TYR H 189 55.76 -51.14 -55.38
C TYR H 189 54.57 -51.58 -56.23
N ASN H 190 54.63 -52.79 -56.79
CA ASN H 190 53.58 -53.28 -57.65
C ASN H 190 53.19 -54.73 -57.35
N THR H 191 53.61 -55.26 -56.20
CA THR H 191 53.26 -56.61 -55.81
C THR H 191 52.65 -56.59 -54.42
N GLU H 192 51.72 -57.50 -54.17
CA GLU H 192 51.01 -57.55 -52.90
C GLU H 192 51.31 -58.83 -52.13
N GLU H 193 51.09 -60.00 -52.71
CA GLU H 193 51.33 -61.27 -52.05
C GLU H 193 52.24 -62.12 -52.91
N VAL H 194 53.35 -62.58 -52.33
CA VAL H 194 54.32 -63.41 -53.01
C VAL H 194 54.43 -64.71 -52.24
N SER H 195 54.27 -65.84 -52.94
CA SER H 195 54.29 -67.15 -52.31
C SER H 195 55.28 -68.06 -53.03
N VAL H 196 56.02 -68.84 -52.25
CA VAL H 196 56.96 -69.81 -52.78
C VAL H 196 56.65 -71.17 -52.16
N ASP H 197 56.35 -72.16 -53.00
CA ASP H 197 56.11 -73.52 -52.56
C ASP H 197 57.34 -74.35 -52.87
N THR H 198 57.92 -74.97 -51.84
CA THR H 198 59.13 -75.76 -51.98
C THR H 198 58.87 -77.17 -51.48
N ASN H 199 59.21 -78.16 -52.31
CA ASN H 199 59.02 -79.57 -51.99
C ASN H 199 60.33 -80.31 -52.22
N THR H 200 60.65 -81.23 -51.31
CA THR H 200 61.85 -82.05 -51.39
C THR H 200 61.53 -83.51 -51.14
N ASP H 201 60.33 -83.95 -51.55
CA ASP H 201 59.97 -85.35 -51.40
C ASP H 201 60.67 -86.22 -52.44
N ASN H 202 61.02 -85.65 -53.59
CA ASN H 202 61.69 -86.37 -54.67
C ASN H 202 63.14 -85.96 -54.83
N LEU H 203 63.75 -85.42 -53.79
CA LEU H 203 65.15 -84.99 -53.83
C LEU H 203 66.04 -86.22 -53.84
N LYS H 204 66.53 -86.60 -55.03
CA LYS H 204 67.38 -87.76 -55.19
C LYS H 204 68.65 -87.36 -55.92
N THR H 205 69.79 -87.89 -55.45
CA THR H 205 71.08 -87.55 -56.02
C THR H 205 71.84 -88.78 -56.52
N GLU H 206 71.19 -89.94 -56.59
CA GLU H 206 71.84 -91.15 -57.06
C GLU H 206 70.79 -92.05 -57.69
N ILE H 207 71.18 -92.75 -58.76
CA ILE H 207 70.25 -93.61 -59.49
C ILE H 207 71.04 -94.73 -60.14
N LYS H 208 70.39 -95.88 -60.29
CA LYS H 208 70.95 -97.03 -60.99
C LYS H 208 70.03 -97.40 -62.15
N CYS H 209 70.61 -97.61 -63.31
CA CYS H 209 69.85 -97.90 -64.51
C CYS H 209 70.45 -99.09 -65.24
N TYR H 210 69.56 -99.86 -65.89
CA TYR H 210 69.93 -101.04 -66.65
C TYR H 210 69.53 -100.85 -68.10
N GLY H 211 70.40 -101.28 -69.02
CA GLY H 211 70.13 -101.19 -70.44
C GLY H 211 69.23 -102.31 -70.94
N LYS H 212 69.50 -102.76 -72.16
CA LYS H 212 68.75 -103.85 -72.74
C LYS H 212 69.09 -105.17 -72.04
N GLN H 213 68.36 -106.22 -72.42
CA GLN H 213 68.54 -107.54 -71.82
C GLN H 213 69.30 -108.44 -72.78
N LYS H 214 70.31 -109.14 -72.25
CA LYS H 214 71.07 -110.07 -73.06
C LYS H 214 70.21 -111.28 -73.45
N GLU H 215 70.60 -111.92 -74.55
CA GLU H 215 69.87 -113.09 -75.02
C GLU H 215 69.96 -114.24 -74.02
N ASN H 216 71.13 -114.43 -73.42
CA ASN H 216 71.32 -115.46 -72.40
C ASN H 216 71.11 -114.87 -71.01
N ALA H 217 69.97 -114.19 -70.85
CA ALA H 217 69.65 -113.57 -69.57
C ALA H 217 69.42 -114.62 -68.48
N ASP H 218 68.67 -115.67 -68.80
CA ASP H 218 68.44 -116.73 -67.84
C ASP H 218 69.72 -117.48 -67.49
N LYS H 219 70.63 -117.61 -68.46
CA LYS H 219 71.89 -118.29 -68.24
C LYS H 219 72.92 -117.43 -67.50
N LEU H 220 72.68 -116.12 -67.40
CA LEU H 220 73.59 -115.21 -66.74
C LEU H 220 73.02 -114.75 -65.41
N THR H 221 73.90 -114.20 -64.56
CA THR H 221 73.54 -113.81 -63.22
C THR H 221 73.90 -112.34 -62.97
N GLY H 222 73.06 -111.67 -62.19
CA GLY H 222 73.33 -110.30 -61.79
C GLY H 222 73.27 -109.32 -62.96
N ASP H 223 74.03 -108.22 -62.79
CA ASP H 223 74.07 -107.16 -63.79
C ASP H 223 74.59 -107.65 -65.14
N ASN H 224 75.18 -108.85 -65.19
CA ASN H 224 75.58 -109.42 -66.48
C ASN H 224 74.40 -109.69 -67.39
N LYS H 225 73.17 -109.70 -66.85
CA LYS H 225 71.99 -109.87 -67.70
C LYS H 225 71.83 -108.72 -68.69
N TYR H 226 72.43 -107.57 -68.41
CA TYR H 226 72.32 -106.38 -69.26
C TYR H 226 73.70 -105.97 -69.73
N MET H 227 73.80 -105.58 -71.00
CA MET H 227 75.07 -105.08 -71.51
C MET H 227 75.36 -103.68 -71.00
N ALA H 228 74.35 -102.96 -70.52
CA ALA H 228 74.49 -101.59 -70.05
C ALA H 228 73.91 -101.50 -68.65
N VAL H 229 74.77 -101.34 -67.65
CA VAL H 229 74.38 -101.09 -66.27
C VAL H 229 75.22 -99.92 -65.78
N VAL H 230 74.58 -98.85 -65.33
CA VAL H 230 75.31 -97.66 -64.92
C VAL H 230 74.66 -97.05 -63.68
N THR H 231 75.50 -96.49 -62.82
CA THR H 231 75.04 -95.76 -61.64
C THR H 231 75.48 -94.31 -61.77
N TYR H 232 74.50 -93.40 -61.76
CA TYR H 232 74.76 -91.97 -61.89
C TYR H 232 74.58 -91.30 -60.53
N THR H 233 75.58 -90.49 -60.16
CA THR H 233 75.55 -89.73 -58.93
C THR H 233 75.69 -88.26 -59.26
N SER H 234 74.72 -87.45 -58.83
CA SER H 234 74.75 -86.02 -59.09
C SER H 234 75.73 -85.33 -58.17
N PRO H 235 76.36 -84.24 -58.63
CA PRO H 235 77.25 -83.48 -57.74
C PRO H 235 76.54 -82.91 -56.52
N ASN H 236 75.25 -82.63 -56.64
CA ASN H 236 74.48 -82.08 -55.53
C ASN H 236 74.48 -82.98 -54.30
N GLU H 237 74.93 -84.23 -54.44
CA GLU H 237 75.12 -85.09 -53.29
C GLU H 237 76.00 -84.43 -52.24
N ALA H 238 77.01 -83.67 -52.69
CA ALA H 238 77.90 -83.00 -51.75
C ALA H 238 77.15 -82.04 -50.83
N ILE H 239 75.95 -81.59 -51.23
CA ILE H 239 75.12 -80.77 -50.37
C ILE H 239 74.03 -81.55 -49.65
N TYR H 240 73.67 -82.74 -50.16
CA TYR H 240 72.55 -83.49 -49.61
C TYR H 240 72.88 -84.91 -49.22
N GLY H 241 74.08 -85.41 -49.51
CA GLY H 241 74.40 -86.79 -49.25
C GLY H 241 73.80 -87.71 -50.30
N LYS H 242 73.96 -89.01 -50.07
CA LYS H 242 73.44 -90.01 -50.99
C LYS H 242 71.96 -90.20 -50.77
N ARG H 243 71.16 -89.90 -51.80
CA ARG H 243 69.72 -90.14 -51.80
C ARG H 243 69.42 -90.90 -53.09
N MET H 244 69.56 -92.22 -53.04
CA MET H 244 69.35 -93.04 -54.23
C MET H 244 67.87 -93.42 -54.37
N ALA H 245 67.39 -93.41 -55.60
CA ALA H 245 66.00 -93.68 -55.91
C ALA H 245 65.84 -95.07 -56.51
N ASN H 246 64.58 -95.45 -56.74
CA ASN H 246 64.28 -96.75 -57.31
C ASN H 246 64.83 -96.84 -58.72
N ALA H 247 65.38 -98.00 -59.06
CA ALA H 247 66.04 -98.18 -60.34
C ALA H 247 65.02 -98.11 -61.49
N LYS H 248 65.43 -97.45 -62.57
CA LYS H 248 64.65 -97.35 -63.79
C LYS H 248 65.33 -98.15 -64.90
N SER H 249 64.54 -98.86 -65.69
CA SER H 249 65.07 -99.76 -66.72
C SER H 249 64.60 -99.30 -68.09
N ASP H 250 65.55 -99.13 -69.00
CA ASP H 250 65.27 -98.86 -70.41
C ASP H 250 65.79 -100.04 -71.22
N ASP H 251 64.89 -100.68 -71.98
CA ASP H 251 65.22 -101.88 -72.72
C ASP H 251 65.41 -101.62 -74.22
N LYS H 252 65.82 -100.40 -74.57
CA LYS H 252 65.99 -100.02 -75.97
C LYS H 252 67.38 -99.56 -76.33
N ILE H 253 68.31 -99.49 -75.36
CA ILE H 253 69.66 -99.04 -75.61
C ILE H 253 70.64 -100.07 -75.09
N THR H 254 71.86 -100.03 -75.62
CA THR H 254 72.86 -101.04 -75.31
C THR H 254 74.18 -100.45 -74.79
N ASN H 255 74.55 -99.25 -75.23
CA ASN H 255 75.79 -98.64 -74.77
C ASN H 255 75.59 -98.03 -73.39
N ASN H 256 76.68 -97.53 -72.80
CA ASN H 256 76.64 -96.99 -71.46
C ASN H 256 76.45 -95.48 -71.40
N ASP H 257 76.87 -94.74 -72.43
CA ASP H 257 76.71 -93.29 -72.40
C ASP H 257 75.24 -92.89 -72.51
N ASP H 258 74.48 -93.58 -73.37
CA ASP H 258 73.05 -93.31 -73.46
C ASP H 258 72.36 -93.64 -72.15
N LEU H 259 72.74 -94.74 -71.51
CA LEU H 259 72.19 -95.07 -70.21
C LEU H 259 72.54 -94.01 -69.17
N LEU H 260 73.76 -93.48 -69.23
CA LEU H 260 74.16 -92.45 -68.28
C LEU H 260 73.33 -91.19 -68.45
N ILE H 261 73.14 -90.75 -69.69
CA ILE H 261 72.35 -89.54 -69.92
C ILE H 261 70.88 -89.78 -69.56
N PHE H 262 70.37 -90.98 -69.82
CA PHE H 262 69.01 -91.31 -69.43
C PHE H 262 68.84 -91.28 -67.92
N ALA H 263 69.80 -91.86 -67.19
CA ALA H 263 69.75 -91.85 -65.74
C ALA H 263 69.84 -90.43 -65.20
N LYS H 264 70.68 -89.60 -65.81
CA LYS H 264 70.75 -88.20 -65.40
C LYS H 264 69.41 -87.51 -65.61
N LYS H 265 68.74 -87.81 -66.73
CA LYS H 265 67.41 -87.26 -66.98
C LYS H 265 66.35 -87.83 -66.06
N GLN H 266 66.62 -88.97 -65.42
CA GLN H 266 65.60 -89.69 -64.67
C GLN H 266 65.39 -89.20 -63.24
N ILE H 267 66.24 -88.30 -62.73
CA ILE H 267 66.15 -87.85 -61.35
C ILE H 267 66.18 -86.33 -61.29
N LEU H 268 65.76 -85.82 -60.14
CA LEU H 268 65.76 -84.38 -59.86
C LEU H 268 66.59 -84.15 -58.60
N ASP H 269 67.69 -83.41 -58.74
CA ASP H 269 68.61 -83.18 -57.64
C ASP H 269 68.51 -81.78 -57.05
N VAL H 270 67.42 -81.07 -57.30
CA VAL H 270 67.21 -79.73 -56.75
C VAL H 270 65.81 -79.69 -56.14
N PRO H 271 65.57 -78.91 -55.10
CA PRO H 271 64.20 -78.77 -54.58
C PRO H 271 63.25 -78.25 -55.64
N GLU H 272 62.03 -78.79 -55.64
CA GLU H 272 61.01 -78.37 -56.59
C GLU H 272 60.30 -77.14 -56.03
N THR H 273 60.47 -76.01 -56.70
CA THR H 273 59.92 -74.74 -56.23
C THR H 273 58.96 -74.17 -57.26
N ALA H 274 57.95 -73.45 -56.75
CA ALA H 274 56.96 -72.78 -57.58
C ALA H 274 56.67 -71.42 -56.98
N LEU H 275 56.72 -70.37 -57.80
CA LEU H 275 56.59 -69.00 -57.33
C LEU H 275 55.30 -68.38 -57.87
N THR H 276 54.57 -67.69 -57.01
CA THR H 276 53.33 -67.02 -57.38
C THR H 276 53.36 -65.58 -56.90
N ILE H 277 52.99 -64.65 -57.78
CA ILE H 277 53.07 -63.22 -57.51
C ILE H 277 51.74 -62.58 -57.83
N ALA H 278 51.25 -61.74 -56.91
CA ALA H 278 50.06 -60.92 -57.14
C ALA H 278 50.53 -59.53 -57.57
N TYR H 279 50.31 -59.21 -58.84
CA TYR H 279 50.80 -57.99 -59.47
C TYR H 279 49.65 -57.03 -59.70
N LYS H 280 49.85 -55.77 -59.34
CA LYS H 280 48.84 -54.73 -59.50
C LYS H 280 49.48 -53.45 -60.05
N GLY H 281 50.29 -53.59 -61.10
CA GLY H 281 50.90 -52.47 -61.76
C GLY H 281 50.14 -52.07 -63.03
N LYS H 282 50.60 -50.97 -63.62
CA LYS H 282 50.00 -50.46 -64.85
C LYS H 282 50.54 -51.14 -66.10
N GLU H 283 51.78 -51.60 -66.06
CA GLU H 283 52.40 -52.22 -67.23
C GLU H 283 51.82 -53.61 -67.46
N PRO H 284 51.28 -53.90 -68.64
CA PRO H 284 50.76 -55.25 -68.90
C PRO H 284 51.89 -56.27 -69.00
N VAL H 285 51.55 -57.51 -68.71
CA VAL H 285 52.49 -58.63 -68.74
C VAL H 285 52.02 -59.61 -69.80
N SER H 286 52.93 -59.98 -70.71
CA SER H 286 52.62 -60.92 -71.78
C SER H 286 53.06 -62.32 -71.38
N GLU H 287 52.90 -63.27 -72.31
CA GLU H 287 53.22 -64.66 -72.04
C GLU H 287 54.68 -64.99 -72.28
N ARG H 288 55.46 -64.10 -72.88
CA ARG H 288 56.84 -64.38 -73.24
C ARG H 288 57.86 -63.58 -72.47
N ASP H 289 57.49 -62.40 -71.96
CA ASP H 289 58.47 -61.50 -71.36
C ASP H 289 59.06 -62.08 -70.10
N VAL H 290 60.35 -61.81 -69.89
CA VAL H 290 61.07 -62.20 -68.68
C VAL H 290 61.28 -60.94 -67.86
N TRP H 291 60.82 -60.96 -66.61
CA TRP H 291 60.90 -59.80 -65.74
C TRP H 291 62.07 -59.95 -64.77
N TYR H 292 62.33 -58.88 -64.03
CA TYR H 292 63.33 -58.87 -62.98
C TYR H 292 62.62 -58.79 -61.64
N PHE H 293 62.86 -59.76 -60.77
CA PHE H 293 62.18 -59.85 -59.49
C PHE H 293 63.15 -59.43 -58.39
N ILE H 294 62.75 -58.41 -57.63
CA ILE H 294 63.50 -57.93 -56.48
C ILE H 294 62.56 -57.89 -55.28
N HIS H 295 62.89 -58.67 -54.25
CA HIS H 295 62.07 -58.77 -53.04
C HIS H 295 63.03 -59.05 -51.88
N GLU H 296 63.45 -57.99 -51.19
CA GLU H 296 64.46 -58.12 -50.16
C GLU H 296 64.03 -58.99 -48.99
N PRO H 297 62.84 -58.83 -48.40
CA PRO H 297 62.49 -59.69 -47.24
C PRO H 297 62.50 -61.17 -47.55
N MET H 298 62.17 -61.57 -48.78
CA MET H 298 62.22 -62.97 -49.17
C MET H 298 63.52 -63.36 -49.85
N GLY H 299 64.48 -62.45 -49.91
CA GLY H 299 65.79 -62.74 -50.47
C GLY H 299 65.77 -63.10 -51.94
N PHE H 300 65.06 -62.31 -52.75
CA PHE H 300 64.95 -62.53 -54.18
C PHE H 300 65.59 -61.37 -54.93
N GLU H 301 66.55 -61.68 -55.80
CA GLU H 301 67.01 -60.71 -56.78
C GLU H 301 67.47 -61.51 -58.01
N THR H 302 66.55 -61.71 -58.95
CA THR H 302 66.81 -62.62 -60.06
C THR H 302 65.99 -62.20 -61.28
N GLU H 303 66.07 -63.02 -62.32
CA GLU H 303 65.23 -62.89 -63.50
C GLU H 303 64.21 -64.03 -63.49
N VAL H 304 62.94 -63.68 -63.68
CA VAL H 304 61.84 -64.63 -63.59
C VAL H 304 61.15 -64.71 -64.95
N LYS H 305 60.94 -65.94 -65.43
CA LYS H 305 60.27 -66.18 -66.69
C LYS H 305 58.84 -66.63 -66.42
N VAL H 306 57.88 -65.94 -67.05
CA VAL H 306 56.47 -66.19 -66.79
C VAL H 306 56.07 -67.55 -67.36
N THR H 307 55.41 -68.37 -66.55
CA THR H 307 54.90 -69.66 -67.00
C THR H 307 53.39 -69.81 -66.82
N LYS H 308 52.75 -68.90 -66.10
CA LYS H 308 51.31 -68.99 -65.87
C LYS H 308 50.76 -67.60 -65.56
N ILE H 309 49.64 -67.27 -66.18
CA ILE H 309 48.99 -65.97 -66.01
C ILE H 309 47.51 -66.19 -65.76
N LYS H 310 46.97 -65.50 -64.77
CA LYS H 310 45.53 -65.46 -64.51
C LYS H 310 45.13 -63.99 -64.48
N SER H 311 44.83 -63.43 -65.65
CA SER H 311 44.53 -62.02 -65.77
C SER H 311 43.04 -61.77 -65.68
N SER H 312 42.69 -60.55 -65.27
CA SER H 312 41.31 -60.09 -65.24
C SER H 312 41.08 -59.11 -66.38
N HIS H 313 39.81 -58.76 -66.57
CA HIS H 313 39.48 -57.76 -67.57
C HIS H 313 40.08 -56.41 -67.19
N PRO H 314 40.49 -55.61 -68.17
CA PRO H 314 41.10 -54.31 -67.85
C PRO H 314 40.19 -53.39 -67.05
N TRP H 315 38.88 -53.58 -67.11
CA TRP H 315 37.93 -52.78 -66.34
C TRP H 315 37.53 -53.43 -65.03
N SER H 316 38.11 -54.58 -64.69
CA SER H 316 37.67 -55.36 -63.54
C SER H 316 38.33 -54.96 -62.24
N LYS H 317 39.36 -54.10 -62.28
CA LYS H 317 40.00 -53.53 -61.10
C LYS H 317 40.75 -54.58 -60.27
N LYS H 318 40.64 -55.85 -60.65
CA LYS H 318 41.22 -56.92 -59.84
C LYS H 318 42.70 -57.08 -60.13
N PHE H 319 43.38 -57.78 -59.22
CA PHE H 319 44.81 -58.03 -59.34
C PHE H 319 45.07 -59.08 -60.42
N GLN H 320 46.34 -59.24 -60.77
CA GLN H 320 46.77 -60.28 -61.67
C GLN H 320 47.61 -61.29 -60.92
N GLU H 321 47.48 -62.56 -61.29
CA GLU H 321 48.24 -63.64 -60.66
C GLU H 321 49.18 -64.23 -61.70
N ILE H 322 50.48 -64.25 -61.38
CA ILE H 322 51.50 -64.67 -62.33
C ILE H 322 52.37 -65.74 -61.67
N GLY H 323 52.63 -66.82 -62.41
CA GLY H 323 53.39 -67.95 -61.89
C GLY H 323 54.73 -68.11 -62.58
N PHE H 324 55.69 -68.67 -61.85
CA PHE H 324 57.01 -68.97 -62.37
C PHE H 324 57.48 -70.31 -61.81
N SER H 325 58.30 -70.99 -62.60
CA SER H 325 58.93 -72.26 -62.21
C SER H 325 57.86 -73.30 -61.84
N ASN H 326 57.08 -73.66 -62.85
CA ASN H 326 55.99 -74.64 -62.75
C ASN H 326 54.96 -74.23 -61.71
N SER H 327 53.94 -75.06 -61.51
CA SER H 327 52.76 -74.69 -60.76
C SER H 327 52.63 -75.49 -59.48
N ARG H 328 51.74 -75.04 -58.60
CA ARG H 328 51.49 -75.73 -57.34
C ARG H 328 50.86 -77.09 -57.59
N ARG H 329 50.87 -77.92 -56.54
CA ARG H 329 50.55 -79.34 -56.68
C ARG H 329 49.15 -79.57 -57.22
N ASP H 330 48.12 -79.23 -56.44
CA ASP H 330 46.71 -79.37 -56.83
C ASP H 330 46.32 -80.84 -57.01
N MET H 331 45.04 -81.15 -56.81
CA MET H 331 44.59 -82.53 -56.97
C MET H 331 44.13 -82.87 -58.36
N VAL H 332 43.43 -81.96 -59.05
CA VAL H 332 42.90 -82.28 -60.37
C VAL H 332 44.03 -82.67 -61.31
N ARG H 333 45.21 -82.07 -61.15
CA ARG H 333 46.37 -82.50 -61.94
C ARG H 333 46.74 -83.94 -61.63
N ILE H 334 46.70 -84.32 -60.35
CA ILE H 334 47.02 -85.70 -59.96
C ILE H 334 46.00 -86.65 -60.56
N GLN H 335 44.72 -86.27 -60.54
CA GLN H 335 43.68 -87.12 -61.11
C GLN H 335 43.86 -87.27 -62.62
N THR H 336 44.25 -86.19 -63.30
CA THR H 336 44.53 -86.30 -64.74
C THR H 336 45.70 -87.24 -65.00
N GLN H 337 46.76 -87.14 -64.19
CA GLN H 337 47.90 -88.05 -64.35
C GLN H 337 47.47 -89.49 -64.13
N ILE H 338 46.68 -89.75 -63.09
CA ILE H 338 46.22 -91.10 -62.81
C ILE H 338 45.36 -91.62 -63.97
N ALA H 339 44.47 -90.76 -64.49
CA ALA H 339 43.61 -91.18 -65.59
C ALA H 339 44.40 -91.51 -66.84
N ASN H 340 45.40 -90.69 -67.18
CA ASN H 340 46.17 -90.97 -68.38
C ASN H 340 47.03 -92.21 -68.20
N GLN H 341 47.56 -92.45 -66.99
CA GLN H 341 48.27 -93.69 -66.74
C GLN H 341 47.34 -94.89 -66.86
N VAL H 342 46.10 -94.75 -66.39
CA VAL H 342 45.13 -95.83 -66.52
C VAL H 342 44.85 -96.12 -67.99
N LYS H 343 44.69 -95.06 -68.79
CA LYS H 343 44.45 -95.25 -70.22
C LYS H 343 45.63 -95.94 -70.90
N LYS H 344 46.85 -95.53 -70.53
CA LYS H 344 48.04 -96.17 -71.11
C LYS H 344 48.09 -97.65 -70.74
N ALA H 345 47.80 -97.98 -69.47
CA ALA H 345 47.79 -99.38 -69.06
C ALA H 345 46.70 -100.16 -69.80
N SER H 346 45.54 -99.54 -70.00
CA SER H 346 44.45 -100.21 -70.70
C SER H 346 44.83 -100.52 -72.15
N VAL H 347 45.42 -99.55 -72.85
CA VAL H 347 45.83 -99.83 -74.22
C VAL H 347 46.96 -100.85 -74.25
N ASP H 348 47.85 -100.83 -73.25
CA ASP H 348 48.93 -101.81 -73.20
C ASP H 348 48.38 -103.22 -73.06
N THR H 349 47.43 -103.42 -72.14
CA THR H 349 46.89 -104.76 -71.95
C THR H 349 46.01 -105.18 -73.14
N ASN H 350 45.31 -104.24 -73.77
CA ASN H 350 44.57 -104.57 -74.97
C ASN H 350 45.49 -105.03 -76.09
N LYS H 351 46.62 -104.36 -76.27
CA LYS H 351 47.60 -104.79 -77.27
C LYS H 351 48.20 -106.15 -76.91
N ILE H 352 48.52 -106.36 -75.62
CA ILE H 352 49.20 -107.58 -75.25
C ILE H 352 48.26 -108.79 -75.27
N ASN H 353 46.95 -108.58 -75.12
CA ASN H 353 46.02 -109.68 -75.32
C ASN H 353 46.11 -110.22 -76.74
N SER H 354 46.09 -109.32 -77.73
CA SER H 354 46.24 -109.73 -79.11
C SER H 354 47.62 -110.32 -79.36
N PHE H 355 48.65 -109.77 -78.72
CA PHE H 355 50.00 -110.32 -78.88
C PHE H 355 50.08 -111.75 -78.36
N SER H 356 49.48 -112.01 -77.20
CA SER H 356 49.48 -113.37 -76.66
C SER H 356 48.66 -114.31 -77.55
N SER H 357 47.53 -113.83 -78.08
CA SER H 357 46.74 -114.67 -78.98
C SER H 357 47.53 -115.00 -80.23
N ILE H 358 48.29 -114.04 -80.76
CA ILE H 358 49.15 -114.29 -81.92
C ILE H 358 50.23 -115.30 -81.56
N ALA H 359 50.80 -115.18 -80.36
CA ALA H 359 51.77 -116.17 -79.90
C ALA H 359 51.16 -117.56 -79.88
N MET H 360 49.90 -117.68 -79.45
CA MET H 360 49.17 -118.94 -79.61
C MET H 360 48.97 -119.27 -81.08
N ASN H 361 48.61 -118.27 -81.89
CA ASN H 361 48.40 -118.51 -83.32
C ASN H 361 49.70 -118.90 -84.01
N ALA H 362 50.80 -118.24 -83.68
CA ALA H 362 52.09 -118.57 -84.27
C ALA H 362 52.58 -119.95 -83.85
N TYR H 363 51.99 -120.52 -82.81
CA TYR H 363 52.42 -121.84 -82.37
C TYR H 363 51.93 -122.94 -83.31
N ASP H 364 50.69 -122.83 -83.79
CA ASP H 364 50.09 -123.90 -84.58
C ASP H 364 50.85 -124.14 -85.89
N SER H 365 51.33 -123.07 -86.54
CA SER H 365 52.09 -123.24 -87.77
C SER H 365 53.36 -124.04 -87.52
N ARG H 366 54.08 -123.73 -86.45
CA ARG H 366 55.29 -124.49 -86.14
C ARG H 366 54.96 -125.91 -85.70
N ILE H 367 53.82 -126.12 -85.04
CA ILE H 367 53.38 -127.48 -84.74
C ILE H 367 53.17 -128.27 -86.03
N LEU H 368 52.55 -127.62 -87.03
CA LEU H 368 52.38 -128.26 -88.33
C LEU H 368 53.73 -128.59 -88.97
N THR H 369 54.69 -127.67 -88.87
CA THR H 369 56.03 -127.93 -89.40
C THR H 369 56.68 -129.13 -88.73
N GLU H 370 56.57 -129.21 -87.39
CA GLU H 370 57.11 -130.34 -86.65
C GLU H 370 56.45 -131.64 -87.08
N VAL H 371 55.13 -131.63 -87.25
CA VAL H 371 54.42 -132.83 -87.65
C VAL H 371 54.85 -133.28 -89.04
N VAL H 372 54.96 -132.32 -89.98
CA VAL H 372 55.38 -132.65 -91.34
C VAL H 372 56.79 -133.23 -91.34
N GLY H 373 57.69 -132.63 -90.56
CA GLY H 373 59.04 -133.16 -90.48
C GLY H 373 59.10 -134.54 -89.84
N VAL H 374 58.25 -134.78 -88.84
CA VAL H 374 58.19 -136.10 -88.22
C VAL H 374 57.73 -137.14 -89.22
N VAL H 375 56.71 -136.81 -90.01
CA VAL H 375 56.22 -137.73 -91.04
C VAL H 375 57.30 -137.98 -92.08
N ASP H 376 58.01 -136.92 -92.49
CA ASP H 376 59.07 -137.07 -93.48
C ASP H 376 60.19 -137.95 -92.97
N GLY H 377 60.56 -137.79 -91.69
CA GLY H 377 61.64 -138.59 -91.13
C GLY H 377 61.32 -140.07 -91.08
N ASP H 378 60.06 -140.40 -90.80
CA ASP H 378 59.63 -141.79 -90.72
C ASP H 378 59.76 -142.49 -92.08
N ALA I 73 12.36 -42.12 -29.13
CA ALA I 73 13.26 -42.98 -28.38
C ALA I 73 12.79 -44.42 -28.40
N ILE I 74 11.47 -44.63 -28.31
CA ILE I 74 10.92 -45.97 -28.37
C ILE I 74 11.11 -46.57 -29.76
N LEU I 75 10.97 -45.75 -30.80
CA LEU I 75 11.14 -46.27 -32.14
C LEU I 75 12.61 -46.56 -32.42
N VAL I 76 13.51 -45.92 -31.68
CA VAL I 76 14.92 -46.33 -31.71
C VAL I 76 15.06 -47.77 -31.23
N SER I 77 14.36 -48.11 -30.14
CA SER I 77 14.39 -49.48 -29.63
C SER I 77 13.79 -50.45 -30.64
N GLU I 78 12.66 -50.07 -31.25
CA GLU I 78 12.05 -50.94 -32.26
C GLU I 78 12.98 -51.14 -33.45
N ASN I 79 13.65 -50.06 -33.88
CA ASN I 79 14.59 -50.15 -34.99
C ASN I 79 15.75 -51.07 -34.64
N GLY I 80 16.28 -50.95 -33.42
CA GLY I 80 17.35 -51.85 -33.01
C GLY I 80 16.92 -53.30 -32.95
N SER I 81 15.69 -53.54 -32.46
CA SER I 81 15.17 -54.90 -32.40
C SER I 81 15.07 -55.51 -33.79
N ASN I 82 14.43 -54.80 -34.72
CA ASN I 82 14.32 -55.31 -36.08
C ASN I 82 15.69 -55.41 -36.75
N PHE I 83 16.59 -54.48 -36.42
CA PHE I 83 17.95 -54.47 -36.93
C PHE I 83 18.65 -55.79 -36.61
N LYS I 84 18.67 -56.14 -35.33
CA LYS I 84 19.39 -57.34 -34.91
C LYS I 84 18.64 -58.60 -35.32
N ILE I 85 17.31 -58.56 -35.36
CA ILE I 85 16.54 -59.71 -35.82
C ILE I 85 16.85 -60.03 -37.28
N THR I 86 16.93 -58.99 -38.12
CA THR I 86 17.32 -59.21 -39.50
C THR I 86 18.78 -59.66 -39.59
N VAL I 87 19.64 -59.11 -38.73
CA VAL I 87 21.05 -59.51 -38.71
C VAL I 87 21.20 -60.99 -38.42
N THR I 88 20.27 -61.56 -37.64
CA THR I 88 20.36 -62.98 -37.24
C THR I 88 20.58 -63.90 -38.44
N ASN I 89 19.81 -63.69 -39.53
CA ASN I 89 19.68 -64.71 -40.56
C ASN I 89 21.00 -65.02 -41.25
N ALA I 90 21.74 -63.97 -41.64
CA ALA I 90 23.02 -64.10 -42.35
C ALA I 90 22.85 -64.75 -43.73
N GLY I 91 23.91 -64.69 -44.54
CA GLY I 91 23.85 -65.11 -45.93
C GLY I 91 24.65 -66.35 -46.28
N GLU I 92 25.87 -66.14 -46.75
CA GLU I 92 26.79 -67.19 -47.24
C GLU I 92 26.07 -68.14 -48.21
N LEU I 93 25.68 -67.56 -49.35
CA LEU I 93 25.20 -68.34 -50.49
C LEU I 93 26.39 -68.97 -51.21
N LYS I 94 26.22 -70.22 -51.66
CA LYS I 94 27.29 -70.87 -52.42
C LYS I 94 27.32 -70.36 -53.86
N ALA I 95 26.28 -70.70 -54.63
CA ALA I 95 25.94 -70.00 -55.86
C ALA I 95 24.52 -69.46 -55.80
N THR I 96 23.55 -70.32 -55.46
CA THR I 96 22.20 -69.90 -55.11
C THR I 96 21.66 -70.60 -53.88
N LYS I 97 22.18 -71.77 -53.51
CA LYS I 97 21.72 -72.47 -52.32
C LYS I 97 22.25 -71.80 -51.06
N VAL I 98 21.54 -72.00 -49.96
CA VAL I 98 21.90 -71.40 -48.67
C VAL I 98 22.95 -72.28 -48.01
N GLU I 99 24.05 -71.67 -47.57
CA GLU I 99 25.14 -72.36 -46.90
C GLU I 99 25.67 -73.52 -47.72
N ALA J 2 -54.75 27.36 16.68
CA ALA J 2 -55.06 26.16 15.90
C ALA J 2 -56.33 26.37 15.09
N PHE J 3 -56.70 27.63 14.89
CA PHE J 3 -57.93 27.98 14.18
C PHE J 3 -57.72 29.32 13.49
N GLU J 4 -58.82 30.02 13.22
CA GLU J 4 -58.87 31.14 12.27
C GLU J 4 -58.58 30.63 10.86
N GLU J 5 -59.29 29.57 10.48
CA GLU J 5 -59.20 28.94 9.16
C GLU J 5 -57.78 28.51 8.81
N ASN J 6 -56.93 28.32 9.82
CA ASN J 6 -55.52 27.98 9.61
C ASN J 6 -54.86 28.96 8.66
N LEU J 7 -55.15 30.25 8.85
CA LEU J 7 -54.58 31.28 7.99
C LEU J 7 -53.07 31.32 8.11
N TYR J 8 -52.55 31.22 9.33
CA TYR J 8 -51.11 31.27 9.57
C TYR J 8 -50.58 30.05 10.31
N CYS J 9 -51.43 29.17 10.80
CA CYS J 9 -51.02 28.00 11.58
C CYS J 9 -51.58 26.75 10.89
N ASP J 10 -50.80 26.20 9.96
CA ASP J 10 -51.18 24.95 9.31
C ASP J 10 -51.00 23.79 10.27
N TYR J 11 -52.05 23.00 10.46
CA TYR J 11 -52.03 21.90 11.41
C TYR J 11 -52.40 20.56 10.79
N THR J 12 -52.73 20.52 9.50
CA THR J 12 -53.10 19.25 8.88
C THR J 12 -51.90 18.31 8.83
N PRO J 13 -52.07 17.05 9.22
CA PRO J 13 -50.97 16.08 9.16
C PRO J 13 -50.82 15.51 7.76
N GLY J 14 -49.75 15.89 7.09
CA GLY J 14 -49.47 15.36 5.76
C GLY J 14 -48.19 14.55 5.73
N ALA J 15 -47.22 14.93 6.54
CA ALA J 15 -45.94 14.23 6.62
C ALA J 15 -45.20 14.75 7.85
N ALA J 16 -44.19 14.00 8.26
CA ALA J 16 -43.34 14.42 9.37
C ALA J 16 -42.21 15.33 8.93
N LYS J 17 -41.73 15.15 7.70
CA LYS J 17 -40.68 15.97 7.09
C LYS J 17 -39.33 15.78 7.79
N ALA J 18 -39.33 15.01 8.87
CA ALA J 18 -38.12 14.72 9.65
C ALA J 18 -38.44 13.70 10.73
N VAL J 19 -37.43 12.94 11.15
CA VAL J 19 -37.58 11.98 12.23
C VAL J 19 -36.47 12.24 13.24
N ALA J 20 -36.85 12.49 14.49
CA ALA J 20 -35.87 12.70 15.54
C ALA J 20 -35.02 11.46 15.72
N GLY J 21 -33.70 11.66 15.85
CA GLY J 21 -32.80 10.53 15.97
C GLY J 21 -33.04 9.69 17.21
N LYS J 22 -33.54 10.32 18.28
CA LYS J 22 -33.81 9.61 19.51
C LYS J 22 -34.94 8.59 19.38
N ASP J 23 -35.72 8.65 18.30
CA ASP J 23 -36.81 7.70 18.11
C ASP J 23 -36.30 6.37 17.57
N VAL J 24 -35.34 6.40 16.65
CA VAL J 24 -34.82 5.18 16.04
C VAL J 24 -33.84 4.53 16.99
N ILE J 25 -34.07 3.24 17.30
CA ILE J 25 -33.25 2.49 18.23
C ILE J 25 -32.90 1.14 17.61
N LEU J 26 -31.89 0.51 18.20
CA LEU J 26 -31.44 -0.83 17.82
C LEU J 26 -31.82 -1.80 18.93
N ALA J 27 -32.43 -2.92 18.54
CA ALA J 27 -32.81 -3.96 19.47
C ALA J 27 -32.25 -5.29 18.99
N VAL J 28 -32.05 -6.20 19.93
CA VAL J 28 -31.51 -7.52 19.63
C VAL J 28 -32.41 -8.57 20.25
N PHE J 29 -32.36 -9.77 19.68
CA PHE J 29 -33.09 -10.92 20.22
C PHE J 29 -32.18 -11.72 21.14
N ASN J 30 -32.72 -12.10 22.30
CA ASN J 30 -31.96 -12.91 23.24
C ASN J 30 -31.75 -14.31 22.67
N ALA J 31 -31.09 -15.17 23.46
CA ALA J 31 -30.72 -16.49 22.98
C ALA J 31 -31.96 -17.29 22.59
N ALA J 32 -33.00 -17.26 23.42
CA ALA J 32 -34.24 -17.95 23.08
C ALA J 32 -35.04 -17.20 22.02
N GLY J 33 -34.82 -15.89 21.89
CA GLY J 33 -35.57 -15.08 20.95
C GLY J 33 -36.96 -14.68 21.40
N ASP J 34 -37.34 -15.01 22.63
CA ASP J 34 -38.70 -14.77 23.08
C ASP J 34 -39.00 -13.29 23.32
N LYS J 35 -37.98 -12.44 23.41
CA LYS J 35 -38.19 -11.03 23.68
C LYS J 35 -37.13 -10.21 22.98
N LEU J 36 -37.48 -8.95 22.69
CA LEU J 36 -36.58 -7.99 22.07
C LEU J 36 -36.04 -7.06 23.15
N LEU J 37 -34.72 -6.94 23.22
CA LEU J 37 -34.06 -6.08 24.20
C LEU J 37 -33.43 -4.90 23.46
N ALA J 38 -33.82 -3.70 23.84
CA ALA J 38 -33.17 -2.50 23.31
C ALA J 38 -31.83 -2.31 24.02
N VAL J 39 -30.79 -2.04 23.25
CA VAL J 39 -29.46 -1.88 23.83
C VAL J 39 -29.47 -0.64 24.72
N ALA J 40 -29.12 -0.83 25.98
CA ALA J 40 -29.22 0.23 26.96
C ALA J 40 -28.18 1.31 26.70
N GLY J 41 -28.57 2.57 26.94
CA GLY J 41 -27.63 3.68 26.82
C GLY J 41 -27.26 4.05 25.42
N GLN J 42 -28.11 3.78 24.43
CA GLN J 42 -27.82 4.15 23.05
C GLN J 42 -27.67 5.66 22.92
N GLN J 43 -26.66 6.09 22.17
CA GLN J 43 -26.46 7.51 21.92
C GLN J 43 -26.25 7.77 20.44
N GLY J 44 -25.76 6.76 19.72
CA GLY J 44 -25.52 6.89 18.30
C GLY J 44 -25.81 5.59 17.59
N LEU J 45 -26.10 5.71 16.29
CA LEU J 45 -26.40 4.56 15.46
C LEU J 45 -26.20 4.93 14.00
N THR J 46 -25.61 4.03 13.24
CA THR J 46 -25.45 4.21 11.80
C THR J 46 -25.56 2.86 11.11
N VAL J 47 -26.22 2.85 9.96
CA VAL J 47 -26.43 1.63 9.18
C VAL J 47 -25.79 1.85 7.81
N ASN J 48 -24.89 0.96 7.44
CA ASN J 48 -24.16 1.05 6.18
C ASN J 48 -24.64 -0.06 5.25
N ARG J 49 -24.93 0.31 4.00
CA ARG J 49 -25.34 -0.64 2.97
C ARG J 49 -24.66 -0.26 1.67
N SER J 50 -23.74 -1.09 1.20
CA SER J 50 -22.95 -0.79 0.01
C SER J 50 -23.05 -1.93 -0.98
N LYS J 51 -22.82 -1.61 -2.25
CA LYS J 51 -22.87 -2.58 -3.33
C LYS J 51 -21.66 -2.36 -4.23
N ASP J 52 -20.97 -3.45 -4.56
CA ASP J 52 -19.78 -3.36 -5.40
C ASP J 52 -20.14 -3.01 -6.84
N SER J 53 -19.18 -2.42 -7.54
CA SER J 53 -19.33 -2.06 -8.95
C SER J 53 -18.30 -2.82 -9.77
N ILE J 54 -18.77 -3.52 -10.79
CA ILE J 54 -17.91 -4.33 -11.66
C ILE J 54 -17.71 -3.57 -12.96
N GLU J 55 -16.45 -3.40 -13.35
CA GLU J 55 -16.09 -2.67 -14.56
C GLU J 55 -16.11 -3.62 -15.75
N ILE J 56 -16.90 -3.27 -16.78
CA ILE J 56 -17.06 -4.13 -17.95
C ILE J 56 -16.74 -3.36 -19.22
N THR J 57 -15.88 -2.35 -19.10
CA THR J 57 -15.51 -1.58 -20.29
C THR J 57 -14.64 -2.41 -21.21
N SER J 58 -14.83 -2.22 -22.52
CA SER J 58 -14.09 -2.95 -23.54
C SER J 58 -13.88 -2.02 -24.73
N LYS J 59 -13.24 -2.55 -25.77
CA LYS J 59 -13.03 -1.77 -26.99
C LYS J 59 -14.31 -1.57 -27.78
N ASP J 60 -15.37 -2.32 -27.46
CA ASP J 60 -16.65 -2.17 -28.16
C ASP J 60 -17.48 -1.00 -27.64
N THR J 61 -17.16 -0.46 -26.47
CA THR J 61 -17.93 0.66 -25.94
C THR J 61 -17.61 1.93 -26.72
N VAL J 62 -18.58 2.84 -26.76
CA VAL J 62 -18.46 4.10 -27.47
C VAL J 62 -18.90 5.23 -26.56
N GLY J 63 -18.61 6.46 -26.99
CA GLY J 63 -18.99 7.64 -26.24
C GLY J 63 -17.94 8.13 -25.27
N GLY J 64 -16.88 7.37 -25.04
CA GLY J 64 -15.82 7.81 -24.15
C GLY J 64 -16.14 7.72 -22.67
N TRP J 65 -17.05 6.85 -22.27
CA TRP J 65 -17.40 6.66 -20.86
C TRP J 65 -17.22 5.20 -20.47
N LYS J 66 -16.70 4.98 -19.27
CA LYS J 66 -16.53 3.64 -18.76
C LYS J 66 -17.89 2.99 -18.48
N SER J 67 -17.92 1.67 -18.57
CA SER J 67 -19.14 0.89 -18.36
C SER J 67 -19.02 0.11 -17.05
N LYS J 68 -20.05 0.19 -16.22
CA LYS J 68 -20.07 -0.50 -14.94
C LYS J 68 -21.41 -1.20 -14.75
N ILE J 69 -21.41 -2.22 -13.90
CA ILE J 69 -22.61 -2.94 -13.52
C ILE J 69 -22.60 -3.18 -12.02
N GLY J 70 -23.78 -3.51 -11.49
CA GLY J 70 -23.89 -3.77 -10.06
C GLY J 70 -23.22 -5.07 -9.67
N GLY J 71 -22.94 -5.18 -8.37
CA GLY J 71 -22.24 -6.33 -7.84
C GLY J 71 -22.88 -6.80 -6.54
N MET J 72 -22.04 -7.43 -5.72
CA MET J 72 -22.48 -7.99 -4.46
C MET J 72 -22.82 -6.89 -3.47
N LYS J 73 -23.66 -7.21 -2.49
CA LYS J 73 -24.06 -6.26 -1.46
C LYS J 73 -23.70 -6.77 -0.08
N GLU J 74 -23.44 -5.83 0.83
CA GLU J 74 -23.07 -6.14 2.20
C GLU J 74 -23.55 -5.02 3.11
N TRP J 75 -23.58 -5.29 4.41
CA TRP J 75 -24.07 -4.30 5.36
C TRP J 75 -23.38 -4.46 6.71
N SER J 76 -23.40 -3.38 7.47
CA SER J 76 -22.84 -3.34 8.82
C SER J 76 -23.58 -2.29 9.62
N ILE J 77 -23.55 -2.45 10.95
CA ILE J 77 -24.24 -1.56 11.86
C ILE J 77 -23.28 -1.19 12.99
N GLU J 78 -23.11 0.11 13.23
CA GLU J 78 -22.29 0.60 14.32
C GLU J 78 -23.17 1.33 15.32
N ASN J 79 -23.03 0.98 16.60
CA ASN J 79 -23.80 1.59 17.67
C ASN J 79 -22.84 1.94 18.80
N ASP J 80 -23.24 2.90 19.64
CA ASP J 80 -22.41 3.32 20.75
C ASP J 80 -23.27 4.02 21.78
N GLY J 81 -22.68 4.26 22.95
CA GLY J 81 -23.39 5.03 23.96
C GLY J 81 -22.82 4.75 25.34
N LEU J 82 -23.66 5.04 26.34
CA LEU J 82 -23.27 4.79 27.72
C LEU J 82 -23.32 3.30 28.03
N TYR J 83 -22.35 2.82 28.80
CA TYR J 83 -22.21 1.41 29.11
C TYR J 83 -22.47 1.18 30.58
N VAL J 84 -23.49 0.37 30.88
CA VAL J 84 -23.73 -0.16 32.22
C VAL J 84 -23.63 -1.67 32.14
N ALA J 85 -22.73 -2.25 32.93
CA ALA J 85 -22.43 -3.67 32.81
C ALA J 85 -23.58 -4.56 33.26
N ASP J 86 -24.47 -4.05 34.13
CA ASP J 86 -25.55 -4.87 34.67
C ASP J 86 -26.77 -4.92 33.76
N ALA J 87 -26.77 -4.20 32.64
CA ALA J 87 -27.91 -4.22 31.74
C ALA J 87 -28.08 -5.59 31.11
N GLU J 88 -29.33 -6.01 30.94
CA GLU J 88 -29.61 -7.31 30.35
C GLU J 88 -29.16 -7.37 28.89
N SER J 89 -29.38 -6.28 28.14
CA SER J 89 -28.98 -6.26 26.74
C SER J 89 -27.47 -6.39 26.61
N HIS J 90 -26.70 -5.72 27.47
CA HIS J 90 -25.26 -5.84 27.41
C HIS J 90 -24.79 -7.23 27.82
N LYS J 91 -25.47 -7.87 28.77
CA LYS J 91 -25.15 -9.25 29.11
C LYS J 91 -25.40 -10.18 27.92
N GLU J 92 -26.51 -9.97 27.21
CA GLU J 92 -26.79 -10.78 26.04
C GLU J 92 -25.74 -10.56 24.96
N LEU J 93 -25.33 -9.30 24.75
CA LEU J 93 -24.30 -9.01 23.77
C LEU J 93 -22.98 -9.66 24.14
N ALA J 94 -22.62 -9.63 25.42
CA ALA J 94 -21.39 -10.29 25.87
C ALA J 94 -21.47 -11.79 25.65
N LYS J 95 -22.62 -12.40 25.94
CA LYS J 95 -22.79 -13.82 25.70
C LYS J 95 -22.67 -14.15 24.22
N TYR J 96 -23.26 -13.32 23.36
CA TYR J 96 -23.15 -13.53 21.91
C TYR J 96 -21.70 -13.42 21.46
N PHE J 97 -20.97 -12.43 21.96
CA PHE J 97 -19.58 -12.27 21.59
C PHE J 97 -18.73 -13.45 22.05
N GLU J 98 -18.98 -13.93 23.27
CA GLU J 98 -18.19 -15.04 23.79
C GLU J 98 -18.50 -16.35 23.05
N SER J 99 -19.76 -16.61 22.77
CA SER J 99 -20.18 -17.85 22.15
C SER J 99 -20.17 -17.79 20.62
N ASP J 100 -19.78 -16.65 20.05
CA ASP J 100 -19.63 -16.42 18.61
C ASP J 100 -20.87 -16.80 17.80
N SER J 101 -22.02 -16.97 18.44
CA SER J 101 -23.24 -17.27 17.71
C SER J 101 -23.79 -16.00 17.06
N PRO J 102 -24.45 -16.12 15.91
CA PRO J 102 -25.05 -14.96 15.27
C PRO J 102 -26.19 -14.40 16.10
N VAL J 103 -26.42 -13.10 15.95
CA VAL J 103 -27.43 -12.39 16.72
C VAL J 103 -28.43 -11.74 15.75
N CYS J 104 -29.71 -11.89 16.04
CA CYS J 104 -30.77 -11.28 15.24
C CYS J 104 -31.01 -9.87 15.75
N VAL J 105 -30.68 -8.88 14.93
CA VAL J 105 -30.81 -7.47 15.29
C VAL J 105 -31.89 -6.83 14.44
N LYS J 106 -32.42 -5.72 14.94
CA LYS J 106 -33.52 -5.02 14.30
C LYS J 106 -33.47 -3.54 14.65
N ILE J 107 -33.49 -2.70 13.63
CA ILE J 107 -33.56 -1.25 13.78
C ILE J 107 -35.02 -0.86 13.65
N ILE J 108 -35.55 -0.19 14.68
CA ILE J 108 -36.96 0.17 14.73
C ILE J 108 -37.10 1.50 15.45
N ASN J 109 -37.99 2.36 14.97
CA ASN J 109 -38.29 3.59 15.67
C ASN J 109 -39.44 3.36 16.65
N GLN J 110 -39.36 4.00 17.82
CA GLN J 110 -40.35 3.77 18.86
C GLN J 110 -41.46 4.81 18.87
N ALA J 111 -41.32 5.90 18.11
CA ALA J 111 -42.38 6.90 18.05
C ALA J 111 -43.52 6.42 17.13
N SER J 112 -43.19 6.10 15.89
CA SER J 112 -44.18 5.61 14.94
C SER J 112 -44.47 4.12 15.11
N LYS J 113 -43.70 3.43 15.95
CA LYS J 113 -43.91 2.01 16.23
C LYS J 113 -43.86 1.16 14.97
N LYS J 114 -42.90 1.46 14.09
CA LYS J 114 -42.71 0.72 12.85
C LYS J 114 -41.27 0.26 12.76
N GLY J 115 -41.08 -1.03 12.46
CA GLY J 115 -39.74 -1.53 12.26
C GLY J 115 -39.14 -1.03 10.95
N LEU J 116 -37.85 -0.76 10.98
CA LEU J 116 -37.13 -0.24 9.81
C LEU J 116 -36.31 -1.31 9.10
N PHE J 117 -35.45 -2.01 9.83
CA PHE J 117 -34.58 -3.02 9.24
C PHE J 117 -34.48 -4.21 10.18
N GLY J 118 -34.19 -5.37 9.59
CA GLY J 118 -33.91 -6.56 10.38
C GLY J 118 -32.83 -7.39 9.73
N GLY J 119 -32.16 -8.20 10.55
CA GLY J 119 -31.14 -9.05 9.96
C GLY J 119 -30.46 -9.90 11.01
N LEU J 120 -29.51 -10.71 10.53
CA LEU J 120 -28.67 -11.56 11.36
C LEU J 120 -27.23 -11.10 11.18
N ALA J 121 -26.52 -10.92 12.29
CA ALA J 121 -25.21 -10.28 12.26
C ALA J 121 -24.24 -10.98 13.18
N ILE J 122 -22.95 -10.74 12.93
CA ILE J 122 -21.85 -11.19 13.77
C ILE J 122 -21.40 -10.02 14.63
N VAL J 123 -21.12 -10.27 15.90
CA VAL J 123 -20.61 -9.22 16.76
C VAL J 123 -19.14 -9.03 16.45
N ALA J 124 -18.83 -8.14 15.50
CA ALA J 124 -17.46 -7.98 15.03
C ALA J 124 -16.59 -7.24 16.04
N ASP J 125 -17.11 -6.19 16.65
CA ASP J 125 -16.32 -5.38 17.57
C ASP J 125 -17.16 -5.00 18.78
N TYR J 126 -16.53 -5.05 19.95
CA TYR J 126 -17.19 -4.70 21.21
C TYR J 126 -16.13 -4.09 22.12
N SER J 127 -16.04 -2.76 22.12
CA SER J 127 -14.99 -2.04 22.81
C SER J 127 -15.59 -1.08 23.82
N PHE J 128 -14.76 -0.67 24.78
CA PHE J 128 -15.19 0.22 25.84
C PHE J 128 -14.12 1.28 26.08
N GLU J 129 -14.57 2.44 26.57
CA GLU J 129 -13.69 3.56 26.89
C GLU J 129 -14.13 4.18 28.20
N ALA J 130 -13.15 4.52 29.06
CA ALA J 130 -13.42 5.06 30.38
C ALA J 130 -12.58 6.30 30.63
N PRO J 131 -12.94 7.43 30.04
CA PRO J 131 -12.26 8.68 30.36
C PRO J 131 -12.46 9.04 31.83
N PHE J 132 -11.43 9.63 32.44
CA PHE J 132 -11.49 9.91 33.88
C PHE J 132 -12.44 11.05 34.21
N ASP J 133 -12.82 11.88 33.25
CA ASP J 133 -13.68 13.03 33.49
C ASP J 133 -15.02 12.91 32.78
N GLU J 134 -15.41 11.71 32.35
CA GLU J 134 -16.66 11.50 31.66
C GLU J 134 -17.25 10.18 32.14
N ALA J 135 -18.29 9.71 31.45
CA ALA J 135 -18.94 8.46 31.78
C ALA J 135 -18.40 7.33 30.90
N MET J 136 -18.33 6.13 31.47
CA MET J 136 -17.86 4.98 30.72
C MET J 136 -18.80 4.70 29.54
N THR J 137 -18.20 4.45 28.38
CA THR J 137 -18.96 4.30 27.14
C THR J 137 -18.56 3.01 26.44
N TYR J 138 -19.49 2.52 25.62
CA TYR J 138 -19.31 1.31 24.83
C TYR J 138 -19.52 1.63 23.36
N SER J 139 -18.87 0.83 22.51
CA SER J 139 -19.03 0.92 21.07
C SER J 139 -19.06 -0.50 20.51
N VAL J 140 -20.12 -0.82 19.77
CA VAL J 140 -20.30 -2.15 19.18
C VAL J 140 -20.45 -1.98 17.68
N LYS J 141 -19.96 -2.98 16.95
CA LYS J 141 -20.03 -3.01 15.49
C LYS J 141 -20.34 -4.42 15.04
N LEU J 142 -21.35 -4.56 14.21
CA LEU J 142 -21.83 -5.86 13.75
C LEU J 142 -21.83 -5.89 12.22
N ASP J 143 -21.07 -6.82 11.64
CA ASP J 143 -21.13 -7.07 10.21
C ASP J 143 -22.28 -8.03 9.91
N GLY J 144 -22.80 -7.97 8.69
CA GLY J 144 -23.93 -8.80 8.30
C GLY J 144 -23.51 -10.10 7.65
N MET J 145 -24.26 -11.15 7.96
CA MET J 145 -24.11 -12.45 7.32
C MET J 145 -25.37 -12.69 6.50
N GLY J 146 -25.36 -12.25 5.25
CA GLY J 146 -26.49 -12.46 4.37
C GLY J 146 -27.35 -11.22 4.23
N ALA J 147 -28.59 -11.45 3.83
CA ALA J 147 -29.51 -10.37 3.50
C ALA J 147 -29.91 -9.58 4.74
N LEU J 148 -30.07 -8.28 4.56
CA LEU J 148 -30.64 -7.39 5.57
C LEU J 148 -32.02 -6.97 5.07
N VAL J 149 -33.06 -7.50 5.71
CA VAL J 149 -34.42 -7.27 5.24
C VAL J 149 -34.83 -5.85 5.55
N ASP J 150 -35.25 -5.11 4.51
CA ASP J 150 -35.71 -3.74 4.64
C ASP J 150 -37.20 -3.76 4.95
N LEU J 151 -37.56 -3.44 6.19
CA LEU J 151 -38.93 -3.53 6.64
C LEU J 151 -39.80 -2.35 6.18
N THR J 152 -39.19 -1.30 5.62
CA THR J 152 -39.97 -0.17 5.15
C THR J 152 -40.76 -0.48 3.89
N ILE J 153 -40.31 -1.46 3.09
CA ILE J 153 -41.00 -1.85 1.88
C ILE J 153 -41.54 -3.27 1.98
N THR J 154 -41.41 -3.91 3.15
CA THR J 154 -41.89 -5.27 3.38
C THR J 154 -42.94 -5.23 4.47
N GLU J 155 -44.07 -5.89 4.22
CA GLU J 155 -45.17 -5.89 5.18
C GLU J 155 -44.79 -6.59 6.47
N GLY J 156 -45.23 -6.03 7.59
CA GLY J 156 -44.98 -6.62 8.89
C GLY J 156 -43.66 -6.18 9.48
N GLY J 157 -43.18 -6.99 10.42
CA GLY J 157 -41.90 -6.73 11.07
C GLY J 157 -41.86 -5.47 11.91
N ASP J 158 -42.88 -5.26 12.74
CA ASP J 158 -42.95 -4.10 13.62
C ASP J 158 -43.32 -4.52 15.03
N GLN J 159 -42.65 -5.56 15.54
CA GLN J 159 -42.87 -6.00 16.91
C GLN J 159 -42.23 -5.03 17.88
N MET J 160 -42.96 -4.66 18.92
CA MET J 160 -42.46 -3.73 19.92
C MET J 160 -41.46 -4.40 20.85
N PRO J 161 -40.45 -3.66 21.33
CA PRO J 161 -39.30 -4.28 22.02
C PRO J 161 -39.55 -4.61 23.50
N GLY J 162 -40.08 -5.80 23.73
CA GLY J 162 -40.35 -6.29 25.08
C GLY J 162 -39.10 -6.52 25.89
N ALA K 2 -62.20 73.16 19.18
CA ALA K 2 -62.33 72.23 18.06
C ALA K 2 -62.86 72.96 16.83
N PHE K 3 -62.85 74.29 16.88
CA PHE K 3 -63.33 75.15 15.80
C PHE K 3 -62.45 76.39 15.76
N GLU K 4 -63.01 77.47 15.20
CA GLU K 4 -62.24 78.58 14.63
C GLU K 4 -61.52 78.10 13.37
N GLU K 5 -62.19 77.24 12.61
CA GLU K 5 -61.67 76.67 11.37
C GLU K 5 -60.37 75.89 11.60
N ASN K 6 -60.23 75.33 12.80
CA ASN K 6 -59.03 74.60 13.19
C ASN K 6 -57.77 75.43 12.93
N LEU K 7 -57.84 76.70 13.32
CA LEU K 7 -56.73 77.62 13.04
C LEU K 7 -55.45 77.16 13.74
N TYR K 8 -55.56 76.75 15.00
CA TYR K 8 -54.42 76.23 15.75
C TYR K 8 -54.56 74.76 16.10
N CYS K 9 -55.68 74.36 16.71
CA CYS K 9 -55.90 72.96 17.07
C CYS K 9 -56.34 72.20 15.83
N ASP K 10 -55.37 71.61 15.13
CA ASP K 10 -55.66 70.83 13.94
C ASP K 10 -56.24 69.48 14.32
N TYR K 11 -57.57 69.42 14.45
CA TYR K 11 -58.26 68.21 14.90
C TYR K 11 -58.46 67.18 13.80
N THR K 12 -58.10 67.50 12.57
CA THR K 12 -58.36 66.58 11.45
C THR K 12 -57.51 65.33 11.59
N PRO K 13 -58.10 64.14 11.67
CA PRO K 13 -57.29 62.92 11.74
C PRO K 13 -56.89 62.42 10.36
N GLY K 14 -55.59 62.37 10.09
CA GLY K 14 -55.10 61.88 8.82
C GLY K 14 -54.28 60.61 8.97
N ALA K 15 -53.57 60.50 10.09
CA ALA K 15 -52.76 59.33 10.38
C ALA K 15 -52.51 59.25 11.87
N ALA K 16 -52.42 58.02 12.38
CA ALA K 16 -52.15 57.83 13.80
C ALA K 16 -50.76 58.33 14.18
N LYS K 17 -49.78 58.14 13.28
CA LYS K 17 -48.40 58.61 13.36
C LYS K 17 -47.72 58.22 14.66
N ALA K 18 -48.37 57.36 15.45
CA ALA K 18 -47.83 56.83 16.68
C ALA K 18 -48.77 55.74 17.19
N VAL K 19 -48.21 54.66 17.72
CA VAL K 19 -48.97 53.57 18.29
C VAL K 19 -48.46 53.31 19.70
N ALA K 20 -49.34 53.42 20.68
CA ALA K 20 -48.94 53.16 22.05
C ALA K 20 -48.56 51.69 22.22
N GLY K 21 -47.49 51.45 22.98
CA GLY K 21 -47.02 50.10 23.18
C GLY K 21 -48.03 49.22 23.90
N LYS K 22 -48.77 49.79 24.84
CA LYS K 22 -49.75 49.02 25.61
C LYS K 22 -50.90 48.53 24.77
N ASP K 23 -51.08 49.04 23.55
CA ASP K 23 -52.15 48.61 22.67
C ASP K 23 -51.79 47.39 21.83
N VAL K 24 -50.52 46.99 21.81
CA VAL K 24 -50.08 45.84 21.05
C VAL K 24 -49.84 44.69 22.02
N ILE K 25 -50.55 43.58 21.81
CA ILE K 25 -50.51 42.45 22.73
C ILE K 25 -50.22 41.17 21.97
N LEU K 26 -49.75 40.17 22.72
CA LEU K 26 -49.48 38.83 22.21
C LEU K 26 -50.50 37.87 22.80
N ALA K 27 -51.14 37.09 21.94
CA ALA K 27 -52.13 36.11 22.35
C ALA K 27 -51.77 34.76 21.77
N VAL K 28 -52.23 33.70 22.43
CA VAL K 28 -51.98 32.33 22.01
C VAL K 28 -53.30 31.60 21.88
N PHE K 29 -53.32 30.60 21.02
CA PHE K 29 -54.48 29.74 20.86
C PHE K 29 -54.37 28.55 21.80
N ASN K 30 -55.48 28.22 22.46
CA ASN K 30 -55.50 27.12 23.41
C ASN K 30 -55.32 25.79 22.66
N ALA K 31 -55.29 24.70 23.43
CA ALA K 31 -55.03 23.39 22.83
C ALA K 31 -56.07 23.04 21.78
N ALA K 32 -57.35 23.29 22.06
CA ALA K 32 -58.38 23.08 21.05
C ALA K 32 -58.32 24.15 19.97
N GLY K 33 -57.81 25.32 20.29
CA GLY K 33 -57.71 26.41 19.33
C GLY K 33 -58.96 27.23 19.18
N ASP K 34 -60.04 26.89 19.90
CA ASP K 34 -61.29 27.63 19.75
C ASP K 34 -61.20 29.02 20.35
N LYS K 35 -60.39 29.19 21.40
CA LYS K 35 -60.29 30.45 22.12
C LYS K 35 -58.93 31.08 21.92
N LEU K 36 -58.90 32.40 21.80
CA LEU K 36 -57.68 33.18 21.83
C LEU K 36 -57.53 33.73 23.24
N LEU K 37 -56.34 33.57 23.81
CA LEU K 37 -56.07 34.02 25.18
C LEU K 37 -54.85 34.92 25.18
N ALA K 38 -55.01 36.14 25.69
CA ALA K 38 -53.88 37.02 25.87
C ALA K 38 -53.16 36.66 27.16
N VAL K 39 -51.84 36.46 27.07
CA VAL K 39 -51.08 36.06 28.24
C VAL K 39 -51.13 37.16 29.29
N ALA K 40 -51.39 36.77 30.54
CA ALA K 40 -51.68 37.74 31.59
C ALA K 40 -50.41 38.46 32.03
N GLY K 41 -50.59 39.72 32.43
CA GLY K 41 -49.50 40.49 33.00
C GLY K 41 -48.43 40.92 32.01
N GLN K 42 -48.80 41.10 30.75
CA GLN K 42 -47.83 41.53 29.74
C GLN K 42 -47.23 42.87 30.10
N GLN K 43 -45.91 43.00 29.92
CA GLN K 43 -45.23 44.27 30.11
C GLN K 43 -44.21 44.58 29.02
N GLY K 44 -43.80 43.63 28.21
CA GLY K 44 -42.86 43.89 27.13
C GLY K 44 -43.06 42.89 26.02
N LEU K 45 -42.63 43.30 24.82
CA LEU K 45 -42.81 42.47 23.64
C LEU K 45 -41.73 42.82 22.63
N THR K 46 -41.15 41.79 22.03
CA THR K 46 -40.14 41.97 20.99
C THR K 46 -40.38 40.95 19.89
N VAL K 47 -40.38 41.42 18.65
CA VAL K 47 -40.54 40.56 17.48
C VAL K 47 -39.29 40.71 16.63
N ASN K 48 -38.54 39.63 16.47
CA ASN K 48 -37.29 39.63 15.72
C ASN K 48 -37.51 38.89 14.40
N ARG K 49 -37.06 39.50 13.31
CA ARG K 49 -37.15 38.89 11.99
C ARG K 49 -35.87 39.21 11.24
N SER K 50 -35.02 38.20 11.04
CA SER K 50 -33.72 38.39 10.42
C SER K 50 -33.59 37.46 9.22
N LYS K 51 -32.83 37.90 8.22
CA LYS K 51 -32.57 37.15 7.02
C LYS K 51 -31.07 37.02 6.81
N ASP K 52 -30.61 35.79 6.57
CA ASP K 52 -29.19 35.56 6.36
C ASP K 52 -28.73 36.11 5.01
N SER K 53 -27.46 36.48 4.94
CA SER K 53 -26.84 36.98 3.72
C SER K 53 -25.62 36.14 3.41
N ILE K 54 -25.51 35.70 2.16
CA ILE K 54 -24.39 34.86 1.73
C ILE K 54 -23.58 35.62 0.69
N GLU K 55 -22.26 35.58 0.83
CA GLU K 55 -21.37 36.32 -0.05
C GLU K 55 -21.12 35.56 -1.33
N ILE K 56 -21.20 36.25 -2.46
CA ILE K 56 -21.00 35.63 -3.77
C ILE K 56 -19.88 36.36 -4.50
N THR K 57 -18.92 36.89 -3.76
CA THR K 57 -17.80 37.57 -4.38
C THR K 57 -16.92 36.58 -5.15
N SER K 58 -16.30 37.08 -6.21
CA SER K 58 -15.43 36.26 -7.05
C SER K 58 -14.41 37.17 -7.72
N LYS K 59 -13.49 36.56 -8.45
CA LYS K 59 -12.43 37.32 -9.10
C LYS K 59 -12.96 38.21 -10.23
N ASP K 60 -14.14 37.92 -10.76
CA ASP K 60 -14.73 38.74 -11.81
C ASP K 60 -15.56 39.88 -11.27
N THR K 61 -15.69 40.00 -9.95
CA THR K 61 -16.40 41.13 -9.36
C THR K 61 -15.59 42.41 -9.59
N VAL K 62 -16.25 43.43 -10.13
CA VAL K 62 -15.60 44.69 -10.49
C VAL K 62 -16.27 45.82 -9.74
N GLY K 63 -15.47 46.70 -9.16
CA GLY K 63 -16.00 47.86 -8.45
C GLY K 63 -15.41 48.04 -7.07
N GLY K 64 -14.70 47.03 -6.58
CA GLY K 64 -14.10 47.12 -5.26
C GLY K 64 -15.08 47.00 -4.13
N TRP K 65 -16.25 46.40 -4.36
CA TRP K 65 -17.26 46.21 -3.34
C TRP K 65 -17.67 44.74 -3.29
N LYS K 66 -17.88 44.22 -2.09
CA LYS K 66 -18.27 42.83 -1.93
C LYS K 66 -19.68 42.61 -2.47
N SER K 67 -19.94 41.38 -2.91
CA SER K 67 -21.23 41.00 -3.46
C SER K 67 -21.90 39.99 -2.53
N LYS K 68 -23.12 40.30 -2.11
CA LYS K 68 -23.90 39.45 -1.23
C LYS K 68 -25.31 39.30 -1.77
N ILE K 69 -25.96 38.20 -1.40
CA ILE K 69 -27.36 37.97 -1.73
C ILE K 69 -28.09 37.44 -0.51
N GLY K 70 -29.41 37.63 -0.51
CA GLY K 70 -30.21 37.21 0.61
C GLY K 70 -30.37 35.71 0.70
N GLY K 71 -30.81 35.24 1.86
CA GLY K 71 -30.97 33.82 2.08
C GLY K 71 -32.15 33.43 2.93
N MET K 72 -31.91 32.58 3.91
CA MET K 72 -32.97 32.05 4.76
C MET K 72 -33.49 33.14 5.69
N LYS K 73 -34.63 32.87 6.32
CA LYS K 73 -35.23 33.79 7.28
C LYS K 73 -35.61 33.06 8.55
N GLU K 74 -35.58 33.79 9.66
CA GLU K 74 -35.96 33.30 10.97
C GLU K 74 -36.89 34.29 11.64
N TRP K 75 -37.51 33.87 12.74
CA TRP K 75 -38.28 34.79 13.57
C TRP K 75 -38.45 34.22 14.96
N SER K 76 -38.41 35.11 15.95
CA SER K 76 -38.58 34.74 17.34
C SER K 76 -39.26 35.89 18.07
N ILE K 77 -39.94 35.55 19.16
CA ILE K 77 -40.72 36.52 19.94
C ILE K 77 -40.36 36.38 21.40
N GLU K 78 -40.07 37.50 22.05
CA GLU K 78 -39.79 37.55 23.47
C GLU K 78 -40.88 38.35 24.18
N ASN K 79 -41.43 37.79 25.24
CA ASN K 79 -42.45 38.46 26.04
C ASN K 79 -42.10 38.29 27.51
N ASP K 80 -42.61 39.19 28.34
CA ASP K 80 -42.36 39.13 29.77
C ASP K 80 -43.40 39.95 30.50
N GLY K 81 -43.37 39.83 31.82
CA GLY K 81 -44.25 40.66 32.64
C GLY K 81 -44.55 40.00 33.97
N LEU K 82 -45.66 40.43 34.57
CA LEU K 82 -46.09 39.85 35.83
C LEU K 82 -46.62 38.45 35.62
N TYR K 83 -46.31 37.56 36.56
CA TYR K 83 -46.68 36.16 36.46
C TYR K 83 -47.67 35.80 37.56
N VAL K 84 -48.81 35.22 37.17
CA VAL K 84 -49.76 34.64 38.10
C VAL K 84 -50.04 33.21 37.65
N ALA K 85 -49.90 32.25 38.56
CA ALA K 85 -49.99 30.85 38.19
C ALA K 85 -51.41 30.42 37.82
N ASP K 86 -52.42 31.10 38.35
CA ASP K 86 -53.81 30.70 38.13
C ASP K 86 -54.39 31.22 36.82
N ALA K 87 -53.65 32.05 36.09
CA ALA K 87 -54.15 32.56 34.82
C ALA K 87 -54.29 31.43 33.80
N GLU K 88 -55.38 31.47 33.04
CA GLU K 88 -55.64 30.41 32.06
C GLU K 88 -54.56 30.39 30.99
N SER K 89 -54.13 31.56 30.52
CA SER K 89 -53.10 31.61 29.49
C SER K 89 -51.79 31.02 29.98
N HIS K 90 -51.43 31.28 31.25
CA HIS K 90 -50.20 30.72 31.79
C HIS K 90 -50.30 29.20 31.92
N LYS K 91 -51.48 28.69 32.30
CA LYS K 91 -51.66 27.24 32.34
C LYS K 91 -51.52 26.64 30.94
N GLU K 92 -52.09 27.31 29.93
CA GLU K 92 -51.94 26.83 28.56
C GLU K 92 -50.48 26.83 28.12
N LEU K 93 -49.75 27.89 28.47
CA LEU K 93 -48.32 27.95 28.14
C LEU K 93 -47.55 26.83 28.83
N ALA K 94 -47.86 26.57 30.09
CA ALA K 94 -47.20 25.48 30.80
C ALA K 94 -47.51 24.13 30.17
N LYS K 95 -48.76 23.92 29.76
CA LYS K 95 -49.12 22.68 29.09
C LYS K 95 -48.38 22.54 27.76
N TYR K 96 -48.27 23.64 27.01
CA TYR K 96 -47.53 23.59 25.75
C TYR K 96 -46.07 23.27 25.99
N PHE K 97 -45.46 23.88 27.01
CA PHE K 97 -44.06 23.62 27.30
C PHE K 97 -43.83 22.17 27.74
N GLU K 98 -44.72 21.64 28.56
CA GLU K 98 -44.55 20.28 29.07
C GLU K 98 -44.79 19.25 27.97
N SER K 99 -45.87 19.41 27.21
CA SER K 99 -46.25 18.42 26.21
C SER K 99 -45.37 18.46 24.97
N ASP K 100 -44.53 19.48 24.82
CA ASP K 100 -43.65 19.63 23.65
C ASP K 100 -44.48 19.64 22.36
N SER K 101 -45.32 20.67 22.25
CA SER K 101 -46.22 20.81 21.11
C SER K 101 -46.12 22.22 20.55
N PRO K 102 -46.32 22.39 19.25
CA PRO K 102 -46.34 23.74 18.67
C PRO K 102 -47.50 24.55 19.21
N VAL K 103 -47.30 25.87 19.27
CA VAL K 103 -48.29 26.80 19.79
C VAL K 103 -48.53 27.88 18.74
N CYS K 104 -49.80 28.18 18.47
CA CYS K 104 -50.17 29.23 17.54
C CYS K 104 -50.23 30.55 18.29
N VAL K 105 -49.45 31.53 17.84
CA VAL K 105 -49.34 32.83 18.50
C VAL K 105 -49.71 33.91 17.50
N LYS K 106 -50.14 35.05 18.05
CA LYS K 106 -50.63 36.15 17.23
C LYS K 106 -50.39 37.46 17.96
N ILE K 107 -49.75 38.41 17.28
CA ILE K 107 -49.55 39.76 17.79
C ILE K 107 -50.61 40.64 17.15
N ILE K 108 -51.40 41.31 18.00
CA ILE K 108 -52.53 42.12 17.55
C ILE K 108 -52.48 43.48 18.20
N ASN K 109 -53.26 44.41 17.65
CA ASN K 109 -53.40 45.76 18.16
C ASN K 109 -54.82 45.91 18.71
N GLN K 110 -54.93 46.10 20.03
CA GLN K 110 -56.24 46.23 20.65
C GLN K 110 -56.95 47.50 20.20
N ALA K 111 -56.24 48.63 20.19
CA ALA K 111 -56.89 49.92 19.94
C ALA K 111 -57.39 50.01 18.51
N SER K 112 -56.54 49.71 17.53
CA SER K 112 -56.91 49.82 16.14
C SER K 112 -57.79 48.68 15.65
N LYS K 113 -57.96 47.63 16.47
CA LYS K 113 -58.73 46.45 16.10
C LYS K 113 -58.24 45.84 14.79
N LYS K 114 -56.93 45.65 14.69
CA LYS K 114 -56.32 44.98 13.55
C LYS K 114 -55.18 44.09 14.04
N GLY K 115 -55.13 42.86 13.52
CA GLY K 115 -54.03 41.98 13.84
C GLY K 115 -52.77 42.31 13.05
N LEU K 116 -51.62 42.05 13.68
CA LEU K 116 -50.33 42.39 13.08
C LEU K 116 -49.59 41.18 12.53
N PHE K 117 -49.33 40.17 13.36
CA PHE K 117 -48.54 39.03 12.96
C PHE K 117 -49.16 37.74 13.46
N GLY K 118 -48.92 36.65 12.74
CA GLY K 118 -49.40 35.35 13.18
C GLY K 118 -48.46 34.22 12.82
N GLY K 119 -48.27 33.26 13.73
CA GLY K 119 -47.33 32.20 13.40
C GLY K 119 -47.47 31.00 14.32
N LEU K 120 -46.71 29.97 13.98
CA LEU K 120 -46.61 28.75 14.78
C LEU K 120 -45.19 28.66 15.34
N ALA K 121 -45.08 28.57 16.65
CA ALA K 121 -43.78 28.60 17.31
C ALA K 121 -43.70 27.47 18.34
N ILE K 122 -42.55 27.41 19.01
CA ILE K 122 -42.34 26.47 20.10
C ILE K 122 -41.84 27.25 21.31
N VAL K 123 -42.18 26.79 22.51
CA VAL K 123 -41.80 27.50 23.72
C VAL K 123 -40.34 27.18 24.03
N ALA K 124 -39.43 27.99 23.51
CA ALA K 124 -38.01 27.72 23.69
C ALA K 124 -37.57 27.99 25.12
N ASP K 125 -38.05 29.07 25.72
CA ASP K 125 -37.65 29.43 27.07
C ASP K 125 -38.87 29.90 27.86
N TYR K 126 -38.93 29.50 29.13
CA TYR K 126 -40.02 29.90 30.03
C TYR K 126 -39.44 29.99 31.43
N SER K 127 -39.03 31.19 31.84
CA SER K 127 -38.31 31.38 33.09
C SER K 127 -39.06 32.35 33.98
N PHE K 128 -38.72 32.33 35.27
CA PHE K 128 -39.37 33.16 36.27
C PHE K 128 -38.32 33.76 37.20
N GLU K 129 -38.67 34.90 37.79
CA GLU K 129 -37.81 35.59 38.73
C GLU K 129 -38.67 36.18 39.84
N ALA K 130 -38.21 36.04 41.09
CA ALA K 130 -38.95 36.49 42.26
C ALA K 130 -38.06 37.28 43.19
N PRO K 131 -37.79 38.55 42.87
CA PRO K 131 -37.06 39.41 43.81
C PRO K 131 -37.89 39.68 45.05
N PHE K 132 -37.21 39.80 46.19
CA PHE K 132 -37.92 39.95 47.46
C PHE K 132 -38.55 41.33 47.62
N ASP K 133 -38.07 42.33 46.88
CA ASP K 133 -38.61 43.68 46.99
C ASP K 133 -39.48 44.07 45.82
N GLU K 134 -39.78 43.13 44.91
CA GLU K 134 -40.61 43.42 43.75
C GLU K 134 -41.65 42.32 43.56
N ALA K 135 -42.35 42.37 42.43
CA ALA K 135 -43.35 41.36 42.11
C ALA K 135 -42.74 40.25 41.25
N MET K 136 -43.25 39.04 41.44
CA MET K 136 -42.77 37.90 40.67
C MET K 136 -43.08 38.09 39.18
N THR K 137 -42.11 37.77 38.33
CA THR K 137 -42.21 38.04 36.91
C THR K 137 -41.86 36.78 36.12
N TYR K 138 -42.45 36.69 34.93
CA TYR K 138 -42.19 35.63 33.97
C TYR K 138 -41.59 36.23 32.70
N SER K 139 -40.85 35.38 31.99
CA SER K 139 -40.27 35.73 30.70
C SER K 139 -40.32 34.50 29.81
N VAL K 140 -40.93 34.64 28.63
CA VAL K 140 -41.11 33.55 27.69
C VAL K 140 -40.49 33.95 26.36
N LYS K 141 -39.86 32.99 25.69
CA LYS K 141 -39.25 33.20 24.38
C LYS K 141 -39.63 32.05 23.49
N LEU K 142 -40.22 32.35 22.33
CA LEU K 142 -40.67 31.35 21.37
C LEU K 142 -40.07 31.66 20.01
N ASP K 143 -39.32 30.71 19.46
CA ASP K 143 -38.77 30.83 18.11
C ASP K 143 -39.62 29.99 17.16
N GLY K 144 -40.00 30.60 16.03
CA GLY K 144 -40.98 29.97 15.16
C GLY K 144 -40.41 28.80 14.38
N MET K 145 -41.24 27.79 14.20
CA MET K 145 -40.91 26.62 13.38
C MET K 145 -41.38 26.78 11.93
N GLY K 146 -41.07 27.92 11.33
CA GLY K 146 -41.49 28.16 9.97
C GLY K 146 -41.88 29.59 9.67
N ALA K 147 -42.81 29.76 8.72
CA ALA K 147 -43.18 31.09 8.27
C ALA K 147 -43.92 31.86 9.35
N LEU K 148 -43.81 33.19 9.29
CA LEU K 148 -44.53 34.10 10.17
C LEU K 148 -45.34 35.04 9.27
N VAL K 149 -46.66 34.80 9.20
CA VAL K 149 -47.50 35.57 8.30
C VAL K 149 -47.65 36.99 8.83
N ASP K 150 -47.34 37.96 7.98
CA ASP K 150 -47.47 39.37 8.30
C ASP K 150 -48.88 39.82 7.91
N LEU K 151 -49.73 40.05 8.91
CA LEU K 151 -51.11 40.42 8.66
C LEU K 151 -51.29 41.88 8.28
N THR K 152 -50.23 42.69 8.34
CA THR K 152 -50.34 44.08 7.92
C THR K 152 -50.56 44.19 6.42
N ILE K 153 -49.90 43.34 5.64
CA ILE K 153 -50.02 43.36 4.19
C ILE K 153 -50.86 42.18 3.70
N THR K 154 -51.57 41.51 4.59
CA THR K 154 -52.43 40.39 4.25
C THR K 154 -53.81 40.62 4.83
N GLU K 155 -54.83 40.50 4.00
CA GLU K 155 -56.20 40.71 4.47
C GLU K 155 -56.63 39.59 5.41
N GLY K 156 -57.52 39.94 6.34
CA GLY K 156 -58.00 38.99 7.32
C GLY K 156 -57.17 38.98 8.58
N GLY K 157 -57.38 37.92 9.37
CA GLY K 157 -56.63 37.73 10.60
C GLY K 157 -56.90 38.78 11.66
N ASP K 158 -58.18 39.08 11.91
CA ASP K 158 -58.56 40.10 12.88
C ASP K 158 -59.30 39.53 14.08
N GLN K 159 -59.25 38.22 14.30
CA GLN K 159 -59.87 37.63 15.47
C GLN K 159 -59.10 38.00 16.73
N MET K 160 -59.82 38.15 17.84
CA MET K 160 -59.27 38.61 19.10
C MET K 160 -59.83 37.83 20.27
N PRO K 161 -59.14 37.83 21.42
CA PRO K 161 -59.60 37.05 22.57
C PRO K 161 -60.97 37.51 23.05
N GLY K 162 -61.73 36.55 23.55
CA GLY K 162 -63.07 36.80 24.06
C GLY K 162 -63.92 35.56 24.11
N ALA L 2 -57.30 117.35 29.93
CA ALA L 2 -57.50 117.03 28.53
C ALA L 2 -57.21 118.25 27.65
N PHE L 3 -57.19 119.43 28.27
CA PHE L 3 -56.96 120.69 27.57
C PHE L 3 -56.02 121.53 28.44
N GLU L 4 -55.98 122.84 28.15
CA GLU L 4 -54.83 123.69 28.44
C GLU L 4 -53.63 123.20 27.64
N GLU L 5 -53.92 122.75 26.42
CA GLU L 5 -52.94 122.18 25.49
C GLU L 5 -52.17 121.03 26.13
N ASN L 6 -52.81 120.30 27.04
CA ASN L 6 -52.19 119.16 27.72
C ASN L 6 -50.86 119.55 28.34
N LEU L 7 -50.82 120.74 28.95
CA LEU L 7 -49.56 121.25 29.50
C LEU L 7 -49.05 120.37 30.62
N TYR L 8 -49.93 119.92 31.51
CA TYR L 8 -49.54 119.10 32.65
C TYR L 8 -49.94 117.65 32.53
N CYS L 9 -51.12 117.34 31.97
CA CYS L 9 -51.55 115.97 31.78
C CYS L 9 -51.79 115.72 30.30
N ASP L 10 -51.18 114.66 29.78
CA ASP L 10 -51.35 114.27 28.39
C ASP L 10 -52.37 113.13 28.29
N TYR L 11 -53.16 113.15 27.22
CA TYR L 11 -54.21 112.17 27.00
C TYR L 11 -54.02 111.40 25.69
N THR L 12 -52.90 111.60 25.01
CA THR L 12 -52.70 110.97 23.71
C THR L 12 -52.49 109.47 23.86
N PRO L 13 -53.32 108.63 23.25
CA PRO L 13 -53.12 107.18 23.29
C PRO L 13 -52.11 106.74 22.23
N GLY L 14 -50.93 106.34 22.68
CA GLY L 14 -49.93 105.80 21.78
C GLY L 14 -49.71 104.32 22.05
N ALA L 15 -49.86 103.94 23.31
CA ALA L 15 -49.77 102.55 23.74
C ALA L 15 -50.39 102.46 25.13
N ALA L 16 -50.28 101.29 25.75
CA ALA L 16 -50.76 101.10 27.11
C ALA L 16 -49.65 101.10 28.14
N LYS L 17 -48.45 100.69 27.74
CA LYS L 17 -47.25 100.58 28.58
C LYS L 17 -47.38 99.50 29.63
N ALA L 18 -48.53 98.85 29.75
CA ALA L 18 -48.78 97.77 30.70
C ALA L 18 -50.16 97.20 30.40
N VAL L 19 -50.30 95.90 30.62
CA VAL L 19 -51.57 95.20 30.44
C VAL L 19 -51.89 94.50 31.75
N ALA L 20 -53.01 94.89 32.36
CA ALA L 20 -53.41 94.29 33.63
C ALA L 20 -53.64 92.79 33.46
N GLY L 21 -53.10 92.01 34.40
CA GLY L 21 -53.23 90.56 34.30
C GLY L 21 -54.65 90.09 34.38
N LYS L 22 -55.52 90.85 35.07
CA LYS L 22 -56.92 90.46 35.19
C LYS L 22 -57.67 90.49 33.86
N ASP L 23 -57.11 91.18 32.86
CA ASP L 23 -57.77 91.32 31.57
C ASP L 23 -57.45 90.21 30.59
N VAL L 24 -56.53 89.30 30.95
CA VAL L 24 -56.11 88.21 30.08
C VAL L 24 -56.43 86.89 30.78
N ILE L 25 -57.15 86.01 30.08
CA ILE L 25 -57.57 84.75 30.67
C ILE L 25 -57.38 83.59 29.69
N LEU L 26 -57.54 82.39 30.23
CA LEU L 26 -57.42 81.13 29.51
C LEU L 26 -58.81 80.60 29.20
N ALA L 27 -59.02 80.19 27.96
CA ALA L 27 -60.31 79.65 27.52
C ALA L 27 -60.09 78.30 26.87
N VAL L 28 -61.11 77.46 26.97
CA VAL L 28 -61.06 76.07 26.53
C VAL L 28 -62.25 75.81 25.62
N PHE L 29 -62.02 75.10 24.52
CA PHE L 29 -63.12 74.68 23.66
C PHE L 29 -63.77 73.42 24.25
N ASN L 30 -65.10 73.35 24.18
CA ASN L 30 -65.80 72.24 24.79
C ASN L 30 -65.58 70.97 23.98
N ALA L 31 -66.27 69.89 24.39
CA ALA L 31 -66.07 68.59 23.77
C ALA L 31 -66.32 68.66 22.27
N ALA L 32 -67.42 69.29 21.87
CA ALA L 32 -67.65 69.56 20.45
C ALA L 32 -66.92 70.79 19.96
N GLY L 33 -66.47 71.66 20.85
CA GLY L 33 -65.76 72.86 20.46
C GLY L 33 -66.62 73.98 19.94
N ASP L 34 -67.95 73.85 20.02
CA ASP L 34 -68.81 74.91 19.51
C ASP L 34 -68.77 76.15 20.37
N LYS L 35 -68.48 75.99 21.66
CA LYS L 35 -68.42 77.10 22.60
C LYS L 35 -67.02 77.24 23.16
N LEU L 36 -66.66 78.47 23.51
CA LEU L 36 -65.41 78.78 24.19
C LEU L 36 -65.75 79.17 25.62
N LEU L 37 -65.18 78.43 26.58
CA LEU L 37 -65.51 78.63 27.98
C LEU L 37 -64.29 79.17 28.72
N ALA L 38 -64.47 80.27 29.43
CA ALA L 38 -63.42 80.78 30.31
C ALA L 38 -63.43 79.99 31.61
N VAL L 39 -62.26 79.54 32.05
CA VAL L 39 -62.17 78.74 33.26
C VAL L 39 -62.62 79.58 34.45
N ALA L 40 -63.40 78.96 35.33
CA ALA L 40 -64.03 79.69 36.43
C ALA L 40 -63.02 80.02 37.52
N GLY L 41 -62.99 81.29 37.92
CA GLY L 41 -62.23 81.70 39.08
C GLY L 41 -60.72 81.55 38.98
N GLN L 42 -60.15 81.88 37.82
CA GLN L 42 -58.71 81.89 37.69
C GLN L 42 -58.12 83.07 38.45
N GLN L 43 -56.90 82.88 38.95
CA GLN L 43 -56.21 83.95 39.68
C GLN L 43 -54.82 84.18 39.10
N GLY L 44 -54.19 83.12 38.59
CA GLY L 44 -52.87 83.24 38.03
C GLY L 44 -52.68 82.41 36.78
N LEU L 45 -51.91 82.93 35.82
CA LEU L 45 -51.66 82.22 34.57
C LEU L 45 -50.18 82.35 34.22
N THR L 46 -49.61 81.24 33.75
CA THR L 46 -48.21 81.23 33.33
C THR L 46 -48.10 80.41 32.05
N VAL L 47 -47.50 81.02 31.02
CA VAL L 47 -47.28 80.36 29.75
C VAL L 47 -45.77 80.23 29.56
N ASN L 48 -45.29 78.99 29.44
CA ASN L 48 -43.87 78.69 29.30
C ASN L 48 -43.59 78.20 27.89
N ARG L 49 -42.61 78.82 27.24
CA ARG L 49 -42.12 78.37 25.94
C ARG L 49 -40.61 78.31 25.99
N SER L 50 -40.05 77.15 25.65
CA SER L 50 -38.61 76.94 25.71
C SER L 50 -38.14 76.22 24.46
N LYS L 51 -36.89 76.46 24.10
CA LYS L 51 -36.26 75.83 22.93
C LYS L 51 -34.92 75.27 23.35
N ASP L 52 -34.65 74.02 22.95
CA ASP L 52 -33.40 73.37 23.31
C ASP L 52 -32.24 73.92 22.49
N SER L 53 -31.04 73.82 23.05
CA SER L 53 -29.82 74.26 22.39
C SER L 53 -28.86 73.08 22.26
N ILE L 54 -28.26 72.95 21.08
CA ILE L 54 -27.35 71.86 20.78
C ILE L 54 -25.95 72.43 20.63
N GLU L 55 -25.00 71.90 21.39
CA GLU L 55 -23.62 72.35 21.33
C GLU L 55 -22.90 71.69 20.17
N ILE L 56 -22.22 72.48 19.35
CA ILE L 56 -21.54 71.97 18.17
C ILE L 56 -20.06 72.39 18.20
N THR L 57 -19.52 72.55 19.40
CA THR L 57 -18.12 72.91 19.54
C THR L 57 -17.23 71.81 18.97
N SER L 58 -16.15 72.23 18.29
CA SER L 58 -15.23 71.29 17.68
C SER L 58 -13.83 71.88 17.75
N LYS L 59 -12.85 71.09 17.31
CA LYS L 59 -11.47 71.55 17.30
C LYS L 59 -11.25 72.65 16.27
N ASP L 60 -12.15 72.80 15.30
CA ASP L 60 -12.07 73.88 14.33
C ASP L 60 -12.60 75.20 14.88
N THR L 61 -13.32 75.19 15.99
CA THR L 61 -13.86 76.41 16.56
C THR L 61 -12.72 77.25 17.14
N VAL L 62 -12.70 78.53 16.78
CA VAL L 62 -11.69 79.46 17.25
C VAL L 62 -12.39 80.60 17.99
N GLY L 63 -11.58 81.47 18.59
CA GLY L 63 -12.08 82.58 19.37
C GLY L 63 -12.28 82.29 20.84
N GLY L 64 -12.15 81.03 21.26
CA GLY L 64 -12.26 80.68 22.67
C GLY L 64 -13.67 80.54 23.19
N TRP L 65 -14.68 80.67 22.34
CA TRP L 65 -16.08 80.55 22.74
C TRP L 65 -16.70 79.34 22.08
N LYS L 66 -17.48 78.58 22.85
CA LYS L 66 -18.14 77.40 22.29
C LYS L 66 -19.30 77.82 21.39
N SER L 67 -19.64 76.94 20.45
CA SER L 67 -20.65 77.21 19.44
C SER L 67 -21.91 76.40 19.75
N LYS L 68 -23.06 77.05 19.68
CA LYS L 68 -24.35 76.40 19.91
C LYS L 68 -25.32 76.79 18.81
N ILE L 69 -26.30 75.92 18.58
CA ILE L 69 -27.36 76.15 17.61
C ILE L 69 -28.70 75.83 18.26
N GLY L 70 -29.76 76.31 17.62
CA GLY L 70 -31.10 76.04 18.11
C GLY L 70 -31.54 74.62 17.86
N GLY L 71 -32.64 74.24 18.48
CA GLY L 71 -33.15 72.88 18.39
C GLY L 71 -34.65 72.83 18.59
N MET L 72 -35.11 71.73 19.18
CA MET L 72 -36.52 71.49 19.38
C MET L 72 -37.09 72.49 20.39
N LYS L 73 -38.38 72.77 20.29
CA LYS L 73 -39.03 73.66 21.24
C LYS L 73 -40.39 73.09 21.66
N GLU L 74 -40.77 73.40 22.89
CA GLU L 74 -41.99 72.88 23.48
C GLU L 74 -42.64 73.97 24.32
N TRP L 75 -43.83 73.68 24.83
CA TRP L 75 -44.56 74.69 25.61
C TRP L 75 -45.50 74.02 26.61
N SER L 76 -45.82 74.78 27.65
CA SER L 76 -46.74 74.34 28.69
C SER L 76 -47.43 75.56 29.29
N ILE L 77 -48.57 75.32 29.92
CA ILE L 77 -49.39 76.37 30.53
C ILE L 77 -49.83 75.90 31.91
N GLU L 78 -49.62 76.75 32.92
CA GLU L 78 -50.04 76.48 34.28
C GLU L 78 -51.05 77.52 34.71
N ASN L 79 -52.20 77.08 35.22
CA ASN L 79 -53.26 77.99 35.63
C ASN L 79 -53.83 77.54 36.97
N ASP L 80 -53.95 78.47 37.91
CA ASP L 80 -54.51 78.19 39.22
C ASP L 80 -55.59 79.20 39.54
N GLY L 81 -56.42 78.86 40.52
CA GLY L 81 -57.46 79.79 40.93
C GLY L 81 -58.45 79.14 41.89
N LEU L 82 -59.64 79.75 41.95
CA LEU L 82 -60.70 79.23 42.79
C LEU L 82 -61.44 78.10 42.08
N TYR L 83 -61.89 77.12 42.86
CA TYR L 83 -62.52 75.92 42.34
C TYR L 83 -64.00 75.88 42.72
N VAL L 84 -64.85 75.69 41.73
CA VAL L 84 -66.27 75.41 41.93
C VAL L 84 -66.62 74.19 41.09
N ALA L 85 -67.11 73.13 41.73
CA ALA L 85 -67.34 71.87 41.03
C ALA L 85 -68.48 71.93 40.03
N ASP L 86 -69.37 72.90 40.16
CA ASP L 86 -70.54 73.00 39.29
C ASP L 86 -70.30 73.84 38.05
N ALA L 87 -69.11 74.44 37.91
CA ALA L 87 -68.82 75.25 36.74
C ALA L 87 -68.75 74.38 35.49
N GLU L 88 -69.28 74.91 34.38
CA GLU L 88 -69.26 74.17 33.13
C GLU L 88 -67.83 73.94 32.64
N SER L 89 -66.98 74.96 32.79
CA SER L 89 -65.59 74.81 32.35
C SER L 89 -64.87 73.74 33.16
N HIS L 90 -65.09 73.70 34.47
CA HIS L 90 -64.46 72.68 35.30
C HIS L 90 -64.99 71.29 34.96
N LYS L 91 -66.29 71.18 34.66
CA LYS L 91 -66.85 69.90 34.26
C LYS L 91 -66.23 69.42 32.94
N GLU L 92 -66.07 70.34 31.99
CA GLU L 92 -65.42 69.98 30.73
C GLU L 92 -63.96 69.58 30.94
N LEU L 93 -63.27 70.28 31.84
CA LEU L 93 -61.89 69.90 32.14
C LEU L 93 -61.82 68.51 32.75
N ALA L 94 -62.74 68.20 33.65
CA ALA L 94 -62.78 66.87 34.25
C ALA L 94 -63.06 65.80 33.19
N LYS L 95 -64.00 66.08 32.29
CA LYS L 95 -64.30 65.14 31.22
C LYS L 95 -63.08 64.93 30.32
N TYR L 96 -62.37 66.01 29.99
CA TYR L 96 -61.16 65.91 29.19
C TYR L 96 -60.11 65.06 29.91
N PHE L 97 -59.89 65.32 31.20
CA PHE L 97 -58.89 64.59 31.95
C PHE L 97 -59.23 63.10 32.03
N GLU L 98 -60.49 62.78 32.26
CA GLU L 98 -60.89 61.38 32.45
C GLU L 98 -60.68 60.56 31.18
N SER L 99 -60.96 61.13 30.01
CA SER L 99 -61.01 60.35 28.78
C SER L 99 -60.01 60.81 27.73
N ASP L 100 -58.76 61.01 28.14
CA ASP L 100 -57.71 61.46 27.22
C ASP L 100 -58.09 62.78 26.58
N SER L 101 -58.67 62.70 25.37
CA SER L 101 -59.38 63.83 24.76
C SER L 101 -58.53 65.11 24.73
N PRO L 102 -57.59 65.22 23.80
CA PRO L 102 -56.75 66.43 23.74
C PRO L 102 -57.60 67.69 23.62
N VAL L 103 -57.16 68.74 24.30
CA VAL L 103 -57.94 69.94 24.53
C VAL L 103 -57.38 71.09 23.70
N CYS L 104 -58.28 71.87 23.08
CA CYS L 104 -57.90 73.07 22.35
C CYS L 104 -58.12 74.28 23.28
N VAL L 105 -57.01 74.86 23.75
CA VAL L 105 -57.05 75.98 24.67
C VAL L 105 -56.46 77.20 23.99
N LYS L 106 -56.72 78.36 24.59
CA LYS L 106 -56.22 79.61 24.02
C LYS L 106 -56.15 80.68 25.10
N ILE L 107 -55.10 81.49 25.05
CA ILE L 107 -54.91 82.62 25.94
C ILE L 107 -55.35 83.87 25.19
N ILE L 108 -56.31 84.60 25.75
CA ILE L 108 -56.84 85.79 25.09
C ILE L 108 -56.92 86.95 26.07
N ASN L 109 -57.04 88.15 25.51
CA ASN L 109 -57.12 89.39 26.27
C ASN L 109 -58.56 89.91 26.19
N GLN L 110 -59.23 89.96 27.35
CA GLN L 110 -60.61 90.42 27.37
C GLN L 110 -60.70 91.92 27.06
N ALA L 111 -59.82 92.72 27.65
CA ALA L 111 -59.92 94.17 27.50
C ALA L 111 -59.57 94.60 26.08
N SER L 112 -58.48 94.08 25.52
CA SER L 112 -58.04 94.49 24.20
C SER L 112 -58.79 93.81 23.08
N LYS L 113 -59.65 92.84 23.40
CA LYS L 113 -60.44 92.10 22.40
C LYS L 113 -59.55 91.44 21.35
N LYS L 114 -58.38 90.98 21.77
CA LYS L 114 -57.44 90.31 20.88
C LYS L 114 -56.97 89.00 21.50
N GLY L 115 -56.85 87.97 20.67
CA GLY L 115 -56.32 86.71 21.13
C GLY L 115 -54.79 86.70 21.11
N LEU L 116 -54.21 85.99 22.07
CA LEU L 116 -52.76 85.96 22.24
C LEU L 116 -52.15 84.65 21.75
N PHE L 117 -52.61 83.52 22.27
CA PHE L 117 -52.05 82.22 21.92
C PHE L 117 -53.16 81.20 21.78
N GLY L 118 -52.87 80.11 21.06
CA GLY L 118 -53.83 79.03 20.96
C GLY L 118 -53.17 77.75 20.51
N GLY L 119 -53.65 76.63 21.03
CA GLY L 119 -53.12 75.35 20.58
C GLY L 119 -53.72 74.19 21.33
N LEU L 120 -53.28 73.00 20.93
CA LEU L 120 -53.70 71.75 21.53
C LEU L 120 -52.76 71.35 22.66
N ALA L 121 -53.33 70.72 23.68
CA ALA L 121 -52.56 70.30 24.84
C ALA L 121 -53.29 69.17 25.54
N ILE L 122 -52.58 68.50 26.44
CA ILE L 122 -53.17 67.46 27.28
C ILE L 122 -53.18 67.96 28.71
N VAL L 123 -54.18 67.50 29.47
CA VAL L 123 -54.27 67.89 30.88
C VAL L 123 -53.30 67.03 31.68
N ALA L 124 -52.06 67.51 31.81
CA ALA L 124 -51.05 66.73 32.51
C ALA L 124 -51.29 66.69 34.01
N ASP L 125 -51.69 67.80 34.61
CA ASP L 125 -51.90 67.85 36.05
C ASP L 125 -53.20 68.57 36.35
N TYR L 126 -53.95 68.03 37.31
CA TYR L 126 -55.22 68.65 37.74
C TYR L 126 -55.38 68.32 39.22
N SER L 127 -55.01 69.27 40.08
CA SER L 127 -54.97 69.05 41.52
C SER L 127 -55.81 70.10 42.23
N PHE L 128 -56.18 69.78 43.48
CA PHE L 128 -56.99 70.66 44.29
C PHE L 128 -56.42 70.72 45.71
N GLU L 129 -56.70 71.82 46.39
CA GLU L 129 -56.28 72.05 47.76
C GLU L 129 -57.41 72.69 48.52
N ALA L 130 -57.67 72.21 49.74
CA ALA L 130 -58.78 72.69 50.56
C ALA L 130 -58.29 72.95 51.98
N PRO L 131 -57.53 74.04 52.18
CA PRO L 131 -57.16 74.41 53.55
C PRO L 131 -58.35 74.93 54.33
N PHE L 132 -58.27 74.81 55.65
CA PHE L 132 -59.38 75.13 56.53
C PHE L 132 -59.48 76.62 56.86
N ASP L 133 -58.59 77.46 56.33
CA ASP L 133 -58.62 78.89 56.61
C ASP L 133 -58.97 79.72 55.39
N GLU L 134 -59.31 79.10 54.26
CA GLU L 134 -59.69 79.83 53.06
C GLU L 134 -60.45 78.88 52.14
N ALA L 135 -60.81 79.39 50.97
CA ALA L 135 -61.62 78.65 50.01
C ALA L 135 -60.78 77.62 49.26
N MET L 136 -61.48 76.70 48.59
CA MET L 136 -60.80 75.69 47.78
C MET L 136 -60.05 76.35 46.62
N THR L 137 -58.88 75.81 46.31
CA THR L 137 -58.11 76.24 45.16
C THR L 137 -57.87 75.06 44.24
N TYR L 138 -57.79 75.34 42.94
CA TYR L 138 -57.49 74.34 41.93
C TYR L 138 -56.27 74.78 41.14
N SER L 139 -55.51 73.80 40.67
CA SER L 139 -54.36 74.03 39.82
C SER L 139 -54.39 73.04 38.66
N VAL L 140 -53.99 73.51 37.48
CA VAL L 140 -53.99 72.70 36.27
C VAL L 140 -52.74 73.03 35.47
N LYS L 141 -52.15 72.00 34.88
CA LYS L 141 -50.96 72.12 34.06
C LYS L 141 -51.15 71.33 32.78
N LEU L 142 -50.96 72.00 31.64
CA LEU L 142 -51.18 71.41 30.33
C LEU L 142 -49.88 71.50 29.51
N ASP L 143 -49.49 70.37 28.93
CA ASP L 143 -48.31 70.32 28.06
C ASP L 143 -48.76 70.25 26.61
N GLY L 144 -48.08 70.98 25.74
CA GLY L 144 -48.51 71.06 24.36
C GLY L 144 -48.22 69.78 23.60
N MET L 145 -49.18 69.34 22.79
CA MET L 145 -48.94 68.22 21.88
C MET L 145 -48.07 68.63 20.71
N GLY L 146 -47.99 69.92 20.40
CA GLY L 146 -47.26 70.38 19.24
C GLY L 146 -47.13 71.87 19.17
N ALA L 147 -47.36 72.43 17.98
CA ALA L 147 -47.18 73.87 17.78
C ALA L 147 -48.20 74.67 18.59
N LEU L 148 -47.73 75.74 19.20
CA LEU L 148 -48.59 76.71 19.89
C LEU L 148 -48.64 77.96 19.03
N VAL L 149 -49.75 78.15 18.32
CA VAL L 149 -49.85 79.26 17.39
C VAL L 149 -49.94 80.56 18.18
N ASP L 150 -49.07 81.51 17.83
CA ASP L 150 -49.03 82.83 18.46
C ASP L 150 -49.92 83.77 17.64
N LEU L 151 -51.03 84.20 18.23
CA LEU L 151 -52.01 85.02 17.52
C LEU L 151 -51.62 86.49 17.47
N THR L 152 -50.59 86.90 18.20
CA THR L 152 -50.18 88.31 18.17
C THR L 152 -49.60 88.68 16.82
N ILE L 153 -48.85 87.77 16.21
CA ILE L 153 -48.22 88.01 14.92
C ILE L 153 -48.93 87.25 13.80
N THR L 154 -50.05 86.60 14.10
CA THR L 154 -50.81 85.84 13.11
C THR L 154 -52.19 86.46 12.97
N GLU L 155 -52.61 86.70 11.74
CA GLU L 155 -53.92 87.27 11.48
C GLU L 155 -55.02 86.28 11.87
N GLY L 156 -56.06 86.78 12.51
CA GLY L 156 -57.19 85.95 12.92
C GLY L 156 -57.07 85.52 14.37
N GLY L 157 -57.98 84.63 14.75
CA GLY L 157 -58.00 84.10 16.10
C GLY L 157 -58.44 85.13 17.12
N ASP L 158 -59.71 85.53 17.06
CA ASP L 158 -60.21 86.55 17.98
C ASP L 158 -61.60 86.21 18.52
N GLN L 159 -62.01 84.96 18.48
CA GLN L 159 -63.29 84.57 19.07
C GLN L 159 -63.21 84.61 20.58
N MET L 160 -64.23 85.17 21.21
CA MET L 160 -64.31 85.33 22.65
C MET L 160 -65.42 84.46 23.23
N PRO L 161 -65.32 84.12 24.53
CA PRO L 161 -66.34 83.25 25.13
C PRO L 161 -67.73 83.86 25.06
N GLY L 162 -68.72 83.00 24.86
CA GLY L 162 -70.10 83.42 24.80
C GLY L 162 -71.04 82.44 25.48
N ALA M 2 -47.65 155.50 55.20
CA ALA M 2 -48.20 156.10 53.99
C ALA M 2 -47.88 157.58 53.94
N PHE M 3 -47.70 158.19 55.11
CA PHE M 3 -47.42 159.62 55.22
C PHE M 3 -46.19 159.81 56.10
N GLU M 4 -45.80 161.07 56.28
CA GLU M 4 -44.62 161.44 57.05
C GLU M 4 -43.37 160.75 56.52
N GLU M 5 -43.31 160.64 55.18
CA GLU M 5 -42.19 160.00 54.49
C GLU M 5 -41.95 158.58 54.97
N ASN M 6 -43.04 157.89 55.34
CA ASN M 6 -42.97 156.51 55.83
C ASN M 6 -41.98 156.36 56.98
N LEU M 7 -42.00 157.35 57.88
CA LEU M 7 -41.07 157.32 59.02
C LEU M 7 -41.32 156.13 59.92
N TYR M 8 -42.58 155.83 60.20
CA TYR M 8 -42.95 154.70 61.05
C TYR M 8 -43.91 153.72 60.37
N CYS M 9 -44.49 154.08 59.24
CA CYS M 9 -45.43 153.21 58.51
C CYS M 9 -44.85 152.95 57.13
N ASP M 10 -44.10 151.86 56.99
CA ASP M 10 -43.53 151.48 55.71
C ASP M 10 -44.55 150.64 54.94
N TYR M 11 -45.05 151.19 53.84
CA TYR M 11 -46.08 150.53 53.05
C TYR M 11 -45.59 150.12 51.66
N THR M 12 -44.29 150.20 51.40
CA THR M 12 -43.76 149.81 50.11
C THR M 12 -43.80 148.29 49.97
N PRO M 13 -44.49 147.74 48.97
CA PRO M 13 -44.58 146.28 48.84
C PRO M 13 -43.36 145.73 48.11
N GLY M 14 -42.59 144.90 48.80
CA GLY M 14 -41.46 144.22 48.19
C GLY M 14 -41.82 142.81 47.75
N ALA M 15 -42.45 142.06 48.65
CA ALA M 15 -42.91 140.72 48.35
C ALA M 15 -44.04 140.37 49.29
N ALA M 16 -44.84 139.37 48.90
CA ALA M 16 -45.93 138.93 49.76
C ALA M 16 -45.43 138.37 51.08
N LYS M 17 -44.39 137.54 51.02
CA LYS M 17 -43.69 136.99 52.19
C LYS M 17 -44.59 136.10 53.04
N ALA M 18 -45.85 135.96 52.65
CA ALA M 18 -46.81 135.13 53.37
C ALA M 18 -48.06 134.90 52.51
N VAL M 19 -48.47 133.65 52.36
CA VAL M 19 -49.65 133.31 51.59
C VAL M 19 -50.58 132.49 52.49
N ALA M 20 -51.80 132.99 52.68
CA ALA M 20 -52.79 132.26 53.45
C ALA M 20 -53.27 131.04 52.67
N GLY M 21 -53.69 130.01 53.42
CA GLY M 21 -54.12 128.78 52.78
C GLY M 21 -55.34 128.95 51.89
N LYS M 22 -56.23 129.87 52.26
CA LYS M 22 -57.43 130.10 51.45
C LYS M 22 -57.12 130.64 50.07
N ASP M 23 -55.95 131.28 49.89
CA ASP M 23 -55.60 131.81 48.58
C ASP M 23 -55.32 130.70 47.57
N VAL M 24 -54.63 129.65 48.00
CA VAL M 24 -54.30 128.52 47.13
C VAL M 24 -55.41 127.48 47.25
N ILE M 25 -55.76 126.86 46.13
CA ILE M 25 -56.93 126.01 46.06
C ILE M 25 -56.67 124.90 45.04
N LEU M 26 -57.45 123.82 45.13
CA LEU M 26 -57.38 122.70 44.23
C LEU M 26 -58.50 122.77 43.20
N ALA M 27 -58.19 122.40 41.96
CA ALA M 27 -59.17 122.36 40.89
C ALA M 27 -58.94 121.11 40.04
N VAL M 28 -60.00 120.67 39.37
CA VAL M 28 -59.99 119.43 38.62
C VAL M 28 -60.75 119.62 37.31
N PHE M 29 -60.24 119.03 36.24
CA PHE M 29 -60.95 119.04 34.97
C PHE M 29 -62.20 118.16 35.05
N ASN M 30 -63.29 118.64 34.46
CA ASN M 30 -64.55 117.92 34.53
C ASN M 30 -64.50 116.69 33.63
N ALA M 31 -65.64 116.00 33.52
CA ALA M 31 -65.71 114.75 32.76
C ALA M 31 -65.17 114.93 31.35
N ALA M 32 -65.64 115.95 30.65
CA ALA M 32 -64.99 116.34 29.40
C ALA M 32 -63.69 117.09 29.68
N GLY M 33 -63.69 117.94 30.70
CA GLY M 33 -62.53 118.73 31.07
C GLY M 33 -62.58 120.18 30.64
N ASP M 34 -63.51 120.54 29.75
CA ASP M 34 -63.54 121.89 29.20
C ASP M 34 -63.78 122.95 30.26
N LYS M 35 -64.44 122.59 31.36
CA LYS M 35 -64.70 123.51 32.46
C LYS M 35 -63.91 123.02 33.68
N LEU M 36 -62.78 123.66 33.94
CA LEU M 36 -62.06 123.41 35.18
C LEU M 36 -62.92 123.82 36.35
N LEU M 37 -63.09 122.94 37.33
CA LEU M 37 -64.00 123.18 38.43
C LEU M 37 -63.29 122.92 39.76
N ALA M 38 -63.51 123.81 40.72
CA ALA M 38 -62.98 123.62 42.05
C ALA M 38 -63.88 122.68 42.85
N VAL M 39 -63.25 121.77 43.59
CA VAL M 39 -64.02 120.90 44.47
C VAL M 39 -64.73 121.76 45.52
N ALA M 40 -65.88 121.28 45.99
CA ALA M 40 -66.69 122.07 46.89
C ALA M 40 -66.30 121.86 48.35
N GLY M 41 -66.36 122.93 49.13
CA GLY M 41 -66.22 122.88 50.57
C GLY M 41 -64.88 122.41 51.11
N GLN M 42 -63.78 122.94 50.58
CA GLN M 42 -62.46 122.57 51.05
C GLN M 42 -62.16 123.22 52.40
N GLN M 43 -61.41 122.49 53.23
CA GLN M 43 -60.92 123.02 54.49
C GLN M 43 -59.44 122.73 54.74
N GLY M 44 -58.83 121.82 53.99
CA GLY M 44 -57.41 121.56 54.14
C GLY M 44 -56.88 120.87 52.92
N LEU M 45 -55.62 121.14 52.59
CA LEU M 45 -55.00 120.61 51.39
C LEU M 45 -53.50 120.51 51.62
N THR M 46 -52.91 119.38 51.22
CA THR M 46 -51.49 119.17 51.35
C THR M 46 -50.96 118.45 50.10
N VAL M 47 -49.72 118.78 49.74
CA VAL M 47 -49.03 118.19 48.59
C VAL M 47 -47.77 117.53 49.11
N ASN M 48 -47.57 116.26 48.76
CA ASN M 48 -46.35 115.56 49.15
C ASN M 48 -45.71 114.95 47.91
N ARG M 49 -44.52 115.43 47.56
CA ARG M 49 -43.70 114.85 46.51
C ARG M 49 -42.43 114.30 47.16
N SER M 50 -42.15 113.02 46.90
CA SER M 50 -41.04 112.34 47.55
C SER M 50 -40.13 111.74 46.49
N LYS M 51 -38.85 111.58 46.86
CA LYS M 51 -37.86 110.96 46.00
C LYS M 51 -37.09 109.91 46.79
N ASP M 52 -36.75 108.82 46.12
CA ASP M 52 -36.02 107.73 46.76
C ASP M 52 -34.53 107.93 46.63
N SER M 53 -33.80 107.43 47.61
CA SER M 53 -32.34 107.50 47.64
C SER M 53 -31.77 106.09 47.63
N ILE M 54 -30.78 105.85 46.77
CA ILE M 54 -30.14 104.55 46.64
C ILE M 54 -28.72 104.65 47.17
N GLU M 55 -28.37 103.74 48.07
CA GLU M 55 -27.05 103.71 48.67
C GLU M 55 -26.05 103.05 47.72
N ILE M 56 -24.90 103.68 47.54
CA ILE M 56 -23.86 103.15 46.66
C ILE M 56 -22.55 103.02 47.43
N THR M 57 -22.65 102.81 48.75
CA THR M 57 -21.46 102.66 49.56
C THR M 57 -20.69 101.40 49.17
N SER M 58 -19.37 101.52 49.10
CA SER M 58 -18.52 100.42 48.69
C SER M 58 -17.31 100.33 49.60
N LYS M 59 -16.51 99.29 49.40
CA LYS M 59 -15.30 99.10 50.19
C LYS M 59 -14.25 100.17 49.91
N ASP M 60 -14.32 100.80 48.73
CA ASP M 60 -13.32 101.80 48.35
C ASP M 60 -13.72 103.22 48.73
N THR M 61 -14.87 103.41 49.37
CA THR M 61 -15.25 104.73 49.83
C THR M 61 -14.37 105.15 51.00
N VAL M 62 -14.29 106.47 51.22
CA VAL M 62 -13.42 107.03 52.24
C VAL M 62 -14.21 108.04 53.07
N GLY M 63 -13.66 108.34 54.25
CA GLY M 63 -14.25 109.31 55.15
C GLY M 63 -15.21 108.77 56.17
N GLY M 64 -15.60 107.50 56.06
CA GLY M 64 -16.54 106.92 57.00
C GLY M 64 -17.98 107.32 56.79
N TRP M 65 -18.29 108.00 55.71
CA TRP M 65 -19.65 108.44 55.40
C TRP M 65 -20.19 107.61 54.25
N LYS M 66 -21.39 107.05 54.44
CA LYS M 66 -22.01 106.24 53.39
C LYS M 66 -22.51 107.13 52.26
N SER M 67 -22.17 106.77 51.03
CA SER M 67 -22.58 107.54 49.88
C SER M 67 -23.99 107.14 49.44
N LYS M 68 -24.65 108.07 48.76
CA LYS M 68 -26.00 107.86 48.26
C LYS M 68 -26.21 108.72 47.03
N ILE M 69 -27.19 108.32 46.20
CA ILE M 69 -27.60 109.13 45.07
C ILE M 69 -29.12 109.13 44.95
N GLY M 70 -29.64 110.10 44.21
CA GLY M 70 -31.07 110.21 44.03
C GLY M 70 -31.62 109.11 43.13
N GLY M 71 -32.91 108.86 43.28
CA GLY M 71 -33.57 107.83 42.50
C GLY M 71 -34.95 108.19 42.01
N MET M 72 -35.86 107.23 42.04
CA MET M 72 -37.22 107.43 41.57
C MET M 72 -37.96 108.41 42.46
N LYS M 73 -38.94 109.11 41.89
CA LYS M 73 -39.73 110.06 42.65
C LYS M 73 -41.20 109.94 42.27
N GLU M 74 -42.07 110.25 43.23
CA GLU M 74 -43.52 110.16 43.04
C GLU M 74 -44.18 111.32 43.77
N TRP M 75 -45.49 111.47 43.55
CA TRP M 75 -46.20 112.61 44.11
C TRP M 75 -47.65 112.27 44.39
N SER M 76 -48.22 112.97 45.37
CA SER M 76 -49.61 112.80 45.75
C SER M 76 -50.09 114.08 46.41
N ILE M 77 -51.42 114.21 46.50
CA ILE M 77 -52.03 115.28 47.28
C ILE M 77 -53.17 114.70 48.11
N GLU M 78 -53.52 115.43 49.16
CA GLU M 78 -54.57 115.02 50.10
C GLU M 78 -55.36 116.25 50.49
N ASN M 79 -56.67 116.23 50.23
CA ASN M 79 -57.53 117.35 50.57
C ASN M 79 -58.70 116.85 51.41
N ASP M 80 -59.33 117.77 52.12
CA ASP M 80 -60.47 117.44 52.95
C ASP M 80 -61.26 118.71 53.25
N GLY M 81 -62.50 118.52 53.67
CA GLY M 81 -63.32 119.67 54.02
C GLY M 81 -64.79 119.31 54.13
N LEU M 82 -65.64 120.29 53.84
CA LEU M 82 -67.08 120.10 53.88
C LEU M 82 -67.55 119.42 52.60
N TYR M 83 -68.49 118.49 52.75
CA TYR M 83 -68.99 117.68 51.65
C TYR M 83 -70.44 118.03 51.36
N VAL M 84 -70.76 118.22 50.08
CA VAL M 84 -72.13 118.40 49.62
C VAL M 84 -72.37 117.36 48.53
N ALA M 85 -73.36 116.49 48.76
CA ALA M 85 -73.63 115.42 47.80
C ALA M 85 -74.13 115.97 46.47
N ASP M 86 -74.86 117.09 46.49
CA ASP M 86 -75.40 117.66 45.28
C ASP M 86 -74.39 118.52 44.52
N ALA M 87 -73.20 118.72 45.07
CA ALA M 87 -72.20 119.53 44.38
C ALA M 87 -71.75 118.86 43.09
N GLU M 88 -71.60 119.67 42.04
CA GLU M 88 -71.18 119.13 40.75
C GLU M 88 -69.78 118.54 40.82
N SER M 89 -68.88 119.19 41.55
CA SER M 89 -67.50 118.72 41.64
C SER M 89 -67.43 117.35 42.31
N HIS M 90 -68.18 117.16 43.39
CA HIS M 90 -68.17 115.86 44.06
C HIS M 90 -68.84 114.79 43.22
N LYS M 91 -69.88 115.15 42.46
CA LYS M 91 -70.46 114.21 41.51
C LYS M 91 -69.44 113.77 40.48
N GLU M 92 -68.66 114.72 39.96
CA GLU M 92 -67.62 114.39 39.00
C GLU M 92 -66.56 113.50 39.64
N LEU M 93 -66.18 113.80 40.88
CA LEU M 93 -65.20 112.97 41.58
C LEU M 93 -65.70 111.54 41.74
N ALA M 94 -66.98 111.39 42.11
CA ALA M 94 -67.56 110.05 42.20
C ALA M 94 -67.56 109.36 40.85
N LYS M 95 -67.85 110.10 39.77
CA LYS M 95 -67.83 109.51 38.44
C LYS M 95 -66.45 108.99 38.08
N TYR M 96 -65.41 109.79 38.34
CA TYR M 96 -64.04 109.34 38.09
C TYR M 96 -63.69 108.13 38.96
N PHE M 97 -64.07 108.15 40.23
CA PHE M 97 -63.73 107.05 41.12
C PHE M 97 -64.38 105.75 40.67
N GLU M 98 -65.64 105.82 40.24
CA GLU M 98 -66.32 104.62 39.76
C GLU M 98 -65.75 104.16 38.43
N SER M 99 -65.48 105.10 37.51
CA SER M 99 -65.02 104.74 36.18
C SER M 99 -63.54 104.40 36.11
N ASP M 100 -62.79 104.63 37.19
CA ASP M 100 -61.36 104.32 37.28
C ASP M 100 -60.53 105.11 36.27
N SER M 101 -61.10 106.15 35.67
CA SER M 101 -60.36 106.96 34.72
C SER M 101 -59.42 107.92 35.43
N PRO M 102 -58.27 108.23 34.85
CA PRO M 102 -57.38 109.23 35.45
C PRO M 102 -58.00 110.61 35.37
N VAL M 103 -57.65 111.45 36.33
CA VAL M 103 -58.24 112.78 36.46
C VAL M 103 -57.12 113.82 36.44
N CYS M 104 -57.37 114.91 35.70
CA CYS M 104 -56.42 116.02 35.62
C CYS M 104 -56.72 117.01 36.74
N VAL M 105 -55.70 117.31 37.55
CA VAL M 105 -55.84 118.20 38.69
C VAL M 105 -54.77 119.27 38.64
N LYS M 106 -55.03 120.36 39.35
CA LYS M 106 -54.08 121.45 39.46
C LYS M 106 -54.27 122.16 40.80
N ILE M 107 -53.15 122.68 41.31
CA ILE M 107 -53.12 123.50 42.52
C ILE M 107 -52.78 124.91 42.07
N ILE M 108 -53.68 125.86 42.32
CA ILE M 108 -53.58 127.21 41.78
C ILE M 108 -53.89 128.22 42.87
N ASN M 109 -53.12 129.29 42.92
CA ASN M 109 -53.37 130.41 43.84
C ASN M 109 -54.30 131.39 43.14
N GLN M 110 -55.58 131.34 43.50
CA GLN M 110 -56.57 132.22 42.87
C GLN M 110 -56.48 133.66 43.35
N ALA M 111 -55.78 133.92 44.46
CA ALA M 111 -55.62 135.29 44.94
C ALA M 111 -54.38 135.94 44.34
N SER M 112 -53.23 135.27 44.43
CA SER M 112 -52.01 135.78 43.81
C SER M 112 -52.03 135.69 42.29
N LYS M 113 -53.04 135.01 41.72
CA LYS M 113 -53.22 134.90 40.28
C LYS M 113 -52.01 134.22 39.62
N LYS M 114 -51.74 133.00 40.07
CA LYS M 114 -50.64 132.21 39.52
C LYS M 114 -50.84 130.75 39.90
N GLY M 115 -50.84 129.88 38.90
CA GLY M 115 -50.91 128.46 39.17
C GLY M 115 -49.61 127.93 39.75
N LEU M 116 -49.71 126.84 40.50
CA LEU M 116 -48.55 126.27 41.19
C LEU M 116 -48.21 124.87 40.70
N PHE M 117 -49.17 123.96 40.65
CA PHE M 117 -48.90 122.58 40.26
C PHE M 117 -50.00 122.09 39.32
N GLY M 118 -49.67 121.07 38.55
CA GLY M 118 -50.65 120.42 37.69
C GLY M 118 -50.18 119.05 37.30
N GLY M 119 -51.13 118.15 37.10
CA GLY M 119 -50.76 116.79 36.72
C GLY M 119 -51.97 115.90 36.56
N LEU M 120 -51.68 114.61 36.37
CA LEU M 120 -52.68 113.57 36.21
C LEU M 120 -52.54 112.58 37.36
N ALA M 121 -53.67 112.25 37.99
CA ALA M 121 -53.64 111.41 39.18
C ALA M 121 -54.90 110.56 39.23
N ILE M 122 -54.84 109.51 40.05
CA ILE M 122 -55.98 108.65 40.34
C ILE M 122 -56.39 108.87 41.78
N VAL M 123 -57.67 108.62 42.07
CA VAL M 123 -58.22 108.82 43.41
C VAL M 123 -58.01 107.53 44.20
N ALA M 124 -57.05 107.55 45.13
CA ALA M 124 -56.79 106.37 45.94
C ALA M 124 -57.85 106.18 47.03
N ASP M 125 -58.35 107.26 47.61
CA ASP M 125 -59.31 107.20 48.70
C ASP M 125 -60.42 108.22 48.49
N TYR M 126 -61.63 107.84 48.91
CA TYR M 126 -62.79 108.75 48.88
C TYR M 126 -63.66 108.35 50.08
N SER M 127 -63.47 109.05 51.19
CA SER M 127 -64.10 108.70 52.45
C SER M 127 -64.87 109.88 53.02
N PHE M 128 -65.90 109.57 53.81
CA PHE M 128 -66.73 110.58 54.46
C PHE M 128 -66.94 110.20 55.92
N GLU M 129 -67.06 111.22 56.76
CA GLU M 129 -67.36 111.05 58.18
C GLU M 129 -68.54 111.93 58.55
N ALA M 130 -69.44 111.39 59.37
CA ALA M 130 -70.67 112.09 59.76
C ALA M 130 -70.80 112.08 61.28
N PRO M 131 -70.04 112.93 61.96
CA PRO M 131 -70.22 113.04 63.41
C PRO M 131 -71.55 113.69 63.75
N PHE M 132 -72.09 113.32 64.91
CA PHE M 132 -73.38 113.85 65.33
C PHE M 132 -73.29 115.33 65.70
N ASP M 133 -72.24 115.71 66.44
CA ASP M 133 -72.12 117.07 66.95
C ASP M 133 -71.53 118.05 65.95
N GLU M 134 -71.14 117.59 64.76
CA GLU M 134 -70.54 118.46 63.76
C GLU M 134 -71.12 118.13 62.39
N ALA M 135 -70.78 118.96 61.42
CA ALA M 135 -71.22 118.72 60.05
C ALA M 135 -70.46 117.55 59.44
N MET M 136 -71.16 116.80 58.59
CA MET M 136 -70.54 115.67 57.91
C MET M 136 -69.56 116.20 56.86
N THR M 137 -68.39 115.56 56.80
CA THR M 137 -67.25 116.05 56.04
C THR M 137 -66.76 114.99 55.05
N TYR M 138 -65.76 115.37 54.25
CA TYR M 138 -65.17 114.49 53.26
C TYR M 138 -63.66 114.63 53.27
N SER M 139 -62.99 113.58 52.81
CA SER M 139 -61.54 113.56 52.64
C SER M 139 -61.19 112.72 51.41
N VAL M 140 -60.35 113.27 50.54
CA VAL M 140 -59.93 112.61 49.31
C VAL M 140 -58.42 112.61 49.24
N LYS M 141 -57.86 111.54 48.71
CA LYS M 141 -56.42 111.42 48.45
C LYS M 141 -56.23 111.03 46.99
N LEU M 142 -55.36 111.75 46.29
CA LEU M 142 -55.01 111.40 44.92
C LEU M 142 -53.51 111.15 44.83
N ASP M 143 -53.13 110.14 44.04
CA ASP M 143 -51.74 109.84 43.78
C ASP M 143 -51.49 109.88 42.28
N GLY M 144 -50.38 110.48 41.87
CA GLY M 144 -50.14 110.78 40.47
C GLY M 144 -49.25 109.78 39.76
N MET M 145 -49.51 109.64 38.46
CA MET M 145 -48.64 108.89 37.57
C MET M 145 -47.87 109.86 36.68
N GLY M 146 -46.62 109.50 36.37
CA GLY M 146 -45.82 110.38 35.57
C GLY M 146 -45.41 111.63 36.34
N ALA M 147 -45.14 112.69 35.60
CA ALA M 147 -44.58 113.90 36.17
C ALA M 147 -45.66 114.86 36.65
N LEU M 148 -45.43 115.46 37.81
CA LEU M 148 -46.25 116.56 38.31
C LEU M 148 -45.47 117.84 38.05
N VAL M 149 -45.84 118.55 36.99
CA VAL M 149 -45.09 119.74 36.58
C VAL M 149 -45.24 120.83 37.63
N ASP M 150 -44.25 121.70 37.70
CA ASP M 150 -44.25 122.83 38.63
C ASP M 150 -44.60 124.09 37.85
N LEU M 151 -45.86 124.53 37.98
CA LEU M 151 -46.30 125.73 37.29
C LEU M 151 -45.58 126.98 37.80
N THR M 152 -44.99 126.91 39.00
CA THR M 152 -44.19 128.04 39.48
C THR M 152 -42.94 128.23 38.62
N ILE M 153 -42.30 127.14 38.22
CA ILE M 153 -41.09 127.24 37.41
C ILE M 153 -41.44 127.46 35.94
N THR M 154 -42.29 126.59 35.39
CA THR M 154 -42.65 126.71 33.98
C THR M 154 -43.61 127.88 33.78
N GLU M 155 -43.74 128.29 32.52
CA GLU M 155 -44.61 129.40 32.16
C GLU M 155 -45.95 128.89 31.62
N GLY M 156 -46.97 129.72 31.76
CA GLY M 156 -48.30 129.37 31.29
C GLY M 156 -49.04 128.50 32.28
N GLY M 157 -50.24 128.10 31.87
CA GLY M 157 -51.09 127.26 32.70
C GLY M 157 -51.62 127.98 33.92
N ASP M 158 -52.50 128.95 33.71
CA ASP M 158 -53.06 129.74 34.81
C ASP M 158 -54.56 129.89 34.65
N GLN M 159 -55.25 128.81 34.29
CA GLN M 159 -56.70 128.85 34.15
C GLN M 159 -57.34 129.00 35.52
N MET M 160 -58.24 129.96 35.66
CA MET M 160 -58.79 130.33 36.95
C MET M 160 -59.90 129.40 37.45
N PRO M 161 -60.92 129.08 36.63
CA PRO M 161 -61.97 128.23 37.23
C PRO M 161 -61.50 126.82 37.53
N ALA N 2 -34.19 -14.11 16.78
CA ALA N 2 -34.41 -15.55 16.63
C ALA N 2 -35.90 -15.86 16.59
N PHE N 3 -36.70 -14.84 16.27
CA PHE N 3 -38.15 -15.00 16.30
C PHE N 3 -38.77 -13.93 15.39
N GLU N 4 -40.06 -13.66 15.61
CA GLU N 4 -40.92 -12.94 14.66
C GLU N 4 -41.14 -13.78 13.41
N GLU N 5 -41.32 -15.10 13.61
CA GLU N 5 -41.58 -16.05 12.54
C GLU N 5 -40.45 -16.09 11.52
N ASN N 6 -39.23 -15.80 11.97
CA ASN N 6 -38.05 -15.80 11.12
C ASN N 6 -38.25 -14.93 9.89
N LEU N 7 -38.84 -13.75 10.09
CA LEU N 7 -39.12 -12.85 8.98
C LEU N 7 -37.84 -12.39 8.30
N TYR N 8 -36.81 -12.06 9.10
CA TYR N 8 -35.54 -11.63 8.55
C TYR N 8 -34.38 -12.52 8.92
N CYS N 9 -34.29 -12.97 10.17
CA CYS N 9 -33.22 -13.85 10.61
C CYS N 9 -33.70 -15.30 10.54
N ASP N 10 -33.06 -16.09 9.69
CA ASP N 10 -33.40 -17.50 9.52
C ASP N 10 -32.43 -18.35 10.32
N TYR N 11 -32.97 -19.26 11.12
CA TYR N 11 -32.17 -20.08 12.02
C TYR N 11 -32.32 -21.58 11.79
N THR N 12 -33.15 -22.00 10.85
CA THR N 12 -33.32 -23.43 10.61
C THR N 12 -32.09 -23.99 9.90
N PRO N 13 -31.39 -24.96 10.48
CA PRO N 13 -30.21 -25.52 9.81
C PRO N 13 -30.55 -26.63 8.83
N GLY N 14 -30.27 -26.41 7.55
CA GLY N 14 -30.48 -27.44 6.55
C GLY N 14 -29.18 -28.11 6.15
N ALA N 15 -28.10 -27.35 6.20
CA ALA N 15 -26.76 -27.85 5.90
C ALA N 15 -25.75 -26.90 6.55
N ALA N 16 -24.47 -27.13 6.27
CA ALA N 16 -23.41 -26.27 6.78
C ALA N 16 -23.02 -25.17 5.80
N LYS N 17 -22.97 -25.49 4.51
CA LYS N 17 -22.72 -24.54 3.43
C LYS N 17 -21.29 -24.00 3.46
N ALA N 18 -20.54 -24.35 4.50
CA ALA N 18 -19.15 -23.95 4.68
C ALA N 18 -18.59 -24.67 5.89
N VAL N 19 -17.30 -24.98 5.84
CA VAL N 19 -16.60 -25.63 6.93
C VAL N 19 -15.32 -24.84 7.20
N ALA N 20 -15.16 -24.37 8.43
CA ALA N 20 -13.95 -23.66 8.80
C ALA N 20 -12.74 -24.58 8.71
N GLY N 21 -11.65 -24.07 8.15
CA GLY N 21 -10.46 -24.88 7.97
C GLY N 21 -9.84 -25.32 9.27
N LYS N 22 -9.98 -24.52 10.33
CA LYS N 22 -9.41 -24.88 11.62
C LYS N 22 -10.11 -26.07 12.26
N ASP N 23 -11.27 -26.47 11.75
CA ASP N 23 -12.00 -27.61 12.27
C ASP N 23 -11.52 -28.95 11.71
N VAL N 24 -10.67 -28.93 10.69
CA VAL N 24 -10.15 -30.13 10.06
C VAL N 24 -8.68 -30.28 10.43
N ILE N 25 -8.32 -31.44 10.97
CA ILE N 25 -6.97 -31.70 11.45
C ILE N 25 -6.49 -33.03 10.90
N LEU N 26 -5.17 -33.23 10.97
CA LEU N 26 -4.52 -34.48 10.60
C LEU N 26 -3.97 -35.12 11.85
N ALA N 27 -4.25 -36.42 12.03
CA ALA N 27 -3.80 -37.16 13.18
C ALA N 27 -3.04 -38.40 12.73
N VAL N 28 -2.07 -38.80 13.55
CA VAL N 28 -1.27 -39.98 13.29
C VAL N 28 -1.44 -40.95 14.45
N PHE N 29 -1.56 -42.24 14.13
CA PHE N 29 -1.69 -43.23 15.18
C PHE N 29 -0.35 -43.44 15.89
N ASN N 30 -0.44 -43.79 17.18
CA ASN N 30 0.75 -44.06 17.95
C ASN N 30 1.47 -45.29 17.40
N ALA N 31 2.76 -45.40 17.73
CA ALA N 31 3.55 -46.54 17.27
C ALA N 31 2.94 -47.85 17.73
N ALA N 32 2.42 -47.89 18.95
CA ALA N 32 1.71 -49.07 19.42
C ALA N 32 0.33 -49.20 18.81
N GLY N 33 -0.24 -48.11 18.31
CA GLY N 33 -1.56 -48.13 17.72
C GLY N 33 -2.69 -47.92 18.69
N ASP N 34 -2.41 -47.86 20.00
CA ASP N 34 -3.47 -47.65 20.98
C ASP N 34 -4.04 -46.24 20.91
N LYS N 35 -3.18 -45.25 20.65
CA LYS N 35 -3.59 -43.86 20.64
C LYS N 35 -3.39 -43.26 19.25
N LEU N 36 -4.19 -42.25 18.94
CA LEU N 36 -3.99 -41.41 17.78
C LEU N 36 -3.92 -39.96 18.24
N LEU N 37 -2.92 -39.23 17.76
CA LEU N 37 -2.65 -37.88 18.23
C LEU N 37 -2.66 -36.91 17.05
N ALA N 38 -3.28 -35.76 17.27
CA ALA N 38 -3.21 -34.69 16.28
C ALA N 38 -1.82 -34.08 16.28
N VAL N 39 -1.31 -33.77 15.09
CA VAL N 39 0.01 -33.17 14.97
C VAL N 39 -0.03 -31.78 15.59
N ALA N 40 0.85 -31.54 16.55
CA ALA N 40 0.83 -30.28 17.30
C ALA N 40 1.22 -29.10 16.42
N GLY N 41 0.51 -27.99 16.58
CA GLY N 41 0.84 -26.78 15.86
C GLY N 41 0.42 -26.75 14.41
N GLN N 42 -0.61 -27.50 14.03
CA GLN N 42 -1.06 -27.50 12.64
C GLN N 42 -1.53 -26.12 12.22
N GLN N 43 -1.10 -25.70 11.05
CA GLN N 43 -1.55 -24.43 10.46
C GLN N 43 -2.10 -24.59 9.05
N GLY N 44 -1.53 -25.48 8.25
CA GLY N 44 -2.01 -25.72 6.92
C GLY N 44 -2.00 -27.18 6.54
N LEU N 45 -3.05 -27.63 5.85
CA LEU N 45 -3.20 -29.03 5.48
C LEU N 45 -3.78 -29.13 4.08
N THR N 46 -3.18 -29.96 3.25
CA THR N 46 -3.63 -30.22 1.90
C THR N 46 -3.60 -31.71 1.63
N VAL N 47 -4.64 -32.22 0.97
CA VAL N 47 -4.70 -33.62 0.57
C VAL N 47 -4.89 -33.66 -0.93
N ASN N 48 -3.96 -34.31 -1.62
CA ASN N 48 -3.99 -34.40 -3.08
C ASN N 48 -4.32 -35.82 -3.49
N ARG N 49 -5.34 -35.96 -4.34
CA ARG N 49 -5.75 -37.24 -4.91
C ARG N 49 -5.71 -37.09 -6.42
N SER N 50 -4.89 -37.89 -7.08
CA SER N 50 -4.68 -37.79 -8.51
C SER N 50 -4.93 -39.14 -9.16
N LYS N 51 -5.23 -39.10 -10.47
CA LYS N 51 -5.53 -40.29 -11.24
C LYS N 51 -4.80 -40.21 -12.57
N ASP N 52 -4.23 -41.34 -13.00
CA ASP N 52 -3.51 -41.37 -14.26
C ASP N 52 -4.48 -41.28 -15.44
N SER N 53 -3.96 -40.79 -16.56
CA SER N 53 -4.73 -40.66 -17.79
C SER N 53 -4.03 -41.43 -18.90
N ILE N 54 -4.78 -42.32 -19.55
CA ILE N 54 -4.29 -43.11 -20.66
C ILE N 54 -4.98 -42.61 -21.93
N GLU N 55 -4.19 -42.26 -22.94
CA GLU N 55 -4.74 -41.70 -24.16
C GLU N 55 -5.24 -42.82 -25.06
N ILE N 56 -6.55 -42.86 -25.30
CA ILE N 56 -7.16 -43.87 -26.16
C ILE N 56 -7.77 -43.17 -27.36
N THR N 57 -7.16 -42.06 -27.78
CA THR N 57 -7.68 -41.28 -28.89
C THR N 57 -7.77 -42.15 -30.15
N SER N 58 -8.93 -42.12 -30.80
CA SER N 58 -9.19 -42.89 -32.00
C SER N 58 -9.31 -41.93 -33.17
N LYS N 59 -8.33 -41.98 -34.08
CA LYS N 59 -8.32 -41.09 -35.23
C LYS N 59 -9.36 -41.44 -36.27
N ASP N 60 -10.00 -42.61 -36.15
CA ASP N 60 -10.97 -43.07 -37.13
C ASP N 60 -12.41 -42.74 -36.76
N THR N 61 -12.61 -41.98 -35.69
CA THR N 61 -13.94 -41.58 -35.26
C THR N 61 -14.25 -40.18 -35.75
N VAL N 62 -15.44 -39.99 -36.32
CA VAL N 62 -15.82 -38.68 -36.84
C VAL N 62 -15.93 -37.70 -35.68
N GLY N 63 -15.33 -36.52 -35.85
CA GLY N 63 -15.34 -35.52 -34.81
C GLY N 63 -13.97 -34.90 -34.59
N GLY N 64 -12.92 -35.69 -34.73
CA GLY N 64 -11.57 -35.20 -34.53
C GLY N 64 -11.28 -34.76 -33.11
N TRP N 65 -11.73 -35.54 -32.12
CA TRP N 65 -11.54 -35.20 -30.72
C TRP N 65 -10.66 -36.25 -30.03
N LYS N 66 -9.81 -35.79 -29.13
CA LYS N 66 -9.00 -36.69 -28.33
C LYS N 66 -9.84 -37.32 -27.22
N SER N 67 -9.33 -38.41 -26.66
CA SER N 67 -10.02 -39.12 -25.60
C SER N 67 -9.01 -39.64 -24.58
N LYS N 68 -9.48 -39.83 -23.35
CA LYS N 68 -8.63 -40.30 -22.28
C LYS N 68 -9.43 -41.17 -21.32
N ILE N 69 -8.73 -42.06 -20.62
CA ILE N 69 -9.35 -42.99 -19.67
C ILE N 69 -8.56 -42.96 -18.37
N GLY N 70 -9.29 -42.93 -17.25
CA GLY N 70 -8.63 -42.94 -15.96
C GLY N 70 -7.94 -44.27 -15.67
N GLY N 71 -6.87 -44.19 -14.88
CA GLY N 71 -6.12 -45.38 -14.50
C GLY N 71 -5.85 -45.48 -13.02
N MET N 72 -4.59 -45.72 -12.66
CA MET N 72 -4.19 -45.80 -11.26
C MET N 72 -4.40 -44.47 -10.55
N LYS N 73 -4.75 -44.57 -9.27
CA LYS N 73 -4.94 -43.42 -8.40
C LYS N 73 -3.81 -43.38 -7.37
N GLU N 74 -3.51 -42.17 -6.90
CA GLU N 74 -2.47 -41.97 -5.91
C GLU N 74 -2.84 -40.79 -5.03
N TRP N 75 -2.26 -40.73 -3.85
CA TRP N 75 -2.62 -39.67 -2.92
C TRP N 75 -1.46 -39.30 -2.02
N SER N 76 -1.47 -38.05 -1.59
CA SER N 76 -0.44 -37.51 -0.70
C SER N 76 -1.07 -36.46 0.19
N ILE N 77 -0.37 -36.16 1.29
CA ILE N 77 -0.83 -35.19 2.27
C ILE N 77 0.34 -34.27 2.62
N GLU N 78 0.12 -32.98 2.55
CA GLU N 78 1.12 -31.98 2.92
C GLU N 78 0.60 -31.20 4.11
N ASN N 79 1.37 -31.23 5.20
CA ASN N 79 0.99 -30.52 6.42
C ASN N 79 2.12 -29.57 6.81
N ASP N 80 1.74 -28.46 7.44
CA ASP N 80 2.74 -27.49 7.87
C ASP N 80 2.21 -26.71 9.05
N GLY N 81 3.13 -26.23 9.88
CA GLY N 81 2.73 -25.45 11.03
C GLY N 81 3.89 -25.09 11.92
N LEU N 82 3.59 -24.81 13.18
CA LEU N 82 4.63 -24.50 14.16
C LEU N 82 5.23 -25.78 14.72
N TYR N 83 6.54 -25.77 14.93
CA TYR N 83 7.28 -26.93 15.38
C TYR N 83 7.64 -26.79 16.85
N VAL N 84 7.29 -27.80 17.64
CA VAL N 84 7.71 -27.91 19.03
C VAL N 84 8.37 -29.27 19.20
N ALA N 85 9.64 -29.27 19.64
CA ALA N 85 10.44 -30.48 19.58
C ALA N 85 9.91 -31.56 20.52
N ASP N 86 9.53 -31.19 21.74
CA ASP N 86 9.17 -32.18 22.75
C ASP N 86 7.71 -32.64 22.67
N ALA N 87 6.95 -32.13 21.71
CA ALA N 87 5.59 -32.62 21.52
C ALA N 87 5.63 -34.09 21.11
N GLU N 88 4.76 -34.89 21.74
CA GLU N 88 4.79 -36.33 21.53
C GLU N 88 4.41 -36.70 20.10
N SER N 89 3.56 -35.92 19.45
CA SER N 89 3.22 -36.18 18.06
C SER N 89 4.43 -36.03 17.16
N HIS N 90 5.24 -34.99 17.40
CA HIS N 90 6.46 -34.80 16.61
C HIS N 90 7.47 -35.90 16.90
N LYS N 91 7.56 -36.38 18.14
CA LYS N 91 8.43 -37.50 18.44
C LYS N 91 7.99 -38.75 17.71
N GLU N 92 6.68 -39.00 17.66
CA GLU N 92 6.17 -40.14 16.90
C GLU N 92 6.48 -40.00 15.41
N LEU N 93 6.34 -38.78 14.87
CA LEU N 93 6.67 -38.56 13.47
C LEU N 93 8.16 -38.82 13.20
N ALA N 94 9.03 -38.36 14.10
CA ALA N 94 10.46 -38.61 13.94
C ALA N 94 10.76 -40.10 13.99
N LYS N 95 10.12 -40.82 14.93
CA LYS N 95 10.33 -42.26 15.01
C LYS N 95 9.87 -42.95 13.73
N TYR N 96 8.71 -42.54 13.20
CA TYR N 96 8.21 -43.11 11.96
C TYR N 96 9.15 -42.84 10.80
N PHE N 97 9.69 -41.62 10.72
CA PHE N 97 10.62 -41.29 9.65
C PHE N 97 11.90 -42.12 9.76
N GLU N 98 12.41 -42.30 10.97
CA GLU N 98 13.65 -43.05 11.14
C GLU N 98 13.47 -44.54 10.89
N SER N 99 12.36 -45.11 11.36
CA SER N 99 12.17 -46.55 11.35
C SER N 99 11.73 -47.11 10.01
N ASP N 100 11.38 -46.25 9.05
CA ASP N 100 10.92 -46.70 7.74
C ASP N 100 9.72 -47.63 7.85
N SER N 101 8.81 -47.29 8.76
CA SER N 101 7.61 -48.07 9.00
C SER N 101 6.37 -47.32 8.53
N PRO N 102 5.33 -48.02 8.11
CA PRO N 102 4.08 -47.33 7.72
C PRO N 102 3.51 -46.54 8.88
N VAL N 103 2.95 -45.37 8.56
CA VAL N 103 2.27 -44.55 9.56
C VAL N 103 0.79 -44.47 9.18
N CYS N 104 -0.08 -44.75 10.14
CA CYS N 104 -1.52 -44.69 9.93
C CYS N 104 -1.99 -43.27 10.16
N VAL N 105 -2.30 -42.56 9.09
CA VAL N 105 -2.74 -41.18 9.17
C VAL N 105 -4.24 -41.13 8.95
N LYS N 106 -4.86 -40.09 9.51
CA LYS N 106 -6.31 -39.97 9.49
C LYS N 106 -6.69 -38.50 9.55
N ILE N 107 -7.48 -38.06 8.59
CA ILE N 107 -7.97 -36.69 8.53
C ILE N 107 -9.32 -36.63 9.21
N ILE N 108 -9.41 -35.82 10.27
CA ILE N 108 -10.57 -35.73 11.15
C ILE N 108 -11.20 -34.35 11.01
N ASN N 109 -12.52 -34.29 11.11
CA ASN N 109 -13.23 -33.03 11.39
C ASN N 109 -13.39 -32.96 12.90
N GLN N 110 -12.44 -32.28 13.56
CA GLN N 110 -12.39 -32.28 15.02
C GLN N 110 -13.57 -31.56 15.66
N ALA N 111 -14.32 -30.76 14.91
CA ALA N 111 -15.46 -30.04 15.48
C ALA N 111 -16.76 -30.80 15.34
N SER N 112 -17.01 -31.41 14.18
CA SER N 112 -18.25 -32.12 13.93
C SER N 112 -18.22 -33.56 14.42
N LYS N 113 -17.10 -34.02 15.00
CA LYS N 113 -16.96 -35.37 15.51
C LYS N 113 -17.21 -36.41 14.42
N LYS N 114 -16.77 -36.11 13.20
CA LYS N 114 -16.91 -37.02 12.08
C LYS N 114 -15.56 -37.16 11.38
N GLY N 115 -15.16 -38.40 11.11
CA GLY N 115 -13.95 -38.64 10.36
C GLY N 115 -14.11 -38.32 8.89
N LEU N 116 -12.99 -37.96 8.25
CA LEU N 116 -12.99 -37.62 6.83
C LEU N 116 -12.21 -38.60 5.99
N PHE N 117 -10.95 -38.86 6.32
CA PHE N 117 -10.12 -39.76 5.52
C PHE N 117 -9.22 -40.58 6.42
N GLY N 118 -8.69 -41.66 5.87
CA GLY N 118 -7.75 -42.49 6.60
C GLY N 118 -6.94 -43.34 5.64
N GLY N 119 -5.71 -43.66 6.05
CA GLY N 119 -4.87 -44.49 5.21
C GLY N 119 -3.52 -44.72 5.85
N LEU N 120 -2.67 -45.43 5.10
CA LEU N 120 -1.29 -45.70 5.48
C LEU N 120 -0.36 -44.89 4.58
N ALA N 121 0.75 -44.42 5.14
CA ALA N 121 1.61 -43.53 4.37
C ALA N 121 3.07 -43.71 4.79
N ILE N 122 3.95 -43.20 3.93
CA ILE N 122 5.36 -43.01 4.23
C ILE N 122 5.62 -41.53 4.43
N VAL N 123 6.56 -41.22 5.33
CA VAL N 123 6.97 -39.83 5.56
C VAL N 123 8.06 -39.47 4.58
N ALA N 124 7.68 -38.89 3.44
CA ALA N 124 8.64 -38.61 2.39
C ALA N 124 9.47 -37.36 2.65
N ASP N 125 9.04 -36.50 3.57
CA ASP N 125 9.77 -35.28 3.84
C ASP N 125 9.45 -34.80 5.25
N TYR N 126 10.45 -34.20 5.90
CA TYR N 126 10.28 -33.66 7.25
C TYR N 126 11.34 -32.57 7.42
N SER N 127 10.92 -31.31 7.28
CA SER N 127 11.83 -30.19 7.27
C SER N 127 11.39 -29.14 8.27
N PHE N 128 12.35 -28.33 8.71
CA PHE N 128 12.11 -27.27 9.69
C PHE N 128 12.78 -25.99 9.24
N GLU N 129 12.17 -24.87 9.62
CA GLU N 129 12.73 -23.54 9.36
C GLU N 129 12.74 -22.76 10.66
N ALA N 130 13.81 -21.98 10.87
CA ALA N 130 13.99 -21.19 12.08
C ALA N 130 14.41 -19.77 11.72
N PRO N 131 13.48 -18.96 11.21
CA PRO N 131 13.79 -17.56 10.97
C PRO N 131 14.07 -16.84 12.28
N PHE N 132 15.00 -15.88 12.23
CA PHE N 132 15.43 -15.22 13.45
C PHE N 132 14.40 -14.25 14.02
N ASP N 133 13.33 -13.96 13.28
CA ASP N 133 12.33 -13.01 13.73
C ASP N 133 10.94 -13.62 13.84
N GLU N 134 10.81 -14.93 13.65
CA GLU N 134 9.52 -15.60 13.73
C GLU N 134 9.69 -16.86 14.59
N ALA N 135 8.64 -17.67 14.64
CA ALA N 135 8.67 -18.92 15.37
C ALA N 135 9.18 -20.04 14.47
N MET N 136 9.80 -21.04 15.08
CA MET N 136 10.32 -22.17 14.33
C MET N 136 9.17 -23.01 13.79
N THR N 137 9.21 -23.30 12.49
CA THR N 137 8.14 -24.00 11.81
C THR N 137 8.58 -25.39 11.37
N TYR N 138 7.62 -26.13 10.82
CA TYR N 138 7.85 -27.47 10.32
C TYR N 138 6.91 -27.74 9.16
N SER N 139 7.33 -28.62 8.27
CA SER N 139 6.53 -29.08 7.14
C SER N 139 6.80 -30.55 6.91
N VAL N 140 5.73 -31.32 6.70
CA VAL N 140 5.81 -32.76 6.51
C VAL N 140 4.99 -33.14 5.28
N LYS N 141 5.47 -34.17 4.58
CA LYS N 141 4.81 -34.69 3.40
C LYS N 141 4.68 -36.20 3.54
N LEU N 142 3.49 -36.73 3.25
CA LEU N 142 3.18 -38.14 3.39
C LEU N 142 2.66 -38.67 2.07
N ASP N 143 3.18 -39.82 1.64
CA ASP N 143 2.76 -40.45 0.40
C ASP N 143 2.06 -41.77 0.69
N GLY N 144 0.92 -42.01 0.04
CA GLY N 144 0.17 -43.21 0.31
C GLY N 144 0.76 -44.44 -0.38
N MET N 145 0.55 -45.59 0.26
CA MET N 145 0.92 -46.88 -0.31
C MET N 145 -0.27 -47.65 -0.84
N GLY N 146 -1.47 -47.10 -0.75
CA GLY N 146 -2.65 -47.84 -1.16
C GLY N 146 -3.92 -47.01 -1.13
N ALA N 147 -5.05 -47.68 -0.97
CA ALA N 147 -6.34 -47.00 -0.99
C ALA N 147 -6.43 -46.01 0.17
N LEU N 148 -6.86 -44.80 -0.14
CA LEU N 148 -7.18 -43.79 0.87
C LEU N 148 -8.68 -43.90 1.13
N VAL N 149 -9.02 -44.47 2.28
CA VAL N 149 -10.42 -44.76 2.58
C VAL N 149 -11.18 -43.44 2.74
N ASP N 150 -12.27 -43.31 2.00
CA ASP N 150 -13.12 -42.11 2.04
C ASP N 150 -14.23 -42.38 3.04
N LEU N 151 -14.00 -41.97 4.28
CA LEU N 151 -14.96 -42.24 5.35
C LEU N 151 -16.28 -41.49 5.17
N THR N 152 -16.31 -40.47 4.32
CA THR N 152 -17.55 -39.72 4.12
C THR N 152 -18.61 -40.57 3.45
N ILE N 153 -18.26 -41.22 2.33
CA ILE N 153 -19.22 -42.06 1.63
C ILE N 153 -19.47 -43.35 2.39
N THR N 154 -18.41 -43.98 2.89
CA THR N 154 -18.53 -45.23 3.63
C THR N 154 -18.93 -44.93 5.08
N GLU N 155 -18.84 -45.94 5.93
CA GLU N 155 -19.26 -45.83 7.32
C GLU N 155 -18.13 -46.23 8.25
N GLY N 156 -18.08 -45.59 9.41
CA GLY N 156 -17.09 -45.89 10.43
C GLY N 156 -15.98 -44.87 10.48
N GLY N 157 -14.89 -45.25 11.15
CA GLY N 157 -13.72 -44.41 11.29
C GLY N 157 -13.96 -43.14 12.08
N ASP N 158 -14.63 -43.26 13.23
CA ASP N 158 -14.92 -42.12 14.09
C ASP N 158 -14.13 -42.16 15.40
N GLN N 159 -13.04 -42.92 15.45
CA GLN N 159 -12.19 -42.98 16.62
C GLN N 159 -11.28 -41.75 16.65
N MET N 160 -11.38 -40.96 17.70
CA MET N 160 -10.70 -39.68 17.82
C MET N 160 -10.07 -39.55 19.20
N PRO N 161 -9.01 -38.74 19.33
CA PRO N 161 -8.32 -38.60 20.62
C PRO N 161 -9.20 -37.98 21.71
N MET O 1 -16.60 -43.71 -35.46
CA MET O 1 -16.41 -45.07 -34.95
C MET O 1 -15.71 -45.93 -36.00
N SER O 2 -15.03 -46.97 -35.54
CA SER O 2 -14.31 -47.89 -36.42
C SER O 2 -14.49 -49.30 -35.91
N ASP O 3 -14.36 -50.26 -36.83
CA ASP O 3 -14.46 -51.68 -36.48
C ASP O 3 -13.66 -52.49 -37.48
N LEU O 4 -13.36 -53.72 -37.09
CA LEU O 4 -12.62 -54.65 -37.94
C LEU O 4 -13.41 -55.94 -38.05
N PHE O 5 -13.71 -56.34 -39.29
CA PHE O 5 -14.47 -57.55 -39.55
C PHE O 5 -13.53 -58.66 -40.02
N LEU O 6 -13.66 -59.83 -39.41
CA LEU O 6 -12.81 -60.98 -39.72
C LEU O 6 -13.69 -62.12 -40.24
N GLU O 7 -13.39 -62.59 -41.45
CA GLU O 7 -14.05 -63.76 -42.02
C GLU O 7 -13.11 -64.95 -41.88
N LEU O 8 -13.56 -65.96 -41.13
CA LEU O 8 -12.77 -67.16 -40.90
C LEU O 8 -13.73 -68.34 -40.72
N ASN O 9 -13.28 -69.50 -41.19
CA ASN O 9 -14.05 -70.75 -41.18
C ASN O 9 -15.50 -70.54 -41.58
N GLY O 10 -15.74 -69.74 -42.61
CA GLY O 10 -17.07 -69.54 -43.14
C GLY O 10 -17.97 -68.65 -42.32
N LYS O 11 -17.44 -67.92 -41.34
CA LYS O 11 -18.24 -67.04 -40.51
C LYS O 11 -17.58 -65.68 -40.42
N VAL O 12 -18.41 -64.64 -40.33
CA VAL O 12 -17.97 -63.26 -40.25
C VAL O 12 -18.20 -62.76 -38.84
N HIS O 13 -17.14 -62.28 -38.20
CA HIS O 13 -17.20 -61.76 -36.84
C HIS O 13 -16.79 -60.29 -36.85
N SER O 14 -17.38 -59.53 -35.94
CA SER O 14 -16.98 -58.15 -35.70
C SER O 14 -16.11 -58.10 -34.45
N LEU O 15 -14.93 -57.50 -34.57
CA LEU O 15 -13.98 -57.50 -33.46
C LEU O 15 -14.56 -56.79 -32.24
N SER O 16 -15.23 -55.67 -32.45
CA SER O 16 -15.86 -54.95 -31.33
C SER O 16 -17.09 -55.66 -30.79
N GLU O 17 -17.63 -56.63 -31.52
CA GLU O 17 -18.81 -57.36 -31.09
C GLU O 17 -18.49 -58.70 -30.43
N THR O 18 -17.50 -59.42 -30.94
CA THR O 18 -17.11 -60.68 -30.31
C THR O 18 -16.56 -60.44 -28.90
N PHE O 19 -15.76 -59.40 -28.72
CA PHE O 19 -15.23 -59.01 -27.42
C PHE O 19 -15.80 -57.65 -27.04
N PRO O 20 -16.78 -57.59 -26.14
CA PRO O 20 -17.39 -56.30 -25.81
C PRO O 20 -16.42 -55.26 -25.29
N GLY O 21 -15.40 -55.67 -24.53
CA GLY O 21 -14.44 -54.70 -24.00
C GLY O 21 -13.50 -54.14 -25.04
N LEU O 22 -13.29 -54.85 -26.14
CA LEU O 22 -12.36 -54.40 -27.17
C LEU O 22 -13.01 -53.34 -28.05
N SER O 23 -12.25 -52.29 -28.35
CA SER O 23 -12.70 -51.21 -29.21
C SER O 23 -11.57 -50.81 -30.14
N VAL O 24 -11.81 -50.84 -31.44
CA VAL O 24 -10.77 -50.52 -32.41
C VAL O 24 -10.64 -49.01 -32.50
N GLN O 25 -9.42 -48.51 -32.26
CA GLN O 25 -9.17 -47.08 -32.32
C GLN O 25 -8.83 -46.60 -33.73
N GLU O 26 -7.85 -47.24 -34.36
CA GLU O 26 -7.39 -46.76 -35.67
C GLU O 26 -6.93 -47.94 -36.51
N VAL O 27 -7.15 -47.84 -37.82
CA VAL O 27 -6.76 -48.87 -38.77
C VAL O 27 -5.89 -48.23 -39.84
N SER O 28 -4.81 -48.93 -40.21
CA SER O 28 -3.90 -48.44 -41.23
C SER O 28 -3.24 -49.63 -41.91
N ARG O 29 -2.53 -49.34 -43.01
CA ARG O 29 -1.84 -50.38 -43.77
C ARG O 29 -0.46 -49.89 -44.16
N GLN O 30 0.47 -50.84 -44.28
CA GLN O 30 1.80 -50.53 -44.75
C GLN O 30 1.78 -50.29 -46.25
N SER O 31 2.83 -49.61 -46.73
CA SER O 31 2.99 -49.38 -48.15
C SER O 31 3.36 -50.68 -48.85
N PRO O 32 3.08 -50.79 -50.14
CA PRO O 32 3.53 -51.97 -50.90
C PRO O 32 5.04 -52.12 -50.80
N GLN O 33 5.49 -53.33 -50.47
CA GLN O 33 6.91 -53.60 -50.24
C GLN O 33 7.54 -54.01 -51.55
N LEU O 34 7.94 -53.01 -52.33
CA LEU O 34 8.60 -53.28 -53.61
C LEU O 34 10.00 -53.84 -53.37
N SER O 35 10.25 -55.03 -53.89
CA SER O 35 11.54 -55.70 -53.78
C SER O 35 12.15 -55.83 -55.17
N MET O 36 13.46 -55.66 -55.25
CA MET O 36 14.13 -55.55 -56.53
C MET O 36 15.56 -56.06 -56.38
N GLU O 37 16.02 -56.81 -57.38
CA GLU O 37 17.36 -57.37 -57.39
C GLU O 37 18.22 -56.57 -58.37
N THR O 38 19.37 -56.09 -57.89
CA THR O 38 20.25 -55.23 -58.65
C THR O 38 21.58 -55.94 -58.92
N ALA O 39 22.06 -55.82 -60.15
CA ALA O 39 23.35 -56.37 -60.55
C ALA O 39 24.29 -55.24 -60.94
N GLU O 40 25.53 -55.34 -60.50
CA GLU O 40 26.55 -54.34 -60.77
C GLU O 40 27.51 -54.85 -61.84
N ILE O 41 27.88 -53.97 -62.77
CA ILE O 41 28.85 -54.27 -63.81
C ILE O 41 30.07 -53.38 -63.57
N ALA O 42 31.23 -54.01 -63.48
CA ALA O 42 32.46 -53.25 -63.27
C ALA O 42 32.76 -52.37 -64.47
N GLY O 43 33.20 -51.14 -64.20
CA GLY O 43 33.50 -50.18 -65.24
C GLY O 43 32.35 -49.30 -65.65
N THR O 44 31.14 -49.58 -65.18
CA THR O 44 29.95 -48.80 -65.53
C THR O 44 29.27 -48.31 -64.26
N ASP O 45 28.55 -47.20 -64.40
CA ASP O 45 27.87 -46.58 -63.27
C ASP O 45 26.50 -47.23 -63.04
N GLY O 46 26.05 -47.15 -61.79
CA GLY O 46 24.72 -47.61 -61.46
C GLY O 46 24.60 -49.13 -61.44
N VAL O 47 23.35 -49.58 -61.43
CA VAL O 47 23.02 -51.00 -61.36
C VAL O 47 21.96 -51.30 -62.41
N ILE O 48 21.84 -52.59 -62.74
CA ILE O 48 20.79 -53.08 -63.62
C ILE O 48 19.77 -53.82 -62.75
N PRO O 49 18.51 -53.43 -62.74
CA PRO O 49 17.53 -54.09 -61.89
C PRO O 49 16.81 -55.24 -62.60
N GLY O 50 16.55 -56.30 -61.84
CA GLY O 50 15.79 -57.43 -62.34
C GLY O 50 14.29 -57.15 -62.24
N MET O 51 13.52 -58.21 -62.45
CA MET O 51 12.08 -58.09 -62.33
C MET O 51 11.70 -57.78 -60.89
N THR O 52 10.81 -56.80 -60.73
CA THR O 52 10.38 -56.37 -59.40
C THR O 52 9.29 -57.27 -58.88
N GLN O 53 9.24 -57.41 -57.55
CA GLN O 53 8.22 -58.19 -56.88
C GLN O 53 7.65 -57.38 -55.73
N PHE O 54 6.60 -57.90 -55.10
CA PHE O 54 5.95 -57.24 -53.98
C PHE O 54 5.91 -58.21 -52.80
N LYS O 55 6.70 -57.91 -51.78
CA LYS O 55 6.78 -58.75 -50.60
C LYS O 55 5.52 -58.60 -49.76
N PRO O 56 5.26 -59.56 -48.86
CA PRO O 56 4.10 -59.43 -47.97
C PRO O 56 4.19 -58.15 -47.13
N PHE O 57 3.05 -57.53 -46.89
CA PHE O 57 3.05 -56.29 -46.13
C PHE O 57 2.19 -56.44 -44.87
N ILE O 58 2.01 -55.35 -44.15
CA ILE O 58 1.44 -55.39 -42.80
C ILE O 58 0.21 -54.49 -42.74
N PHE O 59 -0.88 -55.04 -42.23
CA PHE O 59 -2.10 -54.29 -41.95
C PHE O 59 -2.23 -54.18 -40.43
N SER O 60 -2.25 -52.94 -39.93
CA SER O 60 -2.18 -52.69 -38.50
C SER O 60 -3.51 -52.11 -38.01
N ALA O 61 -3.87 -52.47 -36.78
CA ALA O 61 -5.07 -51.95 -36.13
C ALA O 61 -4.74 -51.71 -34.66
N LYS O 62 -4.68 -50.44 -34.27
CA LYS O 62 -4.43 -50.07 -32.89
C LYS O 62 -5.76 -49.98 -32.15
N CYS O 63 -5.84 -50.68 -31.01
CA CYS O 63 -7.07 -50.77 -30.24
C CYS O 63 -6.75 -50.83 -28.76
N ASN O 64 -7.80 -50.81 -27.95
CA ASN O 64 -7.67 -50.87 -26.50
C ASN O 64 -8.73 -51.80 -25.94
N LEU O 65 -8.42 -52.38 -24.78
CA LEU O 65 -9.33 -53.27 -24.07
C LEU O 65 -9.62 -52.67 -22.70
N GLN O 66 -10.90 -52.54 -22.38
CA GLN O 66 -11.37 -51.98 -21.12
C GLN O 66 -12.20 -53.05 -20.41
N ALA O 67 -11.54 -53.85 -19.59
CA ALA O 67 -12.21 -54.96 -18.92
C ALA O 67 -12.97 -54.47 -17.69
N LEU O 68 -13.87 -55.33 -17.20
CA LEU O 68 -14.62 -54.99 -16.00
C LEU O 68 -13.76 -55.10 -14.75
N ASP O 69 -12.95 -56.15 -14.66
CA ASP O 69 -12.06 -56.34 -13.51
C ASP O 69 -10.90 -57.22 -13.94
N ILE O 70 -10.02 -57.52 -12.98
CA ILE O 70 -8.81 -58.28 -13.30
C ILE O 70 -9.11 -59.66 -13.86
N PRO O 71 -9.98 -60.49 -13.25
CA PRO O 71 -10.30 -61.78 -13.89
C PRO O 71 -10.89 -61.61 -15.28
N ASP O 72 -11.73 -60.59 -15.47
CA ASP O 72 -12.25 -60.32 -16.81
C ASP O 72 -11.14 -59.93 -17.76
N TYR O 73 -10.15 -59.18 -17.27
CA TYR O 73 -9.02 -58.79 -18.12
C TYR O 73 -8.25 -60.02 -18.59
N HIS O 74 -7.92 -60.92 -17.66
CA HIS O 74 -7.18 -62.12 -18.04
C HIS O 74 -8.00 -63.00 -18.98
N LEU O 75 -9.30 -63.14 -18.69
CA LEU O 75 -10.16 -63.95 -19.54
C LEU O 75 -10.25 -63.38 -20.95
N ALA O 76 -10.38 -62.06 -21.06
CA ALA O 76 -10.44 -61.42 -22.36
C ALA O 76 -9.13 -61.57 -23.12
N VAL O 77 -8.00 -61.46 -22.41
CA VAL O 77 -6.70 -61.64 -23.05
C VAL O 77 -6.59 -63.05 -23.63
N ARG O 78 -6.97 -64.06 -22.83
CA ARG O 78 -6.91 -65.44 -23.32
C ARG O 78 -7.86 -65.64 -24.49
N GLU O 79 -9.07 -65.08 -24.41
CA GLU O 79 -10.03 -65.25 -25.49
C GLU O 79 -9.54 -64.62 -26.78
N ILE O 80 -8.95 -63.42 -26.70
CA ILE O 80 -8.42 -62.77 -27.88
C ILE O 80 -7.28 -63.59 -28.47
N TYR O 81 -6.38 -64.10 -27.60
CA TYR O 81 -5.27 -64.91 -28.10
C TYR O 81 -5.77 -66.17 -28.79
N GLU O 82 -6.78 -66.83 -28.22
CA GLU O 82 -7.33 -68.03 -28.84
C GLU O 82 -8.01 -67.72 -30.16
N PHE O 83 -8.76 -66.61 -30.21
CA PHE O 83 -9.53 -66.29 -31.41
C PHE O 83 -8.63 -65.88 -32.56
N LEU O 84 -7.67 -64.98 -32.30
CA LEU O 84 -6.89 -64.40 -33.39
C LEU O 84 -5.94 -65.41 -34.01
N PHE O 85 -5.31 -66.25 -33.19
CA PHE O 85 -4.22 -67.10 -33.66
C PHE O 85 -4.76 -68.46 -34.05
N GLN O 86 -5.19 -68.56 -35.31
CA GLN O 86 -5.57 -69.84 -35.91
C GLN O 86 -4.42 -70.38 -36.75
N ARG O 87 -4.56 -71.63 -37.17
CA ARG O 87 -3.52 -72.30 -37.95
C ARG O 87 -3.63 -72.03 -39.44
N ASP O 88 -4.64 -71.30 -39.89
CA ASP O 88 -4.82 -71.01 -41.29
C ASP O 88 -5.19 -69.54 -41.47
N SER O 89 -4.91 -69.03 -42.67
CA SER O 89 -5.14 -67.63 -42.98
C SER O 89 -6.64 -67.34 -43.01
N TYR O 90 -6.98 -66.05 -42.85
CA TYR O 90 -8.37 -65.64 -42.88
C TYR O 90 -8.45 -64.21 -43.39
N TYR O 91 -9.64 -63.80 -43.80
CA TYR O 91 -9.82 -62.50 -44.43
C TYR O 91 -10.21 -61.45 -43.40
N ILE O 92 -9.82 -60.21 -43.64
CA ILE O 92 -10.16 -59.09 -42.78
C ILE O 92 -10.50 -57.88 -43.62
N TRP O 93 -11.34 -57.01 -43.08
CA TRP O 93 -11.63 -55.72 -43.70
C TRP O 93 -12.11 -54.76 -42.62
N SER O 94 -12.38 -53.52 -43.03
CA SER O 94 -12.78 -52.47 -42.12
C SER O 94 -13.95 -51.70 -42.68
N ASP O 95 -14.69 -51.02 -41.79
CA ASP O 95 -15.85 -50.25 -42.20
C ASP O 95 -15.46 -49.05 -43.05
N GLN O 96 -14.24 -48.53 -42.88
CA GLN O 96 -13.81 -47.37 -43.66
C GLN O 96 -13.71 -47.71 -45.14
N MET O 97 -13.21 -48.89 -45.46
CA MET O 97 -13.15 -49.39 -46.84
C MET O 97 -13.78 -50.77 -46.89
N PRO O 98 -15.10 -50.85 -46.79
CA PRO O 98 -15.75 -52.16 -46.71
C PRO O 98 -15.62 -52.99 -47.97
N GLY O 99 -15.31 -52.40 -49.12
CA GLY O 99 -15.28 -53.12 -50.36
C GLY O 99 -14.00 -53.87 -50.67
N ILE O 100 -13.01 -53.82 -49.78
CA ILE O 100 -11.71 -54.43 -50.03
C ILE O 100 -11.28 -55.20 -48.79
N ARG O 101 -10.83 -56.44 -48.99
CA ARG O 101 -10.43 -57.33 -47.91
C ARG O 101 -9.02 -57.85 -48.15
N TYR O 102 -8.35 -58.23 -47.07
CA TYR O 102 -7.00 -58.78 -47.13
C TYR O 102 -7.01 -60.18 -46.53
N GLU O 103 -6.39 -61.13 -47.24
CA GLU O 103 -6.20 -62.47 -46.72
C GLU O 103 -4.89 -62.48 -45.93
N VAL O 104 -4.97 -62.66 -44.61
CA VAL O 104 -3.85 -62.39 -43.72
C VAL O 104 -3.62 -63.56 -42.79
N HIS O 105 -2.44 -63.54 -42.17
CA HIS O 105 -2.01 -64.36 -41.04
C HIS O 105 -1.69 -63.46 -39.85
N PRO O 106 -2.08 -63.83 -38.64
CA PRO O 106 -1.82 -62.97 -37.48
C PRO O 106 -0.33 -62.88 -37.16
N LYS O 107 0.04 -61.75 -36.56
CA LYS O 107 1.39 -61.48 -36.09
C LYS O 107 1.42 -61.41 -34.57
N PRO O 108 2.58 -61.66 -33.96
CA PRO O 108 2.67 -61.51 -32.50
C PRO O 108 2.35 -60.09 -32.07
N VAL O 109 1.57 -59.98 -30.99
CA VAL O 109 1.15 -58.69 -30.44
C VAL O 109 1.32 -58.75 -28.93
N ASP O 110 1.76 -57.64 -28.34
CA ASP O 110 2.01 -57.57 -26.91
C ASP O 110 1.02 -56.60 -26.27
N PHE O 111 0.32 -57.08 -25.25
CA PHE O 111 -0.61 -56.23 -24.52
C PHE O 111 0.16 -55.29 -23.60
N SER O 112 -0.11 -53.99 -23.72
CA SER O 112 0.50 -52.98 -22.87
C SER O 112 -0.48 -52.69 -21.74
N ARG O 113 -0.27 -53.36 -20.60
CA ARG O 113 -1.17 -53.23 -19.46
C ARG O 113 -0.92 -51.89 -18.77
N GLU O 114 -1.74 -50.89 -19.07
CA GLU O 114 -1.63 -49.59 -18.45
C GLU O 114 -2.27 -49.55 -17.06
N SER O 115 -3.42 -50.19 -16.91
CA SER O 115 -4.07 -50.26 -15.60
C SER O 115 -4.51 -51.69 -15.30
N ASP O 116 -5.20 -51.88 -14.19
CA ASP O 116 -5.65 -53.22 -13.83
C ASP O 116 -6.77 -53.71 -14.74
N ARG O 117 -7.43 -52.81 -15.46
CA ARG O 117 -8.51 -53.20 -16.36
C ARG O 117 -8.36 -52.63 -17.76
N VAL O 118 -7.33 -51.84 -18.04
CA VAL O 118 -7.15 -51.19 -19.33
C VAL O 118 -5.84 -51.66 -19.94
N GLY O 119 -5.90 -52.12 -21.18
CA GLY O 119 -4.70 -52.53 -21.90
C GLY O 119 -4.71 -52.14 -23.36
N LEU O 120 -3.70 -51.39 -23.80
CA LEU O 120 -3.60 -51.00 -25.20
C LEU O 120 -2.85 -52.07 -25.98
N LEU O 121 -3.19 -52.20 -27.26
CA LEU O 121 -2.54 -53.18 -28.10
C LEU O 121 -2.63 -52.73 -29.55
N THR O 122 -1.79 -53.33 -30.39
CA THR O 122 -1.76 -53.04 -31.82
C THR O 122 -1.69 -54.38 -32.55
N ILE O 123 -2.81 -54.82 -33.09
CA ILE O 123 -2.87 -56.09 -33.81
C ILE O 123 -2.35 -55.89 -35.22
N GLU O 124 -1.31 -56.63 -35.59
CA GLU O 124 -0.72 -56.58 -36.92
C GLU O 124 -1.00 -57.87 -37.65
N PHE O 125 -1.28 -57.76 -38.95
CA PHE O 125 -1.57 -58.92 -39.79
C PHE O 125 -0.66 -58.89 -41.01
N ASP O 126 -0.05 -60.04 -41.30
CA ASP O 126 0.76 -60.20 -42.51
C ASP O 126 -0.18 -60.52 -43.66
N VAL O 127 -0.27 -59.61 -44.62
CA VAL O 127 -0.84 -59.90 -45.93
C VAL O 127 0.28 -60.53 -46.74
N PHE O 128 0.24 -61.86 -46.87
CA PHE O 128 1.32 -62.64 -47.44
C PHE O 128 1.22 -62.81 -48.95
N LYS O 129 0.10 -62.45 -49.56
CA LYS O 129 -0.01 -62.52 -51.00
C LYS O 129 0.52 -61.27 -51.69
N GLY O 130 0.84 -60.22 -50.93
CA GLY O 130 1.40 -59.01 -51.49
C GLY O 130 0.38 -58.06 -52.10
N TYR O 131 -0.91 -58.36 -51.99
CA TYR O 131 -1.94 -57.51 -52.57
C TYR O 131 -3.23 -57.67 -51.80
N ALA O 132 -4.10 -56.69 -51.93
CA ALA O 132 -5.46 -56.78 -51.44
C ALA O 132 -6.35 -57.31 -52.56
N GLU O 133 -7.63 -57.54 -52.25
CA GLU O 133 -8.55 -58.07 -53.24
C GLU O 133 -9.96 -57.66 -52.89
N SER O 134 -10.85 -57.76 -53.87
CA SER O 134 -12.25 -57.47 -53.65
C SER O 134 -12.87 -58.53 -52.74
N ARG O 135 -14.04 -58.19 -52.19
CA ARG O 135 -14.72 -59.09 -51.26
C ARG O 135 -15.26 -60.34 -51.94
N GLY O 136 -15.26 -60.40 -53.27
CA GLY O 136 -15.71 -61.58 -53.97
C GLY O 136 -15.15 -61.57 -55.38
N THR O 137 -15.48 -62.62 -56.13
CA THR O 137 -15.04 -62.74 -57.51
C THR O 137 -15.90 -61.85 -58.41
N SER O 138 -15.57 -61.86 -59.70
CA SER O 138 -16.29 -61.02 -60.65
C SER O 138 -17.76 -61.42 -60.76
N LEU O 139 -18.03 -62.73 -60.78
CA LEU O 139 -19.40 -63.22 -60.90
C LEU O 139 -20.18 -63.10 -59.59
N ASP O 140 -19.52 -62.80 -58.48
CA ASP O 140 -20.19 -62.73 -57.19
C ASP O 140 -21.01 -61.45 -57.09
N PRO O 141 -22.31 -61.52 -56.83
CA PRO O 141 -23.07 -60.29 -56.56
C PRO O 141 -22.60 -59.54 -55.33
N MET O 142 -21.87 -60.21 -54.43
CA MET O 142 -21.31 -59.53 -53.26
C MET O 142 -20.35 -58.43 -53.68
N THR O 143 -19.56 -58.67 -54.72
CA THR O 143 -18.50 -57.74 -55.10
C THR O 143 -19.06 -56.37 -55.48
N PHE O 144 -20.12 -56.35 -56.30
CA PHE O 144 -20.65 -55.12 -56.85
C PHE O 144 -21.87 -54.61 -56.09
N GLU O 145 -21.93 -54.84 -54.77
CA GLU O 145 -23.09 -54.43 -54.00
C GLU O 145 -22.76 -53.72 -52.69
N VAL O 146 -21.50 -53.66 -52.26
CA VAL O 146 -21.19 -52.91 -51.05
C VAL O 146 -20.62 -51.53 -51.39
N ASP O 147 -19.44 -51.48 -51.99
CA ASP O 147 -18.82 -50.23 -52.46
C ASP O 147 -17.50 -50.52 -53.17
N LEU O 148 -17.18 -49.73 -54.19
CA LEU O 148 -15.87 -49.85 -54.83
C LEU O 148 -15.61 -48.57 -55.61
N TRP O 149 -14.67 -47.76 -55.13
CA TRP O 149 -14.34 -46.49 -55.75
C TRP O 149 -13.03 -46.61 -56.51
N GLN O 150 -13.04 -46.20 -57.78
CA GLN O 150 -11.85 -46.26 -58.62
C GLN O 150 -11.78 -44.96 -59.43
N MET O 151 -10.73 -44.18 -59.20
CA MET O 151 -10.45 -42.84 -59.72
C MET O 151 -11.72 -41.98 -59.82
N GLY O 152 -12.60 -42.07 -58.83
CA GLY O 152 -13.66 -41.09 -58.69
C GLY O 152 -15.09 -41.58 -58.63
N MET O 153 -15.44 -42.58 -59.42
CA MET O 153 -16.82 -43.06 -59.50
C MET O 153 -16.92 -44.45 -58.89
N ASN O 154 -18.05 -44.71 -58.23
CA ASN O 154 -18.27 -45.98 -57.56
C ASN O 154 -18.59 -47.05 -58.60
N LEU O 155 -17.83 -48.14 -58.57
CA LEU O 155 -18.07 -49.23 -59.51
C LEU O 155 -19.29 -50.05 -59.15
N SER O 156 -19.83 -49.91 -57.94
CA SER O 156 -21.03 -50.65 -57.56
C SER O 156 -22.29 -50.12 -58.24
N ASN O 157 -22.21 -48.97 -58.91
CA ASN O 157 -23.35 -48.40 -59.61
C ASN O 157 -23.24 -48.48 -61.11
N ARG O 158 -22.05 -48.78 -61.66
CA ARG O 158 -21.89 -48.91 -63.10
C ARG O 158 -22.66 -50.13 -63.59
N ASP O 159 -23.39 -49.96 -64.68
CA ASP O 159 -24.23 -51.02 -65.23
C ASP O 159 -23.67 -51.64 -66.50
N ASP O 160 -22.52 -51.17 -66.98
CA ASP O 160 -21.92 -51.69 -68.20
C ASP O 160 -20.91 -52.81 -67.94
N LEU O 161 -20.76 -53.24 -66.69
CA LEU O 161 -19.80 -54.27 -66.34
C LEU O 161 -20.50 -55.64 -66.38
N PHE O 162 -20.23 -56.41 -67.42
CA PHE O 162 -20.74 -57.77 -67.56
C PHE O 162 -19.57 -58.74 -67.63
N TYR O 163 -19.82 -59.97 -67.15
CA TYR O 163 -18.79 -61.01 -67.19
C TYR O 163 -19.31 -62.32 -67.75
N VAL O 164 -20.54 -62.34 -68.26
CA VAL O 164 -21.07 -63.48 -69.01
C VAL O 164 -21.46 -62.97 -70.39
N PHE O 165 -20.95 -63.63 -71.43
CA PHE O 165 -21.11 -63.16 -72.79
C PHE O 165 -21.66 -64.27 -73.68
N ARG O 166 -22.43 -63.87 -74.68
CA ARG O 166 -23.01 -64.80 -75.65
C ARG O 166 -22.53 -64.57 -77.07
N GLU O 167 -21.87 -63.45 -77.36
CA GLU O 167 -21.39 -63.16 -78.70
C GLU O 167 -19.99 -63.73 -78.88
N ASN O 168 -19.34 -63.42 -80.01
CA ASN O 168 -18.00 -63.90 -80.30
C ASN O 168 -16.92 -62.88 -79.98
N THR O 169 -17.23 -61.58 -80.08
CA THR O 169 -16.30 -60.52 -79.72
C THR O 169 -16.94 -59.66 -78.64
N PHE O 170 -16.14 -59.32 -77.63
CA PHE O 170 -16.67 -58.55 -76.50
C PHE O 170 -15.51 -57.88 -75.77
N ARG O 171 -15.84 -57.22 -74.66
CA ARG O 171 -14.86 -56.53 -73.82
C ARG O 171 -15.07 -56.95 -72.37
N VAL O 172 -13.97 -57.19 -71.67
CA VAL O 172 -13.98 -57.58 -70.27
C VAL O 172 -13.22 -56.51 -69.48
N TYR O 173 -13.82 -56.04 -68.39
CA TYR O 173 -13.23 -55.00 -67.57
C TYR O 173 -12.58 -55.61 -66.33
N ASN O 174 -11.27 -55.48 -66.23
CA ASN O 174 -10.52 -55.82 -65.02
C ASN O 174 -10.29 -54.53 -64.25
N ALA O 175 -10.97 -54.39 -63.12
CA ALA O 175 -10.94 -53.18 -62.31
C ALA O 175 -9.82 -53.16 -61.29
N GLY O 176 -8.96 -54.19 -61.27
CA GLY O 176 -7.89 -54.26 -60.30
C GLY O 176 -6.80 -53.23 -60.59
N SER O 177 -5.84 -53.19 -59.67
CA SER O 177 -4.72 -52.26 -59.78
C SER O 177 -3.59 -52.77 -60.65
N ASP O 178 -3.64 -54.04 -61.08
CA ASP O 178 -2.61 -54.59 -61.95
C ASP O 178 -3.21 -55.79 -62.68
N ARG O 179 -2.45 -56.29 -63.66
CA ARG O 179 -2.94 -57.37 -64.50
C ARG O 179 -3.13 -58.64 -63.70
N VAL O 180 -4.05 -59.48 -64.17
CA VAL O 180 -4.35 -60.77 -63.55
C VAL O 180 -3.66 -61.85 -64.37
N ASN O 181 -2.73 -62.56 -63.74
CA ASN O 181 -1.93 -63.58 -64.42
C ASN O 181 -2.00 -64.88 -63.65
N PRO O 182 -2.56 -65.95 -64.22
CA PRO O 182 -2.57 -67.24 -63.53
C PRO O 182 -1.17 -67.75 -63.22
N LEU O 183 -0.17 -67.38 -64.04
CA LEU O 183 1.19 -67.81 -63.77
C LEU O 183 1.71 -67.27 -62.46
N MET O 184 1.18 -66.13 -62.00
CA MET O 184 1.54 -65.54 -60.73
C MET O 184 0.69 -66.07 -59.59
N ARG O 185 0.12 -67.27 -59.74
CA ARG O 185 -0.73 -67.90 -58.73
C ARG O 185 -1.97 -67.07 -58.43
N HIS O 186 -2.44 -66.30 -59.40
CA HIS O 186 -3.70 -65.58 -59.26
C HIS O 186 -4.86 -66.51 -59.53
N GLU O 187 -6.06 -66.07 -59.18
CA GLU O 187 -7.28 -66.83 -59.38
C GLU O 187 -8.00 -66.29 -60.61
N LEU O 188 -8.24 -67.17 -61.58
CA LEU O 188 -8.90 -66.77 -62.82
C LEU O 188 -9.52 -68.00 -63.46
N ASP O 189 -10.84 -68.03 -63.56
CA ASP O 189 -11.57 -69.14 -64.16
C ASP O 189 -12.33 -68.63 -65.38
N ILE O 190 -12.23 -69.37 -66.48
CA ILE O 190 -12.94 -69.05 -67.71
C ILE O 190 -13.74 -70.28 -68.13
N ALA O 191 -15.06 -70.16 -68.19
CA ALA O 191 -15.93 -71.27 -68.52
C ALA O 191 -16.61 -71.00 -69.87
N MET O 192 -16.50 -71.95 -70.79
CA MET O 192 -17.07 -71.81 -72.12
C MET O 192 -17.92 -73.02 -72.46
N THR O 193 -18.99 -72.76 -73.21
CA THR O 193 -19.84 -73.81 -73.77
C THR O 193 -20.23 -73.37 -75.17
N ALA O 194 -19.82 -74.14 -76.17
CA ALA O 194 -20.07 -73.79 -77.56
C ALA O 194 -20.00 -75.07 -78.40
N ASN O 195 -20.03 -74.91 -79.72
CA ASN O 195 -19.96 -76.02 -80.66
C ASN O 195 -18.86 -75.73 -81.68
N GLY O 196 -17.92 -76.67 -81.81
CA GLY O 196 -16.85 -76.52 -82.78
C GLY O 196 -15.46 -76.56 -82.17
N THR O 197 -14.49 -75.94 -82.83
CA THR O 197 -13.13 -75.88 -82.34
C THR O 197 -12.88 -74.51 -81.74
N PRO O 198 -12.76 -74.39 -80.42
CA PRO O 198 -12.65 -73.05 -79.81
C PRO O 198 -11.28 -72.43 -80.03
N THR O 199 -11.27 -71.11 -80.09
CA THR O 199 -10.02 -70.34 -80.11
C THR O 199 -10.29 -68.96 -79.52
N ILE O 200 -9.60 -68.65 -78.43
CA ILE O 200 -9.78 -67.40 -77.70
C ILE O 200 -8.57 -66.52 -77.98
N HIS O 201 -8.83 -65.29 -78.40
CA HIS O 201 -7.78 -64.30 -78.63
C HIS O 201 -8.02 -63.09 -77.73
N ASN O 202 -7.04 -62.78 -76.90
CA ASN O 202 -7.04 -61.55 -76.11
C ASN O 202 -6.19 -60.54 -76.88
N LEU O 203 -6.88 -59.69 -77.65
CA LEU O 203 -6.18 -58.75 -78.52
C LEU O 203 -5.45 -57.67 -77.72
N THR O 204 -6.02 -57.26 -76.58
CA THR O 204 -5.38 -56.24 -75.76
C THR O 204 -4.01 -56.70 -75.28
N THR O 205 -3.93 -57.91 -74.74
CA THR O 205 -2.67 -58.48 -74.31
C THR O 205 -2.00 -59.33 -75.38
N GLY O 206 -2.67 -59.55 -76.51
CA GLY O 206 -2.09 -60.34 -77.58
C GLY O 206 -1.82 -61.79 -77.21
N GLU O 207 -2.73 -62.41 -76.45
CA GLU O 207 -2.58 -63.80 -76.06
C GLU O 207 -3.60 -64.65 -76.79
N SER O 208 -3.38 -65.97 -76.77
CA SER O 208 -4.24 -66.87 -77.50
C SER O 208 -4.27 -68.23 -76.81
N PHE O 209 -5.43 -68.86 -76.81
CA PHE O 209 -5.59 -70.24 -76.36
C PHE O 209 -6.46 -70.99 -77.34
N GLU O 210 -6.00 -72.17 -77.76
CA GLU O 210 -6.72 -72.96 -78.74
C GLU O 210 -6.84 -74.41 -78.27
N TYR O 211 -8.04 -74.97 -78.42
CA TYR O 211 -8.29 -76.38 -78.19
C TYR O 211 -8.47 -77.06 -79.54
N ARG O 212 -7.70 -78.12 -79.78
CA ARG O 212 -7.60 -78.72 -81.10
C ARG O 212 -8.52 -79.92 -81.28
N LYS O 213 -9.70 -79.89 -80.65
CA LYS O 213 -10.69 -80.94 -80.81
C LYS O 213 -12.08 -80.32 -80.90
N GLU O 214 -12.99 -81.06 -81.51
CA GLU O 214 -14.37 -80.60 -81.64
C GLU O 214 -15.05 -80.58 -80.28
N LEU O 215 -15.94 -79.60 -80.11
CA LEU O 215 -16.65 -79.42 -78.86
C LEU O 215 -18.14 -79.38 -79.14
N GLN O 216 -18.93 -79.77 -78.14
CA GLN O 216 -20.38 -79.81 -78.24
C GLN O 216 -20.95 -79.01 -77.07
N LYS O 217 -22.20 -78.58 -77.22
CA LYS O 217 -22.78 -77.61 -76.30
C LYS O 217 -22.79 -78.11 -74.85
N THR O 218 -23.09 -79.39 -74.66
CA THR O 218 -23.13 -79.94 -73.30
C THR O 218 -21.75 -80.14 -72.70
N ASP O 219 -20.69 -79.97 -73.47
CA ASP O 219 -19.32 -80.08 -72.97
C ASP O 219 -18.84 -78.70 -72.54
N VAL O 220 -18.39 -78.59 -71.29
CA VAL O 220 -17.94 -77.33 -70.72
C VAL O 220 -16.42 -77.33 -70.67
N LEU O 221 -15.81 -76.28 -71.23
CA LEU O 221 -14.37 -76.10 -71.20
C LEU O 221 -14.03 -75.06 -70.15
N LEU O 222 -13.30 -75.47 -69.11
CA LEU O 222 -12.98 -74.61 -67.99
C LEU O 222 -11.48 -74.45 -67.89
N LEU O 223 -11.01 -73.22 -68.05
CA LEU O 223 -9.61 -72.87 -67.85
C LEU O 223 -9.48 -72.29 -66.45
N ASN O 224 -8.87 -73.03 -65.53
CA ASN O 224 -8.63 -72.57 -64.17
C ASN O 224 -7.14 -72.59 -63.89
N ASN O 225 -6.62 -71.47 -63.41
CA ASN O 225 -5.18 -71.28 -63.22
C ASN O 225 -4.43 -71.62 -64.50
N ILE O 226 -3.54 -72.58 -64.44
CA ILE O 226 -2.74 -72.97 -65.60
C ILE O 226 -3.24 -74.29 -66.21
N TYR O 227 -4.46 -74.70 -65.87
CA TYR O 227 -4.96 -75.99 -66.31
C TYR O 227 -6.26 -75.85 -67.09
N PRO O 228 -6.33 -76.37 -68.31
CA PRO O 228 -7.61 -76.50 -69.01
C PRO O 228 -8.23 -77.86 -68.77
N LEU O 229 -9.56 -77.86 -68.61
CA LEU O 229 -10.31 -79.08 -68.35
C LEU O 229 -11.54 -79.12 -69.25
N VAL O 230 -11.90 -80.33 -69.66
CA VAL O 230 -13.13 -80.59 -70.39
C VAL O 230 -13.92 -81.60 -69.58
N ASN O 231 -15.07 -81.18 -69.06
CA ASN O 231 -15.89 -82.01 -68.18
C ASN O 231 -15.07 -82.50 -66.98
N ASN O 232 -14.33 -81.57 -66.38
CA ASN O 232 -13.51 -81.85 -65.19
C ASN O 232 -12.47 -82.92 -65.48
N ARG O 233 -11.83 -82.84 -66.63
CA ARG O 233 -10.76 -83.76 -67.00
C ARG O 233 -9.64 -82.97 -67.67
N ARG O 234 -8.41 -83.18 -67.21
CA ARG O 234 -7.27 -82.46 -67.77
C ARG O 234 -7.04 -82.89 -69.22
N VAL O 235 -7.05 -81.93 -70.13
CA VAL O 235 -6.92 -82.20 -71.56
C VAL O 235 -5.80 -81.36 -72.14
N GLY O 236 -4.80 -81.05 -71.32
CA GLY O 236 -3.71 -80.17 -71.74
C GLY O 236 -2.93 -80.68 -72.94
N LYS O 237 -2.92 -81.98 -73.18
CA LYS O 237 -2.16 -82.53 -74.31
C LYS O 237 -2.77 -82.15 -75.65
N ASP O 238 -4.05 -81.78 -75.69
CA ASP O 238 -4.73 -81.45 -76.94
C ASP O 238 -4.88 -79.95 -77.15
N THR O 239 -4.17 -79.13 -76.38
CA THR O 239 -4.21 -77.69 -76.50
C THR O 239 -2.82 -77.16 -76.86
N ASN O 240 -2.72 -75.84 -76.98
CA ASN O 240 -1.45 -75.17 -77.20
C ASN O 240 -0.80 -74.70 -75.92
N HIS O 241 -1.35 -75.09 -74.76
CA HIS O 241 -0.84 -74.68 -73.45
C HIS O 241 -0.82 -73.17 -73.32
N GLY O 242 -1.84 -72.52 -73.89
CA GLY O 242 -1.92 -71.07 -73.80
C GLY O 242 -2.43 -70.62 -72.45
N ILE O 243 -1.98 -69.43 -72.04
CA ILE O 243 -2.39 -68.80 -70.79
C ILE O 243 -3.00 -67.45 -71.12
N ILE O 244 -4.19 -67.21 -70.61
CA ILE O 244 -4.94 -65.98 -70.88
C ILE O 244 -4.86 -65.10 -69.65
N THR O 245 -4.36 -63.88 -69.82
CA THR O 245 -4.22 -62.91 -68.75
C THR O 245 -5.05 -61.67 -69.07
N LEU O 246 -5.57 -61.04 -68.02
CA LEU O 246 -6.39 -59.86 -68.15
C LEU O 246 -5.56 -58.65 -67.71
N GLU O 247 -5.43 -57.67 -68.61
CA GLU O 247 -4.70 -56.46 -68.29
C GLU O 247 -5.61 -55.47 -67.55
N LYS O 248 -5.01 -54.39 -67.07
CA LYS O 248 -5.77 -53.34 -66.41
C LYS O 248 -6.77 -52.70 -67.37
N GLY O 249 -7.98 -52.48 -66.89
CA GLY O 249 -8.98 -51.81 -67.70
C GLY O 249 -9.70 -52.74 -68.65
N TRP O 250 -9.90 -52.30 -69.89
CA TRP O 250 -10.68 -53.05 -70.87
C TRP O 250 -9.78 -53.97 -71.68
N ASN O 251 -10.18 -55.23 -71.79
CA ASN O 251 -9.52 -56.21 -72.64
C ASN O 251 -10.49 -56.67 -73.70
N ASP O 252 -10.08 -56.60 -74.96
CA ASP O 252 -10.93 -56.98 -76.08
C ASP O 252 -10.70 -58.44 -76.41
N PHE O 253 -11.76 -59.24 -76.35
CA PHE O 253 -11.69 -60.67 -76.57
C PHE O 253 -12.43 -61.05 -77.84
N GLU O 254 -11.83 -61.95 -78.62
CA GLU O 254 -12.42 -62.46 -79.84
C GLU O 254 -12.44 -63.98 -79.78
N ILE O 255 -13.62 -64.56 -79.98
CA ILE O 255 -13.80 -66.01 -79.98
C ILE O 255 -14.03 -66.45 -81.41
N LYS O 256 -13.22 -67.39 -81.89
CA LYS O 256 -13.31 -67.87 -83.25
C LYS O 256 -13.28 -69.39 -83.29
N GLY O 257 -13.89 -69.95 -84.33
CA GLY O 257 -13.95 -71.38 -84.52
C GLY O 257 -15.15 -72.07 -83.92
N VAL O 258 -16.03 -71.35 -83.23
CA VAL O 258 -17.20 -71.94 -82.59
C VAL O 258 -18.41 -71.05 -82.82
N THR O 259 -19.59 -71.62 -82.57
CA THR O 259 -20.85 -70.90 -82.65
C THR O 259 -21.69 -71.24 -81.42
N ASP O 260 -22.66 -70.37 -81.15
CA ASP O 260 -23.51 -70.49 -79.95
C ASP O 260 -22.66 -70.52 -78.69
N VAL O 261 -21.74 -69.57 -78.60
CA VAL O 261 -20.74 -69.55 -77.54
C VAL O 261 -21.30 -68.84 -76.32
N THR O 262 -21.18 -69.47 -75.16
CA THR O 262 -21.48 -68.84 -73.87
C THR O 262 -20.23 -68.91 -73.02
N ILE O 263 -19.69 -67.76 -72.65
CA ILE O 263 -18.41 -67.66 -71.95
C ILE O 263 -18.59 -66.78 -70.71
N ALA O 264 -18.02 -67.23 -69.60
CA ALA O 264 -18.10 -66.52 -68.33
C ALA O 264 -16.73 -66.44 -67.69
N PHE O 265 -16.44 -65.28 -67.10
CA PHE O 265 -15.19 -65.01 -66.41
C PHE O 265 -15.46 -64.87 -64.92
N ASN O 266 -14.69 -65.62 -64.12
CA ASN O 266 -14.84 -65.60 -62.66
C ASN O 266 -13.45 -65.39 -62.06
N PHE O 267 -13.21 -64.18 -61.54
CA PHE O 267 -11.91 -63.85 -60.99
C PHE O 267 -12.07 -62.68 -60.03
N PRO O 268 -11.28 -62.62 -58.96
CA PRO O 268 -11.30 -61.45 -58.08
C PRO O 268 -10.32 -60.38 -58.56
N PHE O 269 -10.64 -59.13 -58.21
CA PHE O 269 -9.78 -58.01 -58.55
C PHE O 269 -8.59 -57.95 -57.61
N ILE O 270 -7.48 -57.42 -58.12
CA ILE O 270 -6.23 -57.36 -57.38
C ILE O 270 -5.88 -55.89 -57.17
N TYR O 271 -5.67 -55.51 -55.91
CA TYR O 271 -5.36 -54.14 -55.54
C TYR O 271 -4.00 -54.09 -54.85
N ARG O 272 -3.21 -53.09 -55.21
CA ARG O 272 -1.88 -52.92 -54.63
C ARG O 272 -1.95 -52.16 -53.31
N ALA P 2 -37.14 14.08 49.56
CA ALA P 2 -37.14 12.63 49.36
C ALA P 2 -38.51 12.04 49.66
N PHE P 3 -39.49 12.91 49.88
CA PHE P 3 -40.85 12.50 50.20
C PHE P 3 -41.81 13.50 49.59
N GLU P 4 -43.03 13.58 50.15
CA GLU P 4 -44.26 13.93 49.43
C GLU P 4 -44.65 12.78 48.50
N GLU P 5 -44.40 11.56 48.98
CA GLU P 5 -44.67 10.32 48.24
C GLU P 5 -43.91 10.26 46.92
N ASN P 6 -42.72 10.89 46.89
CA ASN P 6 -41.88 10.93 45.70
C ASN P 6 -42.67 11.45 44.50
N LEU P 7 -43.48 12.48 44.74
CA LEU P 7 -44.30 13.04 43.67
C LEU P 7 -43.45 13.63 42.56
N TYR P 8 -42.37 14.33 42.93
CA TYR P 8 -41.48 14.93 41.96
C TYR P 8 -40.02 14.52 42.12
N CYS P 9 -39.65 13.84 43.21
CA CYS P 9 -38.28 13.43 43.46
C CYS P 9 -38.22 11.91 43.48
N ASP P 10 -37.98 11.33 42.30
CA ASP P 10 -37.79 9.89 42.20
C ASP P 10 -36.47 9.51 42.84
N TYR P 11 -36.51 8.50 43.73
CA TYR P 11 -35.33 8.11 44.49
C TYR P 11 -35.08 6.61 44.51
N THR P 12 -35.96 5.81 43.94
CA THR P 12 -35.78 4.36 43.98
C THR P 12 -34.61 3.95 43.09
N PRO P 13 -33.59 3.29 43.63
CA PRO P 13 -32.46 2.84 42.82
C PRO P 13 -32.80 1.55 42.09
N GLY P 14 -32.97 1.64 40.78
CA GLY P 14 -33.22 0.47 39.96
C GLY P 14 -31.99 0.05 39.18
N ALA P 15 -31.29 1.03 38.63
CA ALA P 15 -30.06 0.78 37.89
C ALA P 15 -29.21 2.03 37.94
N ALA P 16 -27.90 1.83 37.75
CA ALA P 16 -26.98 2.96 37.74
C ALA P 16 -27.22 3.87 36.53
N LYS P 17 -27.57 3.26 35.39
CA LYS P 17 -27.93 3.91 34.12
C LYS P 17 -26.81 4.80 33.59
N ALA P 18 -25.69 4.84 34.31
CA ALA P 18 -24.49 5.56 33.92
C ALA P 18 -23.39 5.20 34.89
N VAL P 19 -22.17 5.03 34.39
CA VAL P 19 -21.00 4.73 35.21
C VAL P 19 -19.93 5.76 34.90
N ALA P 20 -19.52 6.50 35.94
CA ALA P 20 -18.45 7.47 35.76
C ALA P 20 -17.15 6.77 35.44
N GLY P 21 -16.42 7.30 34.46
CA GLY P 21 -15.16 6.71 34.06
C GLY P 21 -14.10 6.74 35.14
N LYS P 22 -14.24 7.64 36.12
CA LYS P 22 -13.30 7.68 37.24
C LYS P 22 -13.31 6.38 38.02
N ASP P 23 -14.46 5.71 38.09
CA ASP P 23 -14.58 4.51 38.92
C ASP P 23 -13.83 3.34 38.30
N VAL P 24 -13.92 3.17 36.98
CA VAL P 24 -13.31 2.03 36.32
C VAL P 24 -11.80 2.23 36.24
N ILE P 25 -11.04 1.28 36.74
CA ILE P 25 -9.59 1.38 36.78
C ILE P 25 -8.95 0.08 36.28
N LEU P 26 -7.67 0.19 35.95
CA LEU P 26 -6.85 -0.94 35.51
C LEU P 26 -5.84 -1.27 36.60
N ALA P 27 -5.68 -2.57 36.88
CA ALA P 27 -4.71 -3.03 37.86
C ALA P 27 -3.91 -4.18 37.27
N VAL P 28 -2.71 -4.36 37.79
CA VAL P 28 -1.81 -5.43 37.35
C VAL P 28 -1.35 -6.23 38.56
N PHE P 29 -1.02 -7.49 38.32
CA PHE P 29 -0.51 -8.35 39.37
C PHE P 29 1.02 -8.28 39.39
N ASN P 30 1.59 -8.20 40.59
CA ASN P 30 3.03 -8.14 40.73
C ASN P 30 3.64 -9.48 40.33
N ALA P 31 4.98 -9.54 40.39
CA ALA P 31 5.69 -10.73 39.90
C ALA P 31 5.27 -11.97 40.67
N ALA P 32 5.17 -11.88 42.00
CA ALA P 32 4.75 -13.03 42.78
C ALA P 32 3.25 -13.29 42.63
N GLY P 33 2.48 -12.27 42.29
CA GLY P 33 1.05 -12.39 42.16
C GLY P 33 0.27 -12.14 43.44
N ASP P 34 0.94 -12.03 44.57
CA ASP P 34 0.25 -11.83 45.85
C ASP P 34 -0.38 -10.45 45.95
N LYS P 35 0.09 -9.48 45.17
CA LYS P 35 -0.37 -8.11 45.27
C LYS P 35 -0.99 -7.66 43.96
N LEU P 36 -2.16 -7.02 44.04
CA LEU P 36 -2.78 -6.34 42.92
C LEU P 36 -2.53 -4.85 43.10
N LEU P 37 -1.99 -4.21 42.08
CA LEU P 37 -1.63 -2.79 42.14
C LEU P 37 -2.32 -2.05 41.02
N ALA P 38 -3.07 -1.00 41.37
CA ALA P 38 -3.62 -0.11 40.37
C ALA P 38 -2.53 0.79 39.83
N VAL P 39 -2.54 0.99 38.51
CA VAL P 39 -1.52 1.83 37.88
C VAL P 39 -1.67 3.26 38.39
N ALA P 40 -0.56 3.87 38.78
CA ALA P 40 -0.61 5.18 39.43
C ALA P 40 -0.92 6.27 38.42
N GLY P 41 -1.86 7.13 38.79
CA GLY P 41 -2.14 8.34 38.01
C GLY P 41 -2.71 8.10 36.63
N GLN P 42 -3.65 7.17 36.50
CA GLN P 42 -4.31 6.96 35.22
C GLN P 42 -5.27 8.09 34.93
N GLN P 43 -5.47 8.37 33.64
CA GLN P 43 -6.42 9.37 33.19
C GLN P 43 -7.32 8.90 32.06
N GLY P 44 -7.01 7.79 31.41
CA GLY P 44 -7.86 7.24 30.37
C GLY P 44 -7.66 5.74 30.31
N LEU P 45 -8.63 5.08 29.67
CA LEU P 45 -8.57 3.62 29.54
C LEU P 45 -9.52 3.14 28.45
N THR P 46 -8.99 2.40 27.48
CA THR P 46 -9.80 1.82 26.42
C THR P 46 -9.52 0.32 26.35
N VAL P 47 -10.59 -0.45 26.16
CA VAL P 47 -10.50 -1.90 26.00
C VAL P 47 -11.02 -2.23 24.60
N ASN P 48 -10.18 -2.88 23.79
CA ASN P 48 -10.52 -3.22 22.42
C ASN P 48 -10.72 -4.71 22.31
N ARG P 49 -11.84 -5.12 21.69
CA ARG P 49 -12.13 -6.52 21.42
C ARG P 49 -12.72 -6.61 20.02
N SER P 50 -12.07 -7.39 19.16
CA SER P 50 -12.49 -7.50 17.77
C SER P 50 -12.51 -8.95 17.35
N LYS P 51 -13.32 -9.25 16.33
CA LYS P 51 -13.45 -10.58 15.78
C LYS P 51 -13.38 -10.50 14.27
N ASP P 52 -12.58 -11.38 13.67
CA ASP P 52 -12.46 -11.41 12.23
C ASP P 52 -13.71 -12.00 11.60
N SER P 53 -13.94 -11.64 10.33
CA SER P 53 -15.06 -12.13 9.54
C SER P 53 -14.53 -12.80 8.29
N ILE P 54 -15.00 -14.01 8.02
CA ILE P 54 -14.55 -14.80 6.87
C ILE P 54 -15.69 -14.81 5.84
N GLU P 55 -15.39 -14.36 4.63
CA GLU P 55 -16.40 -14.31 3.57
C GLU P 55 -16.51 -15.69 2.92
N ILE P 56 -17.73 -16.21 2.86
CA ILE P 56 -17.97 -17.56 2.35
C ILE P 56 -18.99 -17.52 1.22
N THR P 57 -19.11 -16.39 0.54
CA THR P 57 -20.02 -16.29 -0.58
C THR P 57 -19.50 -17.15 -1.74
N SER P 58 -20.43 -17.76 -2.47
CA SER P 58 -20.08 -18.63 -3.59
C SER P 58 -21.14 -18.45 -4.67
N LYS P 59 -21.11 -19.33 -5.67
CA LYS P 59 -22.02 -19.24 -6.79
C LYS P 59 -23.40 -19.78 -6.49
N ASP P 60 -23.60 -20.44 -5.35
CA ASP P 60 -24.89 -21.00 -4.98
C ASP P 60 -25.60 -20.20 -3.91
N THR P 61 -25.10 -19.00 -3.59
CA THR P 61 -25.77 -18.12 -2.62
C THR P 61 -26.69 -17.18 -3.39
N VAL P 62 -27.99 -17.25 -3.08
CA VAL P 62 -29.02 -16.48 -3.77
C VAL P 62 -29.57 -15.44 -2.81
N GLY P 63 -29.78 -14.23 -3.33
CA GLY P 63 -30.37 -13.16 -2.53
C GLY P 63 -29.76 -11.80 -2.81
N GLY P 64 -28.61 -11.78 -3.48
CA GLY P 64 -27.93 -10.54 -3.76
C GLY P 64 -27.04 -10.03 -2.66
N TRP P 65 -26.90 -10.75 -1.56
CA TRP P 65 -26.08 -10.35 -0.42
C TRP P 65 -25.00 -11.39 -0.21
N LYS P 66 -23.77 -10.93 0.01
CA LYS P 66 -22.68 -11.85 0.31
C LYS P 66 -22.85 -12.43 1.70
N SER P 67 -22.20 -13.58 1.92
CA SER P 67 -22.31 -14.32 3.17
C SER P 67 -21.00 -14.27 3.94
N LYS P 68 -21.10 -14.12 5.26
CA LYS P 68 -19.94 -14.07 6.12
C LYS P 68 -20.17 -14.97 7.33
N ILE P 69 -19.07 -15.39 7.95
CA ILE P 69 -19.09 -16.17 9.19
C ILE P 69 -18.08 -15.59 10.16
N GLY P 70 -18.28 -15.90 11.44
CA GLY P 70 -17.36 -15.45 12.46
C GLY P 70 -16.00 -16.09 12.33
N GLY P 71 -14.99 -15.39 12.84
CA GLY P 71 -13.61 -15.81 12.72
C GLY P 71 -12.90 -15.83 14.06
N MET P 72 -11.66 -15.35 14.04
CA MET P 72 -10.78 -15.41 15.20
C MET P 72 -10.94 -14.13 16.03
N LYS P 73 -10.67 -14.25 17.33
CA LYS P 73 -10.82 -13.13 18.25
C LYS P 73 -9.48 -12.69 18.82
N GLU P 74 -9.40 -11.41 19.16
CA GLU P 74 -8.21 -10.81 19.73
C GLU P 74 -8.62 -9.62 20.57
N TRP P 75 -7.71 -9.17 21.44
CA TRP P 75 -8.04 -8.04 22.31
C TRP P 75 -6.77 -7.30 22.71
N SER P 76 -6.95 -6.03 23.05
CA SER P 76 -5.86 -5.19 23.52
C SER P 76 -6.43 -4.10 24.41
N ILE P 77 -5.59 -3.62 25.33
CA ILE P 77 -5.97 -2.58 26.28
C ILE P 77 -4.86 -1.54 26.31
N GLU P 78 -5.21 -0.28 26.07
CA GLU P 78 -4.25 0.81 26.10
C GLU P 78 -4.76 1.88 27.07
N ASN P 79 -3.87 2.39 27.92
CA ASN P 79 -4.24 3.45 28.84
C ASN P 79 -3.05 4.39 29.01
N ASP P 80 -3.29 5.49 29.72
CA ASP P 80 -2.29 6.54 29.85
C ASP P 80 -2.61 7.36 31.09
N GLY P 81 -1.73 8.30 31.41
CA GLY P 81 -1.95 9.17 32.54
C GLY P 81 -0.67 9.88 32.95
N LEU P 82 -0.65 10.32 34.20
CA LEU P 82 0.53 10.97 34.74
C LEU P 82 1.55 9.93 35.20
N TYR P 83 2.82 10.23 34.97
CA TYR P 83 3.91 9.30 35.25
C TYR P 83 4.64 9.70 36.52
N VAL P 84 4.75 8.76 37.45
CA VAL P 84 5.57 8.91 38.65
C VAL P 84 6.51 7.70 38.69
N ALA P 85 7.79 7.93 38.45
CA ALA P 85 8.74 6.83 38.34
C ALA P 85 8.90 6.05 39.62
N ASP P 86 8.63 6.67 40.77
CA ASP P 86 8.79 6.00 42.05
C ASP P 86 7.59 5.12 42.42
N ALA P 87 6.53 5.14 41.63
CA ALA P 87 5.36 4.35 41.94
C ALA P 87 5.66 2.85 41.83
N GLU P 88 5.07 2.07 42.74
CA GLU P 88 5.29 0.63 42.72
C GLU P 88 4.74 0.00 41.45
N SER P 89 3.55 0.45 41.02
CA SER P 89 2.95 -0.12 39.81
C SER P 89 3.80 0.16 38.59
N HIS P 90 4.35 1.36 38.47
CA HIS P 90 5.23 1.67 37.35
C HIS P 90 6.53 0.88 37.43
N LYS P 91 7.05 0.64 38.63
CA LYS P 91 8.24 -0.20 38.76
C LYS P 91 7.95 -1.62 38.29
N GLU P 92 6.78 -2.17 38.67
CA GLU P 92 6.41 -3.50 38.22
C GLU P 92 6.23 -3.54 36.71
N LEU P 93 5.64 -2.50 36.14
CA LEU P 93 5.46 -2.44 34.69
C LEU P 93 6.81 -2.40 33.98
N ALA P 94 7.75 -1.62 34.52
CA ALA P 94 9.09 -1.56 33.92
C ALA P 94 9.80 -2.92 34.02
N LYS P 95 9.65 -3.59 35.16
CA LYS P 95 10.24 -4.91 35.31
C LYS P 95 9.63 -5.89 34.31
N TYR P 96 8.31 -5.84 34.13
CA TYR P 96 7.67 -6.71 33.14
C TYR P 96 8.17 -6.42 31.74
N PHE P 97 8.30 -5.14 31.39
CA PHE P 97 8.74 -4.77 30.05
C PHE P 97 10.17 -5.22 29.80
N GLU P 98 11.05 -5.04 30.78
CA GLU P 98 12.45 -5.40 30.58
C GLU P 98 12.64 -6.92 30.58
N SER P 99 12.00 -7.62 31.52
CA SER P 99 12.18 -9.07 31.63
C SER P 99 11.49 -9.85 30.53
N ASP P 100 10.59 -9.20 29.76
CA ASP P 100 9.85 -9.85 28.69
C ASP P 100 9.07 -11.05 29.21
N SER P 101 8.14 -10.76 30.12
CA SER P 101 7.31 -11.78 30.74
C SER P 101 5.86 -11.36 30.68
N PRO P 102 4.93 -12.32 30.60
CA PRO P 102 3.51 -11.98 30.60
C PRO P 102 3.08 -11.35 31.92
N VAL P 103 2.10 -10.47 31.83
CA VAL P 103 1.57 -9.75 32.98
C VAL P 103 0.07 -9.99 33.05
N CYS P 104 -0.41 -10.29 34.26
CA CYS P 104 -1.84 -10.47 34.50
C CYS P 104 -2.48 -9.13 34.81
N VAL P 105 -3.46 -8.74 34.00
CA VAL P 105 -4.11 -7.44 34.14
C VAL P 105 -5.60 -7.67 34.41
N LYS P 106 -6.21 -6.67 35.05
CA LYS P 106 -7.61 -6.78 35.47
C LYS P 106 -8.22 -5.38 35.44
N ILE P 107 -9.31 -5.23 34.69
CA ILE P 107 -10.10 -4.01 34.68
C ILE P 107 -11.22 -4.20 35.68
N ILE P 108 -11.31 -3.31 36.67
CA ILE P 108 -12.27 -3.43 37.76
C ILE P 108 -13.02 -2.12 37.93
N ASN P 109 -14.13 -2.19 38.66
CA ASN P 109 -14.94 -1.04 39.03
C ASN P 109 -14.74 -0.82 40.52
N GLN P 110 -13.88 0.13 40.87
CA GLN P 110 -13.50 0.33 42.26
C GLN P 110 -14.65 0.86 43.11
N ALA P 111 -15.69 1.42 42.51
CA ALA P 111 -16.83 1.93 43.26
C ALA P 111 -17.94 0.91 43.41
N SER P 112 -18.25 0.18 42.33
CA SER P 112 -19.30 -0.84 42.38
C SER P 112 -18.85 -2.12 43.07
N LYS P 113 -17.57 -2.22 43.42
CA LYS P 113 -17.02 -3.41 44.07
C LYS P 113 -17.24 -4.67 43.24
N LYS P 114 -17.09 -4.54 41.93
CA LYS P 114 -17.21 -5.66 41.01
C LYS P 114 -16.13 -5.56 39.93
N GLY P 115 -15.52 -6.70 39.60
CA GLY P 115 -14.58 -6.75 38.51
C GLY P 115 -15.25 -6.78 37.15
N LEU P 116 -14.50 -6.39 36.13
CA LEU P 116 -15.03 -6.32 34.78
C LEU P 116 -14.34 -7.27 33.82
N PHE P 117 -13.02 -7.21 33.72
CA PHE P 117 -12.28 -8.03 32.77
C PHE P 117 -10.97 -8.48 33.38
N GLY P 118 -10.44 -9.59 32.87
CA GLY P 118 -9.13 -10.05 33.30
C GLY P 118 -8.43 -10.83 32.20
N GLY P 119 -7.11 -10.91 32.30
CA GLY P 119 -6.39 -11.75 31.38
C GLY P 119 -4.91 -11.43 31.34
N LEU P 120 -4.19 -12.28 30.62
CA LEU P 120 -2.75 -12.14 30.42
C LEU P 120 -2.47 -11.27 29.20
N ALA P 121 -1.37 -10.52 29.27
CA ALA P 121 -0.97 -9.67 28.17
C ALA P 121 0.53 -9.44 28.20
N ILE P 122 1.05 -8.87 27.13
CA ILE P 122 2.44 -8.43 27.07
C ILE P 122 2.47 -6.93 26.90
N VAL P 123 3.50 -6.29 27.45
CA VAL P 123 3.63 -4.84 27.37
C VAL P 123 4.14 -4.48 25.99
N ALA P 124 3.22 -4.24 25.05
CA ALA P 124 3.61 -3.98 23.67
C ALA P 124 4.20 -2.58 23.51
N ASP P 125 3.74 -1.61 24.30
CA ASP P 125 4.23 -0.25 24.18
C ASP P 125 4.22 0.41 25.55
N TYR P 126 5.30 1.14 25.85
CA TYR P 126 5.43 1.85 27.13
C TYR P 126 6.22 3.13 26.83
N SER P 127 5.50 4.22 26.59
CA SER P 127 6.10 5.46 26.12
C SER P 127 5.83 6.59 27.10
N PHE P 128 6.65 7.63 27.01
CA PHE P 128 6.55 8.79 27.89
C PHE P 128 6.70 10.07 27.08
N GLU P 129 6.11 11.13 27.60
CA GLU P 129 6.14 12.44 26.96
C GLU P 129 6.23 13.51 28.03
N ALA P 130 7.11 14.49 27.84
CA ALA P 130 7.37 15.53 28.84
C ALA P 130 7.30 16.91 28.20
N PRO P 131 6.10 17.44 27.97
CA PRO P 131 5.99 18.82 27.51
C PRO P 131 6.49 19.80 28.57
N PHE P 132 7.07 20.91 28.10
CA PHE P 132 7.70 21.85 29.01
C PHE P 132 6.70 22.66 29.84
N ASP P 133 5.42 22.63 29.49
CA ASP P 133 4.40 23.41 30.19
C ASP P 133 3.30 22.53 30.77
N GLU P 134 3.53 21.23 30.88
CA GLU P 134 2.55 20.30 31.44
C GLU P 134 3.28 19.32 32.34
N ALA P 135 2.56 18.31 32.81
CA ALA P 135 3.15 17.27 33.64
C ALA P 135 3.60 16.10 32.77
N MET P 136 4.63 15.40 33.25
CA MET P 136 5.12 14.23 32.54
C MET P 136 4.03 13.17 32.44
N THR P 137 3.88 12.58 31.27
CA THR P 137 2.80 11.66 30.98
C THR P 137 3.35 10.34 30.47
N TYR P 138 2.71 9.25 30.88
CA TYR P 138 3.02 7.90 30.43
C TYR P 138 1.84 7.36 29.64
N SER P 139 2.14 6.40 28.76
CA SER P 139 1.10 5.71 28.00
C SER P 139 1.58 4.29 27.74
N VAL P 140 0.80 3.30 28.16
CA VAL P 140 1.16 1.90 28.01
C VAL P 140 0.02 1.17 27.31
N LYS P 141 0.38 0.38 26.29
CA LYS P 141 -0.55 -0.43 25.52
C LYS P 141 -0.11 -1.88 25.58
N LEU P 142 -1.05 -2.78 25.84
CA LEU P 142 -0.80 -4.20 25.90
C LEU P 142 -1.80 -4.92 25.01
N ASP P 143 -1.42 -6.11 24.53
CA ASP P 143 -2.31 -6.95 23.75
C ASP P 143 -2.31 -8.36 24.33
N GLY P 144 -3.41 -9.07 24.16
CA GLY P 144 -3.64 -10.30 24.90
C GLY P 144 -2.86 -11.49 24.36
N MET P 145 -2.41 -12.34 25.28
CA MET P 145 -1.83 -13.64 24.94
C MET P 145 -2.89 -14.74 25.00
N GLY P 146 -4.02 -14.52 24.33
CA GLY P 146 -5.10 -15.49 24.31
C GLY P 146 -6.40 -14.90 24.85
N ALA P 147 -7.13 -15.71 25.61
CA ALA P 147 -8.47 -15.35 26.04
C ALA P 147 -8.45 -14.19 27.03
N LEU P 148 -9.50 -13.37 26.97
CA LEU P 148 -9.75 -12.31 27.93
C LEU P 148 -11.05 -12.64 28.65
N VAL P 149 -10.94 -13.04 29.91
CA VAL P 149 -12.13 -13.48 30.65
C VAL P 149 -12.98 -12.27 31.00
N ASP P 150 -14.26 -12.34 30.64
CA ASP P 150 -15.23 -11.29 30.92
C ASP P 150 -15.89 -11.60 32.25
N LEU P 151 -15.55 -10.83 33.29
CA LEU P 151 -16.05 -11.10 34.62
C LEU P 151 -17.49 -10.67 34.84
N THR P 152 -18.07 -9.91 33.91
CA THR P 152 -19.46 -9.49 34.07
C THR P 152 -20.41 -10.68 33.99
N ILE P 153 -20.14 -11.62 33.09
CA ILE P 153 -20.98 -12.81 32.92
C ILE P 153 -20.35 -14.05 33.54
N THR P 154 -19.21 -13.90 34.20
CA THR P 154 -18.52 -15.01 34.85
C THR P 154 -18.51 -14.79 36.35
N GLU P 155 -18.94 -15.80 37.10
CA GLU P 155 -19.03 -15.66 38.55
C GLU P 155 -17.64 -15.56 39.17
N GLY P 156 -17.53 -14.70 40.19
CA GLY P 156 -16.29 -14.54 40.91
C GLY P 156 -15.36 -13.52 40.28
N GLY P 157 -14.20 -13.36 40.91
CA GLY P 157 -13.19 -12.45 40.42
C GLY P 157 -13.42 -11.01 40.83
N ASP P 158 -13.47 -10.75 42.14
CA ASP P 158 -13.70 -9.41 42.66
C ASP P 158 -12.60 -8.95 43.59
N GLN P 159 -11.42 -9.55 43.53
CA GLN P 159 -10.30 -9.08 44.32
C GLN P 159 -9.81 -7.74 43.79
N MET P 160 -9.41 -6.86 44.70
CA MET P 160 -9.05 -5.49 44.39
C MET P 160 -7.80 -5.09 45.16
N PRO P 161 -7.07 -4.08 44.68
CA PRO P 161 -5.83 -3.68 45.35
C PRO P 161 -6.06 -3.28 46.79
N GLY P 162 -5.08 -3.60 47.64
CA GLY P 162 -5.15 -3.27 49.05
C GLY P 162 -5.72 -4.40 49.90
N ALA Q 2 -65.66 50.31 51.62
CA ALA Q 2 -65.91 48.94 51.17
C ALA Q 2 -67.40 48.74 50.87
N PHE Q 3 -68.10 49.84 50.62
CA PHE Q 3 -69.53 49.80 50.37
C PHE Q 3 -69.90 50.95 49.43
N GLU Q 4 -71.17 51.37 49.49
CA GLU Q 4 -71.79 52.25 48.49
C GLU Q 4 -71.94 51.49 47.17
N GLU Q 5 -72.33 50.22 47.28
CA GLU Q 5 -72.50 49.33 46.13
C GLU Q 5 -71.22 49.23 45.30
N ASN Q 6 -70.08 49.40 45.95
CA ASN Q 6 -68.77 49.39 45.29
C ASN Q 6 -68.74 50.36 44.10
N LEU Q 7 -69.31 51.56 44.33
CA LEU Q 7 -69.41 52.55 43.26
C LEU Q 7 -68.02 52.98 42.79
N TYR Q 8 -67.11 53.20 43.73
CA TYR Q 8 -65.74 53.59 43.40
C TYR Q 8 -64.70 52.57 43.81
N CYS Q 9 -64.71 52.12 45.06
CA CYS Q 9 -63.76 51.12 45.53
C CYS Q 9 -64.34 49.73 45.29
N ASP Q 10 -63.61 48.90 44.55
CA ASP Q 10 -64.03 47.55 44.21
C ASP Q 10 -63.29 46.54 45.08
N TYR Q 11 -64.04 45.60 45.65
CA TYR Q 11 -63.48 44.62 46.55
C TYR Q 11 -63.79 43.18 46.14
N THR Q 12 -64.26 42.96 44.92
CA THR Q 12 -64.60 41.61 44.49
C THR Q 12 -63.34 40.79 44.25
N PRO Q 13 -63.14 39.68 44.95
CA PRO Q 13 -61.97 38.82 44.69
C PRO Q 13 -62.22 37.91 43.50
N GLY Q 14 -61.53 38.19 42.40
CA GLY Q 14 -61.62 37.35 41.22
C GLY Q 14 -60.29 36.73 40.85
N ALA Q 15 -59.21 37.44 41.16
CA ALA Q 15 -57.85 36.98 40.91
C ALA Q 15 -56.90 37.79 41.77
N ALA Q 16 -55.61 37.63 41.54
CA ALA Q 16 -54.59 38.40 42.25
C ALA Q 16 -53.91 39.45 41.38
N LYS Q 17 -53.77 39.19 40.08
CA LYS Q 17 -53.24 40.10 39.07
C LYS Q 17 -51.78 40.44 39.34
N ALA Q 18 -51.22 39.92 40.43
CA ALA Q 18 -49.83 40.14 40.82
C ALA Q 18 -49.53 39.25 42.01
N VAL Q 19 -48.27 38.82 42.10
CA VAL Q 19 -47.79 38.01 43.21
C VAL Q 19 -46.54 38.67 43.76
N ALA Q 20 -46.54 38.97 45.06
CA ALA Q 20 -45.37 39.57 45.69
C ALA Q 20 -44.20 38.60 45.63
N GLY Q 21 -43.03 39.12 45.29
CA GLY Q 21 -41.86 38.28 45.18
C GLY Q 21 -41.45 37.64 46.49
N LYS Q 22 -41.66 38.34 47.60
CA LYS Q 22 -41.29 37.82 48.91
C LYS Q 22 -42.14 36.63 49.33
N ASP Q 23 -43.21 36.33 48.61
CA ASP Q 23 -44.09 35.22 48.96
C ASP Q 23 -43.72 33.93 48.25
N VAL Q 24 -42.68 33.92 47.43
CA VAL Q 24 -42.24 32.75 46.70
C VAL Q 24 -40.95 32.26 47.35
N ILE Q 25 -41.02 31.09 47.98
CA ILE Q 25 -39.93 30.56 48.80
C ILE Q 25 -39.38 29.29 48.15
N LEU Q 26 -38.06 29.22 48.07
CA LEU Q 26 -37.37 27.99 47.70
C LEU Q 26 -37.05 27.19 48.95
N ALA Q 27 -37.37 25.90 48.92
CA ALA Q 27 -37.15 25.01 50.05
C ALA Q 27 -36.53 23.72 49.58
N VAL Q 28 -35.83 23.05 50.49
CA VAL Q 28 -35.14 21.80 50.21
C VAL Q 28 -35.51 20.78 51.26
N PHE Q 29 -35.41 19.51 50.89
CA PHE Q 29 -35.64 18.41 51.81
C PHE Q 29 -34.33 18.02 52.46
N ASN Q 30 -34.35 17.82 53.78
CA ASN Q 30 -33.13 17.50 54.50
C ASN Q 30 -32.61 16.11 54.10
N ALA Q 31 -31.43 15.77 54.62
CA ALA Q 31 -30.78 14.53 54.21
C ALA Q 31 -31.66 13.32 54.47
N ALA Q 32 -32.28 13.26 55.65
CA ALA Q 32 -33.27 12.20 55.90
C ALA Q 32 -34.51 12.38 55.04
N GLY Q 33 -34.92 13.63 54.80
CA GLY Q 33 -36.06 13.93 53.98
C GLY Q 33 -37.36 14.16 54.72
N ASP Q 34 -37.41 13.84 56.01
CA ASP Q 34 -38.68 13.97 56.74
C ASP Q 34 -39.08 15.43 56.92
N LYS Q 35 -38.13 16.35 56.88
CA LYS Q 35 -38.40 17.76 57.09
C LYS Q 35 -38.12 18.56 55.83
N LEU Q 36 -39.00 19.51 55.53
CA LEU Q 36 -38.82 20.45 54.43
C LEU Q 36 -38.42 21.79 55.03
N LEU Q 37 -37.25 22.29 54.65
CA LEU Q 37 -36.68 23.49 55.24
C LEU Q 37 -36.54 24.57 54.17
N ALA Q 38 -37.06 25.76 54.48
CA ALA Q 38 -36.82 26.91 53.61
C ALA Q 38 -35.39 27.41 53.81
N VAL Q 39 -34.76 27.81 52.70
CA VAL Q 39 -33.40 28.33 52.79
C VAL Q 39 -33.40 29.62 53.59
N ALA Q 40 -32.40 29.76 54.47
CA ALA Q 40 -32.38 30.87 55.41
C ALA Q 40 -31.99 32.16 54.70
N GLY Q 41 -32.80 33.20 54.91
CA GLY Q 41 -32.45 34.54 54.46
C GLY Q 41 -32.34 34.71 52.96
N GLN Q 42 -33.28 34.15 52.21
CA GLN Q 42 -33.28 34.35 50.76
C GLN Q 42 -33.73 35.76 50.41
N GLN Q 43 -33.17 36.30 49.34
CA GLN Q 43 -33.54 37.61 48.83
C GLN Q 43 -33.85 37.62 47.34
N GLY Q 44 -33.36 36.66 46.58
CA GLY Q 44 -33.69 36.59 45.16
C GLY Q 44 -33.73 35.14 44.72
N LEU Q 45 -34.54 34.87 43.69
CA LEU Q 45 -34.71 33.51 43.22
C LEU Q 45 -35.15 33.56 41.76
N THR Q 46 -34.41 32.87 40.90
CA THR Q 46 -34.75 32.77 39.48
C THR Q 46 -34.80 31.30 39.10
N VAL Q 47 -35.81 30.94 38.30
CA VAL Q 47 -35.98 29.59 37.79
C VAL Q 47 -35.83 29.63 36.29
N ASN Q 48 -34.89 28.86 35.76
CA ASN Q 48 -34.60 28.84 34.32
C ASN Q 48 -35.09 27.53 33.72
N ARG Q 49 -35.83 27.63 32.61
CA ARG Q 49 -36.29 26.47 31.86
C ARG Q 49 -36.12 26.77 30.39
N SER Q 50 -35.38 25.91 29.69
CA SER Q 50 -35.08 26.14 28.28
C SER Q 50 -35.23 24.84 27.50
N LYS Q 51 -35.50 24.98 26.21
CA LYS Q 51 -35.65 23.85 25.31
C LYS Q 51 -34.87 24.14 24.03
N ASP Q 52 -34.08 23.16 23.60
CA ASP Q 52 -33.31 23.32 22.38
C ASP Q 52 -34.21 23.26 21.15
N SER Q 53 -33.70 23.80 20.05
CA SER Q 53 -34.41 23.80 18.77
C SER Q 53 -33.51 23.16 17.72
N ILE Q 54 -34.05 22.20 16.99
CA ILE Q 54 -33.30 21.47 15.96
C ILE Q 54 -33.76 21.98 14.60
N GLU Q 55 -32.82 22.45 13.80
CA GLU Q 55 -33.12 22.97 12.47
C GLU Q 55 -33.21 21.81 11.48
N ILE Q 56 -34.29 21.78 10.70
CA ILE Q 56 -34.52 20.70 9.75
C ILE Q 56 -34.75 21.27 8.37
N THR Q 57 -34.17 22.43 8.08
CA THR Q 57 -34.29 23.02 6.76
C THR Q 57 -33.66 22.13 5.71
N SER Q 58 -34.31 22.01 4.56
CA SER Q 58 -33.84 21.16 3.48
C SER Q 58 -34.17 21.82 2.15
N LYS Q 59 -33.73 21.20 1.06
CA LYS Q 59 -33.92 21.77 -0.26
C LYS Q 59 -35.38 21.75 -0.69
N ASP Q 60 -36.22 20.91 -0.09
CA ASP Q 60 -37.63 20.85 -0.42
C ASP Q 60 -38.47 21.78 0.43
N THR Q 61 -37.85 22.53 1.34
CA THR Q 61 -38.57 23.52 2.15
C THR Q 61 -38.85 24.75 1.30
N VAL Q 62 -40.11 25.18 1.32
CA VAL Q 62 -40.54 26.32 0.52
C VAL Q 62 -40.97 27.45 1.44
N GLY Q 63 -41.24 28.62 0.85
CA GLY Q 63 -41.70 29.77 1.58
C GLY Q 63 -40.63 30.74 2.02
N GLY Q 64 -39.36 30.35 1.95
CA GLY Q 64 -38.28 31.24 2.34
C GLY Q 64 -38.05 31.35 3.83
N TRP Q 65 -38.60 30.43 4.62
CA TRP Q 65 -38.42 30.43 6.07
C TRP Q 65 -37.80 29.11 6.51
N LYS Q 66 -36.90 29.18 7.47
CA LYS Q 66 -36.30 27.97 8.01
C LYS Q 66 -37.32 27.18 8.83
N SER Q 67 -37.15 25.87 8.83
CA SER Q 67 -38.02 24.95 9.55
C SER Q 67 -37.26 24.39 10.75
N LYS Q 68 -37.91 24.42 11.91
CA LYS Q 68 -37.31 23.94 13.16
C LYS Q 68 -38.30 23.03 13.88
N ILE Q 69 -37.77 22.26 14.83
CA ILE Q 69 -38.57 21.41 15.69
C ILE Q 69 -38.07 21.53 17.12
N GLY Q 70 -38.91 21.15 18.07
CA GLY Q 70 -38.52 21.18 19.46
C GLY Q 70 -37.45 20.16 19.77
N GLY Q 71 -36.71 20.41 20.85
CA GLY Q 71 -35.58 19.60 21.23
C GLY Q 71 -35.66 19.17 22.68
N MET Q 72 -34.48 18.96 23.26
CA MET Q 72 -34.36 18.46 24.62
C MET Q 72 -34.63 19.60 25.61
N LYS Q 73 -34.86 19.25 26.88
CA LYS Q 73 -35.13 20.23 27.90
C LYS Q 73 -34.18 20.09 29.09
N GLU Q 74 -33.98 21.21 29.78
CA GLU Q 74 -33.12 21.29 30.95
C GLU Q 74 -33.57 22.45 31.81
N TRP Q 75 -33.09 22.49 33.06
CA TRP Q 75 -33.48 23.56 33.96
C TRP Q 75 -32.39 23.83 34.98
N SER Q 76 -32.46 25.02 35.57
CA SER Q 76 -31.52 25.44 36.61
C SER Q 76 -32.21 26.44 37.52
N ILE Q 77 -31.74 26.51 38.76
CA ILE Q 77 -32.30 27.39 39.77
C ILE Q 77 -31.17 28.20 40.40
N GLU Q 78 -31.35 29.50 40.50
CA GLU Q 78 -30.39 30.39 41.13
C GLU Q 78 -31.04 31.07 42.33
N ASN Q 79 -30.41 30.97 43.49
CA ASN Q 79 -30.90 31.60 44.71
C ASN Q 79 -29.75 32.33 45.38
N ASP Q 80 -30.07 33.34 46.18
CA ASP Q 80 -29.07 34.11 46.88
C ASP Q 80 -29.70 34.81 48.07
N GLY Q 81 -28.86 35.31 48.97
CA GLY Q 81 -29.38 36.06 50.10
C GLY Q 81 -28.33 36.20 51.20
N LEU Q 82 -28.82 36.48 52.41
CA LEU Q 82 -27.95 36.59 53.56
C LEU Q 82 -27.55 35.20 54.04
N TYR Q 83 -26.30 35.07 54.49
CA TYR Q 83 -25.73 33.79 54.86
C TYR Q 83 -25.44 33.77 56.36
N VAL Q 84 -25.97 32.76 57.04
CA VAL Q 84 -25.61 32.46 58.42
C VAL Q 84 -25.21 30.99 58.50
N ALA Q 85 -24.02 30.72 59.02
CA ALA Q 85 -23.49 29.36 58.99
C ALA Q 85 -24.30 28.42 59.86
N ASP Q 86 -24.75 28.88 61.02
CA ASP Q 86 -25.45 28.01 61.96
C ASP Q 86 -26.85 27.63 61.51
N ALA Q 87 -27.36 28.24 60.43
CA ALA Q 87 -28.69 27.90 59.95
C ALA Q 87 -28.77 26.43 59.56
N GLU Q 88 -29.89 25.80 59.91
CA GLU Q 88 -30.07 24.38 59.61
C GLU Q 88 -30.11 24.13 58.11
N SER Q 89 -30.81 25.00 57.36
CA SER Q 89 -30.90 24.83 55.92
C SER Q 89 -29.53 24.95 55.26
N HIS Q 90 -28.73 25.92 55.71
CA HIS Q 90 -27.38 26.07 55.14
C HIS Q 90 -26.50 24.89 55.51
N LYS Q 91 -26.66 24.34 56.71
CA LYS Q 91 -25.93 23.13 57.07
C LYS Q 91 -26.31 21.97 56.17
N GLU Q 92 -27.60 21.82 55.89
CA GLU Q 92 -28.05 20.75 54.99
C GLU Q 92 -27.49 20.96 53.59
N LEU Q 93 -27.47 22.20 53.11
CA LEU Q 93 -26.92 22.49 51.79
C LEU Q 93 -25.43 22.16 51.74
N ALA Q 94 -24.70 22.51 52.79
CA ALA Q 94 -23.27 22.19 52.83
C ALA Q 94 -23.05 20.69 52.85
N LYS Q 95 -23.87 19.96 53.61
CA LYS Q 95 -23.75 18.50 53.63
C LYS Q 95 -24.04 17.91 52.26
N TYR Q 96 -25.06 18.43 51.58
CA TYR Q 96 -25.36 17.96 50.22
C TYR Q 96 -24.21 18.24 49.27
N PHE Q 97 -23.62 19.43 49.36
CA PHE Q 97 -22.51 19.79 48.48
C PHE Q 97 -21.30 18.90 48.75
N GLU Q 98 -21.00 18.63 50.01
CA GLU Q 98 -19.83 17.81 50.32
C GLU Q 98 -20.05 16.36 49.95
N SER Q 99 -21.25 15.82 50.22
CA SER Q 99 -21.51 14.41 49.99
C SER Q 99 -21.69 14.08 48.52
N ASP Q 100 -21.91 15.07 47.66
CA ASP Q 100 -22.15 14.87 46.24
C ASP Q 100 -23.36 13.96 46.02
N SER Q 101 -24.51 14.43 46.48
CA SER Q 101 -25.76 13.70 46.38
C SER Q 101 -26.85 14.61 45.87
N PRO Q 102 -27.85 14.07 45.19
CA PRO Q 102 -28.95 14.89 44.69
C PRO Q 102 -29.77 15.49 45.83
N VAL Q 103 -30.35 16.66 45.55
CA VAL Q 103 -31.15 17.40 46.52
C VAL Q 103 -32.55 17.54 45.98
N CYS Q 104 -33.55 17.28 46.84
CA CYS Q 104 -34.95 17.44 46.48
C CYS Q 104 -35.38 18.86 46.81
N VAL Q 105 -35.56 19.68 45.77
CA VAL Q 105 -35.88 21.09 45.95
C VAL Q 105 -37.29 21.34 45.43
N LYS Q 106 -37.90 22.40 45.95
CA LYS Q 106 -39.22 22.81 45.49
C LYS Q 106 -39.42 24.30 45.75
N ILE Q 107 -40.12 24.94 44.81
CA ILE Q 107 -40.49 26.35 44.91
C ILE Q 107 -41.97 26.40 45.22
N ILE Q 108 -42.33 27.09 46.32
CA ILE Q 108 -43.70 27.16 46.79
C ILE Q 108 -44.10 28.62 46.96
N ASN Q 109 -45.40 28.84 47.05
CA ASN Q 109 -45.98 30.16 47.29
C ASN Q 109 -46.63 30.11 48.67
N GLN Q 110 -45.88 30.54 49.69
CA GLN Q 110 -46.36 30.45 51.06
C GLN Q 110 -47.55 31.38 51.33
N ALA Q 111 -47.74 32.41 50.52
CA ALA Q 111 -48.89 33.29 50.71
C ALA Q 111 -50.19 32.56 50.39
N SER Q 112 -50.24 31.88 49.24
CA SER Q 112 -51.40 31.12 48.83
C SER Q 112 -51.32 29.65 49.24
N LYS Q 113 -50.24 29.25 49.92
CA LYS Q 113 -50.04 27.88 50.37
C LYS Q 113 -50.18 26.88 49.23
N LYS Q 114 -49.58 27.20 48.09
CA LYS Q 114 -49.62 26.34 46.92
C LYS Q 114 -48.20 26.17 46.38
N GLY Q 115 -47.83 24.93 46.08
CA GLY Q 115 -46.53 24.67 45.48
C GLY Q 115 -46.51 25.02 44.01
N LEU Q 116 -45.35 25.53 43.56
CA LEU Q 116 -45.18 25.95 42.18
C LEU Q 116 -44.38 24.93 41.36
N PHE Q 117 -43.18 24.58 41.84
CA PHE Q 117 -42.31 23.67 41.11
C PHE Q 117 -41.65 22.70 42.08
N GLY Q 118 -41.23 21.56 41.54
CA GLY Q 118 -40.47 20.62 42.34
C GLY Q 118 -39.51 19.85 41.45
N GLY Q 119 -38.47 19.30 42.06
CA GLY Q 119 -37.55 18.48 41.28
C GLY Q 119 -36.35 18.05 42.09
N LEU Q 120 -35.46 17.36 41.38
CA LEU Q 120 -34.20 16.86 41.93
C LEU Q 120 -33.05 17.57 41.22
N ALA Q 121 -32.12 18.09 42.00
CA ALA Q 121 -31.06 18.94 41.48
C ALA Q 121 -29.71 18.53 42.08
N ILE Q 122 -28.65 19.14 41.55
CA ILE Q 122 -27.31 19.01 42.10
C ILE Q 122 -26.79 20.40 42.41
N VAL Q 123 -26.08 20.54 43.53
CA VAL Q 123 -25.57 21.84 43.93
C VAL Q 123 -24.35 22.17 43.09
N ALA Q 124 -24.59 22.83 41.95
CA ALA Q 124 -23.50 23.12 41.03
C ALA Q 124 -22.59 24.21 41.56
N ASP Q 125 -23.15 25.22 42.23
CA ASP Q 125 -22.38 26.33 42.73
C ASP Q 125 -22.87 26.72 44.12
N TYR Q 126 -21.92 27.01 45.01
CA TYR Q 126 -22.22 27.45 46.38
C TYR Q 126 -21.11 28.42 46.78
N SER Q 127 -21.35 29.70 46.57
CA SER Q 127 -20.33 30.73 46.74
C SER Q 127 -20.78 31.76 47.77
N PHE Q 128 -19.80 32.49 48.31
CA PHE Q 128 -20.05 33.44 49.37
C PHE Q 128 -19.31 34.74 49.09
N GLU Q 129 -19.84 35.83 49.64
CA GLU Q 129 -19.24 37.16 49.52
C GLU Q 129 -19.32 37.82 50.89
N ALA Q 130 -18.39 38.75 51.13
CA ALA Q 130 -18.31 39.44 52.43
C ALA Q 130 -17.62 40.79 52.25
N PRO Q 131 -18.33 41.79 51.73
CA PRO Q 131 -17.79 43.15 51.73
C PRO Q 131 -17.84 43.73 53.14
N PHE Q 132 -16.97 44.70 53.38
CA PHE Q 132 -16.86 45.28 54.72
C PHE Q 132 -17.91 46.36 54.99
N ASP Q 133 -18.77 46.66 54.03
CA ASP Q 133 -19.85 47.62 54.25
C ASP Q 133 -21.20 46.96 54.49
N GLU Q 134 -21.41 45.74 54.00
CA GLU Q 134 -22.69 45.07 54.08
C GLU Q 134 -22.51 43.72 54.79
N ALA Q 135 -23.59 42.94 54.82
CA ALA Q 135 -23.59 41.64 55.47
C ALA Q 135 -23.05 40.57 54.52
N MET Q 136 -22.56 39.48 55.11
CA MET Q 136 -22.07 38.36 54.33
C MET Q 136 -23.23 37.70 53.59
N THR Q 137 -23.03 37.44 52.30
CA THR Q 137 -24.07 36.91 51.45
C THR Q 137 -23.64 35.58 50.83
N TYR Q 138 -24.64 34.80 50.43
CA TYR Q 138 -24.44 33.51 49.80
C TYR Q 138 -25.21 33.48 48.48
N SER Q 139 -24.71 32.66 47.56
CA SER Q 139 -25.36 32.43 46.27
C SER Q 139 -25.19 30.96 45.89
N VAL Q 140 -26.31 30.31 45.59
CA VAL Q 140 -26.33 28.89 45.25
C VAL Q 140 -26.99 28.70 43.89
N LYS Q 141 -26.41 27.84 43.08
CA LYS Q 141 -26.94 27.50 41.76
C LYS Q 141 -27.05 25.99 41.64
N LEU Q 142 -28.25 25.51 41.31
CA LEU Q 142 -28.53 24.08 41.22
C LEU Q 142 -28.93 23.75 39.79
N ASP Q 143 -28.24 22.79 39.19
CA ASP Q 143 -28.57 22.29 37.86
C ASP Q 143 -29.61 21.18 37.98
N GLY Q 144 -30.31 20.92 36.88
CA GLY Q 144 -31.38 19.94 36.91
C GLY Q 144 -30.90 18.52 36.66
N MET Q 145 -31.47 17.59 37.42
CA MET Q 145 -31.32 16.16 37.18
C MET Q 145 -32.67 15.64 36.69
N GLY Q 146 -32.75 15.32 35.41
CA GLY Q 146 -34.00 14.81 34.87
C GLY Q 146 -35.08 15.87 34.81
N ALA Q 147 -36.31 15.47 35.09
CA ALA Q 147 -37.47 16.32 34.90
C ALA Q 147 -37.70 17.23 36.10
N LEU Q 148 -38.29 18.39 35.83
CA LEU Q 148 -38.78 19.30 36.85
C LEU Q 148 -40.30 19.33 36.76
N VAL Q 149 -40.97 18.87 37.82
CA VAL Q 149 -42.42 18.80 37.81
C VAL Q 149 -43.00 20.17 38.08
N ASP Q 150 -43.87 20.63 37.19
CA ASP Q 150 -44.58 21.90 37.33
C ASP Q 150 -45.83 21.64 38.15
N LEU Q 151 -45.79 22.00 39.43
CA LEU Q 151 -46.88 21.71 40.34
C LEU Q 151 -48.12 22.55 40.09
N THR Q 152 -48.04 23.58 39.26
CA THR Q 152 -49.19 24.45 39.01
C THR Q 152 -50.23 23.80 38.11
N ILE Q 153 -49.89 22.73 37.40
CA ILE Q 153 -50.83 22.09 36.49
C ILE Q 153 -51.02 20.63 36.89
N THR Q 154 -50.84 20.33 38.17
CA THR Q 154 -51.09 18.99 38.68
C THR Q 154 -51.48 19.06 40.14
N GLU Q 155 -52.13 18.01 40.62
CA GLU Q 155 -52.56 17.96 42.01
C GLU Q 155 -51.40 17.62 42.93
N GLY Q 156 -51.57 17.95 44.20
CA GLY Q 156 -50.55 17.66 45.19
C GLY Q 156 -49.42 18.67 45.18
N GLY Q 157 -48.36 18.32 45.91
CA GLY Q 157 -47.21 19.20 46.03
C GLY Q 157 -47.49 20.49 46.76
N ASP Q 158 -48.31 20.43 47.81
CA ASP Q 158 -48.68 21.61 48.58
C ASP Q 158 -48.31 21.45 50.05
N GLN Q 159 -47.18 20.81 50.32
CA GLN Q 159 -46.68 20.68 51.69
C GLN Q 159 -45.76 21.86 52.01
N MET Q 160 -46.15 22.67 53.00
CA MET Q 160 -45.37 23.81 53.41
C MET Q 160 -44.21 23.40 54.31
N PRO Q 161 -43.13 24.17 54.32
CA PRO Q 161 -42.02 23.87 55.23
C PRO Q 161 -42.44 24.03 56.69
N GLY Q 162 -41.84 23.21 57.55
CA GLY Q 162 -42.15 23.25 58.96
C GLY Q 162 -41.96 21.91 59.65
N ALA R 2 -82.55 94.18 49.39
CA ALA R 2 -82.94 93.07 48.52
C ALA R 2 -84.18 93.42 47.72
N PHE R 3 -84.46 94.71 47.59
CA PHE R 3 -85.64 95.20 46.89
C PHE R 3 -85.25 96.49 46.19
N GLU R 4 -86.26 97.27 45.78
CA GLU R 4 -86.08 98.37 44.84
C GLU R 4 -85.32 97.89 43.62
N GLU R 5 -85.76 96.74 43.09
CA GLU R 5 -85.15 96.06 41.96
C GLU R 5 -83.73 95.60 42.25
N ASN R 6 -83.37 95.52 43.54
CA ASN R 6 -82.04 95.06 43.96
C ASN R 6 -80.94 95.86 43.28
N LEU R 7 -81.12 97.19 43.27
CA LEU R 7 -80.15 98.05 42.60
C LEU R 7 -78.78 98.02 43.26
N TYR R 8 -78.70 97.60 44.52
CA TYR R 8 -77.42 97.45 45.20
C TYR R 8 -77.24 96.13 45.92
N CYS R 9 -78.30 95.37 46.18
CA CYS R 9 -78.23 94.15 46.96
C CYS R 9 -78.80 93.01 46.12
N ASP R 10 -77.92 92.35 45.37
CA ASP R 10 -78.30 91.23 44.52
C ASP R 10 -78.28 89.94 45.34
N TYR R 11 -79.45 89.34 45.53
CA TYR R 11 -79.58 88.07 46.26
C TYR R 11 -79.90 86.90 45.34
N THR R 12 -79.87 87.10 44.03
CA THR R 12 -80.18 86.02 43.11
C THR R 12 -79.07 84.98 43.12
N PRO R 13 -79.33 83.72 43.46
CA PRO R 13 -78.29 82.69 43.46
C PRO R 13 -78.05 82.15 42.06
N GLY R 14 -76.91 82.50 41.48
CA GLY R 14 -76.53 81.96 40.19
C GLY R 14 -75.52 80.86 40.30
N ALA R 15 -74.53 81.06 41.18
CA ALA R 15 -73.51 80.07 41.44
C ALA R 15 -72.85 80.40 42.78
N ALA R 16 -72.29 79.36 43.41
CA ALA R 16 -71.57 79.58 44.67
C ALA R 16 -70.36 80.47 44.46
N LYS R 17 -69.63 80.25 43.37
CA LYS R 17 -68.50 81.08 42.93
C LYS R 17 -67.31 80.96 43.89
N ALA R 18 -67.49 80.25 44.99
CA ALA R 18 -66.44 80.04 45.98
C ALA R 18 -66.91 78.97 46.96
N VAL R 19 -66.02 78.03 47.26
CA VAL R 19 -66.30 76.96 48.21
C VAL R 19 -65.26 77.03 49.31
N ALA R 20 -65.70 77.33 50.54
CA ALA R 20 -64.78 77.43 51.65
C ALA R 20 -64.22 76.06 52.02
N GLY R 21 -63.01 76.06 52.58
CA GLY R 21 -62.36 74.83 52.98
C GLY R 21 -63.02 74.14 54.16
N LYS R 22 -63.90 74.82 54.87
CA LYS R 22 -64.60 74.18 55.98
C LYS R 22 -65.47 73.03 55.50
N ASP R 23 -66.13 73.19 54.37
CA ASP R 23 -67.11 72.24 53.89
C ASP R 23 -66.50 70.99 53.27
N VAL R 24 -65.21 71.01 52.95
CA VAL R 24 -64.57 69.90 52.25
C VAL R 24 -63.82 69.07 53.27
N ILE R 25 -64.20 67.79 53.38
CA ILE R 25 -63.56 66.89 54.34
C ILE R 25 -63.25 65.56 53.65
N LEU R 26 -62.38 64.79 54.29
CA LEU R 26 -62.00 63.46 53.83
C LEU R 26 -62.63 62.43 54.75
N ALA R 27 -63.27 61.42 54.16
CA ALA R 27 -63.91 60.36 54.91
C ALA R 27 -63.42 59.02 54.43
N VAL R 28 -63.40 58.04 55.34
CA VAL R 28 -62.94 56.70 55.04
C VAL R 28 -64.01 55.70 55.49
N PHE R 29 -63.99 54.53 54.87
CA PHE R 29 -64.86 53.45 55.27
C PHE R 29 -64.14 52.55 56.28
N ASN R 30 -64.92 52.02 57.23
CA ASN R 30 -64.33 51.17 58.26
C ASN R 30 -63.99 49.80 57.67
N ALA R 31 -63.55 48.89 58.55
CA ALA R 31 -63.14 47.56 58.09
C ALA R 31 -64.30 46.83 57.43
N ALA R 32 -65.48 46.88 58.05
CA ALA R 32 -66.66 46.29 57.44
C ALA R 32 -67.21 47.13 56.30
N GLY R 33 -66.95 48.43 56.32
CA GLY R 33 -67.45 49.33 55.29
C GLY R 33 -68.88 49.78 55.47
N ASP R 34 -69.57 49.30 56.51
CA ASP R 34 -70.96 49.67 56.70
C ASP R 34 -71.12 51.15 57.02
N LYS R 35 -70.24 51.69 57.86
CA LYS R 35 -70.32 53.07 58.30
C LYS R 35 -69.11 53.84 57.78
N LEU R 36 -69.38 54.94 57.08
CA LEU R 36 -68.34 55.84 56.62
C LEU R 36 -68.17 56.97 57.64
N LEU R 37 -66.91 57.31 57.94
CA LEU R 37 -66.63 58.28 58.99
C LEU R 37 -65.52 59.21 58.54
N ALA R 38 -65.64 60.48 58.92
CA ALA R 38 -64.63 61.47 58.58
C ALA R 38 -63.44 61.39 59.54
N VAL R 39 -62.29 61.84 59.05
CA VAL R 39 -61.07 61.82 59.86
C VAL R 39 -61.12 62.96 60.87
N ALA R 40 -60.91 62.62 62.14
CA ALA R 40 -61.03 63.62 63.19
C ALA R 40 -59.91 64.65 63.11
N GLY R 41 -60.25 65.90 63.37
CA GLY R 41 -59.27 66.97 63.44
C GLY R 41 -58.59 67.32 62.14
N GLN R 42 -59.31 67.31 61.03
CA GLN R 42 -58.74 67.71 59.75
C GLN R 42 -58.43 69.20 59.76
N GLN R 43 -57.30 69.57 59.15
CA GLN R 43 -56.91 70.97 59.07
C GLN R 43 -56.52 71.35 57.65
N GLY R 44 -55.99 70.40 56.88
CA GLY R 44 -55.58 70.69 55.53
C GLY R 44 -55.62 69.46 54.64
N LEU R 45 -56.03 69.65 53.39
CA LEU R 45 -56.21 68.53 52.46
C LEU R 45 -55.78 68.95 51.07
N THR R 46 -54.99 68.11 50.40
CA THR R 46 -54.61 68.29 49.02
C THR R 46 -54.84 66.98 48.26
N VAL R 47 -55.31 67.09 47.03
CA VAL R 47 -55.54 65.95 46.16
C VAL R 47 -54.77 66.18 44.88
N ASN R 48 -53.87 65.25 44.55
CA ASN R 48 -53.02 65.35 43.37
C ASN R 48 -53.41 64.28 42.36
N ARG R 49 -53.69 64.70 41.13
CA ARG R 49 -53.95 63.79 40.02
C ARG R 49 -53.04 64.20 38.86
N SER R 50 -52.25 63.25 38.36
CA SER R 50 -51.28 63.57 37.32
C SER R 50 -51.30 62.53 36.23
N LYS R 51 -50.90 62.95 35.03
CA LYS R 51 -50.84 62.12 33.85
C LYS R 51 -49.45 62.23 33.24
N ASP R 52 -48.95 61.11 32.73
CA ASP R 52 -47.64 61.07 32.08
C ASP R 52 -47.75 61.53 30.64
N SER R 53 -46.64 62.02 30.10
CA SER R 53 -46.55 62.45 28.72
C SER R 53 -45.47 61.65 28.01
N ILE R 54 -45.81 61.11 26.84
CA ILE R 54 -44.90 60.30 26.06
C ILE R 54 -44.48 61.11 24.84
N GLU R 55 -43.18 61.29 24.67
CA GLU R 55 -42.65 62.03 23.52
C GLU R 55 -42.62 61.13 22.29
N ILE R 56 -43.16 61.61 21.18
CA ILE R 56 -43.22 60.83 19.96
C ILE R 56 -42.58 61.62 18.81
N THR R 57 -41.67 62.52 19.15
CA THR R 57 -40.99 63.31 18.13
C THR R 57 -40.12 62.41 17.25
N SER R 58 -40.12 62.69 15.95
CA SER R 58 -39.33 61.93 15.00
C SER R 58 -38.85 62.89 13.92
N LYS R 59 -38.23 62.33 12.88
CA LYS R 59 -37.77 63.13 11.76
C LYS R 59 -38.89 63.50 10.80
N ASP R 60 -40.09 62.93 10.98
CA ASP R 60 -41.22 63.25 10.14
C ASP R 60 -41.97 64.50 10.60
N THR R 61 -41.90 64.84 11.89
CA THR R 61 -42.59 66.00 12.39
C THR R 61 -41.97 67.28 11.83
N VAL R 62 -42.83 68.27 11.56
CA VAL R 62 -42.41 69.54 10.98
C VAL R 62 -43.01 70.67 11.80
N GLY R 63 -42.46 71.86 11.61
CA GLY R 63 -42.91 73.05 12.31
C GLY R 63 -42.03 73.48 13.45
N GLY R 64 -41.05 72.66 13.84
CA GLY R 64 -40.14 73.02 14.91
C GLY R 64 -40.62 72.73 16.30
N TRP R 65 -41.76 72.09 16.47
CA TRP R 65 -42.31 71.76 17.78
C TRP R 65 -42.34 70.25 17.98
N LYS R 66 -41.95 69.81 19.17
CA LYS R 66 -41.97 68.39 19.48
C LYS R 66 -43.40 67.89 19.67
N SER R 67 -43.59 66.60 19.46
CA SER R 67 -44.90 65.97 19.54
C SER R 67 -44.98 65.09 20.78
N LYS R 68 -46.07 65.22 21.53
CA LYS R 68 -46.30 64.44 22.74
C LYS R 68 -47.72 63.90 22.75
N ILE R 69 -47.91 62.80 23.47
CA ILE R 69 -49.22 62.18 23.66
C ILE R 69 -49.41 61.87 25.13
N GLY R 70 -50.66 61.63 25.51
CA GLY R 70 -50.98 61.29 26.87
C GLY R 70 -50.45 59.92 27.26
N GLY R 71 -50.31 59.72 28.56
CA GLY R 71 -49.77 58.49 29.11
C GLY R 71 -50.63 57.93 30.23
N MET R 72 -49.96 57.38 31.22
CA MET R 72 -50.63 56.73 32.34
C MET R 72 -51.20 57.80 33.29
N LYS R 73 -51.78 57.33 34.40
CA LYS R 73 -52.41 58.21 35.37
C LYS R 73 -52.04 57.77 36.77
N GLU R 74 -52.04 58.73 37.70
CA GLU R 74 -51.81 58.39 39.10
C GLU R 74 -52.41 59.49 39.97
N TRP R 75 -52.64 59.15 41.24
CA TRP R 75 -53.27 60.10 42.15
C TRP R 75 -52.89 59.77 43.59
N SER R 76 -52.95 60.82 44.41
CA SER R 76 -52.61 60.73 45.83
C SER R 76 -53.38 61.79 46.60
N ILE R 77 -53.47 61.57 47.91
CA ILE R 77 -54.18 62.47 48.82
C ILE R 77 -53.30 62.71 50.03
N GLU R 78 -53.12 63.98 50.40
CA GLU R 78 -52.40 64.35 51.60
C GLU R 78 -53.35 65.07 52.54
N ASN R 79 -53.37 64.65 53.81
CA ASN R 79 -54.28 65.22 54.79
C ASN R 79 -53.56 65.39 56.11
N ASP R 80 -53.54 66.61 56.63
CA ASP R 80 -52.87 66.91 57.88
C ASP R 80 -53.84 67.60 58.83
N GLY R 81 -53.58 67.46 60.13
CA GLY R 81 -54.44 68.08 61.11
C GLY R 81 -54.06 67.71 62.52
N LEU R 82 -55.04 67.82 63.42
CA LEU R 82 -54.84 67.48 64.83
C LEU R 82 -55.13 66.00 65.06
N TYR R 83 -54.26 65.36 65.84
CA TYR R 83 -54.36 63.93 66.09
C TYR R 83 -55.00 63.70 67.45
N VAL R 84 -56.08 62.93 67.47
CA VAL R 84 -56.71 62.46 68.70
C VAL R 84 -56.59 60.94 68.68
N ALA R 85 -55.68 60.40 69.50
CA ALA R 85 -55.39 58.97 69.45
C ALA R 85 -56.59 58.11 69.79
N ASP R 86 -57.52 58.63 70.59
CA ASP R 86 -58.70 57.85 70.98
C ASP R 86 -59.82 57.92 69.96
N ALA R 87 -59.70 58.75 68.93
CA ALA R 87 -60.74 58.86 67.93
C ALA R 87 -60.87 57.56 67.13
N GLU R 88 -62.11 57.23 66.76
CA GLU R 88 -62.35 56.00 66.01
C GLU R 88 -61.77 56.08 64.60
N SER R 89 -61.78 57.27 63.99
CA SER R 89 -61.21 57.42 62.66
C SER R 89 -59.72 57.12 62.65
N HIS R 90 -59.01 57.66 63.65
CA HIS R 90 -57.57 57.42 63.72
C HIS R 90 -57.27 55.98 64.09
N LYS R 91 -58.12 55.36 64.92
CA LYS R 91 -57.95 53.94 65.21
C LYS R 91 -58.11 53.09 63.96
N GLU R 92 -59.12 53.42 63.13
CA GLU R 92 -59.31 52.70 61.88
C GLU R 92 -58.14 52.91 60.95
N LEU R 93 -57.61 54.13 60.88
CA LEU R 93 -56.44 54.40 60.05
C LEU R 93 -55.23 53.59 60.52
N ALA R 94 -55.02 53.51 61.83
CA ALA R 94 -53.92 52.73 62.36
C ALA R 94 -54.09 51.25 62.05
N LYS R 95 -55.32 50.75 62.18
CA LYS R 95 -55.58 49.35 61.85
C LYS R 95 -55.32 49.07 60.38
N TYR R 96 -55.73 49.99 59.50
CA TYR R 96 -55.46 49.84 58.07
C TYR R 96 -53.96 49.85 57.79
N PHE R 97 -53.23 50.75 58.44
CA PHE R 97 -51.79 50.82 58.24
C PHE R 97 -51.11 49.54 58.70
N GLU R 98 -51.54 49.00 59.84
CA GLU R 98 -50.93 47.78 60.36
C GLU R 98 -51.26 46.58 59.47
N SER R 99 -52.53 46.42 59.10
CA SER R 99 -52.97 45.26 58.34
C SER R 99 -52.73 45.40 56.85
N ASP R 100 -52.16 46.54 56.40
CA ASP R 100 -51.78 46.80 55.01
C ASP R 100 -52.93 46.53 54.03
N SER R 101 -54.16 46.51 54.51
CA SER R 101 -55.30 46.33 53.63
C SER R 101 -55.62 47.65 52.93
N PRO R 102 -56.12 47.59 51.69
CA PRO R 102 -56.52 48.82 51.00
C PRO R 102 -57.68 49.49 51.72
N VAL R 103 -57.71 50.81 51.66
CA VAL R 103 -58.70 51.63 52.34
C VAL R 103 -59.54 52.35 51.30
N CYS R 104 -60.86 52.36 51.51
CA CYS R 104 -61.75 53.11 50.65
C CYS R 104 -61.98 54.50 51.24
N VAL R 105 -61.67 55.53 50.46
CA VAL R 105 -61.75 56.91 50.91
C VAL R 105 -62.56 57.71 49.92
N LYS R 106 -63.04 58.87 50.38
CA LYS R 106 -63.80 59.78 49.54
C LYS R 106 -63.67 61.19 50.09
N ILE R 107 -63.98 62.16 49.24
CA ILE R 107 -63.96 63.58 49.59
C ILE R 107 -65.38 64.10 49.52
N ILE R 108 -65.83 64.76 50.59
CA ILE R 108 -67.22 65.16 50.74
C ILE R 108 -67.29 66.67 50.94
N ASN R 109 -68.13 67.32 50.14
CA ASN R 109 -68.52 68.71 50.37
C ASN R 109 -69.69 68.69 51.34
N GLN R 110 -69.37 68.76 52.64
CA GLN R 110 -70.37 68.53 53.67
C GLN R 110 -71.43 69.63 53.73
N ALA R 111 -71.19 70.80 53.13
CA ALA R 111 -72.20 71.84 53.13
C ALA R 111 -73.17 71.67 51.98
N SER R 112 -72.66 71.47 50.77
CA SER R 112 -73.49 71.28 49.59
C SER R 112 -74.06 69.88 49.48
N LYS R 113 -73.70 68.99 50.43
CA LYS R 113 -74.25 67.63 50.48
C LYS R 113 -73.91 66.84 49.22
N LYS R 114 -72.72 67.08 48.68
CA LYS R 114 -72.30 66.46 47.43
C LYS R 114 -70.92 65.81 47.60
N GLY R 115 -70.69 64.76 46.83
CA GLY R 115 -69.40 64.08 46.81
C GLY R 115 -68.55 64.55 45.65
N LEU R 116 -67.24 64.45 45.81
CA LEU R 116 -66.29 64.92 44.80
C LEU R 116 -65.48 63.79 44.20
N PHE R 117 -64.77 63.02 45.02
CA PHE R 117 -63.92 61.94 44.53
C PHE R 117 -63.99 60.78 45.51
N GLY R 118 -63.56 59.61 45.05
CA GLY R 118 -63.50 58.45 45.92
C GLY R 118 -62.77 57.32 45.23
N GLY R 119 -62.22 56.43 46.05
CA GLY R 119 -61.54 55.28 45.52
C GLY R 119 -60.72 54.55 46.58
N LEU R 120 -60.01 53.52 46.11
CA LEU R 120 -59.16 52.72 46.96
C LEU R 120 -57.76 53.33 47.02
N ALA R 121 -57.11 53.17 48.17
CA ALA R 121 -55.79 53.76 48.36
C ALA R 121 -55.03 52.98 49.43
N ILE R 122 -53.72 53.18 49.45
CA ILE R 122 -52.83 52.62 50.45
C ILE R 122 -52.26 53.74 51.29
N VAL R 123 -52.16 53.50 52.60
CA VAL R 123 -51.62 54.49 53.53
C VAL R 123 -50.10 54.44 53.47
N ALA R 124 -49.51 55.29 52.62
CA ALA R 124 -48.07 55.27 52.43
C ALA R 124 -47.33 55.90 53.60
N ASP R 125 -47.90 56.91 54.24
CA ASP R 125 -47.23 57.61 55.32
C ASP R 125 -48.24 57.97 56.41
N TYR R 126 -47.81 57.82 57.67
CA TYR R 126 -48.63 58.15 58.83
C TYR R 126 -47.68 58.68 59.90
N SER R 127 -47.57 60.00 59.99
CA SER R 127 -46.56 60.65 60.81
C SER R 127 -47.22 61.57 61.84
N PHE R 128 -46.51 61.79 62.95
CA PHE R 128 -46.98 62.66 64.02
C PHE R 128 -45.82 63.52 64.53
N GLU R 129 -46.08 64.81 64.69
CA GLU R 129 -45.12 65.74 65.26
C GLU R 129 -45.68 66.32 66.55
N ALA R 130 -44.82 66.48 67.55
CA ALA R 130 -45.22 66.92 68.89
C ALA R 130 -44.34 68.09 69.34
N PRO R 131 -44.57 69.27 68.80
CA PRO R 131 -43.88 70.46 69.33
C PRO R 131 -44.41 70.81 70.71
N PHE R 132 -43.54 71.40 71.53
CA PHE R 132 -43.91 71.71 72.90
C PHE R 132 -44.66 73.02 73.03
N ASP R 133 -44.88 73.75 71.93
CA ASP R 133 -45.64 74.99 71.98
C ASP R 133 -47.12 74.79 71.66
N GLU R 134 -47.43 74.02 70.63
CA GLU R 134 -48.79 73.86 70.14
C GLU R 134 -49.23 72.40 70.31
N ALA R 135 -50.41 72.10 69.77
CA ALA R 135 -50.95 70.75 69.86
C ALA R 135 -50.16 69.79 68.98
N MET R 136 -50.23 68.51 69.34
CA MET R 136 -49.53 67.47 68.60
C MET R 136 -50.36 67.01 67.42
N THR R 137 -49.76 67.04 66.23
CA THR R 137 -50.48 66.91 64.96
C THR R 137 -50.19 65.58 64.29
N TYR R 138 -50.87 65.35 63.17
CA TYR R 138 -50.73 64.15 62.36
C TYR R 138 -50.78 64.53 60.89
N SER R 139 -50.18 63.67 60.07
CA SER R 139 -50.20 63.80 58.62
C SER R 139 -50.29 62.43 57.99
N VAL R 140 -51.15 62.29 56.98
CA VAL R 140 -51.41 61.03 56.30
C VAL R 140 -51.28 61.24 54.80
N LYS R 141 -50.66 60.29 54.12
CA LYS R 141 -50.58 60.29 52.67
C LYS R 141 -51.12 58.96 52.14
N LEU R 142 -51.99 59.04 51.15
CA LEU R 142 -52.62 57.87 50.54
C LEU R 142 -52.33 57.87 49.05
N ASP R 143 -51.82 56.74 48.55
CA ASP R 143 -51.53 56.56 47.14
C ASP R 143 -52.60 55.69 46.50
N GLY R 144 -53.00 56.05 45.29
CA GLY R 144 -54.09 55.32 44.64
C GLY R 144 -53.63 53.97 44.14
N MET R 145 -54.48 52.96 44.34
CA MET R 145 -54.27 51.63 43.75
C MET R 145 -54.79 51.54 42.33
N GLY R 146 -55.50 52.56 41.85
CA GLY R 146 -56.09 52.50 40.53
C GLY R 146 -56.92 53.72 40.20
N ALA R 147 -58.12 53.50 39.68
CA ALA R 147 -58.96 54.60 39.21
C ALA R 147 -59.52 55.39 40.38
N LEU R 148 -59.37 56.71 40.32
CA LEU R 148 -60.01 57.63 41.26
C LEU R 148 -61.22 58.23 40.54
N VAL R 149 -62.39 57.65 40.79
CA VAL R 149 -63.59 58.08 40.08
C VAL R 149 -63.95 59.51 40.48
N ASP R 150 -64.60 60.22 39.57
CA ASP R 150 -64.95 61.62 39.76
C ASP R 150 -66.46 61.70 39.99
N LEU R 151 -66.84 62.07 41.22
CA LEU R 151 -68.26 62.18 41.55
C LEU R 151 -68.89 63.47 41.07
N THR R 152 -68.09 64.45 40.65
CA THR R 152 -68.64 65.71 40.18
C THR R 152 -69.25 65.59 38.79
N ILE R 153 -68.86 64.58 38.02
CA ILE R 153 -69.41 64.35 36.68
C ILE R 153 -70.15 63.03 36.58
N THR R 154 -70.28 62.29 37.68
CA THR R 154 -71.01 61.03 37.70
C THR R 154 -72.09 61.09 38.78
N GLU R 155 -73.25 60.51 38.47
CA GLU R 155 -74.35 60.51 39.42
C GLU R 155 -74.03 59.62 40.62
N GLY R 156 -74.74 59.87 41.71
CA GLY R 156 -74.53 59.11 42.93
C GLY R 156 -73.32 59.60 43.72
N GLY R 157 -72.88 58.75 44.64
CA GLY R 157 -71.76 59.08 45.49
C GLY R 157 -72.04 60.25 46.41
N ASP R 158 -73.21 60.25 47.05
CA ASP R 158 -73.62 61.34 47.92
C ASP R 158 -73.93 60.87 49.34
N GLN R 159 -73.38 59.74 49.77
CA GLN R 159 -73.52 59.30 51.15
C GLN R 159 -72.74 60.21 52.07
N MET R 160 -73.15 60.23 53.35
CA MET R 160 -72.57 61.13 54.34
C MET R 160 -72.13 60.36 55.57
N PRO R 161 -71.12 60.85 56.29
CA PRO R 161 -70.73 60.21 57.55
C PRO R 161 -71.83 60.28 58.59
N GLY R 162 -71.90 59.23 59.42
CA GLY R 162 -72.90 59.14 60.46
C GLY R 162 -73.73 57.88 60.39
N ALA S 2 -1.05 -13.04 38.41
CA ALA S 2 -0.46 -14.36 38.60
C ALA S 2 -1.12 -15.10 39.75
N PHE S 3 -2.33 -14.66 40.11
CA PHE S 3 -3.03 -15.23 41.25
C PHE S 3 -4.53 -15.10 40.99
N GLU S 4 -5.31 -15.12 42.08
CA GLU S 4 -6.78 -15.24 42.03
C GLU S 4 -7.19 -16.61 41.50
N GLU S 5 -6.49 -17.64 41.97
CA GLU S 5 -6.78 -19.04 41.62
C GLU S 5 -6.69 -19.28 40.12
N ASN S 6 -5.89 -18.47 39.43
CA ASN S 6 -5.73 -18.57 37.98
C ASN S 6 -7.08 -18.55 37.27
N LEU S 7 -7.97 -17.67 37.74
CA LEU S 7 -9.32 -17.60 37.17
C LEU S 7 -9.27 -17.16 35.71
N TYR S 8 -8.41 -16.20 35.39
CA TYR S 8 -8.27 -15.70 34.03
C TYR S 8 -6.85 -15.78 33.50
N CYS S 9 -5.85 -15.96 34.34
CA CYS S 9 -4.46 -16.02 33.92
C CYS S 9 -3.94 -17.43 34.18
N ASP S 10 -3.83 -18.22 33.11
CA ASP S 10 -3.36 -19.61 33.20
C ASP S 10 -1.84 -19.59 33.11
N TYR S 11 -1.18 -19.60 34.26
CA TYR S 11 0.27 -19.55 34.34
C TYR S 11 0.92 -20.93 34.45
N THR S 12 0.14 -22.00 34.42
CA THR S 12 0.70 -23.34 34.55
C THR S 12 1.50 -23.71 33.30
N PRO S 13 2.78 -24.05 33.43
CA PRO S 13 3.55 -24.45 32.24
C PRO S 13 3.35 -25.93 31.92
N GLY S 14 2.73 -26.22 30.79
CA GLY S 14 2.56 -27.59 30.36
C GLY S 14 3.27 -27.88 29.06
N ALA S 15 3.34 -26.87 28.19
CA ALA S 15 4.03 -26.99 26.91
C ALA S 15 4.37 -25.59 26.41
N ALA S 16 5.39 -25.53 25.56
CA ALA S 16 5.80 -24.24 25.01
C ALA S 16 4.80 -23.74 23.97
N LYS S 17 4.24 -24.66 23.18
CA LYS S 17 3.25 -24.37 22.14
C LYS S 17 3.88 -23.63 20.97
N ALA S 18 5.14 -23.23 21.12
CA ALA S 18 5.88 -22.50 20.09
C ALA S 18 7.33 -22.33 20.52
N VAL S 19 8.24 -22.21 19.57
CA VAL S 19 9.65 -21.97 19.85
C VAL S 19 10.10 -20.80 18.98
N ALA S 20 10.66 -19.77 19.61
CA ALA S 20 11.18 -18.64 18.85
C ALA S 20 12.32 -19.09 17.97
N GLY S 21 12.31 -18.62 16.71
CA GLY S 21 13.35 -19.02 15.78
C GLY S 21 14.74 -18.56 16.19
N LYS S 22 14.81 -17.45 16.94
CA LYS S 22 16.10 -16.98 17.42
C LYS S 22 16.74 -17.92 18.44
N ASP S 23 15.95 -18.83 19.01
CA ASP S 23 16.47 -19.74 20.02
C ASP S 23 17.20 -20.94 19.43
N VAL S 24 17.01 -21.21 18.14
CA VAL S 24 17.62 -22.35 17.48
C VAL S 24 18.78 -21.85 16.64
N ILE S 25 19.97 -22.41 16.86
CA ILE S 25 21.17 -21.98 16.17
C ILE S 25 21.90 -23.20 15.63
N LEU S 26 22.79 -22.94 14.66
CA LEU S 26 23.63 -23.96 14.05
C LEU S 26 25.08 -23.69 14.45
N ALA S 27 25.74 -24.73 14.96
CA ALA S 27 27.13 -24.63 15.38
C ALA S 27 27.94 -25.72 14.69
N VAL S 28 29.24 -25.49 14.58
CA VAL S 28 30.15 -26.42 13.94
C VAL S 28 31.33 -26.68 14.86
N PHE S 29 31.93 -27.85 14.72
CA PHE S 29 33.15 -28.17 15.44
C PHE S 29 34.36 -27.69 14.65
N ASN S 30 35.31 -27.09 15.35
CA ASN S 30 36.50 -26.56 14.70
C ASN S 30 37.37 -27.71 14.17
N ALA S 31 38.47 -27.36 13.53
CA ALA S 31 39.34 -28.36 12.92
C ALA S 31 39.87 -29.34 13.96
N ALA S 32 40.30 -28.83 15.12
CA ALA S 32 40.75 -29.70 16.19
C ALA S 32 39.61 -30.49 16.81
N GLY S 33 38.37 -30.04 16.65
CA GLY S 33 37.24 -30.74 17.22
C GLY S 33 37.08 -30.58 18.71
N ASP S 34 37.82 -29.67 19.34
CA ASP S 34 37.79 -29.51 20.79
C ASP S 34 36.71 -28.54 21.26
N LYS S 35 36.39 -27.52 20.45
CA LYS S 35 35.44 -26.50 20.84
C LYS S 35 34.35 -26.35 19.79
N LEU S 36 33.12 -26.19 20.25
CA LEU S 36 31.99 -25.88 19.37
C LEU S 36 31.94 -24.38 19.15
N LEU S 37 31.64 -23.98 17.91
CA LEU S 37 31.55 -22.56 17.57
C LEU S 37 30.22 -22.33 16.86
N ALA S 38 29.43 -21.40 17.39
CA ALA S 38 28.21 -20.97 16.73
C ALA S 38 28.58 -20.01 15.60
N VAL S 39 27.95 -20.21 14.44
CA VAL S 39 28.26 -19.36 13.30
C VAL S 39 27.84 -17.93 13.61
N ALA S 40 28.71 -16.98 13.29
CA ALA S 40 28.48 -15.59 13.66
C ALA S 40 27.39 -14.97 12.80
N GLY S 41 26.46 -14.28 13.44
CA GLY S 41 25.45 -13.51 12.72
C GLY S 41 24.49 -14.33 11.90
N GLN S 42 24.03 -15.46 12.43
CA GLN S 42 23.01 -16.24 11.75
C GLN S 42 21.69 -15.48 11.74
N GLN S 43 20.96 -15.60 10.61
CA GLN S 43 19.65 -15.00 10.49
C GLN S 43 18.59 -15.94 9.94
N GLY S 44 18.97 -16.99 9.22
CA GLY S 44 18.01 -17.94 8.70
C GLY S 44 18.60 -19.33 8.60
N LEU S 45 17.86 -20.33 9.06
CA LEU S 45 18.32 -21.70 9.08
C LEU S 45 17.22 -22.62 8.58
N THR S 46 17.59 -23.57 7.72
CA THR S 46 16.65 -24.56 7.19
C THR S 46 17.32 -25.92 7.20
N VAL S 47 16.60 -26.92 7.70
CA VAL S 47 17.07 -28.30 7.73
C VAL S 47 16.10 -29.13 6.89
N ASN S 48 16.61 -29.71 5.81
CA ASN S 48 15.80 -30.52 4.90
C ASN S 48 16.15 -31.99 5.07
N ARG S 49 15.14 -32.80 5.33
CA ARG S 49 15.27 -34.26 5.36
C ARG S 49 14.29 -34.85 4.36
N SER S 50 14.78 -35.75 3.51
CA SER S 50 13.96 -36.30 2.45
C SER S 50 14.18 -37.81 2.36
N LYS S 51 13.15 -38.50 1.89
CA LYS S 51 13.19 -39.94 1.67
C LYS S 51 12.69 -40.25 0.27
N ASP S 52 13.25 -41.29 -0.34
CA ASP S 52 12.85 -41.71 -1.66
C ASP S 52 11.67 -42.67 -1.58
N SER S 53 10.90 -42.73 -2.67
CA SER S 53 9.74 -43.60 -2.77
C SER S 53 9.96 -44.59 -3.90
N ILE S 54 9.76 -45.88 -3.60
CA ILE S 54 9.90 -46.95 -4.57
C ILE S 54 8.51 -47.49 -4.89
N GLU S 55 8.17 -47.53 -6.17
CA GLU S 55 6.83 -47.91 -6.60
C GLU S 55 6.76 -49.42 -6.78
N ILE S 56 5.86 -50.07 -6.04
CA ILE S 56 5.68 -51.51 -6.11
C ILE S 56 4.22 -51.81 -6.47
N THR S 57 3.63 -50.97 -7.31
CA THR S 57 2.22 -51.11 -7.67
C THR S 57 1.94 -52.49 -8.23
N SER S 58 0.90 -53.12 -7.71
CA SER S 58 0.49 -54.46 -8.12
C SER S 58 -0.83 -54.34 -8.89
N LYS S 59 -0.74 -54.46 -10.22
CA LYS S 59 -1.93 -54.35 -11.05
C LYS S 59 -2.83 -55.55 -10.97
N ASP S 60 -2.40 -56.64 -10.32
CA ASP S 60 -3.19 -57.86 -10.21
C ASP S 60 -3.93 -57.96 -8.88
N THR S 61 -3.91 -56.90 -8.08
CA THR S 61 -4.63 -56.86 -6.81
C THR S 61 -5.80 -55.90 -6.92
N VAL S 62 -6.91 -56.25 -6.28
CA VAL S 62 -8.09 -55.39 -6.31
C VAL S 62 -7.75 -54.03 -5.69
N GLY S 63 -8.52 -53.02 -6.10
CA GLY S 63 -8.20 -51.66 -5.71
C GLY S 63 -8.09 -50.72 -6.89
N GLY S 64 -6.87 -50.27 -7.18
CA GLY S 64 -6.65 -49.31 -8.25
C GLY S 64 -5.68 -48.23 -7.85
N TRP S 65 -5.10 -48.36 -6.66
CA TRP S 65 -4.18 -47.38 -6.12
C TRP S 65 -2.74 -47.87 -6.26
N LYS S 66 -1.85 -46.95 -6.61
CA LYS S 66 -0.43 -47.28 -6.67
C LYS S 66 0.11 -47.53 -5.27
N SER S 67 1.11 -48.40 -5.19
CA SER S 67 1.73 -48.78 -3.92
C SER S 67 3.18 -48.33 -3.91
N LYS S 68 3.58 -47.68 -2.81
CA LYS S 68 4.94 -47.18 -2.65
C LYS S 68 5.49 -47.58 -1.30
N ILE S 69 6.82 -47.67 -1.24
CA ILE S 69 7.52 -47.95 0.01
C ILE S 69 8.67 -46.96 0.15
N GLY S 70 9.15 -46.82 1.39
CA GLY S 70 10.22 -45.88 1.66
C GLY S 70 11.55 -46.33 1.07
N GLY S 71 12.40 -45.35 0.78
CA GLY S 71 13.70 -45.63 0.21
C GLY S 71 14.85 -45.03 1.00
N MET S 72 15.89 -44.60 0.29
CA MET S 72 17.05 -44.00 0.94
C MET S 72 16.72 -42.60 1.45
N LYS S 73 17.43 -42.19 2.50
CA LYS S 73 17.24 -40.90 3.13
C LYS S 73 18.41 -39.98 2.86
N GLU S 74 18.14 -38.68 2.87
CA GLU S 74 19.16 -37.67 2.65
C GLU S 74 18.80 -36.41 3.41
N TRP S 75 19.81 -35.58 3.66
CA TRP S 75 19.56 -34.35 4.42
C TRP S 75 20.58 -33.27 4.05
N SER S 76 20.14 -32.03 4.27
CA SER S 76 20.94 -30.86 3.95
C SER S 76 20.56 -29.73 4.90
N ILE S 77 21.46 -28.76 5.01
CA ILE S 77 21.27 -27.59 5.88
C ILE S 77 21.61 -26.34 5.09
N GLU S 78 20.75 -25.34 5.14
CA GLU S 78 21.00 -24.05 4.53
C GLU S 78 21.02 -22.99 5.62
N ASN S 79 22.09 -22.19 5.66
CA ASN S 79 22.23 -21.19 6.71
C ASN S 79 22.70 -19.88 6.10
N ASP S 80 21.97 -18.80 6.37
CA ASP S 80 22.32 -17.49 5.84
C ASP S 80 22.25 -16.45 6.94
N GLY S 81 23.01 -15.38 6.78
CA GLY S 81 23.00 -14.33 7.78
C GLY S 81 23.97 -13.23 7.44
N LEU S 82 24.33 -12.45 8.45
CA LEU S 82 25.32 -11.40 8.30
C LEU S 82 26.72 -11.99 8.33
N TYR S 83 27.61 -11.42 7.52
CA TYR S 83 28.97 -11.93 7.37
C TYR S 83 29.96 -10.97 8.01
N VAL S 84 30.78 -11.50 8.90
CA VAL S 84 31.95 -10.80 9.44
C VAL S 84 33.16 -11.70 9.20
N ALA S 85 34.11 -11.21 8.40
CA ALA S 85 35.22 -12.05 7.97
C ALA S 85 36.18 -12.40 9.10
N ASP S 86 36.20 -11.61 10.17
CA ASP S 86 37.14 -11.84 11.26
C ASP S 86 36.64 -12.81 12.30
N ALA S 87 35.41 -13.32 12.16
CA ALA S 87 34.87 -14.28 13.12
C ALA S 87 35.60 -15.61 13.00
N GLU S 88 35.77 -16.27 14.15
CA GLU S 88 36.42 -17.58 14.18
C GLU S 88 35.59 -18.62 13.44
N SER S 89 34.27 -18.57 13.60
CA SER S 89 33.41 -19.56 12.94
C SER S 89 33.51 -19.45 11.43
N HIS S 90 33.54 -18.23 10.90
CA HIS S 90 33.66 -18.06 9.46
C HIS S 90 35.03 -18.51 8.97
N LYS S 91 36.08 -18.29 9.77
CA LYS S 91 37.40 -18.80 9.40
C LYS S 91 37.40 -20.33 9.33
N GLU S 92 36.76 -20.98 10.30
CA GLU S 92 36.67 -22.43 10.28
C GLU S 92 35.86 -22.91 9.08
N LEU S 93 34.78 -22.21 8.75
CA LEU S 93 33.98 -22.58 7.60
C LEU S 93 34.78 -22.45 6.31
N ALA S 94 35.56 -21.37 6.18
CA ALA S 94 36.40 -21.20 5.00
C ALA S 94 37.44 -22.30 4.90
N LYS S 95 38.07 -22.65 6.02
CA LYS S 95 39.05 -23.73 6.01
C LYS S 95 38.40 -25.06 5.62
N TYR S 96 37.20 -25.32 6.15
CA TYR S 96 36.51 -26.57 5.82
C TYR S 96 36.15 -26.62 4.34
N PHE S 97 35.68 -25.50 3.78
CA PHE S 97 35.33 -25.48 2.36
C PHE S 97 36.58 -25.58 1.48
N GLU S 98 37.71 -25.08 1.95
CA GLU S 98 38.90 -25.03 1.11
C GLU S 98 39.40 -26.42 0.73
N SER S 99 39.46 -27.34 1.69
CA SER S 99 40.08 -28.65 1.46
C SER S 99 39.29 -29.73 2.21
N ASP S 100 38.35 -30.36 1.50
CA ASP S 100 37.60 -31.52 1.98
C ASP S 100 37.18 -31.37 3.44
N SER S 101 37.76 -32.19 4.33
CA SER S 101 37.56 -32.10 5.77
C SER S 101 36.10 -32.08 6.15
N PRO S 102 35.39 -33.21 6.09
CA PRO S 102 33.99 -33.23 6.50
C PRO S 102 33.83 -32.69 7.90
N VAL S 103 32.85 -31.80 8.07
CA VAL S 103 32.69 -31.01 9.29
C VAL S 103 31.54 -31.57 10.11
N CYS S 104 31.76 -31.73 11.41
CA CYS S 104 30.70 -32.07 12.33
C CYS S 104 29.90 -30.82 12.66
N VAL S 105 28.59 -30.88 12.45
CA VAL S 105 27.70 -29.76 12.70
C VAL S 105 26.59 -30.22 13.61
N LYS S 106 26.01 -29.26 14.34
CA LYS S 106 24.89 -29.51 15.23
C LYS S 106 23.90 -28.36 15.13
N ILE S 107 22.63 -28.68 15.33
CA ILE S 107 21.56 -27.70 15.47
C ILE S 107 21.06 -27.83 16.91
N ILE S 108 21.14 -26.73 17.66
CA ILE S 108 20.87 -26.75 19.09
C ILE S 108 19.92 -25.61 19.44
N ASN S 109 19.33 -25.72 20.63
CA ASN S 109 18.45 -24.70 21.20
C ASN S 109 19.22 -24.00 22.30
N GLN S 110 19.78 -22.83 21.99
CA GLN S 110 20.63 -22.11 22.93
C GLN S 110 19.85 -21.60 24.15
N ALA S 111 18.54 -21.43 24.03
CA ALA S 111 17.74 -20.93 25.14
C ALA S 111 17.26 -22.06 26.04
N SER S 112 16.62 -23.07 25.46
CA SER S 112 16.12 -24.21 26.22
C SER S 112 17.24 -25.10 26.74
N LYS S 113 18.48 -24.87 26.32
CA LYS S 113 19.63 -25.65 26.76
C LYS S 113 19.47 -27.12 26.40
N LYS S 114 19.18 -27.39 25.13
CA LYS S 114 19.08 -28.74 24.61
C LYS S 114 19.48 -28.76 23.14
N GLY S 115 20.08 -29.87 22.72
CA GLY S 115 20.42 -30.05 21.32
C GLY S 115 19.32 -30.73 20.54
N LEU S 116 19.32 -30.51 19.22
CA LEU S 116 18.30 -31.07 18.34
C LEU S 116 18.87 -32.06 17.33
N PHE S 117 19.88 -31.66 16.58
CA PHE S 117 20.42 -32.52 15.52
C PHE S 117 21.93 -32.43 15.50
N GLY S 118 22.55 -33.45 14.93
CA GLY S 118 24.00 -33.46 14.76
C GLY S 118 24.40 -34.46 13.71
N GLY S 119 25.52 -34.17 13.04
CA GLY S 119 26.04 -35.09 12.05
C GLY S 119 27.14 -34.46 11.23
N LEU S 120 27.72 -35.30 10.37
CA LEU S 120 28.79 -34.87 9.48
C LEU S 120 28.23 -34.36 8.17
N ALA S 121 28.88 -33.35 7.60
CA ALA S 121 28.41 -32.74 6.37
C ALA S 121 29.59 -32.14 5.61
N ILE S 122 29.32 -31.78 4.36
CA ILE S 122 30.30 -31.11 3.51
C ILE S 122 29.73 -29.76 3.09
N VAL S 123 30.63 -28.80 2.90
CA VAL S 123 30.25 -27.43 2.53
C VAL S 123 30.14 -27.40 1.00
N ALA S 124 28.91 -27.56 0.51
CA ALA S 124 28.71 -27.58 -0.93
C ALA S 124 28.75 -26.18 -1.55
N ASP S 125 28.34 -25.17 -0.81
CA ASP S 125 28.27 -23.82 -1.33
C ASP S 125 28.61 -22.82 -0.22
N TYR S 126 29.29 -21.74 -0.60
CA TYR S 126 29.69 -20.71 0.37
C TYR S 126 29.82 -19.41 -0.43
N SER S 127 28.78 -18.58 -0.37
CA SER S 127 28.71 -17.37 -1.18
C SER S 127 28.44 -16.16 -0.29
N PHE S 128 28.70 -14.98 -0.86
CA PHE S 128 28.53 -13.72 -0.16
C PHE S 128 27.77 -12.74 -1.05
N GLU S 129 27.30 -11.66 -0.43
CA GLU S 129 26.52 -10.64 -1.13
C GLU S 129 26.69 -9.32 -0.41
N ALA S 130 27.01 -8.27 -1.15
CA ALA S 130 27.29 -6.95 -0.59
C ALA S 130 26.50 -5.87 -1.31
N PRO S 131 25.20 -5.76 -1.03
CA PRO S 131 24.42 -4.64 -1.58
C PRO S 131 24.92 -3.31 -1.03
N PHE S 132 24.83 -2.27 -1.87
CA PHE S 132 25.38 -0.97 -1.49
C PHE S 132 24.54 -0.24 -0.46
N ASP S 133 23.33 -0.71 -0.17
CA ASP S 133 22.45 -0.07 0.80
C ASP S 133 22.00 -1.04 1.88
N GLU S 134 22.86 -1.99 2.25
CA GLU S 134 22.52 -3.00 3.23
C GLU S 134 23.81 -3.63 3.74
N ALA S 135 23.69 -4.39 4.82
CA ALA S 135 24.83 -5.13 5.34
C ALA S 135 25.23 -6.24 4.38
N MET S 136 26.50 -6.60 4.42
CA MET S 136 27.05 -7.60 3.50
C MET S 136 26.83 -8.98 4.11
N THR S 137 26.07 -9.81 3.41
CA THR S 137 25.56 -11.07 3.95
C THR S 137 26.33 -12.26 3.39
N TYR S 138 26.09 -13.41 4.02
CA TYR S 138 26.69 -14.68 3.62
C TYR S 138 25.61 -15.75 3.59
N SER S 139 25.82 -16.75 2.72
CA SER S 139 24.99 -17.93 2.64
C SER S 139 25.88 -19.16 2.53
N VAL S 140 25.41 -20.27 3.12
CA VAL S 140 26.18 -21.51 3.13
C VAL S 140 25.21 -22.67 3.05
N LYS S 141 25.66 -23.74 2.40
CA LYS S 141 24.87 -24.96 2.23
C LYS S 141 25.74 -26.16 2.55
N LEU S 142 25.20 -27.08 3.35
CA LEU S 142 25.90 -28.28 3.77
C LEU S 142 25.08 -29.50 3.37
N ASP S 143 25.74 -30.47 2.75
CA ASP S 143 25.12 -31.73 2.36
C ASP S 143 25.58 -32.83 3.30
N GLY S 144 24.65 -33.66 3.78
CA GLY S 144 24.99 -34.62 4.80
C GLY S 144 25.78 -35.81 4.29
N MET S 145 26.51 -36.43 5.21
CA MET S 145 27.20 -37.69 4.99
C MET S 145 26.65 -38.71 5.97
N GLY S 146 25.94 -39.72 5.45
CA GLY S 146 25.43 -40.73 6.34
C GLY S 146 24.26 -40.23 7.17
N ALA S 147 24.08 -40.90 8.30
CA ALA S 147 22.93 -40.63 9.16
C ALA S 147 23.02 -39.26 9.82
N LEU S 148 21.86 -38.62 9.98
CA LEU S 148 21.74 -37.38 10.75
C LEU S 148 21.12 -37.75 12.09
N VAL S 149 21.93 -37.70 13.15
CA VAL S 149 21.47 -38.11 14.47
C VAL S 149 20.38 -37.16 14.95
N ASP S 150 19.27 -37.74 15.41
CA ASP S 150 18.13 -36.97 15.91
C ASP S 150 18.20 -36.98 17.43
N LEU S 151 18.75 -35.91 18.01
CA LEU S 151 18.94 -35.83 19.45
C LEU S 151 17.64 -35.56 20.21
N THR S 152 16.55 -35.23 19.52
CA THR S 152 15.29 -34.97 20.21
C THR S 152 14.71 -36.25 20.81
N ILE S 153 14.89 -37.38 20.14
CA ILE S 153 14.38 -38.65 20.63
C ILE S 153 15.44 -39.42 21.42
N THR S 154 16.68 -39.42 20.95
CA THR S 154 17.75 -40.10 21.65
C THR S 154 18.28 -39.22 22.79
N GLU S 155 19.17 -39.79 23.58
CA GLU S 155 19.74 -39.09 24.72
C GLU S 155 21.14 -38.57 24.38
N GLY S 156 21.64 -37.67 25.24
CA GLY S 156 22.96 -37.12 25.06
C GLY S 156 23.00 -35.99 24.04
N GLY S 157 24.22 -35.60 23.70
CA GLY S 157 24.44 -34.55 22.73
C GLY S 157 23.98 -33.17 23.16
N ASP S 158 24.28 -32.78 24.40
CA ASP S 158 23.90 -31.47 24.91
C ASP S 158 25.09 -30.52 25.01
N GLN S 159 26.22 -30.85 24.38
CA GLN S 159 27.39 -30.00 24.41
C GLN S 159 27.15 -28.73 23.58
N MET S 160 27.61 -27.60 24.09
CA MET S 160 27.33 -26.30 23.51
C MET S 160 28.58 -25.44 23.45
N PRO S 161 28.61 -24.43 22.57
CA PRO S 161 29.84 -23.64 22.39
C PRO S 161 30.30 -22.99 23.68
N GLY S 162 31.62 -22.96 23.86
CA GLY S 162 32.22 -22.39 25.05
C GLY S 162 33.70 -22.71 25.14
N ALA T 2 -86.06 139.54 54.92
CA ALA T 2 -86.62 139.07 53.66
C ALA T 2 -87.14 140.23 52.82
N PHE T 3 -86.90 141.46 53.31
CA PHE T 3 -87.36 142.65 52.63
C PHE T 3 -86.20 143.62 52.39
N GLU T 4 -86.52 144.81 51.89
CA GLU T 4 -85.51 145.84 51.61
C GLU T 4 -84.43 145.30 50.68
N GLU T 5 -84.87 144.64 49.61
CA GLU T 5 -84.04 144.05 48.57
C GLU T 5 -83.04 143.03 49.11
N ASN T 6 -83.13 142.67 50.39
CA ASN T 6 -82.20 141.76 51.04
C ASN T 6 -80.78 142.29 50.97
N LEU T 7 -80.60 143.54 51.41
CA LEU T 7 -79.31 144.21 51.27
C LEU T 7 -78.30 143.71 52.30
N TYR T 8 -78.77 143.38 53.51
CA TYR T 8 -77.88 142.95 54.59
C TYR T 8 -78.08 141.49 54.97
N CYS T 9 -78.89 140.75 54.24
CA CYS T 9 -79.07 139.33 54.47
C CYS T 9 -79.48 138.67 53.16
N ASP T 10 -79.27 137.36 53.10
CA ASP T 10 -79.59 136.58 51.91
C ASP T 10 -80.55 135.46 52.26
N TYR T 11 -81.54 135.24 51.39
CA TYR T 11 -82.53 134.20 51.59
C TYR T 11 -82.74 133.30 50.38
N THR T 12 -82.13 133.58 49.25
CA THR T 12 -82.32 132.78 48.05
C THR T 12 -81.59 131.44 48.20
N PRO T 13 -82.30 130.32 48.13
CA PRO T 13 -81.61 129.02 48.21
C PRO T 13 -81.08 128.55 46.88
N GLY T 14 -79.76 128.40 46.77
CA GLY T 14 -79.15 127.90 45.56
C GLY T 14 -78.49 126.56 45.76
N ALA T 15 -77.98 126.33 46.96
CA ALA T 15 -77.36 125.06 47.32
C ALA T 15 -77.37 124.92 48.84
N ALA T 16 -77.22 123.67 49.29
CA ALA T 16 -77.17 123.43 50.73
C ALA T 16 -75.93 124.06 51.35
N LYS T 17 -74.78 123.97 50.68
CA LYS T 17 -73.49 124.51 51.08
C LYS T 17 -72.94 123.84 52.33
N ALA T 18 -73.67 122.92 52.94
CA ALA T 18 -73.24 122.19 54.14
C ALA T 18 -74.29 121.14 54.44
N VAL T 19 -73.85 120.05 55.07
CA VAL T 19 -74.74 118.97 55.49
C VAL T 19 -74.49 118.69 56.96
N ALA T 20 -75.55 118.75 57.76
CA ALA T 20 -75.42 118.47 59.18
C ALA T 20 -75.24 116.97 59.41
N GLY T 21 -74.45 116.65 60.44
CA GLY T 21 -74.20 115.26 60.77
C GLY T 21 -75.37 114.55 61.41
N LYS T 22 -76.38 115.29 61.87
CA LYS T 22 -77.57 114.65 62.43
C LYS T 22 -78.30 113.82 61.38
N ASP T 23 -78.31 114.30 60.14
CA ASP T 23 -79.22 113.79 59.12
C ASP T 23 -78.65 112.65 58.29
N VAL T 24 -77.41 112.23 58.53
CA VAL T 24 -76.82 111.10 57.81
C VAL T 24 -77.05 109.83 58.62
N ILE T 25 -77.91 108.95 58.10
CA ILE T 25 -78.38 107.77 58.83
C ILE T 25 -77.88 106.51 58.13
N LEU T 26 -77.39 105.56 58.92
CA LEU T 26 -77.09 104.22 58.47
C LEU T 26 -78.29 103.33 58.79
N ALA T 27 -78.71 102.52 57.82
CA ALA T 27 -79.87 101.65 58.00
C ALA T 27 -79.57 100.30 57.36
N VAL T 28 -80.28 99.28 57.82
CA VAL T 28 -80.08 97.90 57.37
C VAL T 28 -81.42 97.31 57.01
N PHE T 29 -81.43 96.49 55.95
CA PHE T 29 -82.63 95.73 55.62
C PHE T 29 -82.81 94.57 56.58
N ASN T 30 -84.05 94.32 56.96
CA ASN T 30 -84.32 93.25 57.91
C ASN T 30 -84.14 91.89 57.25
N ALA T 31 -84.36 90.82 58.03
CA ALA T 31 -84.16 89.47 57.51
C ALA T 31 -85.04 89.21 56.29
N ALA T 32 -86.35 89.46 56.42
CA ALA T 32 -87.20 89.42 55.25
C ALA T 32 -86.94 90.60 54.32
N GLY T 33 -86.57 91.75 54.90
CA GLY T 33 -86.23 92.93 54.14
C GLY T 33 -87.38 93.85 53.80
N ASP T 34 -88.61 93.49 54.17
CA ASP T 34 -89.77 94.31 53.82
C ASP T 34 -89.67 95.71 54.41
N LYS T 35 -89.26 95.81 55.66
CA LYS T 35 -89.08 97.09 56.34
C LYS T 35 -87.60 97.33 56.54
N LEU T 36 -87.12 98.47 56.06
CA LEU T 36 -85.72 98.87 56.24
C LEU T 36 -85.60 99.62 57.56
N LEU T 37 -84.81 99.08 58.48
CA LEU T 37 -84.75 99.61 59.84
C LEU T 37 -83.46 100.39 60.06
N ALA T 38 -83.59 101.60 60.60
CA ALA T 38 -82.43 102.37 60.99
C ALA T 38 -81.94 101.90 62.36
N VAL T 39 -80.62 101.82 62.50
CA VAL T 39 -80.04 101.32 63.75
C VAL T 39 -80.17 102.41 64.82
N ALA T 40 -80.75 102.02 65.96
CA ALA T 40 -80.98 102.98 67.04
C ALA T 40 -79.66 103.38 67.69
N GLY T 41 -79.68 104.56 68.31
CA GLY T 41 -78.51 105.07 69.00
C GLY T 41 -77.35 105.41 68.08
N GLN T 42 -77.63 106.01 66.93
CA GLN T 42 -76.57 106.40 66.02
C GLN T 42 -75.87 107.66 66.52
N GLN T 43 -74.57 107.54 66.75
CA GLN T 43 -73.77 108.65 67.27
C GLN T 43 -72.75 109.10 66.23
N GLY T 44 -71.95 108.16 65.75
CA GLY T 44 -70.92 108.45 64.76
C GLY T 44 -70.97 107.44 63.63
N LEU T 45 -70.76 107.91 62.41
CA LEU T 45 -70.85 107.09 61.21
C LEU T 45 -69.80 107.57 60.22
N THR T 46 -68.93 106.67 59.79
CA THR T 46 -67.90 106.95 58.81
C THR T 46 -67.90 105.88 57.72
N VAL T 47 -67.42 106.27 56.54
CA VAL T 47 -67.31 105.36 55.41
C VAL T 47 -65.88 105.44 54.88
N ASN T 48 -65.46 104.38 54.19
CA ASN T 48 -64.15 104.35 53.55
C ASN T 48 -64.27 103.59 52.23
N ARG T 49 -63.87 104.24 51.15
CA ARG T 49 -63.79 103.62 49.83
C ARG T 49 -62.39 103.86 49.29
N SER T 50 -61.73 102.79 48.84
CA SER T 50 -60.34 102.92 48.42
C SER T 50 -60.07 101.96 47.28
N LYS T 51 -58.92 102.16 46.63
CA LYS T 51 -58.44 101.22 45.63
C LYS T 51 -56.93 101.27 45.59
N ASP T 52 -56.33 100.19 45.07
CA ASP T 52 -54.88 100.06 45.04
C ASP T 52 -54.30 100.92 43.92
N SER T 53 -52.98 100.92 43.84
CA SER T 53 -52.26 101.65 42.80
C SER T 53 -51.08 100.77 42.36
N ILE T 54 -51.21 100.14 41.20
CA ILE T 54 -50.19 99.20 40.75
C ILE T 54 -49.06 99.98 40.09
N GLU T 55 -47.83 99.71 40.53
CA GLU T 55 -46.65 100.42 40.05
C GLU T 55 -46.10 99.66 38.85
N ILE T 56 -46.04 100.34 37.70
CA ILE T 56 -45.60 99.69 36.46
C ILE T 56 -44.46 100.48 35.83
N THR T 57 -43.64 101.12 36.65
CA THR T 57 -42.46 101.82 36.14
C THR T 57 -41.46 100.83 35.56
N SER T 58 -40.83 101.22 34.46
CA SER T 58 -39.85 100.38 33.78
C SER T 58 -38.70 101.27 33.33
N LYS T 59 -37.82 100.71 32.50
CA LYS T 59 -36.64 101.44 32.04
C LYS T 59 -36.95 102.42 30.91
N ASP T 60 -38.10 102.32 30.27
CA ASP T 60 -38.46 103.22 29.19
C ASP T 60 -39.30 104.41 29.65
N THR T 61 -39.55 104.53 30.95
CA THR T 61 -40.30 105.65 31.49
C THR T 61 -39.34 106.81 31.73
N VAL T 62 -39.29 107.74 30.81
CA VAL T 62 -38.41 108.90 30.89
C VAL T 62 -39.09 109.99 31.70
N GLY T 63 -38.28 110.86 32.28
CA GLY T 63 -38.76 111.98 33.09
C GLY T 63 -38.42 111.89 34.56
N GLY T 64 -37.94 110.75 35.06
CA GLY T 64 -37.58 110.65 36.45
C GLY T 64 -38.75 110.60 37.41
N TRP T 65 -39.92 110.18 36.93
CA TRP T 65 -41.12 110.10 37.77
C TRP T 65 -41.69 108.69 37.69
N LYS T 66 -42.05 108.14 38.84
CA LYS T 66 -42.68 106.83 38.87
C LYS T 66 -44.04 106.88 38.20
N SER T 67 -44.41 105.78 37.53
CA SER T 67 -45.67 105.66 36.83
C SER T 67 -46.51 104.57 37.48
N LYS T 68 -47.78 104.87 37.73
CA LYS T 68 -48.70 103.95 38.37
C LYS T 68 -50.02 103.94 37.61
N ILE T 69 -50.79 102.86 37.79
CA ILE T 69 -52.11 102.74 37.19
C ILE T 69 -53.09 102.27 38.26
N GLY T 70 -54.38 102.45 37.97
CA GLY T 70 -55.40 102.22 38.97
C GLY T 70 -55.50 100.77 39.40
N GLY T 71 -55.86 100.57 40.67
CA GLY T 71 -55.88 99.25 41.25
C GLY T 71 -57.24 98.61 41.34
N MET T 72 -57.61 98.16 42.53
CA MET T 72 -58.82 97.36 42.74
C MET T 72 -59.54 97.94 43.95
N LYS T 73 -60.84 98.20 43.81
CA LYS T 73 -61.58 98.97 44.81
C LYS T 73 -62.19 98.07 45.88
N GLU T 74 -62.41 98.67 47.05
CA GLU T 74 -63.04 98.03 48.19
C GLU T 74 -63.65 99.11 49.08
N TRP T 75 -64.54 98.69 49.97
CA TRP T 75 -65.27 99.64 50.81
C TRP T 75 -65.64 99.00 52.14
N SER T 76 -65.68 99.85 53.17
CA SER T 76 -66.03 99.42 54.52
C SER T 76 -66.58 100.61 55.30
N ILE T 77 -67.55 100.35 56.16
CA ILE T 77 -68.17 101.40 56.95
C ILE T 77 -68.03 101.11 58.44
N GLU T 78 -68.05 102.17 59.23
CA GLU T 78 -67.91 102.12 60.68
C GLU T 78 -69.06 102.91 61.30
N ASN T 79 -69.65 102.36 62.35
CA ASN T 79 -70.66 103.07 63.11
C ASN T 79 -70.43 102.81 64.59
N ASP T 80 -70.84 103.76 65.43
CA ASP T 80 -70.68 103.60 66.86
C ASP T 80 -71.63 104.53 67.59
N GLY T 81 -72.16 104.08 68.72
CA GLY T 81 -73.04 104.94 69.49
C GLY T 81 -73.72 104.32 70.69
N LEU T 82 -74.87 104.87 71.06
CA LEU T 82 -75.64 104.34 72.16
C LEU T 82 -76.25 103.00 71.77
N TYR T 83 -76.23 102.05 72.70
CA TYR T 83 -76.71 100.70 72.44
C TYR T 83 -77.78 100.33 73.45
N VAL T 84 -78.91 99.81 72.95
CA VAL T 84 -79.95 99.26 73.79
C VAL T 84 -80.32 97.89 73.23
N ALA T 85 -80.40 96.90 74.13
CA ALA T 85 -80.64 95.53 73.68
C ALA T 85 -82.04 95.34 73.12
N ASP T 86 -83.03 96.07 73.66
CA ASP T 86 -84.41 95.92 73.22
C ASP T 86 -84.65 96.47 71.83
N ALA T 87 -83.71 97.20 71.25
CA ALA T 87 -83.88 97.75 69.91
C ALA T 87 -84.00 96.62 68.89
N GLU T 88 -85.00 96.71 68.02
CA GLU T 88 -85.18 95.69 66.99
C GLU T 88 -84.00 95.64 66.04
N SER T 89 -83.49 96.81 65.66
CA SER T 89 -82.34 96.86 64.76
C SER T 89 -81.12 96.19 65.37
N HIS T 90 -80.88 96.42 66.65
CA HIS T 90 -79.74 95.78 67.31
C HIS T 90 -79.93 94.27 67.41
N LYS T 91 -81.14 93.82 67.72
CA LYS T 91 -81.42 92.39 67.73
C LYS T 91 -81.16 91.77 66.37
N GLU T 92 -81.58 92.46 65.31
CA GLU T 92 -81.39 91.93 63.96
C GLU T 92 -79.92 91.95 63.56
N LEU T 93 -79.17 92.96 64.00
CA LEU T 93 -77.73 92.96 63.77
C LEU T 93 -77.07 91.78 64.46
N ALA T 94 -77.48 91.48 65.70
CA ALA T 94 -76.96 90.30 66.39
C ALA T 94 -77.33 89.02 65.65
N LYS T 95 -78.56 88.95 65.13
CA LYS T 95 -78.97 87.79 64.36
C LYS T 95 -78.12 87.63 63.10
N TYR T 96 -77.84 88.74 62.41
CA TYR T 96 -76.99 88.69 61.23
C TYR T 96 -75.58 88.23 61.59
N PHE T 97 -75.05 88.74 62.70
CA PHE T 97 -73.70 88.34 63.12
C PHE T 97 -73.64 86.87 63.46
N GLU T 98 -74.68 86.35 64.12
CA GLU T 98 -74.69 84.94 64.48
C GLU T 98 -74.87 84.04 63.25
N SER T 99 -75.82 84.39 62.38
CA SER T 99 -76.17 83.52 61.26
C SER T 99 -75.12 83.53 60.15
N ASP T 100 -74.21 84.50 60.15
CA ASP T 100 -73.17 84.61 59.13
C ASP T 100 -73.80 84.74 57.73
N SER T 101 -74.58 85.80 57.56
CA SER T 101 -75.26 86.07 56.32
C SER T 101 -75.03 87.51 55.90
N PRO T 102 -75.04 87.79 54.59
CA PRO T 102 -74.88 89.17 54.13
C PRO T 102 -76.06 90.04 54.54
N VAL T 103 -75.77 91.32 54.74
CA VAL T 103 -76.76 92.30 55.17
C VAL T 103 -76.77 93.46 54.17
N CYS T 104 -77.97 93.91 53.82
CA CYS T 104 -78.15 95.04 52.92
C CYS T 104 -78.03 96.33 53.72
N VAL T 105 -77.10 97.18 53.33
CA VAL T 105 -76.69 98.35 54.10
C VAL T 105 -76.92 99.59 53.25
N LYS T 106 -77.52 100.62 53.85
CA LYS T 106 -77.87 101.84 53.14
C LYS T 106 -77.46 103.06 53.96
N ILE T 107 -76.85 104.04 53.29
CA ILE T 107 -76.53 105.33 53.88
C ILE T 107 -77.44 106.36 53.22
N ILE T 108 -78.25 107.04 54.04
CA ILE T 108 -79.25 107.98 53.54
C ILE T 108 -79.18 109.29 54.33
N ASN T 109 -80.00 110.24 53.90
CA ASN T 109 -80.07 111.58 54.47
C ASN T 109 -81.55 111.96 54.62
N GLN T 110 -82.04 112.06 55.86
CA GLN T 110 -83.47 112.30 56.03
C GLN T 110 -83.86 113.69 55.56
N ALA T 111 -83.02 114.70 55.84
CA ALA T 111 -83.40 116.08 55.57
C ALA T 111 -83.73 116.29 54.11
N SER T 112 -82.89 115.78 53.22
CA SER T 112 -83.19 115.81 51.80
C SER T 112 -84.02 114.61 51.35
N LYS T 113 -84.21 113.61 52.23
CA LYS T 113 -84.91 112.38 51.89
C LYS T 113 -84.29 111.71 50.66
N LYS T 114 -82.97 111.82 50.56
CA LYS T 114 -82.23 111.29 49.42
C LYS T 114 -81.20 110.29 49.92
N GLY T 115 -81.21 109.09 49.33
CA GLY T 115 -80.21 108.10 49.67
C GLY T 115 -78.85 108.49 49.12
N LEU T 116 -77.81 107.97 49.77
CA LEU T 116 -76.43 108.28 49.38
C LEU T 116 -75.68 107.06 48.91
N PHE T 117 -75.69 105.97 49.67
CA PHE T 117 -74.92 104.78 49.31
C PHE T 117 -75.75 103.53 49.56
N GLY T 118 -75.48 102.50 48.77
CA GLY T 118 -76.14 101.22 48.96
C GLY T 118 -75.24 100.04 48.65
N GLY T 119 -75.22 99.04 49.53
CA GLY T 119 -74.33 97.91 49.30
C GLY T 119 -74.72 96.69 50.11
N LEU T 120 -73.94 95.63 49.93
CA LEU T 120 -74.09 94.39 50.67
C LEU T 120 -72.80 94.14 51.45
N ALA T 121 -72.93 93.93 52.76
CA ALA T 121 -71.75 93.83 53.62
C ALA T 121 -71.95 92.68 54.61
N ILE T 122 -70.94 92.48 55.45
CA ILE T 122 -70.98 91.51 56.54
C ILE T 122 -70.48 92.20 57.81
N VAL T 123 -70.94 91.69 58.94
CA VAL T 123 -70.58 92.27 60.23
C VAL T 123 -69.18 91.80 60.62
N ALA T 124 -68.16 92.57 60.22
CA ALA T 124 -66.79 92.22 60.56
C ALA T 124 -66.55 92.27 62.06
N ASP T 125 -67.09 93.30 62.73
CA ASP T 125 -66.87 93.45 64.16
C ASP T 125 -68.11 94.05 64.80
N TYR T 126 -68.47 93.52 65.97
CA TYR T 126 -69.61 94.01 66.76
C TYR T 126 -69.17 93.99 68.22
N SER T 127 -68.69 95.13 68.71
CA SER T 127 -68.09 95.23 70.02
C SER T 127 -68.90 96.18 70.90
N PHE T 128 -68.67 96.09 72.21
CA PHE T 128 -69.36 96.92 73.18
C PHE T 128 -68.39 97.40 74.25
N GLU T 129 -68.73 98.53 74.87
CA GLU T 129 -67.95 99.11 75.95
C GLU T 129 -68.90 99.56 77.05
N ALA T 130 -68.52 99.29 78.30
CA ALA T 130 -69.38 99.57 79.46
C ALA T 130 -68.61 100.37 80.50
N PRO T 131 -68.47 101.68 80.30
CA PRO T 131 -67.83 102.51 81.33
C PRO T 131 -68.76 102.77 82.49
N PHE T 132 -68.23 102.62 83.71
CA PHE T 132 -69.05 102.72 84.90
C PHE T 132 -69.64 104.11 85.11
N ASP T 133 -69.01 105.15 84.57
CA ASP T 133 -69.46 106.52 84.80
C ASP T 133 -70.22 107.11 83.61
N GLU T 134 -70.28 106.42 82.48
CA GLU T 134 -70.94 106.91 81.28
C GLU T 134 -71.90 105.86 80.76
N ALA T 135 -72.69 106.23 79.76
CA ALA T 135 -73.59 105.28 79.12
C ALA T 135 -72.81 104.29 78.26
N MET T 136 -73.20 103.03 78.33
CA MET T 136 -72.50 101.98 77.61
C MET T 136 -72.81 102.09 76.11
N THR T 137 -71.82 101.75 75.30
CA THR T 137 -71.85 102.04 73.87
C THR T 137 -71.52 100.80 73.05
N TYR T 138 -71.91 100.85 71.78
CA TYR T 138 -71.65 99.79 70.81
C TYR T 138 -70.84 100.34 69.64
N SER T 139 -70.16 99.43 68.95
CA SER T 139 -69.42 99.76 67.73
C SER T 139 -69.58 98.62 66.74
N VAL T 140 -69.83 98.96 65.48
CA VAL T 140 -69.98 98.01 64.40
C VAL T 140 -69.04 98.39 63.27
N LYS T 141 -68.27 97.43 62.78
CA LYS T 141 -67.44 97.58 61.60
C LYS T 141 -67.88 96.56 60.57
N LEU T 142 -68.15 97.03 59.35
CA LEU T 142 -68.56 96.15 58.27
C LEU T 142 -67.69 96.43 57.05
N ASP T 143 -67.37 95.38 56.30
CA ASP T 143 -66.63 95.50 55.05
C ASP T 143 -67.44 94.81 53.96
N GLY T 144 -67.66 95.51 52.85
CA GLY T 144 -68.58 95.02 51.85
C GLY T 144 -67.93 94.23 50.74
N MET T 145 -68.67 93.24 50.24
CA MET T 145 -68.30 92.50 49.05
C MET T 145 -69.01 93.10 47.84
N GLY T 146 -68.35 93.06 46.70
CA GLY T 146 -68.94 93.62 45.50
C GLY T 146 -69.01 95.13 45.56
N ALA T 147 -69.80 95.68 44.64
CA ALA T 147 -69.88 97.12 44.47
C ALA T 147 -70.66 97.77 45.60
N LEU T 148 -70.34 99.03 45.86
CA LEU T 148 -71.10 99.90 46.76
C LEU T 148 -71.62 101.04 45.90
N VAL T 149 -72.88 100.95 45.47
CA VAL T 149 -73.41 101.92 44.51
C VAL T 149 -73.62 103.26 45.20
N ASP T 150 -73.37 104.33 44.46
CA ASP T 150 -73.51 105.70 44.94
C ASP T 150 -74.88 106.20 44.52
N LEU T 151 -75.81 106.26 45.48
CA LEU T 151 -77.15 106.74 45.18
C LEU T 151 -77.17 108.21 44.77
N THR T 152 -76.10 108.94 45.06
CA THR T 152 -76.00 110.32 44.58
C THR T 152 -75.91 110.37 43.06
N ILE T 153 -75.17 109.44 42.46
CA ILE T 153 -75.00 109.44 41.01
C ILE T 153 -76.16 108.72 40.33
N THR T 154 -76.43 107.49 40.76
CA THR T 154 -77.51 106.73 40.15
C THR T 154 -78.86 107.26 40.59
N GLU T 155 -79.90 106.88 39.86
CA GLU T 155 -81.26 107.33 40.11
C GLU T 155 -82.00 106.27 40.93
N GLY T 156 -82.55 106.68 42.07
CA GLY T 156 -83.28 105.77 42.92
C GLY T 156 -82.66 105.64 44.31
N GLY T 157 -83.03 104.59 45.03
CA GLY T 157 -82.49 104.36 46.35
C GLY T 157 -82.84 105.45 47.35
N ASP T 158 -84.10 105.84 47.38
CA ASP T 158 -84.55 106.91 48.28
C ASP T 158 -85.69 106.44 49.16
N GLN T 159 -85.54 105.28 49.79
CA GLN T 159 -86.56 104.76 50.68
C GLN T 159 -86.73 105.68 51.89
N MET T 160 -87.96 105.78 52.38
CA MET T 160 -88.29 106.74 53.43
C MET T 160 -87.68 106.44 54.80
N PRO T 161 -87.30 105.18 55.15
CA PRO T 161 -86.74 105.16 56.50
C PRO T 161 -85.24 105.42 56.52
N LEU U 573 12.14 -46.30 -20.73
CA LEU U 573 13.36 -46.59 -21.46
C LEU U 573 14.01 -47.88 -20.96
N ALA U 574 13.48 -48.42 -19.87
CA ALA U 574 13.99 -49.67 -19.33
C ALA U 574 13.70 -50.84 -20.27
N ARG U 575 12.53 -50.85 -20.90
CA ARG U 575 12.20 -51.95 -21.81
C ARG U 575 13.06 -51.91 -23.06
N VAL U 576 13.63 -50.75 -23.41
CA VAL U 576 14.65 -50.71 -24.45
C VAL U 576 15.81 -51.62 -24.08
N GLU U 577 16.33 -51.46 -22.86
CA GLU U 577 17.43 -52.29 -22.40
C GLU U 577 17.02 -53.74 -22.28
N ASN U 578 15.80 -53.99 -21.80
CA ASN U 578 15.32 -55.37 -21.66
C ASN U 578 15.28 -56.07 -23.02
N LEU U 579 14.69 -55.41 -24.02
CA LEU U 579 14.59 -56.02 -25.35
C LEU U 579 15.96 -56.17 -25.99
N LEU U 580 16.84 -55.17 -25.82
CA LEU U 580 18.17 -55.26 -26.41
C LEU U 580 18.98 -56.38 -25.77
N GLU U 581 18.82 -56.58 -24.46
CA GLU U 581 19.48 -57.70 -23.80
C GLU U 581 18.92 -59.02 -24.31
N ARG U 582 17.59 -59.13 -24.36
CA ARG U 582 16.96 -60.37 -24.85
C ARG U 582 17.43 -60.70 -26.26
N LEU U 583 17.70 -59.68 -27.07
CA LEU U 583 18.17 -59.93 -28.43
C LEU U 583 19.67 -60.18 -28.47
N LEU U 584 20.42 -59.63 -27.52
CA LEU U 584 21.83 -60.00 -27.36
C LEU U 584 21.98 -61.44 -26.89
N GLN U 585 20.93 -62.02 -26.31
CA GLN U 585 20.97 -63.41 -25.88
C GLN U 585 21.32 -64.33 -27.07
N LYS U 586 20.96 -63.92 -28.29
CA LYS U 586 21.14 -64.76 -29.47
C LYS U 586 22.54 -65.33 -29.54
N ASN U 587 22.64 -66.59 -29.96
CA ASN U 587 23.94 -67.22 -30.13
C ASN U 587 24.59 -66.72 -31.41
N PRO U 588 25.82 -66.20 -31.36
CA PRO U 588 26.52 -65.75 -32.55
C PRO U 588 27.18 -66.92 -33.31
N VAL U 589 26.42 -67.99 -33.49
CA VAL U 589 26.89 -69.20 -34.16
C VAL U 589 25.92 -69.51 -35.28
N ILE U 590 26.42 -69.58 -36.50
CA ILE U 590 25.61 -69.89 -37.68
C ILE U 590 26.17 -71.16 -38.29
N LYS U 591 25.46 -72.27 -38.12
CA LYS U 591 25.85 -73.52 -38.75
C LYS U 591 25.63 -73.42 -40.25
N MET U 592 26.59 -73.92 -41.02
CA MET U 592 26.45 -73.97 -42.47
C MET U 592 26.59 -75.41 -42.95
N ASP U 593 25.73 -75.78 -43.88
CA ASP U 593 25.65 -77.17 -44.31
C ASP U 593 26.95 -77.59 -44.98
N ASP U 594 27.34 -78.84 -44.76
CA ASP U 594 28.57 -79.39 -45.31
C ASP U 594 28.34 -80.21 -46.57
N LYS U 595 27.22 -80.91 -46.68
CA LYS U 595 26.95 -81.70 -47.88
C LYS U 595 26.83 -80.82 -49.11
N VAL U 596 26.16 -79.68 -49.00
CA VAL U 596 26.02 -78.77 -50.13
C VAL U 596 27.38 -78.22 -50.55
N VAL U 597 28.20 -77.84 -49.57
CA VAL U 597 29.54 -77.33 -49.87
C VAL U 597 30.36 -78.40 -50.57
N ALA U 598 30.28 -79.64 -50.07
CA ALA U 598 31.03 -80.74 -50.69
C ALA U 598 30.57 -80.98 -52.12
N GLU U 599 29.25 -80.93 -52.36
CA GLU U 599 28.75 -81.16 -53.71
C GLU U 599 29.18 -80.04 -54.65
N VAL U 600 29.15 -78.79 -54.18
CA VAL U 600 29.59 -77.67 -55.01
C VAL U 600 31.08 -77.80 -55.34
N VAL U 601 31.88 -78.16 -54.33
CA VAL U 601 33.32 -78.33 -54.56
C VAL U 601 33.57 -79.45 -55.54
N SER U 602 32.82 -80.55 -55.43
CA SER U 602 32.98 -81.66 -56.36
C SER U 602 32.61 -81.25 -57.78
N ARG U 603 31.55 -80.47 -57.93
CA ARG U 603 31.17 -80.01 -59.27
C ARG U 603 32.24 -79.10 -59.87
N ASN U 604 32.78 -78.20 -59.07
CA ASN U 604 33.84 -77.31 -59.57
C ASN U 604 35.09 -78.09 -59.93
N GLN U 605 35.46 -79.09 -59.11
CA GLN U 605 36.61 -79.93 -59.43
C GLN U 605 36.37 -80.72 -60.71
N ALA U 606 35.13 -81.18 -60.92
CA ALA U 606 34.79 -81.86 -62.16
C ALA U 606 34.94 -80.93 -63.35
N ASN U 607 34.51 -79.67 -63.20
CA ASN U 607 34.68 -78.70 -64.28
C ASN U 607 36.16 -78.50 -64.61
N SER U 608 36.99 -78.34 -63.57
CA SER U 608 38.42 -78.16 -63.80
C SER U 608 39.04 -79.39 -64.45
N PHE U 609 38.63 -80.59 -64.01
CA PHE U 609 39.15 -81.82 -64.58
C PHE U 609 38.75 -81.94 -66.05
N ASP U 610 37.51 -81.59 -66.39
CA ASP U 610 37.09 -81.61 -67.78
C ASP U 610 37.87 -80.62 -68.62
N GLN U 611 38.14 -79.44 -68.07
CA GLN U 611 38.96 -78.46 -68.78
C GLN U 611 40.35 -79.02 -69.06
N TYR U 612 40.98 -79.60 -68.04
CA TYR U 612 42.33 -80.16 -68.23
C TYR U 612 42.32 -81.30 -69.22
N ASN U 613 41.30 -82.16 -69.17
CA ASN U 613 41.19 -83.25 -70.13
C ASN U 613 41.04 -82.72 -71.56
N TYR U 614 40.22 -81.69 -71.74
CA TYR U 614 40.05 -81.12 -73.08
C TYR U 614 41.35 -80.52 -73.59
N THR U 615 42.08 -79.83 -72.71
CA THR U 615 43.36 -79.26 -73.13
C THR U 615 44.39 -80.33 -73.45
N MET U 616 44.20 -81.55 -72.97
CA MET U 616 45.10 -82.68 -73.24
C MET U 616 44.54 -83.62 -74.29
N GLY U 617 43.72 -83.11 -75.20
CA GLY U 617 43.07 -83.97 -76.19
C GLY U 617 42.02 -84.86 -75.55
N GLY U 618 42.30 -86.16 -75.48
CA GLY U 618 41.41 -87.10 -74.85
C GLY U 618 42.12 -88.09 -73.97
N ALA U 619 43.37 -87.77 -73.60
CA ALA U 619 44.20 -88.67 -72.80
C ALA U 619 43.81 -88.55 -71.32
N ALA U 620 42.59 -88.98 -71.03
CA ALA U 620 42.05 -88.97 -69.67
C ALA U 620 40.93 -90.00 -69.62
N TYR U 621 40.11 -89.93 -68.56
CA TYR U 621 39.03 -90.90 -68.39
C TYR U 621 38.10 -90.94 -69.59
N SER U 622 37.95 -89.83 -70.30
CA SER U 622 37.12 -89.79 -71.50
C SER U 622 37.71 -88.84 -72.54
N MET V 1 -5.15 -60.13 -4.84
CA MET V 1 -3.80 -60.59 -4.54
C MET V 1 -3.31 -61.59 -5.59
N SER V 2 -2.06 -61.45 -6.01
CA SER V 2 -1.47 -62.31 -7.02
C SER V 2 -0.43 -63.22 -6.39
N ASP V 3 -0.29 -64.42 -6.95
CA ASP V 3 0.71 -65.37 -6.49
C ASP V 3 1.08 -66.29 -7.65
N LEU V 4 2.24 -66.92 -7.52
CA LEU V 4 2.76 -67.84 -8.52
C LEU V 4 3.05 -69.17 -7.87
N PHE V 5 2.53 -70.25 -8.45
CA PHE V 5 2.70 -71.59 -7.92
C PHE V 5 3.65 -72.37 -8.83
N LEU V 6 4.63 -73.04 -8.22
CA LEU V 6 5.63 -73.80 -8.94
C LEU V 6 5.51 -75.27 -8.55
N GLU V 7 5.33 -76.12 -9.55
CA GLU V 7 5.36 -77.57 -9.35
C GLU V 7 6.77 -78.06 -9.64
N LEU V 8 7.40 -78.61 -8.60
CA LEU V 8 8.79 -79.08 -8.63
C LEU V 8 8.88 -80.37 -7.84
N ASN V 9 9.38 -81.43 -8.48
CA ASN V 9 9.58 -82.73 -7.84
C ASN V 9 8.29 -83.23 -7.18
N GLY V 10 7.17 -83.02 -7.86
CA GLY V 10 5.89 -83.47 -7.35
C GLY V 10 5.34 -82.67 -6.20
N LYS V 11 5.92 -81.52 -5.89
CA LYS V 11 5.47 -80.67 -4.80
C LYS V 11 5.10 -79.29 -5.34
N VAL V 12 4.00 -78.74 -4.83
CA VAL V 12 3.52 -77.43 -5.23
C VAL V 12 3.96 -76.41 -4.18
N HIS V 13 4.76 -75.45 -4.60
CA HIS V 13 5.27 -74.41 -3.72
C HIS V 13 4.71 -73.06 -4.16
N SER V 14 4.16 -72.31 -3.22
CA SER V 14 3.75 -70.94 -3.49
C SER V 14 4.96 -70.03 -3.35
N LEU V 15 5.17 -69.16 -4.34
CA LEU V 15 6.33 -68.29 -4.33
C LEU V 15 6.31 -67.34 -3.13
N SER V 16 5.14 -66.78 -2.83
CA SER V 16 5.03 -65.89 -1.68
C SER V 16 5.18 -66.66 -0.37
N GLU V 17 4.58 -67.84 -0.28
CA GLU V 17 4.65 -68.61 0.96
C GLU V 17 6.07 -69.05 1.28
N THR V 18 6.81 -69.50 0.27
CA THR V 18 8.18 -69.96 0.51
C THR V 18 9.07 -68.83 0.99
N PHE V 19 8.96 -67.66 0.38
CA PHE V 19 9.76 -66.48 0.76
C PHE V 19 8.83 -65.39 1.22
N PRO V 20 8.69 -65.18 2.54
CA PRO V 20 7.74 -64.17 3.03
C PRO V 20 8.01 -62.77 2.53
N GLY V 21 9.28 -62.40 2.35
CA GLY V 21 9.60 -61.05 1.91
C GLY V 21 9.38 -60.78 0.45
N LEU V 22 9.09 -61.82 -0.35
CA LEU V 22 8.89 -61.68 -1.79
C LEU V 22 7.40 -61.80 -2.10
N SER V 23 6.87 -60.82 -2.81
CA SER V 23 5.46 -60.80 -3.20
C SER V 23 5.35 -60.51 -4.69
N VAL V 24 4.46 -61.24 -5.36
CA VAL V 24 4.30 -61.12 -6.81
C VAL V 24 3.40 -59.92 -7.10
N GLN V 25 3.95 -58.90 -7.75
CA GLN V 25 3.14 -57.73 -8.09
C GLN V 25 2.17 -58.03 -9.22
N GLU V 26 2.65 -58.69 -10.27
CA GLU V 26 1.85 -58.84 -11.48
C GLU V 26 2.40 -59.98 -12.32
N VAL V 27 1.52 -60.61 -13.10
CA VAL V 27 1.92 -61.64 -14.05
C VAL V 27 1.48 -61.22 -15.45
N SER V 28 2.17 -61.77 -16.44
CA SER V 28 1.84 -61.48 -17.83
C SER V 28 2.37 -62.62 -18.70
N ARG V 29 1.79 -62.73 -19.90
CA ARG V 29 2.13 -63.82 -20.80
C ARG V 29 2.30 -63.25 -22.21
N GLN V 30 3.42 -63.59 -22.84
CA GLN V 30 3.65 -63.20 -24.22
C GLN V 30 2.68 -63.92 -25.15
N SER V 31 2.31 -63.25 -26.23
CA SER V 31 1.38 -63.82 -27.19
C SER V 31 2.01 -65.02 -27.89
N PRO V 32 1.20 -65.93 -28.43
CA PRO V 32 1.77 -67.05 -29.19
C PRO V 32 2.59 -66.54 -30.36
N GLN V 33 3.77 -67.13 -30.53
CA GLN V 33 4.70 -66.70 -31.58
C GLN V 33 4.39 -67.51 -32.84
N LEU V 34 3.40 -67.03 -33.59
CA LEU V 34 3.04 -67.65 -34.85
C LEU V 34 4.15 -67.43 -35.88
N SER V 35 4.44 -68.48 -36.65
CA SER V 35 5.45 -68.39 -37.70
C SER V 35 5.02 -69.30 -38.83
N MET V 36 4.80 -68.72 -40.01
CA MET V 36 4.47 -69.48 -41.20
C MET V 36 5.73 -69.78 -41.98
N GLU V 37 5.87 -71.02 -42.43
CA GLU V 37 7.06 -71.46 -43.15
C GLU V 37 7.00 -70.91 -44.57
N THR V 38 7.53 -69.71 -44.73
CA THR V 38 7.43 -69.00 -46.01
C THR V 38 8.37 -69.62 -47.03
N ALA V 39 7.89 -69.71 -48.27
CA ALA V 39 8.70 -70.10 -49.42
C ALA V 39 8.53 -69.03 -50.48
N GLU V 40 9.65 -68.53 -51.00
CA GLU V 40 9.64 -67.43 -51.95
C GLU V 40 10.03 -67.93 -53.33
N ILE V 41 9.25 -67.57 -54.33
CA ILE V 41 9.57 -67.80 -55.73
C ILE V 41 9.87 -66.45 -56.37
N ALA V 42 11.11 -66.26 -56.80
CA ALA V 42 11.53 -64.97 -57.32
C ALA V 42 10.73 -64.59 -58.56
N GLY V 43 10.34 -63.32 -58.64
CA GLY V 43 9.52 -62.81 -59.71
C GLY V 43 8.04 -62.74 -59.40
N THR V 44 7.58 -63.46 -58.37
CA THR V 44 6.18 -63.45 -57.98
C THR V 44 6.00 -62.60 -56.73
N ASP V 45 4.73 -62.39 -56.36
CA ASP V 45 4.37 -61.54 -55.25
C ASP V 45 4.16 -62.36 -53.98
N GLY V 46 4.66 -61.83 -52.87
CA GLY V 46 4.43 -62.47 -51.59
C GLY V 46 5.17 -63.79 -51.44
N VAL V 47 4.63 -64.63 -50.57
CA VAL V 47 5.21 -65.92 -50.23
C VAL V 47 4.12 -66.99 -50.32
N ILE V 48 4.56 -68.24 -50.38
CA ILE V 48 3.68 -69.39 -50.32
C ILE V 48 3.78 -69.97 -48.91
N PRO V 49 2.77 -69.81 -48.06
CA PRO V 49 2.89 -70.31 -46.68
C PRO V 49 2.88 -71.82 -46.63
N GLY V 50 3.66 -72.37 -45.72
CA GLY V 50 3.68 -73.80 -45.51
C GLY V 50 2.70 -74.22 -44.44
N MET V 51 3.20 -74.76 -43.33
CA MET V 51 2.37 -75.14 -42.19
C MET V 51 2.68 -74.20 -41.04
N THR V 52 1.67 -73.50 -40.54
CA THR V 52 1.87 -72.56 -39.45
C THR V 52 2.33 -73.28 -38.20
N GLN V 53 3.36 -72.73 -37.56
CA GLN V 53 3.91 -73.31 -36.34
C GLN V 53 3.95 -72.24 -35.25
N PHE V 54 4.18 -72.68 -34.02
CA PHE V 54 4.22 -71.79 -32.86
C PHE V 54 5.53 -71.97 -32.13
N LYS V 55 6.25 -70.87 -31.96
CA LYS V 55 7.57 -70.84 -31.33
C LYS V 55 7.45 -70.71 -29.83
N PRO V 56 8.51 -71.06 -29.09
CA PRO V 56 8.47 -70.89 -27.63
C PRO V 56 8.29 -69.43 -27.24
N PHE V 57 7.65 -69.20 -26.09
CA PHE V 57 7.44 -67.84 -25.66
C PHE V 57 7.79 -67.64 -24.19
N ILE V 58 7.44 -66.48 -23.63
CA ILE V 58 7.93 -66.04 -22.34
C ILE V 58 6.76 -65.71 -21.43
N PHE V 59 6.79 -66.20 -20.19
CA PHE V 59 5.83 -65.86 -19.16
C PHE V 59 6.57 -65.04 -18.10
N SER V 60 6.10 -63.82 -17.87
CA SER V 60 6.81 -62.89 -17.00
C SER V 60 6.03 -62.66 -15.72
N ALA V 61 6.77 -62.44 -14.63
CA ALA V 61 6.19 -62.16 -13.31
C ALA V 61 7.00 -61.06 -12.66
N LYS V 62 6.40 -59.90 -12.49
CA LYS V 62 7.03 -58.77 -11.81
C LYS V 62 6.74 -58.86 -10.32
N CYS V 63 7.79 -58.87 -9.50
CA CYS V 63 7.68 -59.02 -8.06
C CYS V 63 8.69 -58.11 -7.38
N ASN V 64 8.61 -58.06 -6.05
CA ASN V 64 9.55 -57.29 -5.25
C ASN V 64 9.89 -58.08 -3.99
N LEU V 65 11.10 -57.85 -3.48
CA LEU V 65 11.57 -58.48 -2.26
C LEU V 65 11.84 -57.40 -1.22
N GLN V 66 11.24 -57.55 -0.03
CA GLN V 66 11.41 -56.62 1.07
C GLN V 66 11.96 -57.40 2.26
N ALA V 67 13.22 -57.13 2.62
CA ALA V 67 13.91 -57.86 3.66
C ALA V 67 13.98 -57.04 4.95
N LEU V 68 14.31 -57.73 6.04
CA LEU V 68 14.41 -57.07 7.34
C LEU V 68 15.70 -56.25 7.43
N ASP V 69 16.81 -56.78 6.92
CA ASP V 69 18.09 -56.10 6.99
C ASP V 69 18.97 -56.59 5.84
N ILE V 70 20.16 -55.99 5.74
CA ILE V 70 21.04 -56.29 4.61
C ILE V 70 21.47 -57.75 4.57
N PRO V 71 21.96 -58.36 5.66
CA PRO V 71 22.27 -59.79 5.59
C PRO V 71 21.06 -60.64 5.23
N ASP V 72 19.89 -60.28 5.75
CA ASP V 72 18.67 -60.98 5.37
C ASP V 72 18.37 -60.80 3.88
N TYR V 73 18.64 -59.60 3.35
CA TYR V 73 18.42 -59.36 1.93
C TYR V 73 19.32 -60.25 1.08
N HIS V 74 20.61 -60.33 1.44
CA HIS V 74 21.53 -61.17 0.67
C HIS V 74 21.14 -62.64 0.77
N LEU V 75 20.78 -63.09 1.97
CA LEU V 75 20.37 -64.48 2.14
C LEU V 75 19.12 -64.79 1.33
N ALA V 76 18.15 -63.87 1.33
CA ALA V 76 16.93 -64.07 0.56
C ALA V 76 17.21 -64.12 -0.93
N VAL V 77 18.11 -63.24 -1.41
CA VAL V 77 18.47 -63.26 -2.82
C VAL V 77 19.10 -64.59 -3.19
N ARG V 78 20.03 -65.07 -2.37
CA ARG V 78 20.68 -66.35 -2.65
C ARG V 78 19.68 -67.49 -2.63
N GLU V 79 18.77 -67.49 -1.65
CA GLU V 79 17.79 -68.58 -1.56
C GLU V 79 16.82 -68.55 -2.74
N ILE V 80 16.42 -67.36 -3.18
CA ILE V 80 15.55 -67.26 -4.35
C ILE V 80 16.27 -67.78 -5.58
N TYR V 81 17.55 -67.42 -5.75
CA TYR V 81 18.30 -67.92 -6.89
C TYR V 81 18.43 -69.43 -6.85
N GLU V 82 18.65 -70.00 -5.66
CA GLU V 82 18.71 -71.45 -5.52
C GLU V 82 17.38 -72.09 -5.88
N PHE V 83 16.28 -71.51 -5.41
CA PHE V 83 14.97 -72.12 -5.61
C PHE V 83 14.52 -72.05 -7.07
N LEU V 84 14.74 -70.90 -7.73
CA LEU V 84 14.19 -70.70 -9.07
C LEU V 84 14.92 -71.54 -10.11
N PHE V 85 16.25 -71.56 -10.04
CA PHE V 85 17.06 -72.19 -11.09
C PHE V 85 17.35 -73.63 -10.73
N GLN V 86 16.68 -74.55 -11.41
CA GLN V 86 16.89 -75.98 -11.24
C GLN V 86 17.43 -76.59 -12.52
N ARG V 87 17.95 -77.81 -12.40
CA ARG V 87 18.55 -78.48 -13.54
C ARG V 87 17.53 -78.76 -14.63
N ASP V 88 16.33 -79.19 -14.26
CA ASP V 88 15.32 -79.61 -15.21
C ASP V 88 14.15 -78.64 -15.20
N SER V 89 13.36 -78.69 -16.27
CA SER V 89 12.18 -77.84 -16.38
C SER V 89 11.15 -78.24 -15.35
N TYR V 90 10.31 -77.28 -14.96
CA TYR V 90 9.29 -77.54 -13.95
C TYR V 90 7.99 -76.91 -14.44
N TYR V 91 6.98 -76.87 -13.57
CA TYR V 91 5.68 -76.33 -13.97
C TYR V 91 5.38 -75.06 -13.19
N ILE V 92 4.64 -74.15 -13.82
CA ILE V 92 4.24 -72.91 -13.16
C ILE V 92 2.79 -72.60 -13.52
N TRP V 93 2.11 -71.91 -12.62
CA TRP V 93 0.80 -71.33 -12.92
C TRP V 93 0.56 -70.17 -11.97
N SER V 94 -0.56 -69.49 -12.16
CA SER V 94 -0.86 -68.25 -11.45
C SER V 94 -2.25 -68.31 -10.84
N ASP V 95 -2.47 -67.43 -9.86
CA ASP V 95 -3.78 -67.36 -9.20
C ASP V 95 -4.85 -66.84 -10.17
N GLN V 96 -4.46 -65.95 -11.08
CA GLN V 96 -5.44 -65.37 -12.00
C GLN V 96 -6.07 -66.43 -12.89
N MET V 97 -5.26 -67.40 -13.33
CA MET V 97 -5.73 -68.48 -14.19
C MET V 97 -5.27 -69.80 -13.59
N PRO V 98 -5.94 -70.26 -12.52
CA PRO V 98 -5.45 -71.44 -11.79
C PRO V 98 -5.72 -72.77 -12.47
N GLY V 99 -6.34 -72.77 -13.65
CA GLY V 99 -6.61 -73.99 -14.36
C GLY V 99 -5.65 -74.30 -15.49
N ILE V 100 -4.70 -73.42 -15.77
CA ILE V 100 -3.78 -73.57 -16.89
C ILE V 100 -2.35 -73.47 -16.35
N ARG V 101 -1.50 -74.41 -16.73
CA ARG V 101 -0.13 -74.47 -16.28
C ARG V 101 0.82 -74.55 -17.47
N TYR V 102 2.05 -74.09 -17.26
CA TYR V 102 3.07 -74.07 -18.29
C TYR V 102 4.30 -74.85 -17.82
N GLU V 103 4.86 -75.66 -18.71
CA GLU V 103 6.13 -76.32 -18.47
C GLU V 103 7.24 -75.38 -18.93
N VAL V 104 8.04 -74.89 -17.99
CA VAL V 104 8.97 -73.80 -18.27
C VAL V 104 10.37 -74.12 -17.72
N HIS V 105 11.33 -73.34 -18.23
CA HIS V 105 12.71 -73.21 -17.79
C HIS V 105 12.97 -71.77 -17.37
N PRO V 106 13.72 -71.54 -16.30
CA PRO V 106 13.98 -70.17 -15.86
C PRO V 106 14.95 -69.47 -16.81
N LYS V 107 14.97 -68.14 -16.70
CA LYS V 107 15.86 -67.31 -17.48
C LYS V 107 16.65 -66.40 -16.55
N PRO V 108 17.87 -66.02 -16.94
CA PRO V 108 18.69 -65.16 -16.06
C PRO V 108 18.06 -63.80 -15.87
N VAL V 109 17.78 -63.47 -14.61
CA VAL V 109 17.18 -62.19 -14.25
C VAL V 109 17.90 -61.65 -13.01
N ASP V 110 18.31 -60.39 -13.08
CA ASP V 110 19.11 -59.78 -12.02
C ASP V 110 18.24 -58.93 -11.11
N PHE V 111 18.52 -58.98 -9.82
CA PHE V 111 17.83 -58.12 -8.86
C PHE V 111 18.23 -56.67 -9.07
N SER V 112 17.25 -55.78 -9.02
CA SER V 112 17.48 -54.34 -9.12
C SER V 112 17.38 -53.77 -7.70
N ARG V 113 18.52 -53.54 -7.08
CA ARG V 113 18.56 -53.06 -5.69
C ARG V 113 18.17 -51.59 -5.66
N GLU V 114 17.01 -51.30 -5.08
CA GLU V 114 16.52 -49.93 -5.00
C GLU V 114 16.93 -49.25 -3.69
N SER V 115 16.90 -49.99 -2.58
CA SER V 115 17.28 -49.45 -1.28
C SER V 115 18.13 -50.49 -0.56
N ASP V 116 18.39 -50.24 0.72
CA ASP V 116 19.21 -51.17 1.49
C ASP V 116 18.51 -52.48 1.80
N ARG V 117 17.18 -52.53 1.68
CA ARG V 117 16.43 -53.71 2.04
C ARG V 117 15.42 -54.16 0.99
N VAL V 118 15.19 -53.40 -0.07
CA VAL V 118 14.17 -53.72 -1.06
C VAL V 118 14.83 -53.89 -2.42
N GLY V 119 14.30 -54.84 -3.19
CA GLY V 119 14.80 -55.10 -4.53
C GLY V 119 13.72 -55.56 -5.49
N LEU V 120 13.62 -54.90 -6.64
CA LEU V 120 12.63 -55.26 -7.64
C LEU V 120 13.17 -56.35 -8.55
N LEU V 121 12.30 -57.27 -8.95
CA LEU V 121 12.67 -58.38 -9.81
C LEU V 121 11.59 -58.60 -10.85
N THR V 122 11.99 -59.09 -12.01
CA THR V 122 11.06 -59.44 -13.09
C THR V 122 11.46 -60.81 -13.60
N ILE V 123 10.93 -61.85 -12.97
CA ILE V 123 11.27 -63.21 -13.36
C ILE V 123 10.68 -63.52 -14.73
N GLU V 124 11.45 -64.20 -15.57
CA GLU V 124 11.00 -64.59 -16.89
C GLU V 124 11.20 -66.09 -17.06
N PHE V 125 10.13 -66.80 -17.38
CA PHE V 125 10.17 -68.24 -17.61
C PHE V 125 9.95 -68.49 -19.09
N ASP V 126 10.89 -69.17 -19.73
CA ASP V 126 10.74 -69.56 -21.12
C ASP V 126 9.94 -70.86 -21.18
N VAL V 127 8.79 -70.82 -21.83
CA VAL V 127 8.01 -72.02 -22.13
C VAL V 127 8.36 -72.43 -23.55
N PHE V 128 8.91 -73.63 -23.69
CA PHE V 128 9.51 -74.09 -24.93
C PHE V 128 8.58 -74.96 -25.78
N LYS V 129 7.55 -75.55 -25.17
CA LYS V 129 6.60 -76.34 -25.94
C LYS V 129 5.76 -75.49 -26.88
N GLY V 130 5.71 -74.18 -26.65
CA GLY V 130 4.94 -73.28 -27.48
C GLY V 130 3.46 -73.23 -27.16
N TYR V 131 3.01 -73.96 -26.15
CA TYR V 131 1.59 -73.99 -25.81
C TYR V 131 1.45 -74.21 -24.31
N ALA V 132 0.25 -73.90 -23.81
CA ALA V 132 -0.11 -74.15 -22.42
C ALA V 132 -1.07 -75.32 -22.35
N GLU V 133 -1.04 -76.02 -21.22
CA GLU V 133 -1.89 -77.19 -21.03
C GLU V 133 -2.61 -77.10 -19.70
N SER V 134 -3.76 -77.78 -19.63
CA SER V 134 -4.56 -77.78 -18.41
C SER V 134 -3.83 -78.52 -17.30
N ARG V 135 -4.12 -78.12 -16.06
CA ARG V 135 -3.50 -78.76 -14.90
C ARG V 135 -3.90 -80.23 -14.81
N GLY V 136 -5.17 -80.54 -15.05
CA GLY V 136 -5.67 -81.89 -14.98
C GLY V 136 -5.90 -82.46 -16.38
N THR V 137 -5.81 -83.78 -16.48
CA THR V 137 -6.02 -84.46 -17.75
C THR V 137 -7.51 -84.73 -17.95
N SER V 138 -7.84 -85.39 -19.06
CA SER V 138 -9.24 -85.72 -19.36
C SER V 138 -9.81 -86.73 -18.38
N LEU V 139 -8.96 -87.54 -17.74
CA LEU V 139 -9.45 -88.54 -16.81
C LEU V 139 -10.01 -87.94 -15.53
N ASP V 140 -9.62 -86.72 -15.18
CA ASP V 140 -10.13 -86.09 -13.97
C ASP V 140 -11.59 -85.72 -14.16
N PRO V 141 -12.46 -86.03 -13.20
CA PRO V 141 -13.87 -85.67 -13.34
C PRO V 141 -14.07 -84.16 -13.33
N MET V 142 -15.10 -83.72 -14.03
CA MET V 142 -15.44 -82.30 -14.11
C MET V 142 -16.37 -81.91 -12.96
N THR V 143 -15.92 -82.18 -11.74
CA THR V 143 -16.68 -81.93 -10.54
C THR V 143 -16.09 -80.76 -9.76
N PHE V 144 -16.92 -80.16 -8.91
CA PHE V 144 -16.49 -78.99 -8.14
C PHE V 144 -15.41 -79.36 -7.13
N GLU V 145 -15.54 -80.52 -6.48
CA GLU V 145 -14.62 -80.89 -5.42
C GLU V 145 -13.22 -81.20 -5.93
N VAL V 146 -13.06 -81.41 -7.24
CA VAL V 146 -11.73 -81.65 -7.79
C VAL V 146 -10.88 -80.39 -7.70
N ASP V 147 -11.49 -79.22 -7.93
CA ASP V 147 -10.83 -77.93 -7.82
C ASP V 147 -9.67 -77.81 -8.81
N LEU V 148 -9.97 -78.07 -10.08
CA LEU V 148 -8.95 -78.00 -11.13
C LEU V 148 -9.42 -77.16 -12.31
N TRP V 149 -10.72 -77.10 -12.53
CA TRP V 149 -11.29 -76.45 -13.71
C TRP V 149 -11.77 -75.05 -13.38
N GLN V 150 -11.46 -74.11 -14.28
CA GLN V 150 -11.90 -72.73 -14.16
C GLN V 150 -12.46 -72.29 -15.51
N MET V 151 -13.26 -71.23 -15.49
CA MET V 151 -13.90 -70.75 -16.69
C MET V 151 -12.87 -70.31 -17.73
N GLY V 152 -13.30 -70.30 -18.99
CA GLY V 152 -12.44 -69.91 -20.08
C GLY V 152 -11.57 -71.00 -20.65
N MET V 153 -11.76 -72.26 -20.23
CA MET V 153 -10.98 -73.38 -20.72
C MET V 153 -11.72 -74.15 -21.80
N ASN V 154 -12.59 -73.49 -22.54
CA ASN V 154 -13.30 -74.04 -23.69
C ASN V 154 -14.17 -75.24 -23.33
N LEU V 155 -14.61 -75.34 -22.09
CA LEU V 155 -15.55 -76.39 -21.72
C LEU V 155 -16.92 -76.09 -22.30
N SER V 156 -17.50 -77.08 -22.97
CA SER V 156 -18.77 -76.88 -23.67
C SER V 156 -19.92 -76.81 -22.67
N ASN V 157 -20.61 -75.68 -22.63
CA ASN V 157 -21.78 -75.52 -21.77
C ASN V 157 -23.07 -75.88 -22.52
N ARG V 158 -23.05 -77.04 -23.18
CA ARG V 158 -24.25 -77.56 -23.84
C ARG V 158 -24.46 -79.05 -23.68
N ASP V 159 -23.44 -79.82 -23.28
CA ASP V 159 -23.59 -81.27 -23.16
C ASP V 159 -22.52 -81.79 -22.22
N ASP V 160 -22.76 -83.00 -21.71
CA ASP V 160 -21.83 -83.61 -20.79
C ASP V 160 -20.56 -84.08 -21.52
N LEU V 161 -19.45 -84.06 -20.80
CA LEU V 161 -18.15 -84.48 -21.33
C LEU V 161 -17.61 -85.61 -20.45
N PHE V 162 -17.63 -86.83 -20.97
CA PHE V 162 -17.02 -87.97 -20.32
C PHE V 162 -16.09 -88.66 -21.30
N TYR V 163 -15.05 -89.31 -20.75
CA TYR V 163 -14.02 -89.92 -21.57
C TYR V 163 -13.86 -91.41 -21.31
N VAL V 164 -14.89 -92.04 -20.76
CA VAL V 164 -14.96 -93.50 -20.63
C VAL V 164 -16.23 -93.96 -21.31
N PHE V 165 -16.11 -94.91 -22.24
CA PHE V 165 -17.22 -95.33 -23.06
C PHE V 165 -17.39 -96.84 -23.00
N ARG V 166 -18.64 -97.29 -23.16
CA ARG V 166 -18.98 -98.69 -23.08
C ARG V 166 -19.52 -99.28 -24.38
N GLU V 167 -19.76 -98.46 -25.39
CA GLU V 167 -20.36 -98.91 -26.64
C GLU V 167 -19.32 -98.85 -27.76
N ASN V 168 -19.72 -99.32 -28.94
CA ASN V 168 -18.83 -99.40 -30.09
C ASN V 168 -18.80 -98.12 -30.93
N THR V 169 -19.67 -97.15 -30.63
CA THR V 169 -19.72 -95.91 -31.39
C THR V 169 -20.04 -94.78 -30.43
N PHE V 170 -19.23 -93.73 -30.44
CA PHE V 170 -19.40 -92.64 -29.49
C PHE V 170 -18.72 -91.39 -30.03
N ARG V 171 -18.71 -90.33 -29.21
CA ARG V 171 -18.07 -89.07 -29.52
C ARG V 171 -17.17 -88.67 -28.37
N VAL V 172 -16.04 -88.05 -28.69
CA VAL V 172 -15.09 -87.58 -27.69
C VAL V 172 -14.78 -86.11 -27.99
N TYR V 173 -14.83 -85.27 -26.96
CA TYR V 173 -14.66 -83.83 -27.12
C TYR V 173 -13.26 -83.43 -26.68
N ASN V 174 -12.44 -83.03 -27.65
CA ASN V 174 -11.14 -82.44 -27.38
C ASN V 174 -11.32 -80.93 -27.29
N ALA V 175 -11.17 -80.39 -26.09
CA ALA V 175 -11.42 -78.98 -25.81
C ALA V 175 -10.22 -78.09 -26.07
N GLY V 176 -9.08 -78.66 -26.44
CA GLY V 176 -7.90 -77.86 -26.66
C GLY V 176 -7.97 -77.04 -27.93
N SER V 177 -6.99 -76.16 -28.08
CA SER V 177 -6.88 -75.29 -29.26
C SER V 177 -6.00 -75.90 -30.34
N ASP V 178 -5.48 -77.10 -30.12
CA ASP V 178 -4.64 -77.78 -31.11
C ASP V 178 -5.11 -79.22 -31.26
N ARG V 179 -4.93 -79.76 -32.45
CA ARG V 179 -5.26 -81.15 -32.70
C ARG V 179 -4.26 -82.04 -32.00
N VAL V 180 -4.75 -82.90 -31.11
CA VAL V 180 -3.88 -83.75 -30.32
C VAL V 180 -3.25 -84.81 -31.23
N ASN V 181 -1.93 -84.82 -31.29
CA ASN V 181 -1.21 -85.73 -32.16
C ASN V 181 0.07 -86.20 -31.46
N PRO V 182 0.16 -87.49 -31.14
CA PRO V 182 1.39 -87.98 -30.47
C PRO V 182 2.64 -87.81 -31.31
N LEU V 183 2.51 -87.71 -32.65
CA LEU V 183 3.68 -87.48 -33.48
C LEU V 183 4.31 -86.13 -33.20
N MET V 184 3.52 -85.17 -32.71
CA MET V 184 4.02 -83.85 -32.34
C MET V 184 4.38 -83.76 -30.86
N ARG V 185 4.77 -84.89 -30.25
CA ARG V 185 5.18 -84.94 -28.85
C ARG V 185 4.05 -84.50 -27.92
N HIS V 186 2.82 -84.81 -28.30
CA HIS V 186 1.68 -84.59 -27.43
C HIS V 186 1.46 -85.80 -26.54
N GLU V 187 0.74 -85.58 -25.45
CA GLU V 187 0.42 -86.64 -24.50
C GLU V 187 -0.98 -87.18 -24.79
N LEU V 188 -1.08 -88.48 -24.97
CA LEU V 188 -2.36 -89.11 -25.29
C LEU V 188 -2.28 -90.60 -24.95
N ASP V 189 -3.23 -91.07 -24.15
CA ASP V 189 -3.29 -92.46 -23.75
C ASP V 189 -4.68 -93.02 -24.00
N ILE V 190 -4.73 -94.24 -24.52
CA ILE V 190 -5.99 -94.94 -24.75
C ILE V 190 -5.89 -96.32 -24.10
N ALA V 191 -6.83 -96.63 -23.22
CA ALA V 191 -6.86 -97.92 -22.54
C ALA V 191 -8.16 -98.63 -22.90
N MET V 192 -8.05 -99.80 -23.51
CA MET V 192 -9.23 -100.53 -23.95
C MET V 192 -9.21 -101.97 -23.46
N THR V 193 -10.36 -102.45 -23.03
CA THR V 193 -10.57 -103.85 -22.68
C THR V 193 -11.80 -104.34 -23.42
N ALA V 194 -11.66 -105.43 -24.15
CA ALA V 194 -12.74 -105.99 -24.95
C ALA V 194 -12.38 -107.42 -25.35
N ASN V 195 -13.28 -108.06 -26.09
CA ASN V 195 -13.10 -109.43 -26.54
C ASN V 195 -13.19 -109.46 -28.06
N GLY V 196 -12.16 -109.99 -28.71
CA GLY V 196 -12.13 -110.17 -30.15
C GLY V 196 -10.93 -109.48 -30.75
N THR V 197 -11.01 -109.23 -32.05
CA THR V 197 -9.96 -108.52 -32.78
C THR V 197 -10.39 -107.08 -32.99
N PRO V 198 -9.73 -106.11 -32.37
CA PRO V 198 -10.25 -104.73 -32.37
C PRO V 198 -9.73 -103.88 -33.53
N THR V 199 -10.52 -102.86 -33.83
CA THR V 199 -10.13 -101.85 -34.82
C THR V 199 -10.81 -100.54 -34.45
N ILE V 200 -10.02 -99.50 -34.21
CA ILE V 200 -10.51 -98.20 -33.80
C ILE V 200 -10.50 -97.27 -35.01
N HIS V 201 -11.61 -96.56 -35.22
CA HIS V 201 -11.76 -95.66 -36.36
C HIS V 201 -12.17 -94.29 -35.86
N ASN V 202 -11.39 -93.28 -36.22
CA ASN V 202 -11.75 -91.88 -36.01
C ASN V 202 -12.26 -91.36 -37.35
N LEU V 203 -13.58 -91.21 -37.45
CA LEU V 203 -14.19 -90.85 -38.73
C LEU V 203 -13.94 -89.40 -39.09
N THR V 204 -14.06 -88.49 -38.11
CA THR V 204 -13.84 -87.08 -38.39
C THR V 204 -12.42 -86.83 -38.87
N THR V 205 -11.44 -87.42 -38.19
CA THR V 205 -10.07 -87.34 -38.65
C THR V 205 -9.84 -88.27 -39.83
N GLY V 206 -10.50 -89.42 -39.82
CA GLY V 206 -10.31 -90.43 -40.85
C GLY V 206 -9.20 -91.41 -40.58
N GLU V 207 -8.76 -91.54 -39.34
CA GLU V 207 -7.66 -92.43 -38.99
C GLU V 207 -8.19 -93.77 -38.50
N SER V 208 -7.29 -94.75 -38.48
CA SER V 208 -7.68 -96.10 -38.06
C SER V 208 -6.48 -96.81 -37.46
N PHE V 209 -6.67 -97.38 -36.27
CA PHE V 209 -5.68 -98.24 -35.64
C PHE V 209 -6.19 -99.67 -35.65
N GLU V 210 -5.35 -100.59 -36.11
CA GLU V 210 -5.75 -101.98 -36.31
C GLU V 210 -4.82 -102.90 -35.54
N TYR V 211 -5.40 -103.81 -34.77
CA TYR V 211 -4.66 -104.86 -34.08
C TYR V 211 -5.08 -106.20 -34.66
N ARG V 212 -4.11 -107.06 -34.96
CA ARG V 212 -4.34 -108.28 -35.72
C ARG V 212 -4.21 -109.53 -34.87
N LYS V 213 -4.63 -109.47 -33.61
CA LYS V 213 -4.64 -110.63 -32.74
C LYS V 213 -5.91 -110.64 -31.91
N GLU V 214 -6.31 -111.83 -31.48
CA GLU V 214 -7.49 -111.96 -30.63
C GLU V 214 -7.18 -111.45 -29.23
N LEU V 215 -8.14 -110.73 -28.64
CA LEU V 215 -7.98 -110.13 -27.33
C LEU V 215 -9.08 -110.62 -26.40
N GLN V 216 -8.72 -110.76 -25.13
CA GLN V 216 -9.67 -111.14 -24.08
C GLN V 216 -9.93 -109.95 -23.17
N LYS V 217 -11.05 -110.02 -22.45
CA LYS V 217 -11.43 -108.94 -21.55
C LYS V 217 -10.42 -108.74 -20.43
N THR V 218 -9.65 -109.76 -20.09
CA THR V 218 -8.62 -109.65 -19.06
C THR V 218 -7.36 -108.95 -19.56
N ASP V 219 -7.20 -108.80 -20.87
CA ASP V 219 -6.05 -108.12 -21.44
C ASP V 219 -6.41 -106.67 -21.74
N VAL V 220 -5.54 -105.75 -21.35
CA VAL V 220 -5.74 -104.33 -21.58
C VAL V 220 -4.80 -103.89 -22.69
N LEU V 221 -5.34 -103.20 -23.69
CA LEU V 221 -4.56 -102.63 -24.78
C LEU V 221 -4.36 -101.16 -24.47
N LEU V 222 -3.10 -100.76 -24.32
CA LEU V 222 -2.73 -99.40 -23.92
C LEU V 222 -1.92 -98.78 -25.05
N LEU V 223 -2.49 -97.77 -25.69
CA LEU V 223 -1.78 -96.96 -26.68
C LEU V 223 -1.32 -95.70 -25.99
N ASN V 224 -0.03 -95.59 -25.71
CA ASN V 224 0.55 -94.40 -25.12
C ASN V 224 1.47 -93.75 -26.13
N ASN V 225 1.17 -92.50 -26.50
CA ASN V 225 1.88 -91.80 -27.55
C ASN V 225 1.90 -92.62 -28.84
N ILE V 226 3.06 -93.15 -29.21
CA ILE V 226 3.19 -93.92 -30.44
C ILE V 226 3.62 -95.34 -30.12
N TYR V 227 3.20 -95.85 -28.95
CA TYR V 227 3.54 -97.19 -28.53
C TYR V 227 2.26 -97.95 -28.19
N PRO V 228 1.89 -98.97 -28.96
CA PRO V 228 0.81 -99.86 -28.54
C PRO V 228 1.33 -101.05 -27.73
N LEU V 229 0.74 -101.31 -26.57
CA LEU V 229 1.18 -102.39 -25.70
C LEU V 229 -0.04 -103.20 -25.25
N VAL V 230 0.20 -104.46 -24.91
CA VAL V 230 -0.78 -105.27 -24.19
C VAL V 230 -0.09 -105.84 -22.96
N ASN V 231 -0.66 -105.57 -21.78
CA ASN V 231 -0.06 -105.94 -20.51
C ASN V 231 1.38 -105.43 -20.42
N ASN V 232 1.58 -104.20 -20.88
CA ASN V 232 2.89 -103.54 -20.89
C ASN V 232 3.92 -104.35 -21.68
N ARG V 233 3.49 -104.91 -22.81
CA ARG V 233 4.36 -105.63 -23.72
C ARG V 233 4.18 -105.09 -25.13
N ARG V 234 5.28 -104.75 -25.78
CA ARG V 234 5.21 -104.10 -27.09
C ARG V 234 4.71 -105.09 -28.15
N VAL V 235 3.69 -104.68 -28.89
CA VAL V 235 3.11 -105.52 -29.94
C VAL V 235 3.03 -104.75 -31.25
N GLY V 236 3.95 -103.81 -31.44
CA GLY V 236 3.94 -102.99 -32.65
C GLY V 236 4.07 -103.79 -33.93
N LYS V 237 4.64 -104.99 -33.87
CA LYS V 237 4.78 -105.80 -35.07
C LYS V 237 3.44 -106.36 -35.54
N ASP V 238 2.47 -106.47 -34.63
CA ASP V 238 1.19 -107.09 -34.94
C ASP V 238 0.09 -106.07 -35.21
N THR V 239 0.46 -104.82 -35.49
CA THR V 239 -0.50 -103.77 -35.77
C THR V 239 -0.25 -103.21 -37.17
N ASN V 240 -1.11 -102.28 -37.58
CA ASN V 240 -0.94 -101.56 -38.83
C ASN V 240 -0.11 -100.29 -38.66
N HIS V 241 0.40 -100.05 -37.46
CA HIS V 241 1.24 -98.89 -37.12
C HIS V 241 0.51 -97.57 -37.27
N GLY V 242 -0.80 -97.60 -37.50
CA GLY V 242 -1.56 -96.37 -37.52
C GLY V 242 -1.76 -95.81 -36.13
N ILE V 243 -1.87 -94.49 -36.05
CA ILE V 243 -2.08 -93.79 -34.79
C ILE V 243 -3.25 -92.84 -34.95
N ILE V 244 -4.14 -92.84 -33.97
CA ILE V 244 -5.30 -91.97 -34.00
C ILE V 244 -4.92 -90.59 -33.47
N THR V 245 -5.72 -89.59 -33.85
CA THR V 245 -5.52 -88.22 -33.40
C THR V 245 -6.87 -87.63 -33.06
N LEU V 246 -6.86 -86.61 -32.20
CA LEU V 246 -8.07 -85.95 -31.76
C LEU V 246 -8.11 -84.55 -32.36
N GLU V 247 -9.05 -84.30 -33.25
CA GLU V 247 -9.24 -82.98 -33.81
C GLU V 247 -9.89 -82.06 -32.79
N LYS V 248 -9.92 -80.77 -33.11
CA LYS V 248 -10.59 -79.81 -32.25
C LYS V 248 -12.08 -80.10 -32.21
N GLY V 249 -12.66 -79.97 -31.01
CA GLY V 249 -14.09 -80.21 -30.87
C GLY V 249 -14.45 -81.67 -30.79
N TRP V 250 -15.52 -82.07 -31.48
CA TRP V 250 -16.04 -83.42 -31.37
C TRP V 250 -15.41 -84.34 -32.41
N ASN V 251 -15.03 -85.54 -31.96
CA ASN V 251 -14.52 -86.58 -32.84
C ASN V 251 -15.39 -87.82 -32.69
N ASP V 252 -15.87 -88.34 -33.82
CA ASP V 252 -16.68 -89.54 -33.83
C ASP V 252 -15.77 -90.76 -33.89
N PHE V 253 -16.00 -91.72 -32.99
CA PHE V 253 -15.19 -92.91 -32.89
C PHE V 253 -16.07 -94.15 -33.04
N GLU V 254 -15.56 -95.12 -33.79
CA GLU V 254 -16.26 -96.38 -34.02
C GLU V 254 -15.29 -97.53 -33.79
N ILE V 255 -15.73 -98.53 -33.01
CA ILE V 255 -14.92 -99.70 -32.69
C ILE V 255 -15.53 -100.89 -33.41
N LYS V 256 -14.68 -101.65 -34.11
CA LYS V 256 -15.15 -102.78 -34.91
C LYS V 256 -14.37 -104.03 -34.52
N GLY V 257 -15.07 -105.17 -34.58
CA GLY V 257 -14.47 -106.46 -34.37
C GLY V 257 -14.39 -106.93 -32.94
N VAL V 258 -14.97 -106.19 -31.99
CA VAL V 258 -14.94 -106.58 -30.58
C VAL V 258 -16.30 -106.32 -29.96
N THR V 259 -16.52 -106.93 -28.79
CA THR V 259 -17.73 -106.79 -28.03
C THR V 259 -17.38 -106.35 -26.61
N ASP V 260 -18.41 -105.96 -25.86
CA ASP V 260 -18.29 -105.43 -24.49
C ASP V 260 -17.07 -104.52 -24.36
N VAL V 261 -17.04 -103.51 -25.22
CA VAL V 261 -15.90 -102.61 -25.30
C VAL V 261 -15.90 -101.66 -24.11
N THR V 262 -14.74 -101.50 -23.48
CA THR V 262 -14.54 -100.50 -22.43
C THR V 262 -13.28 -99.72 -22.80
N ILE V 263 -13.47 -98.49 -23.27
CA ILE V 263 -12.38 -97.67 -23.78
C ILE V 263 -12.34 -96.36 -23.03
N ALA V 264 -11.14 -95.97 -22.60
CA ALA V 264 -10.93 -94.75 -21.82
C ALA V 264 -9.83 -93.92 -22.45
N PHE V 265 -10.06 -92.62 -22.52
CA PHE V 265 -9.11 -91.65 -23.05
C PHE V 265 -8.50 -90.84 -21.92
N ASN V 266 -7.18 -90.62 -21.98
CA ASN V 266 -6.47 -89.88 -20.95
C ASN V 266 -5.46 -88.97 -21.64
N PHE V 267 -5.79 -87.69 -21.77
CA PHE V 267 -4.91 -86.73 -22.43
C PHE V 267 -5.18 -85.35 -21.86
N PRO V 268 -4.17 -84.48 -21.85
CA PRO V 268 -4.39 -83.09 -21.43
C PRO V 268 -4.78 -82.20 -22.61
N PHE V 269 -5.49 -81.13 -22.28
CA PHE V 269 -5.94 -80.18 -23.28
C PHE V 269 -4.82 -79.20 -23.60
N ILE V 270 -4.69 -78.87 -24.89
CA ILE V 270 -3.63 -78.00 -25.37
C ILE V 270 -4.23 -76.62 -25.61
N TYR V 271 -3.80 -75.64 -24.82
CA TYR V 271 -4.28 -74.27 -24.93
C TYR V 271 -3.17 -73.38 -25.47
N ARG V 272 -3.50 -72.10 -25.65
CA ARG V 272 -2.54 -71.13 -26.13
C ARG V 272 -3.00 -69.71 -25.83
N MET W 1 1.74 -94.22 -45.04
CA MET W 1 2.09 -93.39 -43.89
C MET W 1 3.39 -92.63 -44.16
N ASP W 2 3.42 -91.36 -43.74
CA ASP W 2 4.56 -90.49 -43.99
C ASP W 2 5.65 -90.62 -42.93
N TYR W 3 5.40 -91.33 -41.84
CA TYR W 3 6.42 -91.52 -40.82
C TYR W 3 7.24 -92.78 -41.12
N VAL W 4 8.28 -92.99 -40.33
CA VAL W 4 9.24 -94.06 -40.56
C VAL W 4 8.98 -95.19 -39.56
N ILE W 5 8.94 -96.42 -40.05
CA ILE W 5 8.77 -97.60 -39.21
C ILE W 5 10.13 -98.27 -39.08
N ILE W 6 10.54 -98.54 -37.85
CA ILE W 6 11.85 -99.13 -37.57
C ILE W 6 11.65 -100.57 -37.13
N GLN W 7 12.31 -101.49 -37.83
CA GLN W 7 12.34 -102.90 -37.50
C GLN W 7 13.78 -103.31 -37.23
N SER W 8 14.00 -103.99 -36.11
CA SER W 8 15.34 -104.29 -35.65
C SER W 8 16.02 -105.31 -36.55
N MET W 9 17.31 -105.52 -36.31
CA MET W 9 18.08 -106.47 -37.11
C MET W 9 17.54 -107.88 -36.95
N ASP W 10 17.20 -108.28 -35.73
CA ASP W 10 16.64 -109.59 -35.47
C ASP W 10 15.14 -109.66 -35.69
N LYS W 11 14.51 -108.55 -36.09
CA LYS W 11 13.08 -108.48 -36.37
C LYS W 11 12.23 -108.82 -35.15
N GLU W 12 12.80 -108.69 -33.95
CA GLU W 12 12.04 -109.01 -32.74
C GLU W 12 11.02 -107.92 -32.42
N VAL W 13 11.38 -106.66 -32.66
CA VAL W 13 10.54 -105.53 -32.31
C VAL W 13 10.44 -104.59 -33.50
N GLU W 14 9.23 -104.07 -33.74
CA GLU W 14 8.97 -103.14 -34.83
C GLU W 14 8.12 -102.01 -34.30
N GLU W 15 8.61 -100.78 -34.39
CA GLU W 15 7.93 -99.62 -33.80
C GLU W 15 8.01 -98.47 -34.79
N ILE W 16 7.63 -97.27 -34.32
CA ILE W 16 7.64 -96.06 -35.13
C ILE W 16 8.78 -95.19 -34.64
N LEU W 17 9.66 -94.81 -35.56
CA LEU W 17 10.79 -93.95 -35.23
C LEU W 17 10.31 -92.49 -35.23
N THR W 18 10.10 -91.94 -34.05
CA THR W 18 9.58 -90.59 -33.89
C THR W 18 10.71 -89.60 -33.61
N ASP W 19 10.34 -88.31 -33.61
CA ASP W 19 11.27 -87.21 -33.35
C ASP W 19 12.42 -87.20 -34.35
N ILE W 20 12.16 -87.66 -35.58
CA ILE W 20 13.14 -87.56 -36.64
C ILE W 20 13.24 -86.11 -37.11
N ASP W 21 14.46 -85.64 -37.33
CA ASP W 21 14.65 -84.28 -37.81
C ASP W 21 14.23 -84.21 -39.28
N TYR W 22 12.94 -83.97 -39.51
CA TYR W 22 12.40 -84.00 -40.87
C TYR W 22 13.01 -82.94 -41.77
N GLY W 23 13.56 -81.86 -41.19
CA GLY W 23 14.26 -80.89 -42.00
C GLY W 23 15.48 -81.47 -42.69
N SER W 24 16.17 -82.39 -42.03
CA SER W 24 17.33 -83.06 -42.59
C SER W 24 16.97 -84.29 -43.41
N PHE W 25 15.71 -84.71 -43.40
CA PHE W 25 15.30 -85.89 -44.15
C PHE W 25 15.41 -85.63 -45.65
N SER W 26 15.87 -86.64 -46.38
CA SER W 26 16.04 -86.53 -47.83
C SER W 26 15.91 -87.91 -48.45
N TYR W 27 15.25 -87.95 -49.61
CA TYR W 27 15.08 -89.17 -50.39
C TYR W 27 15.67 -88.94 -51.77
N ASP W 28 16.66 -89.73 -52.13
CA ASP W 28 17.39 -89.56 -53.39
C ASP W 28 17.14 -90.76 -54.29
N TYR W 29 16.74 -90.49 -55.52
CA TYR W 29 16.53 -91.52 -56.53
C TYR W 29 17.19 -91.08 -57.84
N GLU W 30 17.81 -92.03 -58.52
CA GLU W 30 18.33 -91.82 -59.86
C GLU W 30 18.26 -93.15 -60.60
N LYS W 31 17.69 -93.12 -61.80
CA LYS W 31 17.39 -94.34 -62.54
C LYS W 31 18.64 -95.17 -62.76
N ASN W 32 18.55 -96.46 -62.42
CA ASN W 32 19.63 -97.43 -62.52
C ASN W 32 20.87 -97.01 -61.72
N THR W 33 20.76 -95.98 -60.89
CA THR W 33 21.91 -95.45 -60.17
C THR W 33 21.77 -95.55 -58.67
N SER W 34 20.69 -95.02 -58.08
CA SER W 34 20.63 -94.99 -56.62
C SER W 34 19.19 -94.86 -56.15
N ARG W 35 18.96 -95.33 -54.92
CA ARG W 35 17.67 -95.18 -54.26
C ARG W 35 17.93 -95.28 -52.76
N ALA W 36 17.83 -94.15 -52.06
CA ALA W 36 18.24 -94.12 -50.66
C ALA W 36 17.50 -93.03 -49.91
N ILE W 37 17.53 -93.14 -48.58
CA ILE W 37 16.98 -92.13 -47.68
C ILE W 37 18.00 -91.83 -46.59
N SER W 38 18.19 -90.56 -46.30
CA SER W 38 19.13 -90.12 -45.28
C SER W 38 18.47 -89.10 -44.37
N PHE W 39 18.77 -89.19 -43.07
CA PHE W 39 18.19 -88.28 -42.09
C PHE W 39 19.03 -88.34 -40.82
N THR W 40 18.56 -87.63 -39.79
CA THR W 40 19.24 -87.57 -38.50
C THR W 40 18.21 -87.70 -37.39
N VAL W 41 18.51 -88.52 -36.39
CA VAL W 41 17.60 -88.80 -35.29
C VAL W 41 18.27 -88.38 -33.98
N ASN W 42 17.56 -87.59 -33.19
CA ASN W 42 18.04 -87.18 -31.88
C ASN W 42 17.34 -87.98 -30.80
N LYS W 43 18.10 -88.39 -29.78
CA LYS W 43 17.54 -89.18 -28.69
C LYS W 43 16.75 -88.29 -27.76
N THR W 44 15.43 -88.50 -27.70
CA THR W 44 14.53 -87.76 -26.84
C THR W 44 13.72 -88.73 -26.01
N LYS W 45 12.85 -88.20 -25.16
CA LYS W 45 12.04 -89.04 -24.28
C LYS W 45 11.10 -89.94 -25.08
N GLN W 46 10.54 -89.41 -26.18
CA GLN W 46 9.57 -90.17 -26.95
C GLN W 46 10.19 -91.42 -27.56
N ASN W 47 11.39 -91.29 -28.12
CA ASN W 47 12.04 -92.39 -28.81
C ASN W 47 13.18 -93.01 -28.00
N ALA W 48 13.28 -92.69 -26.70
CA ALA W 48 14.36 -93.24 -25.90
C ALA W 48 14.26 -94.76 -25.77
N ALA W 49 13.05 -95.29 -25.80
CA ALA W 49 12.87 -96.73 -25.63
C ALA W 49 13.48 -97.51 -26.78
N ILE W 50 13.36 -97.00 -28.00
CA ILE W 50 13.79 -97.71 -29.20
C ILE W 50 14.98 -97.04 -29.87
N PHE W 51 15.59 -96.04 -29.23
CA PHE W 51 16.73 -95.37 -29.83
C PHE W 51 17.95 -96.28 -29.91
N ASP W 52 18.03 -97.30 -29.07
CA ASP W 52 19.16 -98.23 -29.14
C ASP W 52 19.03 -99.21 -30.29
N LEU W 53 17.82 -99.43 -30.80
CA LEU W 53 17.63 -100.40 -31.87
C LEU W 53 18.06 -99.86 -33.23
N VAL W 54 17.89 -98.57 -33.49
CA VAL W 54 18.23 -98.01 -34.79
C VAL W 54 19.74 -98.06 -34.95
N GLY W 55 20.20 -98.89 -35.89
CA GLY W 55 21.61 -99.05 -36.15
C GLY W 55 21.81 -99.69 -37.50
N ASN W 56 23.03 -100.18 -37.71
CA ASN W 56 23.34 -100.83 -38.97
C ASN W 56 22.53 -102.12 -39.13
N GLU W 57 22.16 -102.40 -40.38
CA GLU W 57 21.38 -103.57 -40.81
C GLU W 57 19.93 -103.54 -40.34
N ALA W 58 19.50 -102.47 -39.68
CA ALA W 58 18.08 -102.33 -39.35
C ALA W 58 17.28 -101.99 -40.61
N ILE W 59 15.97 -102.18 -40.53
CA ILE W 59 15.08 -101.97 -41.66
C ILE W 59 14.18 -100.78 -41.36
N LEU W 60 14.05 -99.88 -42.33
CA LEU W 60 13.17 -98.73 -42.23
C LEU W 60 12.11 -98.83 -43.32
N THR W 61 10.85 -98.78 -42.91
CA THR W 61 9.72 -98.74 -43.82
C THR W 61 9.27 -97.29 -43.98
N TYR W 62 9.27 -96.81 -45.21
CA TYR W 62 8.91 -95.44 -45.54
C TYR W 62 8.07 -95.46 -46.81
N GLN W 63 6.83 -94.98 -46.71
CA GLN W 63 5.90 -94.94 -47.83
C GLN W 63 5.76 -96.31 -48.48
N GLY W 64 5.78 -97.35 -47.65
CA GLY W 64 5.61 -98.71 -48.14
C GLY W 64 6.86 -99.34 -48.72
N GLN W 65 8.00 -98.68 -48.63
CA GLN W 65 9.24 -99.22 -49.17
C GLN W 65 10.24 -99.51 -48.05
N GLN W 66 11.02 -100.56 -48.23
CA GLN W 66 11.97 -101.03 -47.22
C GLN W 66 13.38 -100.58 -47.58
N PHE W 67 14.08 -100.00 -46.61
CA PHE W 67 15.44 -99.54 -46.78
C PHE W 67 16.31 -100.13 -45.67
N VAL W 68 17.44 -100.71 -46.06
CA VAL W 68 18.39 -101.26 -45.10
C VAL W 68 19.41 -100.18 -44.75
N ILE W 69 19.63 -99.97 -43.46
CA ILE W 69 20.59 -98.98 -43.00
C ILE W 69 22.00 -99.49 -43.28
N LYS W 70 22.79 -98.67 -43.99
CA LYS W 70 24.15 -99.06 -44.35
C LYS W 70 25.21 -98.15 -43.74
N LYS W 71 24.82 -97.10 -43.01
CA LYS W 71 25.78 -96.20 -42.41
C LYS W 71 25.11 -95.50 -41.24
N CYS W 72 25.58 -95.76 -40.03
CA CYS W 72 25.08 -95.13 -38.82
C CYS W 72 26.24 -94.43 -38.11
N THR W 73 26.01 -93.18 -37.70
CA THR W 73 27.04 -92.35 -37.08
C THR W 73 26.50 -91.78 -35.78
N PRO W 74 26.52 -92.55 -34.70
CA PRO W 74 26.19 -91.98 -33.39
C PRO W 74 27.16 -90.87 -33.02
N LYS W 75 26.64 -89.83 -32.40
CA LYS W 75 27.45 -88.69 -32.00
C LYS W 75 26.91 -88.13 -30.69
N SER W 76 27.82 -87.77 -29.79
CA SER W 76 27.45 -87.25 -28.47
C SER W 76 28.13 -85.92 -28.26
N ILE W 77 27.35 -84.85 -28.24
CA ILE W 77 27.84 -83.50 -27.96
C ILE W 77 27.07 -83.00 -26.76
N GLY W 78 27.61 -83.23 -25.56
CA GLY W 78 26.96 -82.83 -24.34
C GLY W 78 25.76 -83.68 -23.98
N GLY W 79 24.57 -83.10 -24.06
CA GLY W 79 23.37 -83.81 -23.67
C GLY W 79 22.57 -84.39 -24.83
N THR W 80 22.99 -84.10 -26.05
CA THR W 80 22.29 -84.55 -27.24
C THR W 80 23.05 -85.70 -27.89
N ILE W 81 22.35 -86.81 -28.12
CA ILE W 81 22.89 -87.96 -28.82
C ILE W 81 22.15 -88.07 -30.15
N SER W 82 22.89 -87.96 -31.25
CA SER W 82 22.30 -87.93 -32.58
C SER W 82 22.94 -89.01 -33.44
N LYS W 83 22.11 -89.66 -34.25
CA LYS W 83 22.55 -90.67 -35.20
C LYS W 83 22.23 -90.18 -36.61
N GLN W 84 23.22 -90.21 -37.49
CA GLN W 84 23.06 -89.85 -38.89
C GLN W 84 22.84 -91.13 -39.68
N ILE W 85 21.61 -91.34 -40.13
CA ILE W 85 21.20 -92.61 -40.72
C ILE W 85 21.15 -92.45 -42.24
N THR W 86 21.81 -93.37 -42.94
CA THR W 86 21.71 -93.50 -44.39
C THR W 86 21.30 -94.93 -44.71
N ALA W 87 20.23 -95.09 -45.48
CA ALA W 87 19.70 -96.41 -45.79
C ALA W 87 19.47 -96.52 -47.29
N GLN W 88 19.87 -97.65 -47.86
CA GLN W 88 19.70 -97.92 -49.28
C GLN W 88 18.52 -98.86 -49.48
N HIS W 89 17.90 -98.78 -50.65
CA HIS W 89 16.75 -99.65 -50.93
C HIS W 89 17.17 -101.10 -50.85
N ILE W 90 16.27 -101.94 -50.34
CA ILE W 90 16.59 -103.34 -50.06
C ILE W 90 16.96 -104.10 -51.32
N CYS W 91 16.58 -103.60 -52.49
CA CYS W 91 16.89 -104.30 -53.74
C CYS W 91 18.39 -104.49 -53.91
N TYR W 92 19.17 -103.45 -53.59
CA TYR W 92 20.62 -103.55 -53.72
C TYR W 92 21.21 -104.63 -52.80
N THR W 93 20.48 -105.03 -51.76
CA THR W 93 20.96 -106.12 -50.91
C THR W 93 21.09 -107.42 -51.68
N VAL W 94 20.48 -107.50 -52.87
CA VAL W 94 20.68 -108.65 -53.74
C VAL W 94 22.14 -108.87 -54.10
N GLN W 95 23.01 -107.89 -53.82
CA GLN W 95 24.43 -108.12 -54.04
C GLN W 95 25.02 -109.12 -53.06
N ASP W 96 24.28 -109.52 -52.04
CA ASP W 96 24.76 -110.52 -51.09
C ASP W 96 24.66 -111.94 -51.63
N HIS W 97 24.07 -112.12 -52.80
CA HIS W 97 23.98 -113.43 -53.45
C HIS W 97 24.91 -113.43 -54.66
N VAL W 98 25.78 -114.43 -54.73
CA VAL W 98 26.80 -114.52 -55.77
C VAL W 98 26.60 -115.82 -56.53
N GLN W 99 26.61 -115.74 -57.86
CA GLN W 99 26.52 -116.90 -58.73
C GLN W 99 27.93 -117.31 -59.13
N TYR W 100 28.43 -118.40 -58.54
CA TYR W 100 29.81 -118.80 -58.77
C TYR W 100 30.01 -119.49 -60.12
N ASN W 101 29.00 -120.21 -60.60
CA ASN W 101 29.14 -120.94 -61.85
C ASN W 101 29.31 -119.99 -63.02
N VAL W 102 30.05 -120.46 -64.04
CA VAL W 102 30.37 -119.65 -65.21
C VAL W 102 29.91 -120.41 -66.45
N LYS W 103 29.21 -119.70 -67.34
CA LYS W 103 28.81 -120.24 -68.64
C LYS W 103 29.89 -119.82 -69.64
N SER W 104 30.94 -120.61 -69.72
CA SER W 104 32.12 -120.22 -70.49
C SER W 104 31.81 -120.16 -71.98
N GLY W 105 32.56 -119.31 -72.68
CA GLY W 105 32.43 -119.13 -74.11
C GLY W 105 31.57 -117.94 -74.47
N ARG W 106 31.53 -117.66 -75.76
CA ARG W 106 30.72 -116.57 -76.30
C ARG W 106 29.36 -117.11 -76.71
N LYS W 107 28.29 -116.50 -76.21
CA LYS W 107 26.95 -116.98 -76.50
C LYS W 107 25.97 -115.81 -76.49
N LYS W 108 24.95 -115.92 -77.33
CA LYS W 108 23.91 -114.90 -77.42
C LYS W 108 22.82 -115.21 -76.39
N TYR W 109 22.73 -114.38 -75.36
CA TYR W 109 21.73 -114.52 -74.33
C TYR W 109 20.65 -113.44 -74.49
N SER W 110 19.48 -113.75 -73.94
CA SER W 110 18.42 -112.78 -73.74
C SER W 110 18.40 -112.33 -72.28
N ILE W 111 17.60 -111.31 -72.00
CA ILE W 111 17.52 -110.80 -70.64
C ILE W 111 16.94 -111.85 -69.69
N GLN W 112 15.99 -112.64 -70.18
CA GLN W 112 15.34 -113.63 -69.33
C GLN W 112 16.33 -114.67 -68.82
N THR W 113 17.16 -115.20 -69.71
CA THR W 113 18.12 -116.23 -69.31
C THR W 113 19.14 -115.68 -68.32
N VAL W 114 19.66 -114.48 -68.57
CA VAL W 114 20.65 -113.90 -67.66
C VAL W 114 20.03 -113.62 -66.30
N LEU W 115 18.79 -113.10 -66.28
CA LEU W 115 18.13 -112.83 -65.01
C LEU W 115 17.86 -114.13 -64.25
N GLU W 116 17.45 -115.18 -64.96
CA GLU W 116 17.23 -116.46 -64.29
C GLU W 116 18.53 -117.02 -63.72
N PHE W 117 19.63 -116.88 -64.48
CA PHE W 117 20.92 -117.35 -63.99
C PHE W 117 21.37 -116.56 -62.76
N ALA W 118 21.13 -115.24 -62.77
CA ALA W 118 21.61 -114.39 -61.68
C ALA W 118 20.90 -114.71 -60.37
N LEU W 119 19.59 -114.94 -60.42
CA LEU W 119 18.77 -115.12 -59.23
C LEU W 119 18.32 -116.56 -59.05
N GLN W 120 19.21 -117.50 -59.35
CA GLN W 120 18.89 -118.92 -59.19
C GLN W 120 19.17 -119.36 -57.76
N ASP W 121 18.20 -120.05 -57.16
CA ASP W 121 18.34 -120.61 -55.82
C ASP W 121 18.69 -119.53 -54.79
N ASN W 122 17.98 -118.41 -54.86
CA ASN W 122 18.19 -117.34 -53.90
C ASN W 122 17.70 -117.76 -52.52
N VAL W 123 18.43 -117.32 -51.49
CA VAL W 123 18.04 -117.53 -50.11
C VAL W 123 17.55 -116.27 -49.45
N LEU W 124 17.52 -115.15 -50.17
CA LEU W 124 17.07 -113.87 -49.64
C LEU W 124 15.66 -113.51 -50.09
N GLY W 125 14.95 -114.43 -50.75
CA GLY W 125 13.60 -114.16 -51.19
C GLY W 125 13.48 -113.10 -52.26
N PHE W 126 14.35 -113.14 -53.27
CA PHE W 126 14.34 -112.18 -54.36
C PHE W 126 13.63 -112.78 -55.57
N SER W 127 12.79 -111.98 -56.21
CA SER W 127 12.07 -112.37 -57.42
C SER W 127 12.18 -111.26 -58.44
N TYR W 128 12.05 -111.64 -59.72
CA TYR W 128 12.20 -110.70 -60.82
C TYR W 128 11.03 -110.83 -61.78
N GLU W 129 10.69 -109.71 -62.41
CA GLU W 129 9.67 -109.65 -63.44
C GLU W 129 10.18 -108.80 -64.58
N ILE W 130 9.79 -109.13 -65.80
CA ILE W 130 10.23 -108.45 -67.01
C ILE W 130 9.00 -107.94 -67.74
N GLN W 131 9.02 -106.66 -68.12
CA GLN W 131 7.89 -106.03 -68.82
C GLN W 131 8.46 -105.18 -69.94
N GLY W 132 8.52 -105.73 -71.13
CA GLY W 132 9.02 -105.02 -72.28
C GLY W 132 9.70 -105.96 -73.26
N SER W 133 10.18 -105.38 -74.35
CA SER W 133 10.86 -106.13 -75.40
C SER W 133 12.33 -105.69 -75.44
N PHE W 134 13.23 -106.67 -75.44
CA PHE W 134 14.65 -106.40 -75.43
C PHE W 134 15.37 -107.25 -76.47
N PRO W 135 16.46 -106.73 -77.02
CA PRO W 135 17.20 -107.48 -78.05
C PRO W 135 18.09 -108.55 -77.41
N LEU W 136 18.74 -109.33 -78.27
CA LEU W 136 19.68 -110.36 -77.85
C LEU W 136 21.08 -109.77 -77.78
N VAL W 137 21.82 -110.14 -76.74
CA VAL W 137 23.18 -109.64 -76.53
C VAL W 137 24.12 -110.81 -76.37
N GLU W 138 25.25 -110.78 -77.08
CA GLU W 138 26.23 -111.84 -76.98
C GLU W 138 27.26 -111.48 -75.91
N LEU W 139 27.53 -112.44 -75.02
CA LEU W 139 28.39 -112.22 -73.88
C LEU W 139 29.38 -113.37 -73.74
N GLU W 140 30.47 -113.09 -73.03
CA GLU W 140 31.55 -114.04 -72.81
C GLU W 140 31.55 -114.48 -71.35
N ASP W 141 31.65 -115.78 -71.13
CA ASP W 141 31.80 -116.42 -69.82
C ASP W 141 30.97 -115.72 -68.74
N LEU W 142 29.66 -115.69 -68.99
CA LEU W 142 28.74 -115.08 -68.03
C LEU W 142 28.75 -115.84 -66.71
N GLY W 143 28.82 -115.10 -65.61
CA GLY W 143 28.81 -115.67 -64.28
C GLY W 143 29.96 -115.14 -63.45
N ASN W 144 30.19 -115.80 -62.32
CA ASN W 144 31.26 -115.45 -61.39
C ASN W 144 31.10 -114.00 -60.89
N LYS W 145 29.87 -113.59 -60.66
CA LYS W 145 29.56 -112.25 -60.18
C LYS W 145 28.41 -112.32 -59.20
N ASN W 146 28.29 -111.27 -58.38
CA ASN W 146 27.16 -111.18 -57.46
C ASN W 146 25.90 -110.78 -58.22
N GLY W 147 24.78 -110.80 -57.51
CA GLY W 147 23.50 -110.47 -58.14
C GLY W 147 23.45 -109.06 -58.67
N LEU W 148 23.94 -108.09 -57.89
CA LEU W 148 23.87 -106.70 -58.30
C LEU W 148 24.73 -106.44 -59.53
N GLU W 149 25.90 -107.08 -59.61
CA GLU W 149 26.75 -106.91 -60.79
C GLU W 149 26.04 -107.41 -62.04
N LEU W 150 25.39 -108.57 -61.95
CA LEU W 150 24.67 -109.10 -63.11
C LEU W 150 23.47 -108.24 -63.47
N VAL W 151 22.78 -107.69 -62.46
CA VAL W 151 21.65 -106.81 -62.74
C VAL W 151 22.13 -105.54 -63.43
N ASN W 152 23.24 -104.97 -62.97
CA ASN W 152 23.80 -103.80 -63.63
C ASN W 152 24.25 -104.12 -65.04
N LEU W 153 24.82 -105.31 -65.25
CA LEU W 153 25.19 -105.73 -66.59
C LEU W 153 23.97 -105.81 -67.50
N CYS W 154 22.87 -106.38 -66.99
CA CYS W 154 21.63 -106.43 -67.77
C CYS W 154 21.14 -105.04 -68.12
N LEU W 155 21.15 -104.14 -67.14
CA LEU W 155 20.68 -102.77 -67.38
C LEU W 155 21.54 -102.08 -68.43
N GLU W 156 22.86 -102.26 -68.37
CA GLU W 156 23.74 -101.60 -69.31
C GLU W 156 23.64 -102.20 -70.71
N GLU W 157 23.47 -103.51 -70.81
CA GLU W 157 23.48 -104.16 -72.12
C GLU W 157 22.12 -104.08 -72.79
N PHE W 158 21.08 -104.60 -72.15
CA PHE W 158 19.76 -104.64 -72.75
C PHE W 158 19.03 -103.31 -72.72
N GLY W 159 19.59 -102.30 -72.06
CA GLY W 159 18.94 -101.00 -71.98
C GLY W 159 17.64 -101.02 -71.21
N ALA W 160 17.60 -101.76 -70.11
CA ALA W 160 16.41 -101.85 -69.27
C ALA W 160 16.48 -100.84 -68.13
N ILE W 161 15.33 -100.61 -67.50
CA ILE W 161 15.22 -99.76 -66.33
C ILE W 161 14.65 -100.59 -65.19
N LEU W 162 15.35 -100.60 -64.06
CA LEU W 162 14.98 -101.44 -62.93
C LEU W 162 14.30 -100.61 -61.86
N PHE W 163 13.17 -101.10 -61.38
CA PHE W 163 12.47 -100.51 -60.24
C PHE W 163 11.98 -101.63 -59.35
N ALA W 164 12.15 -101.45 -58.04
CA ALA W 164 11.92 -102.54 -57.09
C ALA W 164 10.73 -102.23 -56.21
N ASP W 165 9.79 -103.18 -56.14
CA ASP W 165 8.76 -103.20 -55.10
C ASP W 165 9.33 -104.07 -53.99
N ASN W 166 9.98 -103.41 -53.02
CA ASN W 166 10.70 -104.10 -51.95
C ASN W 166 11.70 -105.10 -52.53
N LYS W 167 11.38 -106.39 -52.44
CA LYS W 167 12.28 -107.45 -52.89
C LYS W 167 11.90 -108.02 -54.24
N LYS W 168 11.00 -107.39 -54.97
CA LYS W 168 10.59 -107.84 -56.30
C LYS W 168 11.06 -106.81 -57.32
N LEU W 169 12.00 -107.21 -58.19
CA LEU W 169 12.61 -106.30 -59.14
C LEU W 169 11.90 -106.38 -60.48
N TYR W 170 11.29 -105.27 -60.90
CA TYR W 170 10.69 -105.18 -62.22
C TYR W 170 11.68 -104.52 -63.18
N PHE W 171 11.81 -105.09 -64.37
CA PHE W 171 12.69 -104.58 -65.41
C PHE W 171 11.83 -104.16 -66.59
N TYR W 172 11.71 -102.85 -66.80
CA TYR W 172 10.97 -102.30 -67.92
C TYR W 172 11.93 -101.89 -69.03
N ASP W 173 11.35 -101.51 -70.15
CA ASP W 173 12.07 -100.85 -71.23
C ASP W 173 11.64 -99.39 -71.29
N GLU W 174 12.28 -98.63 -72.17
CA GLU W 174 11.98 -97.20 -72.26
C GLU W 174 10.53 -96.96 -72.64
N LYS W 175 9.96 -97.86 -73.44
CA LYS W 175 8.58 -97.68 -73.88
C LYS W 175 7.59 -97.82 -72.73
N SER W 176 7.76 -98.86 -71.90
CA SER W 176 6.81 -99.15 -70.84
C SER W 176 7.17 -98.51 -69.50
N TRP W 177 8.32 -97.84 -69.40
CA TRP W 177 8.71 -97.22 -68.13
C TRP W 177 8.01 -95.88 -67.94
N TYR W 178 8.25 -94.94 -68.85
CA TYR W 178 7.68 -93.62 -68.72
C TYR W 178 6.19 -93.64 -69.04
N VAL W 179 5.41 -92.94 -68.23
CA VAL W 179 3.98 -92.78 -68.43
C VAL W 179 3.66 -91.30 -68.54
N ARG W 180 2.88 -90.94 -69.55
CA ARG W 180 2.53 -89.54 -69.77
C ARG W 180 1.52 -89.07 -68.76
N THR W 181 1.71 -87.85 -68.27
CA THR W 181 0.83 -87.24 -67.28
C THR W 181 0.52 -85.81 -67.68
N GLU W 182 -0.62 -85.32 -67.20
CA GLU W 182 -1.05 -83.97 -67.52
C GLU W 182 -0.40 -82.91 -66.64
N LYS W 183 0.32 -83.32 -65.59
CA LYS W 183 1.04 -82.36 -64.76
C LYS W 183 2.16 -81.72 -65.58
N GLN W 184 2.37 -80.42 -65.36
CA GLN W 184 3.33 -79.67 -66.16
C GLN W 184 4.14 -78.74 -65.27
N PHE W 185 5.36 -78.45 -65.71
CA PHE W 185 6.23 -77.48 -65.06
C PHE W 185 6.09 -76.14 -65.77
N ARG W 186 5.79 -75.10 -65.01
CA ARG W 186 5.56 -73.77 -65.59
C ARG W 186 6.47 -72.75 -64.91
N TYR W 187 7.05 -71.87 -65.71
CA TYR W 187 7.91 -70.82 -65.19
C TYR W 187 7.09 -69.82 -64.40
N LEU W 188 7.63 -69.40 -63.24
CA LEU W 188 7.02 -68.44 -62.34
C LEU W 188 5.81 -69.00 -61.61
N TYR W 189 5.39 -70.22 -61.94
CA TYR W 189 4.22 -70.84 -61.29
C TYR W 189 4.62 -71.81 -60.19
N ASN W 190 5.40 -72.84 -60.53
CA ASN W 190 5.79 -73.85 -59.57
C ASN W 190 7.28 -74.19 -59.64
N THR W 191 8.08 -73.39 -60.34
CA THR W 191 9.51 -73.60 -60.42
C THR W 191 10.24 -72.33 -60.01
N GLU W 192 11.41 -72.51 -59.43
CA GLU W 192 12.20 -71.39 -58.92
C GLU W 192 13.52 -71.22 -59.67
N GLU W 193 14.33 -72.26 -59.73
CA GLU W 193 15.63 -72.20 -60.38
C GLU W 193 15.73 -73.30 -61.42
N VAL W 194 16.06 -72.93 -62.65
CA VAL W 194 16.23 -73.87 -63.76
C VAL W 194 17.65 -73.74 -64.29
N SER W 195 18.35 -74.86 -64.38
CA SER W 195 19.74 -74.87 -64.83
C SER W 195 19.90 -75.87 -65.96
N VAL W 196 20.69 -75.50 -66.96
CA VAL W 196 21.00 -76.37 -68.09
C VAL W 196 22.52 -76.39 -68.25
N ASP W 197 23.11 -77.57 -68.14
CA ASP W 197 24.54 -77.75 -68.37
C ASP W 197 24.74 -78.35 -69.75
N THR W 198 25.51 -77.66 -70.59
CA THR W 198 25.74 -78.09 -71.95
C THR W 198 27.24 -78.24 -72.18
N ASN W 199 27.65 -79.41 -72.66
CA ASN W 199 29.05 -79.71 -72.93
C ASN W 199 29.18 -80.22 -74.35
N THR W 200 30.24 -79.77 -75.03
CA THR W 200 30.53 -80.18 -76.41
C THR W 200 31.99 -80.58 -76.55
N ASP W 201 32.56 -81.15 -75.50
CA ASP W 201 33.93 -81.64 -75.58
C ASP W 201 34.03 -82.92 -76.38
N ASN W 202 32.98 -83.75 -76.37
CA ASN W 202 32.97 -85.02 -77.08
C ASN W 202 32.08 -84.98 -78.31
N LEU W 203 31.79 -83.80 -78.84
CA LEU W 203 30.98 -83.67 -80.04
C LEU W 203 31.79 -84.17 -81.23
N LYS W 204 31.47 -85.38 -81.69
CA LYS W 204 32.18 -85.99 -82.80
C LYS W 204 31.16 -86.44 -83.86
N THR W 205 31.48 -86.18 -85.12
CA THR W 205 30.58 -86.50 -86.22
C THR W 205 31.20 -87.47 -87.24
N GLU W 206 32.34 -88.06 -86.90
CA GLU W 206 33.00 -88.99 -87.82
C GLU W 206 33.81 -89.98 -87.00
N ILE W 207 33.88 -91.22 -87.48
CA ILE W 207 34.59 -92.27 -86.77
C ILE W 207 35.07 -93.31 -87.77
N LYS W 208 36.20 -93.94 -87.45
CA LYS W 208 36.74 -95.05 -88.24
C LYS W 208 36.87 -96.26 -87.34
N CYS W 209 36.38 -97.40 -87.81
CA CYS W 209 36.37 -98.63 -87.03
C CYS W 209 36.91 -99.78 -87.84
N TYR W 210 37.55 -100.71 -87.15
CA TYR W 210 38.14 -101.90 -87.75
C TYR W 210 37.50 -103.14 -87.14
N GLY W 211 37.33 -104.17 -87.95
CA GLY W 211 36.76 -105.43 -87.51
C GLY W 211 37.80 -106.36 -86.94
N LYS W 212 37.58 -107.66 -87.15
CA LYS W 212 38.52 -108.67 -86.68
C LYS W 212 39.81 -108.60 -87.48
N GLN W 213 40.79 -109.39 -87.05
CA GLN W 213 42.10 -109.42 -87.68
C GLN W 213 42.25 -110.66 -88.54
N LYS W 214 42.74 -110.46 -89.77
CA LYS W 214 42.98 -111.58 -90.66
C LYS W 214 44.13 -112.45 -90.15
N GLU W 215 44.12 -113.72 -90.58
CA GLU W 215 45.17 -114.65 -90.15
C GLU W 215 46.53 -114.21 -90.67
N ASN W 216 46.59 -113.71 -91.90
CA ASN W 216 47.84 -113.21 -92.48
C ASN W 216 47.96 -111.70 -92.25
N ALA W 217 47.81 -111.31 -90.98
CA ALA W 217 47.90 -109.90 -90.62
C ALA W 217 49.30 -109.35 -90.88
N ASP W 218 50.33 -110.10 -90.48
CA ASP W 218 51.70 -109.66 -90.72
C ASP W 218 52.02 -109.61 -92.21
N LYS W 219 51.50 -110.56 -92.98
CA LYS W 219 51.75 -110.63 -94.41
C LYS W 219 50.97 -109.58 -95.21
N LEU W 220 49.99 -108.92 -94.59
CA LEU W 220 49.18 -107.93 -95.27
C LEU W 220 49.49 -106.54 -94.75
N THR W 221 49.11 -105.53 -95.52
CA THR W 221 49.42 -104.14 -95.22
C THR W 221 48.14 -103.31 -95.19
N GLY W 222 48.13 -102.33 -94.29
CA GLY W 222 47.03 -101.40 -94.19
C GLY W 222 45.74 -102.05 -93.72
N ASP W 223 44.62 -101.42 -94.11
CA ASP W 223 43.30 -101.89 -93.73
C ASP W 223 43.02 -103.31 -94.22
N ASN W 224 43.85 -103.86 -95.10
CA ASN W 224 43.71 -105.25 -95.51
C ASN W 224 43.92 -106.21 -94.35
N LYS W 225 44.53 -105.75 -93.25
CA LYS W 225 44.69 -106.61 -92.08
C LYS W 225 43.34 -107.02 -91.48
N TYR W 226 42.29 -106.28 -91.77
CA TYR W 226 40.96 -106.54 -91.23
C TYR W 226 39.98 -106.78 -92.36
N MET W 227 39.08 -107.74 -92.18
CA MET W 227 38.04 -107.97 -93.17
C MET W 227 36.95 -106.92 -93.10
N ALA W 228 36.88 -106.16 -92.01
CA ALA W 228 35.85 -105.15 -91.80
C ALA W 228 36.51 -103.85 -91.40
N VAL W 229 36.52 -102.88 -92.30
CA VAL W 229 36.98 -101.52 -92.03
C VAL W 229 35.93 -100.56 -92.56
N VAL W 230 35.41 -99.69 -91.70
CA VAL W 230 34.33 -98.80 -92.12
C VAL W 230 34.52 -97.44 -91.46
N THR W 231 34.14 -96.39 -92.20
CA THR W 231 34.13 -95.03 -91.70
C THR W 231 32.69 -94.53 -91.68
N TYR W 232 32.22 -94.14 -90.51
CA TYR W 232 30.85 -93.66 -90.33
C TYR W 232 30.86 -92.16 -90.12
N THR W 233 30.02 -91.45 -90.87
CA THR W 233 29.88 -90.01 -90.75
C THR W 233 28.43 -89.70 -90.39
N SER W 234 28.24 -88.96 -89.30
CA SER W 234 26.90 -88.61 -88.86
C SER W 234 26.34 -87.47 -89.71
N PRO W 235 25.03 -87.43 -89.91
CA PRO W 235 24.42 -86.30 -90.65
C PRO W 235 24.66 -84.97 -89.98
N ASN W 236 24.80 -84.95 -88.65
CA ASN W 236 25.01 -83.70 -87.92
C ASN W 236 26.28 -82.97 -88.35
N GLU W 237 27.18 -83.65 -89.07
CA GLU W 237 28.32 -82.97 -89.66
C GLU W 237 27.90 -81.76 -90.49
N ALA W 238 26.74 -81.86 -91.15
CA ALA W 238 26.26 -80.76 -91.98
C ALA W 238 26.05 -79.47 -91.17
N ILE W 239 25.89 -79.58 -89.85
CA ILE W 239 25.77 -78.41 -88.99
C ILE W 239 26.96 -78.27 -88.05
N TYR W 240 27.93 -79.19 -88.09
CA TYR W 240 29.08 -79.13 -87.22
C TYR W 240 30.41 -79.33 -87.91
N GLY W 241 30.42 -79.70 -89.19
CA GLY W 241 31.66 -79.99 -89.88
C GLY W 241 32.21 -81.35 -89.51
N LYS W 242 33.40 -81.64 -90.03
CA LYS W 242 34.06 -82.92 -89.77
C LYS W 242 34.75 -82.87 -88.41
N ARG W 243 34.25 -83.66 -87.46
CA ARG W 243 34.85 -83.80 -86.14
C ARG W 243 35.04 -85.30 -85.92
N MET W 244 36.19 -85.82 -86.37
CA MET W 244 36.47 -87.25 -86.26
C MET W 244 37.19 -87.54 -84.95
N ALA W 245 36.86 -88.69 -84.36
CA ALA W 245 37.41 -89.11 -83.08
C ALA W 245 38.43 -90.22 -83.30
N ASN W 246 39.05 -90.65 -82.19
CA ASN W 246 40.04 -91.72 -82.24
C ASN W 246 39.38 -93.03 -82.63
N ALA W 247 40.09 -93.82 -83.44
CA ALA W 247 39.53 -95.06 -83.96
C ALA W 247 39.28 -96.06 -82.84
N LYS W 248 38.15 -96.76 -82.93
CA LYS W 248 37.80 -97.83 -82.02
C LYS W 248 37.83 -99.16 -82.76
N SER W 249 38.38 -100.19 -82.12
CA SER W 249 38.57 -101.49 -82.74
C SER W 249 37.77 -102.55 -82.01
N ASP W 250 36.97 -103.30 -82.75
CA ASP W 250 36.26 -104.46 -82.25
C ASP W 250 36.78 -105.69 -82.97
N ASP W 251 37.28 -106.67 -82.22
CA ASP W 251 37.91 -107.86 -82.77
C ASP W 251 37.01 -109.09 -82.70
N LYS W 252 35.69 -108.89 -82.73
CA LYS W 252 34.76 -109.99 -82.61
C LYS W 252 33.79 -110.10 -83.78
N ILE W 253 33.84 -109.19 -84.75
CA ILE W 253 32.93 -109.19 -85.88
C ILE W 253 33.73 -109.16 -87.17
N THR W 254 33.09 -109.58 -88.25
CA THR W 254 33.76 -109.72 -89.54
C THR W 254 33.08 -108.97 -90.67
N ASN W 255 31.75 -108.85 -90.62
CA ASN W 255 31.02 -108.16 -91.68
C ASN W 255 31.10 -106.65 -91.47
N ASN W 256 30.57 -105.90 -92.42
CA ASN W 256 30.66 -104.45 -92.40
C ASN W 256 29.43 -103.77 -91.81
N ASP W 257 28.25 -104.38 -91.89
CA ASP W 257 27.05 -103.75 -91.32
C ASP W 257 27.13 -103.69 -89.80
N ASP W 258 27.60 -104.78 -89.16
CA ASP W 258 27.78 -104.77 -87.72
C ASP W 258 28.82 -103.72 -87.31
N LEU W 259 29.90 -103.60 -88.09
CA LEU W 259 30.89 -102.57 -87.81
C LEU W 259 30.28 -101.18 -87.94
N LEU W 260 29.42 -100.98 -88.94
CA LEU W 260 28.79 -99.68 -89.13
C LEU W 260 27.90 -99.32 -87.94
N ILE W 261 27.09 -100.28 -87.50
CA ILE W 261 26.20 -99.98 -86.36
C ILE W 261 27.02 -99.78 -85.09
N PHE W 262 28.10 -100.55 -84.92
CA PHE W 262 28.96 -100.37 -83.75
C PHE W 262 29.61 -98.99 -83.76
N ALA W 263 30.10 -98.56 -84.92
CA ALA W 263 30.71 -97.24 -85.04
C ALA W 263 29.69 -96.14 -84.78
N LYS W 264 28.46 -96.32 -85.27
CA LYS W 264 27.41 -95.35 -84.97
C LYS W 264 27.15 -95.27 -83.48
N LYS W 265 27.13 -96.43 -82.80
CA LYS W 265 26.97 -96.45 -81.36
C LYS W 265 28.17 -95.87 -80.62
N GLN W 266 29.33 -95.81 -81.26
CA GLN W 266 30.57 -95.45 -80.59
C GLN W 266 30.79 -93.95 -80.44
N ILE W 267 29.96 -93.11 -81.05
CA ILE W 267 30.17 -91.66 -81.01
C ILE W 267 28.88 -90.98 -80.55
N LEU W 268 29.01 -89.68 -80.28
CA LEU W 268 27.91 -88.86 -79.78
C LEU W 268 28.01 -87.51 -80.48
N ASP W 269 27.01 -87.19 -81.31
CA ASP W 269 27.05 -86.03 -82.19
C ASP W 269 26.07 -84.94 -81.80
N VAL W 270 25.54 -84.99 -80.57
CA VAL W 270 24.62 -83.98 -80.09
C VAL W 270 25.18 -83.41 -78.80
N PRO W 271 25.12 -82.10 -78.58
CA PRO W 271 25.66 -81.54 -77.33
C PRO W 271 25.05 -82.21 -76.11
N GLU W 272 25.91 -82.56 -75.15
CA GLU W 272 25.48 -83.27 -73.96
C GLU W 272 24.86 -82.27 -73.00
N THR W 273 23.56 -82.40 -72.76
CA THR W 273 22.82 -81.46 -71.93
C THR W 273 22.21 -82.17 -70.74
N ALA W 274 22.20 -81.47 -69.61
CA ALA W 274 21.60 -81.97 -68.37
C ALA W 274 20.76 -80.85 -67.78
N LEU W 275 19.49 -81.14 -67.47
CA LEU W 275 18.56 -80.13 -66.99
C LEU W 275 18.19 -80.39 -65.54
N THR W 276 18.17 -79.33 -64.74
CA THR W 276 17.84 -79.41 -63.33
C THR W 276 16.77 -78.37 -63.01
N ILE W 277 15.72 -78.78 -62.30
CA ILE W 277 14.58 -77.93 -62.01
C ILE W 277 14.32 -77.96 -60.51
N ALA W 278 14.15 -76.78 -59.92
CA ALA W 278 13.73 -76.65 -58.52
C ALA W 278 12.22 -76.44 -58.51
N TYR W 279 11.50 -77.45 -58.03
CA TYR W 279 10.04 -77.50 -58.07
C TYR W 279 9.48 -77.32 -56.68
N LYS W 280 8.46 -76.47 -56.55
CA LYS W 280 7.82 -76.18 -55.28
C LYS W 280 6.30 -76.12 -55.45
N GLY W 281 5.75 -77.10 -56.17
CA GLY W 281 4.32 -77.22 -56.33
C GLY W 281 3.71 -78.20 -55.34
N LYS W 282 2.38 -78.31 -55.42
CA LYS W 282 1.65 -79.21 -54.54
C LYS W 282 1.51 -80.61 -55.11
N GLU W 283 1.53 -80.75 -56.43
CA GLU W 283 1.37 -82.06 -57.06
C GLU W 283 2.65 -82.88 -56.88
N PRO W 284 2.57 -84.08 -56.31
CA PRO W 284 3.77 -84.91 -56.19
C PRO W 284 4.26 -85.40 -57.54
N VAL W 285 5.56 -85.66 -57.60
CA VAL W 285 6.21 -86.15 -58.81
C VAL W 285 6.78 -87.53 -58.52
N SER W 286 6.46 -88.49 -59.37
CA SER W 286 6.93 -89.86 -59.22
C SER W 286 8.16 -90.09 -60.08
N GLU W 287 8.63 -91.34 -60.10
CA GLU W 287 9.83 -91.69 -60.84
C GLU W 287 9.57 -92.07 -62.28
N ARG W 288 8.31 -92.20 -62.69
CA ARG W 288 7.97 -92.63 -64.04
C ARG W 288 7.27 -91.57 -64.87
N ASP W 289 6.62 -90.60 -64.25
CA ASP W 289 5.78 -89.66 -64.99
C ASP W 289 6.64 -88.77 -65.89
N VAL W 290 6.06 -88.41 -67.04
CA VAL W 290 6.67 -87.48 -67.97
C VAL W 290 5.86 -86.19 -67.92
N TRP W 291 6.53 -85.09 -67.63
CA TRP W 291 5.86 -83.81 -67.46
C TRP W 291 6.03 -82.96 -68.71
N TYR W 292 5.32 -81.84 -68.76
CA TYR W 292 5.44 -80.88 -69.83
C TYR W 292 6.13 -79.63 -69.28
N PHE W 293 7.24 -79.26 -69.88
CA PHE W 293 8.05 -78.14 -69.41
C PHE W 293 7.84 -76.96 -70.34
N ILE W 294 7.41 -75.83 -69.76
CA ILE W 294 7.23 -74.57 -70.48
C ILE W 294 7.97 -73.49 -69.71
N HIS W 295 8.93 -72.85 -70.38
CA HIS W 295 9.75 -71.81 -69.76
C HIS W 295 10.18 -70.87 -70.89
N GLU W 296 9.44 -69.76 -71.05
CA GLU W 296 9.68 -68.87 -72.18
C GLU W 296 11.07 -68.22 -72.15
N PRO W 297 11.53 -67.62 -71.05
CA PRO W 297 12.87 -67.00 -71.09
C PRO W 297 13.99 -67.97 -71.40
N MET W 298 13.86 -69.24 -71.01
CA MET W 298 14.86 -70.25 -71.33
C MET W 298 14.58 -70.92 -72.68
N GLY W 299 13.51 -70.55 -73.37
CA GLY W 299 13.19 -71.12 -74.66
C GLY W 299 12.88 -72.60 -74.59
N PHE W 300 12.05 -73.01 -73.64
CA PHE W 300 11.71 -74.41 -73.43
C PHE W 300 10.21 -74.60 -73.62
N GLU W 301 9.83 -75.51 -74.51
CA GLU W 301 8.44 -75.98 -74.57
C GLU W 301 8.49 -77.41 -75.10
N THR W 302 8.56 -78.37 -74.17
CA THR W 302 8.81 -79.75 -74.53
C THR W 302 8.20 -80.69 -73.50
N GLU W 303 8.46 -81.97 -73.68
CA GLU W 303 8.14 -83.01 -72.71
C GLU W 303 9.42 -83.49 -72.07
N VAL W 304 9.43 -83.55 -70.74
CA VAL W 304 10.62 -83.90 -69.98
C VAL W 304 10.35 -85.18 -69.19
N LYS W 305 11.26 -86.13 -69.28
CA LYS W 305 11.16 -87.39 -68.56
C LYS W 305 12.10 -87.35 -67.36
N VAL W 306 11.55 -87.64 -66.18
CA VAL W 306 12.31 -87.54 -64.94
C VAL W 306 13.36 -88.64 -64.89
N THR W 307 14.60 -88.26 -64.59
CA THR W 307 15.68 -89.21 -64.41
C THR W 307 16.35 -89.14 -63.04
N LYS W 308 16.09 -88.11 -62.25
CA LYS W 308 16.69 -87.98 -60.94
C LYS W 308 15.79 -87.11 -60.07
N ILE W 309 15.59 -87.55 -58.82
CA ILE W 309 14.74 -86.85 -57.87
C ILE W 309 15.48 -86.74 -56.54
N LYS W 310 15.46 -85.55 -55.95
CA LYS W 310 15.98 -85.33 -54.60
C LYS W 310 14.85 -84.69 -53.81
N SER W 311 13.99 -85.52 -53.23
CA SER W 311 12.81 -85.03 -52.52
C SER W 311 13.09 -84.86 -51.04
N SER W 312 12.33 -83.99 -50.42
CA SER W 312 12.38 -83.77 -48.98
C SER W 312 11.15 -84.40 -48.33
N HIS W 313 11.15 -84.43 -47.01
CA HIS W 313 9.99 -84.92 -46.29
C HIS W 313 8.80 -84.00 -46.52
N PRO W 314 7.58 -84.53 -46.56
CA PRO W 314 6.41 -83.68 -46.80
C PRO W 314 6.24 -82.58 -45.77
N TRP W 315 6.76 -82.74 -44.57
CA TRP W 315 6.67 -81.72 -43.53
C TRP W 315 7.90 -80.81 -43.50
N SER W 316 8.85 -81.00 -44.41
CA SER W 316 10.12 -80.30 -44.34
C SER W 316 10.11 -78.93 -45.02
N LYS W 317 9.04 -78.59 -45.75
CA LYS W 317 8.83 -77.28 -46.34
C LYS W 317 9.84 -76.95 -47.44
N LYS W 318 10.82 -77.82 -47.65
CA LYS W 318 11.88 -77.53 -48.59
C LYS W 318 11.45 -77.81 -50.02
N PHE W 319 12.22 -77.31 -50.97
CA PHE W 319 11.96 -77.50 -52.38
C PHE W 319 12.33 -78.92 -52.80
N GLN W 320 11.95 -79.26 -54.03
CA GLN W 320 12.36 -80.52 -54.63
C GLN W 320 13.28 -80.24 -55.82
N GLU W 321 14.24 -81.13 -56.05
CA GLU W 321 15.16 -81.01 -57.17
C GLU W 321 14.94 -82.19 -58.11
N ILE W 322 14.66 -81.90 -59.37
CA ILE W 322 14.33 -82.92 -60.35
C ILE W 322 15.24 -82.77 -61.56
N GLY W 323 15.79 -83.88 -62.03
CA GLY W 323 16.74 -83.89 -63.12
C GLY W 323 16.20 -84.56 -64.37
N PHE W 324 16.69 -84.10 -65.52
CA PHE W 324 16.33 -84.67 -66.81
C PHE W 324 17.56 -84.73 -67.71
N SER W 325 17.57 -85.71 -68.60
CA SER W 325 18.63 -85.89 -69.60
C SER W 325 19.99 -86.01 -68.92
N ASN W 326 20.13 -87.11 -68.16
CA ASN W 326 21.32 -87.47 -67.41
C ASN W 326 21.72 -86.38 -66.42
N SER W 327 22.80 -86.58 -65.70
CA SER W 327 23.15 -85.75 -64.54
C SER W 327 24.39 -84.92 -64.81
N ARG W 328 24.62 -83.96 -63.92
CA ARG W 328 25.79 -83.10 -64.03
C ARG W 328 27.06 -83.92 -63.81
N ARG W 329 28.20 -83.32 -64.18
CA ARG W 329 29.46 -84.04 -64.25
C ARG W 329 29.84 -84.67 -62.92
N ASP W 330 30.12 -83.84 -61.91
CA ASP W 330 30.50 -84.28 -60.56
C ASP W 330 31.85 -84.99 -60.57
N MET W 331 32.55 -84.97 -59.44
CA MET W 331 33.89 -85.53 -59.39
C MET W 331 33.90 -86.98 -58.91
N VAL W 332 33.07 -87.31 -57.92
CA VAL W 332 33.04 -88.67 -57.40
C VAL W 332 32.60 -89.65 -58.47
N ARG W 333 31.78 -89.21 -59.43
CA ARG W 333 31.45 -90.06 -60.57
C ARG W 333 32.70 -90.40 -61.37
N ILE W 334 33.56 -89.41 -61.61
CA ILE W 334 34.80 -89.65 -62.33
C ILE W 334 35.69 -90.61 -61.54
N GLN W 335 35.74 -90.43 -60.21
CA GLN W 335 36.55 -91.33 -59.38
C GLN W 335 36.03 -92.75 -59.46
N THR W 336 34.71 -92.94 -59.43
CA THR W 336 34.14 -94.28 -59.54
C THR W 336 34.45 -94.90 -60.90
N GLN W 337 34.36 -94.11 -61.97
CA GLN W 337 34.69 -94.64 -63.29
C GLN W 337 36.15 -95.07 -63.35
N ILE W 338 37.06 -94.24 -62.81
CA ILE W 338 38.48 -94.59 -62.80
C ILE W 338 38.70 -95.86 -61.99
N ALA W 339 38.03 -95.98 -60.85
CA ALA W 339 38.21 -97.16 -60.01
C ALA W 339 37.74 -98.43 -60.70
N ASN W 340 36.59 -98.36 -61.38
CA ASN W 340 36.10 -99.57 -62.06
C ASN W 340 36.98 -99.92 -63.25
N GLN W 341 37.50 -98.90 -63.96
CA GLN W 341 38.46 -99.18 -65.03
C GLN W 341 39.72 -99.83 -64.47
N VAL W 342 40.18 -99.37 -63.31
CA VAL W 342 41.35 -99.96 -62.67
C VAL W 342 41.09 -101.42 -62.31
N LYS W 343 39.91 -101.71 -61.77
CA LYS W 343 39.57 -103.08 -61.44
C LYS W 343 39.51 -103.96 -62.68
N LYS W 344 38.94 -103.45 -63.76
CA LYS W 344 38.90 -104.22 -65.01
C LYS W 344 40.31 -104.49 -65.52
N ALA W 345 41.18 -103.49 -65.49
CA ALA W 345 42.56 -103.70 -65.93
C ALA W 345 43.27 -104.71 -65.05
N SER W 346 43.02 -104.67 -63.73
CA SER W 346 43.66 -105.59 -62.81
C SER W 346 43.23 -107.03 -63.08
N VAL W 347 41.92 -107.24 -63.28
CA VAL W 347 41.48 -108.61 -63.57
C VAL W 347 41.99 -109.05 -64.94
N ASP W 348 42.08 -108.12 -65.90
CA ASP W 348 42.60 -108.47 -67.21
C ASP W 348 44.05 -108.93 -67.14
N THR W 349 44.89 -108.20 -66.40
CA THR W 349 46.29 -108.61 -66.30
C THR W 349 46.45 -109.86 -65.45
N ASN W 350 45.60 -110.05 -64.45
CA ASN W 350 45.63 -111.30 -63.69
C ASN W 350 45.31 -112.50 -64.59
N LYS W 351 44.32 -112.35 -65.46
CA LYS W 351 44.01 -113.41 -66.41
C LYS W 351 45.14 -113.61 -67.41
N ILE W 352 45.74 -112.52 -67.87
CA ILE W 352 46.79 -112.62 -68.89
C ILE W 352 48.05 -113.27 -68.31
N ASN W 353 48.30 -113.10 -67.02
CA ASN W 353 49.44 -113.78 -66.40
C ASN W 353 49.29 -115.29 -66.50
N SER W 354 48.11 -115.81 -66.12
CA SER W 354 47.86 -117.24 -66.24
C SER W 354 47.87 -117.67 -67.70
N PHE W 355 47.33 -116.85 -68.59
CA PHE W 355 47.31 -117.21 -70.01
C PHE W 355 48.73 -117.35 -70.56
N SER W 356 49.62 -116.43 -70.17
CA SER W 356 51.01 -116.51 -70.62
C SER W 356 51.73 -117.69 -69.98
N SER W 357 51.40 -118.01 -68.72
CA SER W 357 52.00 -119.17 -68.09
C SER W 357 51.61 -120.46 -68.82
N ILE W 358 50.33 -120.60 -69.15
CA ILE W 358 49.88 -121.75 -69.93
C ILE W 358 50.49 -121.73 -71.33
N ALA W 359 50.77 -120.55 -71.87
CA ALA W 359 51.43 -120.46 -73.16
C ALA W 359 52.75 -121.23 -73.18
N MET W 360 53.45 -121.26 -72.04
CA MET W 360 54.60 -122.14 -71.89
C MET W 360 54.20 -123.60 -71.69
N ASN W 361 53.06 -123.84 -71.03
CA ASN W 361 52.65 -125.20 -70.71
C ASN W 361 52.32 -125.99 -71.98
N ALA W 362 51.51 -125.41 -72.86
CA ALA W 362 51.20 -126.08 -74.13
C ALA W 362 52.39 -126.14 -75.06
N TYR W 363 53.44 -125.35 -74.80
CA TYR W 363 54.64 -125.36 -75.63
C TYR W 363 55.44 -126.64 -75.41
N ASP W 364 55.83 -126.90 -74.16
CA ASP W 364 56.76 -127.99 -73.87
C ASP W 364 56.16 -129.36 -74.15
N SER W 365 54.86 -129.54 -73.90
CA SER W 365 54.24 -130.85 -74.11
C SER W 365 54.28 -131.24 -75.58
N ARG W 366 53.86 -130.34 -76.47
CA ARG W 366 53.91 -130.62 -77.90
C ARG W 366 55.34 -130.69 -78.41
N ILE W 367 56.25 -129.89 -77.82
CA ILE W 367 57.67 -130.03 -78.14
C ILE W 367 58.13 -131.46 -77.87
N LEU W 368 57.79 -131.99 -76.70
CA LEU W 368 58.19 -133.36 -76.35
C LEU W 368 57.56 -134.38 -77.29
N THR W 369 56.27 -134.22 -77.61
CA THR W 369 55.60 -135.19 -78.48
C THR W 369 56.26 -135.23 -79.85
N GLU W 370 56.48 -134.06 -80.46
CA GLU W 370 57.09 -134.04 -81.78
C GLU W 370 58.59 -134.34 -81.76
N VAL W 371 59.28 -134.14 -80.64
CA VAL W 371 60.66 -134.60 -80.53
C VAL W 371 60.70 -136.12 -80.48
N VAL W 372 59.75 -136.74 -79.77
CA VAL W 372 59.62 -138.19 -79.80
C VAL W 372 59.33 -138.67 -81.22
N GLY W 373 58.47 -137.94 -81.94
CA GLY W 373 58.22 -138.28 -83.33
C GLY W 373 59.46 -138.17 -84.20
N VAL W 374 60.27 -137.13 -83.97
CA VAL W 374 61.51 -136.96 -84.72
C VAL W 374 62.46 -138.11 -84.43
N VAL W 375 62.58 -138.51 -83.16
CA VAL W 375 63.40 -139.66 -82.80
C VAL W 375 62.89 -140.91 -83.50
N ASP W 376 61.57 -141.07 -83.58
CA ASP W 376 60.99 -142.16 -84.36
C ASP W 376 61.41 -142.05 -85.83
N GLY W 377 61.58 -140.83 -86.34
CA GLY W 377 62.08 -140.67 -87.69
C GLY W 377 63.47 -141.25 -87.87
N ASP W 378 64.32 -141.11 -86.86
CA ASP W 378 65.66 -141.68 -86.89
C ASP W 378 65.61 -143.20 -86.71
N ALA X 73 20.57 -43.97 -20.49
CA ALA X 73 21.56 -43.58 -21.50
C ALA X 73 22.83 -44.42 -21.36
N ILE X 74 23.35 -44.49 -20.13
CA ILE X 74 24.54 -45.29 -19.89
C ILE X 74 24.25 -46.78 -20.10
N LEU X 75 23.03 -47.21 -19.77
CA LEU X 75 22.66 -48.60 -20.02
C LEU X 75 22.65 -48.90 -21.50
N VAL X 76 22.19 -47.94 -22.32
CA VAL X 76 22.24 -48.10 -23.77
C VAL X 76 23.68 -48.27 -24.22
N SER X 77 24.59 -47.46 -23.68
CA SER X 77 26.01 -47.56 -24.04
C SER X 77 26.57 -48.93 -23.70
N GLU X 78 26.33 -49.39 -22.48
CA GLU X 78 26.85 -50.69 -22.06
C GLU X 78 26.27 -51.81 -22.90
N ASN X 79 24.97 -51.75 -23.19
CA ASN X 79 24.33 -52.78 -23.99
C ASN X 79 24.90 -52.81 -25.40
N GLY X 80 25.11 -51.64 -26.00
CA GLY X 80 25.71 -51.60 -27.34
C GLY X 80 27.13 -52.11 -27.35
N SER X 81 27.92 -51.74 -26.34
CA SER X 81 29.29 -52.25 -26.24
C SER X 81 29.30 -53.76 -26.15
N ASN X 82 28.49 -54.33 -25.25
CA ASN X 82 28.44 -55.78 -25.11
C ASN X 82 27.91 -56.45 -26.36
N PHE X 83 26.94 -55.82 -27.03
CA PHE X 83 26.37 -56.39 -28.25
C PHE X 83 27.42 -56.50 -29.35
N LYS X 84 28.16 -55.42 -29.59
CA LYS X 84 29.20 -55.50 -30.62
C LYS X 84 30.35 -56.41 -30.19
N ILE X 85 30.68 -56.45 -28.89
CA ILE X 85 31.74 -57.33 -28.42
C ILE X 85 31.37 -58.79 -28.68
N THR X 86 30.12 -59.15 -28.39
CA THR X 86 29.65 -60.51 -28.68
C THR X 86 29.60 -60.77 -30.19
N VAL X 87 29.17 -59.77 -30.96
CA VAL X 87 29.08 -59.92 -32.41
C VAL X 87 30.45 -60.16 -33.04
N THR X 88 31.53 -59.64 -32.43
CA THR X 88 32.87 -59.82 -32.99
C THR X 88 33.18 -61.28 -33.27
N ASN X 89 32.75 -62.18 -32.39
CA ASN X 89 33.19 -63.57 -32.46
C ASN X 89 32.74 -64.26 -33.74
N ALA X 90 31.45 -64.14 -34.09
CA ALA X 90 30.84 -64.79 -35.24
C ALA X 90 30.89 -66.31 -35.15
N GLY X 91 30.19 -67.00 -36.03
CA GLY X 91 30.03 -68.44 -35.93
C GLY X 91 30.71 -69.25 -37.01
N GLU X 92 29.96 -69.65 -38.03
CA GLU X 92 30.42 -70.52 -39.12
C GLU X 92 30.94 -71.86 -38.58
N LEU X 93 30.01 -72.62 -37.99
CA LEU X 93 30.28 -73.99 -37.56
C LEU X 93 30.08 -74.93 -38.75
N LYS X 94 31.03 -75.85 -38.95
CA LYS X 94 30.92 -76.77 -40.08
C LYS X 94 29.89 -77.86 -39.80
N ALA X 95 30.21 -78.76 -38.87
CA ALA X 95 29.24 -79.61 -38.20
C ALA X 95 29.29 -79.42 -36.70
N THR X 96 30.47 -79.57 -36.10
CA THR X 96 30.73 -79.18 -34.73
C THR X 96 32.01 -78.37 -34.57
N LYS X 97 33.00 -78.53 -35.45
CA LYS X 97 34.23 -77.78 -35.35
C LYS X 97 34.02 -76.35 -35.81
N VAL X 98 34.86 -75.45 -35.30
CA VAL X 98 34.77 -74.03 -35.64
C VAL X 98 35.41 -73.82 -37.00
N GLU X 99 34.66 -73.22 -37.93
CA GLU X 99 35.14 -72.92 -39.27
C GLU X 99 35.62 -74.17 -39.99
N ALA Y 2 0.20 25.75 58.04
CA ALA Y 2 0.96 24.50 58.02
C ALA Y 2 0.80 23.76 59.35
N PHE Y 3 -0.19 24.16 60.14
CA PHE Y 3 -0.41 23.65 61.48
C PHE Y 3 -1.91 23.61 61.74
N GLU Y 4 -2.28 23.64 63.03
CA GLU Y 4 -3.61 23.25 63.50
C GLU Y 4 -3.84 21.77 63.24
N GLU Y 5 -2.86 20.96 63.66
CA GLU Y 5 -2.90 19.50 63.56
C GLU Y 5 -3.12 19.03 62.12
N ASN Y 6 -2.78 19.87 61.15
CA ASN Y 6 -3.01 19.58 59.73
C ASN Y 6 -4.46 19.15 59.48
N LEU Y 7 -5.38 19.88 60.12
CA LEU Y 7 -6.79 19.54 60.00
C LEU Y 7 -7.28 19.68 58.56
N TYR Y 8 -6.83 20.73 57.87
CA TYR Y 8 -7.21 20.97 56.49
C TYR Y 8 -6.05 21.15 55.54
N CYS Y 9 -4.81 21.20 56.04
CA CYS Y 9 -3.62 21.41 55.21
C CYS Y 9 -2.66 20.24 55.47
N ASP Y 10 -2.81 19.18 54.68
CA ASP Y 10 -1.90 18.06 54.78
C ASP Y 10 -0.56 18.41 54.13
N TYR Y 11 0.51 18.30 54.90
CA TYR Y 11 1.83 18.68 54.43
C TYR Y 11 2.86 17.56 54.48
N THR Y 12 2.47 16.37 54.93
CA THR Y 12 3.42 15.27 55.01
C THR Y 12 3.85 14.85 53.60
N PRO Y 13 5.15 14.66 53.37
CA PRO Y 13 5.63 14.21 52.06
C PRO Y 13 5.51 12.70 51.91
N GLY Y 14 4.58 12.26 51.07
CA GLY Y 14 4.43 10.85 50.80
C GLY Y 14 4.72 10.49 49.36
N ALA Y 15 4.41 11.41 48.44
CA ALA Y 15 4.64 11.22 47.02
C ALA Y 15 4.45 12.56 46.33
N ALA Y 16 4.90 12.63 45.09
CA ALA Y 16 4.73 13.83 44.28
C ALA Y 16 3.41 13.82 43.52
N LYS Y 17 2.91 12.64 43.15
CA LYS Y 17 1.64 12.45 42.46
C LYS Y 17 1.66 13.03 41.05
N ALA Y 18 2.76 13.69 40.70
CA ALA Y 18 2.94 14.31 39.38
C ALA Y 18 4.36 14.86 39.27
N VAL Y 19 4.88 14.93 38.05
CA VAL Y 19 6.18 15.50 37.79
C VAL Y 19 6.04 16.53 36.67
N ALA Y 20 6.43 17.77 36.94
CA ALA Y 20 6.37 18.79 35.92
C ALA Y 20 7.28 18.44 34.76
N GLY Y 21 6.79 18.65 33.54
CA GLY Y 21 7.55 18.28 32.36
C GLY Y 21 8.83 19.08 32.20
N LYS Y 22 8.86 20.30 32.73
CA LYS Y 22 10.05 21.14 32.64
C LYS Y 22 11.23 20.58 33.43
N ASP Y 23 10.99 19.61 34.33
CA ASP Y 23 12.08 19.04 35.11
C ASP Y 23 12.85 18.00 34.30
N VAL Y 24 12.16 17.20 33.50
CA VAL Y 24 12.80 16.14 32.74
C VAL Y 24 13.45 16.72 31.50
N ILE Y 25 14.75 16.49 31.32
CA ILE Y 25 15.51 16.99 30.19
C ILE Y 25 16.29 15.85 29.57
N LEU Y 26 16.76 16.09 28.35
CA LEU Y 26 17.61 15.17 27.61
C LEU Y 26 19.01 15.78 27.52
N ALA Y 27 20.03 14.98 27.83
CA ALA Y 27 21.41 15.41 27.75
C ALA Y 27 22.20 14.41 26.92
N VAL Y 28 23.30 14.88 26.35
CA VAL Y 28 24.15 14.07 25.51
C VAL Y 28 25.59 14.18 26.00
N PHE Y 29 26.38 13.15 25.70
CA PHE Y 29 27.80 13.18 26.02
C PHE Y 29 28.59 13.70 24.82
N ASN Y 30 29.56 14.55 25.10
CA ASN Y 30 30.40 15.09 24.04
C ASN Y 30 31.31 14.00 23.48
N ALA Y 31 32.16 14.38 22.52
CA ALA Y 31 32.98 13.40 21.84
C ALA Y 31 33.91 12.68 22.81
N ALA Y 32 34.54 13.43 23.72
CA ALA Y 32 35.37 12.80 24.74
C ALA Y 32 34.54 12.14 25.83
N GLY Y 33 33.28 12.55 26.00
CA GLY Y 33 32.43 12.00 27.03
C GLY Y 33 32.68 12.52 28.42
N ASP Y 34 33.56 13.51 28.58
CA ASP Y 34 33.95 13.99 29.90
C ASP Y 34 32.88 14.85 30.56
N LYS Y 35 31.84 15.25 29.85
CA LYS Y 35 30.80 16.09 30.44
C LYS Y 35 29.48 15.84 29.74
N LEU Y 36 28.39 15.99 30.51
CA LEU Y 36 27.05 15.90 29.98
C LEU Y 36 26.54 17.29 29.65
N LEU Y 37 26.07 17.47 28.42
CA LEU Y 37 25.53 18.74 27.96
C LEU Y 37 24.04 18.59 27.73
N ALA Y 38 23.25 19.43 28.37
CA ALA Y 38 21.81 19.49 28.12
C ALA Y 38 21.57 20.25 26.83
N VAL Y 39 20.71 19.70 25.97
CA VAL Y 39 20.42 20.34 24.70
C VAL Y 39 19.73 21.66 24.96
N ALA Y 40 20.30 22.75 24.45
CA ALA Y 40 19.80 24.08 24.75
C ALA Y 40 18.44 24.31 24.10
N GLY Y 41 17.58 25.06 24.80
CA GLY Y 41 16.30 25.43 24.24
C GLY Y 41 15.27 24.32 24.16
N GLN Y 42 15.39 23.30 24.99
CA GLN Y 42 14.43 22.20 24.97
C GLN Y 42 13.02 22.70 25.29
N GLN Y 43 12.04 22.22 24.53
CA GLN Y 43 10.64 22.53 24.79
C GLN Y 43 9.74 21.31 24.78
N GLY Y 44 10.13 20.22 24.17
CA GLY Y 44 9.33 19.00 24.18
C GLY Y 44 10.23 17.79 24.09
N LEU Y 45 9.75 16.67 24.60
CA LEU Y 45 10.53 15.44 24.60
C LEU Y 45 9.60 14.26 24.77
N THR Y 46 9.75 13.25 23.91
CA THR Y 46 8.99 12.03 23.99
C THR Y 46 9.91 10.84 23.83
N VAL Y 47 9.66 9.79 24.61
CA VAL Y 47 10.44 8.56 24.57
C VAL Y 47 9.52 7.43 24.17
N ASN Y 48 9.86 6.74 23.10
CA ASN Y 48 9.06 5.63 22.58
C ASN Y 48 9.78 4.32 22.84
N ARG Y 49 9.04 3.34 23.35
CA ARG Y 49 9.58 2.00 23.59
C ARG Y 49 8.50 0.99 23.21
N SER Y 50 8.73 0.26 22.12
CA SER Y 50 7.75 -0.68 21.59
C SER Y 50 8.37 -2.07 21.47
N LYS Y 51 7.50 -3.07 21.52
CA LYS Y 51 7.91 -4.47 21.41
C LYS Y 51 7.01 -5.16 20.40
N ASP Y 52 7.61 -5.93 19.49
CA ASP Y 52 6.83 -6.62 18.47
C ASP Y 52 6.05 -7.79 19.08
N SER Y 53 4.98 -8.18 18.39
CA SER Y 53 4.15 -9.30 18.79
C SER Y 53 4.18 -10.34 17.69
N ILE Y 54 4.39 -11.60 18.08
CA ILE Y 54 4.47 -12.72 17.15
C ILE Y 54 3.23 -13.57 17.32
N GLU Y 55 2.53 -13.83 16.21
CA GLU Y 55 1.29 -14.61 16.23
C GLU Y 55 1.64 -16.08 16.11
N ILE Y 56 1.18 -16.87 17.08
CA ILE Y 56 1.51 -18.30 17.12
C ILE Y 56 0.22 -19.12 17.18
N THR Y 57 -0.87 -18.58 16.67
CA THR Y 57 -2.12 -19.31 16.66
C THR Y 57 -2.06 -20.48 15.69
N SER Y 58 -2.66 -21.60 16.07
CA SER Y 58 -2.70 -22.80 15.25
C SER Y 58 -4.04 -23.48 15.44
N LYS Y 59 -4.20 -24.65 14.83
CA LYS Y 59 -5.42 -25.43 15.00
C LYS Y 59 -5.51 -26.08 16.38
N ASP Y 60 -4.41 -26.12 17.13
CA ASP Y 60 -4.43 -26.72 18.46
C ASP Y 60 -4.96 -25.79 19.53
N THR Y 61 -5.06 -24.49 19.25
CA THR Y 61 -5.57 -23.55 20.23
C THR Y 61 -7.08 -23.72 20.38
N VAL Y 62 -7.58 -23.37 21.57
CA VAL Y 62 -8.99 -23.48 21.90
C VAL Y 62 -9.44 -22.18 22.54
N GLY Y 63 -10.76 -22.08 22.74
CA GLY Y 63 -11.36 -20.90 23.34
C GLY Y 63 -11.72 -19.79 22.38
N GLY Y 64 -11.33 -19.91 21.11
CA GLY Y 64 -11.69 -18.90 20.14
C GLY Y 64 -10.93 -17.59 20.26
N TRP Y 65 -9.71 -17.61 20.78
CA TRP Y 65 -8.90 -16.41 20.91
C TRP Y 65 -7.52 -16.64 20.30
N LYS Y 66 -7.00 -15.61 19.64
CA LYS Y 66 -5.67 -15.70 19.05
C LYS Y 66 -4.59 -15.78 20.11
N SER Y 67 -3.48 -16.43 19.76
CA SER Y 67 -2.34 -16.58 20.65
C SER Y 67 -1.19 -15.71 20.13
N LYS Y 68 -0.58 -14.94 21.03
CA LYS Y 68 0.54 -14.08 20.69
C LYS Y 68 1.63 -14.22 21.73
N ILE Y 69 2.86 -13.90 21.33
CA ILE Y 69 4.01 -13.89 22.23
C ILE Y 69 4.82 -12.63 21.97
N GLY Y 70 5.68 -12.31 22.93
CA GLY Y 70 6.52 -11.13 22.79
C GLY Y 70 7.60 -11.31 21.73
N GLY Y 71 8.08 -10.18 21.23
CA GLY Y 71 9.06 -10.17 20.17
C GLY Y 71 10.27 -9.34 20.55
N MET Y 72 10.76 -8.57 19.57
CA MET Y 72 11.95 -7.77 19.72
C MET Y 72 11.57 -6.35 20.13
N LYS Y 73 12.42 -5.72 20.95
CA LYS Y 73 12.16 -4.38 21.43
C LYS Y 73 13.05 -3.36 20.72
N GLU Y 74 12.54 -2.12 20.65
CA GLU Y 74 13.24 -1.02 20.01
C GLU Y 74 12.79 0.28 20.66
N TRP Y 75 13.55 1.35 20.43
CA TRP Y 75 13.24 2.62 21.06
C TRP Y 75 13.72 3.78 20.22
N SER Y 76 13.14 4.94 20.47
CA SER Y 76 13.50 6.18 19.79
C SER Y 76 13.14 7.35 20.70
N ILE Y 77 13.84 8.46 20.49
CA ILE Y 77 13.64 9.67 21.29
C ILE Y 77 13.52 10.86 20.34
N GLU Y 78 12.44 11.62 20.49
CA GLU Y 78 12.22 12.84 19.71
C GLU Y 78 12.25 14.04 20.63
N ASN Y 79 13.03 15.05 20.26
CA ASN Y 79 13.17 16.28 21.03
C ASN Y 79 13.03 17.46 20.09
N ASP Y 80 12.67 18.61 20.65
CA ASP Y 80 12.51 19.82 19.86
C ASP Y 80 12.60 21.03 20.77
N GLY Y 81 12.69 22.20 20.15
CA GLY Y 81 12.66 23.42 20.92
C GLY Y 81 13.28 24.57 20.15
N LEU Y 82 13.72 25.59 20.90
CA LEU Y 82 14.36 26.74 20.30
C LEU Y 82 15.79 26.37 19.88
N TYR Y 83 16.22 26.91 18.75
CA TYR Y 83 17.52 26.60 18.16
C TYR Y 83 18.41 27.83 18.20
N VAL Y 84 19.50 27.76 18.94
CA VAL Y 84 20.58 28.74 18.90
C VAL Y 84 21.80 28.02 18.36
N ALA Y 85 22.31 28.47 17.21
CA ALA Y 85 23.36 27.74 16.52
C ALA Y 85 24.69 27.77 17.27
N ASP Y 86 24.87 28.72 18.18
CA ASP Y 86 26.12 28.85 18.91
C ASP Y 86 26.19 28.00 20.16
N ALA Y 87 25.13 27.29 20.50
CA ALA Y 87 25.12 26.44 21.69
C ALA Y 87 26.11 25.29 21.54
N GLU Y 88 26.78 24.96 22.63
CA GLU Y 88 27.76 23.87 22.60
C GLU Y 88 27.09 22.53 22.33
N SER Y 89 25.92 22.30 22.92
CA SER Y 89 25.21 21.04 22.70
C SER Y 89 24.80 20.90 21.24
N HIS Y 90 24.35 21.98 20.62
CA HIS Y 90 23.98 21.92 19.21
C HIS Y 90 25.19 21.69 18.33
N LYS Y 91 26.35 22.27 18.70
CA LYS Y 91 27.57 22.00 17.96
C LYS Y 91 27.96 20.53 18.06
N GLU Y 92 27.85 19.96 19.26
CA GLU Y 92 28.14 18.54 19.41
C GLU Y 92 27.18 17.68 18.61
N LEU Y 93 25.89 18.04 18.60
CA LEU Y 93 24.92 17.29 17.81
C LEU Y 93 25.24 17.38 16.32
N ALA Y 94 25.63 18.56 15.84
CA ALA Y 94 26.00 18.71 14.44
C ALA Y 94 27.23 17.88 14.11
N LYS Y 95 28.22 17.85 15.00
CA LYS Y 95 29.40 17.03 14.77
C LYS Y 95 29.03 15.55 14.73
N TYR Y 96 28.15 15.11 15.63
CA TYR Y 96 27.70 13.72 15.63
C TYR Y 96 26.98 13.38 14.33
N PHE Y 97 26.11 14.27 13.86
CA PHE Y 97 25.38 14.02 12.63
C PHE Y 97 26.32 13.97 11.43
N GLU Y 98 27.31 14.85 11.39
CA GLU Y 98 28.23 14.87 10.25
C GLU Y 98 29.14 13.66 10.25
N SER Y 99 29.69 13.30 11.41
CA SER Y 99 30.65 12.20 11.52
C SER Y 99 29.96 10.84 11.69
N ASP Y 100 28.64 10.81 11.76
CA ASP Y 100 27.81 9.61 11.82
C ASP Y 100 28.14 8.70 12.99
N SER Y 101 28.97 9.16 13.93
CA SER Y 101 29.29 8.35 15.10
C SER Y 101 28.10 8.30 16.05
N PRO Y 102 27.94 7.20 16.79
CA PRO Y 102 26.84 7.12 17.75
C PRO Y 102 27.03 8.09 18.90
N VAL Y 103 25.91 8.45 19.53
CA VAL Y 103 25.88 9.41 20.62
C VAL Y 103 25.31 8.74 21.86
N CYS Y 104 25.92 9.02 23.01
CA CYS Y 104 25.41 8.52 24.28
C CYS Y 104 24.46 9.56 24.89
N VAL Y 105 23.18 9.20 24.96
CA VAL Y 105 22.16 10.12 25.45
C VAL Y 105 21.62 9.61 26.78
N LYS Y 106 21.05 10.54 27.54
CA LYS Y 106 20.54 10.27 28.87
C LYS Y 106 19.38 11.20 29.17
N ILE Y 107 18.23 10.63 29.51
CA ILE Y 107 17.07 11.39 29.95
C ILE Y 107 17.07 11.40 31.47
N ILE Y 108 17.07 12.60 32.05
CA ILE Y 108 17.20 12.77 33.50
C ILE Y 108 16.39 13.98 33.91
N ASN Y 109 15.74 13.90 35.08
CA ASN Y 109 15.06 15.05 35.63
C ASN Y 109 16.02 15.83 36.53
N GLN Y 110 15.95 17.15 36.47
CA GLN Y 110 16.86 18.01 37.23
C GLN Y 110 16.31 18.42 38.58
N ALA Y 111 15.03 18.14 38.87
CA ALA Y 111 14.47 18.49 40.16
C ALA Y 111 14.84 17.43 41.21
N SER Y 112 14.47 16.19 40.97
CA SER Y 112 14.82 15.10 41.88
C SER Y 112 16.25 14.63 41.72
N LYS Y 113 16.97 15.11 40.70
CA LYS Y 113 18.37 14.77 40.48
C LYS Y 113 18.58 13.26 40.34
N LYS Y 114 17.67 12.60 39.63
CA LYS Y 114 17.76 11.17 39.39
C LYS Y 114 17.67 10.91 37.90
N GLY Y 115 18.61 10.12 37.37
CA GLY Y 115 18.55 9.73 35.97
C GLY Y 115 17.40 8.80 35.72
N LEU Y 116 16.79 8.93 34.53
CA LEU Y 116 15.65 8.12 34.14
C LEU Y 116 16.01 7.04 33.13
N PHE Y 117 16.64 7.44 32.02
CA PHE Y 117 17.00 6.49 30.98
C PHE Y 117 18.38 6.83 30.43
N GLY Y 118 19.05 5.83 29.89
CA GLY Y 118 20.31 6.04 29.21
C GLY Y 118 20.43 5.12 28.03
N GLY Y 119 21.27 5.50 27.07
CA GLY Y 119 21.48 4.61 25.95
C GLY Y 119 22.39 5.21 24.90
N LEU Y 120 22.59 4.43 23.84
CA LEU Y 120 23.38 4.82 22.68
C LEU Y 120 22.45 4.91 21.48
N ALA Y 121 22.53 6.00 20.73
CA ALA Y 121 21.56 6.29 19.69
C ALA Y 121 22.27 6.85 18.46
N ILE Y 122 21.56 6.77 17.33
CA ILE Y 122 21.99 7.35 16.06
C ILE Y 122 21.17 8.59 15.81
N VAL Y 123 21.82 9.66 15.34
CA VAL Y 123 21.11 10.90 15.06
C VAL Y 123 20.38 10.73 13.74
N ALA Y 124 19.14 10.26 13.80
CA ALA Y 124 18.39 9.93 12.59
C ALA Y 124 17.92 11.18 11.86
N ASP Y 125 17.38 12.16 12.59
CA ASP Y 125 16.82 13.34 11.98
C ASP Y 125 17.26 14.58 12.74
N TYR Y 126 17.57 15.64 11.99
CA TYR Y 126 17.99 16.92 12.57
C TYR Y 126 17.49 18.02 11.63
N SER Y 127 16.31 18.56 11.93
CA SER Y 127 15.65 19.52 11.07
C SER Y 127 15.43 20.84 11.79
N PHE Y 128 15.21 21.89 11.00
CA PHE Y 128 15.03 23.23 11.53
C PHE Y 128 13.87 23.91 10.81
N GLU Y 129 13.25 24.87 11.50
CA GLU Y 129 12.13 25.62 10.95
C GLU Y 129 12.26 27.07 11.38
N ALA Y 130 12.00 28.00 10.45
CA ALA Y 130 12.16 29.43 10.70
C ALA Y 130 10.92 30.18 10.22
N PRO Y 131 9.82 30.13 10.97
CA PRO Y 131 8.67 30.97 10.63
C PRO Y 131 9.02 32.44 10.78
N PHE Y 132 8.45 33.27 9.91
CA PHE Y 132 8.80 34.68 9.88
C PHE Y 132 8.23 35.46 11.06
N ASP Y 133 7.28 34.90 11.80
CA ASP Y 133 6.66 35.60 12.92
C ASP Y 133 6.87 34.88 14.24
N GLU Y 134 7.86 33.99 14.30
CA GLU Y 134 8.17 33.25 15.53
C GLU Y 134 9.68 33.13 15.63
N ALA Y 135 10.14 32.29 16.55
CA ALA Y 135 11.56 32.04 16.76
C ALA Y 135 11.98 30.78 16.03
N MET Y 136 13.22 30.77 15.56
CA MET Y 136 13.75 29.60 14.86
C MET Y 136 13.79 28.42 15.81
N THR Y 137 13.33 27.27 15.32
CA THR Y 137 13.20 26.07 16.13
C THR Y 137 13.92 24.90 15.47
N TYR Y 138 14.28 23.92 16.31
CA TYR Y 138 14.95 22.72 15.88
C TYR Y 138 14.16 21.51 16.35
N SER Y 139 14.31 20.41 15.61
CA SER Y 139 13.70 19.13 15.95
C SER Y 139 14.68 18.01 15.64
N VAL Y 140 15.01 17.21 16.65
CA VAL Y 140 15.96 16.12 16.51
C VAL Y 140 15.24 14.82 16.85
N LYS Y 141 15.68 13.74 16.20
CA LYS Y 141 15.11 12.42 16.41
C LYS Y 141 16.23 11.40 16.37
N LEU Y 142 16.32 10.58 17.41
CA LEU Y 142 17.39 9.59 17.56
C LEU Y 142 16.77 8.21 17.69
N ASP Y 143 17.15 7.31 16.79
CA ASP Y 143 16.76 5.91 16.90
C ASP Y 143 17.76 5.17 17.78
N GLY Y 144 17.31 4.07 18.38
CA GLY Y 144 18.13 3.31 19.29
C GLY Y 144 18.92 2.22 18.59
N MET Y 145 20.20 2.13 18.94
CA MET Y 145 21.08 1.06 18.48
C MET Y 145 21.48 0.24 19.72
N GLY Y 146 20.69 -0.76 20.03
CA GLY Y 146 20.92 -1.59 21.18
C GLY Y 146 19.92 -1.33 22.30
N ALA Y 147 20.27 -1.85 23.47
CA ALA Y 147 19.40 -1.72 24.64
C ALA Y 147 19.37 -0.28 25.13
N LEU Y 148 18.22 0.09 25.72
CA LEU Y 148 18.06 1.37 26.41
C LEU Y 148 17.92 1.07 27.89
N VAL Y 149 18.95 1.40 28.66
CA VAL Y 149 18.97 1.06 30.08
C VAL Y 149 18.00 1.95 30.83
N ASP Y 150 17.08 1.31 31.57
CA ASP Y 150 16.10 2.01 32.39
C ASP Y 150 16.71 2.24 33.76
N LEU Y 151 17.01 3.50 34.07
CA LEU Y 151 17.69 3.84 35.31
C LEU Y 151 16.77 3.92 36.51
N THR Y 152 15.45 3.86 36.30
CA THR Y 152 14.52 3.89 37.43
C THR Y 152 14.54 2.61 38.23
N ILE Y 153 14.90 1.48 37.61
CA ILE Y 153 15.00 0.20 38.30
C ILE Y 153 16.42 -0.31 38.37
N THR Y 154 17.39 0.46 37.89
CA THR Y 154 18.80 0.09 37.93
C THR Y 154 19.53 1.08 38.82
N GLU Y 155 20.34 0.55 39.74
CA GLU Y 155 21.05 1.39 40.70
C GLU Y 155 22.06 2.28 39.99
N GLY Y 156 22.17 3.52 40.45
CA GLY Y 156 23.13 4.46 39.91
C GLY Y 156 22.61 5.20 38.69
N GLY Y 157 23.55 5.73 37.92
CA GLY Y 157 23.24 6.46 36.72
C GLY Y 157 22.47 7.75 36.92
N ASP Y 158 22.91 8.58 37.86
CA ASP Y 158 22.27 9.85 38.16
C ASP Y 158 23.31 10.96 38.24
N GLN Y 159 24.22 11.01 37.27
CA GLN Y 159 25.23 12.06 37.22
C GLN Y 159 24.61 13.36 36.74
N MET Y 160 24.90 14.45 37.46
CA MET Y 160 24.34 15.75 37.11
C MET Y 160 24.99 16.27 35.82
N PRO Y 161 24.24 17.03 35.01
CA PRO Y 161 24.70 17.35 33.65
C PRO Y 161 25.69 18.50 33.60
N GLY Y 162 26.96 18.20 33.83
CA GLY Y 162 28.00 19.22 33.82
C GLY Y 162 28.17 19.91 32.48
N ALA Z 2 -35.91 47.33 77.92
CA ALA Z 2 -35.53 45.93 77.90
C ALA Z 2 -36.47 45.10 78.77
N PHE Z 3 -37.62 45.68 79.09
CA PHE Z 3 -38.64 45.06 79.92
C PHE Z 3 -40.01 45.54 79.43
N GLU Z 4 -41.00 45.48 80.33
CA GLU Z 4 -42.42 45.45 79.98
C GLU Z 4 -42.75 44.13 79.29
N GLU Z 5 -42.14 43.06 79.79
CA GLU Z 5 -42.34 41.71 79.27
C GLU Z 5 -41.93 41.60 77.81
N ASN Z 6 -41.00 42.44 77.38
CA ASN Z 6 -40.57 42.51 75.98
C ASN Z 6 -41.76 42.64 75.05
N LEU Z 7 -42.69 43.53 75.41
CA LEU Z 7 -43.92 43.68 74.65
C LEU Z 7 -43.63 44.14 73.23
N TYR Z 8 -42.72 45.10 73.06
CA TYR Z 8 -42.35 45.59 71.74
C TYR Z 8 -40.89 45.31 71.40
N CYS Z 9 -39.96 45.61 72.30
CA CYS Z 9 -38.54 45.35 72.05
C CYS Z 9 -38.25 43.90 72.40
N ASP Z 10 -38.30 43.02 71.40
CA ASP Z 10 -38.04 41.60 71.58
C ASP Z 10 -36.54 41.40 71.72
N TYR Z 11 -36.05 41.52 72.95
CA TYR Z 11 -34.62 41.42 73.22
C TYR Z 11 -34.10 40.00 73.25
N THR Z 12 -34.97 39.01 73.17
CA THR Z 12 -34.56 37.61 73.29
C THR Z 12 -33.72 37.21 72.09
N PRO Z 13 -32.47 36.78 72.28
CA PRO Z 13 -31.66 36.33 71.13
C PRO Z 13 -31.91 34.87 70.79
N GLY Z 14 -32.40 34.62 69.58
CA GLY Z 14 -32.63 33.26 69.13
C GLY Z 14 -31.73 32.86 67.99
N ALA Z 15 -31.39 33.83 67.13
CA ALA Z 15 -30.50 33.58 66.01
C ALA Z 15 -29.90 34.91 65.56
N ALA Z 16 -28.67 34.84 65.05
CA ALA Z 16 -28.01 36.04 64.56
C ALA Z 16 -28.74 36.61 63.35
N LYS Z 17 -29.20 35.72 62.45
CA LYS Z 17 -30.04 36.03 61.29
C LYS Z 17 -29.38 37.02 60.34
N ALA Z 18 -28.14 37.41 60.64
CA ALA Z 18 -27.34 38.29 59.80
C ALA Z 18 -25.93 38.32 60.35
N VAL Z 19 -24.94 38.31 59.46
CA VAL Z 19 -23.54 38.37 59.83
C VAL Z 19 -22.90 39.54 59.09
N ALA Z 20 -22.34 40.48 59.84
CA ALA Z 20 -21.67 41.62 59.22
C ALA Z 20 -20.45 41.15 58.44
N GLY Z 21 -20.27 41.72 57.25
CA GLY Z 21 -19.16 41.31 56.41
C GLY Z 21 -17.81 41.60 57.02
N LYS Z 22 -17.69 42.69 57.78
CA LYS Z 22 -16.43 43.06 58.40
C LYS Z 22 -16.00 42.06 59.47
N ASP Z 23 -16.90 41.20 59.94
CA ASP Z 23 -16.54 40.20 60.95
C ASP Z 23 -15.92 38.95 60.35
N VAL Z 24 -16.00 38.77 59.03
CA VAL Z 24 -15.43 37.61 58.36
C VAL Z 24 -14.11 38.03 57.72
N ILE Z 25 -13.04 37.34 58.07
CA ILE Z 25 -11.71 37.69 57.61
C ILE Z 25 -11.00 36.46 57.06
N LEU Z 26 -9.97 36.73 56.25
CA LEU Z 26 -9.13 35.70 55.65
C LEU Z 26 -7.74 35.79 56.25
N ALA Z 27 -7.22 34.67 56.72
CA ALA Z 27 -5.90 34.61 57.33
C ALA Z 27 -5.08 33.52 56.65
N VAL Z 28 -3.76 33.67 56.72
CA VAL Z 28 -2.83 32.71 56.14
C VAL Z 28 -1.86 32.26 57.21
N PHE Z 29 -1.33 31.05 57.03
CA PHE Z 29 -0.30 30.53 57.91
C PHE Z 29 1.07 30.90 57.36
N ASN Z 30 1.96 31.33 58.24
CA ASN Z 30 3.30 31.72 57.83
C ASN Z 30 4.08 30.49 57.37
N ALA Z 31 5.33 30.70 56.96
CA ALA Z 31 6.13 29.62 56.41
C ALA Z 31 6.31 28.50 57.43
N ALA Z 32 6.59 28.85 58.68
CA ALA Z 32 6.69 27.83 59.73
C ALA Z 32 5.33 27.28 60.11
N GLY Z 33 4.27 28.05 59.89
CA GLY Z 33 2.93 27.62 60.24
C GLY Z 33 2.55 27.81 61.69
N ASP Z 34 3.45 28.37 62.51
CA ASP Z 34 3.13 28.54 63.93
C ASP Z 34 2.14 29.68 64.15
N LYS Z 35 2.17 30.70 63.32
CA LYS Z 35 1.35 31.89 63.51
C LYS Z 35 0.31 32.01 62.40
N LEU Z 36 -0.88 32.44 62.79
CA LEU Z 36 -1.93 32.81 61.85
C LEU Z 36 -1.90 34.32 61.68
N LEU Z 37 -1.85 34.80 60.43
CA LEU Z 37 -1.77 36.23 60.15
C LEU Z 37 -2.93 36.62 59.25
N ALA Z 38 -3.75 37.55 59.72
CA ALA Z 38 -4.81 38.13 58.89
C ALA Z 38 -4.18 39.15 57.96
N VAL Z 39 -4.42 39.00 56.66
CA VAL Z 39 -3.78 39.90 55.70
C VAL Z 39 -4.28 41.32 55.92
N ALA Z 40 -3.35 42.27 55.93
CA ALA Z 40 -3.66 43.63 56.34
C ALA Z 40 -4.48 44.36 55.27
N GLY Z 41 -5.34 45.25 55.73
CA GLY Z 41 -6.10 46.10 54.83
C GLY Z 41 -7.22 45.41 54.09
N GLN Z 42 -7.76 44.33 54.64
CA GLN Z 42 -8.85 43.61 53.97
C GLN Z 42 -10.05 44.53 53.76
N GLN Z 43 -10.63 44.46 52.55
CA GLN Z 43 -11.87 45.18 52.26
C GLN Z 43 -12.88 44.35 51.50
N GLY Z 44 -12.51 43.22 50.89
CA GLY Z 44 -13.45 42.39 50.19
C GLY Z 44 -13.00 40.94 50.24
N LEU Z 45 -13.97 40.04 50.10
CA LEU Z 45 -13.68 38.62 50.18
C LEU Z 45 -14.73 37.87 49.38
N THR Z 46 -14.28 36.96 48.51
CA THR Z 46 -15.17 36.12 47.72
C THR Z 46 -14.65 34.69 47.76
N VAL Z 47 -15.54 33.76 48.08
CA VAL Z 47 -15.22 32.34 48.10
C VAL Z 47 -16.09 31.65 47.07
N ASN Z 48 -15.46 31.06 46.06
CA ASN Z 48 -16.15 30.39 44.97
C ASN Z 48 -15.98 28.89 45.11
N ARG Z 49 -17.09 28.16 45.02
CA ARG Z 49 -17.06 26.70 45.08
C ARG Z 49 -18.05 26.17 44.05
N SER Z 50 -17.53 25.56 42.99
CA SER Z 50 -18.34 25.08 41.89
C SER Z 50 -18.08 23.62 41.63
N LYS Z 51 -19.10 22.92 41.13
CA LYS Z 51 -19.01 21.50 40.80
C LYS Z 51 -19.45 21.31 39.36
N ASP Z 52 -18.65 20.55 38.61
CA ASP Z 52 -18.97 20.30 37.21
C ASP Z 52 -20.12 19.29 37.08
N SER Z 53 -20.88 19.43 36.01
CA SER Z 53 -21.98 18.53 35.69
C SER Z 53 -21.75 17.92 34.31
N ILE Z 54 -21.95 16.60 34.21
CA ILE Z 54 -21.76 15.87 32.97
C ILE Z 54 -23.09 15.28 32.54
N GLU Z 55 -23.40 15.43 31.25
CA GLU Z 55 -24.68 14.98 30.71
C GLU Z 55 -24.61 13.50 30.39
N ILE Z 56 -25.65 12.76 30.79
CA ILE Z 56 -25.72 11.32 30.56
C ILE Z 56 -26.99 10.98 29.79
N THR Z 57 -27.44 11.90 28.95
CA THR Z 57 -28.62 11.66 28.15
C THR Z 57 -28.37 10.56 27.11
N SER Z 58 -29.41 9.80 26.83
CA SER Z 58 -29.32 8.70 25.87
C SER Z 58 -30.69 8.49 25.25
N LYS Z 59 -30.74 7.58 24.26
CA LYS Z 59 -31.98 7.33 23.54
C LYS Z 59 -33.05 6.68 24.42
N ASP Z 60 -32.67 6.06 25.53
CA ASP Z 60 -33.63 5.44 26.43
C ASP Z 60 -34.13 6.39 27.51
N THR Z 61 -33.69 7.65 27.50
CA THR Z 61 -34.19 8.63 28.46
C THR Z 61 -35.63 9.01 28.10
N VAL Z 62 -36.54 8.84 29.04
CA VAL Z 62 -37.96 9.09 28.83
C VAL Z 62 -38.40 10.21 29.74
N GLY Z 63 -39.15 11.16 29.20
CA GLY Z 63 -39.64 12.27 29.98
C GLY Z 63 -39.47 13.61 29.29
N GLY Z 64 -38.64 13.65 28.25
CA GLY Z 64 -38.40 14.90 27.57
C GLY Z 64 -37.50 15.87 28.30
N TRP Z 65 -36.67 15.39 29.22
CA TRP Z 65 -35.76 16.23 29.99
C TRP Z 65 -34.37 15.65 29.93
N LYS Z 66 -33.36 16.53 29.92
CA LYS Z 66 -31.98 16.09 29.94
C LYS Z 66 -31.62 15.44 31.26
N SER Z 67 -30.66 14.51 31.20
CA SER Z 67 -30.15 13.82 32.38
C SER Z 67 -28.69 14.23 32.60
N LYS Z 68 -28.40 14.73 33.80
CA LYS Z 68 -27.05 15.15 34.16
C LYS Z 68 -26.71 14.59 35.53
N ILE Z 69 -25.42 14.44 35.79
CA ILE Z 69 -24.93 14.01 37.09
C ILE Z 69 -23.74 14.88 37.49
N GLY Z 70 -23.51 14.96 38.80
CA GLY Z 70 -22.44 15.77 39.32
C GLY Z 70 -21.07 15.18 39.00
N GLY Z 71 -20.06 16.02 39.17
CA GLY Z 71 -18.70 15.63 38.87
C GLY Z 71 -17.65 16.21 39.80
N MET Z 72 -16.57 16.74 39.21
CA MET Z 72 -15.46 17.25 39.97
C MET Z 72 -15.82 18.58 40.63
N LYS Z 73 -15.00 19.00 41.58
CA LYS Z 73 -15.22 20.26 42.29
C LYS Z 73 -13.93 21.10 42.30
N GLU Z 74 -14.11 22.41 42.32
CA GLU Z 74 -13.02 23.38 42.41
C GLU Z 74 -13.33 24.38 43.50
N TRP Z 75 -12.34 25.20 43.84
CA TRP Z 75 -12.58 26.30 44.76
C TRP Z 75 -11.46 27.33 44.63
N SER Z 76 -11.84 28.60 44.83
CA SER Z 76 -10.90 29.70 44.73
C SER Z 76 -11.36 30.83 45.64
N ILE Z 77 -10.43 31.71 45.99
CA ILE Z 77 -10.66 32.82 46.91
C ILE Z 77 -10.12 34.09 46.26
N GLU Z 78 -10.92 35.14 46.30
CA GLU Z 78 -10.51 36.47 45.86
C GLU Z 78 -10.58 37.43 47.03
N ASN Z 79 -9.48 38.14 47.28
CA ASN Z 79 -9.40 39.11 48.36
C ASN Z 79 -8.75 40.37 47.82
N ASP Z 80 -9.05 41.50 48.47
CA ASP Z 80 -8.48 42.77 48.05
C ASP Z 80 -8.56 43.76 49.21
N GLY Z 81 -7.94 44.92 49.00
CA GLY Z 81 -8.06 45.98 49.98
C GLY Z 81 -6.86 46.91 49.91
N LEU Z 82 -6.61 47.60 51.02
CA LEU Z 82 -5.48 48.50 51.11
C LEU Z 82 -4.18 47.72 51.23
N TYR Z 83 -3.13 48.22 50.58
CA TYR Z 83 -1.85 47.55 50.51
C TYR Z 83 -0.80 48.36 51.26
N VAL Z 84 -0.12 47.72 52.20
CA VAL Z 84 1.04 48.29 52.88
C VAL Z 84 2.18 47.27 52.78
N ALA Z 85 3.32 47.70 52.25
CA ALA Z 85 4.41 46.77 51.96
C ALA Z 85 5.09 46.24 53.21
N ASP Z 86 5.01 46.97 54.32
CA ASP Z 86 5.71 46.58 55.55
C ASP Z 86 4.90 45.62 56.41
N ALA Z 87 3.67 45.30 56.04
CA ALA Z 87 2.87 44.37 56.82
C ALA Z 87 3.47 42.97 56.75
N GLU Z 88 3.48 42.28 57.88
CA GLU Z 88 4.06 40.94 57.93
C GLU Z 88 3.31 39.97 57.03
N SER Z 89 1.98 40.06 57.02
CA SER Z 89 1.19 39.16 56.19
C SER Z 89 1.49 39.37 54.70
N HIS Z 90 1.68 40.62 54.29
CA HIS Z 90 2.00 40.89 52.90
C HIS Z 90 3.39 40.38 52.54
N LYS Z 91 4.34 40.48 53.47
CA LYS Z 91 5.66 39.90 53.24
C LYS Z 91 5.58 38.38 53.09
N GLU Z 92 4.76 37.75 53.93
CA GLU Z 92 4.57 36.30 53.82
C GLU Z 92 3.94 35.93 52.49
N LEU Z 93 2.94 36.71 52.04
CA LEU Z 93 2.31 36.46 50.75
C LEU Z 93 3.31 36.61 49.61
N ALA Z 94 4.15 37.66 49.68
CA ALA Z 94 5.17 37.85 48.66
C ALA Z 94 6.16 36.70 48.63
N LYS Z 95 6.57 36.23 49.81
CA LYS Z 95 7.48 35.08 49.88
C LYS Z 95 6.83 33.83 49.28
N TYR Z 96 5.55 33.61 49.59
CA TYR Z 96 4.83 32.47 49.01
C TYR Z 96 4.77 32.57 47.49
N PHE Z 97 4.47 33.77 46.97
CA PHE Z 97 4.37 33.95 45.53
C PHE Z 97 5.72 33.73 44.86
N GLU Z 98 6.80 34.25 45.45
CA GLU Z 98 8.11 34.12 44.85
C GLU Z 98 8.62 32.68 44.90
N SER Z 99 8.50 32.04 46.07
CA SER Z 99 9.07 30.71 46.26
C SER Z 99 8.26 29.62 45.56
N ASP Z 100 7.06 29.93 45.07
CA ASP Z 100 6.19 28.94 44.41
C ASP Z 100 5.91 27.77 45.35
N SER Z 101 5.25 28.08 46.46
CA SER Z 101 4.94 27.09 47.49
C SER Z 101 3.47 27.19 47.86
N PRO Z 102 2.86 26.07 48.25
CA PRO Z 102 1.46 26.13 48.72
C PRO Z 102 1.34 26.93 50.00
N VAL Z 103 0.19 27.56 50.17
CA VAL Z 103 -0.10 28.40 51.33
C VAL Z 103 -1.38 27.91 51.98
N CYS Z 104 -1.36 27.76 53.29
CA CYS Z 104 -2.53 27.37 54.06
C CYS Z 104 -3.34 28.62 54.39
N VAL Z 105 -4.61 28.63 54.00
CA VAL Z 105 -5.49 29.77 54.20
C VAL Z 105 -6.72 29.33 54.98
N LYS Z 106 -7.35 30.30 55.64
CA LYS Z 106 -8.46 30.02 56.53
C LYS Z 106 -9.37 31.24 56.60
N ILE Z 107 -10.65 31.04 56.30
CA ILE Z 107 -11.66 32.08 56.44
C ILE Z 107 -12.37 31.85 57.76
N ILE Z 108 -12.36 32.88 58.62
CA ILE Z 108 -12.90 32.77 59.97
C ILE Z 108 -13.83 33.95 60.24
N ASN Z 109 -14.62 33.81 61.31
CA ASN Z 109 -15.53 34.85 61.78
C ASN Z 109 -14.97 35.41 63.07
N GLN Z 110 -14.60 36.70 63.05
CA GLN Z 110 -14.00 37.31 64.24
C GLN Z 110 -15.01 37.43 65.37
N ALA Z 111 -16.22 37.92 65.06
CA ALA Z 111 -17.20 38.19 66.11
C ALA Z 111 -17.67 36.89 66.76
N SER Z 112 -18.07 35.91 65.95
CA SER Z 112 -18.57 34.65 66.48
C SER Z 112 -17.48 33.74 67.00
N LYS Z 113 -16.21 34.08 66.75
CA LYS Z 113 -15.07 33.26 67.17
C LYS Z 113 -15.19 31.83 66.68
N LYS Z 114 -15.55 31.67 65.41
CA LYS Z 114 -15.66 30.37 64.77
C LYS Z 114 -15.03 30.40 63.40
N GLY Z 115 -14.32 29.33 63.04
CA GLY Z 115 -13.75 29.23 61.72
C GLY Z 115 -14.77 28.72 60.71
N LEU Z 116 -14.68 29.25 59.49
CA LEU Z 116 -15.63 28.91 58.43
C LEU Z 116 -15.06 27.92 57.43
N PHE Z 117 -13.91 28.25 56.83
CA PHE Z 117 -13.33 27.41 55.79
C PHE Z 117 -11.82 27.31 55.98
N GLY Z 118 -11.25 26.20 55.52
CA GLY Z 118 -9.82 26.04 55.57
C GLY Z 118 -9.27 25.23 54.41
N GLY Z 119 -8.14 25.65 53.84
CA GLY Z 119 -7.64 24.92 52.70
C GLY Z 119 -6.20 25.25 52.39
N LEU Z 120 -5.67 24.54 51.39
CA LEU Z 120 -4.33 24.74 50.86
C LEU Z 120 -4.46 25.23 49.42
N ALA Z 121 -3.85 26.37 49.12
CA ALA Z 121 -4.02 27.00 47.82
C ALA Z 121 -2.67 27.46 47.28
N ILE Z 122 -2.69 28.03 46.08
CA ILE Z 122 -1.52 28.62 45.45
C ILE Z 122 -1.89 30.05 45.07
N VAL Z 123 -0.91 30.95 45.19
CA VAL Z 123 -1.16 32.36 44.91
C VAL Z 123 -1.18 32.55 43.39
N ALA Z 124 -2.36 32.43 42.79
CA ALA Z 124 -2.46 32.53 41.34
C ALA Z 124 -2.23 33.94 40.85
N ASP Z 125 -2.76 34.93 41.57
CA ASP Z 125 -2.64 36.32 41.15
C ASP Z 125 -2.35 37.20 42.36
N TYR Z 126 -1.46 38.17 42.18
CA TYR Z 126 -1.11 39.13 43.23
C TYR Z 126 -0.79 40.45 42.53
N SER Z 127 -1.80 41.31 42.42
CA SER Z 127 -1.72 42.54 41.64
C SER Z 127 -1.94 43.76 42.53
N PHE Z 128 -1.52 44.92 42.03
CA PHE Z 128 -1.63 46.16 42.77
C PHE Z 128 -2.10 47.27 41.83
N GLU Z 129 -2.70 48.30 42.41
CA GLU Z 129 -3.16 49.46 41.68
C GLU Z 129 -2.96 50.71 42.55
N ALA Z 130 -2.48 51.78 41.92
CA ALA Z 130 -2.15 53.01 42.62
C ALA Z 130 -2.75 54.21 41.89
N PRO Z 131 -4.04 54.47 42.04
CA PRO Z 131 -4.61 55.71 41.49
C PRO Z 131 -4.07 56.92 42.22
N PHE Z 132 -3.94 58.03 41.47
CA PHE Z 132 -3.31 59.21 42.03
C PHE Z 132 -4.22 59.95 43.02
N ASP Z 133 -5.52 59.69 42.99
CA ASP Z 133 -6.46 60.35 43.89
C ASP Z 133 -6.98 59.41 44.97
N GLU Z 134 -6.46 58.20 45.07
CA GLU Z 134 -6.88 57.24 46.09
C GLU Z 134 -5.62 56.62 46.70
N ALA Z 135 -5.82 55.57 47.49
CA ALA Z 135 -4.74 54.86 48.14
C ALA Z 135 -4.36 53.61 47.37
N MET Z 136 -3.18 53.07 47.67
CA MET Z 136 -2.74 51.83 47.04
C MET Z 136 -3.70 50.70 47.40
N THR Z 137 -4.00 49.87 46.41
CA THR Z 137 -4.86 48.71 46.62
C THR Z 137 -4.16 47.46 46.10
N TYR Z 138 -4.33 46.37 46.84
CA TYR Z 138 -3.84 45.06 46.45
C TYR Z 138 -5.03 44.14 46.18
N SER Z 139 -4.82 43.19 45.27
CA SER Z 139 -5.81 42.18 44.96
C SER Z 139 -5.11 40.84 44.77
N VAL Z 140 -5.52 39.85 45.55
CA VAL Z 140 -4.91 38.52 45.53
C VAL Z 140 -5.99 37.50 45.18
N LYS Z 141 -5.63 36.52 44.37
CA LYS Z 141 -6.52 35.43 43.98
C LYS Z 141 -5.77 34.12 44.13
N LEU Z 142 -6.34 33.19 44.90
CA LEU Z 142 -5.73 31.90 45.14
C LEU Z 142 -6.73 30.80 44.81
N ASP Z 143 -6.37 29.93 43.87
CA ASP Z 143 -7.18 28.77 43.53
C ASP Z 143 -6.60 27.55 44.23
N GLY Z 144 -7.46 26.79 44.92
CA GLY Z 144 -6.98 25.74 45.79
C GLY Z 144 -6.47 24.53 45.02
N MET Z 145 -5.41 23.92 45.56
CA MET Z 145 -4.83 22.70 45.00
C MET Z 145 -5.38 21.46 45.69
N GLY Z 146 -6.70 21.37 45.80
CA GLY Z 146 -7.30 20.22 46.46
C GLY Z 146 -8.56 20.54 47.23
N ALA Z 147 -8.83 19.78 48.28
CA ALA Z 147 -10.05 19.94 49.04
C ALA Z 147 -10.05 21.23 49.85
N LEU Z 148 -11.24 21.79 50.04
CA LEU Z 148 -11.46 22.96 50.89
C LEU Z 148 -12.39 22.51 52.01
N VAL Z 149 -11.83 22.29 53.20
CA VAL Z 149 -12.60 21.77 54.31
C VAL Z 149 -13.55 22.85 54.82
N ASP Z 150 -14.84 22.50 54.90
CA ASP Z 150 -15.87 23.39 55.40
C ASP Z 150 -15.98 23.18 56.91
N LEU Z 151 -15.50 24.15 57.68
CA LEU Z 151 -15.48 24.03 59.13
C LEU Z 151 -16.83 24.30 59.77
N THR Z 152 -17.83 24.75 59.00
CA THR Z 152 -19.15 24.97 59.56
C THR Z 152 -19.80 23.66 59.98
N ILE Z 153 -19.60 22.59 59.21
CA ILE Z 153 -20.16 21.29 59.51
C ILE Z 153 -19.09 20.33 60.02
N THR Z 154 -17.94 20.85 60.43
CA THR Z 154 -16.85 20.03 60.96
C THR Z 154 -16.38 20.63 62.27
N GLU Z 155 -16.30 19.80 63.31
CA GLU Z 155 -15.87 20.27 64.62
C GLU Z 155 -14.40 20.66 64.59
N GLY Z 156 -14.05 21.61 65.46
CA GLY Z 156 -12.68 22.10 65.54
C GLY Z 156 -12.42 23.23 64.56
N GLY Z 157 -11.13 23.50 64.36
CA GLY Z 157 -10.70 24.55 63.45
C GLY Z 157 -11.12 25.93 63.88
N ASP Z 158 -10.90 26.27 65.15
CA ASP Z 158 -11.29 27.57 65.69
C ASP Z 158 -10.08 28.40 66.15
N GLN Z 159 -8.89 28.09 65.64
CA GLN Z 159 -7.73 28.90 65.97
C GLN Z 159 -7.83 30.27 65.30
N MET Z 160 -7.34 31.29 66.00
CA MET Z 160 -7.43 32.67 65.55
C MET Z 160 -6.06 33.33 65.57
N PRO Z 161 -5.86 34.35 64.73
CA PRO Z 161 -4.55 35.00 64.65
C PRO Z 161 -4.16 35.66 65.97
N GLY Z 162 -2.86 35.68 66.22
CA GLY Z 162 -2.33 36.27 67.45
C GLY Z 162 -1.06 35.59 67.90
N ALA AA 2 -71.04 75.80 84.62
CA ALA AA 2 -71.29 74.39 84.90
C ALA AA 2 -72.77 74.12 85.07
N PHE AA 3 -73.54 75.18 85.30
CA PHE AA 3 -74.98 75.08 85.52
C PHE AA 3 -75.65 76.23 84.75
N GLU AA 4 -76.90 76.52 85.12
CA GLU AA 4 -77.86 77.17 84.24
C GLU AA 4 -78.14 76.26 83.04
N GLU AA 5 -78.16 74.96 83.31
CA GLU AA 5 -78.37 73.90 82.33
C GLU AA 5 -77.34 73.99 81.21
N ASN AA 6 -76.15 74.49 81.52
CA ASN AA 6 -75.07 74.65 80.54
C ASN AA 6 -75.56 75.39 79.30
N LEU AA 7 -76.35 76.45 79.52
CA LEU AA 7 -76.96 77.17 78.41
C LEU AA 7 -75.90 77.81 77.52
N TYR AA 8 -74.89 78.42 78.11
CA TYR AA 8 -73.85 79.10 77.34
C TYR AA 8 -72.52 78.36 77.33
N CYS AA 9 -72.10 77.78 78.45
CA CYS AA 9 -70.86 77.03 78.54
C CYS AA 9 -71.16 75.59 78.89
N ASP AA 10 -70.62 74.67 78.09
CA ASP AA 10 -70.80 73.24 78.32
C ASP AA 10 -69.56 72.65 78.98
N TYR AA 11 -69.77 71.64 79.81
CA TYR AA 11 -68.70 70.99 80.56
C TYR AA 11 -68.63 69.50 80.31
N THR AA 12 -69.42 68.97 79.39
CA THR AA 12 -69.48 67.53 79.16
C THR AA 12 -68.19 67.03 78.54
N PRO AA 13 -67.47 66.11 79.18
CA PRO AA 13 -66.26 65.53 78.58
C PRO AA 13 -66.62 64.40 77.63
N GLY AA 14 -66.44 64.64 76.33
CA GLY AA 14 -66.63 63.60 75.34
C GLY AA 14 -65.32 63.24 74.67
N ALA AA 15 -64.44 64.21 74.56
CA ALA AA 15 -63.10 64.05 74.01
C ALA AA 15 -62.30 65.28 74.40
N ALA AA 16 -61.08 65.40 73.88
CA ALA AA 16 -60.26 66.57 74.10
C ALA AA 16 -60.17 67.49 72.90
N LYS AA 17 -60.35 66.96 71.69
CA LYS AA 17 -60.29 67.67 70.41
C LYS AA 17 -58.89 68.16 70.08
N ALA AA 18 -57.93 67.98 70.98
CA ALA AA 18 -56.54 68.38 70.80
C ALA AA 18 -55.73 67.86 71.97
N VAL AA 19 -54.47 67.51 71.70
CA VAL AA 19 -53.55 67.04 72.72
C VAL AA 19 -52.34 67.96 72.70
N ALA AA 20 -52.06 68.59 73.84
CA ALA AA 20 -50.90 69.48 73.93
C ALA AA 20 -49.63 68.70 73.68
N GLY AA 21 -48.74 69.29 72.86
CA GLY AA 21 -47.49 68.61 72.53
C GLY AA 21 -46.60 68.38 73.73
N LYS AA 22 -46.69 69.27 74.73
CA LYS AA 22 -45.89 69.12 75.94
C LYS AA 22 -46.27 67.88 76.76
N ASP AA 23 -47.44 67.28 76.49
CA ASP AA 23 -47.88 66.11 77.22
C ASP AA 23 -47.43 64.80 76.59
N VAL AA 24 -46.82 64.85 75.41
CA VAL AA 24 -46.32 63.67 74.71
C VAL AA 24 -44.81 63.72 74.73
N ILE AA 25 -44.18 62.67 75.27
CA ILE AA 25 -42.74 62.66 75.44
C ILE AA 25 -42.16 61.32 74.98
N LEU AA 26 -40.85 61.32 74.79
CA LEU AA 26 -40.09 60.12 74.43
C LEU AA 26 -39.37 59.59 75.66
N ALA AA 27 -39.56 58.31 75.95
CA ALA AA 27 -38.89 57.64 77.05
C ALA AA 27 -38.00 56.53 76.49
N VAL AA 28 -36.97 56.20 77.26
CA VAL AA 28 -35.97 55.22 76.85
C VAL AA 28 -35.80 54.21 77.97
N PHE AA 29 -35.28 53.04 77.63
CA PHE AA 29 -34.96 52.03 78.62
C PHE AA 29 -33.46 52.00 78.86
N ASN AA 30 -33.06 51.84 80.13
CA ASN AA 30 -31.65 51.88 80.48
C ASN AA 30 -30.97 50.60 80.01
N ALA AA 31 -29.68 50.47 80.37
CA ALA AA 31 -28.88 49.34 79.89
C ALA AA 31 -29.51 48.01 80.26
N ALA AA 32 -29.92 47.86 81.52
CA ALA AA 32 -30.69 46.69 81.91
C ALA AA 32 -32.17 46.84 81.57
N GLY AA 33 -32.64 48.06 81.34
CA GLY AA 33 -34.04 48.28 81.04
C GLY AA 33 -34.96 48.27 82.23
N ASP AA 34 -34.43 48.21 83.45
CA ASP AA 34 -35.27 48.15 84.64
C ASP AA 34 -35.98 49.47 84.91
N LYS AA 35 -35.48 50.58 84.37
CA LYS AA 35 -36.06 51.89 84.57
C LYS AA 35 -36.42 52.51 83.23
N LEU AA 36 -37.43 53.38 83.25
CA LEU AA 36 -37.83 54.17 82.10
C LEU AA 36 -37.40 55.61 82.36
N LEU AA 37 -36.60 56.16 81.45
CA LEU AA 37 -36.03 57.49 81.61
C LEU AA 37 -36.57 58.41 80.54
N ALA AA 38 -37.15 59.53 80.95
CA ALA AA 38 -37.55 60.56 80.00
C ALA AA 38 -36.33 61.40 79.63
N VAL AA 39 -36.14 61.63 78.32
CA VAL AA 39 -34.98 62.38 77.87
C VAL AA 39 -35.07 63.80 78.42
N ALA AA 40 -33.93 64.33 78.88
CA ALA AA 40 -33.92 65.61 79.56
C ALA AA 40 -34.06 66.76 78.56
N GLY AA 41 -34.99 67.66 78.84
CA GLY AA 41 -35.11 68.89 78.08
C GLY AA 41 -35.49 68.72 76.63
N GLN AA 42 -36.43 67.83 76.33
CA GLN AA 42 -36.92 67.71 74.97
C GLN AA 42 -37.78 68.92 74.61
N GLN AA 43 -37.74 69.31 73.33
CA GLN AA 43 -38.52 70.44 72.87
C GLN AA 43 -39.35 70.07 71.65
N GLY AA 44 -38.85 69.14 70.83
CA GLY AA 44 -39.57 68.74 69.64
C GLY AA 44 -39.43 67.26 69.33
N LEU AA 45 -40.53 66.61 68.98
CA LEU AA 45 -40.55 65.19 68.66
C LEU AA 45 -41.30 64.96 67.36
N THR AA 46 -40.77 64.07 66.53
CA THR AA 46 -41.40 63.72 65.27
C THR AA 46 -41.26 62.21 65.05
N VAL AA 47 -42.37 61.55 64.74
CA VAL AA 47 -42.39 60.12 64.47
C VAL AA 47 -42.80 59.93 63.02
N ASN AA 48 -41.92 59.34 62.23
CA ASN AA 48 -42.17 59.10 60.81
C ASN AA 48 -42.36 57.60 60.57
N ARG AA 49 -43.47 57.25 59.94
CA ARG AA 49 -43.74 55.89 59.51
C ARG AA 49 -44.12 55.91 58.05
N SER AA 50 -43.41 55.12 57.24
CA SER AA 50 -43.61 55.13 55.80
C SER AA 50 -43.75 53.71 55.30
N LYS AA 51 -44.46 53.55 54.17
CA LYS AA 51 -44.64 52.26 53.54
C LYS AA 51 -44.40 52.41 52.04
N ASP AA 52 -43.61 51.50 51.47
CA ASP AA 52 -43.29 51.56 50.05
C ASP AA 52 -44.46 51.07 49.22
N SER AA 53 -44.53 51.57 47.99
CA SER AA 53 -45.56 51.19 47.02
C SER AA 53 -44.89 50.59 45.80
N ILE AA 54 -45.43 49.47 45.33
CA ILE AA 54 -44.90 48.75 44.17
C ILE AA 54 -45.89 48.89 43.02
N GLU AA 55 -45.41 49.37 41.89
CA GLU AA 55 -46.25 49.53 40.71
C GLU AA 55 -46.37 48.21 39.96
N ILE AA 56 -47.60 47.80 39.66
CA ILE AA 56 -47.84 46.52 39.01
C ILE AA 56 -48.65 46.74 37.73
N THR AA 57 -48.48 47.90 37.11
CA THR AA 57 -49.19 48.19 35.87
C THR AA 57 -48.72 47.24 34.77
N SER AA 58 -49.66 46.82 33.94
CA SER AA 58 -49.37 45.91 32.85
C SER AA 58 -50.26 46.24 31.66
N LYS AA 59 -50.03 45.54 30.55
CA LYS AA 59 -50.85 45.76 29.37
C LYS AA 59 -52.30 45.31 29.58
N ASP AA 60 -52.55 44.46 30.57
CA ASP AA 60 -53.91 44.05 30.90
C ASP AA 60 -54.65 45.08 31.74
N THR AA 61 -53.95 46.06 32.30
CA THR AA 61 -54.60 47.09 33.11
C THR AA 61 -55.46 47.98 32.22
N VAL AA 62 -56.71 48.18 32.63
CA VAL AA 62 -57.65 49.02 31.89
C VAL AA 62 -58.10 50.16 32.79
N GLY AA 63 -58.88 51.06 32.22
CA GLY AA 63 -59.39 52.21 32.93
C GLY AA 63 -58.53 53.45 32.86
N GLY AA 64 -57.32 53.35 32.32
CA GLY AA 64 -56.47 54.50 32.17
C GLY AA 64 -55.69 54.90 33.41
N TRP AA 65 -55.78 54.13 34.49
CA TRP AA 65 -55.07 54.43 35.73
C TRP AA 65 -54.11 53.28 36.05
N LYS AA 66 -52.90 53.63 36.48
CA LYS AA 66 -51.92 52.61 36.83
C LYS AA 66 -52.28 51.94 38.15
N SER AA 67 -51.79 50.73 38.32
CA SER AA 67 -52.10 49.91 39.49
C SER AA 67 -50.88 49.82 40.41
N LYS AA 68 -51.13 49.98 41.71
CA LYS AA 68 -50.09 49.90 42.72
C LYS AA 68 -50.57 49.03 43.88
N ILE AA 69 -49.59 48.46 44.60
CA ILE AA 69 -49.86 47.66 45.78
C ILE AA 69 -48.92 48.11 46.89
N GLY AA 70 -49.26 47.74 48.11
CA GLY AA 70 -48.44 48.08 49.26
C GLY AA 70 -47.19 47.22 49.34
N GLY AA 71 -46.25 47.67 50.18
CA GLY AA 71 -45.00 46.95 50.35
C GLY AA 71 -44.43 47.04 51.74
N MET AA 72 -43.10 47.02 51.85
CA MET AA 72 -42.43 47.09 53.14
C MET AA 72 -42.65 48.45 53.78
N LYS AA 73 -42.53 48.49 55.11
CA LYS AA 73 -42.70 49.72 55.85
C LYS AA 73 -41.59 49.87 56.88
N GLU AA 74 -41.31 51.12 57.25
CA GLU AA 74 -40.20 51.45 58.13
C GLU AA 74 -40.57 52.68 58.94
N TRP AA 75 -39.75 52.96 59.97
CA TRP AA 75 -40.07 54.05 60.88
C TRP AA 75 -38.81 54.65 61.48
N SER AA 76 -38.94 55.90 61.91
CA SER AA 76 -37.86 56.65 62.54
C SER AA 76 -38.45 57.67 63.50
N ILE AA 77 -37.61 58.12 64.43
CA ILE AA 77 -38.01 59.10 65.43
C ILE AA 77 -36.91 60.15 65.57
N GLU AA 78 -37.29 61.43 65.47
CA GLU AA 78 -36.36 62.54 65.60
C GLU AA 78 -36.76 63.39 66.80
N ASN AA 79 -35.83 63.60 67.73
CA ASN AA 79 -36.10 64.37 68.93
C ASN AA 79 -35.00 65.41 69.13
N ASP AA 80 -35.41 66.65 69.36
CA ASP AA 80 -34.48 67.75 69.58
C ASP AA 80 -34.87 68.50 70.85
N GLY AA 81 -33.88 69.07 71.51
CA GLY AA 81 -34.16 69.81 72.73
C GLY AA 81 -32.90 70.34 73.38
N LEU AA 82 -32.99 70.56 74.69
CA LEU AA 82 -31.87 71.07 75.47
C LEU AA 82 -31.02 69.91 75.97
N TYR AA 83 -29.70 70.09 75.93
CA TYR AA 83 -28.75 69.05 76.33
C TYR AA 83 -28.05 69.47 77.62
N VAL AA 84 -28.07 68.57 78.60
CA VAL AA 84 -27.26 68.69 79.81
C VAL AA 84 -26.47 67.41 79.95
N ALA AA 85 -25.14 67.52 80.00
CA ALA AA 85 -24.29 66.34 80.01
C ALA AA 85 -24.43 65.53 81.30
N ASP AA 86 -25.01 66.12 82.35
CA ASP AA 86 -25.15 65.45 83.63
C ASP AA 86 -26.44 64.65 83.74
N ALA AA 87 -27.32 64.72 82.75
CA ALA AA 87 -28.56 63.97 82.80
C ALA AA 87 -28.30 62.47 82.63
N GLU AA 88 -29.03 61.66 83.40
CA GLU AA 88 -28.87 60.21 83.32
C GLU AA 88 -29.31 59.68 81.96
N SER AA 89 -30.41 60.20 81.42
CA SER AA 89 -30.88 59.75 80.12
C SER AA 89 -29.85 60.03 79.04
N HIS AA 90 -29.18 61.17 79.11
CA HIS AA 90 -28.17 61.49 78.12
C HIS AA 90 -26.94 60.60 78.26
N LYS AA 91 -26.58 60.23 79.50
CA LYS AA 91 -25.51 59.25 79.69
C LYS AA 91 -25.89 57.91 79.06
N GLU AA 92 -27.13 57.47 79.26
CA GLU AA 92 -27.55 56.21 78.67
C GLU AA 92 -27.56 56.28 77.14
N LEU AA 93 -27.99 57.42 76.59
CA LEU AA 93 -27.95 57.61 75.15
C LEU AA 93 -26.52 57.57 74.63
N ALA AA 94 -25.59 58.22 75.32
CA ALA AA 94 -24.19 58.20 74.90
C ALA AA 94 -23.62 56.79 74.98
N LYS AA 95 -23.94 56.06 76.05
CA LYS AA 95 -23.46 54.69 76.17
C LYS AA 95 -24.01 53.80 75.06
N TYR AA 96 -25.29 53.98 74.73
CA TYR AA 96 -25.89 53.24 73.62
C TYR AA 96 -25.21 53.57 72.30
N PHE AA 97 -24.97 54.86 72.06
CA PHE AA 97 -24.33 55.27 70.80
C PHE AA 97 -22.94 54.69 70.69
N GLU AA 98 -22.17 54.70 71.78
CA GLU AA 98 -20.79 54.27 71.74
C GLU AA 98 -20.66 52.78 71.45
N SER AA 99 -21.56 51.96 72.00
CA SER AA 99 -21.38 50.52 71.97
C SER AA 99 -22.51 49.79 71.26
N ASP AA 100 -22.89 50.27 70.07
CA ASP AA 100 -23.96 49.66 69.29
C ASP AA 100 -25.25 49.60 70.12
N SER AA 101 -25.50 48.45 70.75
CA SER AA 101 -26.49 48.34 71.80
C SER AA 101 -27.86 48.85 71.38
N PRO AA 102 -28.63 48.09 70.60
CA PRO AA 102 -29.94 48.56 70.14
C PRO AA 102 -30.82 48.97 71.31
N VAL AA 103 -31.59 50.05 71.11
CA VAL AA 103 -32.27 50.78 72.16
C VAL AA 103 -33.76 50.50 72.12
N CYS AA 104 -34.35 50.26 73.28
CA CYS AA 104 -35.80 50.13 73.41
C CYS AA 104 -36.36 51.47 73.88
N VAL AA 105 -37.03 52.16 72.97
CA VAL AA 105 -37.60 53.48 73.23
C VAL AA 105 -39.11 53.40 73.07
N LYS AA 106 -39.78 54.47 73.49
CA LYS AA 106 -41.23 54.51 73.41
C LYS AA 106 -41.70 55.97 73.45
N ILE AA 107 -42.90 56.18 72.90
CA ILE AA 107 -43.57 57.48 72.93
C ILE AA 107 -44.79 57.33 73.81
N ILE AA 108 -44.91 58.18 74.83
CA ILE AA 108 -46.01 58.10 75.79
C ILE AA 108 -46.65 59.47 75.96
N ASN AA 109 -47.85 59.46 76.51
CA ASN AA 109 -48.61 60.66 76.82
C ASN AA 109 -48.59 60.86 78.34
N GLN AA 110 -48.01 61.97 78.79
CA GLN AA 110 -47.89 62.22 80.22
C GLN AA 110 -49.25 62.48 80.85
N ALA AA 111 -50.04 63.37 80.26
CA ALA AA 111 -51.32 63.76 80.87
C ALA AA 111 -52.34 62.63 80.78
N SER AA 112 -52.46 62.01 79.61
CA SER AA 112 -53.46 60.97 79.40
C SER AA 112 -53.12 59.65 80.09
N LYS AA 113 -51.90 59.51 80.60
CA LYS AA 113 -51.46 58.29 81.28
C LYS AA 113 -51.57 57.07 80.37
N LYS AA 114 -51.37 57.25 79.07
CA LYS AA 114 -51.45 56.17 78.10
C LYS AA 114 -50.21 56.19 77.20
N GLY AA 115 -49.70 54.99 76.91
CA GLY AA 115 -48.59 54.88 75.98
C GLY AA 115 -49.06 54.88 74.54
N LEU AA 116 -48.23 55.45 73.66
CA LEU AA 116 -48.57 55.60 72.26
C LEU AA 116 -47.81 54.62 71.37
N PHE AA 117 -46.48 54.61 71.44
CA PHE AA 117 -45.67 53.77 70.57
C PHE AA 117 -44.51 53.19 71.36
N GLY AA 118 -43.88 52.17 70.80
CA GLY AA 118 -42.67 51.61 71.39
C GLY AA 118 -41.97 50.62 70.50
N GLY AA 119 -40.66 50.48 70.66
CA GLY AA 119 -39.94 49.50 69.86
C GLY AA 119 -38.44 49.71 69.95
N LEU AA 120 -37.73 48.85 69.22
CA LEU AA 120 -36.29 48.86 69.13
C LEU AA 120 -35.83 49.75 67.98
N ALA AA 121 -34.69 50.41 68.19
CA ALA AA 121 -34.15 51.33 67.20
C ALA AA 121 -32.65 51.49 67.44
N ILE AA 122 -31.97 52.03 66.42
CA ILE AA 122 -30.55 52.35 66.49
C ILE AA 122 -30.39 53.85 66.42
N VAL AA 123 -29.48 54.39 67.23
CA VAL AA 123 -29.20 55.82 67.27
C VAL AA 123 -28.33 56.16 66.06
N ALA AA 124 -28.96 56.61 64.98
CA ALA AA 124 -28.23 56.91 63.75
C ALA AA 124 -27.61 58.30 63.76
N ASP AA 125 -27.99 59.16 64.70
CA ASP AA 125 -27.47 60.51 64.73
C ASP AA 125 -27.58 61.05 66.15
N TYR AA 126 -26.52 61.73 66.61
CA TYR AA 126 -26.51 62.34 67.93
C TYR AA 126 -25.63 63.57 67.83
N SER AA 127 -26.25 64.73 67.59
CA SER AA 127 -25.52 65.96 67.29
C SER AA 127 -25.91 67.05 68.28
N PHE AA 128 -25.02 68.02 68.44
CA PHE AA 128 -25.21 69.13 69.34
C PHE AA 128 -24.84 70.44 68.65
N GLU AA 129 -25.48 71.52 69.08
CA GLU AA 129 -25.20 72.85 68.55
C GLU AA 129 -25.09 73.82 69.71
N ALA AA 130 -24.06 74.67 69.69
CA ALA AA 130 -23.77 75.59 70.78
C ALA AA 130 -23.60 77.01 70.24
N PRO AA 131 -24.70 77.65 69.85
CA PRO AA 131 -24.62 79.06 69.46
C PRO AA 131 -24.35 79.95 70.67
N PHE AA 132 -23.73 81.10 70.41
CA PHE AA 132 -23.31 82.00 71.47
C PHE AA 132 -24.40 82.95 71.93
N ASP AA 133 -25.60 82.87 71.37
CA ASP AA 133 -26.68 83.77 71.73
C ASP AA 133 -27.86 83.07 72.41
N GLU AA 134 -27.74 81.78 72.70
CA GLU AA 134 -28.81 81.04 73.35
C GLU AA 134 -28.21 79.77 73.96
N ALA AA 135 -29.07 78.95 74.55
CA ALA AA 135 -28.64 77.72 75.19
C ALA AA 135 -28.21 76.69 74.15
N MET AA 136 -27.27 75.84 74.55
CA MET AA 136 -26.74 74.80 73.66
C MET AA 136 -27.68 73.60 73.64
N THR AA 137 -27.96 73.10 72.44
CA THR AA 137 -29.01 72.13 72.21
C THR AA 137 -28.44 70.80 71.72
N TYR AA 138 -29.35 69.82 71.62
CA TYR AA 138 -29.03 68.49 71.10
C TYR AA 138 -30.13 68.04 70.15
N SER AA 139 -29.74 67.16 69.22
CA SER AA 139 -30.67 66.51 68.30
C SER AA 139 -30.27 65.05 68.16
N VAL AA 140 -31.28 64.18 68.09
CA VAL AA 140 -31.06 62.75 68.02
C VAL AA 140 -32.06 62.14 67.05
N LYS AA 141 -31.60 61.11 66.32
CA LYS AA 141 -32.42 60.40 65.35
C LYS AA 141 -32.25 58.91 65.56
N LEU AA 142 -33.37 58.19 65.63
CA LEU AA 142 -33.38 56.75 65.83
C LEU AA 142 -34.12 56.08 64.69
N ASP AA 143 -33.49 55.08 64.08
CA ASP AA 143 -34.08 54.32 62.97
C ASP AA 143 -34.50 52.95 63.48
N GLY AA 144 -35.73 52.55 63.17
CA GLY AA 144 -36.25 51.30 63.71
C GLY AA 144 -35.56 50.10 63.08
N MET AA 145 -35.16 49.15 63.92
CA MET AA 145 -34.67 47.87 63.43
C MET AA 145 -35.77 46.97 62.92
N GLY AA 146 -37.00 47.14 63.42
CA GLY AA 146 -38.09 46.28 63.03
C GLY AA 146 -39.45 46.89 63.26
N ALA AA 147 -40.39 46.08 63.74
CA ALA AA 147 -41.76 46.54 63.94
C ALA AA 147 -41.82 47.58 65.05
N LEU AA 148 -42.60 48.63 64.82
CA LEU AA 148 -42.91 49.64 65.83
C LEU AA 148 -44.32 49.37 66.31
N VAL AA 149 -44.44 48.81 67.51
CA VAL AA 149 -45.75 48.42 68.03
C VAL AA 149 -46.58 49.65 68.33
N ASP AA 150 -47.80 49.69 67.81
CA ASP AA 150 -48.72 50.79 68.04
C ASP AA 150 -49.54 50.48 69.28
N LEU AA 151 -49.21 51.13 70.40
CA LEU AA 151 -49.87 50.85 71.67
C LEU AA 151 -51.27 51.44 71.77
N THR AA 152 -51.65 52.34 70.86
CA THR AA 152 -53.00 52.90 70.90
C THR AA 152 -54.06 51.85 70.62
N ILE AA 153 -53.78 50.93 69.69
CA ILE AA 153 -54.71 49.87 69.33
C ILE AA 153 -54.30 48.53 69.91
N THR AA 154 -53.31 48.51 70.79
CA THR AA 154 -52.82 47.29 71.41
C THR AA 154 -53.00 47.39 72.92
N GLU AA 155 -53.57 46.34 73.52
CA GLU AA 155 -53.77 46.32 74.96
C GLU AA 155 -52.42 46.23 75.68
N GLY AA 156 -52.25 47.05 76.71
CA GLY AA 156 -51.04 47.07 77.50
C GLY AA 156 -50.12 48.20 77.09
N GLY AA 157 -48.91 48.16 77.66
CA GLY AA 157 -47.91 49.17 77.36
C GLY AA 157 -48.24 50.52 77.96
N ASP AA 158 -48.23 50.62 79.29
CA ASP AA 158 -48.58 51.87 79.95
C ASP AA 158 -47.64 52.21 81.10
N GLN AA 159 -46.45 51.60 81.16
CA GLN AA 159 -45.48 51.96 82.17
C GLN AA 159 -44.95 53.36 81.93
N MET AA 160 -44.69 54.10 83.02
CA MET AA 160 -44.24 55.47 82.99
C MET AA 160 -42.94 55.63 83.76
N PRO AA 161 -42.14 56.66 83.46
CA PRO AA 161 -40.84 56.82 84.11
C PRO AA 161 -40.97 56.94 85.63
N GLY AA 162 -40.00 56.36 86.32
CA GLY AA 162 -39.96 56.42 87.77
C GLY AA 162 -38.57 56.66 88.32
N ALA BA 2 -96.45 114.96 83.54
CA ALA BA 2 -97.27 114.19 84.45
C ALA BA 2 -98.69 114.73 84.51
N PHE BA 3 -98.81 116.06 84.41
CA PHE BA 3 -100.11 116.72 84.47
C PHE BA 3 -100.32 117.62 83.26
N GLU BA 4 -101.45 118.33 83.24
CA GLU BA 4 -101.81 119.20 82.12
C GLU BA 4 -101.82 118.44 80.79
N GLU BA 5 -102.28 117.18 80.86
CA GLU BA 5 -102.36 116.30 79.69
C GLU BA 5 -101.01 116.14 79.00
N ASN BA 6 -99.93 116.18 79.78
CA ASN BA 6 -98.56 116.06 79.25
C ASN BA 6 -98.31 117.07 78.14
N LEU BA 7 -98.77 118.31 78.35
CA LEU BA 7 -98.60 119.34 77.34
C LEU BA 7 -97.13 119.65 77.11
N TYR BA 8 -96.35 119.76 78.19
CA TYR BA 8 -94.92 120.04 78.09
C TYR BA 8 -94.04 118.99 78.75
N CYS BA 9 -94.59 118.11 79.57
CA CYS BA 9 -93.83 117.06 80.25
C CYS BA 9 -94.37 115.71 79.81
N ASP BA 10 -93.69 115.08 78.86
CA ASP BA 10 -94.07 113.76 78.37
C ASP BA 10 -93.37 112.70 79.20
N TYR BA 11 -94.14 111.91 79.95
CA TYR BA 11 -93.60 110.91 80.85
C TYR BA 11 -93.94 109.49 80.41
N THR BA 12 -94.52 109.31 79.24
CA THR BA 12 -94.87 107.98 78.76
C THR BA 12 -93.60 107.23 78.36
N PRO BA 13 -93.30 106.08 78.97
CA PRO BA 13 -92.08 105.34 78.62
C PRO BA 13 -92.30 104.47 77.40
N GLY BA 14 -91.56 104.76 76.33
CA GLY BA 14 -91.60 103.93 75.14
C GLY BA 14 -90.44 102.96 75.09
N ALA BA 15 -89.23 103.46 75.36
CA ALA BA 15 -88.04 102.63 75.41
C ALA BA 15 -87.02 103.31 76.30
N ALA BA 16 -86.08 102.51 76.82
CA ALA BA 16 -85.04 103.06 77.66
C ALA BA 16 -84.15 104.04 76.90
N LYS BA 17 -83.76 103.67 75.68
CA LYS BA 17 -83.01 104.50 74.73
C LYS BA 17 -81.63 104.87 75.26
N ALA BA 18 -81.30 104.41 76.48
CA ALA BA 18 -80.01 104.70 77.08
C ALA BA 18 -79.79 103.80 78.29
N VAL BA 19 -78.64 103.13 78.35
CA VAL BA 19 -78.29 102.25 79.46
C VAL BA 19 -76.96 102.70 80.03
N ALA BA 20 -76.94 103.03 81.31
CA ALA BA 20 -75.70 103.41 81.97
C ALA BA 20 -74.81 102.18 82.15
N GLY BA 21 -73.50 102.42 82.13
CA GLY BA 21 -72.56 101.33 82.26
C GLY BA 21 -72.64 100.61 83.59
N LYS BA 22 -73.08 101.30 84.64
CA LYS BA 22 -73.22 100.67 85.95
C LYS BA 22 -74.31 99.61 85.96
N ASP BA 23 -75.26 99.66 85.02
CA ASP BA 23 -76.33 98.66 84.99
C ASP BA 23 -75.82 97.33 84.46
N VAL BA 24 -74.98 97.35 83.42
CA VAL BA 24 -74.41 96.15 82.85
C VAL BA 24 -73.17 95.75 83.64
N ILE BA 25 -73.10 94.49 84.06
CA ILE BA 25 -72.07 94.02 84.97
C ILE BA 25 -71.57 92.65 84.51
N LEU BA 26 -70.40 92.28 85.00
CA LEU BA 26 -69.78 91.00 84.71
C LEU BA 26 -69.94 90.05 85.89
N ALA BA 27 -70.25 88.79 85.60
CA ALA BA 27 -70.39 87.77 86.63
C ALA BA 27 -69.71 86.50 86.14
N VAL BA 28 -69.30 85.67 87.08
CA VAL BA 28 -68.51 84.47 86.79
C VAL BA 28 -68.97 83.34 87.71
N PHE BA 29 -69.05 82.13 87.17
CA PHE BA 29 -69.32 80.96 87.99
C PHE BA 29 -68.14 80.64 88.89
N ASN BA 30 -68.42 80.33 90.15
CA ASN BA 30 -67.36 80.05 91.11
C ASN BA 30 -66.68 78.73 90.77
N ALA BA 31 -65.75 78.32 91.64
CA ALA BA 31 -64.98 77.10 91.40
C ALA BA 31 -65.89 75.91 91.15
N ALA BA 32 -66.86 75.71 92.03
CA ALA BA 32 -67.93 74.75 91.73
C ALA BA 32 -68.88 75.33 90.68
N GLY BA 33 -69.19 76.61 90.78
CA GLY BA 33 -70.07 77.29 89.86
C GLY BA 33 -71.48 77.52 90.38
N ASP BA 34 -71.86 76.84 91.46
CA ASP BA 34 -73.24 76.91 91.94
C ASP BA 34 -73.65 78.31 92.37
N LYS BA 35 -72.69 79.15 92.75
CA LYS BA 35 -72.96 80.52 93.16
C LYS BA 35 -72.31 81.45 92.14
N LEU BA 36 -73.11 81.94 91.20
CA LEU BA 36 -72.64 82.99 90.30
C LEU BA 36 -72.27 84.21 91.13
N LEU BA 37 -71.08 84.77 90.87
CA LEU BA 37 -70.56 85.85 91.68
C LEU BA 37 -70.01 86.95 90.78
N ALA BA 38 -70.30 88.19 91.16
CA ALA BA 38 -69.77 89.34 90.44
C ALA BA 38 -68.37 89.66 90.92
N VAL BA 39 -67.47 89.95 89.97
CA VAL BA 39 -66.12 90.36 90.33
C VAL BA 39 -66.20 91.66 91.12
N ALA BA 40 -65.32 91.81 92.10
CA ALA BA 40 -65.37 92.96 93.00
C ALA BA 40 -64.71 94.18 92.38
N GLY BA 41 -65.32 95.35 92.60
CA GLY BA 41 -64.70 96.62 92.29
C GLY BA 41 -64.43 96.92 90.83
N GLN BA 42 -65.41 96.68 89.95
CA GLN BA 42 -65.24 97.00 88.55
C GLN BA 42 -65.35 98.50 88.32
N GLN BA 43 -64.67 98.98 87.29
CA GLN BA 43 -64.80 100.35 86.82
C GLN BA 43 -64.92 100.49 85.32
N GLY BA 44 -64.62 99.44 84.55
CA GLY BA 44 -64.77 99.48 83.11
C GLY BA 44 -64.84 98.08 82.55
N LEU BA 45 -65.62 97.92 81.49
CA LEU BA 45 -65.83 96.61 80.89
C LEU BA 45 -66.09 96.80 79.41
N THR BA 46 -65.45 95.96 78.59
CA THR BA 46 -65.65 96.00 77.15
C THR BA 46 -65.71 94.57 76.62
N VAL BA 47 -66.53 94.38 75.59
CA VAL BA 47 -66.70 93.10 74.91
C VAL BA 47 -66.37 93.31 73.44
N ASN BA 48 -65.46 92.51 72.90
CA ASN BA 48 -65.09 92.60 71.49
C ASN BA 48 -65.26 91.24 70.84
N ARG BA 49 -66.16 91.16 69.87
CA ARG BA 49 -66.34 89.98 69.04
C ARG BA 49 -65.98 90.34 67.62
N SER BA 50 -65.08 89.56 67.02
CA SER BA 50 -64.56 89.86 65.69
C SER BA 50 -64.77 88.67 64.76
N LYS BA 51 -64.88 88.96 63.47
CA LYS BA 51 -65.03 87.94 62.45
C LYS BA 51 -64.07 88.25 61.30
N ASP BA 52 -63.41 87.21 60.80
CA ASP BA 52 -62.46 87.37 59.71
C ASP BA 52 -63.18 87.36 58.37
N SER BA 53 -62.59 88.06 57.40
CA SER BA 53 -63.10 88.11 56.04
C SER BA 53 -62.07 87.52 55.09
N ILE BA 54 -62.52 86.61 54.23
CA ILE BA 54 -61.65 85.94 53.27
C ILE BA 54 -61.96 86.48 51.89
N GLU BA 55 -60.90 86.88 51.17
CA GLU BA 55 -61.03 87.43 49.84
C GLU BA 55 -61.15 86.30 48.81
N ILE BA 56 -62.12 86.44 47.91
CA ILE BA 56 -62.35 85.43 46.87
C ILE BA 56 -62.29 86.09 45.51
N THR BA 57 -61.59 87.22 45.41
CA THR BA 57 -61.47 87.92 44.14
C THR BA 57 -60.77 87.06 43.11
N SER BA 58 -61.32 87.02 41.91
CA SER BA 58 -60.79 86.21 40.82
C SER BA 58 -60.67 87.06 39.58
N LYS BA 59 -60.20 86.44 38.49
CA LYS BA 59 -60.07 87.13 37.22
C LYS BA 59 -61.41 87.38 36.54
N ASP BA 60 -62.44 86.63 36.91
CA ASP BA 60 -63.73 86.70 36.26
C ASP BA 60 -64.70 87.67 36.94
N THR BA 61 -64.30 88.30 38.05
CA THR BA 61 -65.17 89.27 38.69
C THR BA 61 -65.23 90.55 37.86
N VAL BA 62 -66.32 91.29 38.06
CA VAL BA 62 -66.59 92.50 37.27
C VAL BA 62 -66.96 93.63 38.22
N GLY BA 63 -66.90 94.85 37.69
CA GLY BA 63 -67.27 96.03 38.44
C GLY BA 63 -66.14 96.74 39.15
N GLY BA 64 -64.97 96.11 39.23
CA GLY BA 64 -63.84 96.72 39.91
C GLY BA 64 -63.89 96.68 41.42
N TRP BA 65 -64.75 95.86 42.00
CA TRP BA 65 -64.87 95.73 43.45
C TRP BA 65 -64.54 94.29 43.85
N LYS BA 66 -63.71 94.14 44.87
CA LYS BA 66 -63.22 92.83 45.25
C LYS BA 66 -64.24 92.09 46.11
N SER BA 67 -64.53 90.84 45.75
CA SER BA 67 -65.47 90.03 46.49
C SER BA 67 -64.82 89.51 47.77
N LYS BA 68 -65.64 89.31 48.80
CA LYS BA 68 -65.20 88.79 50.07
C LYS BA 68 -66.35 88.04 50.72
N ILE BA 69 -66.01 87.11 51.61
CA ILE BA 69 -67.03 86.41 52.39
C ILE BA 69 -66.59 86.29 53.84
N GLY BA 70 -67.57 86.04 54.71
CA GLY BA 70 -67.26 85.90 56.12
C GLY BA 70 -66.48 84.62 56.39
N GLY BA 71 -65.69 84.67 57.45
CA GLY BA 71 -64.85 83.55 57.84
C GLY BA 71 -65.01 83.22 59.31
N MET BA 72 -63.90 82.84 59.93
CA MET BA 72 -63.90 82.46 61.34
C MET BA 72 -64.15 83.68 62.21
N LYS BA 73 -64.69 83.43 63.41
CA LYS BA 73 -64.97 84.50 64.35
C LYS BA 73 -64.59 84.06 65.76
N GLU BA 74 -64.26 85.05 66.59
CA GLU BA 74 -63.82 84.82 67.96
C GLU BA 74 -64.30 85.97 68.83
N TRP BA 75 -64.10 85.83 70.15
CA TRP BA 75 -64.63 86.80 71.08
C TRP BA 75 -63.76 86.89 72.33
N SER BA 76 -63.79 88.07 72.96
CA SER BA 76 -63.04 88.32 74.17
C SER BA 76 -63.71 89.43 74.95
N ILE BA 77 -63.35 89.53 76.23
CA ILE BA 77 -63.78 90.64 77.07
C ILE BA 77 -62.59 91.17 77.85
N GLU BA 78 -62.71 92.42 78.29
CA GLU BA 78 -61.67 93.08 79.07
C GLU BA 78 -62.33 93.92 80.16
N ASN BA 79 -62.00 93.64 81.41
CA ASN BA 79 -62.57 94.33 82.54
C ASN BA 79 -61.45 94.90 83.40
N ASP BA 80 -61.76 95.99 84.10
CA ASP BA 80 -60.78 96.60 84.99
C ASP BA 80 -61.50 97.40 86.05
N GLY BA 81 -60.79 97.66 87.15
CA GLY BA 81 -61.38 98.44 88.23
C GLY BA 81 -60.56 98.40 89.49
N LEU BA 82 -61.24 98.57 90.62
CA LEU BA 82 -60.58 98.52 91.92
C LEU BA 82 -60.35 97.07 92.34
N TYR BA 83 -59.17 96.81 92.91
CA TYR BA 83 -58.78 95.46 93.28
C TYR BA 83 -58.79 95.31 94.80
N VAL BA 84 -59.40 94.22 95.26
CA VAL BA 84 -59.37 93.84 96.67
C VAL BA 84 -58.83 92.42 96.75
N ALA BA 85 -57.72 92.25 97.46
CA ALA BA 85 -57.08 90.94 97.55
C ALA BA 85 -57.94 89.94 98.32
N ASP BA 86 -58.70 90.41 99.30
CA ASP BA 86 -59.51 89.53 100.13
C ASP BA 86 -60.87 89.22 99.50
N ALA BA 87 -61.18 89.79 98.35
CA ALA BA 87 -62.46 89.53 97.70
C ALA BA 87 -62.54 88.08 97.27
N GLU BA 88 -63.71 87.47 97.46
CA GLU BA 88 -63.91 86.08 97.06
C GLU BA 88 -63.81 85.92 95.55
N SER BA 89 -64.35 86.88 94.79
CA SER BA 89 -64.32 86.79 93.34
C SER BA 89 -62.88 86.82 92.81
N HIS BA 90 -62.04 87.70 93.37
CA HIS BA 90 -60.66 87.74 92.93
C HIS BA 90 -59.89 86.49 93.35
N LYS BA 91 -60.23 85.93 94.52
CA LYS BA 91 -59.63 84.66 94.91
C LYS BA 91 -59.99 83.56 93.92
N GLU BA 92 -61.25 83.51 93.50
CA GLU BA 92 -61.67 82.52 92.53
C GLU BA 92 -60.99 82.74 91.18
N LEU BA 93 -60.83 84.01 90.78
CA LEU BA 93 -60.12 84.30 89.54
C LEU BA 93 -58.67 83.85 89.60
N ALA BA 94 -58.01 84.09 90.74
CA ALA BA 94 -56.63 83.62 90.90
C ALA BA 94 -56.56 82.11 90.86
N LYS BA 95 -57.51 81.42 91.50
CA LYS BA 95 -57.53 79.96 91.46
C LYS BA 95 -57.71 79.46 90.04
N TYR BA 96 -58.62 80.08 89.28
CA TYR BA 96 -58.84 79.69 87.89
C TYR BA 96 -57.58 79.91 87.05
N PHE BA 97 -56.92 81.07 87.25
CA PHE BA 97 -55.73 81.38 86.47
C PHE BA 97 -54.61 80.39 86.78
N GLU BA 98 -54.43 80.04 88.06
CA GLU BA 98 -53.39 79.09 88.42
C GLU BA 98 -53.71 77.68 87.91
N SER BA 99 -54.97 77.27 88.02
CA SER BA 99 -55.37 75.92 87.64
C SER BA 99 -55.55 75.75 86.14
N ASP BA 100 -55.53 76.83 85.36
CA ASP BA 100 -55.67 76.83 83.91
C ASP BA 100 -57.02 76.28 83.44
N SER BA 101 -57.96 76.07 84.35
CA SER BA 101 -59.27 75.57 83.96
C SER BA 101 -60.09 76.68 83.31
N PRO BA 102 -60.91 76.35 82.31
CA PRO BA 102 -61.78 77.36 81.71
C PRO BA 102 -62.85 77.82 82.69
N VAL BA 103 -63.28 79.07 82.52
CA VAL BA 103 -64.23 79.68 83.44
C VAL BA 103 -65.49 80.07 82.67
N CYS BA 104 -66.62 80.03 83.36
CA CYS BA 104 -67.90 80.42 82.79
C CYS BA 104 -68.19 81.86 83.19
N VAL BA 105 -68.42 82.72 82.20
CA VAL BA 105 -68.64 84.14 82.44
C VAL BA 105 -69.93 84.58 81.76
N LYS BA 106 -70.47 85.68 82.26
CA LYS BA 106 -71.70 86.25 81.72
C LYS BA 106 -71.70 87.76 81.90
N ILE BA 107 -72.19 88.45 80.88
CA ILE BA 107 -72.45 89.89 80.93
C ILE BA 107 -73.95 90.06 81.08
N ILE BA 108 -74.37 90.67 82.18
CA ILE BA 108 -75.79 90.72 82.56
C ILE BA 108 -76.14 92.14 83.00
N ASN BA 109 -77.30 92.61 82.55
CA ASN BA 109 -77.81 93.92 82.98
C ASN BA 109 -78.65 93.69 84.24
N GLN BA 110 -78.09 94.02 85.40
CA GLN BA 110 -78.77 93.81 86.66
C GLN BA 110 -79.84 94.86 86.96
N ALA BA 111 -79.85 95.98 86.24
CA ALA BA 111 -80.88 96.99 86.44
C ALA BA 111 -82.08 96.76 85.53
N SER BA 112 -81.84 96.59 84.23
CA SER BA 112 -82.91 96.25 83.30
C SER BA 112 -83.41 94.83 83.48
N LYS BA 113 -82.74 94.02 84.29
CA LYS BA 113 -83.15 92.65 84.61
C LYS BA 113 -83.20 91.79 83.33
N LYS BA 114 -82.05 91.71 82.67
CA LYS BA 114 -81.93 90.90 81.46
C LYS BA 114 -80.47 90.63 81.18
N GLY BA 115 -80.12 89.35 81.03
CA GLY BA 115 -78.76 89.00 80.66
C GLY BA 115 -78.47 89.35 79.22
N LEU BA 116 -77.19 89.57 78.92
CA LEU BA 116 -76.75 89.98 77.59
C LEU BA 116 -75.89 88.93 76.90
N PHE BA 117 -74.83 88.46 77.54
CA PHE BA 117 -73.92 87.50 76.93
C PHE BA 117 -73.53 86.45 77.95
N GLY BA 118 -73.07 85.30 77.46
CA GLY BA 118 -72.54 84.27 78.32
C GLY BA 118 -71.70 83.30 77.52
N GLY BA 119 -70.71 82.71 78.18
CA GLY BA 119 -69.84 81.78 77.49
C GLY BA 119 -68.76 81.23 78.38
N LEU BA 120 -67.84 80.50 77.75
CA LEU BA 120 -66.69 79.89 78.40
C LEU BA 120 -65.42 80.55 77.86
N ALA BA 121 -64.55 80.98 78.77
CA ALA BA 121 -63.36 81.72 78.37
C ALA BA 121 -62.22 81.41 79.34
N ILE BA 122 -61.00 81.71 78.89
CA ILE BA 122 -59.80 81.59 79.71
C ILE BA 122 -59.28 82.99 79.98
N VAL BA 123 -58.73 83.18 81.18
CA VAL BA 123 -58.17 84.46 81.59
C VAL BA 123 -56.74 84.53 81.05
N ALA BA 124 -56.56 85.33 79.99
CA ALA BA 124 -55.24 85.47 79.39
C ALA BA 124 -54.33 86.37 80.21
N ASP BA 125 -54.89 87.40 80.83
CA ASP BA 125 -54.10 88.39 81.56
C ASP BA 125 -54.72 88.67 82.93
N TYR BA 126 -53.84 88.92 83.90
CA TYR BA 126 -54.25 89.30 85.26
C TYR BA 126 -53.16 90.20 85.81
N SER BA 127 -53.38 91.51 85.73
CA SER BA 127 -52.34 92.49 86.04
C SER BA 127 -52.88 93.52 87.03
N PHE BA 128 -51.95 94.12 87.79
CA PHE BA 128 -52.30 95.14 88.76
C PHE BA 128 -51.28 96.28 88.69
N GLU BA 129 -51.73 97.47 89.07
CA GLU BA 129 -50.88 98.65 89.10
C GLU BA 129 -51.02 99.32 90.46
N ALA BA 130 -49.91 99.87 90.97
CA ALA BA 130 -49.85 100.43 92.31
C ALA BA 130 -49.27 101.84 92.28
N PRO BA 131 -50.05 102.83 91.83
CA PRO BA 131 -49.61 104.22 91.96
C PRO BA 131 -49.72 104.68 93.40
N PHE BA 132 -48.83 105.60 93.77
CA PHE BA 132 -48.82 106.16 95.12
C PHE BA 132 -49.70 107.40 95.24
N ASP BA 133 -50.46 107.74 94.20
CA ASP BA 133 -51.43 108.81 94.28
C ASP BA 133 -52.85 108.33 94.07
N GLU BA 134 -53.05 107.02 93.95
CA GLU BA 134 -54.37 106.43 93.74
C GLU BA 134 -54.43 105.12 94.51
N ALA BA 135 -55.45 104.31 94.23
CA ALA BA 135 -55.69 103.07 94.93
C ALA BA 135 -55.29 101.86 94.08
N MET BA 136 -55.39 100.69 94.70
CA MET BA 136 -55.09 99.44 94.01
C MET BA 136 -56.05 99.24 92.84
N THR BA 137 -55.49 98.85 91.70
CA THR BA 137 -56.27 98.63 90.48
C THR BA 137 -55.93 97.28 89.88
N TYR BA 138 -56.93 96.65 89.27
CA TYR BA 138 -56.79 95.37 88.61
C TYR BA 138 -57.32 95.47 87.19
N SER BA 139 -56.74 94.67 86.30
CA SER BA 139 -57.18 94.56 84.92
C SER BA 139 -57.09 93.09 84.50
N VAL BA 140 -58.19 92.57 83.96
CA VAL BA 140 -58.29 91.19 83.52
C VAL BA 140 -58.77 91.17 82.07
N LYS BA 141 -58.17 90.28 81.28
CA LYS BA 141 -58.61 90.04 79.90
C LYS BA 141 -58.92 88.56 79.76
N LEU BA 142 -60.06 88.24 79.16
CA LEU BA 142 -60.44 86.86 78.91
C LEU BA 142 -60.73 86.68 77.43
N ASP BA 143 -60.31 85.55 76.87
CA ASP BA 143 -60.62 85.18 75.50
C ASP BA 143 -61.38 83.87 75.49
N GLY BA 144 -62.40 83.76 74.65
CA GLY BA 144 -63.32 82.64 74.69
C GLY BA 144 -63.03 81.61 73.63
N MET BA 145 -63.25 80.35 73.98
CA MET BA 145 -63.24 79.24 73.04
C MET BA 145 -64.68 78.85 72.71
N GLY BA 146 -64.90 78.49 71.45
CA GLY BA 146 -66.24 78.15 71.06
C GLY BA 146 -67.12 79.39 70.95
N ALA BA 147 -68.42 79.15 71.03
CA ALA BA 147 -69.42 80.20 70.81
C ALA BA 147 -69.66 81.01 72.07
N LEU BA 148 -69.83 82.32 71.89
CA LEU BA 148 -70.31 83.21 72.93
C LEU BA 148 -71.78 83.50 72.62
N VAL BA 149 -72.67 82.85 73.36
CA VAL BA 149 -74.10 82.98 73.07
C VAL BA 149 -74.56 84.40 73.36
N ASP BA 150 -75.65 84.78 72.71
CA ASP BA 150 -76.24 86.12 72.85
C ASP BA 150 -77.53 85.98 73.65
N LEU BA 151 -77.45 86.29 74.95
CA LEU BA 151 -78.63 86.20 75.81
C LEU BA 151 -79.70 87.20 75.40
N THR BA 152 -79.34 88.26 74.68
CA THR BA 152 -80.34 89.20 74.18
C THR BA 152 -81.25 88.54 73.16
N ILE BA 153 -80.69 87.71 72.27
CA ILE BA 153 -81.49 87.08 71.24
C ILE BA 153 -82.14 85.81 71.76
N THR BA 154 -81.38 84.99 72.47
CA THR BA 154 -81.92 83.74 72.98
C THR BA 154 -82.74 83.98 74.24
N GLU BA 155 -83.52 82.97 74.62
CA GLU BA 155 -84.37 83.05 75.79
C GLU BA 155 -83.73 82.34 76.97
N GLY BA 156 -84.08 82.80 78.17
CA GLY BA 156 -83.54 82.23 79.39
C GLY BA 156 -82.17 82.76 79.73
N GLY BA 157 -81.61 82.21 80.80
CA GLY BA 157 -80.29 82.61 81.25
C GLY BA 157 -80.26 84.00 81.82
N ASP BA 158 -80.91 84.20 82.97
CA ASP BA 158 -80.99 85.51 83.61
C ASP BA 158 -80.71 85.40 85.10
N GLN BA 159 -79.70 84.62 85.48
CA GLN BA 159 -79.34 84.49 86.88
C GLN BA 159 -78.71 85.79 87.37
N MET BA 160 -79.19 86.29 88.50
CA MET BA 160 -78.81 87.62 88.97
C MET BA 160 -77.47 87.65 89.71
N PRO BA 161 -77.22 86.75 90.68
CA PRO BA 161 -75.94 86.91 91.40
C PRO BA 161 -74.73 86.59 90.53
N ALA CA 2 29.74 8.72 26.47
CA ALA CA 2 30.98 7.96 26.34
C ALA CA 2 31.60 7.70 27.71
N PHE CA 3 30.81 7.86 28.75
CA PHE CA 3 31.28 7.74 30.12
C PHE CA 3 30.11 7.36 31.02
N GLU CA 4 30.26 7.63 32.32
CA GLU CA 4 29.48 7.00 33.40
C GLU CA 4 29.86 5.53 33.57
N GLU CA 5 31.15 5.24 33.36
CA GLU CA 5 31.69 3.89 33.45
C GLU CA 5 31.01 2.94 32.50
N ASN CA 6 30.55 3.46 31.35
CA ASN CA 6 29.86 2.67 30.34
C ASN CA 6 28.67 1.93 30.95
N LEU CA 7 27.93 2.62 31.82
CA LEU CA 7 26.80 1.99 32.49
C LEU CA 7 25.71 1.62 31.50
N TYR CA 8 25.44 2.49 30.54
CA TYR CA 8 24.40 2.24 29.54
C TYR CA 8 24.91 2.26 28.11
N CYS CA 9 25.83 3.16 27.77
CA CYS CA 9 26.42 3.20 26.44
C CYS CA 9 27.78 2.52 26.48
N ASP CA 10 27.94 1.47 25.68
CA ASP CA 10 29.18 0.70 25.62
C ASP CA 10 29.95 1.06 24.37
N TYR CA 11 31.24 1.36 24.53
CA TYR CA 11 32.08 1.81 23.43
C TYR CA 11 33.31 0.96 23.19
N THR CA 12 33.53 -0.09 23.98
CA THR CA 12 34.71 -0.92 23.79
C THR CA 12 34.56 -1.75 22.52
N PRO CA 13 35.46 -1.62 21.55
CA PRO CA 13 35.33 -2.41 20.32
C PRO CA 13 35.98 -3.78 20.43
N GLY CA 14 35.18 -4.83 20.33
CA GLY CA 14 35.70 -6.19 20.34
C GLY CA 14 35.69 -6.79 18.95
N ALA CA 15 34.69 -6.42 18.16
CA ALA CA 15 34.56 -6.88 16.78
C ALA CA 15 33.66 -5.90 16.05
N ALA CA 16 33.39 -6.18 14.78
CA ALA CA 16 32.51 -5.33 13.97
C ALA CA 16 31.05 -5.77 14.05
N LYS CA 17 30.79 -7.08 14.06
CA LYS CA 17 29.47 -7.68 14.21
C LYS CA 17 28.58 -7.40 13.00
N ALA CA 18 29.08 -6.58 12.07
CA ALA CA 18 28.38 -6.24 10.84
C ALA CA 18 29.32 -5.43 9.96
N VAL CA 19 29.19 -5.60 8.66
CA VAL CA 19 29.98 -4.85 7.68
C VAL CA 19 29.01 -4.25 6.67
N ALA CA 20 29.08 -2.93 6.50
CA ALA CA 20 28.24 -2.27 5.52
C ALA CA 20 28.63 -2.73 4.11
N GLY CA 21 27.61 -3.01 3.29
CA GLY CA 21 27.88 -3.52 1.96
C GLY CA 21 28.57 -2.51 1.06
N LYS CA 22 28.38 -1.22 1.33
CA LYS CA 22 29.02 -0.19 0.53
C LYS CA 22 30.52 -0.12 0.76
N ASP CA 23 31.04 -0.80 1.78
CA ASP CA 23 32.47 -0.81 2.07
C ASP CA 23 33.23 -1.88 1.30
N VAL CA 24 32.52 -2.78 0.62
CA VAL CA 24 33.14 -3.86 -0.15
C VAL CA 24 32.98 -3.54 -1.63
N ILE CA 25 34.10 -3.52 -2.35
CA ILE CA 25 34.11 -3.16 -3.76
C ILE CA 25 34.89 -4.20 -4.55
N LEU CA 26 34.65 -4.19 -5.86
CA LEU CA 26 35.36 -5.05 -6.80
C LEU CA 26 36.26 -4.19 -7.67
N ALA CA 27 37.52 -4.59 -7.81
CA ALA CA 27 38.50 -3.85 -8.58
C ALA CA 27 39.14 -4.78 -9.61
N VAL CA 28 39.53 -4.20 -10.73
CA VAL CA 28 40.19 -4.91 -11.81
C VAL CA 28 41.56 -4.29 -12.04
N PHE CA 29 42.57 -5.13 -12.22
CA PHE CA 29 43.90 -4.61 -12.51
C PHE CA 29 43.96 -4.04 -13.92
N ASN CA 30 44.80 -3.02 -14.09
CA ASN CA 30 44.97 -2.39 -15.39
C ASN CA 30 45.55 -3.40 -16.39
N ALA CA 31 45.41 -3.08 -17.67
CA ALA CA 31 45.94 -3.95 -18.71
C ALA CA 31 47.44 -4.14 -18.56
N ALA CA 32 48.15 -3.07 -18.22
CA ALA CA 32 49.58 -3.19 -17.93
C ALA CA 32 49.84 -3.82 -16.57
N GLY CA 33 48.86 -3.80 -15.67
CA GLY CA 33 49.02 -4.36 -14.35
C GLY CA 33 49.59 -3.42 -13.32
N ASP CA 34 49.99 -2.20 -13.71
CA ASP CA 34 50.56 -1.26 -12.77
C ASP CA 34 49.50 -0.73 -11.81
N LYS CA 35 48.29 -0.51 -12.31
CA LYS CA 35 47.21 0.07 -11.53
C LYS CA 35 46.07 -0.94 -11.38
N LEU CA 36 45.32 -0.79 -10.29
CA LEU CA 36 44.06 -1.49 -10.10
C LEU CA 36 42.97 -0.46 -9.82
N LEU CA 37 41.85 -0.59 -10.52
CA LEU CA 37 40.80 0.41 -10.48
C LEU CA 37 39.49 -0.24 -10.04
N ALA CA 38 38.77 0.45 -9.16
CA ALA CA 38 37.43 0.02 -8.81
C ALA CA 38 36.47 0.31 -9.95
N VAL CA 39 35.56 -0.62 -10.21
CA VAL CA 39 34.57 -0.44 -11.27
C VAL CA 39 33.65 0.71 -10.88
N ALA CA 40 33.58 1.73 -11.74
CA ALA CA 40 32.81 2.92 -11.41
C ALA CA 40 31.32 2.62 -11.38
N GLY CA 41 30.64 3.19 -10.40
CA GLY CA 41 29.21 3.05 -10.30
C GLY CA 41 28.71 1.74 -9.72
N GLN CA 42 29.51 1.07 -8.89
CA GLN CA 42 29.09 -0.20 -8.32
C GLN CA 42 27.87 -0.01 -7.43
N GLN CA 43 26.90 -0.90 -7.58
CA GLN CA 43 25.70 -0.90 -6.75
C GLN CA 43 25.44 -2.26 -6.11
N GLY CA 44 25.73 -3.35 -6.83
CA GLY CA 44 25.52 -4.68 -6.28
C GLY CA 44 26.65 -5.62 -6.64
N LEU CA 45 27.10 -6.43 -5.68
CA LEU CA 45 28.19 -7.35 -5.88
C LEU CA 45 27.86 -8.68 -5.22
N THR CA 46 28.15 -9.77 -5.93
CA THR CA 46 27.92 -11.12 -5.43
C THR CA 46 29.08 -12.00 -5.85
N VAL CA 47 29.57 -12.83 -4.94
CA VAL CA 47 30.62 -13.79 -5.22
C VAL CA 47 30.07 -15.17 -4.88
N ASN CA 48 30.09 -16.07 -5.86
CA ASN CA 48 29.57 -17.42 -5.69
C ASN CA 48 30.72 -18.41 -5.74
N ARG CA 49 30.82 -19.25 -4.71
CA ARG CA 49 31.80 -20.32 -4.64
C ARG CA 49 31.06 -21.63 -4.46
N SER CA 50 31.24 -22.54 -5.41
CA SER CA 50 30.49 -23.80 -5.41
C SER CA 50 31.46 -24.97 -5.50
N LYS CA 51 30.99 -26.12 -5.06
CA LYS CA 51 31.77 -27.35 -5.04
C LYS CA 51 30.91 -28.49 -5.57
N ASP CA 52 31.52 -29.37 -6.36
CA ASP CA 52 30.81 -30.51 -6.89
C ASP CA 52 30.53 -31.53 -5.79
N SER CA 53 29.50 -32.35 -6.01
CA SER CA 53 29.08 -33.36 -5.06
C SER CA 53 29.12 -34.72 -5.75
N ILE CA 54 30.00 -35.61 -5.28
CA ILE CA 54 30.10 -36.96 -5.78
C ILE CA 54 29.33 -37.87 -4.83
N GLU CA 55 28.38 -38.63 -5.38
CA GLU CA 55 27.54 -39.50 -4.58
C GLU CA 55 28.25 -40.83 -4.36
N ILE CA 56 28.50 -41.16 -3.09
CA ILE CA 56 29.18 -42.40 -2.74
C ILE CA 56 28.27 -43.23 -1.83
N THR CA 57 26.97 -43.12 -2.04
CA THR CA 57 26.00 -43.81 -1.20
C THR CA 57 26.27 -45.31 -1.19
N SER CA 58 26.40 -45.88 0.01
CA SER CA 58 26.67 -47.29 0.19
C SER CA 58 25.41 -47.96 0.73
N LYS CA 59 24.74 -48.75 -0.11
CA LYS CA 59 23.51 -49.40 0.29
C LYS CA 59 23.72 -50.53 1.28
N ASP CA 60 24.96 -50.95 1.50
CA ASP CA 60 25.25 -52.07 2.40
C ASP CA 60 25.54 -51.63 3.82
N THR CA 61 25.46 -50.33 4.11
CA THR CA 61 25.70 -49.81 5.45
C THR CA 61 24.37 -49.63 6.17
N VAL CA 62 24.32 -50.10 7.42
CA VAL CA 62 23.08 -50.01 8.19
C VAL CA 62 22.71 -48.54 8.40
N GLY CA 63 21.44 -48.23 8.18
CA GLY CA 63 20.95 -46.86 8.33
C GLY CA 63 20.14 -46.39 7.15
N GLY CA 64 20.53 -46.81 5.95
CA GLY CA 64 19.81 -46.39 4.75
C GLY CA 64 19.89 -44.91 4.47
N TRP CA 65 21.07 -44.32 4.61
CA TRP CA 65 21.28 -42.90 4.40
C TRP CA 65 22.19 -42.67 3.21
N LYS CA 66 21.83 -41.71 2.37
CA LYS CA 66 22.68 -41.34 1.24
C LYS CA 66 23.91 -40.59 1.75
N SER CA 67 24.99 -40.68 0.97
CA SER CA 67 26.24 -40.02 1.31
C SER CA 67 26.81 -39.34 0.09
N LYS CA 68 27.42 -38.18 0.32
CA LYS CA 68 28.05 -37.40 -0.74
C LYS CA 68 29.33 -36.77 -0.22
N ILE CA 69 30.29 -36.58 -1.13
CA ILE CA 69 31.58 -35.98 -0.79
C ILE CA 69 31.88 -34.85 -1.77
N GLY CA 70 32.82 -34.00 -1.37
CA GLY CA 70 33.13 -32.81 -2.15
C GLY CA 70 33.99 -33.14 -3.36
N GLY CA 71 33.71 -32.42 -4.46
CA GLY CA 71 34.48 -32.57 -5.67
C GLY CA 71 35.33 -31.36 -5.98
N MET CA 72 35.38 -30.96 -7.25
CA MET CA 72 36.15 -29.79 -7.65
C MET CA 72 35.35 -28.53 -7.41
N LYS CA 73 36.08 -27.44 -7.16
CA LYS CA 73 35.48 -26.16 -6.83
C LYS CA 73 35.48 -25.21 -8.03
N GLU CA 74 34.59 -24.23 -7.98
CA GLU CA 74 34.49 -23.21 -9.01
C GLU CA 74 33.96 -21.93 -8.39
N TRP CA 75 34.18 -20.81 -9.08
CA TRP CA 75 33.76 -19.53 -8.53
C TRP CA 75 33.44 -18.53 -9.63
N SER CA 76 32.55 -17.61 -9.31
CA SER CA 76 32.11 -16.57 -10.23
C SER CA 76 31.78 -15.32 -9.45
N ILE CA 77 31.76 -14.19 -10.14
CA ILE CA 77 31.47 -12.90 -9.55
C ILE CA 77 30.49 -12.15 -10.45
N GLU CA 78 29.39 -11.69 -9.87
CA GLU CA 78 28.39 -10.89 -10.58
C GLU CA 78 28.36 -9.49 -9.99
N ASN CA 79 28.55 -8.49 -10.85
CA ASN CA 79 28.54 -7.10 -10.42
C ASN CA 79 27.55 -6.33 -11.27
N ASP CA 80 26.96 -5.28 -10.69
CA ASP CA 80 26.01 -4.47 -11.41
C ASP CA 80 25.97 -3.08 -10.82
N GLY CA 81 25.60 -2.10 -11.64
CA GLY CA 81 25.52 -0.74 -11.15
C GLY CA 81 25.24 0.24 -12.26
N LEU CA 82 25.62 1.49 -12.03
CA LEU CA 82 25.44 2.54 -13.03
C LEU CA 82 26.59 2.52 -14.03
N TYR CA 83 26.26 2.82 -15.29
CA TYR CA 83 27.22 2.72 -16.38
C TYR CA 83 27.59 4.11 -16.89
N VAL CA 84 28.88 4.38 -16.95
CA VAL CA 84 29.41 5.58 -17.60
C VAL CA 84 30.47 5.11 -18.60
N ALA CA 85 30.28 5.47 -19.87
CA ALA CA 85 31.14 4.94 -20.92
C ALA CA 85 32.57 5.45 -20.79
N ASP CA 86 32.76 6.72 -20.44
CA ASP CA 86 34.09 7.31 -20.41
C ASP CA 86 34.89 6.93 -19.18
N ALA CA 87 34.29 6.23 -18.22
CA ALA CA 87 35.06 5.77 -17.06
C ALA CA 87 36.14 4.80 -17.50
N GLU CA 88 37.36 5.01 -16.99
CA GLU CA 88 38.50 4.22 -17.44
C GLU CA 88 38.36 2.75 -17.03
N SER CA 89 37.69 2.49 -15.91
CA SER CA 89 37.46 1.10 -15.50
C SER CA 89 36.59 0.37 -16.51
N HIS CA 90 35.54 1.04 -17.01
CA HIS CA 90 34.69 0.43 -18.02
C HIS CA 90 35.43 0.24 -19.34
N LYS CA 91 36.31 1.18 -19.69
CA LYS CA 91 37.13 1.00 -20.88
C LYS CA 91 38.06 -0.21 -20.74
N GLU CA 92 38.66 -0.37 -19.56
CA GLU CA 92 39.49 -1.55 -19.32
C GLU CA 92 38.66 -2.83 -19.40
N LEU CA 93 37.44 -2.81 -18.86
CA LEU CA 93 36.58 -3.99 -18.95
C LEU CA 93 36.24 -4.32 -20.40
N ALA CA 94 35.95 -3.29 -21.20
CA ALA CA 94 35.66 -3.52 -22.61
C ALA CA 94 36.87 -4.09 -23.34
N LYS CA 95 38.07 -3.56 -23.04
CA LYS CA 95 39.28 -4.09 -23.65
C LYS CA 95 39.51 -5.54 -23.26
N TYR CA 96 39.28 -5.87 -21.99
CA TYR CA 96 39.44 -7.25 -21.53
C TYR CA 96 38.45 -8.17 -22.22
N PHE CA 97 37.20 -7.72 -22.36
CA PHE CA 97 36.19 -8.54 -23.03
C PHE CA 97 36.55 -8.77 -24.50
N GLU CA 98 37.03 -7.74 -25.18
CA GLU CA 98 37.35 -7.87 -26.60
C GLU CA 98 38.59 -8.73 -26.80
N SER CA 99 39.62 -8.54 -25.97
CA SER CA 99 40.92 -9.17 -26.20
C SER CA 99 40.98 -10.63 -25.79
N ASP CA 100 39.96 -11.14 -25.08
CA ASP CA 100 39.94 -12.53 -24.61
C ASP CA 100 41.17 -12.84 -23.75
N SER CA 101 41.55 -11.89 -22.91
CA SER CA 101 42.69 -12.02 -22.02
C SER CA 101 42.22 -12.16 -20.57
N PRO CA 102 42.98 -12.85 -19.72
CA PRO CA 102 42.62 -12.94 -18.31
C PRO CA 102 42.57 -11.57 -17.66
N VAL CA 103 41.62 -11.38 -16.76
CA VAL CA 103 41.53 -10.14 -15.99
C VAL CA 103 41.76 -10.48 -14.52
N CYS CA 104 42.69 -9.74 -13.89
CA CYS CA 104 42.99 -9.93 -12.48
C CYS CA 104 41.94 -9.17 -11.67
N VAL CA 105 41.11 -9.90 -10.95
CA VAL CA 105 39.98 -9.34 -10.21
C VAL CA 105 40.27 -9.47 -8.73
N LYS CA 106 39.92 -8.44 -7.96
CA LYS CA 106 40.22 -8.43 -6.53
C LYS CA 106 39.08 -7.75 -5.79
N ILE CA 107 38.56 -8.42 -4.77
CA ILE CA 107 37.51 -7.90 -3.91
C ILE CA 107 38.17 -7.30 -2.68
N ILE CA 108 37.93 -6.00 -2.47
CA ILE CA 108 38.60 -5.20 -1.44
C ILE CA 108 37.54 -4.72 -0.45
N ASN CA 109 37.89 -4.71 0.83
CA ASN CA 109 37.14 -3.95 1.83
C ASN CA 109 37.73 -2.55 1.85
N GLN CA 110 37.10 -1.63 1.11
CA GLN CA 110 37.68 -0.32 0.89
C GLN CA 110 37.68 0.55 2.15
N ALA CA 111 36.88 0.20 3.15
CA ALA CA 111 36.82 1.01 4.36
C ALA CA 111 37.84 0.57 5.41
N SER CA 112 38.00 -0.74 5.60
CA SER CA 112 38.92 -1.26 6.60
C SER CA 112 40.35 -1.41 6.07
N LYS CA 113 40.60 -1.04 4.81
CA LYS CA 113 41.92 -1.15 4.21
C LYS CA 113 42.45 -2.59 4.25
N LYS CA 114 41.55 -3.55 4.03
CA LYS CA 114 41.92 -4.96 4.01
C LYS CA 114 41.39 -5.61 2.74
N GLY CA 115 42.21 -6.47 2.14
CA GLY CA 115 41.75 -7.23 0.99
C GLY CA 115 40.89 -8.42 1.41
N LEU CA 116 40.01 -8.83 0.51
CA LEU CA 116 39.10 -9.94 0.78
C LEU CA 116 39.34 -11.12 -0.14
N PHE CA 117 39.35 -10.91 -1.45
CA PHE CA 117 39.50 -12.02 -2.39
C PHE CA 117 40.31 -11.57 -3.60
N GLY CA 118 40.85 -12.54 -4.32
CA GLY CA 118 41.61 -12.26 -5.52
C GLY CA 118 41.65 -13.46 -6.44
N GLY CA 119 41.78 -13.21 -7.73
CA GLY CA 119 41.88 -14.30 -8.67
C GLY CA 119 41.96 -13.77 -10.10
N LEU CA 120 41.96 -14.73 -11.03
CA LEU CA 120 41.93 -14.44 -12.46
C LEU CA 120 40.60 -14.89 -13.04
N ALA CA 121 40.05 -14.10 -13.95
CA ALA CA 121 38.71 -14.38 -14.44
C ALA CA 121 38.60 -14.08 -15.93
N ILE CA 122 37.54 -14.63 -16.52
CA ILE CA 122 37.08 -14.28 -17.87
C ILE CA 122 35.81 -13.47 -17.70
N VAL CA 123 35.61 -12.51 -18.61
CA VAL CA 123 34.41 -11.67 -18.62
C VAL CA 123 33.39 -12.41 -19.49
N ALA CA 124 32.51 -13.18 -18.83
CA ALA CA 124 31.55 -14.00 -19.55
C ALA CA 124 30.30 -13.25 -19.96
N ASP CA 125 30.08 -12.04 -19.44
CA ASP CA 125 28.89 -11.28 -19.78
C ASP CA 125 29.14 -9.80 -19.52
N TYR CA 126 28.58 -8.95 -20.38
CA TYR CA 126 28.73 -7.50 -20.23
C TYR CA 126 27.54 -6.86 -20.95
N SER CA 127 26.53 -6.45 -20.18
CA SER CA 127 25.28 -5.96 -20.74
C SER CA 127 24.91 -4.63 -20.12
N PHE CA 128 24.10 -3.87 -20.84
CA PHE CA 128 23.66 -2.55 -20.41
C PHE CA 128 22.16 -2.41 -20.65
N GLU CA 129 21.52 -1.58 -19.83
CA GLU CA 129 20.11 -1.26 -19.96
C GLU CA 129 19.93 0.25 -19.89
N ALA CA 130 19.03 0.78 -20.71
CA ALA CA 130 18.79 2.22 -20.79
C ALA CA 130 17.28 2.49 -20.73
N PRO CA 131 16.68 2.37 -19.55
CA PRO CA 131 15.27 2.75 -19.42
C PRO CA 131 15.09 4.24 -19.64
N PHE CA 132 13.96 4.61 -20.23
CA PHE CA 132 13.73 6.00 -20.61
C PHE CA 132 13.48 6.91 -19.41
N ASP CA 133 13.22 6.35 -18.23
CA ASP CA 133 12.91 7.15 -17.04
C ASP CA 133 13.94 6.98 -15.93
N GLU CA 134 15.03 6.25 -16.17
CA GLU CA 134 16.06 6.05 -15.15
C GLU CA 134 17.45 6.28 -15.74
N ALA CA 135 18.48 5.98 -14.97
CA ALA CA 135 19.84 6.09 -15.42
C ALA CA 135 20.29 4.78 -16.07
N MET CA 136 21.14 4.90 -17.09
CA MET CA 136 21.62 3.74 -17.81
C MET CA 136 22.50 2.89 -16.89
N THR CA 137 22.24 1.58 -16.86
CA THR CA 137 22.92 0.66 -15.96
C THR CA 137 23.80 -0.31 -16.74
N TYR CA 138 24.53 -1.11 -15.98
CA TYR CA 138 25.41 -2.13 -16.54
C TYR CA 138 25.46 -3.32 -15.58
N SER CA 139 25.71 -4.49 -16.15
CA SER CA 139 25.89 -5.72 -15.39
C SER CA 139 26.99 -6.54 -16.03
N VAL CA 140 27.86 -7.11 -15.20
CA VAL CA 140 29.01 -7.88 -15.67
C VAL CA 140 29.09 -9.16 -14.86
N LYS CA 141 29.52 -10.23 -15.53
CA LYS CA 141 29.71 -11.54 -14.91
C LYS CA 141 31.10 -12.05 -15.25
N LEU CA 142 31.80 -12.57 -14.24
CA LEU CA 142 33.16 -13.07 -14.41
C LEU CA 142 33.23 -14.50 -13.88
N ASP CA 143 33.92 -15.35 -14.61
CA ASP CA 143 34.10 -16.75 -14.24
C ASP CA 143 35.58 -17.02 -13.96
N GLY CA 144 35.86 -17.77 -12.89
CA GLY CA 144 37.24 -18.02 -12.54
C GLY CA 144 37.87 -19.13 -13.38
N MET CA 145 39.16 -18.97 -13.66
CA MET CA 145 39.95 -20.00 -14.33
C MET CA 145 40.71 -20.88 -13.36
N GLY CA 146 40.59 -20.65 -12.06
CA GLY CA 146 41.34 -21.43 -11.11
C GLY CA 146 41.07 -21.06 -9.66
N ALA CA 147 42.11 -21.16 -8.83
CA ALA CA 147 41.93 -20.91 -7.41
C ALA CA 147 41.59 -19.44 -7.17
N LEU CA 148 40.62 -19.22 -6.28
CA LEU CA 148 40.27 -17.89 -5.80
C LEU CA 148 40.92 -17.72 -4.44
N VAL CA 149 41.95 -16.88 -4.37
CA VAL CA 149 42.72 -16.74 -3.15
C VAL CA 149 41.87 -16.07 -2.08
N ASP CA 150 41.77 -16.72 -0.92
CA ASP CA 150 40.98 -16.22 0.20
C ASP CA 150 41.93 -15.46 1.12
N LEU CA 151 42.08 -14.15 0.84
CA LEU CA 151 43.04 -13.34 1.59
C LEU CA 151 42.68 -13.19 3.05
N THR CA 152 41.45 -13.51 3.44
CA THR CA 152 41.06 -13.39 4.85
C THR CA 152 41.86 -14.34 5.73
N ILE CA 153 42.08 -15.57 5.26
CA ILE CA 153 42.77 -16.55 6.08
C ILE CA 153 44.29 -16.54 5.85
N THR CA 154 44.74 -16.18 4.65
CA THR CA 154 46.17 -16.07 4.39
C THR CA 154 46.61 -14.63 4.63
N GLU CA 155 47.84 -14.31 4.21
CA GLU CA 155 48.42 -12.99 4.44
C GLU CA 155 48.76 -12.33 3.10
N GLY CA 156 48.64 -11.01 3.08
CA GLY CA 156 48.97 -10.22 1.91
C GLY CA 156 47.75 -9.72 1.17
N GLY CA 157 47.97 -9.31 -0.07
CA GLY CA 157 46.91 -8.82 -0.92
C GLY CA 157 46.26 -7.54 -0.44
N ASP CA 158 47.07 -6.55 -0.06
CA ASP CA 158 46.57 -5.26 0.41
C ASP CA 158 46.93 -4.12 -0.53
N GLN CA 159 47.17 -4.42 -1.81
CA GLN CA 159 47.45 -3.38 -2.78
C GLN CA 159 46.14 -2.81 -3.31
N MET CA 160 45.89 -1.54 -3.03
CA MET CA 160 44.63 -0.87 -3.35
C MET CA 160 44.89 0.48 -4.00
N PRO CA 161 43.95 0.99 -4.80
CA PRO CA 161 44.14 2.26 -5.50
C PRO CA 161 44.24 3.45 -4.56
N MET DA 1 28.47 -51.09 7.69
CA MET DA 1 29.57 -51.03 6.74
C MET DA 1 29.75 -52.37 6.03
N SER DA 2 30.43 -52.34 4.88
CA SER DA 2 30.67 -53.52 4.07
C SER DA 2 32.15 -53.65 3.79
N ASP DA 3 32.56 -54.88 3.48
CA ASP DA 3 33.95 -55.16 3.16
C ASP DA 3 34.00 -56.39 2.27
N LEU DA 4 35.16 -56.56 1.62
CA LEU DA 4 35.39 -57.70 0.74
C LEU DA 4 36.69 -58.36 1.15
N PHE DA 5 36.63 -59.67 1.43
CA PHE DA 5 37.79 -60.44 1.85
C PHE DA 5 38.26 -61.30 0.69
N LEU DA 6 39.56 -61.28 0.43
CA LEU DA 6 40.18 -62.02 -0.66
C LEU DA 6 41.21 -62.98 -0.09
N GLU DA 7 41.05 -64.27 -0.39
CA GLU DA 7 42.01 -65.29 -0.03
C GLU DA 7 42.81 -65.66 -1.28
N LEU DA 8 44.12 -65.43 -1.22
CA LEU DA 8 45.02 -65.73 -2.33
C LEU DA 8 46.39 -66.08 -1.77
N ASN DA 9 47.06 -67.01 -2.46
CA ASN DA 9 48.36 -67.54 -2.09
C ASN DA 9 48.47 -67.81 -0.59
N GLY DA 10 47.43 -68.42 -0.01
CA GLY DA 10 47.47 -68.81 1.38
C GLY DA 10 47.31 -67.70 2.39
N LYS DA 11 46.91 -66.50 1.96
CA LYS DA 11 46.74 -65.37 2.85
C LYS DA 11 45.39 -64.72 2.61
N VAL DA 12 44.81 -64.20 3.69
CA VAL DA 12 43.50 -63.54 3.64
C VAL DA 12 43.72 -62.05 3.85
N HIS DA 13 43.24 -61.25 2.90
CA HIS DA 13 43.35 -59.80 2.95
C HIS DA 13 41.97 -59.18 2.97
N SER DA 14 41.87 -58.02 3.60
CA SER DA 14 40.65 -57.21 3.57
C SER DA 14 40.86 -56.04 2.61
N LEU DA 15 39.91 -55.86 1.70
CA LEU DA 15 40.08 -54.82 0.68
C LEU DA 15 40.15 -53.43 1.31
N SER DA 16 39.31 -53.17 2.31
CA SER DA 16 39.34 -51.89 2.98
C SER DA 16 40.56 -51.72 3.88
N GLU DA 17 41.25 -52.81 4.20
CA GLU DA 17 42.42 -52.77 5.08
C GLU DA 17 43.73 -52.73 4.32
N THR DA 18 43.84 -53.48 3.21
CA THR DA 18 45.05 -53.44 2.41
C THR DA 18 45.26 -52.05 1.80
N PHE DA 19 44.18 -51.44 1.32
CA PHE DA 19 44.23 -50.08 0.77
C PHE DA 19 43.39 -49.17 1.65
N PRO DA 20 44.02 -48.35 2.51
CA PRO DA 20 43.23 -47.52 3.43
C PRO DA 20 42.26 -46.58 2.74
N GLY DA 21 42.64 -46.03 1.58
CA GLY DA 21 41.75 -45.12 0.88
C GLY DA 21 40.55 -45.80 0.25
N LEU DA 22 40.66 -47.08 -0.06
CA LEU DA 22 39.57 -47.80 -0.70
C LEU DA 22 38.50 -48.18 0.31
N SER DA 23 37.24 -48.04 -0.09
CA SER DA 23 36.11 -48.39 0.76
C SER DA 23 35.02 -49.00 -0.10
N VAL DA 24 34.58 -50.20 0.27
CA VAL DA 24 33.58 -50.93 -0.50
C VAL DA 24 32.21 -50.35 -0.17
N GLN DA 25 31.49 -49.90 -1.20
CA GLN DA 25 30.16 -49.34 -1.01
C GLN DA 25 29.08 -50.42 -1.01
N GLU DA 26 29.05 -51.25 -2.06
CA GLU DA 26 27.97 -52.21 -2.20
C GLU DA 26 28.48 -53.47 -2.89
N VAL DA 27 27.93 -54.62 -2.51
CA VAL DA 27 28.30 -55.91 -3.08
C VAL DA 27 27.04 -56.57 -3.62
N SER DA 28 27.17 -57.20 -4.79
CA SER DA 28 26.05 -57.88 -5.42
C SER DA 28 26.58 -59.00 -6.29
N ARG DA 29 25.68 -59.86 -6.75
CA ARG DA 29 26.05 -60.98 -7.59
C ARG DA 29 25.04 -61.13 -8.73
N GLN DA 30 25.52 -61.61 -9.87
CA GLN DA 30 24.66 -61.88 -11.01
C GLN DA 30 23.85 -63.16 -10.76
N SER DA 31 22.73 -63.26 -11.47
CA SER DA 31 21.93 -64.46 -11.41
C SER DA 31 22.63 -65.61 -12.11
N PRO DA 32 22.33 -66.86 -11.74
CA PRO DA 32 22.90 -67.99 -12.46
C PRO DA 32 22.55 -67.92 -13.94
N GLN DA 33 23.54 -68.21 -14.78
CA GLN DA 33 23.40 -68.09 -16.23
C GLN DA 33 23.01 -69.46 -16.77
N LEU DA 34 21.71 -69.73 -16.84
CA LEU DA 34 21.24 -71.02 -17.33
C LEU DA 34 21.33 -71.06 -18.84
N SER DA 35 22.29 -71.81 -19.37
CA SER DA 35 22.44 -72.03 -20.79
C SER DA 35 21.82 -73.38 -21.16
N MET DA 36 21.27 -73.44 -22.36
CA MET DA 36 20.50 -74.61 -22.77
C MET DA 36 20.37 -74.61 -24.28
N GLU DA 37 20.70 -75.74 -24.91
CA GLU DA 37 20.65 -75.89 -26.36
C GLU DA 37 19.28 -76.39 -26.76
N THR DA 38 18.72 -75.82 -27.82
CA THR DA 38 17.39 -76.15 -28.31
C THR DA 38 17.47 -76.68 -29.73
N ALA DA 39 16.70 -77.72 -30.00
CA ALA DA 39 16.61 -78.32 -31.33
C ALA DA 39 15.21 -78.15 -31.88
N GLU DA 40 15.10 -77.77 -33.14
CA GLU DA 40 13.83 -77.56 -33.81
C GLU DA 40 13.52 -78.73 -34.73
N ILE DA 41 12.27 -79.17 -34.73
CA ILE DA 41 11.79 -80.22 -35.60
C ILE DA 41 10.75 -79.62 -36.54
N ALA DA 42 10.97 -79.77 -37.85
CA ALA DA 42 10.04 -79.24 -38.83
C ALA DA 42 8.70 -79.95 -38.72
N GLY DA 43 7.62 -79.19 -38.85
CA GLY DA 43 6.29 -79.72 -38.76
C GLY DA 43 5.69 -79.76 -37.37
N THR DA 44 6.47 -79.46 -36.34
CA THR DA 44 5.99 -79.48 -34.96
C THR DA 44 6.26 -78.12 -34.31
N ASP DA 45 5.53 -77.87 -33.22
CA ASP DA 45 5.65 -76.61 -32.50
C ASP DA 45 6.74 -76.67 -31.44
N GLY DA 46 7.30 -75.51 -31.14
CA GLY DA 46 8.26 -75.41 -30.05
C GLY DA 46 9.61 -76.03 -30.38
N VAL DA 47 10.40 -76.22 -29.32
CA VAL DA 47 11.74 -76.75 -29.42
C VAL DA 47 11.92 -77.84 -28.37
N ILE DA 48 12.92 -78.68 -28.58
CA ILE DA 48 13.32 -79.72 -27.63
C ILE DA 48 14.62 -79.26 -26.97
N PRO DA 49 14.64 -79.10 -25.64
CA PRO DA 49 15.87 -78.63 -24.98
C PRO DA 49 16.78 -79.77 -24.56
N GLY DA 50 18.09 -79.53 -24.72
CA GLY DA 50 19.09 -80.46 -24.26
C GLY DA 50 19.36 -80.29 -22.78
N MET DA 51 20.43 -80.93 -22.33
CA MET DA 51 20.83 -80.80 -20.94
C MET DA 51 21.25 -79.36 -20.64
N THR DA 52 20.79 -78.85 -19.51
CA THR DA 52 21.06 -77.47 -19.13
C THR DA 52 22.40 -77.38 -18.40
N GLN DA 53 23.08 -76.26 -18.57
CA GLN DA 53 24.34 -75.99 -17.91
C GLN DA 53 24.30 -74.59 -17.32
N PHE DA 54 25.30 -74.27 -16.50
CA PHE DA 54 25.38 -72.97 -15.84
C PHE DA 54 26.69 -72.30 -16.23
N LYS DA 55 26.59 -71.20 -16.95
CA LYS DA 55 27.76 -70.46 -17.40
C LYS DA 55 28.42 -69.73 -16.23
N PRO DA 56 29.68 -69.33 -16.40
CA PRO DA 56 30.30 -68.48 -15.38
C PRO DA 56 29.53 -67.20 -15.19
N PHE DA 57 29.44 -66.74 -13.95
CA PHE DA 57 28.68 -65.53 -13.66
C PHE DA 57 29.59 -64.46 -13.04
N ILE DA 58 29.01 -63.34 -12.64
CA ILE DA 58 29.76 -62.16 -12.26
C ILE DA 58 29.39 -61.75 -10.84
N PHE DA 59 30.40 -61.55 -10.01
CA PHE DA 59 30.25 -60.99 -8.67
C PHE DA 59 30.79 -59.57 -8.69
N SER DA 60 29.94 -58.59 -8.40
CA SER DA 60 30.29 -57.19 -8.55
C SER DA 60 30.39 -56.52 -7.19
N ALA DA 61 31.30 -55.55 -7.09
CA ALA DA 61 31.49 -54.76 -5.88
C ALA DA 61 31.76 -53.33 -6.28
N LYS DA 62 30.81 -52.44 -6.04
CA LYS DA 62 30.99 -51.03 -6.31
C LYS DA 62 31.64 -50.36 -5.11
N CYS DA 63 32.72 -49.62 -5.37
CA CYS DA 63 33.51 -49.01 -4.31
C CYS DA 63 34.06 -47.67 -4.81
N ASN DA 64 34.67 -46.94 -3.88
CA ASN DA 64 35.28 -45.65 -4.17
C ASN DA 64 36.63 -45.57 -3.49
N LEU DA 65 37.52 -44.77 -4.07
CA LEU DA 65 38.86 -44.53 -3.54
C LEU DA 65 39.02 -43.04 -3.29
N GLN DA 66 39.40 -42.69 -2.06
CA GLN DA 66 39.58 -41.31 -1.63
C GLN DA 66 41.05 -41.13 -1.23
N ALA DA 67 41.86 -40.74 -2.19
CA ALA DA 67 43.30 -40.61 -1.95
C ALA DA 67 43.61 -39.29 -1.26
N LEU DA 68 44.81 -39.21 -0.69
CA LEU DA 68 45.24 -37.98 -0.01
C LEU DA 68 45.58 -36.89 -1.02
N ASP DA 69 46.28 -37.24 -2.09
CA ASP DA 69 46.65 -36.27 -3.13
C ASP DA 69 46.89 -37.03 -4.43
N ILE DA 70 47.27 -36.28 -5.47
CA ILE DA 70 47.42 -36.87 -6.80
C ILE DA 70 48.48 -37.97 -6.83
N PRO DA 71 49.70 -37.78 -6.31
CA PRO DA 71 50.65 -38.90 -6.28
C PRO DA 71 50.12 -40.09 -5.52
N ASP DA 72 49.42 -39.85 -4.41
CA ASP DA 72 48.80 -40.96 -3.69
C ASP DA 72 47.74 -41.63 -4.53
N TYR DA 73 46.98 -40.85 -5.31
CA TYR DA 73 45.95 -41.43 -6.17
C TYR DA 73 46.58 -42.37 -7.20
N HIS DA 74 47.63 -41.91 -7.88
CA HIS DA 74 48.27 -42.76 -8.88
C HIS DA 74 48.92 -43.98 -8.24
N LEU DA 75 49.56 -43.80 -7.08
CA LEU DA 75 50.18 -44.93 -6.39
C LEU DA 75 49.13 -45.96 -5.98
N ALA DA 76 47.99 -45.50 -5.47
CA ALA DA 76 46.93 -46.41 -5.07
C ALA DA 76 46.34 -47.14 -6.27
N VAL DA 77 46.18 -46.44 -7.40
CA VAL DA 77 45.67 -47.09 -8.61
C VAL DA 77 46.63 -48.19 -9.04
N ARG DA 78 47.93 -47.89 -9.06
CA ARG DA 78 48.92 -48.90 -9.45
C ARG DA 78 48.91 -50.07 -8.47
N GLU DA 79 48.83 -49.80 -7.18
CA GLU DA 79 48.82 -50.86 -6.18
C GLU DA 79 47.61 -51.76 -6.33
N ILE DA 80 46.44 -51.16 -6.56
CA ILE DA 80 45.23 -51.95 -6.75
C ILE DA 80 45.33 -52.81 -8.00
N TYR DA 81 45.85 -52.24 -9.09
CA TYR DA 81 46.00 -53.02 -10.32
C TYR DA 81 46.96 -54.18 -10.11
N GLU DA 82 48.07 -53.95 -9.41
CA GLU DA 82 49.03 -55.03 -9.16
C GLU DA 82 48.43 -56.11 -8.27
N PHE DA 83 47.68 -55.71 -7.24
CA PHE DA 83 47.16 -56.67 -6.28
C PHE DA 83 46.04 -57.51 -6.87
N LEU DA 84 45.11 -56.87 -7.58
CA LEU DA 84 43.91 -57.58 -8.01
C LEU DA 84 44.21 -58.57 -9.14
N PHE DA 85 45.07 -58.18 -10.09
CA PHE DA 85 45.26 -58.95 -11.32
C PHE DA 85 46.44 -59.90 -11.16
N GLN DA 86 46.17 -61.07 -10.61
CA GLN DA 86 47.13 -62.16 -10.56
C GLN DA 86 46.89 -63.12 -11.72
N ARG DA 87 47.80 -64.07 -11.88
CA ARG DA 87 47.73 -65.03 -12.97
C ARG DA 87 46.93 -66.27 -12.62
N ASP DA 88 46.46 -66.39 -11.38
CA ASP DA 88 45.70 -67.55 -10.94
C ASP DA 88 44.48 -67.11 -10.16
N SER DA 89 43.46 -67.96 -10.15
CA SER DA 89 42.21 -67.65 -9.49
C SER DA 89 42.39 -67.57 -7.98
N TYR DA 90 41.48 -66.84 -7.33
CA TYR DA 90 41.54 -66.72 -5.88
C TYR DA 90 40.13 -66.59 -5.34
N TYR DA 91 39.98 -66.82 -4.04
CA TYR DA 91 38.66 -66.85 -3.44
C TYR DA 91 38.30 -65.48 -2.89
N ILE DA 92 37.00 -65.16 -2.90
CA ILE DA 92 36.50 -63.90 -2.35
C ILE DA 92 35.21 -64.17 -1.59
N TRP DA 93 34.93 -63.31 -0.62
CA TRP DA 93 33.66 -63.34 0.09
C TRP DA 93 33.42 -61.97 0.71
N SER DA 94 32.27 -61.83 1.36
CA SER DA 94 31.85 -60.57 1.96
C SER DA 94 31.33 -60.80 3.36
N ASP DA 95 31.36 -59.73 4.16
CA ASP DA 95 30.90 -59.83 5.55
C ASP DA 95 29.40 -60.07 5.64
N GLN DA 96 28.64 -59.64 4.63
CA GLN DA 96 27.19 -59.83 4.65
C GLN DA 96 26.82 -61.31 4.64
N MET DA 97 27.52 -62.10 3.84
CA MET DA 97 27.35 -63.55 3.80
C MET DA 97 28.71 -64.20 3.97
N PRO DA 98 29.25 -64.20 5.19
CA PRO DA 98 30.63 -64.68 5.37
C PRO DA 98 30.80 -66.17 5.18
N GLY DA 99 29.72 -66.95 5.20
CA GLY DA 99 29.85 -68.39 5.11
C GLY DA 99 29.96 -68.96 3.73
N ILE DA 100 30.00 -68.12 2.69
CA ILE DA 100 30.02 -68.59 1.30
C ILE DA 100 31.05 -67.78 0.54
N ARG DA 101 31.90 -68.48 -0.23
CA ARG DA 101 32.98 -67.85 -0.97
C ARG DA 101 32.90 -68.28 -2.44
N TYR DA 102 33.45 -67.43 -3.30
CA TYR DA 102 33.48 -67.67 -4.74
C TYR DA 102 34.93 -67.72 -5.20
N GLU DA 103 35.29 -68.76 -5.96
CA GLU DA 103 36.60 -68.83 -6.59
C GLU DA 103 36.51 -68.13 -7.94
N VAL DA 104 37.24 -67.01 -8.07
CA VAL DA 104 37.02 -66.07 -9.16
C VAL DA 104 38.35 -65.72 -9.83
N HIS DA 105 38.21 -65.13 -11.03
CA HIS DA 105 39.24 -64.45 -11.79
C HIS DA 105 38.85 -62.99 -11.98
N PRO DA 106 39.78 -62.06 -11.83
CA PRO DA 106 39.42 -60.64 -11.96
C PRO DA 106 39.02 -60.27 -13.38
N LYS DA 107 38.16 -59.26 -13.47
CA LYS DA 107 37.70 -58.70 -14.73
C LYS DA 107 38.23 -57.29 -14.91
N PRO DA 108 38.35 -56.81 -16.15
CA PRO DA 108 38.79 -55.43 -16.38
C PRO DA 108 37.86 -54.43 -15.70
N VAL DA 109 38.45 -53.43 -15.06
CA VAL DA 109 37.71 -52.38 -14.37
C VAL DA 109 38.31 -51.03 -14.75
N ASP DA 110 37.48 -50.02 -14.87
CA ASP DA 110 37.92 -48.68 -15.25
C ASP DA 110 37.67 -47.71 -14.11
N PHE DA 111 38.71 -46.98 -13.72
CA PHE DA 111 38.60 -45.98 -12.68
C PHE DA 111 37.93 -44.73 -13.23
N SER DA 112 36.82 -44.34 -12.62
CA SER DA 112 36.10 -43.13 -12.99
C SER DA 112 36.60 -42.00 -12.10
N ARG DA 113 37.55 -41.22 -12.62
CA ARG DA 113 38.15 -40.14 -11.85
C ARG DA 113 37.18 -38.96 -11.81
N GLU DA 114 36.62 -38.71 -10.63
CA GLU DA 114 35.70 -37.60 -10.45
C GLU DA 114 36.41 -36.31 -10.09
N SER DA 115 37.21 -36.33 -9.03
CA SER DA 115 38.02 -35.18 -8.65
C SER DA 115 39.50 -35.54 -8.72
N ASP DA 116 40.37 -34.63 -8.27
CA ASP DA 116 41.80 -34.88 -8.31
C ASP DA 116 42.23 -36.01 -7.37
N ARG DA 117 41.41 -36.34 -6.37
CA ARG DA 117 41.78 -37.35 -5.39
C ARG DA 117 40.70 -38.41 -5.19
N VAL DA 118 39.63 -38.38 -5.98
CA VAL DA 118 38.48 -39.26 -5.78
C VAL DA 118 38.24 -40.06 -7.06
N GLY DA 119 38.09 -41.37 -6.91
CA GLY DA 119 37.78 -42.22 -8.04
C GLY DA 119 36.80 -43.33 -7.73
N LEU DA 120 35.68 -43.38 -8.45
CA LEU DA 120 34.71 -44.45 -8.27
C LEU DA 120 35.04 -45.61 -9.21
N LEU DA 121 34.78 -46.83 -8.74
CA LEU DA 121 35.07 -48.00 -9.56
C LEU DA 121 34.12 -49.13 -9.17
N THR DA 122 34.04 -50.11 -10.05
CA THR DA 122 33.18 -51.29 -9.82
C THR DA 122 34.01 -52.52 -10.20
N ILE DA 123 34.51 -53.22 -9.18
CA ILE DA 123 35.32 -54.40 -9.41
C ILE DA 123 34.41 -55.59 -9.69
N GLU DA 124 34.61 -56.23 -10.83
CA GLU DA 124 33.83 -57.39 -11.22
C GLU DA 124 34.74 -58.62 -11.23
N PHE DA 125 34.21 -59.74 -10.77
CA PHE DA 125 34.94 -60.99 -10.72
C PHE DA 125 34.14 -62.07 -11.44
N ASP DA 126 34.81 -62.79 -12.34
CA ASP DA 126 34.19 -63.92 -13.02
C ASP DA 126 34.31 -65.14 -12.14
N VAL DA 127 33.17 -65.64 -11.66
CA VAL DA 127 33.07 -66.96 -11.05
C VAL DA 127 32.94 -67.94 -12.22
N PHE DA 128 34.04 -68.61 -12.55
CA PHE DA 128 34.14 -69.43 -13.74
C PHE DA 128 33.69 -70.87 -13.53
N LYS DA 129 33.46 -71.28 -12.28
CA LYS DA 129 32.94 -72.62 -12.05
C LYS DA 129 31.43 -72.69 -12.12
N GLY DA 130 30.75 -71.55 -12.20
CA GLY DA 130 29.31 -71.54 -12.31
C GLY DA 130 28.56 -71.71 -11.01
N TYR DA 131 29.26 -71.78 -9.87
CA TYR DA 131 28.59 -71.97 -8.60
C TYR DA 131 29.45 -71.39 -7.49
N ALA DA 132 28.80 -71.09 -6.37
CA ALA DA 132 29.50 -70.74 -5.14
C ALA DA 132 29.77 -71.98 -4.32
N GLU DA 133 30.53 -71.81 -3.23
CA GLU DA 133 30.88 -72.94 -2.39
C GLU DA 133 31.11 -72.46 -0.96
N SER DA 134 31.06 -73.40 -0.03
CA SER DA 134 31.32 -73.09 1.36
C SER DA 134 32.80 -72.76 1.55
N ARG DA 135 33.10 -72.13 2.69
CA ARG DA 135 34.46 -71.70 2.96
C ARG DA 135 35.42 -72.85 3.20
N GLY DA 136 34.92 -74.07 3.37
CA GLY DA 136 35.77 -75.22 3.55
C GLY DA 136 35.02 -76.49 3.20
N THR DA 137 35.73 -77.60 3.30
CA THR DA 137 35.14 -78.90 3.02
C THR DA 137 34.29 -79.36 4.20
N SER DA 138 33.67 -80.53 4.06
CA SER DA 138 32.81 -81.06 5.11
C SER DA 138 33.61 -81.34 6.39
N LEU DA 139 34.79 -81.94 6.25
CA LEU DA 139 35.62 -82.25 7.40
C LEU DA 139 36.29 -81.03 8.01
N ASP DA 140 36.28 -79.90 7.32
CA ASP DA 140 36.93 -78.69 7.83
C ASP DA 140 36.12 -78.11 8.98
N PRO DA 141 36.69 -77.93 10.17
CA PRO DA 141 35.93 -77.30 11.26
C PRO DA 141 35.53 -75.87 10.96
N MET DA 142 36.21 -75.19 10.04
CA MET DA 142 35.86 -73.82 9.70
C MET DA 142 34.50 -73.73 9.03
N THR DA 143 34.11 -74.77 8.27
CA THR DA 143 32.88 -74.71 7.51
C THR DA 143 31.66 -74.52 8.40
N PHE DA 144 31.60 -75.25 9.51
CA PHE DA 144 30.47 -75.17 10.43
C PHE DA 144 30.75 -74.25 11.61
N GLU DA 145 31.60 -73.25 11.43
CA GLU DA 145 31.99 -72.38 12.52
C GLU DA 145 31.75 -70.90 12.27
N VAL DA 146 31.52 -70.47 11.03
CA VAL DA 146 31.30 -69.05 10.79
C VAL DA 146 29.81 -68.73 10.70
N ASP DA 147 29.12 -69.23 9.68
CA ASP DA 147 27.68 -69.11 9.53
C ASP DA 147 27.20 -69.86 8.30
N LEU DA 148 25.99 -70.41 8.35
CA LEU DA 148 25.40 -71.03 7.17
C LEU DA 148 23.90 -71.18 7.42
N TRP DA 149 23.08 -70.48 6.65
CA TRP DA 149 21.64 -70.47 6.82
C TRP DA 149 20.98 -71.22 5.67
N GLN DA 150 20.07 -72.14 6.01
CA GLN DA 150 19.32 -72.87 5.00
C GLN DA 150 17.89 -73.02 5.51
N MET DA 151 16.92 -72.79 4.62
CA MET DA 151 15.50 -72.64 4.91
C MET DA 151 15.26 -71.91 6.24
N GLY DA 152 16.04 -70.86 6.50
CA GLY DA 152 15.85 -70.07 7.69
C GLY DA 152 16.42 -70.65 8.97
N MET DA 153 17.18 -71.73 8.89
CA MET DA 153 17.82 -72.32 10.06
C MET DA 153 19.33 -72.33 9.85
N ASN DA 154 20.07 -72.15 10.93
CA ASN DA 154 21.52 -72.03 10.86
C ASN DA 154 22.14 -73.42 10.95
N LEU DA 155 22.93 -73.77 9.94
CA LEU DA 155 23.60 -75.07 9.91
C LEU DA 155 24.85 -75.11 10.79
N SER DA 156 25.34 -73.97 11.25
CA SER DA 156 26.50 -73.95 12.12
C SER DA 156 26.18 -74.38 13.54
N ASN DA 157 24.90 -74.53 13.88
CA ASN DA 157 24.48 -74.95 15.21
C ASN DA 157 23.91 -76.35 15.25
N ARG DA 158 23.60 -76.95 14.10
CA ARG DA 158 23.10 -78.31 14.07
C ARG DA 158 24.17 -79.28 14.54
N ASP DA 159 23.77 -80.21 15.41
CA ASP DA 159 24.69 -81.17 16.01
C ASP DA 159 24.55 -82.56 15.42
N ASP DA 160 23.63 -82.77 14.49
CA ASP DA 160 23.40 -84.08 13.89
C ASP DA 160 24.16 -84.29 12.58
N LEU DA 161 25.00 -83.32 12.18
CA LEU DA 161 25.74 -83.41 10.92
C LEU DA 161 27.09 -84.05 11.21
N PHE DA 162 27.23 -85.31 10.83
CA PHE DA 162 28.49 -86.03 10.97
C PHE DA 162 28.95 -86.50 9.59
N TYR DA 163 30.28 -86.58 9.43
CA TYR DA 163 30.86 -87.02 8.16
C TYR DA 163 31.91 -88.11 8.34
N VAL DA 164 32.10 -88.60 9.57
CA VAL DA 164 32.92 -89.77 9.84
C VAL DA 164 32.04 -90.81 10.50
N PHE DA 165 32.01 -92.02 9.93
CA PHE DA 165 31.09 -93.05 10.37
C PHE DA 165 31.86 -94.33 10.68
N ARG DA 166 31.32 -95.11 11.63
CA ARG DA 166 31.90 -96.37 12.02
C ARG DA 166 30.99 -97.56 11.80
N GLU DA 167 29.72 -97.35 11.47
CA GLU DA 167 28.77 -98.43 11.26
C GLU DA 167 28.76 -98.81 9.78
N ASN DA 168 27.84 -99.69 9.40
CA ASN DA 168 27.70 -100.12 8.01
C ASN DA 168 26.60 -99.39 7.26
N THR DA 169 25.57 -98.91 7.96
CA THR DA 169 24.50 -98.12 7.35
C THR DA 169 24.41 -96.80 8.08
N PHE DA 170 24.27 -95.71 7.32
CA PHE DA 170 24.22 -94.39 7.92
C PHE DA 170 23.60 -93.41 6.91
N ARG DA 171 23.58 -92.13 7.27
CA ARG DA 171 23.06 -91.07 6.44
C ARG DA 171 24.07 -89.94 6.37
N VAL DA 172 24.23 -89.37 5.17
CA VAL DA 172 25.14 -88.26 4.93
C VAL DA 172 24.31 -87.08 4.43
N TYR DA 173 24.51 -85.91 5.03
CA TYR DA 173 23.76 -84.72 4.67
C TYR DA 173 24.60 -83.83 3.76
N ASN DA 174 24.16 -83.66 2.52
CA ASN DA 174 24.74 -82.70 1.59
C ASN DA 174 23.85 -81.46 1.64
N ALA DA 175 24.40 -80.37 2.18
CA ALA DA 175 23.67 -79.14 2.39
C ALA DA 175 23.74 -78.19 1.21
N GLY DA 176 24.37 -78.60 0.11
CA GLY DA 176 24.51 -77.74 -1.05
C GLY DA 176 23.19 -77.54 -1.77
N SER DA 177 23.23 -76.66 -2.77
CA SER DA 177 22.04 -76.33 -3.54
C SER DA 177 21.77 -77.33 -4.66
N ASP DA 178 22.70 -78.25 -4.93
CA ASP DA 178 22.48 -79.27 -5.95
C ASP DA 178 23.38 -80.45 -5.63
N ARG DA 179 23.22 -81.52 -6.41
CA ARG DA 179 23.96 -82.75 -6.17
C ARG DA 179 25.43 -82.56 -6.43
N VAL DA 180 26.25 -83.37 -5.75
CA VAL DA 180 27.69 -83.36 -5.91
C VAL DA 180 28.09 -84.55 -6.75
N ASN DA 181 28.63 -84.30 -7.94
CA ASN DA 181 28.97 -85.34 -8.89
C ASN DA 181 30.44 -85.19 -9.29
N PRO DA 182 31.29 -86.16 -8.99
CA PRO DA 182 32.69 -86.07 -9.42
C PRO DA 182 32.84 -85.98 -10.92
N LEU DA 183 31.91 -86.55 -11.69
CA LEU DA 183 31.95 -86.44 -13.14
C LEU DA 183 31.81 -85.00 -13.61
N MET DA 184 31.19 -84.14 -12.80
CA MET DA 184 31.04 -82.73 -13.10
C MET DA 184 32.25 -81.91 -12.67
N ARG DA 185 33.41 -82.56 -12.47
CA ARG DA 185 34.63 -81.93 -11.98
C ARG DA 185 34.43 -81.32 -10.59
N HIS DA 186 33.53 -81.91 -9.80
CA HIS DA 186 33.37 -81.50 -8.42
C HIS DA 186 34.42 -82.16 -7.54
N GLU DA 187 34.55 -81.67 -6.32
CA GLU DA 187 35.51 -82.20 -5.35
C GLU DA 187 34.77 -83.11 -4.37
N LEU DA 188 35.22 -84.35 -4.26
CA LEU DA 188 34.58 -85.32 -3.37
C LEU DA 188 35.58 -86.41 -3.06
N ASP DA 189 35.95 -86.54 -1.79
CA ASP DA 189 36.89 -87.56 -1.34
C ASP DA 189 36.19 -88.48 -0.34
N ILE DA 190 36.36 -89.78 -0.53
CA ILE DA 190 35.78 -90.77 0.38
C ILE DA 190 36.92 -91.69 0.83
N ALA DA 191 37.17 -91.73 2.13
CA ALA DA 191 38.26 -92.52 2.69
C ALA DA 191 37.69 -93.63 3.57
N MET DA 192 38.09 -94.86 3.27
CA MET DA 192 37.58 -96.03 3.99
C MET DA 192 38.73 -96.90 4.47
N THR DA 193 38.57 -97.41 5.69
CA THR DA 193 39.49 -98.39 6.27
C THR DA 193 38.68 -99.49 6.93
N ALA DA 194 38.80 -100.71 6.41
CA ALA DA 194 38.03 -101.84 6.90
C ALA DA 194 38.75 -103.12 6.56
N ASN DA 195 38.09 -104.26 6.77
CA ASN DA 195 38.64 -105.57 6.46
C ASN DA 195 37.64 -106.35 5.63
N GLY DA 196 38.10 -106.88 4.49
CA GLY DA 196 37.25 -107.69 3.65
C GLY DA 196 37.11 -107.14 2.24
N THR DA 197 36.00 -107.46 1.58
CA THR DA 197 35.73 -106.96 0.24
C THR DA 197 34.70 -105.84 0.33
N PRO DA 198 35.08 -104.59 0.10
CA PRO DA 198 34.14 -103.49 0.32
C PRO DA 198 33.11 -103.37 -0.80
N THR DA 199 31.93 -102.88 -0.41
CA THR DA 199 30.89 -102.53 -1.38
C THR DA 199 30.04 -101.43 -0.79
N ILE DA 200 29.99 -100.29 -1.47
CA ILE DA 200 29.29 -99.11 -1.00
C ILE DA 200 28.06 -98.91 -1.89
N HIS DA 201 26.90 -98.76 -1.25
CA HIS DA 201 25.64 -98.54 -1.95
C HIS DA 201 25.04 -97.23 -1.48
N ASN DA 202 24.82 -96.31 -2.42
CA ASN DA 202 24.07 -95.09 -2.17
C ASN DA 202 22.62 -95.38 -2.57
N LEU DA 203 21.80 -95.73 -1.59
CA LEU DA 203 20.42 -96.13 -1.88
C LEU DA 203 19.58 -94.96 -2.35
N THR DA 204 19.86 -93.75 -1.86
CA THR DA 204 19.10 -92.58 -2.27
C THR DA 204 19.26 -92.33 -3.77
N THR DA 205 20.49 -92.34 -4.25
CA THR DA 205 20.77 -92.17 -5.67
C THR DA 205 20.89 -93.49 -6.40
N GLY DA 206 20.84 -94.61 -5.69
CA GLY DA 206 20.94 -95.91 -6.33
C GLY DA 206 22.26 -96.17 -7.04
N GLU DA 207 23.36 -95.73 -6.45
CA GLU DA 207 24.69 -95.93 -7.02
C GLU DA 207 25.43 -96.98 -6.22
N SER DA 208 26.51 -97.50 -6.81
CA SER DA 208 27.26 -98.57 -6.16
C SER DA 208 28.71 -98.52 -6.62
N PHE DA 209 29.62 -98.78 -5.67
CA PHE DA 209 31.03 -98.96 -5.97
C PHE DA 209 31.53 -100.21 -5.26
N GLU DA 210 32.23 -101.08 -5.99
CA GLU DA 210 32.74 -102.32 -5.43
C GLU DA 210 34.21 -102.49 -5.78
N TYR DA 211 34.98 -102.95 -4.80
CA TYR DA 211 36.37 -103.33 -4.98
C TYR DA 211 36.47 -104.84 -4.80
N ARG DA 212 37.01 -105.53 -5.80
CA ARG DA 212 36.93 -106.98 -5.88
C ARG DA 212 38.14 -107.69 -5.27
N LYS DA 213 38.85 -107.04 -4.36
CA LYS DA 213 40.00 -107.62 -3.67
C LYS DA 213 39.81 -107.49 -2.17
N GLU DA 214 40.47 -108.38 -1.43
CA GLU DA 214 40.42 -108.32 0.02
C GLU DA 214 41.17 -107.09 0.53
N LEU DA 215 40.68 -106.54 1.63
CA LEU DA 215 41.25 -105.33 2.22
C LEU DA 215 41.61 -105.59 3.68
N GLN DA 216 42.55 -104.79 4.17
CA GLN DA 216 43.06 -104.92 5.52
C GLN DA 216 42.99 -103.54 6.16
N LYS DA 217 42.80 -103.53 7.49
CA LYS DA 217 42.52 -102.28 8.20
C LYS DA 217 43.61 -101.24 7.97
N THR DA 218 44.86 -101.68 7.84
CA THR DA 218 45.95 -100.75 7.57
C THR DA 218 45.93 -100.19 6.16
N ASP DA 219 45.15 -100.78 5.26
CA ASP DA 219 45.02 -100.30 3.89
C ASP DA 219 43.87 -99.31 3.81
N VAL DA 220 44.13 -98.15 3.21
CA VAL DA 220 43.15 -97.08 3.10
C VAL DA 220 42.71 -97.00 1.64
N LEU DA 221 41.41 -97.08 1.42
CA LEU DA 221 40.83 -96.94 0.08
C LEU DA 221 40.26 -95.54 -0.05
N LEU DA 222 40.80 -94.76 -0.97
CA LEU DA 222 40.41 -93.37 -1.15
C LEU DA 222 39.86 -93.17 -2.56
N LEU DA 223 38.60 -92.78 -2.64
CA LEU DA 223 37.96 -92.39 -3.90
C LEU DA 223 38.03 -90.88 -4.00
N ASN DA 224 38.83 -90.37 -4.94
CA ASN DA 224 38.91 -88.94 -5.18
C ASN DA 224 38.59 -88.68 -6.64
N ASN DA 225 37.66 -87.75 -6.88
CA ASN DA 225 37.15 -87.49 -8.22
C ASN DA 225 36.67 -88.78 -8.86
N ILE DA 226 37.27 -89.17 -9.97
CA ILE DA 226 36.88 -90.36 -10.69
C ILE DA 226 37.92 -91.48 -10.53
N TYR DA 227 38.76 -91.39 -9.51
CA TYR DA 227 39.86 -92.34 -9.34
C TYR DA 227 39.81 -93.00 -7.98
N PRO DA 228 39.74 -94.33 -7.91
CA PRO DA 228 39.96 -95.03 -6.65
C PRO DA 228 41.41 -95.43 -6.48
N LEU DA 229 41.92 -95.23 -5.26
CA LEU DA 229 43.31 -95.53 -4.94
C LEU DA 229 43.36 -96.38 -3.68
N VAL DA 230 44.32 -97.29 -3.64
CA VAL DA 230 44.63 -98.09 -2.46
C VAL DA 230 46.07 -97.81 -2.09
N ASN DA 231 46.28 -97.18 -0.93
CA ASN DA 231 47.60 -96.75 -0.49
C ASN DA 231 48.27 -95.87 -1.54
N ASN DA 232 47.51 -94.89 -2.04
CA ASN DA 232 47.98 -93.93 -3.03
C ASN DA 232 48.47 -94.62 -4.30
N ARG DA 233 47.72 -95.64 -4.73
CA ARG DA 233 48.02 -96.35 -5.97
C ARG DA 233 46.72 -96.61 -6.72
N ARG DA 234 46.70 -96.25 -8.00
CA ARG DA 234 45.49 -96.43 -8.80
C ARG DA 234 45.20 -97.91 -8.99
N VAL DA 235 43.99 -98.33 -8.62
CA VAL DA 235 43.61 -99.74 -8.67
C VAL DA 235 42.31 -99.90 -9.44
N GLY DA 236 42.07 -99.00 -10.39
CA GLY DA 236 40.79 -98.98 -11.09
C GLY DA 236 40.47 -100.26 -11.84
N LYS DA 237 41.51 -101.02 -12.22
CA LYS DA 237 41.29 -102.25 -12.98
C LYS DA 237 40.59 -103.32 -12.15
N ASP DA 238 40.66 -103.24 -10.82
CA ASP DA 238 40.06 -104.25 -9.94
C ASP DA 238 38.72 -103.80 -9.37
N THR DA 239 38.17 -102.71 -9.87
CA THR DA 239 36.88 -102.20 -9.43
C THR DA 239 35.87 -102.25 -10.56
N ASN DA 240 34.64 -101.85 -10.26
CA ASN DA 240 33.59 -101.74 -11.26
C ASN DA 240 33.54 -100.36 -11.90
N HIS DA 241 34.50 -99.50 -11.60
CA HIS DA 241 34.54 -98.13 -12.11
C HIS DA 241 33.27 -97.36 -11.74
N GLY DA 242 32.76 -97.62 -10.54
CA GLY DA 242 31.59 -96.92 -10.08
C GLY DA 242 31.91 -95.52 -9.57
N ILE DA 243 30.93 -94.64 -9.69
CA ILE DA 243 31.05 -93.26 -9.24
C ILE DA 243 29.94 -93.00 -8.24
N ILE DA 244 30.30 -92.47 -7.08
CA ILE DA 244 29.36 -92.21 -5.99
C ILE DA 244 29.08 -90.72 -5.97
N THR DA 245 27.80 -90.35 -6.08
CA THR DA 245 27.37 -88.97 -6.05
C THR DA 245 26.42 -88.75 -4.89
N LEU DA 246 26.48 -87.55 -4.32
CA LEU DA 246 25.64 -87.17 -3.19
C LEU DA 246 24.54 -86.24 -3.68
N GLU DA 247 23.29 -86.62 -3.42
CA GLU DA 247 22.16 -85.79 -3.81
C GLU DA 247 21.90 -84.72 -2.75
N LYS DA 248 20.95 -83.84 -3.04
CA LYS DA 248 20.56 -82.81 -2.09
C LYS DA 248 19.95 -83.45 -0.85
N GLY DA 249 20.29 -82.90 0.32
CA GLY DA 249 19.70 -83.38 1.54
C GLY DA 249 20.33 -84.65 2.06
N TRP DA 250 19.51 -85.61 2.49
CA TRP DA 250 20.00 -86.82 3.13
C TRP DA 250 20.18 -87.94 2.11
N ASN DA 251 21.35 -88.58 2.14
CA ASN DA 251 21.66 -89.74 1.31
C ASN DA 251 21.91 -90.92 2.24
N ASP DA 252 21.21 -92.03 1.98
CA ASP DA 252 21.32 -93.22 2.80
C ASP DA 252 22.40 -94.13 2.22
N PHE DA 253 23.42 -94.43 3.02
CA PHE DA 253 24.56 -95.23 2.59
C PHE DA 253 24.58 -96.55 3.31
N GLU DA 254 24.87 -97.62 2.56
CA GLU DA 254 24.98 -98.96 3.12
C GLU DA 254 26.32 -99.55 2.71
N ILE DA 255 27.08 -100.03 3.69
CA ILE DA 255 28.38 -100.65 3.45
C ILE DA 255 28.22 -102.15 3.70
N LYS DA 256 28.63 -102.95 2.72
CA LYS DA 256 28.51 -104.40 2.84
C LYS DA 256 29.80 -105.06 2.39
N GLY DA 257 30.04 -106.26 2.93
CA GLY DA 257 31.22 -107.04 2.61
C GLY DA 257 32.43 -106.78 3.46
N VAL DA 258 32.34 -105.87 4.44
CA VAL DA 258 33.48 -105.55 5.31
C VAL DA 258 32.98 -105.41 6.74
N THR DA 259 33.94 -105.46 7.67
CA THR DA 259 33.68 -105.25 9.08
C THR DA 259 34.73 -104.31 9.64
N ASP DA 260 34.39 -103.69 10.77
CA ASP DA 260 35.25 -102.68 11.41
C ASP DA 260 35.56 -101.55 10.42
N VAL DA 261 34.51 -100.99 9.85
CA VAL DA 261 34.64 -100.01 8.78
C VAL DA 261 34.66 -98.60 9.37
N THR DA 262 35.64 -97.80 8.96
CA THR DA 262 35.69 -96.39 9.27
C THR DA 262 35.72 -95.63 7.94
N ILE DA 263 34.70 -94.78 7.73
CA ILE DA 263 34.52 -94.09 6.47
C ILE DA 263 34.33 -92.61 6.73
N ALA DA 264 35.02 -91.78 5.95
CA ALA DA 264 34.96 -90.33 6.07
C ALA DA 264 34.71 -89.70 4.72
N PHE DA 265 33.84 -88.70 4.70
CA PHE DA 265 33.51 -87.94 3.50
C PHE DA 265 34.09 -86.53 3.63
N ASN DA 266 34.81 -86.10 2.60
CA ASN DA 266 35.45 -84.78 2.59
C ASN DA 266 35.09 -84.11 1.26
N PHE DA 267 34.18 -83.15 1.30
CA PHE DA 267 33.72 -82.48 0.09
C PHE DA 267 33.16 -81.12 0.48
N PRO DA 268 33.31 -80.12 -0.38
CA PRO DA 268 32.66 -78.83 -0.13
C PRO DA 268 31.23 -78.82 -0.64
N PHE DA 269 30.45 -77.88 -0.12
CA PHE DA 269 29.07 -77.71 -0.55
C PHE DA 269 29.01 -76.81 -1.77
N ILE DA 270 28.02 -77.08 -2.63
CA ILE DA 270 27.86 -76.37 -3.89
C ILE DA 270 26.58 -75.54 -3.81
N TYR DA 271 26.71 -74.24 -4.04
CA TYR DA 271 25.59 -73.31 -3.99
C TYR DA 271 25.40 -72.64 -5.34
N ARG DA 272 24.15 -72.52 -5.76
CA ARG DA 272 23.82 -71.92 -7.04
C ARG DA 272 23.71 -70.40 -6.92
N ALA EA 2 19.56 50.19 33.61
CA ALA EA 2 20.72 49.40 33.23
C ALA EA 2 21.78 49.40 34.32
N PHE EA 3 21.43 49.96 35.48
CA PHE EA 3 22.32 50.05 36.62
C PHE EA 3 21.50 49.90 37.89
N GLU EA 4 22.04 50.42 39.01
CA GLU EA 4 21.81 49.91 40.35
C GLU EA 4 22.52 48.57 40.51
N GLU EA 5 23.69 48.47 39.88
CA GLU EA 5 24.53 47.27 39.90
C GLU EA 5 23.81 46.07 39.29
N ASN EA 6 22.89 46.33 38.35
CA ASN EA 6 22.11 45.28 37.71
C ASN EA 6 21.41 44.40 38.75
N LEU EA 7 20.87 45.05 39.79
CA LEU EA 7 20.21 44.32 40.85
C LEU EA 7 18.98 43.59 40.33
N TYR EA 8 18.20 44.24 39.45
CA TYR EA 8 17.02 43.64 38.88
C TYR EA 8 16.99 43.62 37.36
N CYS EA 9 17.89 44.34 36.70
CA CYS EA 9 17.92 44.42 35.23
C CYS EA 9 19.22 43.76 34.75
N ASP EA 10 19.15 42.45 34.50
CA ASP EA 10 20.29 41.75 33.93
C ASP EA 10 20.48 42.19 32.48
N TYR EA 11 21.72 42.56 32.12
CA TYR EA 11 22.01 43.08 30.81
C TYR EA 11 23.23 42.48 30.14
N THR EA 12 23.97 41.61 30.82
CA THR EA 12 25.17 41.04 30.22
C THR EA 12 24.80 40.11 29.07
N PRO EA 13 25.34 40.33 27.87
CA PRO EA 13 25.06 39.42 26.74
C PRO EA 13 25.95 38.19 26.81
N GLY EA 14 25.36 37.05 27.12
CA GLY EA 14 26.09 35.80 27.14
C GLY EA 14 25.77 34.94 25.93
N ALA EA 15 24.49 34.90 25.58
CA ALA EA 15 24.05 34.16 24.40
C ALA EA 15 22.72 34.74 23.94
N ALA EA 16 22.40 34.50 22.66
CA ALA EA 16 21.13 34.97 22.12
C ALA EA 16 19.96 34.26 22.79
N LYS EA 17 20.10 32.96 23.07
CA LYS EA 17 19.14 32.09 23.75
C LYS EA 17 17.82 32.01 22.98
N ALA EA 18 17.74 32.70 21.84
CA ALA EA 18 16.59 32.67 20.94
C ALA EA 18 16.96 33.41 19.67
N VAL EA 19 16.53 32.89 18.53
CA VAL EA 19 16.77 33.53 17.25
C VAL EA 19 15.43 33.70 16.55
N ALA EA 20 15.07 34.94 16.25
CA ALA EA 20 13.83 35.20 15.53
C ALA EA 20 13.90 34.63 14.12
N GLY EA 21 12.82 33.98 13.70
CA GLY EA 21 12.79 33.39 12.37
C GLY EA 21 12.84 34.43 11.26
N LYS EA 22 12.50 35.68 11.56
CA LYS EA 22 12.61 36.74 10.57
C LYS EA 22 14.04 36.93 10.09
N ASP EA 23 15.02 36.66 10.97
CA ASP EA 23 16.42 36.91 10.64
C ASP EA 23 16.96 35.87 9.66
N VAL EA 24 16.63 34.60 9.87
CA VAL EA 24 17.18 33.53 9.04
C VAL EA 24 16.48 33.54 7.68
N ILE EA 25 17.28 33.59 6.61
CA ILE EA 25 16.74 33.67 5.25
C ILE EA 25 17.47 32.69 4.35
N LEU EA 26 16.85 32.45 3.19
CA LEU EA 26 17.40 31.62 2.12
C LEU EA 26 17.85 32.51 0.97
N ALA EA 27 19.04 32.23 0.44
CA ALA EA 27 19.56 32.96 -0.70
C ALA EA 27 20.05 31.95 -1.75
N VAL EA 28 20.03 32.37 -3.01
CA VAL EA 28 20.46 31.54 -4.11
C VAL EA 28 21.50 32.30 -4.93
N PHE EA 29 22.38 31.55 -5.57
CA PHE EA 29 23.39 32.13 -6.45
C PHE EA 29 22.85 32.21 -7.87
N ASN EA 30 23.10 33.34 -8.53
CA ASN EA 30 22.67 33.51 -9.90
C ASN EA 30 23.45 32.59 -10.83
N ALA EA 31 23.13 32.65 -12.12
CA ALA EA 31 23.71 31.71 -13.08
C ALA EA 31 25.23 31.83 -13.13
N ALA EA 32 25.74 33.08 -13.17
CA ALA EA 32 27.18 33.27 -13.17
C ALA EA 32 27.80 33.02 -11.81
N GLY EA 33 27.02 33.13 -10.74
CA GLY EA 33 27.52 32.95 -9.39
C GLY EA 33 28.08 34.20 -8.74
N ASP EA 34 28.20 35.30 -9.49
CA ASP EA 34 28.76 36.52 -8.93
C ASP EA 34 27.82 37.20 -7.94
N LYS EA 35 26.52 36.94 -8.04
CA LYS EA 35 25.53 37.61 -7.21
C LYS EA 35 24.80 36.59 -6.35
N LEU EA 36 24.68 36.91 -5.06
CA LEU EA 36 23.83 36.16 -4.13
C LEU EA 36 22.55 36.96 -3.95
N LEU EA 37 21.40 36.32 -4.18
CA LEU EA 37 20.12 37.00 -4.11
C LEU EA 37 19.23 36.29 -3.10
N ALA EA 38 18.72 37.03 -2.13
CA ALA EA 38 17.71 36.50 -1.23
C ALA EA 38 16.37 36.42 -1.94
N VAL EA 39 15.67 35.30 -1.74
CA VAL EA 39 14.38 35.11 -2.40
C VAL EA 39 13.41 36.18 -1.91
N ALA EA 40 12.67 36.77 -2.83
CA ALA EA 40 11.81 37.91 -2.52
C ALA EA 40 10.57 37.46 -1.76
N GLY EA 41 10.28 38.17 -0.66
CA GLY EA 41 9.03 37.96 0.06
C GLY EA 41 8.86 36.60 0.68
N GLN EA 42 9.90 36.07 1.31
CA GLN EA 42 9.77 34.81 2.02
C GLN EA 42 8.96 35.01 3.31
N GLN EA 43 8.20 33.98 3.68
CA GLN EA 43 7.44 33.99 4.92
C GLN EA 43 7.63 32.75 5.76
N GLY EA 44 8.17 31.67 5.20
CA GLY EA 44 8.47 30.48 5.99
C GLY EA 44 9.68 29.80 5.40
N LEU EA 45 10.29 28.93 6.21
CA LEU EA 45 11.48 28.20 5.79
C LEU EA 45 11.74 27.02 6.71
N THR EA 46 12.03 25.85 6.14
CA THR EA 46 12.36 24.67 6.92
C THR EA 46 13.41 23.87 6.18
N VAL EA 47 14.36 23.33 6.94
CA VAL EA 47 15.45 22.52 6.41
C VAL EA 47 15.32 21.13 7.00
N ASN EA 48 15.28 20.12 6.13
CA ASN EA 48 15.11 18.73 6.54
C ASN EA 48 16.42 17.99 6.31
N ARG EA 49 16.88 17.26 7.34
CA ARG EA 49 18.07 16.42 7.24
C ARG EA 49 17.78 15.11 7.93
N SER EA 50 17.87 14.01 7.19
CA SER EA 50 17.53 12.69 7.70
C SER EA 50 18.63 11.70 7.36
N LYS EA 51 18.73 10.66 8.17
CA LYS EA 51 19.71 9.59 7.98
C LYS EA 51 19.00 8.26 8.09
N ASP EA 52 19.28 7.37 7.14
CA ASP EA 52 18.68 6.05 7.16
C ASP EA 52 19.29 5.19 8.26
N SER EA 53 18.52 4.21 8.72
CA SER EA 53 18.95 3.26 9.73
C SER EA 53 18.84 1.85 9.17
N ILE EA 54 19.91 1.07 9.32
CA ILE EA 54 19.96 -0.30 8.81
C ILE EA 54 19.92 -1.24 10.01
N GLU EA 55 18.96 -2.16 10.00
CA GLU EA 55 18.81 -3.12 11.08
C GLU EA 55 19.76 -4.29 10.88
N ILE EA 56 20.57 -4.58 11.89
CA ILE EA 56 21.59 -5.61 11.78
C ILE EA 56 21.44 -6.63 12.89
N THR EA 57 20.23 -6.78 13.42
CA THR EA 57 19.99 -7.78 14.44
C THR EA 57 20.09 -9.19 13.84
N SER EA 58 20.61 -10.11 14.64
CA SER EA 58 20.80 -11.50 14.22
C SER EA 58 20.56 -12.41 15.41
N LYS EA 59 20.84 -13.69 15.22
CA LYS EA 59 20.59 -14.68 16.27
C LYS EA 59 21.60 -14.63 17.39
N ASP EA 60 22.71 -13.89 17.22
CA ASP EA 60 23.75 -13.81 18.24
C ASP EA 60 23.71 -12.50 19.01
N THR EA 61 22.61 -11.76 18.92
CA THR EA 61 22.42 -10.52 19.68
C THR EA 61 21.56 -10.84 20.90
N VAL EA 62 22.10 -10.56 22.09
CA VAL EA 62 21.45 -10.88 23.35
C VAL EA 62 21.07 -9.59 24.05
N GLY EA 63 19.86 -9.56 24.61
CA GLY EA 63 19.40 -8.40 25.34
C GLY EA 63 17.93 -8.10 25.11
N GLY EA 64 17.35 -8.68 24.07
CA GLY EA 64 15.97 -8.43 23.72
C GLY EA 64 15.74 -7.18 22.90
N TRP EA 65 16.79 -6.44 22.57
CA TRP EA 65 16.68 -5.23 21.77
C TRP EA 65 17.33 -5.44 20.41
N LYS EA 66 16.62 -5.07 19.35
CA LYS EA 66 17.20 -5.16 18.02
C LYS EA 66 18.32 -4.13 17.86
N SER EA 67 19.26 -4.44 16.96
CA SER EA 67 20.44 -3.62 16.75
C SER EA 67 20.33 -2.88 15.43
N LYS EA 68 20.77 -1.63 15.42
CA LYS EA 68 20.73 -0.79 14.22
C LYS EA 68 22.07 -0.08 14.05
N ILE EA 69 22.34 0.34 12.82
CA ILE EA 69 23.51 1.14 12.49
C ILE EA 69 23.08 2.28 11.58
N GLY EA 70 23.92 3.31 11.52
CA GLY EA 70 23.64 4.44 10.65
C GLY EA 70 23.72 4.07 9.19
N GLY EA 71 23.09 4.90 8.36
CA GLY EA 71 23.00 4.64 6.94
C GLY EA 71 23.31 5.90 6.13
N MET EA 72 22.63 6.00 4.99
CA MET EA 72 22.85 7.09 4.05
C MET EA 72 22.21 8.37 4.58
N LYS EA 73 22.55 9.50 3.98
CA LYS EA 73 21.99 10.78 4.38
C LYS EA 73 21.45 11.54 3.17
N GLU EA 74 20.49 12.41 3.42
CA GLU EA 74 19.84 13.22 2.40
C GLU EA 74 19.29 14.47 3.05
N TRP EA 75 18.98 15.47 2.24
CA TRP EA 75 18.47 16.73 2.77
C TRP EA 75 17.61 17.44 1.74
N SER EA 76 16.76 18.32 2.23
CA SER EA 76 15.86 19.10 1.38
C SER EA 76 15.45 20.37 2.11
N ILE EA 77 15.29 21.45 1.36
CA ILE EA 77 14.84 22.74 1.88
C ILE EA 77 13.61 23.17 1.10
N GLU EA 78 12.54 23.47 1.82
CA GLU EA 78 11.32 23.99 1.20
C GLU EA 78 10.92 25.28 1.90
N ASN EA 79 10.53 26.27 1.11
CA ASN EA 79 10.09 27.55 1.67
C ASN EA 79 8.97 28.11 0.81
N ASP EA 80 8.40 29.22 1.26
CA ASP EA 80 7.24 29.81 0.60
C ASP EA 80 7.15 31.27 0.99
N GLY EA 81 6.19 31.97 0.38
CA GLY EA 81 5.98 33.37 0.70
C GLY EA 81 5.16 34.06 -0.37
N LEU EA 82 5.24 35.38 -0.38
CA LEU EA 82 4.55 36.18 -1.39
C LEU EA 82 5.33 36.13 -2.70
N TYR EA 83 4.59 36.12 -3.80
CA TYR EA 83 5.16 35.97 -5.14
C TYR EA 83 5.12 37.29 -5.88
N VAL EA 84 6.29 37.75 -6.33
CA VAL EA 84 6.41 38.90 -7.21
C VAL EA 84 7.17 38.44 -8.44
N ALA EA 85 6.47 38.36 -9.58
CA ALA EA 85 7.06 37.80 -10.78
C ALA EA 85 8.22 38.63 -11.32
N ASP EA 86 8.25 39.92 -11.03
CA ASP EA 86 9.31 40.78 -11.54
C ASP EA 86 10.57 40.74 -10.68
N ALA EA 87 10.56 40.01 -9.57
CA ALA EA 87 11.73 39.95 -8.70
C ALA EA 87 12.86 39.21 -9.40
N GLU EA 88 14.10 39.68 -9.17
CA GLU EA 88 15.26 39.05 -9.78
C GLU EA 88 15.45 37.62 -9.28
N SER EA 89 15.24 37.40 -7.98
CA SER EA 89 15.41 36.07 -7.41
C SER EA 89 14.42 35.09 -8.01
N HIS EA 90 13.16 35.50 -8.18
CA HIS EA 90 12.18 34.63 -8.79
C HIS EA 90 12.48 34.38 -10.26
N LYS EA 91 13.00 35.38 -10.97
CA LYS EA 91 13.41 35.17 -12.35
C LYS EA 91 14.53 34.14 -12.43
N GLU EA 92 15.51 34.23 -11.53
CA GLU EA 92 16.59 33.25 -11.51
C GLU EA 92 16.07 31.85 -11.16
N LEU EA 93 15.12 31.77 -10.23
CA LEU EA 93 14.54 30.49 -9.88
C LEU EA 93 13.80 29.88 -11.07
N ALA EA 94 13.05 30.70 -11.80
CA ALA EA 94 12.35 30.21 -12.99
C ALA EA 94 13.34 29.75 -14.05
N LYS EA 95 14.43 30.49 -14.24
CA LYS EA 95 15.45 30.07 -15.19
C LYS EA 95 16.07 28.74 -14.79
N TYR EA 96 16.37 28.58 -13.50
CA TYR EA 96 16.92 27.31 -13.02
C TYR EA 96 15.95 26.17 -13.24
N PHE EA 97 14.67 26.39 -12.95
CA PHE EA 97 13.67 25.34 -13.11
C PHE EA 97 13.51 24.95 -14.57
N GLU EA 98 13.47 25.93 -15.47
CA GLU EA 98 13.27 25.63 -16.89
C GLU EA 98 14.49 24.99 -17.51
N SER EA 99 15.68 25.53 -17.23
CA SER EA 99 16.91 25.03 -17.85
C SER EA 99 17.35 23.69 -17.29
N ASP EA 100 16.77 23.24 -16.18
CA ASP EA 100 17.13 21.98 -15.54
C ASP EA 100 18.62 21.94 -15.20
N SER EA 101 19.03 22.87 -14.34
CA SER EA 101 20.41 22.98 -13.89
C SER EA 101 20.46 23.08 -12.38
N PRO EA 102 21.52 22.58 -11.76
CA PRO EA 102 21.65 22.70 -10.30
C PRO EA 102 21.79 24.15 -9.88
N VAL EA 103 21.31 24.44 -8.67
CA VAL EA 103 21.34 25.78 -8.10
C VAL EA 103 22.03 25.72 -6.75
N CYS EA 104 22.93 26.68 -6.51
CA CYS EA 104 23.62 26.80 -5.23
C CYS EA 104 22.77 27.65 -4.29
N VAL EA 105 22.47 27.11 -3.11
CA VAL EA 105 21.61 27.75 -2.14
C VAL EA 105 22.34 27.84 -0.80
N LYS EA 106 21.90 28.79 0.01
CA LYS EA 106 22.58 29.11 1.26
C LYS EA 106 21.57 29.63 2.27
N ILE EA 107 21.48 28.96 3.41
CA ILE EA 107 20.72 29.44 4.55
C ILE EA 107 21.65 30.30 5.40
N ILE EA 108 21.27 31.57 5.59
CA ILE EA 108 22.11 32.51 6.32
C ILE EA 108 21.27 33.20 7.40
N ASN EA 109 21.98 33.82 8.34
CA ASN EA 109 21.38 34.62 9.41
C ASN EA 109 21.75 36.07 9.12
N GLN EA 110 20.80 36.82 8.57
CA GLN EA 110 21.09 38.19 8.13
C GLN EA 110 21.35 39.15 9.28
N ALA EA 111 20.92 38.81 10.50
CA ALA EA 111 21.12 39.68 11.64
C ALA EA 111 22.38 39.32 12.43
N SER EA 112 22.57 38.04 12.74
CA SER EA 112 23.77 37.61 13.45
C SER EA 112 25.02 37.69 12.58
N LYS EA 113 24.86 37.95 11.29
CA LYS EA 113 25.98 38.11 10.36
C LYS EA 113 26.81 36.84 10.25
N LYS EA 114 26.12 35.68 10.21
CA LYS EA 114 26.77 34.40 10.06
C LYS EA 114 25.95 33.51 9.13
N GLY EA 115 26.63 32.75 8.28
CA GLY EA 115 25.96 31.75 7.47
C GLY EA 115 25.69 30.48 8.25
N LEU EA 116 24.68 29.73 7.81
CA LEU EA 116 24.26 28.52 8.50
C LEU EA 116 24.49 27.27 7.65
N PHE EA 117 23.93 27.22 6.45
CA PHE EA 117 24.02 26.03 5.61
C PHE EA 117 24.28 26.43 4.16
N GLY EA 118 24.85 25.52 3.40
CA GLY EA 118 25.04 25.74 1.97
C GLY EA 118 25.03 24.44 1.21
N GLY EA 119 24.74 24.53 -0.07
CA GLY EA 119 24.86 23.36 -0.92
C GLY EA 119 24.11 23.48 -2.23
N LEU EA 120 24.30 22.46 -3.06
CA LEU EA 120 23.66 22.38 -4.36
C LEU EA 120 22.34 21.64 -4.26
N ALA EA 121 21.39 22.04 -5.09
CA ALA EA 121 20.07 21.41 -5.09
C ALA EA 121 19.42 21.57 -6.45
N ILE EA 122 18.35 20.82 -6.68
CA ILE EA 122 17.52 20.97 -7.87
C ILE EA 122 16.14 21.43 -7.42
N VAL EA 123 15.49 22.22 -8.28
CA VAL EA 123 14.18 22.75 -7.96
C VAL EA 123 13.14 21.66 -8.19
N ALA EA 124 12.84 20.90 -7.14
CA ALA EA 124 11.92 19.78 -7.29
C ALA EA 124 10.48 20.23 -7.42
N ASP EA 125 10.13 21.36 -6.83
CA ASP EA 125 8.76 21.84 -6.88
C ASP EA 125 8.76 23.36 -6.85
N TYR EA 126 7.91 23.96 -7.69
CA TYR EA 126 7.77 25.42 -7.75
C TYR EA 126 6.32 25.71 -8.12
N SER EA 127 5.50 25.94 -7.10
CA SER EA 127 4.06 26.05 -7.27
C SER EA 127 3.57 27.41 -6.79
N PHE EA 128 2.38 27.79 -7.27
CA PHE EA 128 1.79 29.07 -6.93
C PHE EA 128 0.31 28.88 -6.62
N GLU EA 129 -0.22 29.80 -5.80
CA GLU EA 129 -1.61 29.77 -5.38
C GLU EA 129 -2.10 31.21 -5.25
N ALA EA 130 -3.28 31.49 -5.81
CA ALA EA 130 -3.82 32.86 -5.85
C ALA EA 130 -5.25 32.86 -5.37
N PRO EA 131 -5.47 32.83 -4.05
CA PRO EA 131 -6.84 32.99 -3.53
C PRO EA 131 -7.36 34.38 -3.81
N PHE EA 132 -8.68 34.47 -4.01
CA PHE EA 132 -9.29 35.73 -4.42
C PHE EA 132 -9.32 36.77 -3.31
N ASP EA 133 -9.08 36.38 -2.06
CA ASP EA 133 -9.14 37.31 -0.93
C ASP EA 133 -7.80 37.46 -0.22
N GLU EA 134 -6.71 37.04 -0.85
CA GLU EA 134 -5.38 37.14 -0.25
C GLU EA 134 -4.41 37.56 -1.34
N ALA EA 135 -3.11 37.48 -1.03
CA ALA EA 135 -2.06 37.80 -1.97
C ALA EA 135 -1.52 36.53 -2.62
N MET EA 136 -1.00 36.70 -3.83
CA MET EA 136 -0.42 35.57 -4.55
C MET EA 136 0.75 34.98 -3.76
N THR EA 137 0.76 33.66 -3.65
CA THR EA 137 1.73 32.96 -2.84
C THR EA 137 2.49 31.96 -3.70
N TYR EA 138 3.80 31.89 -3.47
CA TYR EA 138 4.68 30.91 -4.10
C TYR EA 138 5.19 29.95 -3.05
N SER EA 139 5.52 28.73 -3.48
CA SER EA 139 6.14 27.73 -2.63
C SER EA 139 7.11 26.92 -3.47
N VAL EA 140 8.38 26.90 -3.05
CA VAL EA 140 9.43 26.19 -3.79
C VAL EA 140 10.12 25.21 -2.85
N LYS EA 141 10.28 23.97 -3.30
CA LYS EA 141 10.95 22.92 -2.56
C LYS EA 141 12.09 22.37 -3.41
N LEU EA 142 13.26 22.22 -2.80
CA LEU EA 142 14.44 21.67 -3.45
C LEU EA 142 15.02 20.56 -2.58
N ASP EA 143 15.67 19.60 -3.22
CA ASP EA 143 16.37 18.53 -2.51
C ASP EA 143 17.81 18.47 -2.99
N GLY EA 144 18.69 17.98 -2.12
CA GLY EA 144 20.12 18.13 -2.35
C GLY EA 144 20.68 17.15 -3.35
N MET EA 145 21.64 17.63 -4.13
CA MET EA 145 22.45 16.78 -5.01
C MET EA 145 23.75 16.35 -4.32
N GLY EA 146 23.63 15.82 -3.10
CA GLY EA 146 24.79 15.38 -2.34
C GLY EA 146 24.89 16.09 -1.01
N ALA EA 147 26.12 16.41 -0.61
CA ALA EA 147 26.38 16.93 0.71
C ALA EA 147 25.81 18.33 0.89
N LEU EA 148 25.33 18.59 2.10
CA LEU EA 148 24.91 19.92 2.53
C LEU EA 148 25.90 20.40 3.60
N VAL EA 149 26.74 21.36 3.24
CA VAL EA 149 27.78 21.81 4.14
C VAL EA 149 27.16 22.64 5.26
N ASP EA 150 27.47 22.26 6.50
CA ASP EA 150 26.97 22.95 7.68
C ASP EA 150 28.00 24.01 8.07
N LEU EA 151 27.66 25.28 7.84
CA LEU EA 151 28.58 26.37 8.07
C LEU EA 151 28.75 26.74 9.53
N THR EA 152 27.89 26.22 10.42
CA THR EA 152 28.03 26.53 11.84
C THR EA 152 29.31 25.94 12.41
N ILE EA 153 29.66 24.72 12.00
CA ILE EA 153 30.86 24.05 12.48
C ILE EA 153 32.00 24.09 11.46
N THR EA 154 31.81 24.78 10.33
CA THR EA 154 32.82 24.89 9.30
C THR EA 154 33.24 26.36 9.19
N GLU EA 155 34.54 26.62 9.23
CA GLU EA 155 35.03 27.99 9.18
C GLU EA 155 34.76 28.61 7.82
N GLY EA 156 34.39 29.89 7.83
CA GLY EA 156 34.16 30.62 6.61
C GLY EA 156 32.74 30.49 6.09
N GLY EA 157 32.49 31.14 4.96
CA GLY EA 157 31.20 31.09 4.33
C GLY EA 157 30.20 32.09 4.87
N ASP EA 158 30.56 33.38 4.81
CA ASP EA 158 29.71 34.44 5.32
C ASP EA 158 29.37 35.49 4.28
N GLN EA 159 29.53 35.17 3.00
CA GLN EA 159 29.12 36.11 1.96
C GLN EA 159 27.61 36.27 1.95
N MET EA 160 27.16 37.48 1.63
CA MET EA 160 25.76 37.85 1.79
C MET EA 160 25.27 38.60 0.57
N PRO EA 161 23.95 38.61 0.34
CA PRO EA 161 23.41 39.35 -0.81
C PRO EA 161 23.74 40.84 -0.74
N GLY EA 162 23.96 41.42 -1.91
CA GLY EA 162 24.30 42.84 -2.00
C GLY EA 162 25.77 43.12 -1.79
N ALA FA 2 -2.13 66.98 71.14
CA ALA FA 2 -1.04 66.02 71.01
C ALA FA 2 -0.61 65.49 72.37
N PHE FA 3 -1.30 65.93 73.42
CA PHE FA 3 -0.93 65.64 74.80
C PHE FA 3 -2.21 65.31 75.57
N GLU FA 4 -2.14 65.45 76.90
CA GLU FA 4 -3.09 64.87 77.84
C GLU FA 4 -2.94 63.35 77.85
N GLU FA 5 -1.69 62.89 77.83
CA GLU FA 5 -1.33 61.47 77.86
C GLU FA 5 -1.95 60.71 76.70
N ASN FA 6 -2.16 61.39 75.57
CA ASN FA 6 -2.77 60.79 74.38
C ASN FA 6 -4.10 60.12 74.74
N LEU FA 7 -4.90 60.80 75.56
CA LEU FA 7 -6.15 60.22 76.02
C LEU FA 7 -7.11 59.98 74.86
N TYR FA 8 -7.19 60.93 73.93
CA TYR FA 8 -8.07 60.80 72.77
C TYR FA 8 -7.30 60.81 71.46
N CYS FA 9 -6.40 61.76 71.25
CA CYS FA 9 -5.63 61.84 70.02
C CYS FA 9 -4.35 61.02 70.18
N ASP FA 10 -4.18 60.02 69.32
CA ASP FA 10 -3.04 59.11 69.38
C ASP FA 10 -2.05 59.46 68.28
N TYR FA 11 -0.76 59.55 68.64
CA TYR FA 11 0.28 59.90 67.69
C TYR FA 11 1.42 58.89 67.66
N THR FA 12 1.23 57.70 68.20
CA THR FA 12 2.30 56.71 68.20
C THR FA 12 2.51 56.16 66.81
N PRO FA 13 3.71 56.31 66.22
CA PRO FA 13 3.98 55.75 64.89
C PRO FA 13 4.34 54.26 65.00
N GLY FA 14 3.43 53.41 64.53
CA GLY FA 14 3.68 51.98 64.51
C GLY FA 14 3.64 51.43 63.11
N ALA FA 15 2.84 52.05 62.25
CA ALA FA 15 2.70 51.67 60.85
C ALA FA 15 2.05 52.83 60.10
N ALA FA 16 1.71 52.59 58.84
CA ALA FA 16 1.03 53.60 58.03
C ALA FA 16 -0.43 53.26 57.76
N LYS FA 17 -0.78 51.97 57.73
CA LYS FA 17 -2.15 51.45 57.59
C LYS FA 17 -2.79 51.86 56.28
N ALA FA 18 -2.06 52.62 55.46
CA ALA FA 18 -2.51 53.10 54.16
C ALA FA 18 -1.35 53.81 53.49
N VAL FA 19 -1.32 53.71 52.16
CA VAL FA 19 -0.31 54.40 51.36
C VAL FA 19 -1.04 55.18 50.28
N ALA FA 20 -0.78 56.49 50.22
CA ALA FA 20 -1.40 57.32 49.20
C ALA FA 20 -0.91 56.91 47.81
N GLY FA 21 -1.85 56.83 46.87
CA GLY FA 21 -1.49 56.43 45.52
C GLY FA 21 -0.56 57.40 44.83
N LYS FA 22 -0.69 58.69 45.12
CA LYS FA 22 0.15 59.70 44.49
C LYS FA 22 1.61 59.60 44.89
N ASP FA 23 1.93 58.81 45.91
CA ASP FA 23 3.30 58.64 46.37
C ASP FA 23 4.02 57.48 45.69
N VAL FA 24 3.38 56.80 44.76
CA VAL FA 24 3.95 55.64 44.08
C VAL FA 24 4.26 56.04 42.64
N ILE FA 25 5.52 55.89 42.25
CA ILE FA 25 6.01 56.41 40.98
C ILE FA 25 6.64 55.27 40.18
N LEU FA 26 6.26 55.19 38.90
CA LEU FA 26 6.94 54.34 37.93
C LEU FA 26 8.04 55.15 37.25
N ALA FA 27 9.25 54.61 37.23
CA ALA FA 27 10.39 55.29 36.64
C ALA FA 27 11.15 54.33 35.74
N VAL FA 28 11.85 54.90 34.77
CA VAL FA 28 12.60 54.11 33.79
C VAL FA 28 14.03 54.64 33.73
N PHE FA 29 14.95 53.74 33.39
CA PHE FA 29 16.34 54.11 33.20
C PHE FA 29 16.54 54.55 31.76
N ASN FA 30 17.25 55.66 31.56
CA ASN FA 30 17.42 56.20 30.22
C ASN FA 30 18.28 55.25 29.36
N ALA FA 31 18.41 55.60 28.08
CA ALA FA 31 19.10 54.73 27.15
C ALA FA 31 20.53 54.43 27.61
N ALA FA 32 21.25 55.47 28.05
CA ALA FA 32 22.55 55.24 28.66
C ALA FA 32 22.42 54.51 29.99
N GLY FA 33 21.39 54.83 30.77
CA GLY FA 33 21.15 54.17 32.04
C GLY FA 33 21.64 54.92 33.26
N ASP FA 34 22.46 55.95 33.09
CA ASP FA 34 23.01 56.66 34.24
C ASP FA 34 21.96 57.44 35.01
N LYS FA 35 20.83 57.79 34.39
CA LYS FA 35 19.80 58.58 35.02
C LYS FA 35 18.51 57.77 35.12
N LEU FA 36 17.85 57.87 36.27
CA LEU FA 36 16.54 57.28 36.48
C LEU FA 36 15.50 58.39 36.40
N LEU FA 37 14.59 58.31 35.43
CA LEU FA 37 13.64 59.37 35.15
C LEU FA 37 12.23 58.87 35.47
N ALA FA 38 11.50 59.65 36.26
CA ALA FA 38 10.09 59.36 36.48
C ALA FA 38 9.28 59.77 35.26
N VAL FA 39 8.30 58.94 34.89
CA VAL FA 39 7.47 59.24 33.74
C VAL FA 39 6.65 60.49 34.02
N ALA FA 40 6.62 61.40 33.06
CA ALA FA 40 6.03 62.72 33.29
C ALA FA 40 4.51 62.63 33.35
N GLY FA 41 3.93 63.24 34.38
CA GLY FA 41 2.48 63.40 34.47
C GLY FA 41 1.69 62.13 34.58
N GLN FA 42 2.13 61.19 35.42
CA GLN FA 42 1.37 59.97 35.63
C GLN FA 42 0.15 60.25 36.52
N GLN FA 43 -0.93 59.52 36.25
CA GLN FA 43 -2.15 59.61 37.04
C GLN FA 43 -2.68 58.27 37.49
N GLY FA 44 -2.33 57.18 36.83
CA GLY FA 44 -2.78 55.86 37.24
C GLY FA 44 -1.71 54.84 36.93
N LEU FA 45 -1.68 53.77 37.72
CA LEU FA 45 -0.65 52.75 37.57
C LEU FA 45 -1.13 51.47 38.22
N THR FA 46 -1.01 50.36 37.49
CA THR FA 46 -1.37 49.05 38.01
C THR FA 46 -0.29 48.05 37.67
N VAL FA 47 -0.08 47.09 38.56
CA VAL FA 47 0.92 46.03 38.39
C VAL FA 47 0.18 44.70 38.37
N ASN FA 48 0.41 43.92 37.32
CA ASN FA 48 -0.21 42.62 37.16
C ASN FA 48 0.83 41.53 37.33
N ARG FA 49 0.53 40.57 38.21
CA ARG FA 49 1.39 39.40 38.42
C ARG FA 49 0.49 38.18 38.52
N SER FA 50 0.70 37.20 37.64
CA SER FA 50 -0.16 36.04 37.57
C SER FA 50 0.69 34.78 37.46
N LYS FA 51 0.12 33.67 37.91
CA LYS FA 51 0.78 32.37 37.83
C LYS FA 51 -0.22 31.34 37.32
N ASP FA 52 0.18 30.56 36.33
CA ASP FA 52 -0.68 29.54 35.78
C ASP FA 52 -0.83 28.37 36.76
N SER FA 53 -1.92 27.61 36.57
CA SER FA 53 -2.18 26.44 37.39
C SER FA 53 -2.38 25.24 36.48
N ILE FA 54 -1.60 24.18 36.73
CA ILE FA 54 -1.66 22.95 35.95
C ILE FA 54 -2.51 21.93 36.69
N GLU FA 55 -3.55 21.42 36.03
CA GLU FA 55 -4.42 20.44 36.65
C GLU FA 55 -3.81 19.05 36.53
N ILE FA 56 -3.76 18.33 37.64
CA ILE FA 56 -3.15 17.00 37.66
C ILE FA 56 -4.13 15.97 38.21
N THR FA 57 -5.43 16.21 38.01
CA THR FA 57 -6.44 15.27 38.46
C THR FA 57 -6.29 13.95 37.70
N SER FA 58 -6.45 12.85 38.42
CA SER FA 58 -6.31 11.51 37.85
C SER FA 58 -7.33 10.59 38.51
N LYS FA 59 -7.35 9.34 38.05
CA LYS FA 59 -8.32 8.38 38.57
C LYS FA 59 -8.03 7.95 39.99
N ASP FA 60 -6.80 8.13 40.46
CA ASP FA 60 -6.44 7.78 41.83
C ASP FA 60 -6.64 8.94 42.80
N THR FA 61 -7.09 10.10 42.31
CA THR FA 61 -7.39 11.22 43.18
C THR FA 61 -8.71 10.97 43.89
N VAL FA 62 -8.72 11.14 45.21
CA VAL FA 62 -9.89 10.88 46.03
C VAL FA 62 -10.37 12.18 46.65
N GLY FA 63 -11.51 12.11 47.34
CA GLY FA 63 -12.06 13.25 48.03
C GLY FA 63 -13.04 14.08 47.23
N GLY FA 64 -13.17 13.83 45.92
CA GLY FA 64 -14.11 14.58 45.12
C GLY FA 64 -13.69 16.00 44.83
N TRP FA 65 -12.41 16.30 44.91
CA TRP FA 65 -11.89 17.63 44.62
C TRP FA 65 -10.78 17.54 43.58
N LYS FA 66 -10.74 18.50 42.67
CA LYS FA 66 -9.68 18.54 41.67
C LYS FA 66 -8.35 18.90 42.31
N SER FA 67 -7.27 18.42 41.71
CA SER FA 67 -5.92 18.65 42.18
C SER FA 67 -5.17 19.51 41.17
N LYS FA 68 -4.46 20.52 41.66
CA LYS FA 68 -3.72 21.43 40.80
C LYS FA 68 -2.35 21.69 41.41
N ILE FA 69 -1.44 22.21 40.57
CA ILE FA 69 -0.11 22.61 41.00
C ILE FA 69 0.22 23.95 40.36
N GLY FA 70 1.19 24.65 40.95
CA GLY FA 70 1.62 25.92 40.41
C GLY FA 70 2.31 25.77 39.07
N GLY FA 71 2.29 26.86 38.30
CA GLY FA 71 2.83 26.86 36.97
C GLY FA 71 3.78 28.02 36.74
N MET FA 72 3.80 28.50 35.50
CA MET FA 72 4.71 29.54 35.08
C MET FA 72 4.23 30.90 35.62
N LYS FA 73 5.10 31.91 35.55
CA LYS FA 73 4.76 33.24 36.00
C LYS FA 73 5.07 34.27 34.92
N GLU FA 74 4.35 35.38 35.00
CA GLU FA 74 4.49 36.49 34.04
C GLU FA 74 4.00 37.76 34.72
N TRP FA 75 4.33 38.91 34.13
CA TRP FA 75 3.91 40.17 34.69
C TRP FA 75 3.78 41.24 33.60
N SER FA 76 3.04 42.29 33.94
CA SER FA 76 2.83 43.41 33.04
C SER FA 76 2.51 44.64 33.87
N ILE FA 77 2.89 45.80 33.35
CA ILE FA 77 2.69 47.08 34.03
C ILE FA 77 1.97 48.03 33.09
N GLU FA 78 0.87 48.60 33.57
CA GLU FA 78 0.09 49.57 32.80
C GLU FA 78 0.16 50.92 33.50
N ASN FA 79 0.54 51.95 32.75
CA ASN FA 79 0.62 53.31 33.26
C ASN FA 79 -0.18 54.23 32.35
N ASP FA 80 -0.69 55.31 32.93
CA ASP FA 80 -1.52 56.25 32.21
C ASP FA 80 -1.30 57.64 32.80
N GLY FA 81 -1.52 58.68 32.01
CA GLY FA 81 -1.44 60.02 32.56
C GLY FA 81 -1.48 61.07 31.47
N LEU FA 82 -1.05 62.28 31.83
CA LEU FA 82 -0.98 63.39 30.90
C LEU FA 82 0.30 63.28 30.07
N TYR FA 83 0.19 63.63 28.79
CA TYR FA 83 1.29 63.46 27.85
C TYR FA 83 1.80 64.82 27.39
N VAL FA 84 3.11 65.03 27.52
CA VAL FA 84 3.80 66.16 26.93
C VAL FA 84 4.97 65.63 26.12
N ALA FA 85 5.03 66.01 24.84
CA ALA FA 85 6.01 65.43 23.93
C ALA FA 85 7.43 65.79 24.35
N ASP FA 86 7.65 67.04 24.76
CA ASP FA 86 9.01 67.51 25.07
C ASP FA 86 9.57 66.92 26.36
N ALA FA 87 8.75 66.21 27.14
CA ALA FA 87 9.25 65.63 28.39
C ALA FA 87 10.36 64.63 28.10
N GLU FA 88 11.38 64.65 28.97
CA GLU FA 88 12.51 63.76 28.78
C GLU FA 88 12.12 62.29 28.92
N SER FA 89 11.28 61.98 29.90
CA SER FA 89 10.87 60.58 30.10
C SER FA 89 10.07 60.07 28.90
N HIS FA 90 9.18 60.89 28.36
CA HIS FA 90 8.42 60.48 27.19
C HIS FA 90 9.32 60.33 25.97
N LYS FA 91 10.33 61.19 25.84
CA LYS FA 91 11.29 61.02 24.75
C LYS FA 91 12.05 59.71 24.89
N GLU FA 92 12.46 59.36 26.11
CA GLU FA 92 13.15 58.10 26.32
C GLU FA 92 12.25 56.92 26.00
N LEU FA 93 10.98 57.00 26.40
CA LEU FA 93 10.04 55.95 26.06
C LEU FA 93 9.85 55.83 24.54
N ALA FA 94 9.82 56.97 23.85
CA ALA FA 94 9.68 56.94 22.40
C ALA FA 94 10.89 56.28 21.75
N LYS FA 95 12.10 56.62 22.20
CA LYS FA 95 13.28 55.97 21.64
C LYS FA 95 13.30 54.47 21.96
N TYR FA 96 12.88 54.09 23.16
CA TYR FA 96 12.81 52.68 23.51
C TYR FA 96 11.82 51.94 22.60
N PHE FA 97 10.66 52.54 22.35
CA PHE FA 97 9.66 51.91 21.50
C PHE FA 97 10.16 51.79 20.07
N GLU FA 98 10.81 52.84 19.55
CA GLU FA 98 11.27 52.81 18.16
C GLU FA 98 12.43 51.85 17.97
N SER FA 99 13.39 51.86 18.88
CA SER FA 99 14.60 51.05 18.74
C SER FA 99 14.35 49.57 19.00
N ASP FA 100 13.22 49.22 19.60
CA ASP FA 100 12.90 47.83 19.94
C ASP FA 100 13.98 47.24 20.85
N SER FA 101 14.11 47.83 22.03
CA SER FA 101 15.09 47.42 23.01
C SER FA 101 14.43 47.30 24.38
N PRO FA 102 14.94 46.42 25.24
CA PRO FA 102 14.38 46.29 26.59
C PRO FA 102 14.56 47.56 27.41
N VAL FA 103 13.62 47.79 28.32
CA VAL FA 103 13.60 48.97 29.18
C VAL FA 103 13.73 48.51 30.63
N CYS FA 104 14.62 49.15 31.37
CA CYS FA 104 14.76 48.88 32.80
C CYS FA 104 13.80 49.77 33.56
N VAL FA 105 12.76 49.17 34.14
CA VAL FA 105 11.73 49.91 34.85
C VAL FA 105 11.77 49.55 36.33
N LYS FA 106 11.32 50.49 37.15
CA LYS FA 106 11.22 50.24 38.58
C LYS FA 106 10.09 51.09 39.16
N ILE FA 107 9.40 50.54 40.15
CA ILE FA 107 8.29 51.19 40.82
C ILE FA 107 8.71 51.44 42.25
N ILE FA 108 8.63 52.71 42.68
CA ILE FA 108 9.16 53.14 43.96
C ILE FA 108 8.09 53.92 44.71
N ASN FA 109 8.31 54.06 46.01
CA ASN FA 109 7.45 54.84 46.89
C ASN FA 109 8.27 56.05 47.34
N GLN FA 110 8.11 57.17 46.64
CA GLN FA 110 8.91 58.36 46.92
C GLN FA 110 8.61 58.96 48.28
N ALA FA 111 7.45 58.65 48.88
CA ALA FA 111 7.15 59.15 50.21
C ALA FA 111 8.08 58.52 51.25
N SER FA 112 8.22 57.20 51.21
CA SER FA 112 9.09 56.48 52.12
C SER FA 112 10.49 56.25 51.53
N LYS FA 113 10.74 56.71 50.31
CA LYS FA 113 12.03 56.57 49.64
C LYS FA 113 12.48 55.11 49.61
N LYS FA 114 11.54 54.21 49.33
CA LYS FA 114 11.81 52.79 49.26
C LYS FA 114 11.27 52.24 47.95
N GLY FA 115 12.09 51.48 47.25
CA GLY FA 115 11.64 50.85 46.02
C GLY FA 115 10.75 49.66 46.29
N LEU FA 116 9.76 49.48 45.41
CA LEU FA 116 8.81 48.38 45.53
C LEU FA 116 9.08 47.25 44.55
N PHE FA 117 9.29 47.57 43.28
CA PHE FA 117 9.50 46.54 42.27
C PHE FA 117 10.52 47.01 41.26
N GLY FA 118 11.13 46.05 40.57
CA GLY FA 118 12.04 46.36 39.47
C GLY FA 118 12.01 45.25 38.45
N GLY FA 119 12.42 45.59 37.24
CA GLY FA 119 12.47 44.56 36.21
C GLY FA 119 12.83 45.11 34.85
N LEU FA 120 12.89 44.20 33.90
CA LEU FA 120 13.16 44.51 32.49
C LEU FA 120 11.90 44.20 31.68
N ALA FA 121 11.47 45.15 30.88
CA ALA FA 121 10.20 45.06 30.16
C ALA FA 121 10.39 45.45 28.71
N ILE FA 122 9.32 45.29 27.94
CA ILE FA 122 9.25 45.75 26.56
C ILE FA 122 8.02 46.63 26.41
N VAL FA 123 8.13 47.69 25.62
CA VAL FA 123 7.02 48.62 25.45
C VAL FA 123 6.01 47.97 24.51
N ALA FA 124 5.07 47.23 25.08
CA ALA FA 124 4.09 46.52 24.25
C ALA FA 124 3.10 47.49 23.62
N ASP FA 125 2.65 48.49 24.38
CA ASP FA 125 1.66 49.43 23.89
C ASP FA 125 2.05 50.83 24.30
N TYR FA 126 1.85 51.80 23.39
CA TYR FA 126 2.12 53.21 23.66
C TYR FA 126 1.12 54.01 22.84
N SER FA 127 0.00 54.36 23.47
CA SER FA 127 -1.13 54.98 22.77
C SER FA 127 -1.44 56.33 23.37
N PHE FA 128 -2.14 57.15 22.59
CA PHE FA 128 -2.47 58.51 22.98
C PHE FA 128 -3.94 58.81 22.67
N GLU FA 129 -4.50 59.74 23.43
CA GLU FA 129 -5.86 60.20 23.25
C GLU FA 129 -5.88 61.71 23.38
N ALA FA 130 -6.81 62.35 22.68
CA ALA FA 130 -6.91 63.81 22.65
C ALA FA 130 -8.33 64.25 22.38
N PRO FA 131 -9.19 64.19 23.39
CA PRO FA 131 -10.53 64.79 23.26
C PRO FA 131 -10.44 66.30 23.33
N PHE FA 132 -11.45 66.97 22.77
CA PHE FA 132 -11.44 68.42 22.68
C PHE FA 132 -11.94 69.10 23.95
N ASP FA 133 -12.31 68.35 24.99
CA ASP FA 133 -12.70 68.92 26.26
C ASP FA 133 -11.62 68.83 27.32
N GLU FA 134 -10.76 67.83 27.26
CA GLU FA 134 -9.75 67.59 28.28
C GLU FA 134 -8.35 67.70 27.65
N ALA FA 135 -7.34 67.40 28.46
CA ALA FA 135 -5.96 67.44 28.01
C ALA FA 135 -5.57 66.14 27.33
N MET FA 136 -4.59 66.23 26.44
CA MET FA 136 -4.10 65.05 25.75
C MET FA 136 -3.44 64.09 26.74
N THR FA 137 -3.73 62.81 26.61
CA THR FA 137 -3.30 61.80 27.57
C THR FA 137 -2.57 60.67 26.85
N TYR FA 138 -1.76 59.95 27.61
CA TYR FA 138 -0.99 58.82 27.12
C TYR FA 138 -1.26 57.61 28.00
N SER FA 139 -1.12 56.43 27.40
CA SER FA 139 -1.23 55.16 28.10
C SER FA 139 -0.18 54.22 27.56
N VAL FA 140 0.63 53.65 28.45
CA VAL FA 140 1.71 52.75 28.09
C VAL FA 140 1.51 51.42 28.82
N LYS FA 141 1.79 50.32 28.12
CA LYS FA 141 1.70 48.99 28.68
C LYS FA 141 2.98 48.24 28.36
N LEU FA 142 3.63 47.69 29.39
CA LEU FA 142 4.90 47.02 29.27
C LEU FA 142 4.75 45.58 29.74
N ASP FA 143 5.06 44.63 28.86
CA ASP FA 143 5.08 43.22 29.20
C ASP FA 143 6.41 42.87 29.87
N GLY FA 144 6.43 41.76 30.59
CA GLY FA 144 7.61 41.37 31.33
C GLY FA 144 8.58 40.53 30.51
N MET FA 145 9.87 40.86 30.65
CA MET FA 145 10.96 40.03 30.13
C MET FA 145 11.58 39.30 31.31
N GLY FA 146 11.27 38.01 31.43
CA GLY FA 146 11.85 37.24 32.51
C GLY FA 146 11.32 37.67 33.87
N ALA FA 147 12.19 37.63 34.86
CA ALA FA 147 11.80 37.85 36.25
C ALA FA 147 11.51 39.31 36.55
N LEU FA 148 10.65 39.53 37.54
CA LEU FA 148 10.40 40.84 38.13
C LEU FA 148 10.80 40.78 39.60
N VAL FA 149 11.83 41.53 39.97
CA VAL FA 149 12.34 41.47 41.32
C VAL FA 149 11.44 42.29 42.24
N ASP FA 150 10.95 41.64 43.29
CA ASP FA 150 10.13 42.30 44.31
C ASP FA 150 11.07 42.92 45.33
N LEU FA 151 11.22 44.25 45.27
CA LEU FA 151 12.18 44.94 46.11
C LEU FA 151 11.75 45.04 47.56
N THR FA 152 10.49 44.70 47.88
CA THR FA 152 10.02 44.84 49.25
C THR FA 152 10.55 43.75 50.16
N ILE FA 153 11.04 42.64 49.61
CA ILE FA 153 11.53 41.53 50.43
C ILE FA 153 13.00 41.27 50.16
N THR FA 154 13.73 42.32 49.78
CA THR FA 154 15.17 42.19 49.57
C THR FA 154 15.82 43.54 49.81
N GLU FA 155 17.12 43.51 50.07
CA GLU FA 155 17.88 44.72 50.33
C GLU FA 155 18.19 45.45 49.02
N GLY FA 156 18.45 46.74 49.13
CA GLY FA 156 18.80 47.54 47.97
C GLY FA 156 17.59 48.00 47.19
N GLY FA 157 17.88 48.54 46.01
CA GLY FA 157 16.84 49.06 45.14
C GLY FA 157 16.11 50.26 45.69
N ASP FA 158 16.82 51.18 46.33
CA ASP FA 158 16.23 52.37 46.93
C ASP FA 158 16.80 53.65 46.32
N GLN FA 159 17.11 53.63 45.03
CA GLN FA 159 17.63 54.80 44.33
C GLN FA 159 16.45 55.61 43.78
N MET FA 160 16.26 56.80 44.34
CA MET FA 160 15.21 57.69 43.89
C MET FA 160 15.59 58.32 42.55
N PRO FA 161 14.61 58.69 41.73
CA PRO FA 161 14.94 59.35 40.46
C PRO FA 161 15.55 60.72 40.69
N GLY FA 162 16.43 61.12 39.77
CA GLY FA 162 17.08 62.41 39.86
C GLY FA 162 18.45 62.45 39.21
N ALA GA 2 -35.46 83.25 99.75
CA ALA GA 2 -34.74 81.98 99.86
C ALA GA 2 -34.98 81.30 101.21
N PHE GA 3 -36.03 81.74 101.91
CA PHE GA 3 -36.37 81.19 103.22
C PHE GA 3 -37.89 81.21 103.36
N GLU GA 4 -38.38 81.14 104.60
CA GLU GA 4 -39.76 80.77 104.88
C GLU GA 4 -40.08 79.45 104.18
N GLU GA 5 -39.16 78.50 104.33
CA GLU GA 5 -39.21 77.18 103.69
C GLU GA 5 -39.16 77.27 102.18
N ASN GA 6 -38.68 78.40 101.64
CA ASN GA 6 -38.53 78.61 100.20
C ASN GA 6 -39.85 78.35 99.47
N LEU GA 7 -40.92 78.91 100.02
CA LEU GA 7 -42.25 78.69 99.44
C LEU GA 7 -42.38 79.30 98.04
N TYR GA 8 -41.54 80.27 97.70
CA TYR GA 8 -41.54 80.84 96.36
C TYR GA 8 -40.17 80.93 95.70
N CYS GA 9 -39.08 80.79 96.46
CA CYS GA 9 -37.73 80.98 95.95
C CYS GA 9 -36.92 79.73 96.24
N ASP GA 10 -36.91 78.80 95.28
CA ASP GA 10 -36.17 77.55 95.44
C ASP GA 10 -34.73 77.75 94.97
N TYR GA 11 -33.79 77.58 95.90
CA TYR GA 11 -32.36 77.71 95.60
C TYR GA 11 -31.62 76.39 95.68
N THR GA 12 -32.32 75.28 95.87
CA THR GA 12 -31.64 73.99 95.95
C THR GA 12 -31.12 73.59 94.58
N PRO GA 13 -29.81 73.39 94.41
CA PRO GA 13 -29.27 73.00 93.11
C PRO GA 13 -29.42 71.50 92.87
N GLY GA 14 -30.31 71.14 91.96
CA GLY GA 14 -30.48 69.74 91.59
C GLY GA 14 -29.79 69.42 90.28
N ALA GA 15 -29.94 70.32 89.30
CA ALA GA 15 -29.28 70.18 88.01
C ALA GA 15 -29.23 71.54 87.34
N ALA GA 16 -28.26 71.70 86.43
CA ALA GA 16 -28.16 72.93 85.68
C ALA GA 16 -29.39 73.14 84.79
N LYS GA 17 -29.87 72.06 84.16
CA LYS GA 17 -31.09 72.02 83.38
C LYS GA 17 -30.98 72.85 82.09
N ALA GA 18 -29.87 73.56 81.93
CA ALA GA 18 -29.63 74.38 80.76
C ALA GA 18 -28.17 74.82 80.76
N VAL GA 19 -27.52 74.71 79.60
CA VAL GA 19 -26.13 75.12 79.44
C VAL GA 19 -26.08 76.18 78.35
N ALA GA 20 -25.69 77.40 78.73
CA ALA GA 20 -25.59 78.48 77.77
C ALA GA 20 -24.43 78.23 76.81
N GLY GA 21 -24.59 78.74 75.58
CA GLY GA 21 -23.55 78.59 74.57
C GLY GA 21 -22.27 79.32 74.88
N LYS GA 22 -22.29 80.24 75.84
CA LYS GA 22 -21.07 80.97 76.20
C LYS GA 22 -19.99 80.05 76.75
N ASP GA 23 -20.37 78.90 77.29
CA ASP GA 23 -19.46 78.05 78.04
C ASP GA 23 -18.88 76.90 77.22
N VAL GA 24 -19.47 76.57 76.07
CA VAL GA 24 -19.03 75.46 75.25
C VAL GA 24 -17.98 75.99 74.29
N ILE GA 25 -16.72 75.65 74.54
CA ILE GA 25 -15.59 76.22 73.83
C ILE GA 25 -14.83 75.14 73.08
N LEU GA 26 -14.50 75.42 71.83
CA LEU GA 26 -13.60 74.59 71.04
C LEU GA 26 -12.16 74.99 71.31
N ALA GA 27 -11.30 73.99 71.51
CA ALA GA 27 -9.88 74.23 71.71
C ALA GA 27 -9.08 73.23 70.89
N VAL GA 28 -7.87 73.63 70.52
CA VAL GA 28 -6.98 72.79 69.72
C VAL GA 28 -5.61 72.76 70.40
N PHE GA 29 -4.88 71.67 70.14
CA PHE GA 29 -3.51 71.56 70.60
C PHE GA 29 -2.56 72.10 69.53
N ASN GA 30 -1.48 72.74 70.00
CA ASN GA 30 -0.50 73.30 69.08
C ASN GA 30 0.32 72.18 68.45
N ALA GA 31 1.33 72.57 67.66
CA ALA GA 31 2.14 71.59 66.96
C ALA GA 31 2.86 70.68 67.95
N ALA GA 32 3.45 71.25 69.00
CA ALA GA 32 4.09 70.44 70.02
C ALA GA 32 3.09 69.76 70.94
N GLY GA 33 1.90 70.35 71.10
CA GLY GA 33 0.89 69.80 71.99
C GLY GA 33 1.06 70.15 73.44
N ASP GA 34 2.12 70.90 73.80
CA ASP GA 34 2.33 71.26 75.20
C ASP GA 34 1.22 72.18 75.71
N LYS GA 35 0.83 73.17 74.90
CA LYS GA 35 -0.17 74.16 75.31
C LYS GA 35 -1.39 74.02 74.42
N LEU GA 36 -2.56 73.85 75.04
CA LEU GA 36 -3.82 73.82 74.33
C LEU GA 36 -4.47 75.20 74.38
N LEU GA 37 -4.97 75.67 73.25
CA LEU GA 37 -5.50 77.02 73.14
C LEU GA 37 -6.85 77.01 72.45
N ALA GA 38 -7.74 77.89 72.90
CA ALA GA 38 -9.05 78.03 72.28
C ALA GA 38 -8.96 78.90 71.04
N VAL GA 39 -9.84 78.63 70.08
CA VAL GA 39 -9.88 79.39 68.83
C VAL GA 39 -10.47 80.76 69.11
N ALA GA 40 -9.75 81.80 68.70
CA ALA GA 40 -10.17 83.17 68.99
C ALA GA 40 -11.45 83.53 68.25
N GLY GA 41 -12.33 84.27 68.92
CA GLY GA 41 -13.54 84.77 68.29
C GLY GA 41 -14.55 83.72 67.90
N GLN GA 42 -14.73 82.70 68.73
CA GLN GA 42 -15.75 81.70 68.46
C GLN GA 42 -17.14 82.30 68.60
N GLN GA 43 -18.03 81.98 67.67
CA GLN GA 43 -19.38 82.51 67.69
C GLN GA 43 -20.43 81.40 67.58
N GLY GA 44 -20.09 80.32 66.88
CA GLY GA 44 -21.02 79.22 66.72
C GLY GA 44 -20.32 77.89 66.50
N LEU GA 45 -20.83 76.84 67.12
CA LEU GA 45 -20.20 75.52 67.05
C LEU GA 45 -21.27 74.45 66.94
N THR GA 46 -21.06 73.51 66.01
CA THR GA 46 -21.91 72.34 65.85
C THR GA 46 -21.03 71.10 65.78
N VAL GA 47 -21.48 70.03 66.39
CA VAL GA 47 -20.78 68.74 66.37
C VAL GA 47 -21.74 67.69 65.85
N ASN GA 48 -21.35 67.01 64.77
CA ASN GA 48 -22.19 66.00 64.15
C ASN GA 48 -21.55 64.64 64.31
N ARG GA 49 -22.32 63.69 64.84
CA ARG GA 49 -21.91 62.30 64.95
C ARG GA 49 -22.98 61.43 64.31
N SER GA 50 -22.59 60.57 63.36
CA SER GA 50 -23.55 59.81 62.58
C SER GA 50 -23.14 58.36 62.50
N LYS GA 51 -24.16 57.51 62.39
CA LYS GA 51 -24.01 56.06 62.22
C LYS GA 51 -24.73 55.63 60.96
N ASP GA 52 -24.31 54.50 60.41
CA ASP GA 52 -24.89 53.94 59.20
C ASP GA 52 -25.87 52.82 59.55
N SER GA 53 -26.89 52.68 58.72
CA SER GA 53 -27.89 51.62 58.88
C SER GA 53 -27.77 50.66 57.70
N ILE GA 54 -27.56 49.38 58.01
CA ILE GA 54 -27.43 48.33 56.99
C ILE GA 54 -28.74 47.56 56.94
N GLU GA 55 -29.34 47.49 55.76
CA GLU GA 55 -30.57 46.75 55.57
C GLU GA 55 -30.27 45.25 55.48
N ILE GA 56 -31.02 44.45 56.25
CA ILE GA 56 -30.84 43.00 56.23
C ILE GA 56 -32.18 42.33 55.97
N THR GA 57 -33.09 43.04 55.32
CA THR GA 57 -34.40 42.49 55.03
C THR GA 57 -34.29 41.32 54.06
N SER GA 58 -35.09 40.29 54.29
CA SER GA 58 -35.09 39.10 53.44
C SER GA 58 -36.49 38.51 53.44
N LYS GA 59 -36.66 37.43 52.69
CA LYS GA 59 -37.94 36.73 52.65
C LYS GA 59 -38.27 36.04 53.96
N ASP GA 60 -37.30 35.85 54.84
CA ASP GA 60 -37.56 35.22 56.13
C ASP GA 60 -38.25 36.15 57.10
N THR GA 61 -38.00 37.46 57.01
CA THR GA 61 -38.59 38.40 57.94
C THR GA 61 -40.10 38.45 57.78
N VAL GA 62 -40.80 38.60 58.91
CA VAL GA 62 -42.25 38.63 58.94
C VAL GA 62 -42.69 39.85 59.74
N GLY GA 63 -43.96 40.22 59.56
CA GLY GA 63 -44.53 41.38 60.20
C GLY GA 63 -44.67 42.60 59.30
N GLY GA 64 -44.09 42.57 58.10
CA GLY GA 64 -44.21 43.66 57.17
C GLY GA 64 -43.25 44.82 57.40
N TRP GA 65 -42.35 44.71 58.36
CA TRP GA 65 -41.38 45.76 58.65
C TRP GA 65 -39.99 45.30 58.23
N LYS GA 66 -39.25 46.17 57.57
CA LYS GA 66 -37.90 45.84 57.15
C LYS GA 66 -36.96 45.79 58.35
N SER GA 67 -35.88 45.03 58.20
CA SER GA 67 -34.91 44.80 59.26
C SER GA 67 -33.62 45.55 58.96
N LYS GA 68 -33.11 46.27 59.96
CA LYS GA 68 -31.89 47.04 59.83
C LYS GA 68 -31.00 46.80 61.04
N ILE GA 69 -29.69 46.99 60.83
CA ILE GA 69 -28.69 46.86 61.87
C ILE GA 69 -27.75 48.07 61.81
N GLY GA 70 -26.98 48.24 62.88
CA GLY GA 70 -26.04 49.34 62.93
C GLY GA 70 -24.88 49.14 61.98
N GLY GA 71 -24.19 50.24 61.69
CA GLY GA 71 -23.10 50.25 60.75
C GLY GA 71 -21.89 51.01 61.30
N MET GA 72 -21.20 51.68 60.39
CA MET GA 72 -19.97 52.39 60.71
C MET GA 72 -20.31 53.70 61.43
N LYS GA 73 -19.29 54.51 61.73
CA LYS GA 73 -19.47 55.75 62.45
C LYS GA 73 -18.63 56.84 61.82
N GLU GA 74 -19.07 58.09 61.97
CA GLU GA 74 -18.29 59.22 61.48
C GLU GA 74 -18.67 60.46 62.28
N TRP GA 75 -17.79 61.46 62.25
CA TRP GA 75 -18.04 62.67 63.01
C TRP GA 75 -17.31 63.85 62.39
N SER GA 76 -17.86 65.04 62.64
CA SER GA 76 -17.32 66.29 62.13
C SER GA 76 -17.69 67.42 63.08
N ILE GA 77 -16.95 68.52 62.96
CA ILE GA 77 -17.16 69.70 63.79
C ILE GA 77 -17.12 70.94 62.89
N GLU GA 78 -18.12 71.80 63.01
CA GLU GA 78 -18.17 73.05 62.28
C GLU GA 78 -18.12 74.20 63.28
N ASN GA 79 -17.26 75.18 63.02
CA ASN GA 79 -17.10 76.30 63.93
C ASN GA 79 -16.93 77.59 63.14
N ASP GA 80 -17.78 78.58 63.42
CA ASP GA 80 -17.74 79.85 62.74
C ASP GA 80 -17.61 80.97 63.76
N GLY GA 81 -17.02 82.08 63.33
CA GLY GA 81 -16.85 83.21 64.23
C GLY GA 81 -16.09 84.34 63.59
N LEU GA 82 -15.54 85.20 64.44
CA LEU GA 82 -14.76 86.34 63.99
C LEU GA 82 -13.30 85.95 63.78
N TYR GA 83 -12.71 86.43 62.70
CA TYR GA 83 -11.35 86.07 62.32
C TYR GA 83 -10.39 87.18 62.71
N VAL GA 84 -9.37 86.83 63.49
CA VAL GA 84 -8.27 87.72 63.82
C VAL GA 84 -7.01 87.03 63.28
N ALA GA 85 -6.47 87.56 62.18
CA ALA GA 85 -5.36 86.90 61.51
C ALA GA 85 -4.11 86.83 62.37
N ASP GA 86 -3.96 87.73 63.33
CA ASP GA 86 -2.78 87.74 64.19
C ASP GA 86 -2.91 86.84 65.41
N ALA GA 87 -4.07 86.22 65.62
CA ALA GA 87 -4.25 85.35 66.77
C ALA GA 87 -3.40 84.10 66.63
N GLU GA 88 -2.89 83.62 67.76
CA GLU GA 88 -2.05 82.42 67.73
C GLU GA 88 -2.84 81.18 67.35
N SER GA 89 -4.10 81.10 67.79
CA SER GA 89 -4.93 79.95 67.44
C SER GA 89 -5.16 79.87 65.94
N HIS GA 90 -5.47 81.00 65.31
CA HIS GA 90 -5.67 81.00 63.86
C HIS GA 90 -4.38 80.72 63.12
N LYS GA 91 -3.24 81.21 63.64
CA LYS GA 91 -1.95 80.88 63.02
C LYS GA 91 -1.68 79.38 63.08
N GLU GA 92 -1.96 78.76 64.23
CA GLU GA 92 -1.79 77.31 64.35
C GLU GA 92 -2.72 76.57 63.41
N LEU GA 93 -3.96 77.04 63.29
CA LEU GA 93 -4.89 76.41 62.35
C LEU GA 93 -4.40 76.50 60.92
N ALA GA 94 -3.87 77.68 60.53
CA ALA GA 94 -3.35 77.84 59.18
C ALA GA 94 -2.14 76.93 58.96
N LYS GA 95 -1.27 76.80 59.96
CA LYS GA 95 -0.12 75.91 59.84
C LYS GA 95 -0.57 74.46 59.70
N TYR GA 96 -1.58 74.06 60.46
CA TYR GA 96 -2.12 72.71 60.34
C TYR GA 96 -2.71 72.48 58.95
N PHE GA 97 -3.44 73.48 58.43
CA PHE GA 97 -4.06 73.33 57.12
C PHE GA 97 -3.01 73.21 56.02
N GLU GA 98 -1.97 74.04 56.08
CA GLU GA 98 -0.92 73.99 55.08
C GLU GA 98 -0.15 72.68 55.16
N SER GA 99 0.32 72.31 56.35
CA SER GA 99 1.16 71.14 56.54
C SER GA 99 0.38 69.84 56.57
N ASP GA 100 -0.95 69.89 56.40
CA ASP GA 100 -1.85 68.73 56.29
C ASP GA 100 -1.65 67.72 57.42
N SER GA 101 -1.06 68.14 58.53
CA SER GA 101 -0.93 67.26 59.67
C SER GA 101 -2.25 67.16 60.43
N PRO GA 102 -2.54 66.00 61.01
CA PRO GA 102 -3.75 65.87 61.84
C PRO GA 102 -3.67 66.77 63.06
N VAL GA 103 -4.82 67.29 63.48
CA VAL GA 103 -4.90 68.22 64.60
C VAL GA 103 -5.71 67.57 65.72
N CYS GA 104 -5.22 67.69 66.94
CA CYS GA 104 -5.93 67.23 68.12
C CYS GA 104 -6.83 68.35 68.61
N VAL GA 105 -8.13 68.06 68.70
CA VAL GA 105 -9.15 69.06 69.00
C VAL GA 105 -10.00 68.54 70.16
N LYS GA 106 -10.65 69.46 70.85
CA LYS GA 106 -11.50 69.08 71.97
C LYS GA 106 -12.57 70.14 72.19
N ILE GA 107 -13.70 69.70 72.73
CA ILE GA 107 -14.83 70.56 73.09
C ILE GA 107 -14.96 70.48 74.61
N ILE GA 108 -14.93 71.62 75.27
CA ILE GA 108 -14.96 71.67 76.73
C ILE GA 108 -16.01 72.66 77.21
N ASN GA 109 -16.33 72.56 78.50
CA ASN GA 109 -17.25 73.46 79.18
C ASN GA 109 -16.42 74.36 80.09
N GLN GA 110 -16.13 75.56 79.63
CA GLN GA 110 -15.24 76.47 80.36
C GLN GA 110 -15.86 76.96 81.67
N ALA GA 111 -17.19 76.89 81.81
CA ALA GA 111 -17.83 77.35 83.03
C ALA GA 111 -17.98 76.23 84.07
N SER GA 112 -18.53 75.09 83.65
CA SER GA 112 -18.69 73.96 84.56
C SER GA 112 -17.39 73.27 84.89
N LYS GA 113 -16.28 73.68 84.26
CA LYS GA 113 -14.95 73.11 84.51
C LYS GA 113 -14.93 71.61 84.20
N LYS GA 114 -15.58 71.23 83.09
CA LYS GA 114 -15.61 69.85 82.63
C LYS GA 114 -15.37 69.80 81.13
N GLY GA 115 -14.86 68.65 80.68
CA GLY GA 115 -14.65 68.43 79.26
C GLY GA 115 -15.74 67.56 78.65
N LEU GA 116 -15.99 67.76 77.35
CA LEU GA 116 -17.06 67.07 76.66
C LEU GA 116 -16.53 66.08 75.63
N PHE GA 117 -15.72 66.53 74.67
CA PHE GA 117 -15.30 65.66 73.57
C PHE GA 117 -13.84 65.95 73.22
N GLY GA 118 -13.24 65.01 72.51
CA GLY GA 118 -11.89 65.19 72.01
C GLY GA 118 -11.48 64.14 70.98
N GLY GA 119 -10.57 64.48 70.08
CA GLY GA 119 -10.10 63.53 69.12
C GLY GA 119 -9.28 64.17 68.03
N LEU GA 120 -8.83 63.33 67.09
CA LEU GA 120 -8.04 63.75 65.96
C LEU GA 120 -8.94 64.13 64.78
N ALA GA 121 -8.51 65.13 64.02
CA ALA GA 121 -9.31 65.59 62.89
C ALA GA 121 -8.42 66.22 61.85
N ILE GA 122 -8.98 66.41 60.66
CA ILE GA 122 -8.34 67.13 59.57
C ILE GA 122 -9.16 68.37 59.25
N VAL GA 123 -8.47 69.45 58.88
CA VAL GA 123 -9.13 70.70 58.52
C VAL GA 123 -9.62 70.59 57.08
N ALA GA 124 -10.86 70.12 56.91
CA ALA GA 124 -11.39 69.91 55.56
C ALA GA 124 -11.74 71.21 54.89
N ASP GA 125 -12.00 72.27 55.65
CA ASP GA 125 -12.40 73.54 55.08
C ASP GA 125 -11.94 74.68 55.99
N TYR GA 126 -11.45 75.75 55.38
CA TYR GA 126 -11.01 76.95 56.12
C TYR GA 126 -11.32 78.15 55.23
N SER GA 127 -12.47 78.78 55.45
CA SER GA 127 -12.96 79.83 54.58
C SER GA 127 -13.23 81.09 55.39
N PHE GA 128 -13.19 82.23 54.71
CA PHE GA 128 -13.39 83.53 55.32
C PHE GA 128 -14.36 84.35 54.48
N GLU GA 129 -15.13 85.21 55.16
CA GLU GA 129 -16.06 86.13 54.52
C GLU GA 129 -15.81 87.53 55.05
N ALA GA 130 -15.79 88.51 54.15
CA ALA GA 130 -15.50 89.90 54.51
C ALA GA 130 -16.53 90.83 53.87
N PRO GA 131 -17.76 90.84 54.41
CA PRO GA 131 -18.74 91.82 53.93
C PRO GA 131 -18.36 93.23 54.38
N PHE GA 132 -18.70 94.21 53.54
CA PHE GA 132 -18.34 95.59 53.83
C PHE GA 132 -19.19 96.22 54.92
N ASP GA 133 -20.25 95.55 55.37
CA ASP GA 133 -21.10 96.08 56.43
C ASP GA 133 -20.59 95.73 57.82
N GLU GA 134 -20.22 94.47 58.05
CA GLU GA 134 -19.82 93.99 59.35
C GLU GA 134 -18.36 93.53 59.32
N ALA GA 135 -17.92 92.95 60.43
CA ALA GA 135 -16.55 92.46 60.53
C ALA GA 135 -16.37 91.21 59.68
N MET GA 136 -15.12 90.99 59.26
CA MET GA 136 -14.76 89.82 58.48
C MET GA 136 -14.76 88.59 59.38
N THR GA 137 -15.26 87.48 58.87
CA THR GA 137 -15.49 86.28 59.66
C THR GA 137 -14.69 85.11 59.10
N TYR GA 138 -14.80 83.97 59.80
CA TYR GA 138 -14.13 82.74 59.41
C TYR GA 138 -15.03 81.56 59.74
N SER GA 139 -14.84 80.47 59.00
CA SER GA 139 -15.54 79.22 59.23
C SER GA 139 -14.57 78.06 59.00
N VAL GA 140 -14.61 77.08 59.91
CA VAL GA 140 -13.70 75.94 59.88
C VAL GA 140 -14.53 74.66 59.99
N LYS GA 141 -14.18 73.65 59.20
CA LYS GA 141 -14.79 72.34 59.28
C LYS GA 141 -13.70 71.31 59.50
N LEU GA 142 -13.91 70.44 60.48
CA LEU GA 142 -12.96 69.39 60.84
C LEU GA 142 -13.63 68.04 60.70
N ASP GA 143 -13.00 67.14 59.96
CA ASP GA 143 -13.50 65.79 59.73
C ASP GA 143 -12.68 64.81 60.55
N GLY GA 144 -13.35 63.88 61.22
CA GLY GA 144 -12.63 62.98 62.11
C GLY GA 144 -11.83 61.94 61.35
N MET GA 145 -10.64 61.64 61.89
CA MET GA 145 -9.84 60.51 61.41
C MET GA 145 -10.31 59.18 61.97
N GLY GA 146 -11.19 59.20 62.97
CA GLY GA 146 -11.59 57.98 63.63
C GLY GA 146 -12.38 58.20 64.89
N ALA GA 147 -11.98 57.54 65.98
CA ALA GA 147 -12.76 57.58 67.21
C ALA GA 147 -12.79 58.99 67.79
N LEU GA 148 -13.98 59.45 68.13
CA LEU GA 148 -14.20 60.69 68.86
C LEU GA 148 -14.66 60.30 70.25
N VAL GA 149 -13.73 60.28 71.20
CA VAL GA 149 -14.04 59.81 72.54
C VAL GA 149 -15.02 60.77 73.21
N ASP GA 150 -15.81 60.24 74.14
CA ASP GA 150 -16.82 61.00 74.86
C ASP GA 150 -16.34 61.20 76.30
N LEU GA 151 -16.01 62.44 76.66
CA LEU GA 151 -15.53 62.74 77.99
C LEU GA 151 -16.66 62.83 79.02
N THR GA 152 -17.92 62.90 78.58
CA THR GA 152 -19.02 62.96 79.53
C THR GA 152 -19.29 61.63 80.19
N ILE GA 153 -18.81 60.52 79.62
CA ILE GA 153 -18.97 59.19 80.19
C ILE GA 153 -17.64 58.56 80.55
N THR GA 154 -16.53 59.21 80.25
CA THR GA 154 -15.20 58.72 80.59
C THR GA 154 -14.49 59.72 81.49
N GLU GA 155 -13.81 59.22 82.51
CA GLU GA 155 -13.12 60.08 83.44
C GLU GA 155 -11.92 60.75 82.77
N GLY GA 156 -11.48 61.86 83.36
CA GLY GA 156 -10.36 62.60 82.84
C GLY GA 156 -10.76 63.58 81.74
N GLY GA 157 -9.74 64.05 81.03
CA GLY GA 157 -9.95 64.98 79.94
C GLY GA 157 -10.50 66.32 80.38
N ASP GA 158 -9.93 66.90 81.43
CA ASP GA 158 -10.38 68.18 81.97
C ASP GA 158 -9.33 69.27 81.85
N GLN GA 159 -8.28 69.03 81.07
CA GLN GA 159 -7.28 70.08 80.83
C GLN GA 159 -7.89 71.20 79.98
N MET GA 160 -7.50 72.43 80.27
CA MET GA 160 -8.09 73.62 79.70
C MET GA 160 -7.02 74.64 79.33
N PRO GA 161 -7.32 75.58 78.42
CA PRO GA 161 -6.30 76.52 77.94
C PRO GA 161 -5.75 77.40 79.06
N GLY GA 162 -4.48 77.77 78.92
CA GLY GA 162 -3.82 78.60 79.90
C GLY GA 162 -2.41 78.13 80.17
N ALA HA 2 27.27 29.28 -7.08
CA ALA HA 2 28.30 28.88 -8.02
C ALA HA 2 29.62 29.59 -7.73
N PHE HA 3 29.74 30.10 -6.51
CA PHE HA 3 30.93 30.86 -6.12
C PHE HA 3 31.14 30.68 -4.62
N GLU HA 4 31.85 31.65 -4.01
CA GLU HA 4 32.39 31.53 -2.66
C GLU HA 4 33.50 30.48 -2.62
N GLU HA 5 34.35 30.49 -3.65
CA GLU HA 5 35.49 29.58 -3.78
C GLU HA 5 35.05 28.12 -3.77
N ASN HA 6 33.82 27.85 -4.21
CA ASN HA 6 33.26 26.51 -4.24
C ASN HA 6 33.37 25.83 -2.86
N LEU HA 7 33.09 26.62 -1.82
CA LEU HA 7 33.22 26.10 -0.46
C LEU HA 7 32.24 24.96 -0.21
N TYR HA 8 31.01 25.10 -0.71
CA TYR HA 8 29.98 24.06 -0.54
C TYR HA 8 29.39 23.57 -1.84
N CYS HA 9 29.54 24.30 -2.95
CA CYS HA 9 28.98 23.90 -4.24
C CYS HA 9 30.13 23.54 -5.17
N ASP HA 10 30.31 22.24 -5.40
CA ASP HA 10 31.38 21.73 -6.25
C ASP HA 10 30.87 21.68 -7.68
N TYR HA 11 31.16 22.73 -8.45
CA TYR HA 11 30.70 22.86 -9.82
C TYR HA 11 31.71 22.40 -10.85
N THR HA 12 32.86 21.88 -10.43
CA THR HA 12 33.89 21.46 -11.36
C THR HA 12 33.47 20.19 -12.08
N PRO HA 13 33.40 20.18 -13.41
CA PRO HA 13 33.04 18.96 -14.12
C PRO HA 13 34.24 18.04 -14.34
N GLY HA 14 34.21 16.87 -13.70
CA GLY HA 14 35.27 15.90 -13.89
C GLY HA 14 34.76 14.61 -14.51
N ALA HA 15 33.52 14.25 -14.19
CA ALA HA 15 32.90 13.06 -14.74
C ALA HA 15 31.39 13.20 -14.63
N ALA HA 16 30.68 12.47 -15.49
CA ALA HA 16 29.22 12.51 -15.46
C ALA HA 16 28.68 11.78 -14.24
N LYS HA 17 29.32 10.68 -13.85
CA LYS HA 17 28.97 9.87 -12.68
C LYS HA 17 27.67 9.11 -12.89
N ALA HA 18 26.99 9.38 -14.01
CA ALA HA 18 25.74 8.74 -14.39
C ALA HA 18 25.35 9.27 -15.76
N VAL HA 19 24.53 8.49 -16.46
CA VAL HA 19 23.98 8.89 -17.76
C VAL HA 19 22.49 8.58 -17.75
N ALA HA 20 21.69 9.60 -18.05
CA ALA HA 20 20.24 9.40 -18.11
C ALA HA 20 19.90 8.43 -19.23
N GLY HA 21 18.98 7.50 -18.95
CA GLY HA 21 18.62 6.50 -19.94
C GLY HA 21 17.99 7.09 -21.18
N LYS HA 22 17.33 8.25 -21.05
CA LYS HA 22 16.73 8.90 -22.21
C LYS HA 22 17.79 9.37 -23.20
N ASP HA 23 19.04 9.51 -22.76
CA ASP HA 23 20.08 10.03 -23.64
C ASP HA 23 20.56 8.99 -24.64
N VAL HA 24 20.49 7.71 -24.30
CA VAL HA 24 20.98 6.64 -25.16
C VAL HA 24 19.83 6.12 -26.00
N ILE HA 25 20.02 6.10 -27.32
CA ILE HA 25 18.99 5.66 -28.25
C ILE HA 25 19.59 4.66 -29.24
N LEU HA 26 18.70 3.95 -29.92
CA LEU HA 26 19.06 3.01 -30.96
C LEU HA 26 18.55 3.53 -32.30
N ALA HA 27 19.43 3.53 -33.30
CA ALA HA 27 19.08 3.98 -34.64
C ALA HA 27 19.48 2.91 -35.64
N VAL HA 28 18.84 2.93 -36.80
CA VAL HA 28 19.11 1.96 -37.86
C VAL HA 28 19.34 2.72 -39.16
N PHE HA 29 20.11 2.09 -40.06
CA PHE HA 29 20.30 2.63 -41.39
C PHE HA 29 19.20 2.13 -42.30
N ASN HA 30 18.65 3.04 -43.11
CA ASN HA 30 17.57 2.68 -44.01
C ASN HA 30 18.07 1.74 -45.10
N ALA HA 31 17.16 1.33 -45.98
CA ALA HA 31 17.51 0.36 -47.02
C ALA HA 31 18.60 0.90 -47.93
N ALA HA 32 18.50 2.18 -48.32
CA ALA HA 32 19.54 2.79 -49.13
C ALA HA 32 20.84 2.98 -48.35
N GLY HA 33 20.77 3.00 -47.02
CA GLY HA 33 21.96 3.20 -46.21
C GLY HA 33 22.49 4.62 -46.20
N ASP HA 34 21.72 5.59 -46.69
CA ASP HA 34 22.19 6.96 -46.77
C ASP HA 34 21.88 7.78 -45.53
N LYS HA 35 20.77 7.50 -44.85
CA LYS HA 35 20.36 8.27 -43.69
C LYS HA 35 20.11 7.36 -42.50
N LEU HA 36 20.55 7.83 -41.33
CA LEU HA 36 20.27 7.14 -40.08
C LEU HA 36 18.91 7.58 -39.55
N LEU HA 37 18.15 6.62 -39.02
CA LEU HA 37 16.82 6.90 -38.48
C LEU HA 37 16.75 6.34 -37.07
N ALA HA 38 16.44 7.21 -36.10
CA ALA HA 38 16.17 6.75 -34.74
C ALA HA 38 14.77 6.16 -34.68
N VAL HA 39 14.65 5.00 -34.05
CA VAL HA 39 13.36 4.33 -33.96
C VAL HA 39 12.40 5.19 -33.17
N ALA HA 40 11.19 5.35 -33.70
CA ALA HA 40 10.22 6.26 -33.11
C ALA HA 40 9.66 5.71 -31.80
N GLY HA 41 9.60 6.57 -30.79
CA GLY HA 41 8.96 6.21 -29.54
C GLY HA 41 9.66 5.12 -28.75
N GLN HA 42 10.98 5.15 -28.70
CA GLN HA 42 11.71 4.20 -27.87
C GLN HA 42 11.45 4.47 -26.39
N GLN HA 43 11.31 3.39 -25.62
CA GLN HA 43 11.16 3.51 -24.17
C GLN HA 43 12.07 2.58 -23.38
N GLY HA 44 12.57 1.50 -23.97
CA GLY HA 44 13.46 0.61 -23.28
C GLY HA 44 14.44 -0.07 -24.23
N LEU HA 45 15.71 -0.06 -23.88
CA LEU HA 45 16.76 -0.62 -24.72
C LEU HA 45 17.68 -1.48 -23.88
N THR HA 46 18.02 -2.66 -24.38
CA THR HA 46 18.92 -3.58 -23.71
C THR HA 46 19.90 -4.15 -24.72
N VAL HA 47 21.18 -4.11 -24.38
CA VAL HA 47 22.25 -4.66 -25.23
C VAL HA 47 22.90 -5.79 -24.45
N ASN HA 48 22.82 -7.00 -24.99
CA ASN HA 48 23.37 -8.18 -24.35
C ASN HA 48 24.60 -8.65 -25.11
N ARG HA 49 25.72 -8.77 -24.41
CA ARG HA 49 26.95 -9.34 -24.94
C ARG HA 49 27.35 -10.51 -24.07
N SER HA 50 27.58 -11.67 -24.68
CA SER HA 50 27.88 -12.88 -23.93
C SER HA 50 29.06 -13.60 -24.56
N LYS HA 51 29.78 -14.36 -23.73
CA LYS HA 51 30.91 -15.15 -24.16
C LYS HA 51 30.77 -16.55 -23.57
N ASP HA 52 31.22 -17.54 -24.35
CA ASP HA 52 31.18 -18.92 -23.90
C ASP HA 52 32.40 -19.24 -23.05
N SER HA 53 32.27 -20.31 -22.26
CA SER HA 53 33.35 -20.77 -21.40
C SER HA 53 33.69 -22.21 -21.76
N ILE HA 54 34.98 -22.46 -22.01
CA ILE HA 54 35.47 -23.79 -22.35
C ILE HA 54 36.21 -24.33 -21.14
N GLU HA 55 35.82 -25.52 -20.69
CA GLU HA 55 36.38 -26.11 -19.48
C GLU HA 55 37.61 -26.91 -19.83
N ILE HA 56 38.75 -26.53 -19.24
CA ILE HA 56 40.02 -27.20 -19.48
C ILE HA 56 40.57 -27.70 -18.14
N THR HA 57 39.68 -28.10 -17.24
CA THR HA 57 40.07 -28.53 -15.90
C THR HA 57 41.09 -29.66 -15.98
N SER HA 58 42.17 -29.50 -15.22
CA SER HA 58 43.26 -30.47 -15.18
C SER HA 58 43.28 -31.08 -13.78
N LYS HA 59 42.88 -32.36 -13.70
CA LYS HA 59 42.80 -33.03 -12.41
C LYS HA 59 44.16 -33.46 -11.88
N ASP HA 60 45.23 -33.32 -12.67
CA ASP HA 60 46.56 -33.75 -12.27
C ASP HA 60 47.41 -32.61 -11.74
N THR HA 61 46.82 -31.43 -11.54
CA THR HA 61 47.52 -30.28 -11.01
C THR HA 61 47.02 -29.98 -9.59
N VAL HA 62 47.93 -29.50 -8.74
CA VAL HA 62 47.56 -29.18 -7.37
C VAL HA 62 46.49 -28.09 -7.36
N GLY HA 63 45.67 -28.10 -6.32
CA GLY HA 63 44.55 -27.18 -6.26
C GLY HA 63 43.23 -27.88 -5.99
N GLY HA 64 42.36 -27.90 -7.00
CA GLY HA 64 41.03 -28.48 -6.83
C GLY HA 64 39.98 -27.61 -7.49
N TRP HA 65 40.43 -26.57 -8.20
CA TRP HA 65 39.54 -25.63 -8.86
C TRP HA 65 39.46 -25.93 -10.35
N LYS HA 66 38.25 -25.89 -10.89
CA LYS HA 66 38.08 -26.06 -12.32
C LYS HA 66 38.68 -24.89 -13.08
N SER HA 67 39.21 -25.19 -14.26
CA SER HA 67 39.85 -24.18 -15.11
C SER HA 67 39.02 -23.96 -16.37
N LYS HA 68 38.80 -22.69 -16.70
CA LYS HA 68 38.02 -22.31 -17.86
C LYS HA 68 38.76 -21.25 -18.66
N ILE HA 69 38.44 -21.19 -19.95
CA ILE HA 69 38.98 -20.18 -20.84
C ILE HA 69 37.83 -19.58 -21.64
N GLY HA 70 38.06 -18.39 -22.19
CA GLY HA 70 37.03 -17.71 -22.94
C GLY HA 70 36.70 -18.43 -24.23
N GLY HA 71 35.42 -18.39 -24.59
CA GLY HA 71 34.96 -19.02 -25.82
C GLY HA 71 34.69 -18.01 -26.91
N MET HA 72 33.55 -18.16 -27.59
CA MET HA 72 33.18 -17.25 -28.66
C MET HA 72 32.08 -16.30 -28.20
N LYS HA 73 32.04 -15.13 -28.82
CA LYS HA 73 31.18 -14.04 -28.39
C LYS HA 73 29.92 -13.94 -29.24
N GLU HA 74 28.86 -13.40 -28.63
CA GLU HA 74 27.60 -13.18 -29.32
C GLU HA 74 26.91 -11.98 -28.70
N TRP HA 75 25.98 -11.38 -29.45
CA TRP HA 75 25.32 -10.19 -28.95
C TRP HA 75 23.93 -10.04 -29.55
N SER HA 76 23.09 -9.31 -28.82
CA SER HA 76 21.70 -9.08 -29.21
C SER HA 76 21.23 -7.76 -28.63
N ILE HA 77 20.15 -7.24 -29.21
CA ILE HA 77 19.56 -5.98 -28.80
C ILE HA 77 18.06 -6.17 -28.67
N GLU HA 78 17.49 -5.69 -27.56
CA GLU HA 78 16.05 -5.71 -27.35
C GLU HA 78 15.57 -4.27 -27.19
N ASN HA 79 14.60 -3.87 -28.01
CA ASN HA 79 14.11 -2.50 -27.97
C ASN HA 79 12.59 -2.49 -27.97
N ASP HA 80 12.01 -1.80 -27.00
CA ASP HA 80 10.55 -1.74 -26.89
C ASP HA 80 10.14 -0.30 -26.66
N GLY HA 81 8.92 0.02 -27.07
CA GLY HA 81 8.43 1.38 -26.90
C GLY HA 81 7.04 1.55 -27.47
N LEU HA 82 6.67 2.82 -27.69
CA LEU HA 82 5.39 3.13 -28.31
C LEU HA 82 5.48 2.93 -29.82
N TYR HA 83 4.39 2.46 -30.41
CA TYR HA 83 4.35 2.12 -31.82
C TYR HA 83 3.48 3.12 -32.57
N VAL HA 84 4.05 3.72 -33.61
CA VAL HA 84 3.31 4.54 -34.57
C VAL HA 84 3.60 3.97 -35.96
N ALA HA 85 2.57 3.48 -36.64
CA ALA HA 85 2.78 2.76 -37.88
C ALA HA 85 3.25 3.65 -39.02
N ASP HA 86 3.02 4.96 -38.94
CA ASP HA 86 3.36 5.87 -40.01
C ASP HA 86 4.79 6.37 -39.94
N ALA HA 87 5.54 6.01 -38.91
CA ALA HA 87 6.92 6.46 -38.78
C ALA HA 87 7.79 5.81 -39.85
N GLU HA 88 8.79 6.58 -40.31
CA GLU HA 88 9.71 6.05 -41.32
C GLU HA 88 10.55 4.91 -40.75
N SER HA 89 11.00 5.05 -39.51
CA SER HA 89 11.83 4.02 -38.89
C SER HA 89 11.08 2.71 -38.77
N HIS HA 90 9.80 2.76 -38.40
CA HIS HA 90 9.00 1.54 -38.28
C HIS HA 90 8.78 0.90 -39.65
N LYS HA 91 8.59 1.73 -40.69
CA LYS HA 91 8.48 1.20 -42.04
C LYS HA 91 9.76 0.49 -42.46
N GLU HA 92 10.91 1.09 -42.15
CA GLU HA 92 12.18 0.45 -42.47
C GLU HA 92 12.35 -0.85 -41.70
N LEU HA 93 11.95 -0.87 -40.43
CA LEU HA 93 12.03 -2.10 -39.65
C LEU HA 93 11.15 -3.18 -40.23
N ALA HA 94 9.93 -2.83 -40.65
CA ALA HA 94 9.04 -3.81 -41.27
C ALA HA 94 9.62 -4.35 -42.57
N LYS HA 95 10.19 -3.47 -43.38
CA LYS HA 95 10.82 -3.93 -44.62
C LYS HA 95 12.00 -4.85 -44.34
N TYR HA 96 12.82 -4.51 -43.34
CA TYR HA 96 13.96 -5.35 -42.99
C TYR HA 96 13.50 -6.71 -42.50
N PHE HA 97 12.47 -6.76 -41.66
CA PHE HA 97 11.99 -8.04 -41.16
C PHE HA 97 11.33 -8.86 -42.27
N GLU HA 98 10.72 -8.20 -43.25
CA GLU HA 98 9.96 -8.92 -44.27
C GLU HA 98 10.86 -9.83 -45.10
N SER HA 99 12.03 -9.34 -45.53
CA SER HA 99 12.87 -10.09 -46.47
C SER HA 99 14.34 -9.89 -46.13
N ASP HA 100 14.89 -10.82 -45.33
CA ASP HA 100 16.32 -10.89 -45.02
C ASP HA 100 16.91 -9.51 -44.72
N SER HA 101 17.80 -9.05 -45.60
CA SER HA 101 18.36 -7.71 -45.55
C SER HA 101 18.94 -7.38 -44.18
N PRO HA 102 20.12 -7.92 -43.84
CA PRO HA 102 20.74 -7.58 -42.56
C PRO HA 102 20.89 -6.07 -42.42
N VAL HA 103 20.54 -5.56 -41.25
CA VAL HA 103 20.39 -4.12 -41.02
C VAL HA 103 21.55 -3.64 -40.17
N CYS HA 104 22.15 -2.53 -40.56
CA CYS HA 104 23.16 -1.86 -39.74
C CYS HA 104 22.46 -1.03 -38.67
N VAL HA 105 22.83 -1.27 -37.42
CA VAL HA 105 22.24 -0.57 -36.28
C VAL HA 105 23.36 0.06 -35.46
N LYS HA 106 23.02 1.13 -34.76
CA LYS HA 106 23.96 1.85 -33.92
C LYS HA 106 23.27 2.30 -32.64
N ILE HA 107 23.90 2.01 -31.50
CA ILE HA 107 23.49 2.56 -30.22
C ILE HA 107 24.34 3.81 -30.00
N ILE HA 108 23.66 4.96 -29.85
CA ILE HA 108 24.34 6.25 -29.77
C ILE HA 108 23.81 7.03 -28.58
N ASN HA 109 24.53 8.08 -28.23
CA ASN HA 109 24.15 9.00 -27.16
C ASN HA 109 23.76 10.32 -27.82
N GLN HA 110 22.44 10.56 -27.93
CA GLN HA 110 21.96 11.72 -28.64
C GLN HA 110 22.24 13.03 -27.91
N ALA HA 111 22.51 12.98 -26.60
CA ALA HA 111 22.77 14.19 -25.84
C ALA HA 111 24.26 14.50 -25.75
N SER HA 112 25.06 13.53 -25.32
CA SER HA 112 26.51 13.73 -25.22
C SER HA 112 27.19 13.84 -26.57
N LYS HA 113 26.45 13.60 -27.66
CA LYS HA 113 26.98 13.72 -29.02
C LYS HA 113 28.13 12.74 -29.26
N LYS HA 114 27.85 11.45 -29.01
CA LYS HA 114 28.84 10.40 -29.19
C LYS HA 114 28.14 9.08 -29.45
N GLY HA 115 28.77 8.24 -30.27
CA GLY HA 115 28.25 6.91 -30.49
C GLY HA 115 28.83 5.89 -29.53
N LEU HA 116 28.10 4.80 -29.34
CA LEU HA 116 28.52 3.75 -28.41
C LEU HA 116 28.81 2.44 -29.12
N PHE HA 117 27.85 1.90 -29.88
CA PHE HA 117 28.04 0.60 -30.53
C PHE HA 117 27.46 0.66 -31.94
N GLY HA 118 27.94 -0.25 -32.78
CA GLY HA 118 27.41 -0.37 -34.13
C GLY HA 118 27.72 -1.73 -34.70
N GLY HA 119 26.81 -2.22 -35.54
CA GLY HA 119 27.03 -3.50 -36.18
C GLY HA 119 25.82 -3.96 -36.95
N LEU HA 120 26.01 -5.04 -37.69
CA LEU HA 120 24.94 -5.65 -38.47
C LEU HA 120 24.15 -6.64 -37.62
N ALA HA 121 22.85 -6.72 -37.90
CA ALA HA 121 21.98 -7.60 -37.13
C ALA HA 121 20.80 -8.01 -37.99
N ILE HA 122 20.06 -9.01 -37.50
CA ILE HA 122 18.83 -9.47 -38.14
C ILE HA 122 17.68 -9.30 -37.16
N VAL HA 123 16.51 -9.01 -37.72
CA VAL HA 123 15.30 -8.79 -36.92
C VAL HA 123 14.66 -10.14 -36.62
N ALA HA 124 14.98 -10.71 -35.46
CA ALA HA 124 14.45 -12.02 -35.11
C ALA HA 124 12.99 -11.97 -34.68
N ASP HA 125 12.55 -10.85 -34.12
CA ASP HA 125 11.20 -10.74 -33.60
C ASP HA 125 10.69 -9.32 -33.78
N TYR HA 126 9.40 -9.19 -34.10
CA TYR HA 126 8.77 -7.88 -34.26
C TYR HA 126 7.30 -8.05 -33.90
N SER HA 127 6.94 -7.71 -32.66
CA SER HA 127 5.61 -7.93 -32.14
C SER HA 127 5.02 -6.63 -31.62
N PHE HA 128 3.70 -6.63 -31.47
CA PHE HA 128 2.94 -5.46 -31.03
C PHE HA 128 2.01 -5.85 -29.90
N GLU HA 129 1.41 -4.85 -29.27
CA GLU HA 129 0.49 -5.07 -28.16
C GLU HA 129 -0.41 -3.85 -28.04
N ALA HA 130 -1.71 -4.07 -27.92
CA ALA HA 130 -2.70 -2.99 -27.88
C ALA HA 130 -3.67 -3.21 -26.73
N PRO HA 131 -3.25 -2.93 -25.49
CA PRO HA 131 -4.18 -2.97 -24.37
C PRO HA 131 -5.25 -1.90 -24.51
N PHE HA 132 -6.46 -2.21 -24.04
CA PHE HA 132 -7.58 -1.30 -24.23
C PHE HA 132 -7.52 -0.06 -23.35
N ASP HA 133 -6.66 -0.04 -22.33
CA ASP HA 133 -6.54 1.09 -21.43
C ASP HA 133 -5.13 1.66 -21.42
N GLU HA 134 -4.43 1.57 -22.54
CA GLU HA 134 -3.06 2.04 -22.64
C GLU HA 134 -2.72 2.23 -24.10
N ALA HA 135 -1.63 2.95 -24.35
CA ALA HA 135 -1.15 3.15 -25.71
C ALA HA 135 -0.64 1.83 -26.27
N MET HA 136 -0.76 1.68 -27.59
CA MET HA 136 -0.36 0.44 -28.25
C MET HA 136 1.14 0.45 -28.48
N THR HA 137 1.81 -0.61 -28.04
CA THR HA 137 3.26 -0.66 -27.98
C THR HA 137 3.82 -1.65 -28.98
N TYR HA 138 5.15 -1.60 -29.14
CA TYR HA 138 5.89 -2.48 -30.01
C TYR HA 138 7.13 -2.98 -29.29
N SER HA 139 7.57 -4.18 -29.69
CA SER HA 139 8.81 -4.76 -29.19
C SER HA 139 9.55 -5.39 -30.36
N VAL HA 140 10.88 -5.27 -30.35
CA VAL HA 140 11.72 -5.78 -31.43
C VAL HA 140 12.99 -6.37 -30.83
N LYS HA 141 13.49 -7.42 -31.49
CA LYS HA 141 14.69 -8.11 -31.06
C LYS HA 141 15.61 -8.30 -32.26
N LEU HA 142 16.88 -7.96 -32.10
CA LEU HA 142 17.88 -8.06 -33.15
C LEU HA 142 19.00 -8.97 -32.67
N ASP HA 143 19.39 -9.92 -33.51
CA ASP HA 143 20.49 -10.83 -33.23
C ASP HA 143 21.68 -10.45 -34.10
N GLY HA 144 22.87 -10.39 -33.50
CA GLY HA 144 24.02 -9.88 -34.22
C GLY HA 144 24.58 -10.85 -35.24
N MET HA 145 25.27 -10.27 -36.22
CA MET HA 145 26.03 -11.02 -37.22
C MET HA 145 27.48 -10.58 -37.10
N GLY HA 146 28.32 -11.47 -36.58
CA GLY HA 146 29.73 -11.13 -36.48
C GLY HA 146 30.01 -10.13 -35.37
N ALA HA 147 31.09 -9.37 -35.57
CA ALA HA 147 31.58 -8.48 -34.53
C ALA HA 147 30.63 -7.31 -34.29
N LEU HA 148 30.54 -6.89 -33.04
CA LEU HA 148 29.84 -5.67 -32.65
C LEU HA 148 30.89 -4.63 -32.29
N VAL HA 149 31.06 -3.63 -33.15
CA VAL HA 149 32.11 -2.64 -32.96
C VAL HA 149 31.83 -1.83 -31.71
N ASP HA 150 32.84 -1.67 -30.86
CA ASP HA 150 32.74 -0.91 -29.62
C ASP HA 150 33.32 0.48 -29.88
N LEU HA 151 32.44 1.44 -30.17
CA LEU HA 151 32.88 2.79 -30.52
C LEU HA 151 33.34 3.58 -29.30
N THR HA 152 33.13 3.08 -28.09
CA THR HA 152 33.57 3.81 -26.91
C THR HA 152 35.09 3.82 -26.78
N ILE HA 153 35.75 2.75 -27.20
CA ILE HA 153 37.20 2.65 -27.13
C ILE HA 153 37.85 3.06 -28.45
N THR HA 154 37.28 2.63 -29.57
CA THR HA 154 37.81 3.00 -30.88
C THR HA 154 37.33 4.40 -31.26
N GLU HA 155 37.87 4.89 -32.38
CA GLU HA 155 37.53 6.21 -32.87
C GLU HA 155 36.47 6.14 -33.96
N GLY HA 156 35.92 7.30 -34.31
CA GLY HA 156 34.91 7.37 -35.35
C GLY HA 156 33.53 6.99 -34.86
N GLY HA 157 32.65 6.78 -35.83
CA GLY HA 157 31.28 6.37 -35.53
C GLY HA 157 30.46 7.42 -34.82
N ASP HA 158 30.54 8.67 -35.26
CA ASP HA 158 29.76 9.76 -34.67
C ASP HA 158 28.65 10.24 -35.59
N GLN HA 159 28.32 9.48 -36.64
CA GLN HA 159 27.26 9.86 -37.54
C GLN HA 159 25.91 9.77 -36.82
N MET HA 160 25.02 10.70 -37.12
CA MET HA 160 23.78 10.88 -36.38
C MET HA 160 22.59 10.96 -37.32
N PRO HA 161 21.40 10.64 -36.83
CA PRO HA 161 20.21 10.68 -37.69
C PRO HA 161 19.98 12.07 -38.26
N GLY HA 162 19.51 12.12 -39.50
CA GLY HA 162 19.26 13.37 -40.18
C GLY HA 162 19.48 13.29 -41.68
N ALA IA 2 -71.32 107.38 115.30
CA ALA IA 2 -71.09 106.09 115.93
C ALA IA 2 -72.26 105.73 116.85
N PHE IA 3 -73.25 106.61 116.90
CA PHE IA 3 -74.37 106.43 117.81
C PHE IA 3 -75.70 106.62 117.09
N GLU IA 4 -76.80 106.62 117.84
CA GLU IA 4 -78.15 106.78 117.28
C GLU IA 4 -78.42 105.71 116.22
N GLU IA 5 -77.95 104.49 116.50
CA GLU IA 5 -78.15 103.32 115.64
C GLU IA 5 -77.40 103.48 114.33
N ASN IA 6 -76.73 104.63 114.16
CA ASN IA 6 -75.97 104.96 112.96
C ASN IA 6 -76.87 105.03 111.73
N LEU IA 7 -77.84 105.94 111.78
CA LEU IA 7 -78.80 106.09 110.70
C LEU IA 7 -78.22 106.84 109.50
N TYR IA 8 -77.31 107.79 109.74
CA TYR IA 8 -76.72 108.58 108.66
C TYR IA 8 -75.23 108.34 108.46
N CYS IA 9 -74.67 107.30 109.07
CA CYS IA 9 -73.28 106.96 108.80
C CYS IA 9 -73.07 105.50 109.14
N ASP IA 10 -71.95 104.95 108.67
CA ASP IA 10 -71.66 103.54 108.85
C ASP IA 10 -70.29 103.36 109.50
N TYR IA 11 -70.20 102.38 110.41
CA TYR IA 11 -68.94 101.97 111.01
C TYR IA 11 -68.69 100.47 111.03
N THR IA 12 -69.62 99.65 110.55
CA THR IA 12 -69.44 98.20 110.61
C THR IA 12 -68.40 97.76 109.60
N PRO IA 13 -67.28 97.16 110.02
CA PRO IA 13 -66.27 96.70 109.05
C PRO IA 13 -66.57 95.32 108.51
N GLY IA 14 -66.83 95.22 107.21
CA GLY IA 14 -67.05 93.93 106.59
C GLY IA 14 -65.99 93.58 105.57
N ALA IA 15 -65.43 94.60 104.93
CA ALA IA 15 -64.36 94.42 103.96
C ALA IA 15 -63.64 95.75 103.78
N ALA IA 16 -62.43 95.68 103.22
CA ALA IA 16 -61.68 96.89 102.94
C ALA IA 16 -62.36 97.73 101.88
N LYS IA 17 -62.90 97.09 100.84
CA LYS IA 17 -63.61 97.69 99.71
C LYS IA 17 -62.70 98.56 98.85
N ALA IA 18 -61.44 98.74 99.22
CA ALA IA 18 -60.44 99.50 98.49
C ALA IA 18 -59.11 99.32 99.17
N VAL IA 19 -58.04 99.32 98.37
CA VAL IA 19 -56.68 99.21 98.89
C VAL IA 19 -55.89 100.39 98.35
N ALA IA 20 -55.34 101.19 99.26
CA ALA IA 20 -54.54 102.34 98.86
C ALA IA 20 -53.24 101.87 98.20
N GLY IA 21 -52.82 102.59 97.17
CA GLY IA 21 -51.59 102.26 96.47
C GLY IA 21 -50.33 102.52 97.28
N LYS IA 22 -50.43 103.33 98.35
CA LYS IA 22 -49.27 103.59 99.18
C LYS IA 22 -48.75 102.33 99.84
N ASP IA 23 -49.66 101.44 100.23
CA ASP IA 23 -49.34 100.32 101.10
C ASP IA 23 -48.86 99.08 100.35
N VAL IA 24 -48.79 99.11 99.03
CA VAL IA 24 -48.30 97.98 98.25
C VAL IA 24 -46.81 98.18 97.99
N ILE IA 25 -45.98 97.35 98.63
CA ILE IA 25 -44.53 97.51 98.64
C ILE IA 25 -43.88 96.35 97.91
N LEU IA 26 -42.92 96.67 97.05
CA LEU IA 26 -42.00 95.69 96.46
C LEU IA 26 -40.78 95.58 97.36
N ALA IA 27 -40.34 94.36 97.61
CA ALA IA 27 -39.16 94.13 98.43
C ALA IA 27 -38.33 93.01 97.82
N VAL IA 28 -37.04 93.04 98.10
CA VAL IA 28 -36.08 92.09 97.54
C VAL IA 28 -35.28 91.47 98.67
N PHE IA 29 -35.02 90.17 98.56
CA PHE IA 29 -34.18 89.49 99.52
C PHE IA 29 -32.73 89.85 99.28
N ASN IA 30 -31.99 90.10 100.35
CA ASN IA 30 -30.61 90.54 100.21
C ASN IA 30 -29.72 89.37 99.76
N ALA IA 31 -28.43 89.67 99.56
CA ALA IA 31 -27.51 88.67 99.05
C ALA IA 31 -27.48 87.42 99.93
N ALA IA 32 -27.28 87.62 101.24
CA ALA IA 32 -27.45 86.51 102.18
C ALA IA 32 -28.93 86.19 102.37
N GLY IA 33 -29.79 87.19 102.23
CA GLY IA 33 -31.22 86.99 102.31
C GLY IA 33 -31.80 87.03 103.71
N ASP IA 34 -30.97 87.19 104.75
CA ASP IA 34 -31.49 87.14 106.11
C ASP IA 34 -32.52 88.24 106.36
N LYS IA 35 -32.24 89.45 105.89
CA LYS IA 35 -33.16 90.57 106.01
C LYS IA 35 -33.73 90.91 104.63
N LEU IA 36 -35.05 90.89 104.51
CA LEU IA 36 -35.73 91.30 103.30
C LEU IA 36 -35.83 92.81 103.27
N LEU IA 37 -35.22 93.44 102.27
CA LEU IA 37 -35.11 94.89 102.22
C LEU IA 37 -36.10 95.46 101.21
N ALA IA 38 -36.85 96.47 101.63
CA ALA IA 38 -37.72 97.19 100.72
C ALA IA 38 -36.92 98.22 99.94
N VAL IA 39 -37.27 98.38 98.66
CA VAL IA 39 -36.53 99.29 97.80
C VAL IA 39 -36.92 100.72 98.11
N ALA IA 40 -35.91 101.56 98.39
CA ALA IA 40 -36.16 102.95 98.71
C ALA IA 40 -36.67 103.72 97.49
N GLY IA 41 -37.44 104.76 97.76
CA GLY IA 41 -38.01 105.58 96.69
C GLY IA 41 -39.01 104.85 95.82
N GLN IA 42 -39.80 103.95 96.40
CA GLN IA 42 -40.79 103.20 95.64
C GLN IA 42 -41.98 104.09 95.34
N GLN IA 43 -42.00 104.68 94.15
CA GLN IA 43 -43.03 105.64 93.77
C GLN IA 43 -44.19 104.94 93.07
N GLY IA 44 -43.90 104.28 91.95
CA GLY IA 44 -44.91 103.57 91.22
C GLY IA 44 -44.50 102.14 90.87
N LEU IA 45 -45.49 101.27 90.72
CA LEU IA 45 -45.24 99.87 90.49
C LEU IA 45 -46.41 99.24 89.74
N THR IA 46 -46.10 98.33 88.83
CA THR IA 46 -47.08 97.54 88.11
C THR IA 46 -46.62 96.09 88.06
N VAL IA 47 -47.58 95.18 87.88
CA VAL IA 47 -47.29 93.76 87.70
C VAL IA 47 -48.01 93.29 86.46
N ASN IA 48 -47.51 92.20 85.88
CA ASN IA 48 -48.13 91.59 84.70
C ASN IA 48 -47.95 90.09 84.77
N ARG IA 49 -49.06 89.36 84.68
CA ARG IA 49 -49.05 87.91 84.56
C ARG IA 49 -49.92 87.53 83.38
N SER IA 50 -49.38 86.73 82.47
CA SER IA 50 -50.11 86.40 81.26
C SER IA 50 -49.81 84.97 80.85
N LYS IA 51 -50.59 84.47 79.89
CA LYS IA 51 -50.32 83.16 79.30
C LYS IA 51 -50.84 83.15 77.87
N ASP IA 52 -50.30 82.24 77.08
CA ASP IA 52 -50.64 82.16 75.67
C ASP IA 52 -51.98 81.43 75.49
N SER IA 53 -52.51 81.54 74.28
CA SER IA 53 -53.76 80.87 73.90
C SER IA 53 -53.53 80.16 72.58
N ILE IA 54 -53.47 78.83 72.61
CA ILE IA 54 -53.18 78.06 71.42
C ILE IA 54 -54.47 77.78 70.68
N GLU IA 55 -54.50 78.13 69.39
CA GLU IA 55 -55.69 77.99 68.56
C GLU IA 55 -55.68 76.61 67.91
N ILE IA 56 -56.71 75.82 68.18
CA ILE IA 56 -56.79 74.45 67.69
C ILE IA 56 -58.04 74.20 66.87
N THR IA 57 -58.51 75.23 66.16
CA THR IA 57 -59.68 75.08 65.31
C THR IA 57 -59.38 74.13 64.16
N SER IA 58 -60.37 73.29 63.83
CA SER IA 58 -60.23 72.33 62.75
C SER IA 58 -61.54 72.32 61.96
N LYS IA 59 -61.68 71.35 61.05
CA LYS IA 59 -62.85 71.29 60.19
C LYS IA 59 -64.07 70.69 60.87
N ASP IA 60 -63.90 70.02 62.01
CA ASP IA 60 -65.02 69.42 62.72
C ASP IA 60 -65.60 70.33 63.81
N THR IA 61 -65.07 71.55 63.96
CA THR IA 61 -65.59 72.50 64.94
C THR IA 61 -66.76 73.24 64.29
N VAL IA 62 -67.97 72.83 64.64
CA VAL IA 62 -69.18 73.43 64.09
C VAL IA 62 -69.62 74.58 64.98
N GLY IA 63 -70.33 75.53 64.38
CA GLY IA 63 -70.81 76.69 65.10
C GLY IA 63 -70.27 78.02 64.59
N GLY IA 64 -69.25 78.01 63.73
CA GLY IA 64 -68.72 79.26 63.22
C GLY IA 64 -67.91 80.06 64.22
N TRP IA 65 -67.36 79.41 65.24
CA TRP IA 65 -66.58 80.09 66.27
C TRP IA 65 -65.23 79.38 66.42
N LYS IA 66 -64.17 80.17 66.52
CA LYS IA 66 -62.84 79.61 66.75
C LYS IA 66 -62.75 79.02 68.15
N SER IA 67 -61.93 77.97 68.28
CA SER IA 67 -61.73 77.28 69.54
C SER IA 67 -60.25 77.36 69.92
N LYS IA 68 -59.99 77.71 71.19
CA LYS IA 68 -58.63 77.88 71.69
C LYS IA 68 -58.52 77.20 73.05
N ILE IA 69 -57.27 76.93 73.47
CA ILE IA 69 -57.01 76.34 74.76
C ILE IA 69 -55.86 77.09 75.42
N GLY IA 70 -55.70 76.87 76.73
CA GLY IA 70 -54.79 77.68 77.51
C GLY IA 70 -53.33 77.37 77.21
N GLY IA 71 -52.49 78.34 77.51
CA GLY IA 71 -51.09 78.17 77.18
C GLY IA 71 -50.13 78.24 78.34
N MET IA 72 -48.89 78.58 78.01
CA MET IA 72 -47.79 78.65 78.96
C MET IA 72 -47.77 80.05 79.58
N LYS IA 73 -47.54 80.12 80.89
CA LYS IA 73 -47.68 81.39 81.62
C LYS IA 73 -46.32 82.01 81.97
N GLU IA 74 -46.30 83.34 82.01
CA GLU IA 74 -45.12 84.13 82.33
C GLU IA 74 -45.54 85.34 83.16
N TRP IA 75 -44.56 85.94 83.84
CA TRP IA 75 -44.84 87.08 84.71
C TRP IA 75 -43.64 88.02 84.77
N SER IA 76 -43.93 89.30 84.97
CA SER IA 76 -42.91 90.34 85.05
C SER IA 76 -43.46 91.53 85.83
N ILE IA 77 -42.59 92.18 86.59
CA ILE IA 77 -42.97 93.34 87.38
C ILE IA 77 -42.14 94.55 86.96
N GLU IA 78 -42.70 95.73 87.22
CA GLU IA 78 -42.10 97.01 86.89
C GLU IA 78 -42.18 97.91 88.10
N ASN IA 79 -41.09 98.62 88.41
CA ASN IA 79 -41.09 99.62 89.47
C ASN IA 79 -40.31 100.84 88.98
N ASP IA 80 -40.65 102.00 89.52
CA ASP IA 80 -39.96 103.22 89.13
C ASP IA 80 -40.20 104.31 90.15
N GLY IA 81 -39.20 105.13 90.40
CA GLY IA 81 -39.37 106.26 91.31
C GLY IA 81 -38.12 106.96 91.76
N LEU IA 82 -38.14 107.49 92.98
CA LEU IA 82 -36.99 108.20 93.52
C LEU IA 82 -35.82 107.24 93.73
N TYR IA 83 -34.63 107.68 93.39
CA TYR IA 83 -33.43 106.86 93.48
C TYR IA 83 -32.36 107.60 94.28
N VAL IA 84 -31.79 106.90 95.26
CA VAL IA 84 -30.62 107.38 95.99
C VAL IA 84 -29.59 106.27 96.03
N ALA IA 85 -28.35 106.60 95.66
CA ALA IA 85 -27.31 105.58 95.56
C ALA IA 85 -26.96 104.99 96.93
N ASP IA 86 -26.99 105.82 97.98
CA ASP IA 86 -26.62 105.35 99.31
C ASP IA 86 -27.60 104.34 99.89
N ALA IA 87 -28.79 104.21 99.32
CA ALA IA 87 -29.76 103.25 99.83
C ALA IA 87 -29.24 101.83 99.65
N GLU IA 88 -29.27 101.06 100.74
CA GLU IA 88 -28.72 99.70 100.71
C GLU IA 88 -29.45 98.83 99.71
N SER IA 89 -30.77 99.00 99.59
CA SER IA 89 -31.53 98.22 98.63
C SER IA 89 -31.06 98.50 97.20
N HIS IA 90 -30.80 99.76 96.88
CA HIS IA 90 -30.32 100.10 95.55
C HIS IA 90 -28.93 99.53 95.30
N LYS IA 91 -28.06 99.58 96.30
CA LYS IA 91 -26.72 99.00 96.14
C LYS IA 91 -26.81 97.50 95.88
N GLU IA 92 -27.68 96.80 96.61
CA GLU IA 92 -27.78 95.36 96.40
C GLU IA 92 -28.49 95.02 95.10
N LEU IA 93 -29.40 95.88 94.65
CA LEU IA 93 -29.98 95.70 93.32
C LEU IA 93 -28.91 95.84 92.24
N ALA IA 94 -28.03 96.83 92.38
CA ALA IA 94 -26.92 96.97 91.45
C ALA IA 94 -25.99 95.76 91.51
N LYS IA 95 -25.75 95.24 92.71
CA LYS IA 95 -24.92 94.04 92.85
C LYS IA 95 -25.57 92.85 92.16
N TYR IA 96 -26.89 92.70 92.30
CA TYR IA 96 -27.59 91.62 91.61
C TYR IA 96 -27.50 91.78 90.10
N PHE IA 97 -27.66 93.02 89.61
CA PHE IA 97 -27.58 93.27 88.18
C PHE IA 97 -26.19 92.94 87.63
N GLU IA 98 -25.15 93.31 88.37
CA GLU IA 98 -23.79 93.05 87.92
C GLU IA 98 -23.45 91.57 87.98
N SER IA 99 -23.78 90.92 89.10
CA SER IA 99 -23.39 89.53 89.32
C SER IA 99 -24.17 88.55 88.44
N ASP IA 100 -25.28 88.97 87.83
CA ASP IA 100 -26.11 88.11 87.00
C ASP IA 100 -26.59 86.89 87.79
N SER IA 101 -27.32 87.16 88.85
CA SER IA 101 -27.85 86.13 89.73
C SER IA 101 -29.33 86.36 89.98
N PRO IA 102 -30.09 85.30 90.21
CA PRO IA 102 -31.52 85.47 90.52
C PRO IA 102 -31.73 86.19 91.84
N VAL IA 103 -32.85 86.91 91.91
CA VAL IA 103 -33.22 87.70 93.08
C VAL IA 103 -34.62 87.27 93.54
N CYS IA 104 -34.77 87.10 94.85
CA CYS IA 104 -36.07 86.78 95.43
C CYS IA 104 -36.88 88.05 95.60
N VAL IA 105 -38.06 88.08 94.99
CA VAL IA 105 -38.88 89.27 94.85
C VAL IA 105 -40.22 89.03 95.53
N LYS IA 106 -40.66 89.98 96.36
CA LYS IA 106 -41.89 89.84 97.12
C LYS IA 106 -42.74 91.10 96.99
N ILE IA 107 -44.04 90.92 96.80
CA ILE IA 107 -45.01 92.00 96.78
C ILE IA 107 -45.89 91.85 98.02
N ILE IA 108 -45.89 92.85 98.89
CA ILE IA 108 -46.58 92.79 100.17
C ILE IA 108 -47.40 94.05 100.38
N ASN IA 109 -48.16 94.05 101.48
CA ASN IA 109 -49.05 95.15 101.87
C ASN IA 109 -48.84 95.43 103.36
N GLN IA 110 -48.27 96.59 103.69
CA GLN IA 110 -47.96 96.84 105.10
C GLN IA 110 -49.23 96.99 105.93
N ALA IA 111 -50.25 97.67 105.39
CA ALA IA 111 -51.42 98.01 106.18
C ALA IA 111 -52.09 96.76 106.73
N SER IA 112 -52.28 95.75 105.89
CA SER IA 112 -52.81 94.47 106.35
C SER IA 112 -51.71 93.53 106.83
N LYS IA 113 -50.44 93.88 106.64
CA LYS IA 113 -49.32 93.00 106.98
C LYS IA 113 -49.47 91.64 106.32
N LYS IA 114 -50.01 91.63 105.10
CA LYS IA 114 -50.25 90.40 104.36
C LYS IA 114 -49.49 90.45 103.04
N GLY IA 115 -48.71 89.41 102.78
CA GLY IA 115 -48.03 89.32 101.50
C GLY IA 115 -49.00 89.03 100.37
N LEU IA 116 -48.61 89.43 99.16
CA LEU IA 116 -49.44 89.24 97.98
C LEU IA 116 -48.81 88.29 96.97
N PHE IA 117 -47.55 88.51 96.60
CA PHE IA 117 -46.91 87.70 95.58
C PHE IA 117 -45.48 87.38 95.97
N GLY IA 118 -44.99 86.24 95.49
CA GLY IA 118 -43.62 85.85 95.73
C GLY IA 118 -43.00 85.08 94.57
N GLY IA 119 -41.79 85.46 94.15
CA GLY IA 119 -41.19 84.78 93.03
C GLY IA 119 -39.69 85.00 92.95
N LEU IA 120 -39.09 84.41 91.93
CA LEU IA 120 -37.68 84.56 91.63
C LEU IA 120 -37.55 85.21 90.26
N ALA IA 121 -36.80 86.31 90.19
CA ALA IA 121 -36.70 87.08 88.95
C ALA IA 121 -35.25 87.45 88.69
N ILE IA 122 -35.03 88.13 87.57
CA ILE IA 122 -33.74 88.69 87.20
C ILE IA 122 -33.94 90.14 86.77
N VAL IA 123 -32.89 90.94 86.92
CA VAL IA 123 -32.98 92.37 86.60
C VAL IA 123 -32.87 92.54 85.09
N ALA IA 124 -34.01 92.52 84.40
CA ALA IA 124 -34.00 92.69 82.96
C ALA IA 124 -33.53 94.08 82.57
N ASP IA 125 -33.98 95.11 83.29
CA ASP IA 125 -33.62 96.48 82.97
C ASP IA 125 -33.47 97.28 84.25
N TYR IA 126 -32.41 98.09 84.31
CA TYR IA 126 -32.14 98.98 85.44
C TYR IA 126 -31.65 100.30 84.84
N SER IA 127 -32.58 101.23 84.67
CA SER IA 127 -32.31 102.48 83.96
C SER IA 127 -32.51 103.68 84.87
N PHE IA 128 -31.90 104.80 84.50
CA PHE IA 128 -31.99 106.03 85.26
C PHE IA 128 -32.21 107.20 84.31
N GLU IA 129 -32.82 108.26 84.84
CA GLU IA 129 -33.08 109.49 84.11
C GLU IA 129 -32.81 110.67 85.03
N ALA IA 130 -32.23 111.73 84.47
CA ALA IA 130 -31.80 112.89 85.24
C ALA IA 130 -32.36 114.17 84.63
N PRO IA 131 -33.55 114.61 85.05
CA PRO IA 131 -34.09 115.88 84.57
C PRO IA 131 -33.56 117.05 85.38
N PHE IA 132 -33.13 118.09 84.68
CA PHE IA 132 -32.49 119.23 85.33
C PHE IA 132 -33.43 119.99 86.25
N ASP IA 133 -34.75 119.92 86.00
CA ASP IA 133 -35.72 120.68 86.78
C ASP IA 133 -36.47 119.85 87.80
N GLU IA 134 -36.29 118.53 87.80
CA GLU IA 134 -36.98 117.63 88.73
C GLU IA 134 -35.96 116.71 89.38
N ALA IA 135 -36.45 115.89 90.32
CA ALA IA 135 -35.59 114.90 90.96
C ALA IA 135 -35.30 113.76 90.00
N MET IA 136 -34.09 113.22 90.10
CA MET IA 136 -33.66 112.13 89.23
C MET IA 136 -34.41 110.85 89.60
N THR IA 137 -34.67 110.03 88.58
CA THR IA 137 -35.59 108.90 88.68
C THR IA 137 -34.91 107.62 88.24
N TYR IA 138 -35.35 106.51 88.81
CA TYR IA 138 -34.88 105.18 88.44
C TYR IA 138 -36.06 104.33 88.00
N SER IA 139 -35.75 103.29 87.22
CA SER IA 139 -36.74 102.33 86.77
C SER IA 139 -36.12 100.94 86.71
N VAL IA 140 -36.84 99.95 87.22
CA VAL IA 140 -36.42 98.56 87.21
C VAL IA 140 -37.52 97.71 86.57
N LYS IA 141 -37.14 96.89 85.61
CA LYS IA 141 -38.04 95.90 85.01
C LYS IA 141 -37.44 94.51 85.24
N LEU IA 142 -38.25 93.61 85.79
CA LEU IA 142 -37.79 92.25 86.05
C LEU IA 142 -38.81 91.27 85.47
N ASP IA 143 -38.30 90.20 84.86
CA ASP IA 143 -39.14 89.13 84.34
C ASP IA 143 -38.76 87.83 85.03
N GLY IA 144 -39.74 87.13 85.58
CA GLY IA 144 -39.46 85.99 86.42
C GLY IA 144 -39.44 84.66 85.68
N MET IA 145 -38.63 83.75 86.19
CA MET IA 145 -38.59 82.37 85.74
C MET IA 145 -39.36 81.50 86.71
N GLY IA 146 -40.03 80.49 86.19
CA GLY IA 146 -40.80 79.62 87.04
C GLY IA 146 -42.05 80.32 87.55
N ALA IA 147 -42.63 79.70 88.58
CA ALA IA 147 -43.90 80.17 89.10
C ALA IA 147 -43.74 81.47 89.88
N LEU IA 148 -44.84 82.22 89.96
CA LEU IA 148 -44.95 83.39 90.83
C LEU IA 148 -46.13 83.11 91.75
N VAL IA 149 -45.84 82.65 92.97
CA VAL IA 149 -46.88 82.18 93.86
C VAL IA 149 -47.70 83.38 94.36
N ASP IA 150 -49.00 83.16 94.50
CA ASP IA 150 -49.94 84.18 94.97
C ASP IA 150 -50.12 83.98 96.47
N LEU IA 151 -49.49 84.86 97.26
CA LEU IA 151 -49.61 84.76 98.71
C LEU IA 151 -51.02 85.01 99.20
N THR IA 152 -51.88 85.61 98.36
CA THR IA 152 -53.28 85.76 98.71
C THR IA 152 -53.98 84.40 98.80
N ILE IA 153 -53.64 83.48 97.90
CA ILE IA 153 -54.28 82.16 97.88
C ILE IA 153 -53.59 81.23 98.86
N THR IA 154 -52.28 81.08 98.72
CA THR IA 154 -51.53 80.19 99.61
C THR IA 154 -51.40 80.80 101.00
N GLU IA 155 -51.05 79.96 101.97
CA GLU IA 155 -50.92 80.36 103.36
C GLU IA 155 -49.45 80.62 103.67
N GLY IA 156 -49.16 81.82 104.17
CA GLY IA 156 -47.80 82.18 104.51
C GLY IA 156 -47.32 83.40 103.73
N GLY IA 157 -46.00 83.60 103.69
CA GLY IA 157 -45.44 84.71 102.95
C GLY IA 157 -45.85 86.06 103.49
N ASP IA 158 -45.78 86.24 104.81
CA ASP IA 158 -46.19 87.49 105.43
C ASP IA 158 -45.05 88.07 106.27
N GLN IA 159 -43.85 88.13 105.70
CA GLN IA 159 -42.72 88.71 106.41
C GLN IA 159 -42.97 90.19 106.68
N MET IA 160 -42.51 90.65 107.84
CA MET IA 160 -42.81 92.00 108.30
C MET IA 160 -42.15 93.14 107.52
N PRO IA 161 -41.02 92.94 106.81
CA PRO IA 161 -40.56 94.19 106.20
C PRO IA 161 -41.19 94.43 104.83
N LEU JA 573 27.64 -38.63 -22.36
CA LEU JA 573 27.21 -39.22 -23.63
C LEU JA 573 28.35 -39.27 -24.64
N ALA JA 574 29.39 -38.48 -24.39
CA ALA JA 574 30.54 -38.48 -25.27
C ALA JA 574 31.30 -39.79 -25.21
N ARG JA 575 31.45 -40.36 -24.01
CA ARG JA 575 32.18 -41.62 -23.87
C ARG JA 575 31.36 -42.80 -24.39
N VAL JA 576 30.05 -42.63 -24.53
CA VAL JA 576 29.25 -43.61 -25.28
C VAL JA 576 29.77 -43.75 -26.69
N GLU JA 577 29.91 -42.62 -27.40
CA GLU JA 577 30.48 -42.65 -28.73
C GLU JA 577 31.96 -43.02 -28.71
N ASN JA 578 32.66 -42.71 -27.61
CA ASN JA 578 34.04 -43.15 -27.48
C ASN JA 578 34.12 -44.67 -27.60
N LEU JA 579 33.31 -45.39 -26.81
CA LEU JA 579 33.34 -46.85 -26.91
C LEU JA 579 32.79 -47.32 -28.25
N LEU JA 580 31.77 -46.65 -28.78
CA LEU JA 580 31.17 -47.10 -30.03
C LEU JA 580 32.15 -47.02 -31.18
N GLU JA 581 32.89 -45.92 -31.29
CA GLU JA 581 33.87 -45.79 -32.35
C GLU JA 581 35.13 -46.61 -32.06
N ARG JA 582 35.48 -46.79 -30.78
CA ARG JA 582 36.61 -47.66 -30.46
C ARG JA 582 36.34 -49.09 -30.89
N LEU JA 583 35.13 -49.58 -30.67
CA LEU JA 583 34.77 -50.93 -31.04
C LEU JA 583 34.26 -51.04 -32.47
N LEU JA 584 34.06 -49.90 -33.15
CA LEU JA 584 33.90 -49.90 -34.59
C LEU JA 584 35.19 -50.26 -35.30
N GLN JA 585 36.33 -50.04 -34.65
CA GLN JA 585 37.65 -50.34 -35.20
C GLN JA 585 37.77 -51.85 -35.54
N LYS JA 586 36.92 -52.64 -34.89
CA LYS JA 586 36.89 -54.08 -35.11
C LYS JA 586 36.99 -54.41 -36.61
N ASN JA 587 37.89 -55.33 -36.93
CA ASN JA 587 38.09 -55.70 -38.31
C ASN JA 587 36.91 -56.55 -38.79
N PRO JA 588 36.22 -56.16 -39.86
CA PRO JA 588 35.14 -56.99 -40.40
C PRO JA 588 35.66 -58.15 -41.23
N VAL JA 589 36.66 -58.85 -40.69
CA VAL JA 589 37.32 -59.97 -41.35
C VAL JA 589 37.34 -61.14 -40.38
N ILE JA 590 36.70 -62.23 -40.75
CA ILE JA 590 36.69 -63.46 -39.97
C ILE JA 590 37.42 -64.52 -40.79
N LYS JA 591 38.65 -64.83 -40.40
CA LYS JA 591 39.43 -65.82 -41.12
C LYS JA 591 39.03 -67.22 -40.68
N MET JA 592 38.68 -68.06 -41.64
CA MET JA 592 38.25 -69.42 -41.36
C MET JA 592 39.29 -70.39 -41.89
N ASP JA 593 39.59 -71.41 -41.09
CA ASP JA 593 40.70 -72.31 -41.39
C ASP JA 593 40.31 -73.19 -42.57
N ASP JA 594 41.24 -73.32 -43.52
CA ASP JA 594 40.99 -74.12 -44.72
C ASP JA 594 41.20 -75.61 -44.49
N LYS JA 595 42.05 -75.99 -43.54
CA LYS JA 595 42.36 -77.40 -43.37
C LYS JA 595 41.15 -78.20 -42.91
N VAL JA 596 40.40 -77.66 -41.95
CA VAL JA 596 39.21 -78.35 -41.45
C VAL JA 596 38.16 -78.43 -42.55
N VAL JA 597 38.01 -77.36 -43.33
CA VAL JA 597 37.05 -77.36 -44.43
C VAL JA 597 37.42 -78.43 -45.45
N ALA JA 598 38.70 -78.52 -45.79
CA ALA JA 598 39.15 -79.53 -46.74
C ALA JA 598 38.92 -80.94 -46.21
N GLU JA 599 39.21 -81.16 -44.92
CA GLU JA 599 39.03 -82.50 -44.36
C GLU JA 599 37.55 -82.88 -44.34
N VAL JA 600 36.67 -81.95 -44.00
CA VAL JA 600 35.24 -82.23 -44.00
C VAL JA 600 34.75 -82.52 -45.42
N VAL JA 601 35.20 -81.72 -46.40
CA VAL JA 601 34.81 -81.95 -47.78
C VAL JA 601 35.28 -83.33 -48.23
N SER JA 602 36.50 -83.70 -47.86
CA SER JA 602 37.02 -85.01 -48.23
C SER JA 602 36.20 -86.13 -47.61
N ARG JA 603 35.80 -85.96 -46.35
CA ARG JA 603 34.99 -87.00 -45.69
C ARG JA 603 33.63 -87.14 -46.36
N ASN JA 604 32.99 -86.02 -46.70
CA ASN JA 604 31.69 -86.09 -47.36
C ASN JA 604 31.81 -86.70 -48.76
N GLN JA 605 32.87 -86.35 -49.48
CA GLN JA 605 33.11 -86.97 -50.78
C GLN JA 605 33.34 -88.46 -50.63
N ALA JA 606 34.05 -88.87 -49.57
CA ALA JA 606 34.24 -90.31 -49.33
C ALA JA 606 32.92 -91.00 -49.05
N ASN JA 607 32.03 -90.35 -48.30
CA ASN JA 607 30.71 -90.91 -48.07
C ASN JA 607 29.96 -91.09 -49.38
N SER JA 608 30.00 -90.08 -50.25
CA SER JA 608 29.33 -90.19 -51.54
C SER JA 608 29.95 -91.29 -52.39
N PHE JA 609 31.28 -91.41 -52.38
CA PHE JA 609 31.96 -92.44 -53.14
C PHE JA 609 31.58 -93.84 -52.63
N ASP JA 610 31.50 -94.01 -51.32
CA ASP JA 610 31.09 -95.29 -50.76
C ASP JA 610 29.66 -95.62 -51.15
N GLN JA 611 28.77 -94.63 -51.12
CA GLN JA 611 27.40 -94.84 -51.57
C GLN JA 611 27.36 -95.30 -53.01
N TYR JA 612 28.08 -94.61 -53.89
CA TYR JA 612 28.09 -94.97 -55.30
C TYR JA 612 28.67 -96.36 -55.52
N ASN JA 613 29.75 -96.69 -54.82
CA ASN JA 613 30.34 -98.01 -54.94
C ASN JA 613 29.36 -99.10 -54.48
N TYR JA 614 28.64 -98.84 -53.39
CA TYR JA 614 27.66 -99.82 -52.93
C TYR JA 614 26.54 -100.00 -53.95
N THR JA 615 26.12 -98.92 -54.60
CA THR JA 615 25.04 -99.05 -55.58
C THR JA 615 25.46 -99.88 -56.78
N MET JA 616 26.76 -99.92 -57.09
CA MET JA 616 27.27 -100.75 -58.18
C MET JA 616 27.90 -102.04 -57.67
N GLY JA 617 27.37 -102.60 -56.58
CA GLY JA 617 27.93 -103.81 -56.02
C GLY JA 617 29.31 -103.58 -55.41
N GLY JA 618 30.34 -104.10 -56.06
CA GLY JA 618 31.70 -103.91 -55.59
C GLY JA 618 32.65 -103.55 -56.71
N ALA JA 619 32.10 -103.07 -57.83
CA ALA JA 619 32.91 -102.71 -59.00
C ALA JA 619 33.53 -101.33 -58.83
N ALA JA 620 34.39 -101.22 -57.83
CA ALA JA 620 35.10 -99.99 -57.51
C ALA JA 620 36.36 -100.36 -56.72
N TYR JA 621 36.97 -99.37 -56.07
CA TYR JA 621 38.18 -99.60 -55.31
C TYR JA 621 38.01 -100.73 -54.29
N SER JA 622 36.82 -100.86 -53.71
CA SER JA 622 36.54 -101.96 -52.79
C SER JA 622 35.07 -102.37 -52.87
N MET KA 1 51.28 -29.87 -11.76
CA MET KA 1 51.43 -29.80 -13.21
C MET KA 1 51.67 -31.19 -13.79
N SER KA 2 51.04 -31.47 -14.93
CA SER KA 2 51.16 -32.75 -15.61
C SER KA 2 51.85 -32.56 -16.95
N ASP KA 3 52.69 -33.53 -17.33
CA ASP KA 3 53.38 -33.50 -18.60
C ASP KA 3 53.59 -34.93 -19.07
N LEU KA 4 53.79 -35.07 -20.38
CA LEU KA 4 54.01 -36.36 -21.01
C LEU KA 4 55.34 -36.33 -21.75
N PHE KA 5 56.18 -37.33 -21.51
CA PHE KA 5 57.49 -37.43 -22.14
C PHE KA 5 57.49 -38.56 -23.16
N LEU KA 6 58.06 -38.29 -24.32
CA LEU KA 6 58.12 -39.25 -25.42
C LEU KA 6 59.57 -39.52 -25.78
N GLU KA 7 59.95 -40.79 -25.73
CA GLU KA 7 61.26 -41.23 -26.21
C GLU KA 7 61.11 -41.66 -27.66
N LEU KA 8 61.83 -40.96 -28.54
CA LEU KA 8 61.77 -41.16 -29.99
C LEU KA 8 63.16 -40.98 -30.55
N ASN KA 9 63.66 -41.99 -31.26
CA ASN KA 9 64.97 -41.94 -31.90
C ASN KA 9 66.07 -41.58 -30.91
N GLY KA 10 65.97 -42.12 -29.70
CA GLY KA 10 66.97 -41.86 -28.69
C GLY KA 10 66.92 -40.49 -28.07
N LYS KA 11 65.86 -39.71 -28.32
CA LYS KA 11 65.71 -38.38 -27.77
C LYS KA 11 64.44 -38.30 -26.95
N VAL KA 12 64.51 -37.63 -25.81
CA VAL KA 12 63.37 -37.46 -24.92
C VAL KA 12 62.80 -36.07 -25.14
N HIS KA 13 61.54 -36.02 -25.56
CA HIS KA 13 60.85 -34.76 -25.83
C HIS KA 13 59.68 -34.61 -24.87
N SER KA 14 59.58 -33.44 -24.24
CA SER KA 14 58.41 -33.11 -23.44
C SER KA 14 57.32 -32.59 -24.36
N LEU KA 15 56.10 -33.12 -24.20
CA LEU KA 15 55.00 -32.71 -25.07
C LEU KA 15 54.69 -31.23 -24.92
N SER KA 16 54.67 -30.74 -23.69
CA SER KA 16 54.40 -29.32 -23.46
C SER KA 16 55.56 -28.45 -23.96
N GLU KA 17 56.79 -28.88 -23.72
CA GLU KA 17 57.94 -28.08 -24.13
C GLU KA 17 58.03 -27.94 -25.64
N THR KA 18 57.79 -29.04 -26.37
CA THR KA 18 57.88 -29.00 -27.83
C THR KA 18 56.81 -28.07 -28.42
N PHE KA 19 55.59 -28.14 -27.92
CA PHE KA 19 54.49 -27.30 -28.39
C PHE KA 19 54.01 -26.42 -27.25
N PRO KA 20 54.41 -25.15 -27.22
CA PRO KA 20 54.04 -24.29 -26.08
C PRO KA 20 52.54 -24.14 -25.89
N GLY KA 21 51.76 -24.13 -26.98
CA GLY KA 21 50.33 -23.95 -26.85
C GLY KA 21 49.56 -25.17 -26.38
N LEU KA 22 50.21 -26.33 -26.31
CA LEU KA 22 49.57 -27.56 -25.90
C LEU KA 22 50.00 -27.92 -24.48
N SER KA 23 49.02 -28.16 -23.62
CA SER KA 23 49.26 -28.51 -22.23
C SER KA 23 48.47 -29.77 -21.88
N VAL KA 24 49.10 -30.68 -21.15
CA VAL KA 24 48.48 -31.96 -20.80
C VAL KA 24 47.63 -31.75 -19.55
N GLN KA 25 46.31 -31.88 -19.71
CA GLN KA 25 45.41 -31.71 -18.57
C GLN KA 25 45.52 -32.89 -17.60
N GLU KA 26 45.48 -34.11 -18.13
CA GLU KA 26 45.38 -35.27 -17.26
C GLU KA 26 45.86 -36.50 -18.02
N VAL KA 27 46.31 -37.51 -17.27
CA VAL KA 27 46.69 -38.79 -17.84
C VAL KA 27 45.89 -39.89 -17.16
N SER KA 28 45.73 -41.00 -17.86
CA SER KA 28 44.98 -42.13 -17.34
C SER KA 28 45.45 -43.39 -18.05
N ARG KA 29 45.21 -44.54 -17.41
CA ARG KA 29 45.67 -45.81 -17.92
C ARG KA 29 44.58 -46.86 -17.75
N GLN KA 30 44.24 -47.55 -18.84
CA GLN KA 30 43.29 -48.64 -18.76
C GLN KA 30 43.86 -49.79 -17.94
N SER KA 31 42.97 -50.50 -17.24
CA SER KA 31 43.39 -51.62 -16.43
C SER KA 31 43.89 -52.76 -17.31
N PRO KA 32 44.74 -53.64 -16.76
CA PRO KA 32 45.18 -54.80 -17.54
C PRO KA 32 44.00 -55.62 -18.01
N GLN KA 33 44.04 -56.02 -19.29
CA GLN KA 33 42.95 -56.77 -19.90
C GLN KA 33 43.22 -58.26 -19.70
N LEU KA 34 42.80 -58.75 -18.53
CA LEU KA 34 42.95 -60.17 -18.23
C LEU KA 34 42.00 -60.99 -19.10
N SER KA 35 42.51 -62.13 -19.57
CA SER KA 35 41.71 -63.02 -20.41
C SER KA 35 42.18 -64.44 -20.15
N MET KA 36 41.29 -65.27 -19.61
CA MET KA 36 41.59 -66.67 -19.38
C MET KA 36 41.14 -67.48 -20.60
N GLU KA 37 42.02 -68.38 -21.06
CA GLU KA 37 41.74 -69.18 -22.25
C GLU KA 37 40.72 -70.25 -21.86
N THR KA 38 39.45 -69.89 -21.98
CA THR KA 38 38.38 -70.77 -21.53
C THR KA 38 38.20 -71.94 -22.48
N ALA KA 39 37.95 -73.12 -21.89
CA ALA KA 39 37.57 -74.31 -22.63
C ALA KA 39 36.26 -74.83 -22.04
N GLU KA 40 35.29 -75.10 -22.90
CA GLU KA 40 33.95 -75.48 -22.47
C GLU KA 40 33.67 -76.92 -22.84
N ILE KA 41 33.18 -77.68 -21.87
CA ILE KA 41 32.69 -79.04 -22.09
C ILE KA 41 31.18 -79.01 -21.96
N ALA KA 42 30.48 -79.34 -23.04
CA ALA KA 42 29.04 -79.24 -23.06
C ALA KA 42 28.41 -80.17 -22.02
N GLY KA 43 27.40 -79.67 -21.32
CA GLY KA 43 26.75 -80.40 -20.27
C GLY KA 43 27.27 -80.14 -18.88
N THR KA 44 28.44 -79.55 -18.76
CA THR KA 44 29.03 -79.22 -17.46
C THR KA 44 28.88 -77.73 -17.15
N ASP KA 45 29.19 -77.38 -15.92
CA ASP KA 45 29.01 -76.02 -15.44
C ASP KA 45 30.30 -75.24 -15.57
N GLY KA 46 30.18 -73.98 -16.01
CA GLY KA 46 31.33 -73.11 -16.09
C GLY KA 46 32.28 -73.51 -17.21
N VAL KA 47 33.54 -73.07 -17.03
CA VAL KA 47 34.59 -73.28 -18.01
C VAL KA 47 35.81 -73.85 -17.30
N ILE KA 48 36.72 -74.41 -18.10
CA ILE KA 48 38.02 -74.85 -17.60
C ILE KA 48 39.06 -73.83 -18.03
N PRO KA 49 39.56 -73.02 -17.11
CA PRO KA 49 40.51 -71.96 -17.50
C PRO KA 49 41.85 -72.55 -17.94
N GLY KA 50 42.44 -71.93 -18.95
CA GLY KA 50 43.76 -72.33 -19.40
C GLY KA 50 44.83 -71.55 -18.67
N MET KA 51 45.64 -70.80 -19.40
CA MET KA 51 46.67 -69.95 -18.83
C MET KA 51 46.21 -68.50 -18.97
N THR KA 52 46.10 -67.80 -17.84
CA THR KA 52 45.65 -66.41 -17.86
C THR KA 52 46.64 -65.56 -18.64
N GLN KA 53 46.11 -64.73 -19.55
CA GLN KA 53 46.93 -63.88 -20.40
C GLN KA 53 46.44 -62.45 -20.32
N PHE KA 54 47.24 -61.54 -20.88
CA PHE KA 54 46.96 -60.11 -20.80
C PHE KA 54 46.97 -59.50 -22.19
N LYS KA 55 45.87 -58.88 -22.57
CA LYS KA 55 45.71 -58.26 -23.88
C LYS KA 55 46.28 -56.84 -23.88
N PRO KA 56 46.57 -56.30 -25.06
CA PRO KA 56 47.04 -54.91 -25.15
C PRO KA 56 46.01 -53.94 -24.61
N PHE KA 57 46.48 -52.81 -24.06
CA PHE KA 57 45.55 -51.84 -23.51
C PHE KA 57 45.87 -50.42 -23.97
N ILE KA 58 45.21 -49.43 -23.37
CA ILE KA 58 45.22 -48.06 -23.87
C ILE KA 58 45.66 -47.12 -22.76
N PHE KA 59 46.58 -46.21 -23.09
CA PHE KA 59 47.00 -45.15 -22.20
C PHE KA 59 46.51 -43.83 -22.79
N SER KA 60 45.72 -43.08 -22.02
CA SER KA 60 45.07 -41.88 -22.53
C SER KA 60 45.62 -40.64 -21.87
N ALA KA 61 45.65 -39.55 -22.63
CA ALA KA 61 46.12 -38.26 -22.15
C ALA KA 61 45.19 -37.17 -22.67
N LYS KA 62 44.44 -36.55 -21.77
CA LYS KA 62 43.55 -35.44 -22.10
C LYS KA 62 44.35 -34.15 -22.05
N CYS KA 63 44.33 -33.40 -23.15
CA CYS KA 63 45.09 -32.17 -23.28
C CYS KA 63 44.27 -31.15 -24.06
N ASN KA 64 44.78 -29.92 -24.12
CA ASN KA 64 44.16 -28.86 -24.88
C ASN KA 64 45.23 -28.04 -25.57
N LEU KA 65 44.88 -27.47 -26.72
CA LEU KA 65 45.77 -26.62 -27.49
C LEU KA 65 45.19 -25.22 -27.54
N GLN KA 66 45.99 -24.23 -27.15
CA GLN KA 66 45.60 -22.82 -27.17
C GLN KA 66 46.59 -22.08 -28.06
N ALA KA 67 46.10 -21.57 -29.19
CA ALA KA 67 46.95 -20.93 -30.18
C ALA KA 67 46.75 -19.42 -30.17
N LEU KA 68 47.70 -18.73 -30.81
CA LEU KA 68 47.64 -17.27 -30.89
C LEU KA 68 46.58 -16.81 -31.88
N ASP KA 69 46.47 -17.49 -33.02
CA ASP KA 69 45.51 -17.13 -34.05
C ASP KA 69 45.20 -18.35 -34.90
N ILE KA 70 44.26 -18.17 -35.83
CA ILE KA 70 43.79 -19.31 -36.63
C ILE KA 70 44.90 -19.94 -37.46
N PRO KA 71 45.71 -19.20 -38.23
CA PRO KA 71 46.82 -19.86 -38.93
C PRO KA 71 47.77 -20.56 -37.98
N ASP KA 72 48.04 -19.97 -36.82
CA ASP KA 72 48.86 -20.62 -35.82
C ASP KA 72 48.20 -21.90 -35.32
N TYR KA 73 46.87 -21.87 -35.15
CA TYR KA 73 46.16 -23.06 -34.72
C TYR KA 73 46.30 -24.20 -35.72
N HIS KA 74 46.11 -23.89 -37.01
CA HIS KA 74 46.24 -24.93 -38.03
C HIS KA 74 47.66 -25.45 -38.11
N LEU KA 75 48.64 -24.56 -38.03
CA LEU KA 75 50.04 -25.00 -38.06
C LEU KA 75 50.36 -25.88 -36.86
N ALA KA 76 49.87 -25.51 -35.68
CA ALA KA 76 50.11 -26.32 -34.50
C ALA KA 76 49.46 -27.68 -34.61
N VAL KA 77 48.24 -27.73 -35.15
CA VAL KA 77 47.56 -29.02 -35.36
C VAL KA 77 48.38 -29.91 -36.29
N ARG KA 78 48.83 -29.34 -37.40
CA ARG KA 78 49.62 -30.13 -38.35
C ARG KA 78 50.92 -30.61 -37.73
N GLU KA 79 51.60 -29.74 -36.98
CA GLU KA 79 52.87 -30.12 -36.37
C GLU KA 79 52.67 -31.19 -35.30
N ILE KA 80 51.58 -31.10 -34.53
CA ILE KA 80 51.28 -32.12 -33.54
C ILE KA 80 51.01 -33.45 -34.22
N TYR KA 81 50.25 -33.44 -35.32
CA TYR KA 81 49.99 -34.68 -36.04
C TYR KA 81 51.28 -35.27 -36.60
N GLU KA 82 52.17 -34.42 -37.11
CA GLU KA 82 53.46 -34.91 -37.59
C GLU KA 82 54.28 -35.53 -36.47
N PHE KA 83 54.30 -34.87 -35.30
CA PHE KA 83 55.13 -35.33 -34.19
C PHE KA 83 54.61 -36.63 -33.60
N LEU KA 84 53.29 -36.75 -33.42
CA LEU KA 84 52.74 -37.89 -32.71
C LEU KA 84 52.82 -39.18 -33.52
N PHE KA 85 52.47 -39.10 -34.81
CA PHE KA 85 52.33 -40.29 -35.63
C PHE KA 85 53.64 -40.56 -36.37
N GLN KA 86 54.32 -41.63 -35.96
CA GLN KA 86 55.57 -42.06 -36.59
C GLN KA 86 55.39 -43.47 -37.16
N ARG KA 87 56.39 -43.88 -37.95
CA ARG KA 87 56.32 -45.19 -38.60
C ARG KA 87 56.33 -46.32 -37.59
N ASP KA 88 57.18 -46.23 -36.57
CA ASP KA 88 57.39 -47.31 -35.63
C ASP KA 88 56.97 -46.88 -34.22
N SER KA 89 56.79 -47.87 -33.36
CA SER KA 89 56.39 -47.61 -31.98
C SER KA 89 57.49 -46.88 -31.23
N TYR KA 90 57.09 -46.10 -30.22
CA TYR KA 90 58.08 -45.37 -29.43
C TYR KA 90 57.77 -45.53 -27.95
N TYR KA 91 58.42 -44.75 -27.09
CA TYR KA 91 58.20 -44.90 -25.66
C TYR KA 91 57.53 -43.65 -25.10
N ILE KA 92 56.70 -43.83 -24.07
CA ILE KA 92 56.05 -42.72 -23.41
C ILE KA 92 56.07 -42.94 -21.90
N TRP KA 93 56.03 -41.84 -21.15
CA TRP KA 93 55.81 -41.89 -19.72
C TRP KA 93 55.27 -40.54 -19.26
N SER KA 94 54.96 -40.45 -17.97
CA SER KA 94 54.25 -39.31 -17.42
C SER KA 94 54.96 -38.77 -16.19
N ASP KA 95 54.66 -37.51 -15.87
CA ASP KA 95 55.25 -36.88 -14.69
C ASP KA 95 54.79 -37.57 -13.41
N GLN KA 96 53.53 -38.03 -13.38
CA GLN KA 96 52.98 -38.60 -12.16
C GLN KA 96 53.74 -39.84 -11.72
N MET KA 97 54.10 -40.70 -12.68
CA MET KA 97 54.84 -41.94 -12.40
C MET KA 97 56.05 -41.96 -13.32
N PRO KA 98 57.08 -41.18 -13.01
CA PRO KA 98 58.22 -41.03 -13.92
C PRO KA 98 59.19 -42.21 -13.94
N GLY KA 99 58.91 -43.29 -13.22
CA GLY KA 99 59.75 -44.46 -13.24
C GLY KA 99 59.27 -45.59 -14.11
N ILE KA 100 58.10 -45.46 -14.73
CA ILE KA 100 57.48 -46.51 -15.51
C ILE KA 100 57.17 -45.96 -16.91
N ARG KA 101 57.56 -46.69 -17.94
CA ARG KA 101 57.37 -46.27 -19.32
C ARG KA 101 56.68 -47.37 -20.10
N TYR KA 102 55.99 -46.97 -21.17
CA TYR KA 102 55.24 -47.87 -22.02
C TYR KA 102 55.72 -47.74 -23.47
N GLU KA 103 55.88 -48.88 -24.13
CA GLU KA 103 56.15 -48.90 -25.57
C GLU KA 103 54.81 -48.92 -26.29
N VAL KA 104 54.52 -47.85 -27.04
CA VAL KA 104 53.19 -47.60 -27.56
C VAL KA 104 53.23 -47.24 -29.04
N HIS KA 105 52.06 -47.39 -29.67
CA HIS KA 105 51.74 -46.90 -30.99
C HIS KA 105 50.58 -45.92 -30.90
N PRO KA 106 50.60 -44.80 -31.59
CA PRO KA 106 49.51 -43.84 -31.49
C PRO KA 106 48.25 -44.34 -32.16
N LYS KA 107 47.12 -43.76 -31.77
CA LYS KA 107 45.81 -44.08 -32.32
C LYS KA 107 45.19 -42.83 -32.92
N PRO KA 108 44.32 -42.98 -33.93
CA PRO KA 108 43.72 -41.80 -34.56
C PRO KA 108 42.82 -41.05 -33.60
N VAL KA 109 43.13 -39.78 -33.40
CA VAL KA 109 42.37 -38.90 -32.51
C VAL KA 109 42.18 -37.56 -33.19
N ASP KA 110 40.94 -37.09 -33.25
CA ASP KA 110 40.60 -35.85 -33.95
C ASP KA 110 40.51 -34.69 -32.97
N PHE KA 111 41.05 -33.55 -33.38
CA PHE KA 111 40.93 -32.34 -32.59
C PHE KA 111 39.48 -31.88 -32.53
N SER KA 112 39.04 -31.48 -31.35
CA SER KA 112 37.69 -30.95 -31.15
C SER KA 112 37.81 -29.44 -31.04
N ARG KA 113 37.50 -28.74 -32.13
CA ARG KA 113 37.63 -27.28 -32.17
C ARG KA 113 36.49 -26.65 -31.39
N GLU KA 114 36.81 -26.00 -30.27
CA GLU KA 114 35.83 -25.34 -29.43
C GLU KA 114 35.67 -23.86 -29.75
N SER KA 115 36.75 -23.17 -30.06
CA SER KA 115 36.70 -21.76 -30.41
C SER KA 115 37.63 -21.53 -31.60
N ASP KA 116 37.83 -20.27 -31.96
CA ASP KA 116 38.66 -19.96 -33.11
C ASP KA 116 40.14 -20.21 -32.84
N ARG KA 117 40.54 -20.38 -31.58
CA ARG KA 117 41.94 -20.58 -31.24
C ARG KA 117 42.22 -21.73 -30.31
N VAL KA 118 41.19 -22.38 -29.75
CA VAL KA 118 41.39 -23.44 -28.77
C VAL KA 118 40.80 -24.74 -29.31
N GLY KA 119 41.41 -25.85 -28.92
CA GLY KA 119 40.94 -27.16 -29.31
C GLY KA 119 41.27 -28.25 -28.31
N LEU KA 120 40.26 -29.00 -27.88
CA LEU KA 120 40.47 -30.09 -26.95
C LEU KA 120 40.98 -31.33 -27.69
N LEU KA 121 41.65 -32.21 -26.95
CA LEU KA 121 42.19 -33.42 -27.54
C LEU KA 121 42.31 -34.48 -26.46
N THR KA 122 42.15 -35.74 -26.85
CA THR KA 122 42.34 -36.88 -25.95
C THR KA 122 43.18 -37.90 -26.69
N ILE KA 123 44.50 -37.78 -26.58
CA ILE KA 123 45.40 -38.69 -27.27
C ILE KA 123 45.31 -40.07 -26.63
N GLU KA 124 45.29 -41.10 -27.47
CA GLU KA 124 45.23 -42.48 -27.00
C GLU KA 124 46.38 -43.25 -27.61
N PHE KA 125 47.19 -43.89 -26.77
CA PHE KA 125 48.31 -44.70 -27.20
C PHE KA 125 47.99 -46.16 -26.89
N ASP KA 126 48.01 -47.00 -27.91
CA ASP KA 126 47.84 -48.43 -27.71
C ASP KA 126 49.17 -49.04 -27.32
N VAL KA 127 49.23 -49.61 -26.12
CA VAL KA 127 50.38 -50.38 -25.68
C VAL KA 127 50.06 -51.84 -25.96
N PHE KA 128 50.87 -52.45 -26.83
CA PHE KA 128 50.58 -53.77 -27.38
C PHE KA 128 51.28 -54.90 -26.65
N LYS KA 129 52.34 -54.62 -25.91
CA LYS KA 129 53.00 -55.68 -25.15
C LYS KA 129 52.15 -56.18 -24.00
N GLY KA 130 51.13 -55.42 -23.60
CA GLY KA 130 50.27 -55.81 -22.51
C GLY KA 130 50.80 -55.54 -21.13
N TYR KA 131 51.99 -54.94 -21.01
CA TYR KA 131 52.59 -54.67 -19.72
C TYR KA 131 53.43 -53.41 -19.81
N ALA KA 132 53.74 -52.85 -18.65
CA ALA KA 132 54.62 -51.70 -18.54
C ALA KA 132 55.96 -52.14 -17.97
N GLU KA 133 57.01 -51.37 -18.28
CA GLU KA 133 58.36 -51.71 -17.88
C GLU KA 133 59.04 -50.49 -17.27
N SER KA 134 60.02 -50.76 -16.42
CA SER KA 134 60.80 -49.70 -15.80
C SER KA 134 61.63 -48.96 -16.83
N ARG KA 135 61.88 -47.68 -16.57
CA ARG KA 135 62.70 -46.88 -17.46
C ARG KA 135 64.14 -47.38 -17.50
N GLY KA 136 64.66 -47.84 -16.38
CA GLY KA 136 66.01 -48.35 -16.30
C GLY KA 136 66.02 -49.84 -16.07
N THR KA 137 67.06 -50.50 -16.56
CA THR KA 137 67.20 -51.94 -16.39
C THR KA 137 67.80 -52.25 -15.02
N SER KA 138 68.07 -53.53 -14.78
CA SER KA 138 68.65 -53.95 -13.51
C SER KA 138 70.10 -53.52 -13.37
N LEU KA 139 70.79 -53.24 -14.48
CA LEU KA 139 72.19 -52.83 -14.41
C LEU KA 139 72.35 -51.42 -13.85
N ASP KA 140 71.30 -50.61 -13.89
CA ASP KA 140 71.40 -49.25 -13.38
C ASP KA 140 71.46 -49.27 -11.86
N PRO KA 141 72.38 -48.56 -11.23
CA PRO KA 141 72.46 -48.56 -9.77
C PRO KA 141 71.23 -47.94 -9.14
N MET KA 142 70.91 -48.41 -7.93
CA MET KA 142 69.77 -47.91 -7.17
C MET KA 142 70.20 -46.71 -6.32
N THR KA 143 70.72 -45.69 -7.01
CA THR KA 143 71.23 -44.49 -6.38
C THR KA 143 70.38 -43.28 -6.74
N PHE KA 144 70.42 -42.27 -5.87
CA PHE KA 144 69.60 -41.08 -6.06
C PHE KA 144 70.03 -40.31 -7.31
N GLU KA 145 71.33 -40.19 -7.55
CA GLU KA 145 71.81 -39.37 -8.67
C GLU KA 145 71.44 -39.95 -10.03
N VAL KA 146 71.07 -41.22 -10.09
CA VAL KA 146 70.64 -41.79 -11.37
C VAL KA 146 69.32 -41.18 -11.81
N ASP KA 147 68.43 -40.92 -10.85
CA ASP KA 147 67.14 -40.27 -11.11
C ASP KA 147 66.29 -41.08 -12.07
N LEU KA 148 66.10 -42.36 -11.74
CA LEU KA 148 65.30 -43.25 -12.58
C LEU KA 148 64.25 -43.99 -11.76
N TRP KA 149 64.54 -44.22 -10.48
CA TRP KA 149 63.68 -45.01 -9.62
C TRP KA 149 62.71 -44.14 -8.84
N GLN KA 150 61.56 -44.71 -8.52
CA GLN KA 150 60.51 -44.01 -7.79
C GLN KA 150 59.81 -45.00 -6.87
N MET KA 151 58.90 -44.48 -6.05
CA MET KA 151 58.12 -45.34 -5.17
C MET KA 151 57.08 -46.11 -5.97
N GLY KA 152 56.67 -47.26 -5.42
CA GLY KA 152 55.70 -48.10 -6.06
C GLY KA 152 56.25 -49.03 -7.12
N MET KA 153 57.57 -49.14 -7.22
CA MET KA 153 58.20 -50.05 -8.18
C MET KA 153 58.58 -51.39 -7.56
N ASN KA 154 57.93 -51.75 -6.45
CA ASN KA 154 58.11 -53.03 -5.77
C ASN KA 154 59.55 -53.25 -5.31
N LEU KA 155 60.32 -52.19 -5.11
CA LEU KA 155 61.65 -52.33 -4.57
C LEU KA 155 61.57 -52.73 -3.10
N SER KA 156 62.33 -53.77 -2.74
CA SER KA 156 62.23 -54.32 -1.39
C SER KA 156 62.95 -53.40 -0.41
N ASN KA 157 62.21 -52.89 0.57
CA ASN KA 157 62.80 -52.05 1.63
C ASN KA 157 63.20 -52.90 2.83
N ARG KA 158 63.92 -53.99 2.57
CA ARG KA 158 64.47 -54.83 3.63
C ARG KA 158 65.88 -55.32 3.39
N ASP KA 159 66.39 -55.27 2.16
CA ASP KA 159 67.72 -55.77 1.87
C ASP KA 159 68.23 -55.12 0.58
N ASP KA 160 69.55 -55.18 0.40
CA ASP KA 160 70.16 -54.59 -0.77
C ASP KA 160 69.87 -55.42 -2.02
N LEU KA 161 69.80 -54.75 -3.16
CA LEU KA 161 69.51 -55.38 -4.44
C LEU KA 161 70.66 -55.06 -5.40
N PHE KA 162 71.53 -56.03 -5.63
CA PHE KA 162 72.59 -55.91 -6.62
C PHE KA 162 72.48 -57.08 -7.60
N TYR KA 163 72.96 -56.84 -8.83
CA TYR KA 163 72.81 -57.82 -9.90
C TYR KA 163 74.16 -58.22 -10.51
N VAL KA 164 75.25 -58.02 -9.78
CA VAL KA 164 76.56 -58.52 -10.14
C VAL KA 164 77.07 -59.36 -8.98
N PHE KA 165 77.45 -60.60 -9.27
CA PHE KA 165 77.81 -61.55 -8.23
C PHE KA 165 79.18 -62.14 -8.52
N ARG KA 166 79.89 -62.52 -7.45
CA ARG KA 166 81.25 -63.04 -7.55
C ARG KA 166 81.39 -64.47 -7.07
N GLU KA 167 80.37 -65.05 -6.44
CA GLU KA 167 80.45 -66.38 -5.87
C GLU KA 167 79.61 -67.36 -6.70
N ASN KA 168 79.64 -68.62 -6.30
CA ASN KA 168 78.95 -69.69 -7.03
C ASN KA 168 77.52 -69.90 -6.59
N THR KA 169 77.06 -69.20 -5.55
CA THR KA 169 75.70 -69.36 -5.06
C THR KA 169 75.22 -68.02 -4.54
N PHE KA 170 74.07 -67.56 -5.01
CA PHE KA 170 73.56 -66.25 -4.64
C PHE KA 170 72.06 -66.19 -4.86
N ARG KA 171 71.49 -65.00 -4.66
CA ARG KA 171 70.08 -64.74 -4.87
C ARG KA 171 69.92 -63.50 -5.73
N VAL KA 172 68.96 -63.53 -6.64
CA VAL KA 172 68.66 -62.41 -7.52
C VAL KA 172 67.19 -62.06 -7.37
N TYR KA 173 66.90 -60.78 -7.19
CA TYR KA 173 65.55 -60.31 -6.92
C TYR KA 173 64.94 -59.72 -8.19
N ASN KA 174 63.94 -60.41 -8.75
CA ASN KA 174 63.15 -59.88 -9.85
C ASN KA 174 61.95 -59.16 -9.25
N ALA KA 175 61.95 -57.83 -9.35
CA ALA KA 175 60.92 -57.01 -8.73
C ALA KA 175 59.67 -56.85 -9.58
N GLY KA 176 59.67 -57.38 -10.80
CA GLY KA 176 58.51 -57.22 -11.66
C GLY KA 176 57.33 -58.06 -11.22
N SER KA 177 56.19 -57.80 -11.86
CA SER KA 177 54.97 -58.53 -11.60
C SER KA 177 54.79 -59.74 -12.50
N ASP KA 178 55.75 -60.03 -13.37
CA ASP KA 178 55.69 -61.16 -14.27
C ASP KA 178 56.99 -61.95 -14.17
N ARG KA 179 56.88 -63.25 -14.41
CA ARG KA 179 58.07 -64.09 -14.46
C ARG KA 179 58.84 -63.79 -15.74
N VAL KA 180 60.08 -63.35 -15.60
CA VAL KA 180 60.88 -62.96 -16.76
C VAL KA 180 61.23 -64.20 -17.56
N ASN KA 181 60.73 -64.28 -18.79
CA ASN KA 181 60.95 -65.44 -19.64
C ASN KA 181 61.27 -64.97 -21.05
N PRO KA 182 62.50 -65.20 -21.54
CA PRO KA 182 62.84 -64.79 -22.91
C PRO KA 182 61.98 -65.45 -23.96
N LEU KA 183 61.44 -66.64 -23.67
CA LEU KA 183 60.54 -67.30 -24.61
C LEU KA 183 59.27 -66.48 -24.84
N MET KA 184 58.89 -65.63 -23.89
CA MET KA 184 57.74 -64.75 -24.03
C MET KA 184 58.13 -63.37 -24.53
N ARG KA 185 59.19 -63.27 -25.31
CA ARG KA 185 59.67 -62.00 -25.87
C ARG KA 185 60.02 -60.99 -24.77
N HIS KA 186 60.58 -61.49 -23.66
CA HIS KA 186 61.07 -60.63 -22.61
C HIS KA 186 62.56 -60.35 -22.82
N GLU KA 187 63.02 -59.23 -22.28
CA GLU KA 187 64.41 -58.84 -22.38
C GLU KA 187 65.17 -59.36 -21.16
N LEU KA 188 66.23 -60.12 -21.41
CA LEU KA 188 67.02 -60.70 -20.32
C LEU KA 188 68.40 -61.01 -20.85
N ASP KA 189 69.43 -60.48 -20.20
CA ASP KA 189 70.81 -60.70 -20.60
C ASP KA 189 71.62 -61.19 -19.40
N ILE KA 190 72.47 -62.18 -19.64
CA ILE KA 190 73.39 -62.70 -18.63
C ILE KA 190 74.79 -62.66 -19.20
N ALA KA 191 75.70 -61.99 -18.50
CA ALA KA 191 77.10 -61.91 -18.91
C ALA KA 191 77.96 -62.54 -17.82
N MET KA 192 78.61 -63.66 -18.14
CA MET KA 192 79.38 -64.39 -17.14
C MET KA 192 80.79 -64.66 -17.67
N THR KA 193 81.76 -64.46 -16.79
CA THR KA 193 83.16 -64.78 -17.07
C THR KA 193 83.69 -65.65 -15.94
N ALA KA 194 84.31 -66.78 -16.30
CA ALA KA 194 84.83 -67.73 -15.32
C ALA KA 194 85.78 -68.67 -16.05
N ASN KA 195 86.33 -69.64 -15.31
CA ASN KA 195 87.27 -70.61 -15.83
C ASN KA 195 86.72 -72.02 -15.60
N GLY KA 196 86.54 -72.77 -16.68
CA GLY KA 196 86.12 -74.15 -16.59
C GLY KA 196 84.89 -74.40 -17.44
N THR KA 197 84.19 -75.49 -17.13
CA THR KA 197 82.96 -75.84 -17.81
C THR KA 197 81.78 -75.43 -16.95
N PRO KA 198 80.96 -74.48 -17.37
CA PRO KA 198 79.94 -73.91 -16.47
C PRO KA 198 78.59 -74.61 -16.59
N THR KA 199 77.81 -74.47 -15.52
CA THR KA 199 76.42 -74.91 -15.50
C THR KA 199 75.67 -74.03 -14.50
N ILE KA 200 74.65 -73.33 -14.98
CA ILE KA 200 73.89 -72.40 -14.16
C ILE KA 200 72.55 -73.05 -13.81
N HIS KA 201 72.20 -72.99 -12.52
CA HIS KA 201 71.00 -73.63 -12.00
C HIS KA 201 70.16 -72.59 -11.28
N ASN KA 202 68.90 -72.46 -11.69
CA ASN KA 202 67.90 -71.68 -10.96
C ASN KA 202 67.08 -72.69 -10.16
N LEU KA 203 67.34 -72.76 -8.86
CA LEU KA 203 66.72 -73.78 -8.02
C LEU KA 203 65.25 -73.48 -7.78
N THR KA 204 64.91 -72.22 -7.53
CA THR KA 204 63.51 -71.86 -7.29
C THR KA 204 62.65 -72.18 -8.51
N THR KA 205 63.13 -71.80 -9.70
CA THR KA 205 62.45 -72.19 -10.92
C THR KA 205 62.73 -73.64 -11.28
N GLY KA 206 63.93 -74.14 -10.97
CA GLY KA 206 64.32 -75.48 -11.33
C GLY KA 206 64.92 -75.61 -12.71
N GLU KA 207 65.37 -74.52 -13.30
CA GLU KA 207 65.93 -74.54 -14.66
C GLU KA 207 67.45 -74.69 -14.60
N SER KA 208 68.03 -75.04 -15.75
CA SER KA 208 69.47 -75.25 -15.82
C SER KA 208 69.95 -75.00 -17.24
N PHE KA 209 70.96 -74.15 -17.36
CA PHE KA 209 71.65 -73.92 -18.63
C PHE KA 209 73.04 -74.54 -18.54
N GLU KA 210 73.38 -75.36 -19.53
CA GLU KA 210 74.62 -76.14 -19.51
C GLU KA 210 75.44 -75.82 -20.74
N TYR KA 211 76.72 -75.50 -20.53
CA TYR KA 211 77.68 -75.33 -21.60
C TYR KA 211 78.73 -76.43 -21.51
N ARG KA 212 79.05 -77.03 -22.65
CA ARG KA 212 79.86 -78.25 -22.68
C ARG KA 212 81.25 -78.02 -23.26
N LYS KA 213 81.84 -76.85 -23.01
CA LYS KA 213 83.19 -76.57 -23.46
C LYS KA 213 83.94 -75.83 -22.37
N GLU KA 214 85.27 -75.93 -22.41
CA GLU KA 214 86.11 -75.24 -21.45
C GLU KA 214 86.12 -73.75 -21.72
N LEU KA 215 86.12 -72.96 -20.65
CA LEU KA 215 86.09 -71.50 -20.75
C LEU KA 215 87.24 -70.89 -19.96
N GLN KA 216 87.72 -69.75 -20.42
CA GLN KA 216 88.73 -68.97 -19.74
C GLN KA 216 88.14 -67.65 -19.27
N LYS KA 217 88.83 -67.01 -18.32
CA LYS KA 217 88.36 -65.75 -17.78
C LYS KA 217 88.32 -64.65 -18.84
N THR KA 218 89.09 -64.78 -19.90
CA THR KA 218 89.10 -63.78 -20.97
C THR KA 218 87.94 -63.94 -21.93
N ASP KA 219 87.24 -65.07 -21.91
CA ASP KA 219 86.08 -65.30 -22.78
C ASP KA 219 84.82 -64.96 -22.01
N VAL KA 220 83.96 -64.14 -22.60
CA VAL KA 220 82.70 -63.74 -21.99
C VAL KA 220 81.58 -64.58 -22.59
N LEU KA 221 80.74 -65.13 -21.72
CA LEU KA 221 79.56 -65.88 -22.14
C LEU KA 221 78.34 -64.98 -21.97
N LEU KA 222 77.67 -64.68 -23.07
CA LEU KA 222 76.55 -63.75 -23.10
C LEU KA 222 75.31 -64.50 -23.56
N LEU KA 223 74.35 -64.66 -22.67
CA LEU KA 223 73.04 -65.21 -23.00
C LEU KA 223 72.07 -64.05 -23.15
N ASN KA 224 71.68 -63.74 -24.38
CA ASN KA 224 70.71 -62.69 -24.64
C ASN KA 224 69.45 -63.33 -25.22
N ASN KA 225 68.33 -63.12 -24.53
CA ASN KA 225 67.05 -63.76 -24.88
C ASN KA 225 67.22 -65.26 -24.97
N ILE KA 226 67.19 -65.81 -26.18
CA ILE KA 226 67.34 -67.24 -26.39
C ILE KA 226 68.57 -67.57 -27.25
N TYR KA 227 69.58 -66.71 -27.18
CA TYR KA 227 70.83 -66.92 -27.92
C TYR KA 227 72.01 -66.93 -26.95
N PRO KA 228 72.71 -68.05 -26.81
CA PRO KA 228 73.99 -68.03 -26.08
C PRO KA 228 75.16 -67.82 -27.00
N LEU KA 229 76.07 -66.92 -26.63
CA LEU KA 229 77.24 -66.61 -27.44
C LEU KA 229 78.48 -66.55 -26.56
N VAL KA 230 79.64 -66.80 -27.18
CA VAL KA 230 80.93 -66.51 -26.57
C VAL KA 230 81.70 -65.61 -27.53
N ASN KA 231 82.13 -64.45 -27.04
CA ASN KA 231 82.78 -63.44 -27.86
C ASN KA 231 81.93 -63.11 -29.09
N ASN KA 232 80.62 -62.99 -28.88
CA ASN KA 232 79.66 -62.70 -29.94
C ASN KA 232 79.71 -63.74 -31.05
N ARG KA 233 79.82 -65.00 -30.67
CA ARG KA 233 79.81 -66.11 -31.62
C ARG KA 233 78.83 -67.16 -31.13
N ARG KA 234 77.93 -67.59 -32.01
CA ARG KA 234 76.87 -68.51 -31.61
C ARG KA 234 77.44 -69.89 -31.30
N VAL KA 235 77.11 -70.41 -30.11
CA VAL KA 235 77.58 -71.72 -29.69
C VAL KA 235 76.41 -72.57 -29.24
N GLY KA 236 75.24 -72.34 -29.83
CA GLY KA 236 74.05 -73.08 -29.42
C GLY KA 236 74.18 -74.58 -29.60
N LYS KA 237 75.00 -75.02 -30.55
CA LYS KA 237 75.20 -76.45 -30.78
C LYS KA 237 75.93 -77.13 -29.63
N ASP KA 238 76.67 -76.37 -28.83
CA ASP KA 238 77.47 -76.93 -27.74
C ASP KA 238 76.81 -76.78 -26.38
N THR KA 239 75.53 -76.43 -26.33
CA THR KA 239 74.81 -76.27 -25.09
C THR KA 239 73.67 -77.28 -25.01
N ASN KA 240 73.01 -77.30 -23.86
CA ASN KA 240 71.83 -78.14 -23.66
C ASN KA 240 70.55 -77.46 -24.12
N HIS KA 241 70.64 -76.25 -24.66
CA HIS KA 241 69.54 -75.48 -25.20
C HIS KA 241 68.50 -75.09 -24.16
N GLY KA 242 68.78 -75.34 -22.88
CA GLY KA 242 67.89 -74.85 -21.85
C GLY KA 242 68.04 -73.36 -21.63
N ILE KA 243 66.95 -72.73 -21.20
CA ILE KA 243 66.95 -71.31 -20.89
C ILE KA 243 66.54 -71.12 -19.44
N ILE KA 244 67.01 -70.05 -18.85
CA ILE KA 244 66.71 -69.73 -17.45
C ILE KA 244 65.63 -68.64 -17.41
N THR KA 245 64.87 -68.64 -16.33
CA THR KA 245 63.83 -67.65 -16.12
C THR KA 245 63.90 -67.14 -14.68
N LEU KA 246 63.41 -65.93 -14.48
CA LEU KA 246 63.42 -65.29 -13.17
C LEU KA 246 61.98 -65.22 -12.66
N GLU KA 247 61.70 -65.97 -11.59
CA GLU KA 247 60.39 -65.92 -10.97
C GLU KA 247 60.20 -64.61 -10.22
N LYS KA 248 58.96 -64.34 -9.84
CA LYS KA 248 58.68 -63.16 -9.04
C LYS KA 248 59.39 -63.25 -7.70
N GLY KA 249 60.00 -62.15 -7.28
CA GLY KA 249 60.70 -62.14 -6.01
C GLY KA 249 62.10 -62.71 -6.10
N TRP KA 250 62.49 -63.50 -5.11
CA TRP KA 250 63.86 -63.98 -5.01
C TRP KA 250 64.04 -65.29 -5.76
N ASN KA 251 65.16 -65.40 -6.48
CA ASN KA 251 65.54 -66.62 -7.18
C ASN KA 251 66.91 -67.04 -6.71
N ASP KA 252 67.03 -68.29 -6.28
CA ASP KA 252 68.31 -68.84 -5.84
C ASP KA 252 69.06 -69.40 -7.04
N PHE KA 253 70.30 -68.96 -7.21
CA PHE KA 253 71.13 -69.38 -8.34
C PHE KA 253 72.39 -70.04 -7.83
N GLU KA 254 72.76 -71.15 -8.48
CA GLU KA 254 73.97 -71.89 -8.16
C GLU KA 254 74.72 -72.21 -9.44
N ILE KA 255 76.00 -71.89 -9.48
CA ILE KA 255 76.85 -72.10 -10.64
C ILE KA 255 77.85 -73.20 -10.31
N LYS KA 256 77.92 -74.23 -11.15
CA LYS KA 256 78.75 -75.39 -10.92
C LYS KA 256 79.74 -75.57 -12.06
N GLY KA 257 80.95 -76.02 -11.73
CA GLY KA 257 81.94 -76.42 -12.71
C GLY KA 257 82.97 -75.37 -13.06
N VAL KA 258 82.91 -74.17 -12.47
CA VAL KA 258 83.87 -73.11 -12.76
C VAL KA 258 84.28 -72.44 -11.46
N THR KA 259 85.34 -71.63 -11.55
CA THR KA 259 85.87 -70.87 -10.42
C THR KA 259 85.95 -69.40 -10.82
N ASP KA 260 86.25 -68.57 -9.84
CA ASP KA 260 86.32 -67.11 -9.96
C ASP KA 260 85.20 -66.58 -10.86
N VAL KA 261 83.97 -66.91 -10.48
CA VAL KA 261 82.81 -66.56 -11.30
C VAL KA 261 82.53 -65.07 -11.19
N THR KA 262 82.18 -64.47 -12.32
CA THR KA 262 81.72 -63.08 -12.35
C THR KA 262 80.51 -63.05 -13.29
N ILE KA 263 79.32 -62.99 -12.72
CA ILE KA 263 78.07 -63.09 -13.47
C ILE KA 263 77.23 -61.86 -13.21
N ALA KA 264 76.71 -61.26 -14.27
CA ALA KA 264 75.90 -60.05 -14.18
C ALA KA 264 74.59 -60.25 -14.94
N PHE KA 265 73.51 -59.78 -14.34
CA PHE KA 265 72.17 -59.86 -14.90
C PHE KA 265 71.73 -58.48 -15.36
N ASN KA 266 71.13 -58.42 -16.55
CA ASN KA 266 70.68 -57.15 -17.13
C ASN KA 266 69.31 -57.39 -17.75
N PHE KA 267 68.26 -57.00 -17.04
CA PHE KA 267 66.90 -57.18 -17.51
C PHE KA 267 66.04 -56.05 -16.96
N PRO KA 268 65.00 -55.64 -17.69
CA PRO KA 268 64.05 -54.66 -17.16
C PRO KA 268 62.90 -55.31 -16.45
N PHE KA 269 62.41 -54.62 -15.42
CA PHE KA 269 61.30 -55.13 -14.63
C PHE KA 269 59.99 -55.00 -15.40
N ILE KA 270 59.12 -55.98 -15.23
CA ILE KA 270 57.84 -56.03 -15.93
C ILE KA 270 56.73 -55.70 -14.94
N TYR KA 271 56.05 -54.57 -15.18
CA TYR KA 271 54.97 -54.11 -14.32
C TYR KA 271 53.64 -54.21 -15.05
N ARG KA 272 52.57 -53.96 -14.32
CA ARG KA 272 51.23 -53.99 -14.89
C ARG KA 272 50.26 -53.17 -14.05
N MET LA 1 62.07 -80.67 -23.49
CA MET LA 1 61.71 -79.27 -23.69
C MET LA 1 60.54 -79.13 -24.66
N ASP LA 2 59.63 -78.21 -24.35
CA ASP LA 2 58.43 -78.03 -25.15
C ASP LA 2 58.62 -77.09 -26.33
N TYR LA 3 59.78 -76.47 -26.46
CA TYR LA 3 60.06 -75.61 -27.60
C TYR LA 3 60.78 -76.39 -28.70
N VAL LA 4 60.95 -75.74 -29.84
CA VAL LA 4 61.48 -76.38 -31.04
C VAL LA 4 62.92 -75.96 -31.23
N ILE LA 5 63.80 -76.93 -31.48
CA ILE LA 5 65.21 -76.68 -31.75
C ILE LA 5 65.44 -76.82 -33.25
N ILE LA 6 66.01 -75.79 -33.87
CA ILE LA 6 66.23 -75.77 -35.31
C ILE LA 6 67.70 -75.97 -35.59
N GLN LA 7 68.02 -76.99 -36.40
CA GLN LA 7 69.37 -77.28 -36.86
C GLN LA 7 69.38 -77.18 -38.38
N SER LA 8 70.35 -76.44 -38.90
CA SER LA 8 70.39 -76.14 -40.32
C SER LA 8 70.69 -77.40 -41.13
N MET LA 9 70.53 -77.28 -42.45
CA MET LA 9 70.78 -78.40 -43.34
C MET LA 9 72.23 -78.85 -43.27
N ASP LA 10 73.16 -77.90 -43.22
CA ASP LA 10 74.58 -78.21 -43.12
C ASP LA 10 75.02 -78.45 -41.68
N LYS LA 11 74.11 -78.37 -40.72
CA LYS LA 11 74.38 -78.62 -39.30
C LYS LA 11 75.44 -77.68 -38.74
N GLU LA 12 75.62 -76.52 -39.36
CA GLU LA 12 76.61 -75.56 -38.86
C GLU LA 12 76.11 -74.81 -37.64
N VAL LA 13 74.82 -74.49 -37.59
CA VAL LA 13 74.24 -73.68 -36.53
C VAL LA 13 72.97 -74.36 -36.02
N GLU LA 14 72.87 -74.49 -34.69
CA GLU LA 14 71.71 -75.08 -34.05
C GLU LA 14 71.23 -74.12 -32.96
N GLU LA 15 69.98 -73.68 -33.07
CA GLU LA 15 69.43 -72.67 -32.17
C GLU LA 15 68.01 -73.06 -31.79
N ILE LA 16 67.31 -72.15 -31.13
CA ILE LA 16 65.92 -72.35 -30.70
C ILE LA 16 65.03 -71.53 -31.61
N LEU LA 17 64.04 -72.18 -32.22
CA LEU LA 17 63.09 -71.49 -33.09
C LEU LA 17 62.00 -70.90 -32.22
N THR LA 18 62.05 -69.58 -32.01
CA THR LA 18 61.11 -68.91 -31.14
C THR LA 18 60.02 -68.21 -31.94
N ASP LA 19 59.03 -67.67 -31.22
CA ASP LA 19 57.91 -66.96 -31.81
C ASP LA 19 57.12 -67.83 -32.79
N ILE LA 20 57.10 -69.13 -32.53
CA ILE LA 20 56.27 -70.04 -33.33
C ILE LA 20 54.81 -69.85 -32.94
N ASP LA 21 53.94 -69.80 -33.95
CA ASP LA 21 52.52 -69.66 -33.68
C ASP LA 21 51.98 -70.97 -33.11
N TYR LA 22 52.06 -71.11 -31.78
CA TYR LA 22 51.70 -72.37 -31.14
C TYR LA 22 50.23 -72.72 -31.33
N GLY LA 23 49.38 -71.74 -31.61
CA GLY LA 23 48.00 -72.05 -31.93
C GLY LA 23 47.87 -72.89 -33.19
N SER LA 24 48.73 -72.63 -34.17
CA SER LA 24 48.74 -73.42 -35.40
C SER LA 24 49.56 -74.69 -35.28
N PHE LA 25 50.33 -74.86 -34.22
CA PHE LA 25 51.16 -76.05 -34.06
C PHE LA 25 50.29 -77.28 -33.90
N SER LA 26 50.72 -78.38 -34.52
CA SER LA 26 49.98 -79.64 -34.45
C SER LA 26 50.94 -80.80 -34.67
N TYR LA 27 50.72 -81.88 -33.93
CA TYR LA 27 51.51 -83.09 -34.05
C TYR LA 27 50.57 -84.24 -34.37
N ASP LA 28 50.77 -84.88 -35.53
CA ASP LA 28 49.88 -85.92 -36.01
C ASP LA 28 50.62 -87.25 -36.02
N TYR LA 29 50.00 -88.27 -35.43
CA TYR LA 29 50.53 -89.62 -35.41
C TYR LA 29 49.43 -90.60 -35.76
N GLU LA 30 49.78 -91.61 -36.55
CA GLU LA 30 48.87 -92.72 -36.83
C GLU LA 30 49.73 -93.96 -37.05
N LYS LA 31 49.39 -95.04 -36.35
CA LYS LA 31 50.24 -96.23 -36.32
C LYS LA 31 50.47 -96.77 -37.72
N ASN LA 32 51.74 -97.03 -38.03
CA ASN LA 32 52.18 -97.52 -39.33
C ASN LA 32 51.79 -96.60 -40.47
N THR LA 33 51.29 -95.41 -40.18
CA THR LA 33 50.78 -94.51 -41.22
C THR LA 33 51.55 -93.20 -41.29
N SER LA 34 51.65 -92.46 -40.19
CA SER LA 34 52.26 -91.13 -40.29
C SER LA 34 52.77 -90.68 -38.94
N ARG LA 35 53.75 -89.78 -38.98
CA ARG LA 35 54.29 -89.14 -37.78
C ARG LA 35 54.90 -87.82 -38.22
N ALA LA 36 54.24 -86.71 -37.88
CA ALA LA 36 54.67 -85.42 -38.43
C ALA LA 36 54.26 -84.30 -37.50
N ILE LA 37 54.87 -83.14 -37.72
CA ILE LA 37 54.53 -81.91 -37.01
C ILE LA 37 54.42 -80.78 -38.03
N SER LA 38 53.38 -79.95 -37.87
CA SER LA 38 53.14 -78.84 -38.76
C SER LA 38 52.82 -77.59 -37.96
N PHE LA 39 53.35 -76.46 -38.41
CA PHE LA 39 53.12 -75.19 -37.71
C PHE LA 39 53.45 -74.04 -38.67
N THR LA 40 53.41 -72.82 -38.14
CA THR LA 40 53.65 -71.61 -38.92
C THR LA 40 54.54 -70.68 -38.11
N VAL LA 41 55.55 -70.10 -38.75
CA VAL LA 41 56.51 -69.23 -38.09
C VAL LA 41 56.46 -67.86 -38.75
N ASN LA 42 56.34 -66.82 -37.92
CA ASN LA 42 56.37 -65.44 -38.40
C ASN LA 42 57.74 -64.83 -38.08
N LYS LA 43 58.27 -64.07 -39.03
CA LYS LA 43 59.57 -63.44 -38.85
C LYS LA 43 59.44 -62.23 -37.94
N THR LA 44 60.06 -62.29 -36.77
CA THR LA 44 60.06 -61.21 -35.80
C THR LA 44 61.49 -60.90 -35.40
N LYS LA 45 61.64 -59.90 -34.51
CA LYS LA 45 62.97 -59.50 -34.09
C LYS LA 45 63.67 -60.61 -33.32
N GLN LA 46 62.92 -61.38 -32.54
CA GLN LA 46 63.52 -62.44 -31.72
C GLN LA 46 64.16 -63.54 -32.58
N ASN LA 47 63.51 -63.91 -33.69
CA ASN LA 47 63.99 -64.98 -34.54
C ASN LA 47 64.48 -64.48 -35.90
N ALA LA 48 64.73 -63.19 -36.03
CA ALA LA 48 65.19 -62.65 -37.31
C ALA LA 48 66.57 -63.20 -37.68
N ALA LA 49 67.41 -63.47 -36.68
CA ALA LA 49 68.77 -63.94 -36.97
C ALA LA 49 68.76 -65.31 -37.64
N ILE LA 50 67.87 -66.21 -37.19
CA ILE LA 50 67.87 -67.58 -37.65
C ILE LA 50 66.65 -67.88 -38.52
N PHE LA 51 65.89 -66.87 -38.93
CA PHE LA 51 64.71 -67.10 -39.75
C PHE LA 51 65.08 -67.59 -41.15
N ASP LA 52 66.28 -67.26 -41.63
CA ASP LA 52 66.70 -67.74 -42.95
C ASP LA 52 67.13 -69.20 -42.94
N LEU LA 53 67.47 -69.74 -41.77
CA LEU LA 53 67.92 -71.13 -41.70
C LEU LA 53 66.77 -72.12 -41.80
N VAL LA 54 65.61 -71.80 -41.25
CA VAL LA 54 64.48 -72.72 -41.28
C VAL LA 54 64.00 -72.83 -42.71
N GLY LA 55 64.11 -74.03 -43.27
CA GLY LA 55 63.71 -74.28 -44.64
C GLY LA 55 63.67 -75.77 -44.90
N ASN LA 56 63.64 -76.12 -46.18
CA ASN LA 56 63.61 -77.54 -46.55
C ASN LA 56 64.89 -78.22 -46.12
N GLU LA 57 64.77 -79.47 -45.69
CA GLU LA 57 65.84 -80.37 -45.24
C GLU LA 57 66.43 -79.97 -43.90
N ALA LA 58 65.93 -78.92 -43.25
CA ALA LA 58 66.37 -78.61 -41.90
C ALA LA 58 65.79 -79.62 -40.91
N ILE LA 59 66.41 -79.69 -39.73
CA ILE LA 59 66.03 -80.66 -38.72
C ILE LA 59 65.42 -79.91 -37.54
N LEU LA 60 64.27 -80.37 -37.08
CA LEU LA 60 63.60 -79.80 -35.91
C LEU LA 60 63.55 -80.84 -34.81
N THR LA 61 64.08 -80.49 -33.64
CA THR LA 61 64.01 -81.32 -32.45
C THR LA 61 62.84 -80.85 -31.61
N TYR LA 62 61.90 -81.75 -31.35
CA TYR LA 62 60.71 -81.48 -30.56
C TYR LA 62 60.49 -82.65 -29.62
N GLN LA 63 60.50 -82.36 -28.31
CA GLN LA 63 60.31 -83.37 -27.28
C GLN LA 63 61.28 -84.54 -27.45
N GLY LA 64 62.50 -84.22 -27.87
CA GLY LA 64 63.53 -85.22 -28.05
C GLY LA 64 63.45 -86.01 -29.33
N GLN LA 65 62.58 -85.64 -30.26
CA GLN LA 65 62.44 -86.35 -31.52
C GLN LA 65 62.84 -85.45 -32.68
N GLN LA 66 63.43 -86.05 -33.70
CA GLN LA 66 63.93 -85.32 -34.85
C GLN LA 66 62.97 -85.44 -36.02
N PHE LA 67 62.63 -84.30 -36.62
CA PHE LA 67 61.75 -84.25 -37.77
C PHE LA 67 62.44 -83.48 -38.89
N VAL LA 68 62.44 -84.05 -40.09
CA VAL LA 68 63.01 -83.40 -41.25
C VAL LA 68 61.91 -82.61 -41.96
N ILE LA 69 62.19 -81.34 -42.26
CA ILE LA 69 61.23 -80.49 -42.94
C ILE LA 69 61.12 -80.93 -44.40
N LYS LA 70 59.90 -81.21 -44.85
CA LYS LA 70 59.67 -81.65 -46.21
C LYS LA 70 58.82 -80.71 -47.03
N LYS LA 71 58.32 -79.63 -46.43
CA LYS LA 71 57.49 -78.68 -47.17
C LYS LA 71 57.56 -77.33 -46.46
N CYS LA 72 58.14 -76.33 -47.12
CA CYS LA 72 58.23 -74.98 -46.59
C CYS LA 72 57.58 -74.01 -47.57
N THR LA 73 56.75 -73.12 -47.05
CA THR LA 73 55.97 -72.19 -47.87
C THR LA 73 56.19 -70.77 -47.34
N PRO LA 74 57.28 -70.12 -47.73
CA PRO LA 74 57.44 -68.69 -47.41
C PRO LA 74 56.33 -67.88 -48.05
N LYS LA 75 55.85 -66.88 -47.31
CA LYS LA 75 54.78 -66.02 -47.80
C LYS LA 75 55.00 -64.62 -47.27
N SER LA 76 54.83 -63.63 -48.15
CA SER LA 76 55.04 -62.23 -47.80
C SER LA 76 53.75 -61.46 -48.06
N ILE LA 77 53.19 -60.87 -47.00
CA ILE LA 77 52.00 -60.04 -47.10
C ILE LA 77 52.34 -58.72 -46.41
N GLY LA 78 52.82 -57.75 -47.19
CA GLY LA 78 53.22 -56.48 -46.63
C GLY LA 78 54.48 -56.58 -45.79
N GLY LA 79 54.35 -56.41 -44.48
CA GLY LA 79 55.47 -56.47 -43.57
C GLY LA 79 55.64 -57.76 -42.81
N THR LA 80 54.73 -58.71 -42.96
CA THR LA 80 54.79 -59.97 -42.25
C THR LA 80 55.25 -61.07 -43.20
N ILE LA 81 56.32 -61.76 -42.84
CA ILE LA 81 56.83 -62.91 -43.59
C ILE LA 81 56.56 -64.15 -42.78
N SER LA 82 55.83 -65.10 -43.35
CA SER LA 82 55.42 -66.30 -42.66
C SER LA 82 55.83 -67.53 -43.45
N LYS LA 83 56.29 -68.55 -42.75
CA LYS LA 83 56.66 -69.83 -43.33
C LYS LA 83 55.78 -70.92 -42.72
N GLN LA 84 55.14 -71.71 -43.58
CA GLN LA 84 54.33 -72.84 -43.16
C GLN LA 84 55.19 -74.09 -43.23
N ILE LA 85 55.53 -74.65 -42.07
CA ILE LA 85 56.50 -75.72 -41.96
C ILE LA 85 55.76 -77.03 -41.70
N THR LA 86 56.07 -78.04 -42.50
CA THR LA 86 55.62 -79.41 -42.28
C THR LA 86 56.84 -80.31 -42.26
N ALA LA 87 56.99 -81.11 -41.21
CA ALA LA 87 58.15 -81.97 -41.04
C ALA LA 87 57.70 -83.37 -40.67
N GLN LA 88 58.33 -84.36 -41.30
CA GLN LA 88 58.04 -85.76 -41.04
C GLN LA 88 59.13 -86.37 -40.17
N HIS LA 89 58.78 -87.40 -39.42
CA HIS LA 89 59.76 -88.04 -38.55
C HIS LA 89 60.92 -88.58 -39.38
N ILE LA 90 62.13 -88.48 -38.83
CA ILE LA 90 63.33 -88.82 -39.57
C ILE LA 90 63.37 -90.27 -40.00
N CYS LA 91 62.56 -91.13 -39.36
CA CYS LA 91 62.55 -92.54 -39.72
C CYS LA 91 62.18 -92.73 -41.19
N TYR LA 92 61.19 -91.97 -41.67
CA TYR LA 92 60.78 -92.09 -43.06
C TYR LA 92 61.89 -91.72 -44.03
N THR LA 93 62.90 -90.96 -43.57
CA THR LA 93 64.03 -90.65 -44.43
C THR LA 93 64.79 -91.91 -44.84
N VAL LA 94 64.57 -93.02 -44.14
CA VAL LA 94 65.13 -94.30 -44.55
C VAL LA 94 64.71 -94.70 -45.96
N GLN LA 95 63.71 -94.03 -46.53
CA GLN LA 95 63.37 -94.30 -47.93
C GLN LA 95 64.45 -93.84 -48.89
N ASP LA 96 65.43 -93.08 -48.43
CA ASP LA 96 66.55 -92.66 -49.27
C ASP LA 96 67.55 -93.77 -49.51
N HIS LA 97 67.40 -94.92 -48.85
CA HIS LA 97 68.27 -96.06 -49.05
C HIS LA 97 67.51 -97.15 -49.80
N VAL LA 98 68.08 -97.61 -50.92
CA VAL LA 98 67.44 -98.57 -51.79
C VAL LA 98 68.33 -99.81 -51.89
N GLN LA 99 67.71 -100.98 -51.70
CA GLN LA 99 68.40 -102.27 -51.85
C GLN LA 99 68.15 -102.77 -53.26
N TYR LA 100 69.18 -102.67 -54.12
CA TYR LA 100 69.02 -103.02 -55.52
C TYR LA 100 68.99 -104.52 -55.75
N ASN LA 101 69.72 -105.28 -54.94
CA ASN LA 101 69.81 -106.72 -55.15
C ASN LA 101 68.45 -107.38 -54.92
N VAL LA 102 68.21 -108.46 -55.66
CA VAL LA 102 66.95 -109.18 -55.63
C VAL LA 102 67.21 -110.63 -55.25
N LYS LA 103 66.46 -111.14 -54.29
CA LYS LA 103 66.50 -112.54 -53.91
C LYS LA 103 65.40 -113.26 -54.68
N SER LA 104 65.72 -113.64 -55.92
CA SER LA 104 64.73 -114.18 -56.84
C SER LA 104 64.18 -115.51 -56.35
N GLY LA 105 62.93 -115.78 -56.71
CA GLY LA 105 62.25 -117.01 -56.36
C GLY LA 105 61.34 -116.83 -55.16
N ARG LA 106 60.55 -117.88 -54.91
CA ARG LA 106 59.64 -117.92 -53.78
C ARG LA 106 60.35 -118.55 -52.59
N LYS LA 107 60.39 -117.84 -51.47
CA LYS LA 107 61.10 -118.33 -50.30
C LYS LA 107 60.41 -117.85 -49.04
N LYS LA 108 60.50 -118.66 -47.98
CA LYS LA 108 59.91 -118.32 -46.69
C LYS LA 108 60.93 -117.53 -45.88
N TYR LA 109 60.63 -116.26 -45.63
CA TYR LA 109 61.47 -115.39 -44.85
C TYR LA 109 60.83 -115.09 -43.51
N SER LA 110 61.68 -114.75 -42.55
CA SER LA 110 61.26 -114.19 -41.27
C SER LA 110 61.45 -112.67 -41.31
N ILE LA 111 60.93 -112.00 -40.29
CA ILE LA 111 61.06 -110.54 -40.22
C ILE LA 111 62.53 -110.15 -40.07
N GLN LA 112 63.32 -110.94 -39.32
CA GLN LA 112 64.71 -110.59 -39.09
C GLN LA 112 65.51 -110.56 -40.38
N THR LA 113 65.34 -111.59 -41.23
CA THR LA 113 66.10 -111.65 -42.47
C THR LA 113 65.73 -110.50 -43.40
N VAL LA 114 64.43 -110.20 -43.52
CA VAL LA 114 64.00 -109.13 -44.41
C VAL LA 114 64.50 -107.78 -43.90
N LEU LA 115 64.44 -107.56 -42.59
CA LEU LA 115 64.93 -106.31 -42.04
C LEU LA 115 66.44 -106.17 -42.23
N GLU LA 116 67.19 -107.26 -42.05
CA GLU LA 116 68.63 -107.21 -42.29
C GLU LA 116 68.93 -106.91 -43.76
N PHE LA 117 68.18 -107.54 -44.67
CA PHE LA 117 68.38 -107.28 -46.09
C PHE LA 117 68.07 -105.83 -46.44
N ALA LA 118 67.01 -105.28 -45.86
CA ALA LA 118 66.58 -103.92 -46.20
C ALA LA 118 67.61 -102.88 -45.77
N LEU LA 119 68.13 -103.00 -44.56
CA LEU LA 119 69.03 -102.00 -43.98
C LEU LA 119 70.48 -102.46 -43.99
N GLN LA 120 70.88 -103.17 -45.05
CA GLN LA 120 72.26 -103.62 -45.18
C GLN LA 120 73.13 -102.50 -45.73
N ASP LA 121 74.28 -102.29 -45.08
CA ASP LA 121 75.27 -101.29 -45.52
C ASP LA 121 74.66 -99.90 -45.64
N ASN LA 122 73.91 -99.51 -44.62
CA ASN LA 122 73.31 -98.18 -44.59
C ASN LA 122 74.38 -97.11 -44.43
N VAL LA 123 74.20 -96.00 -45.14
CA VAL LA 123 75.07 -94.83 -45.00
C VAL LA 123 74.40 -93.70 -44.25
N LEU LA 124 73.17 -93.90 -43.77
CA LEU LA 124 72.44 -92.88 -43.04
C LEU LA 124 72.36 -93.16 -41.55
N GLY LA 125 73.10 -94.16 -41.06
CA GLY LA 125 73.11 -94.47 -39.65
C GLY LA 125 71.79 -95.00 -39.12
N PHE LA 126 71.14 -95.89 -39.84
CA PHE LA 126 69.87 -96.48 -39.42
C PHE LA 126 70.10 -97.84 -38.80
N SER LA 127 69.41 -98.09 -37.69
CA SER LA 127 69.47 -99.37 -36.98
C SER LA 127 68.07 -99.84 -36.66
N TYR LA 128 67.91 -101.15 -36.49
CA TYR LA 128 66.62 -101.74 -36.25
C TYR LA 128 66.70 -102.70 -35.06
N GLU LA 129 65.59 -102.77 -34.32
CA GLU LA 129 65.43 -103.70 -33.22
C GLU LA 129 64.07 -104.36 -33.33
N ILE LA 130 63.99 -105.62 -32.91
CA ILE LA 130 62.77 -106.41 -32.99
C ILE LA 130 62.40 -106.87 -31.60
N GLN LA 131 61.14 -106.68 -31.21
CA GLN LA 131 60.65 -107.05 -29.89
C GLN LA 131 59.29 -107.70 -30.06
N GLY LA 132 59.27 -109.03 -30.10
CA GLY LA 132 58.03 -109.77 -30.24
C GLY LA 132 58.26 -111.04 -31.03
N SER LA 133 57.15 -111.74 -31.26
CA SER LA 133 57.15 -112.99 -32.02
C SER LA 133 56.31 -112.81 -33.28
N PHE LA 134 56.87 -113.22 -34.41
CA PHE LA 134 56.21 -113.08 -35.70
C PHE LA 134 56.31 -114.37 -36.49
N PRO LA 135 55.32 -114.65 -37.32
CA PRO LA 135 55.33 -115.89 -38.12
C PRO LA 135 56.25 -115.75 -39.32
N LEU LA 136 56.34 -116.84 -40.08
CA LEU LA 136 57.13 -116.89 -41.31
C LEU LA 136 56.22 -116.58 -42.50
N VAL LA 137 56.71 -115.75 -43.42
CA VAL LA 137 55.93 -115.34 -44.58
C VAL LA 137 56.73 -115.67 -45.83
N GLU LA 138 56.07 -116.28 -46.81
CA GLU LA 138 56.71 -116.63 -48.07
C GLU LA 138 56.51 -115.49 -49.07
N LEU LA 139 57.60 -115.07 -49.71
CA LEU LA 139 57.59 -113.93 -50.60
C LEU LA 139 58.34 -114.27 -51.88
N GLU LA 140 58.08 -113.48 -52.92
CA GLU LA 140 58.66 -113.65 -54.24
C GLU LA 140 59.63 -112.52 -54.52
N ASP LA 141 60.82 -112.86 -55.02
CA ASP LA 141 61.83 -111.93 -55.50
C ASP LA 141 61.92 -110.68 -54.62
N LEU LA 142 62.21 -110.91 -53.34
CA LEU LA 142 62.36 -109.81 -52.40
C LEU LA 142 63.56 -108.94 -52.77
N GLY LA 143 63.35 -107.63 -52.76
CA GLY LA 143 64.39 -106.66 -53.06
C GLY LA 143 63.93 -105.67 -54.09
N ASN LA 144 64.89 -104.93 -54.64
CA ASN LA 144 64.63 -103.91 -55.67
C ASN LA 144 63.64 -102.87 -55.19
N LYS LA 145 63.77 -102.46 -53.93
CA LYS LA 145 62.90 -101.46 -53.33
C LYS LA 145 63.71 -100.61 -52.36
N ASN LA 146 63.16 -99.44 -52.03
CA ASN LA 146 63.79 -98.60 -51.03
C ASN LA 146 63.52 -99.14 -49.63
N GLY LA 147 64.17 -98.52 -48.64
CA GLY LA 147 64.03 -98.99 -47.28
C GLY LA 147 62.60 -98.88 -46.75
N LEU LA 148 61.95 -97.76 -47.04
CA LEU LA 148 60.59 -97.56 -46.54
C LEU LA 148 59.61 -98.55 -47.14
N GLU LA 149 59.78 -98.88 -48.42
CA GLU LA 149 58.89 -99.86 -49.05
C GLU LA 149 59.03 -101.22 -48.37
N LEU LA 150 60.26 -101.64 -48.09
CA LEU LA 150 60.46 -102.92 -47.42
C LEU LA 150 59.95 -102.88 -45.98
N VAL LA 151 60.11 -101.75 -45.29
CA VAL LA 151 59.59 -101.63 -43.94
C VAL LA 151 58.07 -101.73 -43.94
N ASN LA 152 57.41 -101.07 -44.90
CA ASN LA 152 55.96 -101.16 -45.01
C ASN LA 152 55.52 -102.58 -45.36
N LEU LA 153 56.29 -103.25 -46.22
CA LEU LA 153 56.00 -104.65 -46.53
C LEU LA 153 56.09 -105.52 -45.28
N CYS LA 154 57.11 -105.31 -44.45
CA CYS LA 154 57.22 -106.05 -43.21
C CYS LA 154 56.04 -105.77 -42.29
N LEU LA 155 55.64 -104.50 -42.18
CA LEU LA 155 54.52 -104.14 -41.32
C LEU LA 155 53.23 -104.78 -41.80
N GLU LA 156 53.02 -104.81 -43.12
CA GLU LA 156 51.78 -105.37 -43.64
C GLU LA 156 51.76 -106.89 -43.55
N GLU LA 157 52.91 -107.54 -43.76
CA GLU LA 157 52.93 -108.99 -43.81
C GLU LA 157 53.00 -109.61 -42.41
N PHE LA 158 54.02 -109.23 -41.64
CA PHE LA 158 54.24 -109.84 -40.33
C PHE LA 158 53.35 -109.26 -39.25
N GLY LA 159 52.55 -108.24 -39.56
CA GLY LA 159 51.68 -107.64 -38.57
C GLY LA 159 52.42 -106.95 -37.44
N ALA LA 160 53.49 -106.25 -37.75
CA ALA LA 160 54.29 -105.55 -36.75
C ALA LA 160 53.86 -104.08 -36.67
N ILE LA 161 54.29 -103.42 -35.60
CA ILE LA 161 54.07 -102.01 -35.38
C ILE LA 161 55.42 -101.34 -35.23
N LEU LA 162 55.67 -100.30 -36.03
CA LEU LA 162 56.97 -99.65 -36.06
C LEU LA 162 56.91 -98.34 -35.29
N PHE LA 163 57.88 -98.14 -34.40
CA PHE LA 163 58.03 -96.87 -33.69
C PHE LA 163 59.51 -96.53 -33.64
N ALA LA 164 59.85 -95.28 -33.92
CA ALA LA 164 61.23 -94.89 -34.11
C ALA LA 164 61.69 -93.96 -32.98
N ASP LA 165 62.79 -94.35 -32.34
CA ASP LA 165 63.56 -93.43 -31.49
C ASP LA 165 64.59 -92.78 -32.40
N ASN LA 166 64.24 -91.61 -32.93
CA ASN LA 166 65.03 -90.93 -33.94
C ASN LA 166 65.33 -91.85 -35.10
N LYS LA 167 66.57 -92.32 -35.21
CA LYS LA 167 67.00 -93.14 -36.33
C LYS LA 167 67.03 -94.63 -36.01
N LYS LA 168 66.52 -95.04 -34.85
CA LYS LA 168 66.50 -96.44 -34.45
C LYS LA 168 65.05 -96.92 -34.47
N LEU LA 169 64.75 -97.87 -35.35
CA LEU LA 169 63.38 -98.33 -35.56
C LEU LA 169 63.13 -99.60 -34.76
N TYR LA 170 62.18 -99.55 -33.84
CA TYR LA 170 61.74 -100.71 -33.08
C TYR LA 170 60.48 -101.27 -33.71
N PHE LA 171 60.46 -102.59 -33.89
CA PHE LA 171 59.32 -103.31 -34.46
C PHE LA 171 58.73 -104.21 -33.38
N TYR LA 172 57.55 -103.85 -32.91
CA TYR LA 172 56.84 -104.63 -31.90
C TYR LA 172 55.75 -105.46 -32.57
N ASP LA 173 55.11 -106.30 -31.76
CA ASP LA 173 53.88 -106.98 -32.13
C ASP LA 173 52.74 -106.42 -31.27
N GLU LA 174 51.52 -106.89 -31.56
CA GLU LA 174 50.37 -106.38 -30.84
C GLU LA 174 50.47 -106.65 -29.34
N LYS LA 175 51.11 -107.77 -28.96
CA LYS LA 175 51.21 -108.11 -27.55
C LYS LA 175 52.14 -107.16 -26.80
N SER LA 176 53.29 -106.84 -27.37
CA SER LA 176 54.29 -106.03 -26.68
C SER LA 176 54.17 -104.55 -26.98
N TRP LA 177 53.28 -104.14 -27.89
CA TRP LA 177 53.16 -102.73 -28.22
C TRP LA 177 52.31 -102.00 -27.18
N TYR LA 178 51.06 -102.41 -27.03
CA TYR LA 178 50.15 -101.74 -26.11
C TYR LA 178 50.51 -102.05 -24.66
N VAL LA 179 50.45 -101.03 -23.82
CA VAL LA 179 50.68 -101.16 -22.39
C VAL LA 179 49.46 -100.65 -21.65
N ARG LA 180 48.96 -101.43 -20.71
CA ARG LA 180 47.78 -101.05 -19.97
C ARG LA 180 48.10 -99.93 -18.98
N THR LA 181 47.18 -98.98 -18.86
CA THR LA 181 47.35 -97.84 -17.97
C THR LA 181 46.06 -97.62 -17.19
N GLU LA 182 46.20 -97.00 -16.02
CA GLU LA 182 45.05 -96.72 -15.18
C GLU LA 182 44.29 -95.46 -15.59
N LYS LA 183 44.81 -94.69 -16.55
CA LYS LA 183 44.08 -93.55 -17.06
C LYS LA 183 42.83 -94.01 -17.81
N GLN LA 184 41.78 -93.20 -17.76
CA GLN LA 184 40.52 -93.59 -18.35
C GLN LA 184 39.83 -92.38 -18.96
N PHE LA 185 38.99 -92.64 -19.97
CA PHE LA 185 38.18 -91.63 -20.61
C PHE LA 185 36.77 -91.71 -20.04
N ARG LA 186 36.29 -90.60 -19.50
CA ARG LA 186 34.99 -90.55 -18.85
C ARG LA 186 34.11 -89.50 -19.50
N TYR LA 187 32.84 -89.86 -19.73
CA TYR LA 187 31.89 -88.93 -20.29
C TYR LA 187 31.58 -87.82 -19.29
N LEU LA 188 31.49 -86.59 -19.79
CA LEU LA 188 31.24 -85.36 -19.05
C LEU LA 188 32.41 -84.95 -18.16
N TYR LA 189 33.50 -85.70 -18.12
CA TYR LA 189 34.63 -85.37 -17.25
C TYR LA 189 35.80 -84.79 -18.03
N ASN LA 190 36.30 -85.52 -19.04
CA ASN LA 190 37.45 -85.08 -19.82
C ASN LA 190 37.23 -85.26 -21.32
N THR LA 191 36.03 -85.61 -21.74
CA THR LA 191 35.72 -85.75 -23.16
C THR LA 191 34.57 -84.82 -23.52
N GLU LA 192 34.59 -84.33 -24.76
CA GLU LA 192 33.60 -83.37 -25.23
C GLU LA 192 32.73 -83.94 -26.35
N GLU LA 193 33.34 -84.42 -27.43
CA GLU LA 193 32.62 -84.96 -28.57
C GLU LA 193 33.13 -86.36 -28.87
N VAL LA 194 32.22 -87.33 -28.93
CA VAL LA 194 32.54 -88.71 -29.23
C VAL LA 194 31.77 -89.12 -30.47
N SER LA 195 32.47 -89.68 -31.46
CA SER LA 195 31.86 -90.06 -32.72
C SER LA 195 32.23 -91.50 -33.05
N VAL LA 196 31.24 -92.25 -33.56
CA VAL LA 196 31.44 -93.62 -33.99
C VAL LA 196 30.94 -93.74 -35.41
N ASP LA 197 31.82 -94.10 -36.34
CA ASP LA 197 31.47 -94.34 -37.72
C ASP LA 197 31.36 -95.84 -37.94
N THR LA 198 30.18 -96.30 -38.35
CA THR LA 198 29.91 -97.72 -38.54
C THR LA 198 29.48 -97.97 -39.98
N ASN LA 199 30.16 -98.90 -40.64
CA ASN LA 199 29.87 -99.26 -42.02
C ASN LA 199 29.68 -100.76 -42.13
N THR LA 200 28.67 -101.17 -42.91
CA THR LA 200 28.36 -102.57 -43.12
C THR LA 200 28.18 -102.88 -44.60
N ASP LA 201 28.89 -102.14 -45.46
CA ASP LA 201 28.84 -102.40 -46.89
C ASP LA 201 29.77 -103.52 -47.33
N ASN LA 202 30.68 -103.97 -46.47
CA ASN LA 202 31.51 -105.14 -46.75
C ASN LA 202 31.22 -106.29 -45.78
N LEU LA 203 30.04 -106.29 -45.17
CA LEU LA 203 29.66 -107.35 -44.23
C LEU LA 203 29.40 -108.62 -45.02
N LYS LA 204 30.35 -109.54 -45.01
CA LYS LA 204 30.25 -110.81 -45.72
C LYS LA 204 30.52 -111.95 -44.75
N THR LA 205 29.74 -113.02 -44.87
CA THR LA 205 29.85 -114.16 -43.97
C THR LA 205 30.13 -115.47 -44.71
N GLU LA 206 30.21 -115.45 -46.03
CA GLU LA 206 30.46 -116.66 -46.80
C GLU LA 206 31.38 -116.32 -47.97
N ILE LA 207 32.32 -117.22 -48.26
CA ILE LA 207 33.30 -117.00 -49.31
C ILE LA 207 33.63 -118.34 -49.94
N LYS LA 208 33.99 -118.31 -51.23
CA LYS LA 208 34.45 -119.48 -51.94
C LYS LA 208 35.83 -119.20 -52.52
N CYS LA 209 36.76 -120.13 -52.32
CA CYS LA 209 38.14 -119.95 -52.75
C CYS LA 209 38.63 -121.16 -53.51
N TYR LA 210 39.47 -120.90 -54.50
CA TYR LA 210 40.06 -121.92 -55.37
C TYR LA 210 41.58 -121.92 -55.18
N GLY LA 211 42.16 -123.11 -55.17
CA GLY LA 211 43.59 -123.26 -55.02
C GLY LA 211 44.32 -123.11 -56.34
N LYS LA 212 45.41 -123.87 -56.49
CA LYS LA 212 46.18 -123.84 -57.72
C LYS LA 212 45.40 -124.51 -58.86
N GLN LA 213 45.92 -124.37 -60.07
CA GLN LA 213 45.30 -124.95 -61.25
C GLN LA 213 45.96 -126.27 -61.60
N LYS LA 214 45.14 -127.28 -61.87
CA LYS LA 214 45.67 -128.57 -62.28
C LYS LA 214 46.32 -128.47 -63.66
N GLU LA 215 47.29 -129.36 -63.91
CA GLU LA 215 47.97 -129.38 -65.20
C GLU LA 215 47.00 -129.75 -66.32
N ASN LA 216 46.09 -130.69 -66.06
CA ASN LA 216 45.07 -131.08 -67.03
C ASN LA 216 43.78 -130.30 -66.79
N ALA LA 217 43.92 -128.98 -66.77
CA ALA LA 217 42.77 -128.12 -66.48
C ALA LA 217 41.82 -128.05 -67.66
N ASP LA 218 42.34 -127.93 -68.89
CA ASP LA 218 41.50 -127.78 -70.06
C ASP LA 218 40.62 -128.99 -70.32
N LYS LA 219 41.06 -130.19 -69.93
CA LYS LA 219 40.26 -131.40 -70.08
C LYS LA 219 39.48 -131.74 -68.82
N LEU LA 220 39.34 -130.78 -67.89
CA LEU LA 220 38.59 -130.98 -66.67
C LEU LA 220 37.52 -129.92 -66.55
N THR LA 221 36.46 -130.23 -65.81
CA THR LA 221 35.28 -129.38 -65.70
C THR LA 221 35.03 -128.99 -64.26
N GLY LA 222 34.61 -127.74 -64.06
CA GLY LA 222 34.23 -127.26 -62.75
C GLY LA 222 35.40 -127.21 -61.78
N ASP LA 223 35.07 -127.40 -60.49
CA ASP LA 223 36.06 -127.33 -59.43
C ASP LA 223 37.16 -128.37 -59.57
N ASN LA 224 36.98 -129.37 -60.43
CA ASN LA 224 38.04 -130.33 -60.71
C ASN LA 224 39.25 -129.67 -61.35
N LYS LA 225 39.11 -128.45 -61.88
CA LYS LA 225 40.27 -127.74 -62.41
C LYS LA 225 41.30 -127.42 -61.33
N TYR LA 226 40.89 -127.40 -60.06
CA TYR LA 226 41.76 -127.06 -58.96
C TYR LA 226 41.80 -128.21 -57.96
N MET LA 227 42.98 -128.44 -57.37
CA MET LA 227 43.07 -129.44 -56.32
C MET LA 227 42.51 -128.96 -55.00
N ALA LA 228 42.33 -127.65 -54.84
CA ALA LA 228 41.86 -127.04 -53.60
C ALA LA 228 40.72 -126.09 -53.91
N VAL LA 229 39.50 -126.48 -53.53
CA VAL LA 229 38.32 -125.65 -53.63
C VAL LA 229 37.58 -125.77 -52.31
N VAL LA 230 37.28 -124.63 -51.67
CA VAL LA 230 36.64 -124.67 -50.36
C VAL LA 230 35.74 -123.46 -50.17
N THR LA 231 34.60 -123.68 -49.52
CA THR LA 231 33.67 -122.64 -49.14
C THR LA 231 33.74 -122.45 -47.63
N TYR LA 232 34.08 -121.25 -47.19
CA TYR LA 232 34.17 -120.91 -45.78
C TYR LA 232 32.96 -120.09 -45.37
N THR LA 233 32.32 -120.48 -44.27
CA THR LA 233 31.17 -119.78 -43.71
C THR LA 233 31.50 -119.34 -42.30
N SER LA 234 31.38 -118.04 -42.04
CA SER LA 234 31.67 -117.51 -40.72
C SER LA 234 30.53 -117.81 -39.76
N PRO LA 235 30.83 -117.99 -38.48
CA PRO LA 235 29.75 -118.19 -37.48
C PRO LA 235 28.79 -117.03 -37.40
N ASN LA 236 29.26 -115.80 -37.66
CA ASN LA 236 28.41 -114.62 -37.59
C ASN LA 236 27.22 -114.69 -38.53
N GLU LA 237 27.23 -115.62 -39.50
CA GLU LA 237 26.06 -115.85 -40.32
C GLU LA 237 24.82 -116.09 -39.48
N ALA LA 238 24.98 -116.75 -38.33
CA ALA LA 238 23.85 -117.04 -37.46
C ALA LA 238 23.14 -115.77 -37.00
N ILE LA 239 23.81 -114.62 -37.03
CA ILE LA 239 23.18 -113.35 -36.70
C ILE LA 239 23.11 -112.40 -37.88
N TYR LA 240 23.57 -112.83 -39.06
CA TYR LA 240 23.53 -111.99 -40.24
C TYR LA 240 23.01 -112.69 -41.49
N GLY LA 241 22.84 -114.00 -41.47
CA GLY LA 241 22.43 -114.72 -42.66
C GLY LA 241 23.59 -114.91 -43.63
N LYS LA 242 23.27 -115.50 -44.77
CA LYS LA 242 24.26 -115.76 -45.80
C LYS LA 242 24.50 -114.51 -46.63
N ARG LA 243 25.76 -114.06 -46.67
CA ARG LA 243 26.17 -112.91 -47.47
C ARG LA 243 27.44 -113.32 -48.21
N MET LA 244 27.27 -113.91 -49.39
CA MET LA 244 28.41 -114.40 -50.15
C MET LA 244 29.20 -113.24 -50.74
N ALA LA 245 30.51 -113.39 -50.77
CA ALA LA 245 31.41 -112.42 -51.39
C ALA LA 245 31.96 -113.01 -52.69
N ASN LA 246 32.48 -112.12 -53.53
CA ASN LA 246 33.06 -112.56 -54.79
C ASN LA 246 34.26 -113.47 -54.54
N ALA LA 247 34.36 -114.53 -55.34
CA ALA LA 247 35.37 -115.56 -55.11
C ALA LA 247 36.77 -114.98 -55.30
N LYS LA 248 37.67 -115.38 -54.41
CA LYS LA 248 39.08 -115.01 -54.48
C LYS LA 248 39.91 -116.24 -54.81
N SER LA 249 40.89 -116.07 -55.69
CA SER LA 249 41.69 -117.17 -56.20
C SER LA 249 43.15 -116.99 -55.80
N ASP LA 250 43.72 -118.02 -55.19
CA ASP LA 250 45.15 -118.08 -54.88
C ASP LA 250 45.74 -119.24 -55.65
N ASP LA 251 46.74 -118.96 -56.49
CA ASP LA 251 47.34 -119.96 -57.37
C ASP LA 251 48.70 -120.44 -56.88
N LYS LA 252 48.95 -120.37 -55.57
CA LYS LA 252 50.24 -120.74 -55.02
C LYS LA 252 50.17 -121.86 -53.98
N ILE LA 253 48.98 -122.34 -53.64
CA ILE LA 253 48.82 -123.39 -52.64
C ILE LA 253 47.99 -124.52 -53.23
N THR LA 254 48.11 -125.69 -52.62
CA THR LA 254 47.48 -126.90 -53.15
C THR LA 254 46.58 -127.60 -52.16
N ASN LA 255 46.90 -127.58 -50.88
CA ASN LA 255 46.09 -128.27 -49.89
C ASN LA 255 44.84 -127.45 -49.57
N ASN LA 256 43.99 -127.99 -48.70
CA ASN LA 256 42.72 -127.35 -48.37
C ASN LA 256 42.74 -126.54 -47.09
N ASP LA 257 43.59 -126.90 -46.12
CA ASP LA 257 43.65 -126.14 -44.87
C ASP LA 257 44.21 -124.74 -45.10
N ASP LA 258 45.25 -124.62 -45.93
CA ASP LA 258 45.80 -123.31 -46.26
C ASP LA 258 44.77 -122.46 -46.98
N LEU LA 259 44.03 -123.06 -47.90
CA LEU LA 259 42.99 -122.30 -48.60
C LEU LA 259 41.87 -121.90 -47.65
N LEU LA 260 41.57 -122.76 -46.67
CA LEU LA 260 40.58 -122.41 -45.65
C LEU LA 260 41.01 -121.20 -44.84
N ILE LA 261 42.25 -121.20 -44.36
CA ILE LA 261 42.71 -120.06 -43.55
C ILE LA 261 42.82 -118.80 -44.42
N PHE LA 262 43.20 -118.97 -45.69
CA PHE LA 262 43.26 -117.83 -46.61
C PHE LA 262 41.87 -117.24 -46.83
N ALA LA 263 40.87 -118.10 -47.04
CA ALA LA 263 39.50 -117.63 -47.22
C ALA LA 263 38.98 -116.94 -45.97
N LYS LA 264 39.30 -117.49 -44.79
CA LYS LA 264 38.91 -116.84 -43.55
C LYS LA 264 39.55 -115.46 -43.45
N LYS LA 265 40.81 -115.33 -43.84
CA LYS LA 265 41.46 -114.03 -43.85
C LYS LA 265 40.91 -113.11 -44.92
N GLN LA 266 40.23 -113.65 -45.93
CA GLN LA 266 39.81 -112.86 -47.09
C GLN LA 266 38.53 -112.07 -46.89
N ILE LA 267 37.79 -112.30 -45.80
CA ILE LA 267 36.52 -111.63 -45.58
C ILE LA 267 36.52 -110.94 -44.23
N LEU LA 268 35.48 -110.16 -43.98
CA LEU LA 268 35.32 -109.35 -42.78
C LEU LA 268 33.86 -109.41 -42.39
N ASP LA 269 33.56 -110.04 -41.24
CA ASP LA 269 32.19 -110.40 -40.88
C ASP LA 269 31.67 -109.63 -39.67
N VAL LA 270 32.25 -108.48 -39.37
CA VAL LA 270 31.75 -107.64 -38.28
C VAL LA 270 31.61 -106.22 -38.82
N PRO LA 271 30.70 -105.40 -38.28
CA PRO LA 271 30.62 -104.01 -38.75
C PRO LA 271 31.93 -103.29 -38.55
N GLU LA 272 32.34 -102.53 -39.57
CA GLU LA 272 33.59 -101.78 -39.52
C GLU LA 272 33.34 -100.48 -38.79
N THR LA 273 33.93 -100.34 -37.60
CA THR LA 273 33.70 -99.19 -36.74
C THR LA 273 34.99 -98.44 -36.51
N ALA LA 274 34.86 -97.11 -36.40
CA ALA LA 274 35.96 -96.23 -36.10
C ALA LA 274 35.51 -95.23 -35.05
N LEU LA 275 36.28 -95.07 -33.99
CA LEU LA 275 35.89 -94.24 -32.86
C LEU LA 275 36.82 -93.04 -32.75
N THR LA 276 36.23 -91.86 -32.55
CA THR LA 276 36.97 -90.62 -32.41
C THR LA 276 36.53 -89.92 -31.13
N ILE LA 277 37.50 -89.48 -30.33
CA ILE LA 277 37.24 -88.87 -29.03
C ILE LA 277 37.96 -87.53 -28.95
N ALA LA 278 37.24 -86.50 -28.51
CA ALA LA 278 37.82 -85.18 -28.24
C ALA LA 278 38.12 -85.10 -26.75
N TYR LA 279 39.40 -85.14 -26.40
CA TYR LA 279 39.86 -85.22 -25.02
C TYR LA 279 40.47 -83.89 -24.60
N LYS LA 280 40.08 -83.41 -23.42
CA LYS LA 280 40.57 -82.15 -22.88
C LYS LA 280 40.91 -82.31 -21.40
N GLY LA 281 41.64 -83.38 -21.07
CA GLY LA 281 42.09 -83.60 -19.72
C GLY LA 281 43.53 -83.16 -19.48
N LYS LA 282 43.96 -83.31 -18.24
CA LYS LA 282 45.32 -82.93 -17.87
C LYS LA 282 46.33 -84.03 -18.11
N GLU LA 283 45.92 -85.29 -18.01
CA GLU LA 283 46.84 -86.40 -18.18
C GLU LA 283 47.22 -86.55 -19.66
N PRO LA 284 48.49 -86.55 -20.00
CA PRO LA 284 48.89 -86.73 -21.39
C PRO LA 284 48.63 -88.16 -21.85
N VAL LA 285 48.45 -88.32 -23.16
CA VAL LA 285 48.19 -89.60 -23.79
C VAL LA 285 49.33 -89.91 -24.74
N SER LA 286 49.91 -91.10 -24.61
CA SER LA 286 51.01 -91.54 -25.45
C SER LA 286 50.47 -92.39 -26.60
N GLU LA 287 51.38 -92.92 -27.40
CA GLU LA 287 51.02 -93.71 -28.57
C GLU LA 287 50.84 -95.19 -28.26
N ARG LA 288 51.18 -95.64 -27.05
CA ARG LA 288 51.10 -97.05 -26.69
C ARG LA 288 50.07 -97.38 -25.64
N ASP LA 289 49.69 -96.41 -24.81
CA ASP LA 289 48.84 -96.70 -23.67
C ASP LA 289 47.44 -97.11 -24.11
N VAL LA 290 46.84 -98.01 -23.34
CA VAL LA 290 45.46 -98.45 -23.53
C VAL LA 290 44.64 -97.89 -22.38
N TRP LA 291 43.58 -97.17 -22.73
CA TRP LA 291 42.75 -96.50 -21.73
C TRP LA 291 41.46 -97.29 -21.51
N TYR LA 292 40.71 -96.87 -20.50
CA TYR LA 292 39.39 -97.42 -20.22
C TYR LA 292 38.34 -96.38 -20.58
N PHE LA 293 37.43 -96.73 -21.48
CA PHE LA 293 36.43 -95.81 -21.98
C PHE LA 293 35.10 -96.16 -21.34
N ILE LA 294 34.48 -95.16 -20.70
CA ILE LA 294 33.17 -95.28 -20.08
C ILE LA 294 32.32 -94.11 -20.58
N HIS LA 295 31.22 -94.41 -21.26
CA HIS LA 295 30.32 -93.41 -21.82
C HIS LA 295 28.91 -94.03 -21.82
N GLU LA 296 28.16 -93.73 -20.77
CA GLU LA 296 26.84 -94.35 -20.59
C GLU LA 296 25.86 -94.01 -21.70
N PRO LA 297 25.68 -92.74 -22.11
CA PRO LA 297 24.67 -92.48 -23.16
C PRO LA 297 24.95 -93.18 -24.48
N MET LA 298 26.21 -93.45 -24.80
CA MET LA 298 26.55 -94.19 -26.01
C MET LA 298 26.81 -95.66 -25.76
N GLY LA 299 26.55 -96.14 -24.54
CA GLY LA 299 26.68 -97.55 -24.24
C GLY LA 299 28.08 -98.10 -24.39
N PHE LA 300 29.07 -97.39 -23.85
CA PHE LA 300 30.46 -97.80 -23.92
C PHE LA 300 31.00 -98.08 -22.53
N GLU LA 301 31.52 -99.28 -22.32
CA GLU LA 301 32.33 -99.56 -21.13
C GLU LA 301 33.33 -100.64 -21.53
N THR LA 302 34.51 -100.20 -21.97
CA THR LA 302 35.47 -101.12 -22.57
C THR LA 302 36.89 -100.60 -22.38
N GLU LA 303 37.84 -101.31 -22.97
CA GLU LA 303 39.22 -100.87 -23.08
C GLU LA 303 39.49 -100.46 -24.51
N VAL LA 304 40.09 -99.28 -24.68
CA VAL LA 304 40.32 -98.70 -26.00
C VAL LA 304 41.83 -98.53 -26.20
N LYS LA 305 42.31 -98.99 -27.35
CA LYS LA 305 43.72 -98.88 -27.71
C LYS LA 305 43.89 -97.77 -28.73
N VAL LA 306 44.81 -96.84 -28.43
CA VAL LA 306 44.99 -95.66 -29.26
C VAL LA 306 45.63 -96.06 -30.57
N THR LA 307 45.05 -95.59 -31.69
CA THR LA 307 45.62 -95.82 -33.01
C THR LA 307 45.91 -94.55 -33.78
N LYS LA 308 45.42 -93.40 -33.32
CA LYS LA 308 45.66 -92.14 -34.01
C LYS LA 308 45.55 -91.00 -33.01
N ILE LA 309 46.50 -90.06 -33.08
CA ILE LA 309 46.55 -88.91 -32.19
C ILE LA 309 46.77 -87.65 -33.02
N LYS LA 310 46.01 -86.61 -32.70
CA LYS LA 310 46.21 -85.27 -33.29
C LYS LA 310 46.34 -84.31 -32.12
N SER LA 311 47.57 -84.17 -31.61
CA SER LA 311 47.81 -83.36 -30.42
C SER LA 311 48.16 -81.93 -30.80
N SER LA 312 47.87 -81.01 -29.89
CA SER LA 312 48.26 -79.62 -30.04
C SER LA 312 49.45 -79.32 -29.13
N HIS LA 313 50.01 -78.13 -29.31
CA HIS LA 313 51.09 -77.70 -28.44
C HIS LA 313 50.56 -77.53 -27.02
N PRO LA 314 51.39 -77.82 -26.01
CA PRO LA 314 50.91 -77.69 -24.62
C PRO LA 314 50.45 -76.29 -24.26
N TRP LA 315 50.93 -75.26 -24.96
CA TRP LA 315 50.50 -73.89 -24.71
C TRP LA 315 49.36 -73.45 -25.62
N SER LA 316 48.85 -74.35 -26.47
CA SER LA 316 47.89 -73.98 -27.49
C SER LA 316 46.44 -74.01 -27.01
N LYS LA 317 46.19 -74.53 -25.81
CA LYS LA 317 44.87 -74.51 -25.17
C LYS LA 317 43.84 -75.35 -25.91
N LYS LA 318 44.19 -75.90 -27.06
CA LYS LA 318 43.24 -76.62 -27.88
C LYS LA 318 43.03 -78.04 -27.39
N PHE LA 319 41.96 -78.66 -27.87
CA PHE LA 319 41.62 -80.03 -27.50
C PHE LA 319 42.55 -81.00 -28.21
N GLN LA 320 42.46 -82.27 -27.82
CA GLN LA 320 43.16 -83.35 -28.49
C GLN LA 320 42.16 -84.28 -29.14
N GLU LA 321 42.55 -84.84 -30.29
CA GLU LA 321 41.70 -85.78 -31.03
C GLU LA 321 42.39 -87.14 -31.05
N ILE LA 322 41.70 -88.17 -30.55
CA ILE LA 322 42.28 -89.50 -30.41
C ILE LA 322 41.38 -90.50 -31.11
N GLY LA 323 41.98 -91.41 -31.87
CA GLY LA 323 41.23 -92.38 -32.65
C GLY LA 323 41.48 -93.79 -32.17
N PHE LA 324 40.47 -94.64 -32.37
CA PHE LA 324 40.55 -96.06 -32.04
C PHE LA 324 39.85 -96.87 -33.13
N SER LA 325 40.33 -98.10 -33.32
CA SER LA 325 39.74 -99.06 -34.26
C SER LA 325 39.69 -98.47 -35.67
N ASN LA 326 40.89 -98.24 -36.21
CA ASN LA 326 41.11 -97.70 -37.55
C ASN LA 326 40.46 -96.33 -37.72
N SER LA 327 40.56 -95.75 -38.90
CA SER LA 327 40.22 -94.35 -39.12
C SER LA 327 39.02 -94.22 -40.06
N ARG LA 328 38.48 -93.02 -40.13
CA ARG LA 328 37.35 -92.72 -41.00
C ARG LA 328 37.78 -92.82 -42.46
N ARG LA 329 36.77 -92.90 -43.34
CA ARG LA 329 37.00 -93.25 -44.74
C ARG LA 329 37.93 -92.29 -45.45
N ASP LA 330 37.49 -91.04 -45.65
CA ASP LA 330 38.26 -89.98 -46.30
C ASP LA 330 38.54 -90.31 -47.77
N MET LA 331 38.73 -89.28 -48.59
CA MET LA 331 38.99 -89.50 -50.01
C MET LA 331 40.46 -89.66 -50.35
N VAL LA 332 41.34 -88.88 -49.72
CA VAL LA 332 42.76 -88.94 -50.08
C VAL LA 332 43.31 -90.35 -49.87
N ARG LA 333 42.81 -91.07 -48.87
CA ARG LA 333 43.19 -92.46 -48.69
C ARG LA 333 42.76 -93.30 -49.89
N ILE LA 334 41.54 -93.08 -50.38
CA ILE LA 334 41.05 -93.82 -51.54
C ILE LA 334 41.91 -93.50 -52.76
N GLN LA 335 42.27 -92.24 -52.94
CA GLN LA 335 43.12 -91.87 -54.07
C GLN LA 335 44.50 -92.51 -53.97
N THR LA 336 45.06 -92.57 -52.77
CA THR LA 336 46.35 -93.24 -52.59
C THR LA 336 46.23 -94.74 -52.91
N GLN LA 337 45.15 -95.37 -52.47
CA GLN LA 337 44.95 -96.79 -52.80
C GLN LA 337 44.84 -97.00 -54.30
N ILE LA 338 44.07 -96.13 -54.98
CA ILE LA 338 43.92 -96.25 -56.42
C ILE LA 338 45.25 -96.05 -57.12
N ALA LA 339 46.05 -95.07 -56.65
CA ALA LA 339 47.34 -94.80 -57.26
C ALA LA 339 48.29 -95.98 -57.10
N ASN LA 340 48.33 -96.58 -55.91
CA ASN LA 340 49.24 -97.71 -55.70
C ASN LA 340 48.79 -98.92 -56.50
N GLN LA 341 47.47 -99.13 -56.62
CA GLN LA 341 46.97 -100.20 -57.47
C GLN LA 341 47.35 -99.96 -58.93
N VAL LA 342 47.28 -98.69 -59.37
CA VAL LA 342 47.67 -98.35 -60.73
C VAL LA 342 49.14 -98.65 -60.95
N LYS LA 343 49.99 -98.29 -59.98
CA LYS LA 343 51.42 -98.57 -60.11
C LYS LA 343 51.69 -100.07 -60.16
N LYS LA 344 51.00 -100.84 -59.32
CA LYS LA 344 51.16 -102.30 -59.35
C LYS LA 344 50.75 -102.87 -60.70
N ALA LA 345 49.61 -102.40 -61.24
CA ALA LA 345 49.17 -102.88 -62.55
C ALA LA 345 50.18 -102.50 -63.63
N SER LA 346 50.72 -101.28 -63.57
CA SER LA 346 51.68 -100.83 -64.57
C SER LA 346 52.94 -101.68 -64.55
N VAL LA 347 53.48 -101.94 -63.35
CA VAL LA 347 54.68 -102.76 -63.28
C VAL LA 347 54.38 -104.20 -63.69
N ASP LA 348 53.18 -104.70 -63.39
CA ASP LA 348 52.80 -106.03 -63.85
C ASP LA 348 52.77 -106.09 -65.37
N THR LA 349 52.20 -105.08 -66.02
CA THR LA 349 52.18 -105.04 -67.48
C THR LA 349 53.59 -104.94 -68.05
N ASN LA 350 54.45 -104.13 -67.40
CA ASN LA 350 55.83 -104.01 -67.88
C ASN LA 350 56.56 -105.35 -67.79
N LYS LA 351 56.38 -106.07 -66.69
CA LYS LA 351 57.00 -107.40 -66.57
C LYS LA 351 56.43 -108.38 -67.58
N ILE LA 352 55.11 -108.35 -67.79
CA ILE LA 352 54.48 -109.32 -68.67
C ILE LA 352 54.83 -109.04 -70.13
N ASN LA 353 55.12 -107.79 -70.47
CA ASN LA 353 55.60 -107.49 -71.81
C ASN LA 353 56.91 -108.21 -72.10
N SER LA 354 57.87 -108.11 -71.17
CA SER LA 354 59.13 -108.83 -71.32
C SER LA 354 58.93 -110.32 -71.28
N PHE LA 355 57.97 -110.80 -70.46
CA PHE LA 355 57.69 -112.23 -70.40
C PHE LA 355 57.18 -112.74 -71.75
N SER LA 356 56.27 -112.00 -72.39
CA SER LA 356 55.80 -112.38 -73.72
C SER LA 356 56.92 -112.31 -74.74
N SER LA 357 57.77 -111.28 -74.65
CA SER LA 357 58.87 -111.15 -75.60
C SER LA 357 59.83 -112.33 -75.49
N ILE LA 358 60.16 -112.75 -74.27
CA ILE LA 358 61.05 -113.90 -74.10
C ILE LA 358 60.31 -115.21 -74.41
N ALA LA 359 58.99 -115.23 -74.32
CA ALA LA 359 58.24 -116.35 -74.86
C ALA LA 359 58.44 -116.45 -76.36
N MET LA 360 58.46 -115.31 -77.05
CA MET LA 360 58.86 -115.29 -78.45
C MET LA 360 60.34 -115.62 -78.61
N ASN LA 361 61.18 -115.23 -77.64
CA ASN LA 361 62.60 -115.53 -77.73
C ASN LA 361 62.87 -117.01 -77.49
N ALA LA 362 62.25 -117.59 -76.46
CA ALA LA 362 62.35 -119.04 -76.25
C ALA LA 362 61.65 -119.83 -77.33
N TYR LA 363 60.86 -119.17 -78.18
CA TYR LA 363 60.17 -119.83 -79.29
C TYR LA 363 61.15 -120.21 -80.39
N ASP LA 364 61.86 -119.23 -80.93
CA ASP LA 364 62.62 -119.43 -82.17
C ASP LA 364 63.77 -120.42 -81.99
N SER LA 365 64.43 -120.39 -80.83
CA SER LA 365 65.53 -121.33 -80.61
C SER LA 365 65.03 -122.77 -80.63
N ARG LA 366 63.91 -123.04 -79.95
CA ARG LA 366 63.35 -124.38 -79.98
C ARG LA 366 62.81 -124.75 -81.36
N ILE LA 367 62.31 -123.76 -82.11
CA ILE LA 367 61.92 -124.02 -83.49
C ILE LA 367 63.15 -124.46 -84.31
N LEU LA 368 64.29 -123.80 -84.08
CA LEU LA 368 65.52 -124.20 -84.76
C LEU LA 368 65.92 -125.62 -84.37
N THR LA 369 65.79 -125.97 -83.09
CA THR LA 369 66.09 -127.33 -82.67
C THR LA 369 65.17 -128.34 -83.36
N GLU LA 370 63.88 -127.99 -83.49
CA GLU LA 370 62.93 -128.87 -84.17
C GLU LA 370 63.31 -129.04 -85.63
N VAL LA 371 63.74 -127.95 -86.29
CA VAL LA 371 64.16 -128.05 -87.69
C VAL LA 371 65.40 -128.93 -87.82
N VAL LA 372 66.34 -128.80 -86.88
CA VAL LA 372 67.54 -129.63 -86.90
C VAL LA 372 67.16 -131.10 -86.77
N GLY LA 373 66.26 -131.40 -85.82
CA GLY LA 373 65.79 -132.77 -85.69
C GLY LA 373 65.06 -133.27 -86.91
N VAL LA 374 64.29 -132.39 -87.57
CA VAL LA 374 63.58 -132.76 -88.79
C VAL LA 374 64.57 -133.14 -89.89
N VAL LA 375 65.63 -132.33 -90.06
CA VAL LA 375 66.65 -132.62 -91.05
C VAL LA 375 67.37 -133.92 -90.70
N ASP LA 376 67.61 -134.15 -89.42
CA ASP LA 376 68.24 -135.40 -88.99
C ASP LA 376 67.36 -136.60 -89.32
N GLY LA 377 66.03 -136.45 -89.16
CA GLY LA 377 65.14 -137.56 -89.44
C GLY LA 377 65.15 -137.97 -90.91
N ASP LA 378 65.24 -137.00 -91.80
CA ASP LA 378 65.25 -137.28 -93.24
C ASP LA 378 66.55 -137.98 -93.64
N ALA MA 73 21.21 -37.38 -31.10
CA ALA MA 73 21.04 -36.81 -32.43
C ALA MA 73 22.24 -37.11 -33.31
N ILE MA 74 23.31 -36.33 -33.14
CA ILE MA 74 24.53 -36.55 -33.91
C ILE MA 74 25.17 -37.89 -33.53
N LEU MA 75 24.99 -38.32 -32.28
CA LEU MA 75 25.61 -39.56 -31.82
C LEU MA 75 25.09 -40.76 -32.59
N VAL MA 76 23.77 -40.92 -32.65
CA VAL MA 76 23.20 -42.08 -33.32
C VAL MA 76 23.37 -41.97 -34.84
N SER MA 77 23.39 -40.75 -35.37
CA SER MA 77 23.69 -40.57 -36.78
C SER MA 77 25.10 -41.06 -37.11
N GLU MA 78 26.07 -40.72 -36.27
CA GLU MA 78 27.42 -41.25 -36.43
C GLU MA 78 27.43 -42.77 -36.28
N ASN MA 79 26.63 -43.29 -35.36
CA ASN MA 79 26.53 -44.74 -35.21
C ASN MA 79 26.08 -45.40 -36.50
N GLY MA 80 25.02 -44.85 -37.12
CA GLY MA 80 24.55 -45.40 -38.38
C GLY MA 80 25.58 -45.27 -39.50
N SER MA 81 26.21 -44.10 -39.60
CA SER MA 81 27.20 -43.88 -40.65
C SER MA 81 28.38 -44.82 -40.50
N ASN MA 82 28.78 -45.13 -39.25
CA ASN MA 82 29.84 -46.10 -39.04
C ASN MA 82 29.39 -47.52 -39.35
N PHE MA 83 28.15 -47.87 -38.97
CA PHE MA 83 27.67 -49.21 -39.25
C PHE MA 83 27.50 -49.44 -40.75
N LYS MA 84 27.38 -48.37 -41.54
CA LYS MA 84 27.29 -48.50 -43.00
C LYS MA 84 28.57 -49.12 -43.58
N ILE MA 85 29.74 -48.75 -43.06
CA ILE MA 85 31.00 -49.15 -43.69
C ILE MA 85 31.33 -50.61 -43.39
N THR MA 86 31.29 -51.00 -42.11
CA THR MA 86 31.98 -52.22 -41.68
C THR MA 86 31.15 -53.48 -41.92
N VAL MA 87 29.96 -53.55 -41.31
CA VAL MA 87 29.22 -54.81 -41.26
C VAL MA 87 28.86 -55.30 -42.66
N THR MA 88 28.76 -54.38 -43.63
CA THR MA 88 28.44 -54.78 -45.00
C THR MA 88 29.54 -55.66 -45.58
N ASN MA 89 30.80 -55.34 -45.29
CA ASN MA 89 31.91 -55.99 -45.97
C ASN MA 89 31.97 -57.48 -45.69
N ALA MA 90 31.85 -57.87 -44.40
CA ALA MA 90 31.98 -59.25 -43.96
C ALA MA 90 33.39 -59.80 -44.22
N GLY MA 91 33.74 -60.88 -43.55
CA GLY MA 91 35.09 -61.41 -43.64
C GLY MA 91 35.23 -62.64 -44.51
N GLU MA 92 35.27 -63.81 -43.87
CA GLU MA 92 35.41 -65.12 -44.53
C GLU MA 92 36.62 -65.16 -45.47
N LEU MA 93 37.79 -64.86 -44.89
CA LEU MA 93 39.03 -65.01 -45.64
C LEU MA 93 39.42 -66.48 -45.69
N LYS MA 94 39.69 -66.98 -46.90
CA LYS MA 94 39.98 -68.40 -47.06
C LYS MA 94 41.31 -68.77 -46.42
N ALA MA 95 42.40 -68.28 -47.00
CA ALA MA 95 43.68 -68.15 -46.33
C ALA MA 95 44.19 -66.73 -46.37
N THR MA 96 44.21 -66.12 -47.57
CA THR MA 96 44.40 -64.70 -47.74
C THR MA 96 43.44 -64.08 -48.76
N LYS MA 97 42.90 -64.87 -49.67
CA LYS MA 97 41.94 -64.38 -50.66
C LYS MA 97 40.57 -64.19 -50.00
N VAL MA 98 39.77 -63.34 -50.62
CA VAL MA 98 38.42 -63.09 -50.13
C VAL MA 98 37.50 -64.21 -50.63
N GLU MA 99 36.79 -64.83 -49.70
CA GLU MA 99 35.86 -65.92 -50.01
C GLU MA 99 36.56 -67.08 -50.69
N ALA NA 2 1.49 63.41 0.54
CA ALA NA 2 2.33 62.96 -0.56
C ALA NA 2 3.48 63.93 -0.80
N PHE NA 3 3.81 64.71 0.23
CA PHE NA 3 4.84 65.74 0.11
C PHE NA 3 5.49 65.91 1.49
N GLU NA 4 6.09 67.09 1.70
CA GLU NA 4 7.03 67.34 2.80
C GLU NA 4 8.28 66.46 2.60
N GLU NA 5 8.81 66.51 1.39
CA GLU NA 5 10.03 65.79 1.00
C GLU NA 5 9.92 64.28 1.24
N ASN NA 6 8.69 63.77 1.28
CA ASN NA 6 8.43 62.35 1.55
C ASN NA 6 9.15 61.90 2.82
N LEU NA 7 9.07 62.75 3.85
CA LEU NA 7 9.75 62.45 5.11
C LEU NA 7 9.18 61.18 5.74
N TYR NA 8 7.86 61.03 5.73
CA TYR NA 8 7.21 59.87 6.33
C TYR NA 8 6.31 59.12 5.38
N CYS NA 9 6.09 59.62 4.17
CA CYS NA 9 5.21 59.00 3.19
C CYS NA 9 6.00 58.74 1.92
N ASP NA 10 6.64 57.58 1.84
CA ASP NA 10 7.38 57.21 0.65
C ASP NA 10 6.40 56.78 -0.45
N TYR NA 11 6.41 57.50 -1.56
CA TYR NA 11 5.48 57.26 -2.65
C TYR NA 11 6.17 56.82 -3.94
N THR NA 12 7.49 56.72 -3.96
CA THR NA 12 8.18 56.34 -5.18
C THR NA 12 7.84 54.90 -5.56
N PRO NA 13 7.57 54.63 -6.83
CA PRO NA 13 7.29 53.25 -7.27
C PRO NA 13 8.57 52.47 -7.51
N GLY NA 14 8.83 51.51 -6.63
CA GLY NA 14 10.01 50.66 -6.79
C GLY NA 14 9.65 49.21 -7.04
N ALA NA 15 8.56 48.76 -6.43
CA ALA NA 15 8.08 47.39 -6.57
C ALA NA 15 6.69 47.31 -5.96
N ALA NA 16 5.99 46.22 -6.26
CA ALA NA 16 4.69 45.97 -5.67
C ALA NA 16 4.78 45.28 -4.32
N LYS NA 17 5.80 44.42 -4.14
CA LYS NA 17 6.06 43.71 -2.89
C LYS NA 17 4.97 42.68 -2.59
N ALA NA 18 3.93 42.65 -3.40
CA ALA NA 18 2.81 41.73 -3.25
C ALA NA 18 1.88 41.93 -4.43
N VAL NA 19 1.15 40.87 -4.78
CA VAL NA 19 0.16 40.91 -5.84
C VAL NA 19 -1.13 40.34 -5.28
N ALA NA 20 -2.21 41.12 -5.35
CA ALA NA 20 -3.49 40.65 -4.88
C ALA NA 20 -3.95 39.45 -5.69
N GLY NA 21 -4.46 38.43 -5.00
CA GLY NA 21 -4.87 37.22 -5.67
C GLY NA 21 -6.00 37.42 -6.65
N LYS NA 22 -6.87 38.42 -6.41
CA LYS NA 22 -7.98 38.68 -7.31
C LYS NA 22 -7.51 39.16 -8.68
N ASP NA 23 -6.26 39.61 -8.80
CA ASP NA 23 -5.75 40.08 -10.08
C ASP NA 23 -5.43 38.93 -11.02
N VAL NA 24 -4.90 37.82 -10.50
CA VAL NA 24 -4.51 36.70 -11.34
C VAL NA 24 -5.73 35.85 -11.66
N ILE NA 25 -5.96 35.59 -12.94
CA ILE NA 25 -7.10 34.81 -13.40
C ILE NA 25 -6.63 33.76 -14.39
N LEU NA 26 -7.49 32.76 -14.59
CA LEU NA 26 -7.29 31.71 -15.57
C LEU NA 26 -8.25 31.92 -16.74
N ALA NA 27 -7.72 31.87 -17.96
CA ALA NA 27 -8.52 32.04 -19.16
C ALA NA 27 -8.25 30.87 -20.10
N VAL NA 28 -9.23 30.59 -20.96
CA VAL NA 28 -9.14 29.49 -21.91
C VAL NA 28 -9.47 30.01 -23.30
N PHE NA 29 -8.95 29.31 -24.30
CA PHE NA 29 -9.27 29.63 -25.69
C PHE NA 29 -10.44 28.78 -26.15
N ASN NA 30 -11.39 29.41 -26.84
CA ASN NA 30 -12.55 28.70 -27.33
C ASN NA 30 -12.14 27.73 -28.44
N ALA NA 31 -13.12 26.99 -28.95
CA ALA NA 31 -12.84 25.95 -29.95
C ALA NA 31 -12.18 26.54 -31.18
N ALA NA 32 -12.69 27.68 -31.66
CA ALA NA 32 -12.04 28.37 -32.77
C ALA NA 32 -10.75 29.06 -32.33
N GLY NA 33 -10.60 29.36 -31.05
CA GLY NA 33 -9.40 30.01 -30.56
C GLY NA 33 -9.30 31.48 -30.86
N ASP NA 34 -10.36 32.10 -31.37
CA ASP NA 34 -10.30 33.49 -31.78
C ASP NA 34 -10.40 34.46 -30.61
N LYS NA 35 -10.82 34.01 -29.43
CA LYS NA 35 -10.96 34.91 -28.29
C LYS NA 35 -10.62 34.14 -27.01
N LEU NA 36 -10.19 34.90 -26.00
CA LEU NA 36 -9.85 34.36 -24.69
C LEU NA 36 -11.02 34.62 -23.74
N LEU NA 37 -11.51 33.57 -23.11
CA LEU NA 37 -12.61 33.66 -22.17
C LEU NA 37 -12.10 33.39 -20.76
N ALA NA 38 -12.33 34.33 -19.86
CA ALA NA 38 -12.03 34.12 -18.45
C ALA NA 38 -13.12 33.26 -17.83
N VAL NA 39 -12.71 32.24 -17.07
CA VAL NA 39 -13.68 31.35 -16.44
C VAL NA 39 -14.49 32.14 -15.44
N ALA NA 40 -15.81 32.16 -15.64
CA ALA NA 40 -16.68 32.98 -14.82
C ALA NA 40 -16.74 32.46 -13.39
N GLY NA 41 -16.80 33.38 -12.43
CA GLY NA 41 -16.97 33.02 -11.04
C GLY NA 41 -15.75 32.46 -10.37
N GLN NA 42 -14.55 32.77 -10.86
CA GLN NA 42 -13.33 32.26 -10.24
C GLN NA 42 -13.20 32.74 -8.81
N GLN NA 43 -12.80 31.83 -7.92
CA GLN NA 43 -12.52 32.16 -6.53
C GLN NA 43 -11.18 31.67 -6.04
N GLY NA 44 -10.63 30.61 -6.63
CA GLY NA 44 -9.31 30.14 -6.25
C GLY NA 44 -8.61 29.56 -7.47
N LEU NA 45 -7.29 29.51 -7.39
CA LEU NA 45 -6.48 29.02 -8.50
C LEU NA 45 -5.11 28.61 -7.98
N THR NA 46 -4.71 27.38 -8.26
CA THR NA 46 -3.40 26.87 -7.88
C THR NA 46 -2.71 26.31 -9.11
N VAL NA 47 -1.42 26.58 -9.23
CA VAL NA 47 -0.60 26.08 -10.33
C VAL NA 47 0.50 25.22 -9.71
N ASN NA 48 0.57 23.97 -10.15
CA ASN NA 48 1.55 23.01 -9.64
C ASN NA 48 2.56 22.69 -10.71
N ARG NA 49 3.85 22.72 -10.35
CA ARG NA 49 4.93 22.37 -11.27
C ARG NA 49 5.96 21.58 -10.48
N SER NA 50 6.11 20.29 -10.80
CA SER NA 50 6.99 19.42 -10.06
C SER NA 50 7.95 18.73 -11.02
N LYS NA 51 9.10 18.30 -10.48
CA LYS NA 51 10.12 17.62 -11.24
C LYS NA 51 10.60 16.40 -10.46
N ASP NA 52 10.71 15.26 -11.15
CA ASP NA 52 11.12 14.04 -10.50
C ASP NA 52 12.61 14.08 -10.16
N SER NA 53 13.00 13.29 -9.17
CA SER NA 53 14.38 13.16 -8.74
C SER NA 53 14.84 11.71 -8.97
N ILE NA 54 16.02 11.56 -9.57
CA ILE NA 54 16.58 10.25 -9.88
C ILE NA 54 17.77 10.01 -8.96
N GLU NA 55 17.74 8.89 -8.24
CA GLU NA 55 18.80 8.54 -7.29
C GLU NA 55 19.91 7.81 -8.03
N ILE NA 56 21.14 8.33 -7.91
CA ILE NA 56 22.27 7.79 -8.63
C ILE NA 56 23.40 7.46 -7.66
N THR NA 57 23.07 7.24 -6.39
CA THR NA 57 24.10 6.90 -5.42
C THR NA 57 24.66 5.52 -5.70
N SER NA 58 25.97 5.38 -5.48
CA SER NA 58 26.66 4.11 -5.70
C SER NA 58 27.74 3.97 -4.63
N LYS NA 59 28.56 2.93 -4.75
CA LYS NA 59 29.66 2.76 -3.81
C LYS NA 59 30.81 3.71 -4.07
N ASP NA 60 30.82 4.39 -5.21
CA ASP NA 60 31.88 5.35 -5.51
C ASP NA 60 31.67 6.70 -4.84
N THR NA 61 30.45 7.00 -4.41
CA THR NA 61 30.18 8.28 -3.76
C THR NA 61 30.79 8.30 -2.37
N VAL NA 62 31.16 9.51 -1.93
CA VAL NA 62 31.80 9.72 -0.63
C VAL NA 62 31.07 10.84 0.10
N GLY NA 63 31.48 11.07 1.34
CA GLY NA 63 30.90 12.11 2.16
C GLY NA 63 29.69 11.70 2.95
N GLY NA 64 29.15 10.51 2.72
CA GLY NA 64 28.01 10.05 3.48
C GLY NA 64 26.68 10.66 3.10
N TRP NA 65 26.53 11.15 1.87
CA TRP NA 65 25.29 11.75 1.40
C TRP NA 65 24.82 11.05 0.13
N LYS NA 66 23.50 11.00 -0.05
CA LYS NA 66 22.93 10.46 -1.27
C LYS NA 66 23.18 11.39 -2.44
N SER NA 67 23.16 10.81 -3.64
CA SER NA 67 23.35 11.57 -4.88
C SER NA 67 22.07 11.51 -5.69
N LYS NA 68 21.60 12.68 -6.14
CA LYS NA 68 20.37 12.78 -6.91
C LYS NA 68 20.61 13.69 -8.11
N ILE NA 69 19.78 13.50 -9.14
CA ILE NA 69 19.78 14.35 -10.32
C ILE NA 69 18.36 14.67 -10.71
N GLY NA 70 18.21 15.70 -11.52
CA GLY NA 70 16.90 16.10 -11.98
C GLY NA 70 16.28 15.09 -12.94
N GLY NA 71 14.96 15.11 -13.02
CA GLY NA 71 14.22 14.18 -13.83
C GLY NA 71 13.18 14.87 -14.68
N MET NA 72 12.11 14.14 -14.96
CA MET NA 72 11.04 14.62 -15.82
C MET NA 72 10.21 15.67 -15.09
N LYS NA 73 9.57 16.55 -15.86
CA LYS NA 73 8.75 17.61 -15.30
C LYS NA 73 7.31 17.47 -15.79
N GLU NA 74 6.38 17.91 -14.93
CA GLU NA 74 4.95 17.85 -15.22
C GLU NA 74 4.27 19.01 -14.51
N TRP NA 75 3.02 19.28 -14.90
CA TRP NA 75 2.29 20.39 -14.31
C TRP NA 75 0.79 20.13 -14.33
N SER NA 76 0.10 20.83 -13.45
CA SER NA 76 -1.36 20.75 -13.36
C SER NA 76 -1.88 22.07 -12.81
N ILE NA 77 -3.14 22.36 -13.13
CA ILE NA 77 -3.80 23.59 -12.69
C ILE NA 77 -5.15 23.24 -12.10
N GLU NA 78 -5.41 23.73 -10.88
CA GLU NA 78 -6.68 23.53 -10.21
C GLU NA 78 -7.37 24.88 -10.02
N ASN NA 79 -8.64 24.94 -10.41
CA ASN NA 79 -9.42 26.16 -10.28
C ASN NA 79 -10.78 25.81 -9.70
N ASP NA 80 -11.42 26.80 -9.09
CA ASP NA 80 -12.74 26.59 -8.51
C ASP NA 80 -13.43 27.93 -8.37
N GLY NA 81 -14.73 27.87 -8.07
CA GLY NA 81 -15.46 29.10 -7.80
C GLY NA 81 -16.96 28.88 -7.93
N LEU NA 82 -17.66 29.99 -8.12
CA LEU NA 82 -19.11 29.94 -8.31
C LEU NA 82 -19.42 29.46 -9.72
N TYR NA 83 -20.46 28.64 -9.84
CA TYR NA 83 -20.82 28.02 -11.11
C TYR NA 83 -22.16 28.58 -11.59
N VAL NA 84 -22.14 29.17 -12.78
CA VAL NA 84 -23.36 29.53 -13.50
C VAL NA 84 -23.34 28.76 -14.82
N ALA NA 85 -24.42 28.02 -15.09
CA ALA NA 85 -24.42 27.10 -16.22
C ALA NA 85 -24.47 27.84 -17.56
N ASP NA 86 -25.01 29.06 -17.57
CA ASP NA 86 -25.18 29.80 -18.82
C ASP NA 86 -23.95 30.57 -19.24
N ALA NA 87 -22.87 30.53 -18.46
CA ALA NA 87 -21.65 31.25 -18.83
C ALA NA 87 -21.04 30.64 -20.07
N GLU NA 88 -20.53 31.50 -20.95
CA GLU NA 88 -19.92 31.03 -22.20
C GLU NA 88 -18.66 30.22 -21.92
N SER NA 89 -17.85 30.65 -20.94
CA SER NA 89 -16.64 29.91 -20.60
C SER NA 89 -16.97 28.52 -20.07
N HIS NA 90 -18.01 28.40 -19.25
CA HIS NA 90 -18.41 27.10 -18.75
C HIS NA 90 -18.94 26.21 -19.88
N LYS NA 91 -19.65 26.82 -20.84
CA LYS NA 91 -20.10 26.05 -22.00
C LYS NA 91 -18.92 25.53 -22.81
N GLU NA 92 -17.89 26.36 -23.00
CA GLU NA 92 -16.70 25.92 -23.71
C GLU NA 92 -15.99 24.81 -22.96
N LEU NA 93 -15.91 24.92 -21.62
CA LEU NA 93 -15.29 23.87 -20.82
C LEU NA 93 -16.07 22.57 -20.93
N ALA NA 94 -17.40 22.65 -20.91
CA ALA NA 94 -18.22 21.45 -21.05
C ALA NA 94 -18.02 20.81 -22.42
N LYS NA 95 -17.95 21.63 -23.47
CA LYS NA 95 -17.68 21.10 -24.80
C LYS NA 95 -16.32 20.42 -24.87
N TYR NA 96 -15.30 21.04 -24.25
CA TYR NA 96 -13.97 20.44 -24.23
C TYR NA 96 -13.99 19.11 -23.50
N PHE NA 97 -14.69 19.05 -22.35
CA PHE NA 97 -14.76 17.80 -21.60
C PHE NA 97 -15.48 16.71 -22.38
N GLU NA 98 -16.57 17.07 -23.06
CA GLU NA 98 -17.33 16.07 -23.81
C GLU NA 98 -16.54 15.58 -25.02
N SER NA 99 -15.89 16.48 -25.75
CA SER NA 99 -15.17 16.13 -26.96
C SER NA 99 -13.73 15.71 -26.71
N ASP NA 100 -13.30 15.70 -25.45
CA ASP NA 100 -11.97 15.24 -25.02
C ASP NA 100 -10.83 15.91 -25.78
N SER NA 101 -11.10 17.01 -26.45
CA SER NA 101 -10.06 17.74 -27.16
C SER NA 101 -9.23 18.56 -26.18
N PRO NA 102 -7.95 18.77 -26.46
CA PRO NA 102 -7.11 19.60 -25.59
C PRO NA 102 -7.56 21.05 -25.60
N VAL NA 103 -7.29 21.74 -24.49
CA VAL NA 103 -7.69 23.12 -24.29
C VAL NA 103 -6.45 23.96 -24.05
N CYS NA 104 -6.36 25.11 -24.71
CA CYS NA 104 -5.26 26.04 -24.51
C CYS NA 104 -5.63 27.00 -23.39
N VAL NA 105 -4.89 26.91 -22.28
CA VAL NA 105 -5.17 27.70 -21.09
C VAL NA 105 -4.01 28.67 -20.86
N LYS NA 106 -4.33 29.74 -20.12
CA LYS NA 106 -3.39 30.82 -19.87
C LYS NA 106 -3.71 31.47 -18.54
N ILE NA 107 -2.72 31.55 -17.66
CA ILE NA 107 -2.82 32.25 -16.39
C ILE NA 107 -2.25 33.64 -16.60
N ILE NA 108 -3.05 34.67 -16.32
CA ILE NA 108 -2.65 36.05 -16.58
C ILE NA 108 -3.24 36.94 -15.49
N ASN NA 109 -2.48 37.94 -15.06
CA ASN NA 109 -2.99 38.93 -14.12
C ASN NA 109 -3.55 40.12 -14.89
N GLN NA 110 -4.77 40.54 -14.52
CA GLN NA 110 -5.45 41.60 -15.25
C GLN NA 110 -5.09 43.00 -14.74
N ALA NA 111 -4.38 43.09 -13.61
CA ALA NA 111 -3.97 44.41 -13.11
C ALA NA 111 -2.79 44.93 -13.90
N SER NA 112 -1.68 44.20 -13.90
CA SER NA 112 -0.49 44.61 -14.65
C SER NA 112 -0.59 44.28 -16.13
N LYS NA 113 -1.62 43.56 -16.54
CA LYS NA 113 -1.86 43.23 -17.95
C LYS NA 113 -0.68 42.48 -18.56
N LYS NA 114 -0.12 41.54 -17.81
CA LYS NA 114 0.98 40.71 -18.28
C LYS NA 114 0.62 39.24 -18.08
N GLY NA 115 0.80 38.45 -19.13
CA GLY NA 115 0.58 37.02 -19.02
C GLY NA 115 1.62 36.36 -18.14
N LEU NA 116 1.18 35.37 -17.37
CA LEU NA 116 2.07 34.65 -16.46
C LEU NA 116 2.48 33.29 -17.00
N PHE NA 117 1.51 32.45 -17.38
CA PHE NA 117 1.80 31.12 -17.89
C PHE NA 117 0.86 30.79 -19.03
N GLY NA 118 1.30 29.88 -19.90
CA GLY NA 118 0.45 29.38 -20.96
C GLY NA 118 0.72 27.92 -21.22
N GLY NA 119 -0.25 27.24 -21.80
CA GLY NA 119 -0.02 25.84 -22.14
C GLY NA 119 -1.25 25.18 -22.71
N LEU NA 120 -1.08 23.90 -23.00
CA LEU NA 120 -2.14 23.03 -23.50
C LEU NA 120 -2.40 21.95 -22.47
N ALA NA 121 -3.67 21.71 -22.14
CA ALA NA 121 -4.02 20.86 -21.02
C ALA NA 121 -5.22 19.99 -21.37
N ILE NA 122 -5.38 18.92 -20.60
CA ILE NA 122 -6.53 18.02 -20.69
C ILE NA 122 -7.45 18.32 -19.53
N VAL NA 123 -8.75 18.40 -19.79
CA VAL NA 123 -9.71 18.63 -18.72
C VAL NA 123 -9.85 17.33 -17.94
N ALA NA 124 -9.10 17.22 -16.85
CA ALA NA 124 -9.06 15.97 -16.11
C ALA NA 124 -10.25 15.80 -15.18
N ASP NA 125 -10.69 16.88 -14.53
CA ASP NA 125 -11.77 16.80 -13.57
C ASP NA 125 -12.66 18.03 -13.70
N TYR NA 126 -13.98 17.81 -13.64
CA TYR NA 126 -14.96 18.89 -13.74
C TYR NA 126 -16.15 18.49 -12.85
N SER NA 127 -16.13 18.97 -11.61
CA SER NA 127 -17.10 18.57 -10.61
C SER NA 127 -17.87 19.78 -10.11
N PHE NA 128 -19.04 19.52 -9.52
CA PHE NA 128 -19.90 20.57 -9.01
C PHE NA 128 -20.45 20.17 -7.64
N GLU NA 129 -20.74 21.17 -6.82
CA GLU NA 129 -21.29 20.97 -5.49
C GLU NA 129 -22.40 21.98 -5.25
N ALA NA 130 -23.49 21.52 -4.62
CA ALA NA 130 -24.66 22.35 -4.39
C ALA NA 130 -25.12 22.22 -2.95
N PRO NA 131 -24.44 22.88 -2.01
CA PRO NA 131 -24.93 22.90 -0.63
C PRO NA 131 -26.26 23.64 -0.54
N PHE NA 132 -27.13 23.19 0.36
CA PHE NA 132 -28.47 23.74 0.44
C PHE NA 132 -28.50 25.13 1.07
N ASP NA 133 -27.42 25.57 1.71
CA ASP NA 133 -27.38 26.87 2.36
C ASP NA 133 -26.30 27.77 1.80
N GLU NA 134 -25.80 27.47 0.59
CA GLU NA 134 -24.76 28.26 -0.04
C GLU NA 134 -25.07 28.34 -1.53
N ALA NA 135 -24.10 28.82 -2.30
CA ALA NA 135 -24.23 28.95 -3.74
C ALA NA 135 -23.59 27.75 -4.44
N MET NA 136 -24.18 27.33 -5.55
CA MET NA 136 -23.62 26.21 -6.30
C MET NA 136 -22.25 26.57 -6.83
N THR NA 137 -21.31 25.65 -6.70
CA THR NA 137 -19.91 25.89 -7.01
C THR NA 137 -19.38 24.81 -7.94
N TYR NA 138 -18.34 25.17 -8.68
CA TYR NA 138 -17.66 24.29 -9.61
C TYR NA 138 -16.19 24.18 -9.24
N SER NA 139 -15.59 23.06 -9.60
CA SER NA 139 -14.17 22.81 -9.41
C SER NA 139 -13.63 22.07 -10.63
N VAL NA 140 -12.59 22.62 -11.25
CA VAL NA 140 -11.99 22.05 -12.45
C VAL NA 140 -10.52 21.80 -12.18
N LYS NA 141 -10.00 20.76 -12.80
CA LYS NA 141 -8.60 20.37 -12.69
C LYS NA 141 -8.10 19.91 -14.05
N LEU NA 142 -6.99 20.49 -14.50
CA LEU NA 142 -6.43 20.22 -15.82
C LEU NA 142 -4.97 19.78 -15.66
N ASP NA 143 -4.67 18.56 -16.11
CA ASP NA 143 -3.30 18.11 -16.19
C ASP NA 143 -2.66 18.61 -17.47
N GLY NA 144 -1.33 18.71 -17.46
CA GLY NA 144 -0.61 19.23 -18.61
C GLY NA 144 -0.17 18.14 -19.56
N MET NA 145 -0.37 18.39 -20.85
CA MET NA 145 0.12 17.53 -21.92
C MET NA 145 1.25 18.25 -22.63
N GLY NA 146 2.45 18.13 -22.09
CA GLY NA 146 3.61 18.78 -22.67
C GLY NA 146 4.10 19.95 -21.85
N ALA NA 147 4.84 20.82 -22.53
CA ALA NA 147 5.49 21.95 -21.87
C ALA NA 147 4.48 22.99 -21.44
N LEU NA 148 4.77 23.67 -20.34
CA LEU NA 148 4.02 24.83 -19.87
C LEU NA 148 4.92 26.04 -20.00
N VAL NA 149 4.62 26.91 -20.96
CA VAL NA 149 5.49 28.04 -21.24
C VAL NA 149 5.34 29.08 -20.14
N ASP NA 150 6.47 29.47 -19.56
CA ASP NA 150 6.51 30.48 -18.51
C ASP NA 150 6.67 31.85 -19.17
N LEU NA 151 5.61 32.66 -19.12
CA LEU NA 151 5.60 33.93 -19.82
C LEU NA 151 6.32 35.04 -19.06
N THR NA 152 6.71 34.80 -17.80
CA THR NA 152 7.42 35.83 -17.06
C THR NA 152 8.85 36.02 -17.58
N ILE NA 153 9.47 34.95 -18.08
CA ILE NA 153 10.82 35.02 -18.62
C ILE NA 153 10.84 34.90 -20.13
N THR NA 154 9.69 34.86 -20.78
CA THR NA 154 9.58 34.77 -22.24
C THR NA 154 8.86 36.00 -22.76
N GLU NA 155 9.41 36.62 -23.79
CA GLU NA 155 8.84 37.84 -24.34
C GLU NA 155 7.46 37.57 -24.94
N GLY NA 156 6.58 38.55 -24.81
CA GLY NA 156 5.25 38.45 -25.39
C GLY NA 156 4.30 37.63 -24.53
N GLY NA 157 3.24 37.15 -25.18
CA GLY NA 157 2.24 36.33 -24.51
C GLY NA 157 1.47 37.06 -23.43
N ASP NA 158 0.99 38.26 -23.74
CA ASP NA 158 0.20 39.05 -22.79
C ASP NA 158 -1.04 39.62 -23.48
N GLN NA 159 -1.75 38.77 -24.20
CA GLN NA 159 -2.99 39.21 -24.86
C GLN NA 159 -4.10 39.33 -23.82
N MET NA 160 -4.81 40.45 -23.87
CA MET NA 160 -5.91 40.68 -22.93
C MET NA 160 -7.09 39.76 -23.27
N PRO NA 161 -7.85 39.34 -22.25
CA PRO NA 161 -8.83 38.25 -22.46
C PRO NA 161 -10.12 38.73 -23.09
N GLY NA 162 -10.16 38.73 -24.42
CA GLY NA 162 -11.35 39.14 -25.15
C GLY NA 162 -12.55 38.26 -24.90
N ALA OA 2 2.17 90.13 38.64
CA ALA OA 2 3.24 89.38 38.00
C ALA OA 2 4.59 89.76 38.59
N PHE OA 3 4.56 90.31 39.79
CA PHE OA 3 5.76 90.77 40.50
C PHE OA 3 5.56 90.51 41.99
N GLU OA 4 6.27 91.29 42.81
CA GLU OA 4 6.59 90.93 44.20
C GLU OA 4 7.55 89.74 44.22
N GLU OA 5 8.49 89.75 43.26
CA GLU OA 5 9.49 88.71 43.11
C GLU OA 5 8.87 87.33 42.86
N ASN OA 6 7.67 87.33 42.27
CA ASN OA 6 6.91 86.11 42.02
C ASN OA 6 6.78 85.28 43.30
N LEU OA 7 6.45 85.97 44.40
CA LEU OA 7 6.39 85.32 45.69
C LEU OA 7 5.32 84.23 45.71
N TYR OA 8 4.15 84.50 45.13
CA TYR OA 8 3.07 83.54 45.05
C TYR OA 8 2.73 83.15 43.62
N CYS OA 9 2.53 84.13 42.73
CA CYS OA 9 2.23 83.84 41.34
C CYS OA 9 3.55 83.53 40.63
N ASP OA 10 3.92 82.25 40.59
CA ASP OA 10 5.14 81.81 39.94
C ASP OA 10 4.92 81.84 38.44
N TYR OA 11 5.18 83.00 37.83
CA TYR OA 11 4.92 83.21 36.41
C TYR OA 11 6.01 82.63 35.51
N THR OA 12 7.10 82.11 36.07
CA THR OA 12 8.21 81.65 35.24
C THR OA 12 7.80 80.42 34.45
N PRO OA 13 7.86 80.46 33.12
CA PRO OA 13 7.53 79.27 32.33
C PRO OA 13 8.72 78.33 32.17
N GLY OA 14 8.58 77.10 32.68
CA GLY OA 14 9.64 76.12 32.53
C GLY OA 14 9.22 74.94 31.69
N ALA OA 15 7.94 74.58 31.75
CA ALA OA 15 7.41 73.48 30.96
C ALA OA 15 5.90 73.66 30.85
N ALA OA 16 5.36 73.19 29.72
CA ALA OA 16 3.91 73.27 29.51
C ALA OA 16 3.17 72.39 30.52
N LYS OA 17 3.72 71.21 30.82
CA LYS OA 17 3.25 70.27 31.84
C LYS OA 17 1.82 69.81 31.59
N ALA OA 18 1.22 70.27 30.48
CA ALA OA 18 -0.12 69.88 30.07
C ALA OA 18 -0.36 70.42 28.67
N VAL OA 19 -1.02 69.64 27.84
CA VAL OA 19 -1.35 70.03 26.47
C VAL OA 19 -2.86 69.86 26.29
N ALA OA 20 -3.53 70.95 25.92
CA ALA OA 20 -4.96 70.88 25.69
C ALA OA 20 -5.26 70.00 24.49
N GLY OA 21 -6.31 69.18 24.62
CA GLY OA 21 -6.66 68.26 23.56
C GLY OA 21 -7.06 68.96 22.27
N LYS OA 22 -7.71 70.12 22.38
CA LYS OA 22 -8.16 70.86 21.22
C LYS OA 22 -7.01 71.40 20.38
N ASP OA 23 -5.79 71.40 20.91
CA ASP OA 23 -4.63 71.90 20.18
C ASP OA 23 -3.99 70.87 19.27
N VAL OA 24 -4.40 69.60 19.37
CA VAL OA 24 -3.84 68.53 18.57
C VAL OA 24 -4.87 68.09 17.54
N ILE OA 25 -4.47 68.08 16.27
CA ILE OA 25 -5.39 67.76 15.19
C ILE OA 25 -4.76 66.72 14.25
N LEU OA 26 -5.63 66.10 13.45
CA LEU OA 26 -5.25 65.19 12.40
C LEU OA 26 -5.46 65.87 11.06
N ALA OA 27 -4.43 65.86 10.22
CA ALA OA 27 -4.49 66.46 8.89
C ALA OA 27 -4.12 65.41 7.86
N VAL OA 28 -4.66 65.57 6.65
CA VAL OA 28 -4.40 64.65 5.56
C VAL OA 28 -3.85 65.44 4.38
N PHE OA 29 -3.07 64.76 3.55
CA PHE OA 29 -2.55 65.35 2.33
C PHE OA 29 -3.49 65.03 1.17
N ASN OA 30 -3.78 66.04 0.35
CA ASN OA 30 -4.66 65.85 -0.79
C ASN OA 30 -4.00 64.95 -1.82
N ALA OA 31 -4.71 64.68 -2.92
CA ALA OA 31 -4.22 63.74 -3.93
C ALA OA 31 -2.89 64.21 -4.51
N ALA OA 32 -2.79 65.51 -4.84
CA ALA OA 32 -1.52 66.04 -5.31
C ALA OA 32 -0.50 66.13 -4.19
N GLY OA 33 -0.96 66.25 -2.95
CA GLY OA 33 -0.07 66.37 -1.81
C GLY OA 33 0.45 67.76 -1.55
N ASP OA 34 0.09 68.74 -2.39
CA ASP OA 34 0.61 70.10 -2.20
C ASP OA 34 0.02 70.76 -0.97
N LYS OA 35 -1.20 70.42 -0.59
CA LYS OA 35 -1.90 71.06 0.51
C LYS OA 35 -2.14 70.09 1.65
N LEU OA 36 -1.98 70.59 2.87
CA LEU OA 36 -2.38 69.88 4.08
C LEU OA 36 -3.76 70.37 4.49
N LEU OA 37 -4.68 69.45 4.75
CA LEU OA 37 -6.05 69.80 5.10
C LEU OA 37 -6.41 69.13 6.42
N ALA OA 38 -6.81 69.94 7.39
CA ALA OA 38 -7.32 69.40 8.65
C ALA OA 38 -8.77 68.97 8.45
N VAL OA 39 -9.08 67.74 8.86
CA VAL OA 39 -10.42 67.23 8.66
C VAL OA 39 -11.40 68.03 9.51
N ALA OA 40 -12.47 68.50 8.86
CA ALA OA 40 -13.37 69.45 9.49
C ALA OA 40 -14.21 68.78 10.57
N GLY OA 41 -14.57 69.57 11.59
CA GLY OA 41 -15.45 69.09 12.63
C GLY OA 41 -14.85 68.10 13.59
N GLN OA 42 -13.52 68.12 13.77
CA GLN OA 42 -12.87 67.19 14.67
C GLN OA 42 -13.38 67.36 16.10
N GLN OA 43 -13.62 66.23 16.77
CA GLN OA 43 -13.96 66.24 18.19
C GLN OA 43 -13.23 65.19 19.00
N GLY OA 44 -12.62 64.19 18.38
CA GLY OA 44 -11.87 63.18 19.11
C GLY OA 44 -10.75 62.64 18.26
N LEU OA 45 -9.74 62.09 18.93
CA LEU OA 45 -8.58 61.56 18.23
C LEU OA 45 -7.92 60.51 19.12
N THR OA 46 -7.62 59.36 18.53
CA THR OA 46 -6.93 58.28 19.24
C THR OA 46 -5.83 57.73 18.34
N VAL OA 47 -4.64 57.57 18.90
CA VAL OA 47 -3.50 57.00 18.20
C VAL OA 47 -3.07 55.75 18.94
N ASN OA 48 -3.13 54.61 18.26
CA ASN OA 48 -2.79 53.32 18.85
C ASN OA 48 -1.49 52.82 18.25
N ARG OA 49 -0.57 52.38 19.11
CA ARG OA 49 0.70 51.81 18.68
C ARG OA 49 1.02 50.63 19.59
N SER OA 50 0.97 49.42 19.03
CA SER OA 50 1.15 48.21 19.80
C SER OA 50 2.23 47.35 19.16
N LYS OA 51 2.93 46.59 20.00
CA LYS OA 51 4.00 45.70 19.56
C LYS OA 51 3.72 44.30 20.08
N ASP OA 52 3.80 43.31 19.19
CA ASP OA 52 3.56 41.93 19.59
C ASP OA 52 4.70 41.39 20.43
N SER OA 53 4.38 40.45 21.30
CA SER OA 53 5.37 39.78 22.15
C SER OA 53 5.26 38.28 21.93
N ILE OA 54 6.40 37.64 21.71
CA ILE OA 54 6.47 36.20 21.46
C ILE OA 54 7.22 35.54 22.60
N GLU OA 55 6.66 34.43 23.09
CA GLU OA 55 7.22 33.72 24.24
C GLU OA 55 8.34 32.80 23.80
N ILE OA 56 9.46 32.84 24.52
CA ILE OA 56 10.61 32.01 24.19
C ILE OA 56 10.98 31.14 25.40
N THR OA 57 9.98 30.76 26.19
CA THR OA 57 10.23 29.92 27.35
C THR OA 57 10.68 28.52 26.90
N SER OA 58 11.52 27.90 27.72
CA SER OA 58 12.05 26.58 27.42
C SER OA 58 12.40 25.90 28.74
N LYS OA 59 12.82 24.63 28.64
CA LYS OA 59 13.13 23.86 29.83
C LYS OA 59 14.38 24.36 30.55
N ASP OA 60 15.23 25.11 29.87
CA ASP OA 60 16.42 25.66 30.49
C ASP OA 60 16.20 27.03 31.11
N THR OA 61 14.98 27.55 31.05
CA THR OA 61 14.66 28.82 31.70
C THR OA 61 14.61 28.62 33.20
N VAL OA 62 15.42 29.39 33.94
CA VAL OA 62 15.53 29.26 35.38
C VAL OA 62 15.07 30.56 36.03
N GLY OA 63 14.33 30.43 37.13
CA GLY OA 63 13.86 31.60 37.85
C GLY OA 63 12.36 31.57 38.12
N GLY OA 64 11.65 30.70 37.41
CA GLY OA 64 10.21 30.61 37.59
C GLY OA 64 9.42 31.71 36.92
N TRP OA 65 9.98 32.40 35.94
CA TRP OA 65 9.30 33.46 35.22
C TRP OA 65 9.37 33.19 33.72
N LYS OA 66 8.27 33.46 33.03
CA LYS OA 66 8.21 33.25 31.59
C LYS OA 66 9.15 34.23 30.88
N SER OA 67 9.66 33.80 29.73
CA SER OA 67 10.56 34.60 28.91
C SER OA 67 9.86 35.01 27.63
N LYS OA 68 9.83 36.31 27.36
CA LYS OA 68 9.21 36.86 26.16
C LYS OA 68 10.15 37.86 25.52
N ILE OA 69 9.99 38.06 24.21
CA ILE OA 69 10.74 39.07 23.48
C ILE OA 69 9.78 39.82 22.56
N GLY OA 70 10.18 41.04 22.20
CA GLY OA 70 9.36 41.88 21.37
C GLY OA 70 9.28 41.39 19.93
N GLY OA 71 8.31 41.92 19.20
CA GLY OA 71 8.09 41.49 17.84
C GLY OA 71 7.65 42.59 16.89
N MET OA 72 6.65 42.28 16.06
CA MET OA 72 6.19 43.20 15.04
C MET OA 72 5.43 44.36 15.67
N LYS OA 73 5.19 45.41 14.88
CA LYS OA 73 4.47 46.59 15.36
C LYS OA 73 3.34 46.95 14.39
N GLU OA 74 2.29 47.57 14.95
CA GLU OA 74 1.16 48.07 14.18
C GLU OA 74 0.86 49.49 14.63
N TRP OA 75 0.00 50.17 13.87
CA TRP OA 75 -0.49 51.47 14.30
C TRP OA 75 -1.78 51.81 13.56
N SER OA 76 -2.68 52.48 14.27
CA SER OA 76 -3.96 52.90 13.70
C SER OA 76 -4.40 54.19 14.40
N ILE OA 77 -5.28 54.92 13.72
CA ILE OA 77 -5.78 56.21 14.19
C ILE OA 77 -7.29 56.23 14.05
N GLU OA 78 -7.97 56.63 15.13
CA GLU OA 78 -9.41 56.83 15.14
C GLU OA 78 -9.70 58.31 15.28
N ASN OA 79 -10.60 58.82 14.45
CA ASN OA 79 -11.02 60.21 14.52
C ASN OA 79 -12.54 60.26 14.35
N ASP OA 80 -13.14 61.34 14.84
CA ASP OA 80 -14.59 61.49 14.73
C ASP OA 80 -14.95 62.94 14.96
N GLY OA 81 -16.22 63.25 14.73
CA GLY OA 81 -16.72 64.58 15.05
C GLY OA 81 -17.92 64.94 14.18
N LEU OA 82 -18.12 66.24 14.03
CA LEU OA 82 -19.22 66.72 13.20
C LEU OA 82 -18.89 66.53 11.72
N TYR OA 83 -19.91 66.17 10.94
CA TYR OA 83 -19.74 65.87 9.53
C TYR OA 83 -20.47 66.89 8.67
N VAL OA 84 -19.75 67.50 7.73
CA VAL OA 84 -20.33 68.34 6.69
C VAL OA 84 -19.82 67.84 5.35
N ALA OA 85 -20.74 67.59 4.42
CA ALA OA 85 -20.37 66.97 3.16
C ALA OA 85 -19.62 67.91 2.23
N ASP OA 86 -19.75 69.22 2.42
CA ASP OA 86 -19.12 70.18 1.53
C ASP OA 86 -17.69 70.52 1.92
N ALA OA 87 -17.19 70.01 3.04
CA ALA OA 87 -15.83 70.29 3.45
C ALA OA 87 -14.85 69.65 2.48
N GLU OA 88 -13.78 70.37 2.14
CA GLU OA 88 -12.79 69.87 1.20
C GLU OA 88 -12.10 68.62 1.74
N SER OA 89 -11.79 68.62 3.04
CA SER OA 89 -11.13 67.46 3.62
C SER OA 89 -12.01 66.22 3.56
N HIS OA 90 -13.32 66.39 3.79
CA HIS OA 90 -14.23 65.25 3.72
C HIS OA 90 -14.35 64.73 2.29
N LYS OA 91 -14.36 65.63 1.31
CA LYS OA 91 -14.37 65.19 -0.09
C LYS OA 91 -13.09 64.43 -0.42
N GLU OA 92 -11.94 64.91 0.06
CA GLU OA 92 -10.69 64.19 -0.16
C GLU OA 92 -10.72 62.81 0.49
N LEU OA 93 -11.26 62.72 1.71
CA LEU OA 93 -11.38 61.42 2.37
C LEU OA 93 -12.29 60.49 1.59
N ALA OA 94 -13.41 61.01 1.09
CA ALA OA 94 -14.31 60.17 0.30
C ALA OA 94 -13.63 59.69 -0.98
N LYS OA 95 -12.87 60.56 -1.63
CA LYS OA 95 -12.14 60.15 -2.83
C LYS OA 95 -11.11 59.09 -2.51
N TYR OA 96 -10.40 59.24 -1.39
CA TYR OA 96 -9.43 58.23 -0.98
C TYR OA 96 -10.11 56.90 -0.71
N PHE OA 97 -11.25 56.93 -0.02
CA PHE OA 97 -11.97 55.69 0.29
C PHE OA 97 -12.47 55.00 -0.97
N GLU OA 98 -12.98 55.79 -1.93
CA GLU OA 98 -13.53 55.20 -3.14
C GLU OA 98 -12.43 54.66 -4.04
N SER OA 99 -11.35 55.43 -4.22
CA SER OA 99 -10.30 55.05 -5.16
C SER OA 99 -9.41 53.94 -4.62
N ASP OA 100 -9.50 53.60 -3.34
CA ASP OA 100 -8.67 52.57 -2.72
C ASP OA 100 -7.19 52.91 -2.88
N SER OA 101 -6.80 54.03 -2.30
CA SER OA 101 -5.43 54.53 -2.39
C SER OA 101 -4.93 54.90 -1.01
N PRO OA 102 -3.64 54.73 -0.74
CA PRO OA 102 -3.09 55.16 0.55
C PRO OA 102 -3.17 56.67 0.72
N VAL OA 103 -3.32 57.10 1.97
CA VAL OA 103 -3.47 58.49 2.33
C VAL OA 103 -2.40 58.86 3.33
N CYS OA 104 -1.73 59.99 3.11
CA CYS OA 104 -0.72 60.50 4.02
C CYS OA 104 -1.40 61.32 5.11
N VAL OA 105 -1.19 60.94 6.37
CA VAL OA 105 -1.83 61.57 7.51
C VAL OA 105 -0.75 62.06 8.47
N LYS OA 106 -1.12 63.06 9.27
CA LYS OA 106 -0.17 63.72 10.16
C LYS OA 106 -0.91 64.22 11.39
N ILE OA 107 -0.43 63.82 12.56
CA ILE OA 107 -0.92 64.34 13.83
C ILE OA 107 -0.02 65.49 14.22
N ILE OA 108 -0.60 66.69 14.36
CA ILE OA 108 0.16 67.90 14.65
C ILE OA 108 -0.47 68.64 15.81
N ASN OA 109 0.29 69.61 16.33
CA ASN OA 109 -0.15 70.45 17.45
C ASN OA 109 -0.20 71.89 16.97
N GLN OA 110 -1.36 72.53 17.10
CA GLN OA 110 -1.51 73.91 16.69
C GLN OA 110 -0.76 74.86 17.61
N ALA OA 111 -0.93 74.71 18.93
CA ALA OA 111 -0.39 75.69 19.86
C ALA OA 111 1.12 75.68 19.89
N SER OA 112 1.72 74.49 20.04
CA SER OA 112 3.17 74.38 20.06
C SER OA 112 3.80 74.53 18.69
N LYS OA 113 3.00 74.52 17.63
CA LYS OA 113 3.50 74.62 16.26
C LYS OA 113 4.54 73.56 15.96
N LYS OA 114 4.25 72.32 16.37
CA LYS OA 114 5.13 71.20 16.15
C LYS OA 114 4.32 70.00 15.69
N GLY OA 115 4.87 69.24 14.75
CA GLY OA 115 4.23 68.01 14.31
C GLY OA 115 4.60 66.85 15.24
N LEU OA 116 3.62 65.98 15.50
CA LEU OA 116 3.79 64.87 16.42
C LEU OA 116 4.07 63.56 15.70
N PHE OA 117 3.19 63.16 14.79
CA PHE OA 117 3.33 61.88 14.10
C PHE OA 117 3.02 62.05 12.62
N GLY OA 118 3.59 61.16 11.80
CA GLY OA 118 3.31 61.17 10.39
C GLY OA 118 3.36 59.79 9.76
N GLY OA 119 2.39 59.47 8.91
CA GLY OA 119 2.40 58.13 8.34
C GLY OA 119 1.54 58.01 7.11
N LEU OA 120 1.54 56.81 6.55
CA LEU OA 120 0.74 56.45 5.39
C LEU OA 120 -0.22 55.34 5.80
N ALA OA 121 -1.51 55.56 5.58
CA ALA OA 121 -2.53 54.63 6.06
C ALA OA 121 -3.56 54.37 4.97
N ILE OA 122 -4.52 53.51 5.28
CA ILE OA 122 -5.66 53.24 4.42
C ILE OA 122 -6.92 53.58 5.21
N VAL OA 123 -7.96 53.99 4.48
CA VAL OA 123 -9.22 54.34 5.14
C VAL OA 123 -9.98 53.05 5.41
N ALA OA 124 -9.75 52.46 6.59
CA ALA OA 124 -10.38 51.18 6.91
C ALA OA 124 -11.87 51.34 7.15
N ASP OA 125 -12.28 52.39 7.86
CA ASP OA 125 -13.68 52.60 8.16
C ASP OA 125 -14.03 54.07 8.01
N TYR OA 126 -15.22 54.32 7.45
CA TYR OA 126 -15.74 55.68 7.27
C TYR OA 126 -17.26 55.61 7.43
N SER OA 127 -17.72 55.86 8.66
CA SER OA 127 -19.12 55.67 9.01
C SER OA 127 -19.73 56.99 9.48
N PHE OA 128 -21.06 57.03 9.48
CA PHE OA 128 -21.79 58.23 9.85
C PHE OA 128 -22.98 57.84 10.72
N GLU OA 129 -23.44 58.80 11.53
CA GLU OA 129 -24.59 58.62 12.40
C GLU OA 129 -25.37 59.92 12.44
N ALA OA 130 -26.70 59.82 12.37
CA ALA OA 130 -27.58 60.98 12.31
C ALA OA 130 -28.72 60.83 13.31
N PRO OA 131 -28.45 61.05 14.60
CA PRO OA 131 -29.55 61.06 15.57
C PRO OA 131 -30.48 62.24 15.33
N PHE OA 132 -31.77 62.02 15.57
CA PHE OA 132 -32.76 63.03 15.25
C PHE OA 132 -32.73 64.21 16.21
N ASP OA 133 -32.13 64.05 17.40
CA ASP OA 133 -32.05 65.12 18.38
C ASP OA 133 -30.66 65.70 18.51
N GLU OA 134 -29.73 65.30 17.64
CA GLU OA 134 -28.36 65.81 17.68
C GLU OA 134 -27.88 66.19 16.29
N ALA OA 135 -26.58 66.47 16.16
CA ALA OA 135 -25.99 66.82 14.88
C ALA OA 135 -25.39 65.58 14.22
N MET OA 136 -25.42 65.57 12.89
CA MET OA 136 -24.84 64.46 12.14
C MET OA 136 -23.35 64.36 12.40
N THR OA 137 -22.87 63.15 12.65
CA THR OA 137 -21.48 62.92 13.04
C THR OA 137 -20.85 61.88 12.12
N TYR OA 138 -19.54 62.00 11.95
CA TYR OA 138 -18.73 61.07 11.18
C TYR OA 138 -17.68 60.45 12.08
N SER OA 139 -17.24 59.25 11.70
CA SER OA 139 -16.18 58.54 12.39
C SER OA 139 -15.33 57.80 11.36
N VAL OA 140 -14.02 58.02 11.41
CA VAL OA 140 -13.09 57.45 10.46
C VAL OA 140 -12.01 56.69 11.23
N LYS OA 141 -11.63 55.54 10.70
CA LYS OA 141 -10.59 54.70 11.29
C LYS OA 141 -9.62 54.31 10.19
N LEU OA 142 -8.32 54.57 10.41
CA LEU OA 142 -7.29 54.31 9.43
C LEU OA 142 -6.15 53.54 10.08
N ASP OA 143 -5.87 52.34 9.58
CA ASP OA 143 -4.73 51.56 10.04
C ASP OA 143 -3.60 51.67 9.03
N GLY OA 144 -2.38 51.92 9.51
CA GLY OA 144 -1.30 52.27 8.63
C GLY OA 144 -0.70 51.06 7.92
N MET OA 145 -0.18 51.31 6.72
CA MET OA 145 0.52 50.29 5.94
C MET OA 145 2.03 50.34 6.16
N GLY OA 146 2.47 50.35 7.41
CA GLY OA 146 3.89 50.39 7.66
C GLY OA 146 4.31 51.31 8.78
N ALA OA 147 5.48 51.93 8.62
CA ALA OA 147 6.06 52.74 9.68
C ALA OA 147 5.25 54.01 9.92
N LEU OA 148 5.18 54.41 11.19
CA LEU OA 148 4.58 55.66 11.61
C LEU OA 148 5.68 56.49 12.25
N VAL OA 149 6.22 57.46 11.48
CA VAL OA 149 7.35 58.23 11.95
C VAL OA 149 6.93 59.13 13.11
N ASP OA 150 7.65 59.02 14.22
CA ASP OA 150 7.40 59.83 15.41
C ASP OA 150 8.20 61.11 15.28
N LEU OA 151 7.53 62.21 14.94
CA LEU OA 151 8.20 63.48 14.72
C LEU OA 151 8.65 64.16 16.01
N THR OA 152 8.24 63.64 17.18
CA THR OA 152 8.69 64.22 18.43
C THR OA 152 10.19 64.04 18.62
N ILE OA 153 10.73 62.90 18.23
CA ILE OA 153 12.15 62.61 18.37
C ILE OA 153 12.88 62.70 17.03
N THR OA 154 12.24 63.28 16.02
CA THR OA 154 12.84 63.45 14.70
C THR OA 154 12.70 64.90 14.27
N GLU OA 155 13.80 65.49 13.83
CA GLU OA 155 13.78 66.88 13.41
C GLU OA 155 12.97 67.04 12.12
N GLY OA 156 12.37 68.21 11.96
CA GLY OA 156 11.55 68.49 10.80
C GLY OA 156 10.10 68.10 10.99
N GLY OA 157 9.39 68.02 9.87
CA GLY OA 157 7.99 67.66 9.88
C GLY OA 157 7.10 68.64 10.60
N ASP OA 158 7.26 69.93 10.31
CA ASP OA 158 6.47 70.97 10.98
C ASP OA 158 5.60 71.76 10.00
N GLN OA 159 5.30 71.21 8.83
CA GLN OA 159 4.40 71.87 7.91
C GLN OA 159 2.98 71.86 8.47
N MET OA 160 2.23 72.92 8.19
CA MET OA 160 0.88 73.11 8.72
C MET OA 160 -0.11 73.36 7.60
N PRO OA 161 -1.38 73.06 7.83
CA PRO OA 161 -2.40 73.31 6.80
C PRO OA 161 -2.51 74.78 6.48
N GLY OA 162 -2.86 75.06 5.21
CA GLY OA 162 -3.01 76.42 4.75
C GLY OA 162 -2.48 76.62 3.34
N ALA PA 2 -8.76 107.62 79.47
CA ALA PA 2 -7.39 107.17 79.29
C ALA PA 2 -6.62 107.18 80.61
N PHE PA 3 -7.20 107.82 81.61
CA PHE PA 3 -6.58 107.97 82.93
C PHE PA 3 -7.66 107.74 83.98
N GLU PA 4 -7.37 108.17 85.21
CA GLU PA 4 -7.97 107.61 86.42
C GLU PA 4 -7.60 106.14 86.54
N GLU PA 5 -6.38 105.83 86.15
CA GLU PA 5 -5.82 104.48 86.15
C GLU PA 5 -6.68 103.51 85.34
N ASN PA 6 -7.38 104.04 84.33
CA ASN PA 6 -8.25 103.24 83.47
C ASN PA 6 -9.23 102.41 84.29
N LEU PA 7 -9.79 103.04 85.33
CA LEU PA 7 -10.67 102.32 86.25
C LEU PA 7 -11.92 101.81 85.53
N TYR PA 8 -12.52 102.64 84.67
CA TYR PA 8 -13.74 102.28 83.98
C TYR PA 8 -13.52 101.95 82.51
N CYS PA 9 -12.66 102.69 81.82
CA CYS PA 9 -12.38 102.45 80.41
C CYS PA 9 -10.89 102.18 80.23
N ASP PA 10 -10.57 101.09 79.55
CA ASP PA 10 -9.19 100.71 79.29
C ASP PA 10 -8.80 101.04 77.85
N TYR PA 11 -7.53 101.40 77.66
CA TYR PA 11 -7.00 101.77 76.36
C TYR PA 11 -5.85 100.89 75.91
N THR PA 12 -5.52 99.84 76.65
CA THR PA 12 -4.36 99.02 76.32
C THR PA 12 -4.59 98.24 75.03
N PRO PA 13 -3.77 98.43 74.00
CA PRO PA 13 -3.92 97.64 72.77
C PRO PA 13 -3.22 96.30 72.89
N GLY PA 14 -4.01 95.24 72.96
CA GLY PA 14 -3.47 93.89 72.96
C GLY PA 14 -3.83 93.18 71.67
N ALA PA 15 -5.00 93.51 71.14
CA ALA PA 15 -5.47 92.99 69.86
C ALA PA 15 -6.60 93.90 69.38
N ALA PA 16 -7.25 93.51 68.30
CA ALA PA 16 -8.40 94.25 67.80
C ALA PA 16 -9.73 93.58 68.11
N LYS PA 17 -9.73 92.26 68.28
CA LYS PA 17 -10.89 91.41 68.57
C LYS PA 17 -11.85 91.35 67.40
N ALA PA 18 -11.61 92.10 66.32
CA ALA PA 18 -12.46 92.13 65.14
C ALA PA 18 -11.77 92.96 64.08
N VAL PA 19 -11.98 92.59 62.82
CA VAL PA 19 -11.45 93.33 61.69
C VAL PA 19 -12.63 93.72 60.81
N ALA PA 20 -12.80 95.03 60.59
CA ALA PA 20 -13.89 95.50 59.76
C ALA PA 20 -13.75 94.97 58.33
N GLY PA 21 -14.86 94.50 57.77
CA GLY PA 21 -14.82 93.94 56.43
C GLY PA 21 -14.42 94.95 55.37
N LYS PA 22 -14.71 96.23 55.61
CA LYS PA 22 -14.35 97.27 54.66
C LYS PA 22 -12.83 97.45 54.56
N ASP PA 23 -12.07 96.95 55.54
CA ASP PA 23 -10.63 97.09 55.53
C ASP PA 23 -9.92 95.94 54.81
N VAL PA 24 -10.64 94.91 54.41
CA VAL PA 24 -10.07 93.78 53.69
C VAL PA 24 -10.55 93.86 52.25
N ILE PA 25 -9.62 93.93 51.30
CA ILE PA 25 -9.96 94.11 49.90
C ILE PA 25 -9.19 93.12 49.04
N LEU PA 26 -9.65 93.00 47.80
CA LEU PA 26 -9.02 92.15 46.79
C LEU PA 26 -8.29 93.04 45.80
N ALA PA 27 -7.04 92.70 45.50
CA ALA PA 27 -6.22 93.45 44.57
C ALA PA 27 -5.73 92.51 43.48
N VAL PA 28 -5.50 93.08 42.30
CA VAL PA 28 -5.14 92.34 41.11
C VAL PA 28 -3.85 92.92 40.55
N PHE PA 29 -3.15 92.11 39.75
CA PHE PA 29 -1.97 92.58 39.06
C PHE PA 29 -2.29 92.79 37.58
N ASN PA 30 -1.78 93.89 37.02
CA ASN PA 30 -2.09 94.23 35.64
C ASN PA 30 -1.37 93.28 34.69
N ALA PA 31 -1.51 93.55 33.38
CA ALA PA 31 -0.96 92.66 32.37
C ALA PA 31 0.54 92.45 32.56
N ALA PA 32 1.27 93.55 32.77
CA ALA PA 32 2.68 93.43 33.13
C ALA PA 32 2.89 93.17 34.61
N GLY PA 33 1.89 93.44 35.44
CA GLY PA 33 2.01 93.21 36.86
C GLY PA 33 2.79 94.28 37.62
N ASP PA 34 3.17 95.37 36.96
CA ASP PA 34 3.95 96.41 37.63
C ASP PA 34 3.14 97.17 38.65
N LYS PA 35 1.82 97.20 38.51
CA LYS PA 35 0.94 97.92 39.42
C LYS PA 35 -0.04 96.97 40.09
N LEU PA 36 -0.41 97.30 41.32
CA LEU PA 36 -1.45 96.60 42.06
C LEU PA 36 -2.71 97.44 42.00
N LEU PA 37 -3.82 96.84 41.57
CA LEU PA 37 -5.07 97.56 41.34
C LEU PA 37 -6.14 97.02 42.27
N ALA PA 38 -6.77 97.91 43.03
CA ALA PA 38 -7.92 97.53 43.84
C ALA PA 38 -9.17 97.52 42.96
N VAL PA 39 -9.93 96.43 43.03
CA VAL PA 39 -11.13 96.33 42.21
C VAL PA 39 -12.13 97.41 42.63
N ALA PA 40 -12.74 98.05 41.64
CA ALA PA 40 -13.58 99.21 41.90
C ALA PA 40 -14.92 98.79 42.49
N GLY PA 41 -15.29 99.41 43.59
CA GLY PA 41 -16.63 99.25 44.15
C GLY PA 41 -16.98 97.87 44.65
N GLN PA 42 -16.05 97.19 45.31
CA GLN PA 42 -16.36 95.91 45.93
C GLN PA 42 -17.25 96.12 47.15
N GLN PA 43 -18.12 95.14 47.41
CA GLN PA 43 -19.02 95.21 48.55
C GLN PA 43 -18.92 93.94 49.38
N GLY PA 44 -18.55 92.83 48.75
CA GLY PA 44 -18.42 91.56 49.44
C GLY PA 44 -17.25 90.78 48.92
N LEU PA 45 -16.73 89.91 49.77
CA LEU PA 45 -15.59 89.06 49.42
C LEU PA 45 -15.68 87.76 50.19
N THR PA 46 -15.46 86.65 49.47
CA THR PA 46 -15.48 85.32 50.08
C THR PA 46 -14.27 84.55 49.56
N VAL PA 47 -13.51 83.97 50.48
CA VAL PA 47 -12.34 83.15 50.15
C VAL PA 47 -12.63 81.74 50.64
N ASN PA 48 -12.66 80.78 49.72
CA ASN PA 48 -12.97 79.40 50.03
C ASN PA 48 -11.72 78.55 49.88
N ARG PA 49 -11.42 77.75 50.91
CA ARG PA 49 -10.34 76.78 50.86
C ARG PA 49 -10.85 75.48 51.44
N SER PA 50 -10.73 74.40 50.67
CA SER PA 50 -11.24 73.10 51.09
C SER PA 50 -10.22 72.03 50.73
N LYS PA 51 -10.25 70.94 51.50
CA LYS PA 51 -9.36 69.81 51.30
C LYS PA 51 -10.18 68.52 51.27
N ASP PA 52 -9.89 67.66 50.30
CA ASP PA 52 -10.61 66.42 50.17
C ASP PA 52 -10.16 65.41 51.23
N SER PA 53 -11.07 64.53 51.60
CA SER PA 53 -10.80 63.48 52.58
C SER PA 53 -10.99 62.12 51.92
N ILE PA 54 -10.03 61.22 52.14
CA ILE PA 54 -10.05 59.89 51.55
C ILE PA 54 -10.34 58.90 52.67
N GLU PA 55 -11.38 58.08 52.48
CA GLU PA 55 -11.73 57.07 53.48
C GLU PA 55 -10.89 55.82 53.28
N ILE PA 56 -10.28 55.35 54.36
CA ILE PA 56 -9.38 54.20 54.30
C ILE PA 56 -9.85 53.12 55.27
N THR PA 57 -11.16 53.06 55.51
CA THR PA 57 -11.70 52.05 56.40
C THR PA 57 -11.49 50.66 55.82
N SER PA 58 -11.16 49.71 56.69
CA SER PA 58 -10.90 48.34 56.26
C SER PA 58 -11.38 47.40 57.37
N LYS PA 59 -11.30 46.10 57.10
CA LYS PA 59 -11.71 45.11 58.09
C LYS PA 59 -10.78 45.09 59.30
N ASP PA 60 -9.58 45.66 59.18
CA ASP PA 60 -8.67 45.77 60.31
C ASP PA 60 -8.98 46.93 61.22
N THR PA 61 -9.84 47.85 60.79
CA THR PA 61 -10.21 49.00 61.61
C THR PA 61 -11.04 48.53 62.80
N VAL PA 62 -10.67 48.98 64.00
CA VAL PA 62 -11.35 48.63 65.23
C VAL PA 62 -11.83 49.92 65.90
N GLY PA 63 -12.64 49.74 66.94
CA GLY PA 63 -13.18 50.86 67.69
C GLY PA 63 -14.53 51.35 67.22
N GLY PA 64 -15.03 50.86 66.08
CA GLY PA 64 -16.34 51.23 65.61
C GLY PA 64 -16.41 52.54 64.85
N TRP PA 65 -15.29 53.18 64.58
CA TRP PA 65 -15.25 54.44 63.84
C TRP PA 65 -14.44 54.27 62.56
N LYS PA 66 -14.96 54.80 61.46
CA LYS PA 66 -14.27 54.71 60.19
C LYS PA 66 -13.05 55.63 60.17
N SER PA 67 -12.08 55.28 59.32
CA SER PA 67 -10.81 55.98 59.25
C SER PA 67 -10.74 56.82 57.98
N LYS PA 68 -10.24 58.05 58.12
CA LYS PA 68 -10.08 58.96 57.00
C LYS PA 68 -8.70 59.61 57.07
N ILE PA 69 -8.23 60.06 55.91
CA ILE PA 69 -6.96 60.78 55.80
C ILE PA 69 -7.16 61.99 54.90
N GLY PA 70 -6.21 62.92 54.97
CA GLY PA 70 -6.27 64.10 54.15
C GLY PA 70 -5.93 63.80 52.70
N GLY PA 71 -6.26 64.75 51.84
CA GLY PA 71 -6.06 64.60 50.41
C GLY PA 71 -5.77 65.92 49.74
N MET PA 72 -6.20 66.02 48.48
CA MET PA 72 -5.95 67.20 47.66
C MET PA 72 -6.72 68.40 48.23
N LYS PA 73 -6.24 69.60 47.91
CA LYS PA 73 -6.94 70.81 48.34
C LYS PA 73 -6.94 71.85 47.23
N GLU PA 74 -7.96 72.70 47.24
CA GLU PA 74 -8.17 73.69 46.20
C GLU PA 74 -8.72 74.96 46.84
N TRP PA 75 -8.90 75.99 46.02
CA TRP PA 75 -9.40 77.26 46.53
C TRP PA 75 -10.07 78.06 45.43
N SER PA 76 -10.90 79.01 45.85
CA SER PA 76 -11.60 79.91 44.93
C SER PA 76 -11.97 81.17 45.69
N ILE PA 77 -12.20 82.24 44.95
CA ILE PA 77 -12.55 83.54 45.51
C ILE PA 77 -13.73 84.11 44.74
N GLU PA 78 -14.76 84.55 45.46
CA GLU PA 78 -15.92 85.22 44.89
C GLU PA 78 -15.97 86.65 45.41
N ASN PA 79 -16.09 87.60 44.49
CA ASN PA 79 -16.14 89.02 44.85
C ASN PA 79 -17.27 89.68 44.06
N ASP PA 80 -18.11 90.43 44.75
CA ASP PA 80 -19.20 91.15 44.12
C ASP PA 80 -19.15 92.62 44.53
N GLY PA 81 -19.85 93.46 43.77
CA GLY PA 81 -19.91 94.87 44.13
C GLY PA 81 -20.49 95.71 43.01
N LEU PA 82 -20.17 96.99 43.06
CA LEU PA 82 -20.63 97.93 42.05
C LEU PA 82 -19.69 97.91 40.85
N TYR PA 83 -20.27 98.03 39.65
CA TYR PA 83 -19.52 97.93 38.42
C TYR PA 83 -19.52 99.27 37.70
N VAL PA 84 -18.33 99.73 37.32
CA VAL PA 84 -18.16 100.89 36.45
C VAL PA 84 -17.27 100.45 35.29
N ALA PA 85 -17.79 100.58 34.06
CA ALA PA 85 -17.08 100.05 32.90
C ALA PA 85 -15.77 100.78 32.63
N ASP PA 86 -15.63 102.02 33.09
CA ASP PA 86 -14.44 102.81 32.83
C ASP PA 86 -13.34 102.61 33.86
N ALA PA 87 -13.57 101.79 34.89
CA ALA PA 87 -12.54 101.54 35.88
C ALA PA 87 -11.40 100.75 35.26
N GLU PA 88 -10.17 101.13 35.62
CA GLU PA 88 -8.99 100.47 35.06
C GLU PA 88 -8.93 99.01 35.51
N SER PA 89 -9.27 98.73 36.77
CA SER PA 89 -9.26 97.37 37.25
C SER PA 89 -10.26 96.51 36.50
N HIS PA 90 -11.45 97.05 36.22
CA HIS PA 90 -12.45 96.30 35.48
C HIS PA 90 -12.00 96.07 34.03
N LYS PA 91 -11.34 97.06 33.44
CA LYS PA 91 -10.78 96.87 32.09
C LYS PA 91 -9.74 95.76 32.08
N GLU PA 92 -8.87 95.74 33.09
CA GLU PA 92 -7.88 94.67 33.16
C GLU PA 92 -8.54 93.31 33.38
N LEU PA 93 -9.58 93.27 34.20
CA LEU PA 93 -10.31 92.01 34.39
C LEU PA 93 -10.94 91.53 33.09
N ALA PA 94 -11.52 92.45 32.32
CA ALA PA 94 -12.10 92.07 31.03
C ALA PA 94 -11.02 91.58 30.07
N LYS PA 95 -9.87 92.24 30.06
CA LYS PA 95 -8.77 91.79 29.21
C LYS PA 95 -8.30 90.39 29.60
N TYR PA 96 -8.18 90.14 30.91
CA TYR PA 96 -7.79 88.82 31.39
C TYR PA 96 -8.82 87.77 30.99
N PHE PA 97 -10.11 88.08 31.15
CA PHE PA 97 -11.15 87.12 30.80
C PHE PA 97 -11.14 86.81 29.31
N GLU PA 98 -10.95 87.84 28.47
CA GLU PA 98 -11.05 87.65 27.03
C GLU PA 98 -9.95 86.73 26.50
N SER PA 99 -8.73 86.86 27.03
CA SER PA 99 -7.58 86.22 26.41
C SER PA 99 -6.89 85.23 27.34
N ASP PA 100 -7.67 84.35 27.98
CA ASP PA 100 -7.13 83.36 28.91
C ASP PA 100 -6.36 84.06 30.01
N SER PA 101 -5.03 84.17 29.84
CA SER PA 101 -4.21 85.07 30.64
C SER PA 101 -4.38 84.85 32.15
N PRO PA 102 -3.79 83.80 32.71
CA PRO PA 102 -3.90 83.58 34.16
C PRO PA 102 -3.46 84.81 34.94
N VAL PA 103 -4.20 85.13 35.99
CA VAL PA 103 -4.07 86.40 36.69
C VAL PA 103 -3.52 86.17 38.09
N CYS PA 104 -2.79 87.15 38.60
CA CYS PA 104 -2.24 87.11 39.95
C CYS PA 104 -3.02 88.06 40.84
N VAL PA 105 -3.71 87.50 41.83
CA VAL PA 105 -4.55 88.28 42.74
C VAL PA 105 -4.05 88.09 44.15
N LYS PA 106 -4.52 88.95 45.05
CA LYS PA 106 -4.13 88.88 46.45
C LYS PA 106 -5.17 89.56 47.32
N ILE PA 107 -5.45 88.96 48.47
CA ILE PA 107 -6.34 89.53 49.47
C ILE PA 107 -5.47 90.23 50.49
N ILE PA 108 -5.74 91.53 50.73
CA ILE PA 108 -4.93 92.33 51.62
C ILE PA 108 -5.82 93.06 52.62
N ASN PA 109 -5.21 93.51 53.71
CA ASN PA 109 -5.88 94.29 54.74
C ASN PA 109 -5.41 95.73 54.62
N GLN PA 110 -6.33 96.63 54.29
CA GLN PA 110 -5.97 98.03 54.06
C GLN PA 110 -5.56 98.72 55.35
N ALA PA 111 -6.37 98.57 56.41
CA ALA PA 111 -6.11 99.28 57.65
C ALA PA 111 -4.89 98.71 58.37
N SER PA 112 -4.80 97.39 58.48
CA SER PA 112 -3.71 96.76 59.20
C SER PA 112 -2.39 96.82 58.44
N LYS PA 113 -2.40 97.26 57.18
CA LYS PA 113 -1.20 97.37 56.36
C LYS PA 113 -0.48 96.03 56.21
N LYS PA 114 -1.24 94.94 56.15
CA LYS PA 114 -0.69 93.60 56.01
C LYS PA 114 -1.43 92.85 54.91
N GLY PA 115 -0.69 92.01 54.20
CA GLY PA 115 -1.29 91.15 53.19
C GLY PA 115 -1.72 89.82 53.79
N LEU PA 116 -2.83 89.28 53.27
CA LEU PA 116 -3.43 88.07 53.82
C LEU PA 116 -3.16 86.85 52.94
N PHE PA 117 -3.53 86.92 51.66
CA PHE PA 117 -3.39 85.79 50.75
C PHE PA 117 -2.93 86.28 49.39
N GLY PA 118 -2.38 85.37 48.60
CA GLY PA 118 -2.03 85.70 47.23
C GLY PA 118 -1.82 84.46 46.39
N GLY PA 119 -2.17 84.56 45.12
CA GLY PA 119 -1.94 83.43 44.23
C GLY PA 119 -2.43 83.68 42.82
N LEU PA 120 -2.17 82.69 41.98
CA LEU PA 120 -2.61 82.70 40.59
C LEU PA 120 -3.98 82.06 40.48
N ALA PA 121 -4.80 82.59 39.57
CA ALA PA 121 -6.16 82.11 39.39
C ALA PA 121 -6.61 82.44 37.97
N ILE PA 122 -7.70 81.81 37.56
CA ILE PA 122 -8.33 82.07 36.28
C ILE PA 122 -9.70 82.67 36.53
N VAL PA 123 -10.13 83.56 35.64
CA VAL PA 123 -11.43 84.22 35.80
C VAL PA 123 -12.51 83.26 35.32
N ALA PA 124 -13.03 82.45 36.25
CA ALA PA 124 -14.02 81.45 35.88
C ALA PA 124 -15.38 82.06 35.56
N ASP PA 125 -15.80 83.07 36.32
CA ASP PA 125 -17.10 83.68 36.10
C ASP PA 125 -16.98 85.19 36.21
N TYR PA 126 -17.68 85.90 35.31
CA TYR PA 126 -17.70 87.35 35.31
C TYR PA 126 -19.06 87.78 34.79
N SER PA 127 -19.97 88.12 35.70
CA SER PA 127 -21.36 88.39 35.36
C SER PA 127 -21.77 89.77 35.89
N PHE PA 128 -22.85 90.29 35.32
CA PHE PA 128 -23.37 91.60 35.69
C PHE PA 128 -24.89 91.52 35.80
N GLU PA 129 -25.44 92.42 36.61
CA GLU PA 129 -26.87 92.52 36.82
C GLU PA 129 -27.28 93.98 36.84
N ALA PA 130 -28.37 94.30 36.16
CA ALA PA 130 -28.83 95.68 36.01
C ALA PA 130 -30.31 95.79 36.36
N PRO PA 131 -30.65 95.72 37.64
CA PRO PA 131 -32.05 95.96 38.05
C PRO PA 131 -32.42 97.41 37.86
N PHE PA 132 -33.71 97.65 37.63
CA PHE PA 132 -34.21 98.98 37.34
C PHE PA 132 -34.49 99.80 38.59
N ASP PA 133 -34.28 99.25 39.78
CA ASP PA 133 -34.55 99.97 41.02
C ASP PA 133 -33.28 100.36 41.77
N GLU PA 134 -32.10 100.02 41.26
CA GLU PA 134 -30.85 100.37 41.89
C GLU PA 134 -29.73 100.27 40.86
N ALA PA 135 -28.49 100.40 41.31
CA ALA PA 135 -27.35 100.53 40.42
C ALA PA 135 -26.92 99.18 39.87
N MET PA 136 -26.17 99.22 38.77
CA MET PA 136 -25.64 98.01 38.15
C MET PA 136 -24.55 97.39 39.03
N THR PA 137 -24.61 96.07 39.18
CA THR PA 137 -23.68 95.33 40.01
C THR PA 137 -22.94 94.29 39.19
N TYR PA 138 -21.76 93.91 39.67
CA TYR PA 138 -20.92 92.90 39.05
C TYR PA 138 -20.57 91.82 40.06
N SER PA 139 -20.34 90.61 39.56
CA SER PA 139 -19.87 89.48 40.34
C SER PA 139 -18.76 88.77 39.55
N VAL PA 140 -17.76 88.29 40.27
CA VAL PA 140 -16.63 87.61 39.67
C VAL PA 140 -16.24 86.43 40.56
N LYS PA 141 -15.89 85.32 39.92
CA LYS PA 141 -15.46 84.11 40.62
C LYS PA 141 -14.20 83.59 39.96
N LEU PA 142 -13.14 83.41 40.76
CA LEU PA 142 -11.85 82.95 40.29
C LEU PA 142 -11.50 81.65 40.97
N ASP PA 143 -11.09 80.65 40.19
CA ASP PA 143 -10.65 79.36 40.70
C ASP PA 143 -9.13 79.31 40.70
N GLY PA 144 -8.55 78.68 41.72
CA GLY PA 144 -7.10 78.68 41.84
C GLY PA 144 -6.47 77.65 40.92
N MET PA 145 -5.44 78.09 40.18
CA MET PA 145 -4.66 77.17 39.37
C MET PA 145 -3.74 76.29 40.21
N GLY PA 146 -3.25 76.82 41.33
CA GLY PA 146 -2.34 76.07 42.18
C GLY PA 146 -2.38 76.50 43.62
N ALA PA 147 -1.21 76.60 44.25
CA ALA PA 147 -1.14 76.95 45.66
C ALA PA 147 -1.57 78.39 45.89
N LEU PA 148 -2.33 78.59 46.97
CA LEU PA 148 -2.72 79.92 47.41
C LEU PA 148 -1.84 80.24 48.62
N VAL PA 149 -0.81 81.06 48.40
CA VAL PA 149 0.14 81.36 49.46
C VAL PA 149 -0.53 82.21 50.52
N ASP PA 150 -0.43 81.76 51.77
CA ASP PA 150 -1.01 82.47 52.91
C ASP PA 150 0.04 83.41 53.48
N LEU PA 151 -0.16 84.71 53.30
CA LEU PA 151 0.82 85.71 53.71
C LEU PA 151 0.80 85.98 55.21
N THR PA 152 -0.23 85.52 55.92
CA THR PA 152 -0.28 85.75 57.37
C THR PA 152 0.83 85.02 58.09
N ILE PA 153 1.13 83.78 57.69
CA ILE PA 153 2.16 82.97 58.32
C ILE PA 153 3.44 82.93 57.49
N THR PA 154 3.50 83.70 56.40
CA THR PA 154 4.66 83.74 55.53
C THR PA 154 5.24 85.15 55.54
N GLU PA 155 6.55 85.26 55.75
CA GLU PA 155 7.21 86.55 55.78
C GLU PA 155 7.19 87.19 54.40
N GLY PA 156 6.83 88.46 54.33
CA GLY PA 156 6.79 89.19 53.09
C GLY PA 156 5.37 89.35 52.57
N GLY PA 157 5.29 89.85 51.34
CA GLY PA 157 4.00 90.05 50.70
C GLY PA 157 3.19 91.18 51.30
N ASP PA 158 3.66 92.42 51.14
CA ASP PA 158 2.96 93.56 51.73
C ASP PA 158 2.89 94.75 50.80
N GLN PA 159 3.04 94.56 49.49
CA GLN PA 159 2.83 95.65 48.55
C GLN PA 159 1.36 96.04 48.49
N MET PA 160 1.11 97.32 48.26
CA MET PA 160 -0.23 97.87 48.23
C MET PA 160 -0.46 98.63 46.94
N PRO PA 161 -1.72 98.83 46.55
CA PRO PA 161 -2.01 99.58 45.31
C PRO PA 161 -1.43 100.98 45.36
N GLY PA 162 -0.92 101.43 44.21
CA GLY PA 162 -0.36 102.77 44.09
C GLY PA 162 -0.67 103.41 42.75
N ALA QA 2 -35.16 122.67 114.96
CA ALA QA 2 -33.83 123.00 115.44
C ALA QA 2 -33.84 123.28 116.94
N PHE QA 3 -34.98 123.75 117.43
CA PHE QA 3 -35.11 124.08 118.85
C PHE QA 3 -36.31 123.38 119.46
N GLU QA 4 -36.59 123.65 120.74
CA GLU QA 4 -37.69 123.02 121.46
C GLU QA 4 -37.59 121.51 121.42
N GLU QA 5 -36.35 121.01 121.51
CA GLU QA 5 -36.06 119.57 121.47
C GLU QA 5 -36.61 118.91 120.21
N ASN QA 6 -36.66 119.66 119.12
CA ASN QA 6 -37.17 119.16 117.83
C ASN QA 6 -38.57 118.57 117.98
N LEU QA 7 -39.42 119.26 118.76
CA LEU QA 7 -40.77 118.78 118.99
C LEU QA 7 -41.58 118.76 117.70
N TYR QA 8 -41.47 119.81 116.89
CA TYR QA 8 -42.18 119.89 115.62
C TYR QA 8 -41.29 120.09 114.42
N CYS QA 9 -40.00 120.43 114.61
CA CYS QA 9 -39.06 120.64 113.53
C CYS QA 9 -37.90 119.67 113.71
N ASP QA 10 -37.91 118.57 112.97
CA ASP QA 10 -36.86 117.57 113.02
C ASP QA 10 -35.82 117.90 111.95
N TYR QA 11 -34.59 118.19 112.39
CA TYR QA 11 -33.51 118.54 111.48
C TYR QA 11 -32.38 117.53 111.48
N THR QA 12 -32.57 116.38 112.11
CA THR QA 12 -31.52 115.35 112.14
C THR QA 12 -31.42 114.71 110.76
N PRO QA 13 -30.25 114.75 110.11
CA PRO QA 13 -30.13 114.17 108.76
C PRO QA 13 -29.86 112.68 108.84
N GLY QA 14 -30.78 111.88 108.30
CA GLY QA 14 -30.58 110.45 108.22
C GLY QA 14 -30.10 110.02 106.85
N ALA QA 15 -30.76 110.54 105.81
CA ALA QA 15 -30.37 110.27 104.43
C ALA QA 15 -30.91 111.38 103.56
N ALA QA 16 -30.29 111.53 102.38
CA ALA QA 16 -30.75 112.55 101.44
C ALA QA 16 -32.16 112.26 100.96
N LYS QA 17 -32.45 111.00 100.63
CA LYS QA 17 -33.78 110.51 100.28
C LYS QA 17 -34.31 111.14 98.98
N ALA QA 18 -33.53 112.06 98.40
CA ALA QA 18 -33.94 112.73 97.17
C ALA QA 18 -32.74 113.47 96.56
N VAL QA 19 -32.49 113.25 95.27
CA VAL QA 19 -31.39 113.89 94.57
C VAL QA 19 -31.97 114.62 93.36
N ALA QA 20 -31.76 115.92 93.29
CA ALA QA 20 -32.19 116.69 92.13
C ALA QA 20 -31.34 116.36 90.93
N GLY QA 21 -31.94 116.47 89.74
CA GLY QA 21 -31.23 116.12 88.52
C GLY QA 21 -30.05 117.03 88.23
N LYS QA 22 -30.09 118.27 88.73
CA LYS QA 22 -28.98 119.18 88.51
C LYS QA 22 -27.72 118.74 89.26
N ASP QA 23 -27.85 117.91 90.29
CA ASP QA 23 -26.68 117.45 91.04
C ASP QA 23 -25.90 116.40 90.25
N VAL QA 24 -26.60 115.52 89.54
CA VAL QA 24 -25.97 114.48 88.74
C VAL QA 24 -25.71 115.01 87.35
N ILE QA 25 -24.49 114.82 86.85
CA ILE QA 25 -24.04 115.47 85.63
C ILE QA 25 -23.19 114.46 84.84
N LEU QA 26 -23.07 114.72 83.54
CA LEU QA 26 -22.25 113.92 82.63
C LEU QA 26 -20.94 114.63 82.36
N ALA QA 27 -19.85 113.86 82.31
CA ALA QA 27 -18.53 114.39 81.99
C ALA QA 27 -17.83 113.41 81.06
N VAL QA 28 -16.85 113.93 80.32
CA VAL QA 28 -16.17 113.16 79.28
C VAL QA 28 -14.68 113.52 79.31
N PHE QA 29 -13.83 112.51 79.13
CA PHE QA 29 -12.41 112.74 78.96
C PHE QA 29 -12.14 113.44 77.63
N ASN QA 30 -11.27 114.44 77.66
CA ASN QA 30 -10.97 115.20 76.46
C ASN QA 30 -10.16 114.36 75.48
N ALA QA 31 -9.76 114.98 74.37
CA ALA QA 31 -9.04 114.25 73.31
C ALA QA 31 -7.83 113.52 73.88
N ALA QA 32 -7.00 114.20 74.65
CA ALA QA 32 -5.99 113.51 75.43
C ALA QA 32 -6.61 112.80 76.62
N GLY QA 33 -7.57 113.44 77.28
CA GLY QA 33 -8.25 112.89 78.42
C GLY QA 33 -7.80 113.44 79.76
N ASP QA 34 -6.66 114.14 79.79
CA ASP QA 34 -6.08 114.57 81.07
C ASP QA 34 -6.98 115.55 81.80
N LYS QA 35 -7.86 116.25 81.10
CA LYS QA 35 -8.79 117.18 81.71
C LYS QA 35 -10.20 116.64 81.46
N LEU QA 36 -10.77 116.00 82.48
CA LEU QA 36 -12.17 115.61 82.44
C LEU QA 36 -13.02 116.87 82.34
N LEU QA 37 -13.89 116.93 81.33
CA LEU QA 37 -14.66 118.14 81.05
C LEU QA 37 -16.14 117.80 80.97
N ALA QA 38 -16.96 118.64 81.60
CA ALA QA 38 -18.40 118.48 81.50
C ALA QA 38 -18.91 119.07 80.19
N VAL QA 39 -19.84 118.36 79.55
CA VAL QA 39 -20.46 118.88 78.35
C VAL QA 39 -21.22 120.16 78.70
N ALA QA 40 -21.30 121.08 77.74
CA ALA QA 40 -21.89 122.39 78.01
C ALA QA 40 -23.41 122.37 77.78
N GLY QA 41 -24.12 123.10 78.64
CA GLY QA 41 -25.53 123.37 78.46
C GLY QA 41 -26.46 122.19 78.51
N GLN QA 42 -26.30 121.32 79.50
CA GLN QA 42 -27.19 120.16 79.62
C GLN QA 42 -28.53 120.57 80.21
N GLN QA 43 -29.57 119.85 79.79
CA GLN QA 43 -30.91 120.01 80.36
C GLN QA 43 -31.60 118.70 80.67
N GLY QA 44 -31.10 117.58 80.16
CA GLY QA 44 -31.69 116.29 80.46
C GLY QA 44 -30.72 115.16 80.21
N LEU QA 45 -30.70 114.18 81.13
CA LEU QA 45 -29.79 113.05 81.03
C LEU QA 45 -30.55 111.78 81.40
N THR QA 46 -30.23 110.69 80.71
CA THR QA 46 -30.84 109.40 81.02
C THR QA 46 -29.84 108.29 80.75
N VAL QA 47 -29.89 107.25 81.59
CA VAL QA 47 -29.02 106.08 81.47
C VAL QA 47 -29.93 104.87 81.32
N ASN QA 48 -29.70 104.06 80.29
CA ASN QA 48 -30.45 102.83 80.11
C ASN QA 48 -29.49 101.67 79.94
N ARG QA 49 -29.52 100.74 80.89
CA ARG QA 49 -28.79 99.49 80.83
C ARG QA 49 -29.80 98.35 80.76
N SER QA 50 -29.64 97.48 79.76
CA SER QA 50 -30.62 96.42 79.52
C SER QA 50 -29.90 95.08 79.46
N LYS QA 51 -30.63 94.03 79.83
CA LYS QA 51 -30.14 92.66 79.79
C LYS QA 51 -31.17 91.79 79.09
N ASP QA 52 -30.69 90.84 78.29
CA ASP QA 52 -31.56 89.95 77.55
C ASP QA 52 -31.89 88.72 78.38
N SER QA 53 -33.03 88.12 78.07
CA SER QA 53 -33.50 86.90 78.72
C SER QA 53 -33.66 85.80 77.68
N ILE QA 54 -33.14 84.62 77.98
CA ILE QA 54 -33.21 83.47 77.07
C ILE QA 54 -34.18 82.47 77.65
N GLU QA 55 -35.16 82.06 76.84
CA GLU QA 55 -36.16 81.09 77.26
C GLU QA 55 -35.59 79.69 77.12
N ILE QA 56 -35.60 78.93 78.21
CA ILE QA 56 -35.14 77.55 78.20
C ILE QA 56 -36.26 76.59 78.62
N THR QA 57 -37.51 76.96 78.35
CA THR QA 57 -38.64 76.08 78.65
C THR QA 57 -38.55 74.81 77.83
N SER QA 58 -38.83 73.68 78.47
CA SER QA 58 -38.75 72.38 77.84
C SER QA 58 -40.03 71.59 78.10
N LYS QA 59 -40.09 70.38 77.56
CA LYS QA 59 -41.25 69.53 77.76
C LYS QA 59 -41.35 69.03 79.19
N ASP QA 60 -40.25 68.98 79.92
CA ASP QA 60 -40.24 68.51 81.30
C ASP QA 60 -40.46 69.61 82.32
N THR QA 61 -40.66 70.85 81.87
CA THR QA 61 -40.94 71.94 82.79
C THR QA 61 -42.34 71.77 83.39
N VAL QA 62 -42.41 71.88 84.72
CA VAL QA 62 -43.64 71.65 85.45
C VAL QA 62 -44.13 72.97 86.04
N GLY QA 63 -45.40 72.97 86.45
CA GLY QA 63 -45.98 74.11 87.12
C GLY QA 63 -46.72 75.09 86.21
N GLY QA 64 -46.58 74.96 84.90
CA GLY QA 64 -47.28 75.82 83.95
C GLY QA 64 -46.65 77.16 83.66
N TRP QA 65 -45.48 77.45 84.22
CA TRP QA 65 -44.81 78.73 84.06
C TRP QA 65 -43.53 78.55 83.25
N LYS QA 66 -43.41 79.29 82.15
CA LYS QA 66 -42.23 79.15 81.30
C LYS QA 66 -41.01 79.71 82.01
N SER QA 67 -39.91 78.96 81.96
CA SER QA 67 -38.68 79.35 82.64
C SER QA 67 -37.79 80.16 81.71
N LYS QA 68 -36.91 80.94 82.32
CA LYS QA 68 -36.00 81.82 81.58
C LYS QA 68 -34.72 81.97 82.38
N ILE QA 69 -33.65 82.38 81.68
CA ILE QA 69 -32.38 82.65 82.33
C ILE QA 69 -31.82 83.96 81.80
N GLY QA 70 -30.96 84.58 82.60
CA GLY QA 70 -30.36 85.83 82.21
C GLY QA 70 -29.39 85.67 81.05
N GLY QA 71 -29.23 86.75 80.29
CA GLY QA 71 -28.37 86.72 79.12
C GLY QA 71 -27.38 87.87 79.07
N MET QA 72 -26.93 88.20 77.88
CA MET QA 72 -25.97 89.28 77.71
C MET QA 72 -26.64 90.62 77.97
N LYS QA 73 -25.83 91.62 78.32
CA LYS QA 73 -26.35 92.94 78.65
C LYS QA 73 -25.52 94.03 77.97
N GLU QA 74 -26.16 95.17 77.76
CA GLU QA 74 -25.53 96.33 77.12
C GLU QA 74 -26.04 97.60 77.80
N TRP QA 75 -25.44 98.73 77.41
CA TRP QA 75 -25.74 99.99 78.08
C TRP QA 75 -25.56 101.17 77.14
N SER QA 76 -26.31 102.23 77.42
CA SER QA 76 -26.25 103.47 76.66
C SER QA 76 -26.72 104.62 77.54
N ILE QA 77 -26.38 105.84 77.12
CA ILE QA 77 -26.91 107.04 77.76
C ILE QA 77 -27.36 108.02 76.68
N GLU QA 78 -28.23 108.94 77.08
CA GLU QA 78 -28.75 109.98 76.20
C GLU QA 78 -28.77 111.30 76.95
N ASN QA 79 -28.17 112.33 76.36
CA ASN QA 79 -28.11 113.65 76.96
C ASN QA 79 -28.64 114.67 75.97
N ASP QA 80 -29.20 115.75 76.49
CA ASP QA 80 -29.69 116.82 75.64
C ASP QA 80 -29.73 118.12 76.43
N GLY QA 81 -29.74 119.23 75.70
CA GLY QA 81 -29.81 120.53 76.36
C GLY QA 81 -29.48 121.67 75.42
N LEU QA 82 -28.96 122.74 76.00
CA LEU QA 82 -28.58 123.91 75.21
C LEU QA 82 -27.25 123.66 74.52
N TYR QA 83 -27.16 124.09 73.27
CA TYR QA 83 -25.97 123.87 72.44
C TYR QA 83 -25.21 125.17 72.26
N VAL QA 84 -23.90 125.13 72.47
CA VAL QA 84 -23.00 126.24 72.19
C VAL QA 84 -21.92 125.73 71.26
N ALA QA 85 -21.83 126.34 70.07
CA ALA QA 85 -20.87 125.87 69.07
C ALA QA 85 -19.44 126.12 69.51
N ASP QA 86 -19.18 127.21 70.23
CA ASP QA 86 -17.83 127.54 70.65
C ASP QA 86 -17.39 126.82 71.92
N ALA QA 87 -18.28 126.03 72.53
CA ALA QA 87 -17.92 125.31 73.74
C ALA QA 87 -16.83 124.29 73.46
N GLU QA 88 -15.87 124.19 74.38
CA GLU QA 88 -14.78 123.24 74.21
C GLU QA 88 -15.29 121.80 74.24
N SER QA 89 -16.25 121.52 75.12
CA SER QA 89 -16.79 120.17 75.24
C SER QA 89 -17.46 119.73 73.94
N HIS QA 90 -18.25 120.62 73.33
CA HIS QA 90 -18.89 120.27 72.07
C HIS QA 90 -17.88 120.13 70.94
N LYS QA 91 -16.81 120.94 70.96
CA LYS QA 91 -15.73 120.76 70.00
C LYS QA 91 -15.09 119.38 70.14
N GLU QA 92 -14.85 118.95 71.38
CA GLU QA 92 -14.29 117.63 71.61
C GLU QA 92 -15.25 116.54 71.17
N LEU QA 93 -16.55 116.73 71.41
CA LEU QA 93 -17.54 115.75 70.97
C LEU QA 93 -17.56 115.64 69.46
N ALA QA 94 -17.48 116.77 68.76
CA ALA QA 94 -17.42 116.74 67.30
C ALA QA 94 -16.15 116.05 66.81
N LYS QA 95 -15.02 116.31 67.48
CA LYS QA 95 -13.78 115.64 67.10
C LYS QA 95 -13.88 114.13 67.28
N TYR QA 96 -14.44 113.69 68.40
CA TYR QA 96 -14.63 112.25 68.61
C TYR QA 96 -15.57 111.65 67.56
N PHE QA 97 -16.66 112.35 67.25
CA PHE QA 97 -17.62 111.81 66.29
C PHE QA 97 -17.00 111.69 64.91
N GLU QA 98 -16.21 112.69 64.50
CA GLU QA 98 -15.56 112.64 63.19
C GLU QA 98 -14.47 111.58 63.15
N SER QA 99 -13.68 111.47 64.22
CA SER QA 99 -12.55 110.54 64.25
C SER QA 99 -12.96 109.10 64.54
N ASP QA 100 -14.21 108.86 64.93
CA ASP QA 100 -14.76 107.54 65.24
C ASP QA 100 -14.05 106.87 66.41
N SER QA 101 -13.24 107.59 67.16
CA SER QA 101 -12.55 107.02 68.30
C SER QA 101 -13.51 106.87 69.49
N PRO QA 102 -13.36 105.81 70.28
CA PRO QA 102 -14.18 105.67 71.48
C PRO QA 102 -13.85 106.74 72.51
N VAL QA 103 -14.86 107.12 73.29
CA VAL QA 103 -14.73 108.21 74.25
C VAL QA 103 -15.06 107.68 75.64
N CYS QA 104 -14.33 108.19 76.63
CA CYS QA 104 -14.56 107.81 78.03
C CYS QA 104 -15.51 108.81 78.67
N VAL QA 105 -16.58 108.29 79.29
CA VAL QA 105 -17.59 109.13 79.90
C VAL QA 105 -17.84 108.66 81.32
N LYS QA 106 -18.39 109.57 82.13
CA LYS QA 106 -18.71 109.28 83.52
C LYS QA 106 -19.91 110.11 83.95
N ILE QA 107 -20.83 109.45 84.65
CA ILE QA 107 -21.97 110.09 85.29
C ILE QA 107 -21.61 110.25 86.76
N ILE QA 108 -21.55 111.50 87.22
CA ILE QA 108 -21.03 111.82 88.55
C ILE QA 108 -21.95 112.83 89.22
N ASN QA 109 -22.18 112.63 90.52
CA ASN QA 109 -22.97 113.56 91.32
C ASN QA 109 -22.01 114.58 91.91
N GLN QA 110 -22.01 115.80 91.35
CA GLN QA 110 -21.10 116.84 91.79
C GLN QA 110 -21.53 117.53 93.07
N ALA QA 111 -22.78 117.35 93.50
CA ALA QA 111 -23.25 117.93 94.76
C ALA QA 111 -23.05 116.98 95.93
N SER QA 112 -23.51 115.73 95.79
CA SER QA 112 -23.28 114.72 96.82
C SER QA 112 -21.83 114.27 96.87
N LYS QA 113 -21.01 114.67 95.90
CA LYS QA 113 -19.59 114.36 95.85
C LYS QA 113 -19.34 112.85 95.81
N LYS QA 114 -19.91 112.22 94.79
CA LYS QA 114 -19.75 110.79 94.59
C LYS QA 114 -20.06 110.43 93.14
N GLY QA 115 -19.13 109.76 92.48
CA GLY QA 115 -19.38 109.29 91.13
C GLY QA 115 -20.37 108.14 91.11
N LEU QA 116 -21.05 107.99 89.98
CA LEU QA 116 -22.08 106.98 89.81
C LEU QA 116 -21.73 105.93 88.77
N PHE QA 117 -21.40 106.35 87.55
CA PHE QA 117 -21.10 105.41 86.48
C PHE QA 117 -19.91 105.91 85.69
N GLY QA 118 -19.25 104.97 85.00
CA GLY QA 118 -18.17 105.32 84.11
C GLY QA 118 -17.95 104.22 83.10
N GLY QA 119 -17.50 104.61 81.90
CA GLY QA 119 -17.28 103.61 80.88
C GLY QA 119 -16.77 104.22 79.58
N LEU QA 120 -16.71 103.37 78.57
CA LEU QA 120 -16.26 103.73 77.23
C LEU QA 120 -17.41 103.52 76.26
N ALA QA 121 -17.64 104.50 75.39
CA ALA QA 121 -18.79 104.45 74.50
C ALA QA 121 -18.48 105.20 73.21
N ILE QA 122 -19.32 104.96 72.20
CA ILE QA 122 -19.25 105.68 70.93
C ILE QA 122 -20.49 106.54 70.81
N VAL QA 123 -20.38 107.59 70.00
CA VAL QA 123 -21.47 108.54 69.77
C VAL QA 123 -22.29 108.01 68.60
N ALA QA 124 -23.48 107.49 68.91
CA ALA QA 124 -24.37 106.99 67.86
C ALA QA 124 -25.06 108.15 67.14
N ASP QA 125 -25.42 109.19 67.88
CA ASP QA 125 -26.17 110.31 67.31
C ASP QA 125 -25.61 111.64 67.82
N TYR QA 126 -25.69 112.65 66.97
CA TYR QA 126 -25.30 114.02 67.32
C TYR QA 126 -26.17 114.95 66.49
N SER QA 127 -27.27 115.41 67.07
CA SER QA 127 -28.29 116.16 66.34
C SER QA 127 -28.59 117.47 67.03
N PHE QA 128 -29.10 118.43 66.24
CA PHE QA 128 -29.46 119.74 66.73
C PHE QA 128 -30.80 120.15 66.13
N GLU QA 129 -31.51 121.02 66.84
CA GLU QA 129 -32.79 121.54 66.39
C GLU QA 129 -32.77 123.06 66.53
N ALA QA 130 -33.41 123.75 65.59
CA ALA QA 130 -33.39 125.22 65.53
C ALA QA 130 -34.81 125.76 65.40
N PRO QA 131 -35.60 125.73 66.47
CA PRO QA 131 -36.90 126.38 66.45
C PRO QA 131 -36.75 127.90 66.43
N PHE QA 132 -37.71 128.56 65.78
CA PHE QA 132 -37.67 130.02 65.70
C PHE QA 132 -38.07 130.68 67.01
N ASP QA 133 -38.85 130.00 67.84
CA ASP QA 133 -39.35 130.58 69.08
C ASP QA 133 -38.54 130.16 70.31
N GLU QA 134 -37.42 129.46 70.10
CA GLU QA 134 -36.60 129.00 71.21
C GLU QA 134 -35.13 129.14 70.81
N ALA QA 135 -34.26 128.53 71.60
CA ALA QA 135 -32.83 128.67 71.43
C ALA QA 135 -32.23 127.40 70.83
N MET QA 136 -30.92 127.44 70.58
CA MET QA 136 -30.21 126.29 70.04
C MET QA 136 -30.27 125.12 71.01
N THR QA 137 -30.54 123.93 70.48
CA THR QA 137 -30.62 122.72 71.29
C THR QA 137 -29.78 121.62 70.65
N TYR QA 138 -29.24 120.76 71.49
CA TYR QA 138 -28.44 119.62 71.06
C TYR QA 138 -28.92 118.37 71.77
N SER QA 139 -28.76 117.23 71.09
CA SER QA 139 -29.07 115.92 71.64
C SER QA 139 -28.00 114.93 71.19
N VAL QA 140 -27.43 114.20 72.14
CA VAL QA 140 -26.38 113.23 71.89
C VAL QA 140 -26.79 111.91 72.52
N LYS QA 141 -26.50 110.82 71.81
CA LYS QA 141 -26.71 109.47 72.32
C LYS QA 141 -25.39 108.72 72.23
N LEU QA 142 -25.00 108.06 73.32
CA LEU QA 142 -23.80 107.24 73.35
C LEU QA 142 -24.17 105.82 73.71
N ASP QA 143 -23.57 104.85 73.03
CA ASP QA 143 -23.75 103.44 73.33
C ASP QA 143 -22.40 102.82 73.64
N GLY QA 144 -22.34 102.01 74.69
CA GLY QA 144 -21.06 101.54 75.22
C GLY QA 144 -20.76 100.10 74.88
N MET QA 145 -19.49 99.84 74.57
CA MET QA 145 -18.98 98.49 74.46
C MET QA 145 -18.38 98.06 75.80
N GLY QA 146 -18.34 96.76 76.02
CA GLY QA 146 -17.77 96.29 77.27
C GLY QA 146 -18.65 96.64 78.46
N ALA QA 147 -18.03 96.65 79.63
CA ALA QA 147 -18.74 96.83 80.88
C ALA QA 147 -18.82 98.31 81.24
N LEU QA 148 -20.00 98.72 81.72
CA LEU QA 148 -20.20 100.03 82.32
C LEU QA 148 -20.14 99.84 83.83
N VAL QA 149 -19.00 100.21 84.43
CA VAL QA 149 -18.82 99.98 85.86
C VAL QA 149 -19.78 100.83 86.66
N ASP QA 150 -20.05 100.39 87.88
CA ASP QA 150 -20.94 101.08 88.81
C ASP QA 150 -20.08 101.71 89.89
N LEU QA 151 -19.83 103.02 89.75
CA LEU QA 151 -19.03 103.73 90.74
C LEU QA 151 -19.71 103.77 92.10
N THR QA 152 -21.03 103.58 92.16
CA THR QA 152 -21.72 103.49 93.45
C THR QA 152 -21.26 102.26 94.23
N ILE QA 153 -21.08 101.13 93.54
CA ILE QA 153 -20.67 99.90 94.19
C ILE QA 153 -19.16 99.86 94.38
N THR QA 154 -18.40 100.06 93.32
CA THR QA 154 -16.95 100.02 93.42
C THR QA 154 -16.43 101.27 94.13
N GLU QA 155 -15.18 101.18 94.58
CA GLU QA 155 -14.55 102.27 95.31
C GLU QA 155 -13.63 103.06 94.38
N GLY QA 156 -13.47 104.35 94.69
CA GLY QA 156 -12.62 105.21 93.90
C GLY QA 156 -13.32 105.75 92.67
N GLY QA 157 -12.57 106.52 91.88
CA GLY QA 157 -13.10 107.11 90.67
C GLY QA 157 -14.10 108.22 90.95
N ASP QA 158 -13.63 109.33 91.52
CA ASP QA 158 -14.49 110.45 91.88
C ASP QA 158 -13.87 111.76 91.41
N GLN QA 159 -13.35 111.79 90.19
CA GLN QA 159 -12.80 113.02 89.65
C GLN QA 159 -13.91 114.03 89.38
N MET QA 160 -13.73 115.24 89.85
CA MET QA 160 -14.79 116.25 89.83
C MET QA 160 -14.95 116.95 88.48
N PRO QA 161 -13.88 117.46 87.85
CA PRO QA 161 -14.15 118.18 86.60
C PRO QA 161 -14.63 117.28 85.47
N ALA RA 2 -5.70 28.25 -28.78
CA ALA RA 2 -5.49 27.79 -30.15
C ALA RA 2 -4.88 28.90 -31.01
N PHE RA 3 -4.51 30.00 -30.37
CA PHE RA 3 -3.95 31.15 -31.07
C PHE RA 3 -2.97 31.86 -30.14
N GLU RA 4 -2.73 33.15 -30.42
CA GLU RA 4 -1.54 33.88 -30.00
C GLU RA 4 -0.31 33.34 -30.72
N GLU RA 5 -0.49 33.01 -32.00
CA GLU RA 5 0.57 32.51 -32.88
C GLU RA 5 1.19 31.22 -32.34
N ASN RA 6 0.40 30.43 -31.63
CA ASN RA 6 0.85 29.16 -31.06
C ASN RA 6 2.11 29.35 -30.23
N LEU RA 7 2.12 30.41 -29.42
CA LEU RA 7 3.29 30.70 -28.60
C LEU RA 7 3.53 29.60 -27.58
N TYR RA 8 2.47 29.09 -26.97
CA TYR RA 8 2.58 28.01 -25.99
C TYR RA 8 1.84 26.75 -26.40
N CYS RA 9 0.57 26.86 -26.84
CA CYS RA 9 -0.20 25.71 -27.26
C CYS RA 9 0.01 25.49 -28.75
N ASP RA 10 0.65 24.38 -29.10
CA ASP RA 10 0.93 24.04 -30.49
C ASP RA 10 -0.14 23.07 -30.99
N TYR RA 11 -0.72 23.38 -32.15
CA TYR RA 11 -1.84 22.62 -32.67
C TYR RA 11 -1.60 22.04 -34.06
N THR RA 12 -0.45 22.28 -34.66
CA THR RA 12 -0.18 21.76 -36.00
C THR RA 12 0.05 20.25 -35.92
N PRO RA 13 -0.76 19.44 -36.62
CA PRO RA 13 -0.55 17.99 -36.57
C PRO RA 13 0.46 17.50 -37.60
N GLY RA 14 1.56 16.92 -37.12
CA GLY RA 14 2.55 16.37 -38.01
C GLY RA 14 2.54 14.85 -37.99
N ALA RA 15 2.30 14.28 -36.81
CA ALA RA 15 2.21 12.84 -36.64
C ALA RA 15 1.37 12.57 -35.38
N ALA RA 16 0.95 11.32 -35.23
CA ALA RA 16 0.17 10.93 -34.06
C ALA RA 16 1.03 10.82 -32.81
N LYS RA 17 2.25 10.30 -32.97
CA LYS RA 17 3.24 10.16 -31.90
C LYS RA 17 2.80 9.14 -30.85
N ALA RA 18 1.58 8.65 -30.96
CA ALA RA 18 1.02 7.66 -30.06
C ALA RA 18 -0.33 7.21 -30.62
N VAL RA 19 -0.68 5.96 -30.35
CA VAL RA 19 -1.95 5.39 -30.78
C VAL RA 19 -2.60 4.74 -29.56
N ALA RA 20 -3.83 5.15 -29.27
CA ALA RA 20 -4.58 4.54 -28.18
C ALA RA 20 -4.85 3.07 -28.49
N GLY RA 21 -4.63 2.21 -27.51
CA GLY RA 21 -4.81 0.78 -27.73
C GLY RA 21 -6.24 0.38 -28.03
N LYS RA 22 -7.20 1.15 -27.51
CA LYS RA 22 -8.61 0.85 -27.77
C LYS RA 22 -9.01 1.12 -29.21
N ASP RA 23 -8.17 1.79 -30.00
CA ASP RA 23 -8.48 2.08 -31.39
C ASP RA 23 -8.12 0.93 -32.32
N VAL RA 24 -7.37 -0.06 -31.85
CA VAL RA 24 -6.96 -1.20 -32.67
C VAL RA 24 -7.72 -2.42 -32.19
N ILE RA 25 -8.42 -3.08 -33.11
CA ILE RA 25 -9.26 -4.23 -32.79
C ILE RA 25 -8.94 -5.36 -33.76
N LEU RA 26 -9.51 -6.52 -33.46
CA LEU RA 26 -9.36 -7.71 -34.28
C LEU RA 26 -10.72 -8.09 -34.85
N ALA RA 27 -10.76 -8.37 -36.15
CA ALA RA 27 -11.99 -8.71 -36.84
C ALA RA 27 -11.84 -10.04 -37.56
N VAL RA 28 -12.91 -10.82 -37.58
CA VAL RA 28 -12.94 -12.10 -38.26
C VAL RA 28 -14.00 -12.03 -39.36
N PHE RA 29 -13.64 -12.53 -40.54
CA PHE RA 29 -14.60 -12.53 -41.64
C PHE RA 29 -15.70 -13.56 -41.39
N ASN RA 30 -16.90 -13.25 -41.87
CA ASN RA 30 -18.03 -14.15 -41.71
C ASN RA 30 -17.76 -15.47 -42.45
N ALA RA 31 -18.53 -16.49 -42.08
CA ALA RA 31 -18.38 -17.79 -42.71
C ALA RA 31 -18.60 -17.70 -44.21
N ALA RA 32 -19.60 -16.92 -44.63
CA ALA RA 32 -19.81 -16.68 -46.05
C ALA RA 32 -18.81 -15.68 -46.64
N GLY RA 33 -18.13 -14.91 -45.79
CA GLY RA 33 -17.18 -13.93 -46.25
C GLY RA 33 -17.76 -12.59 -46.63
N ASP RA 34 -19.09 -12.43 -46.56
CA ASP RA 34 -19.71 -11.17 -46.93
C ASP RA 34 -19.46 -10.09 -45.89
N LYS RA 35 -19.35 -10.47 -44.62
CA LYS RA 35 -19.18 -9.54 -43.52
C LYS RA 35 -17.92 -9.85 -42.74
N LEU RA 36 -17.35 -8.82 -42.13
CA LEU RA 36 -16.29 -8.96 -41.15
C LEU RA 36 -16.75 -8.34 -39.85
N LEU RA 37 -16.55 -9.06 -38.75
CA LEU RA 37 -17.13 -8.75 -37.46
C LEU RA 37 -16.02 -8.53 -36.44
N ALA RA 38 -16.12 -7.44 -35.69
CA ALA RA 38 -15.22 -7.25 -34.56
C ALA RA 38 -15.62 -8.19 -33.42
N VAL RA 39 -14.62 -8.82 -32.82
CA VAL RA 39 -14.88 -9.74 -31.72
C VAL RA 39 -15.42 -8.95 -30.54
N ALA RA 40 -16.60 -9.34 -30.06
CA ALA RA 40 -17.27 -8.57 -29.02
C ALA RA 40 -16.52 -8.66 -27.70
N GLY RA 41 -16.44 -7.52 -27.00
CA GLY RA 41 -15.83 -7.50 -25.69
C GLY RA 41 -14.33 -7.57 -25.67
N GLN RA 42 -13.66 -7.08 -26.72
CA GLN RA 42 -12.20 -7.11 -26.75
C GLN RA 42 -11.61 -6.24 -25.65
N GLN RA 43 -10.62 -6.76 -24.97
CA GLN RA 43 -9.90 -6.03 -23.95
C GLN RA 43 -8.39 -6.03 -24.15
N GLY RA 44 -7.83 -7.13 -24.64
CA GLY RA 44 -6.41 -7.22 -24.87
C GLY RA 44 -6.08 -7.93 -26.16
N LEU RA 45 -5.11 -7.40 -26.90
CA LEU RA 45 -4.73 -7.96 -28.20
C LEU RA 45 -3.21 -7.92 -28.35
N THR RA 46 -2.65 -9.02 -28.83
CA THR RA 46 -1.22 -9.14 -29.08
C THR RA 46 -1.00 -9.86 -30.40
N VAL RA 47 -0.06 -9.38 -31.19
CA VAL RA 47 0.31 -10.02 -32.45
C VAL RA 47 1.81 -10.30 -32.39
N ASN RA 48 2.17 -11.58 -32.52
CA ASN RA 48 3.55 -12.00 -32.45
C ASN RA 48 4.03 -12.44 -33.83
N ARG RA 49 5.16 -11.89 -34.26
CA ARG RA 49 5.80 -12.26 -35.52
C ARG RA 49 7.22 -12.68 -35.21
N SER RA 50 7.58 -13.91 -35.56
CA SER RA 50 8.88 -14.46 -35.22
C SER RA 50 9.55 -14.99 -36.48
N LYS RA 51 10.88 -15.04 -36.43
CA LYS RA 51 11.69 -15.54 -37.53
C LYS RA 51 12.72 -16.52 -36.98
N ASP RA 52 12.95 -17.59 -37.75
CA ASP RA 52 13.93 -18.59 -37.33
C ASP RA 52 15.35 -18.05 -37.50
N SER RA 53 16.25 -18.58 -36.67
CA SER RA 53 17.66 -18.19 -36.70
C SER RA 53 18.49 -19.43 -37.01
N ILE RA 54 19.28 -19.36 -38.08
CA ILE RA 54 20.18 -20.43 -38.47
C ILE RA 54 21.60 -19.98 -38.14
N GLU RA 55 22.32 -20.82 -37.40
CA GLU RA 55 23.67 -20.48 -36.96
C GLU RA 55 24.65 -20.79 -38.08
N ILE RA 56 25.25 -19.73 -38.64
CA ILE RA 56 26.22 -19.88 -39.72
C ILE RA 56 27.58 -19.40 -39.21
N THR RA 57 27.81 -19.58 -37.91
CA THR RA 57 29.03 -19.13 -37.28
C THR RA 57 30.25 -19.77 -37.94
N SER RA 58 31.24 -18.95 -38.27
CA SER RA 58 32.47 -19.39 -38.92
C SER RA 58 33.63 -19.25 -37.94
N LYS RA 59 34.21 -20.38 -37.54
CA LYS RA 59 35.31 -20.37 -36.60
C LYS RA 59 36.62 -19.91 -37.22
N ASP RA 60 36.70 -19.80 -38.54
CA ASP RA 60 37.93 -19.44 -39.21
C ASP RA 60 38.05 -17.94 -39.51
N THR RA 61 37.11 -17.14 -39.05
CA THR RA 61 37.12 -15.70 -39.28
C THR RA 61 37.70 -15.01 -38.05
N VAL RA 62 38.62 -14.07 -38.28
CA VAL RA 62 39.24 -13.35 -37.18
C VAL RA 62 38.20 -12.52 -36.45
N GLY RA 63 38.21 -12.61 -35.12
CA GLY RA 63 37.26 -11.88 -34.30
C GLY RA 63 36.60 -12.74 -33.25
N GLY RA 64 36.38 -14.01 -33.57
CA GLY RA 64 35.77 -14.92 -32.61
C GLY RA 64 34.35 -14.57 -32.25
N TRP RA 65 33.55 -14.18 -33.25
CA TRP RA 65 32.16 -13.77 -33.03
C TRP RA 65 31.21 -14.76 -33.70
N LYS RA 66 30.14 -15.09 -32.99
CA LYS RA 66 29.10 -15.94 -33.57
C LYS RA 66 28.30 -15.16 -34.61
N SER RA 67 27.72 -15.89 -35.55
CA SER RA 67 26.93 -15.29 -36.61
C SER RA 67 25.65 -16.09 -36.81
N LYS RA 68 24.60 -15.37 -37.20
CA LYS RA 68 23.29 -15.98 -37.44
C LYS RA 68 22.70 -15.40 -38.70
N ILE RA 69 21.71 -16.10 -39.26
CA ILE RA 69 21.00 -15.65 -40.44
C ILE RA 69 19.52 -15.93 -40.26
N GLY RA 70 18.69 -15.05 -40.81
CA GLY RA 70 17.25 -15.21 -40.69
C GLY RA 70 16.75 -16.40 -41.49
N GLY RA 71 15.67 -17.00 -40.99
CA GLY RA 71 15.08 -18.16 -41.63
C GLY RA 71 13.60 -17.97 -41.95
N MET RA 72 12.81 -19.01 -41.74
CA MET RA 72 11.38 -18.94 -41.99
C MET RA 72 10.70 -18.08 -40.94
N LYS RA 73 9.52 -17.56 -41.29
CA LYS RA 73 8.75 -16.68 -40.43
C LYS RA 73 7.43 -17.33 -40.03
N GLU RA 74 6.90 -16.89 -38.89
CA GLU RA 74 5.64 -17.39 -38.39
C GLU RA 74 4.96 -16.27 -37.60
N TRP RA 75 3.65 -16.41 -37.42
CA TRP RA 75 2.90 -15.37 -36.72
C TRP RA 75 1.69 -15.96 -36.01
N SER RA 76 1.29 -15.28 -34.94
CA SER RA 76 0.16 -15.68 -34.12
C SER RA 76 -0.48 -14.45 -33.53
N ILE RA 77 -1.73 -14.61 -33.10
CA ILE RA 77 -2.51 -13.53 -32.51
C ILE RA 77 -3.21 -14.04 -31.27
N GLU RA 78 -3.04 -13.34 -30.16
CA GLU RA 78 -3.71 -13.68 -28.90
C GLU RA 78 -4.67 -12.55 -28.55
N ASN RA 79 -5.94 -12.90 -28.35
CA ASN RA 79 -6.95 -11.93 -28.00
C ASN RA 79 -7.66 -12.39 -26.73
N ASP RA 80 -8.14 -11.43 -25.95
CA ASP RA 80 -8.85 -11.77 -24.72
C ASP RA 80 -9.79 -10.64 -24.35
N GLY RA 81 -10.83 -10.98 -23.63
CA GLY RA 81 -11.78 -9.97 -23.18
C GLY RA 81 -13.00 -10.58 -22.54
N LEU RA 82 -14.08 -9.81 -22.53
CA LEU RA 82 -15.35 -10.28 -21.99
C LEU RA 82 -16.06 -11.16 -23.02
N TYR RA 83 -16.68 -12.22 -22.54
CA TYR RA 83 -17.33 -13.20 -23.39
C TYR RA 83 -18.84 -13.12 -23.22
N VAL RA 84 -19.55 -12.99 -24.34
CA VAL RA 84 -21.01 -13.09 -24.37
C VAL RA 84 -21.37 -14.15 -25.39
N ALA RA 85 -22.06 -15.20 -24.94
CA ALA RA 85 -22.30 -16.36 -25.78
C ALA RA 85 -23.18 -16.01 -26.98
N ASP RA 86 -24.21 -15.20 -26.76
CA ASP RA 86 -25.15 -14.89 -27.83
C ASP RA 86 -24.58 -13.94 -28.89
N ALA RA 87 -23.41 -13.36 -28.64
CA ALA RA 87 -22.79 -12.50 -29.64
C ALA RA 87 -22.48 -13.29 -30.90
N GLU RA 88 -22.85 -12.74 -32.06
CA GLU RA 88 -22.71 -13.49 -33.30
C GLU RA 88 -21.26 -13.66 -33.70
N SER RA 89 -20.37 -12.75 -33.30
CA SER RA 89 -18.95 -12.93 -33.55
C SER RA 89 -18.42 -14.15 -32.82
N HIS RA 90 -18.83 -14.33 -31.57
CA HIS RA 90 -18.42 -15.53 -30.83
C HIS RA 90 -19.02 -16.79 -31.42
N LYS RA 91 -20.24 -16.72 -31.95
CA LYS RA 91 -20.81 -17.87 -32.64
C LYS RA 91 -19.99 -18.21 -33.88
N GLU RA 92 -19.57 -17.21 -34.64
CA GLU RA 92 -18.72 -17.45 -35.80
C GLU RA 92 -17.38 -18.07 -35.38
N LEU RA 93 -16.81 -17.58 -34.28
CA LEU RA 93 -15.56 -18.15 -33.79
C LEU RA 93 -15.74 -19.61 -33.39
N ALA RA 94 -16.85 -19.93 -32.71
CA ALA RA 94 -17.12 -21.31 -32.34
C ALA RA 94 -17.29 -22.20 -33.56
N LYS RA 95 -18.01 -21.69 -34.58
CA LYS RA 95 -18.17 -22.46 -35.82
C LYS RA 95 -16.83 -22.70 -36.49
N TYR RA 96 -15.97 -21.68 -36.53
CA TYR RA 96 -14.65 -21.84 -37.12
C TYR RA 96 -13.82 -22.86 -36.36
N PHE RA 97 -13.89 -22.82 -35.03
CA PHE RA 97 -13.14 -23.79 -34.23
C PHE RA 97 -13.63 -25.20 -34.47
N GLU RA 98 -14.94 -25.39 -34.56
CA GLU RA 98 -15.50 -26.73 -34.74
C GLU RA 98 -15.22 -27.27 -36.14
N SER RA 99 -15.42 -26.44 -37.16
CA SER RA 99 -15.38 -26.91 -38.54
C SER RA 99 -13.97 -27.16 -39.05
N ASP RA 100 -12.94 -26.75 -38.31
CA ASP RA 100 -11.55 -26.92 -38.73
C ASP RA 100 -11.30 -26.27 -40.10
N SER RA 101 -11.83 -25.07 -40.27
CA SER RA 101 -11.70 -24.32 -41.51
C SER RA 101 -10.87 -23.05 -41.27
N PRO RA 102 -10.14 -22.58 -42.27
CA PRO RA 102 -9.39 -21.33 -42.11
C PRO RA 102 -10.32 -20.17 -41.81
N VAL RA 103 -9.85 -19.27 -40.93
CA VAL RA 103 -10.59 -18.05 -40.61
C VAL RA 103 -9.76 -16.86 -41.09
N CYS RA 104 -10.40 -15.97 -41.84
CA CYS RA 104 -9.76 -14.76 -42.31
C CYS RA 104 -9.77 -13.72 -41.19
N VAL RA 105 -8.59 -13.38 -40.69
CA VAL RA 105 -8.45 -12.48 -39.56
C VAL RA 105 -7.79 -11.20 -40.03
N LYS RA 106 -8.21 -10.08 -39.44
CA LYS RA 106 -7.71 -8.76 -39.82
C LYS RA 106 -7.55 -7.92 -38.57
N ILE RA 107 -6.33 -7.43 -38.34
CA ILE RA 107 -6.07 -6.45 -37.30
C ILE RA 107 -6.30 -5.08 -37.91
N ILE RA 108 -7.30 -4.37 -37.38
CA ILE RA 108 -7.86 -3.19 -38.02
C ILE RA 108 -7.91 -2.05 -37.02
N ASN RA 109 -7.45 -0.87 -37.44
CA ASN RA 109 -7.54 0.34 -36.63
C ASN RA 109 -8.92 0.95 -36.88
N GLN RA 110 -9.81 0.82 -35.90
CA GLN RA 110 -11.20 1.22 -36.05
C GLN RA 110 -11.40 2.74 -35.95
N ALA RA 111 -10.41 3.48 -35.48
CA ALA RA 111 -10.53 4.93 -35.32
C ALA RA 111 -9.93 5.71 -36.46
N SER RA 112 -8.70 5.38 -36.85
CA SER RA 112 -8.01 6.11 -37.91
C SER RA 112 -8.48 5.71 -39.31
N LYS RA 113 -9.39 4.75 -39.41
CA LYS RA 113 -9.95 4.32 -40.69
C LYS RA 113 -8.86 3.77 -41.62
N LYS RA 114 -7.95 2.97 -41.05
CA LYS RA 114 -6.87 2.35 -41.81
C LYS RA 114 -6.65 0.93 -41.33
N GLY RA 115 -6.37 0.02 -42.28
CA GLY RA 115 -6.06 -1.35 -41.92
C GLY RA 115 -4.61 -1.53 -41.50
N LEU RA 116 -4.38 -2.58 -40.71
CA LEU RA 116 -3.04 -2.87 -40.20
C LEU RA 116 -2.50 -4.21 -40.67
N PHE RA 117 -3.22 -5.31 -40.45
CA PHE RA 117 -2.73 -6.62 -40.80
C PHE RA 117 -3.88 -7.51 -41.25
N GLY RA 118 -3.56 -8.53 -42.03
CA GLY RA 118 -4.54 -9.50 -42.47
C GLY RA 118 -3.89 -10.83 -42.77
N GLY RA 119 -4.67 -11.89 -42.63
CA GLY RA 119 -4.15 -13.22 -42.92
C GLY RA 119 -5.19 -14.28 -42.69
N LEU RA 120 -4.75 -15.53 -42.82
CA LEU RA 120 -5.57 -16.70 -42.56
C LEU RA 120 -5.01 -17.43 -41.34
N ALA RA 121 -5.91 -17.91 -40.47
CA ALA RA 121 -5.48 -18.47 -39.20
C ALA RA 121 -6.32 -19.69 -38.83
N ILE RA 122 -5.78 -20.46 -37.90
CA ILE RA 122 -6.47 -21.56 -37.23
C ILE RA 122 -6.66 -21.18 -35.77
N VAL RA 123 -7.83 -21.50 -35.22
CA VAL RA 123 -8.16 -21.21 -33.83
C VAL RA 123 -7.54 -22.33 -33.00
N ALA RA 124 -6.33 -22.08 -32.49
CA ALA RA 124 -5.61 -23.09 -31.74
C ALA RA 124 -6.06 -23.20 -30.29
N ASP RA 125 -6.79 -22.20 -29.78
CA ASP RA 125 -7.24 -22.23 -28.40
C ASP RA 125 -8.47 -21.34 -28.25
N TYR RA 126 -9.39 -21.77 -27.39
CA TYR RA 126 -10.62 -21.01 -27.14
C TYR RA 126 -11.10 -21.41 -25.75
N SER RA 127 -10.83 -20.57 -24.76
CA SER RA 127 -11.09 -20.89 -23.36
C SER RA 127 -11.89 -19.78 -22.71
N PHE RA 128 -12.60 -20.13 -21.64
CA PHE RA 128 -13.42 -19.19 -20.89
C PHE RA 128 -13.17 -19.38 -19.40
N GLU RA 129 -13.32 -18.28 -18.66
CA GLU RA 129 -13.22 -18.28 -17.21
C GLU RA 129 -14.45 -17.59 -16.64
N ALA RA 130 -14.95 -18.11 -15.52
CA ALA RA 130 -16.15 -17.59 -14.87
C ALA RA 130 -15.91 -17.42 -13.38
N PRO RA 131 -15.15 -16.40 -12.99
CA PRO RA 131 -14.98 -16.12 -11.56
C PRO RA 131 -16.30 -15.70 -10.93
N PHE RA 132 -16.51 -16.11 -9.68
CA PHE RA 132 -17.79 -15.88 -9.03
C PHE RA 132 -18.01 -14.42 -8.64
N ASP RA 133 -16.96 -13.58 -8.67
CA ASP RA 133 -17.09 -12.19 -8.26
C ASP RA 133 -16.81 -11.21 -9.39
N GLU RA 134 -16.57 -11.70 -10.61
CA GLU RA 134 -16.27 -10.81 -11.73
C GLU RA 134 -17.12 -11.20 -12.94
N ALA RA 135 -16.80 -10.63 -14.09
CA ALA RA 135 -17.49 -10.94 -15.34
C ALA RA 135 -16.83 -12.12 -16.02
N MET RA 136 -17.65 -12.95 -16.66
CA MET RA 136 -17.14 -14.13 -17.35
C MET RA 136 -16.44 -13.72 -18.64
N THR RA 137 -15.22 -14.23 -18.83
CA THR RA 137 -14.29 -13.79 -19.85
C THR RA 137 -13.98 -14.91 -20.84
N TYR RA 138 -13.24 -14.54 -21.89
CA TYR RA 138 -12.80 -15.45 -22.93
C TYR RA 138 -11.39 -15.07 -23.35
N SER RA 139 -10.66 -16.06 -23.88
CA SER RA 139 -9.35 -15.86 -24.48
C SER RA 139 -9.24 -16.79 -25.69
N VAL RA 140 -8.71 -16.26 -26.79
CA VAL RA 140 -8.56 -16.99 -28.03
C VAL RA 140 -7.15 -16.81 -28.56
N LYS RA 141 -6.64 -17.85 -29.22
CA LYS RA 141 -5.32 -17.85 -29.83
C LYS RA 141 -5.43 -18.35 -31.26
N LEU RA 142 -4.79 -17.65 -32.19
CA LEU RA 142 -4.86 -17.96 -33.61
C LEU RA 142 -3.45 -18.09 -34.16
N ASP RA 143 -3.22 -19.15 -34.94
CA ASP RA 143 -1.93 -19.39 -35.56
C ASP RA 143 -2.04 -19.25 -37.07
N GLY RA 144 -1.07 -18.56 -37.68
CA GLY RA 144 -1.13 -18.35 -39.11
C GLY RA 144 -0.63 -19.56 -39.90
N MET RA 145 -1.16 -19.69 -41.12
CA MET RA 145 -0.72 -20.72 -42.04
C MET RA 145 0.08 -20.17 -43.21
N GLY RA 146 0.41 -18.88 -43.21
CA GLY RA 146 1.10 -18.30 -44.33
C GLY RA 146 1.48 -16.86 -44.10
N ALA RA 147 1.61 -16.11 -45.19
CA ALA RA 147 2.03 -14.72 -45.10
C ALA RA 147 0.98 -13.90 -44.36
N LEU RA 148 1.45 -13.09 -43.41
CA LEU RA 148 0.61 -12.11 -42.72
C LEU RA 148 0.80 -10.79 -43.46
N VAL RA 149 -0.20 -10.40 -44.24
CA VAL RA 149 -0.07 -9.23 -45.10
C VAL RA 149 0.03 -7.98 -44.25
N ASP RA 150 1.08 -7.19 -44.47
CA ASP RA 150 1.33 -5.97 -43.73
C ASP RA 150 0.75 -4.81 -44.55
N LEU RA 151 -0.50 -4.46 -44.25
CA LEU RA 151 -1.20 -3.42 -45.00
C LEU RA 151 -0.60 -2.04 -44.80
N THR RA 152 0.24 -1.84 -43.79
CA THR RA 152 0.84 -0.53 -43.57
C THR RA 152 1.80 -0.17 -44.69
N ILE RA 153 2.73 -1.07 -45.03
CA ILE RA 153 3.68 -0.80 -46.10
C ILE RA 153 3.00 -0.93 -47.46
N THR RA 154 2.18 -1.97 -47.64
CA THR RA 154 1.48 -2.19 -48.90
C THR RA 154 0.24 -1.30 -48.96
N GLU RA 155 -0.63 -1.56 -49.92
CA GLU RA 155 -1.80 -0.75 -50.16
C GLU RA 155 -3.05 -1.62 -50.20
N GLY RA 156 -4.16 -1.07 -49.72
CA GLY RA 156 -5.45 -1.73 -49.77
C GLY RA 156 -5.88 -2.27 -48.42
N GLY RA 157 -6.85 -3.18 -48.47
CA GLY RA 157 -7.37 -3.83 -47.28
C GLY RA 157 -8.06 -2.90 -46.31
N ASP RA 158 -8.94 -2.04 -46.82
CA ASP RA 158 -9.69 -1.10 -45.99
C ASP RA 158 -11.16 -1.49 -45.85
N GLN RA 159 -11.52 -2.71 -46.20
CA GLN RA 159 -12.87 -3.19 -45.96
C GLN RA 159 -13.13 -3.23 -44.46
N MET RA 160 -14.29 -2.75 -44.04
CA MET RA 160 -14.49 -2.44 -42.64
C MET RA 160 -15.90 -2.81 -42.19
N PRO RA 161 -16.08 -3.19 -40.93
CA PRO RA 161 -17.39 -3.55 -40.37
C PRO RA 161 -18.35 -2.37 -40.30
N MET SA 1 38.05 -14.37 -42.22
CA MET SA 1 37.40 -15.04 -43.34
C MET SA 1 38.20 -16.27 -43.77
N SER SA 2 37.59 -17.11 -44.60
CA SER SA 2 38.22 -18.34 -45.04
C SER SA 2 37.77 -18.65 -46.45
N ASP SA 3 38.56 -19.48 -47.14
CA ASP SA 3 38.24 -19.88 -48.50
C ASP SA 3 38.91 -21.21 -48.79
N LEU SA 4 38.45 -21.88 -49.84
CA LEU SA 4 39.00 -23.15 -50.28
C LEU SA 4 39.36 -23.03 -51.76
N PHE SA 5 40.60 -23.31 -52.10
CA PHE SA 5 41.09 -23.24 -53.47
C PHE SA 5 41.21 -24.65 -54.02
N LEU SA 6 40.66 -24.85 -55.22
CA LEU SA 6 40.66 -26.14 -55.89
C LEU SA 6 41.39 -26.02 -57.22
N GLU SA 7 42.44 -26.82 -57.38
CA GLU SA 7 43.17 -26.92 -58.64
C GLU SA 7 42.73 -28.19 -59.35
N LEU SA 8 42.14 -28.02 -60.53
CA LEU SA 8 41.67 -29.14 -61.33
C LEU SA 8 41.77 -28.77 -62.80
N ASN SA 9 42.05 -29.78 -63.63
CA ASN SA 9 42.26 -29.64 -65.07
C ASN SA 9 43.08 -28.42 -65.43
N GLY SA 10 44.15 -28.18 -64.68
CA GLY SA 10 45.06 -27.09 -64.99
C GLY SA 10 44.59 -25.71 -64.65
N LYS SA 11 43.50 -25.58 -63.89
CA LYS SA 11 42.97 -24.27 -63.51
C LYS SA 11 42.69 -24.24 -62.01
N VAL SA 12 42.88 -23.07 -61.43
CA VAL SA 12 42.69 -22.86 -59.99
C VAL SA 12 41.44 -22.03 -59.80
N HIS SA 13 40.51 -22.54 -59.01
CA HIS SA 13 39.26 -21.86 -58.71
C HIS SA 13 39.16 -21.61 -57.21
N SER SA 14 38.48 -20.53 -56.85
CA SER SA 14 38.16 -20.24 -55.46
C SER SA 14 36.70 -20.61 -55.22
N LEU SA 15 36.46 -21.40 -54.16
CA LEU SA 15 35.11 -21.90 -53.91
C LEU SA 15 34.14 -20.75 -53.63
N SER SA 16 34.57 -19.75 -52.88
CA SER SA 16 33.72 -18.60 -52.61
C SER SA 16 33.57 -17.69 -53.82
N GLU SA 17 34.43 -17.82 -54.81
CA GLU SA 17 34.39 -16.97 -56.00
C GLU SA 17 33.64 -17.61 -57.17
N THR SA 18 33.80 -18.91 -57.38
CA THR SA 18 33.07 -19.59 -58.45
C THR SA 18 31.57 -19.54 -58.20
N PHE SA 19 31.16 -19.77 -56.95
CA PHE SA 19 29.76 -19.69 -56.55
C PHE SA 19 29.60 -18.54 -55.56
N PRO SA 20 29.06 -17.40 -55.99
CA PRO SA 20 28.97 -16.23 -55.09
C PRO SA 20 28.18 -16.49 -53.82
N GLY SA 21 27.13 -17.30 -53.88
CA GLY SA 21 26.34 -17.58 -52.70
C GLY SA 21 27.03 -18.45 -51.67
N LEU SA 22 28.01 -19.24 -52.09
CA LEU SA 22 28.71 -20.15 -51.19
C LEU SA 22 29.77 -19.40 -50.38
N SER SA 23 29.83 -19.70 -49.10
CA SER SA 23 30.83 -19.10 -48.21
C SER SA 23 31.33 -20.19 -47.26
N VAL SA 24 32.65 -20.38 -47.25
CA VAL SA 24 33.25 -21.43 -46.43
C VAL SA 24 33.33 -20.92 -44.99
N GLN SA 25 32.72 -21.68 -44.07
CA GLN SA 25 32.72 -21.30 -42.66
C GLN SA 25 33.97 -21.80 -41.93
N GLU SA 26 34.29 -23.08 -42.05
CA GLU SA 26 35.39 -23.64 -41.28
C GLU SA 26 36.03 -24.79 -42.04
N VAL SA 27 37.34 -24.93 -41.88
CA VAL SA 27 38.11 -25.98 -42.54
C VAL SA 27 38.86 -26.77 -41.47
N SER SA 28 38.89 -28.10 -41.65
CA SER SA 28 39.57 -28.98 -40.70
C SER SA 28 40.01 -30.23 -41.43
N ARG SA 29 40.88 -30.99 -40.77
CA ARG SA 29 41.38 -32.23 -41.34
C ARG SA 29 41.34 -33.34 -40.30
N GLN SA 30 41.11 -34.56 -40.77
CA GLN SA 30 41.14 -35.71 -39.89
C GLN SA 30 42.58 -36.07 -39.51
N SER SA 31 42.71 -36.79 -38.40
CA SER SA 31 44.01 -37.26 -37.97
C SER SA 31 44.50 -38.35 -38.91
N PRO SA 32 45.82 -38.57 -39.00
CA PRO SA 32 46.33 -39.69 -39.79
C PRO SA 32 45.77 -41.01 -39.28
N GLN SA 33 45.40 -41.87 -40.22
CA GLN SA 33 44.75 -43.14 -39.90
C GLN SA 33 45.82 -44.22 -39.86
N LEU SA 34 46.39 -44.43 -38.68
CA LEU SA 34 47.43 -45.44 -38.51
C LEU SA 34 46.79 -46.83 -38.48
N SER SA 35 47.07 -47.62 -39.51
CA SER SA 35 46.59 -48.99 -39.60
C SER SA 35 47.72 -49.95 -39.29
N MET SA 36 47.41 -51.00 -38.54
CA MET SA 36 48.41 -51.90 -38.01
C MET SA 36 47.84 -53.31 -37.98
N GLU SA 37 48.67 -54.29 -38.29
CA GLU SA 37 48.28 -55.70 -38.27
C GLU SA 37 48.91 -56.36 -37.05
N THR SA 38 48.09 -57.02 -36.25
CA THR SA 38 48.53 -57.63 -34.99
C THR SA 38 48.40 -59.14 -35.08
N ALA SA 39 49.44 -59.84 -34.63
CA ALA SA 39 49.45 -61.29 -34.56
C ALA SA 39 49.52 -61.73 -33.10
N GLU SA 40 48.71 -62.71 -32.74
CA GLU SA 40 48.65 -63.23 -31.39
C GLU SA 40 49.35 -64.58 -31.31
N ILE SA 41 50.19 -64.77 -30.30
CA ILE SA 41 50.87 -66.02 -30.05
C ILE SA 41 50.28 -66.62 -28.78
N ALA SA 42 49.77 -67.85 -28.89
CA ALA SA 42 49.23 -68.53 -27.73
C ALA SA 42 50.34 -68.79 -26.71
N GLY SA 43 50.02 -68.57 -25.44
CA GLY SA 43 50.98 -68.73 -24.38
C GLY SA 43 51.78 -67.50 -24.03
N THR SA 44 51.66 -66.42 -24.82
CA THR SA 44 52.36 -65.17 -24.56
C THR SA 44 51.35 -64.03 -24.47
N ASP SA 45 51.75 -62.95 -23.81
CA ASP SA 45 50.89 -61.80 -23.62
C ASP SA 45 51.04 -60.82 -24.78
N GLY SA 46 49.99 -60.02 -24.99
CA GLY SA 46 50.05 -58.98 -25.99
C GLY SA 46 50.02 -59.51 -27.41
N VAL SA 47 50.38 -58.62 -28.34
CA VAL SA 47 50.39 -58.93 -29.76
C VAL SA 47 51.70 -58.44 -30.36
N ILE SA 48 52.03 -59.00 -31.51
CA ILE SA 48 53.18 -58.56 -32.31
C ILE SA 48 52.64 -57.72 -33.47
N PRO SA 49 53.06 -56.47 -33.61
CA PRO SA 49 52.53 -55.62 -34.69
C PRO SA 49 53.36 -55.73 -35.97
N GLY SA 50 52.65 -55.73 -37.09
CA GLY SA 50 53.28 -55.69 -38.39
C GLY SA 50 53.71 -54.28 -38.76
N MET SA 51 54.11 -54.12 -40.01
CA MET SA 51 54.51 -52.80 -40.49
C MET SA 51 53.30 -51.89 -40.54
N THR SA 52 53.42 -50.71 -39.95
CA THR SA 52 52.32 -49.76 -39.91
C THR SA 52 52.14 -49.10 -41.28
N GLN SA 53 50.90 -48.69 -41.55
CA GLN SA 53 50.58 -47.95 -42.76
C GLN SA 53 49.63 -46.81 -42.41
N PHE SA 54 49.40 -45.93 -43.38
CA PHE SA 54 48.53 -44.78 -43.20
C PHE SA 54 47.41 -44.84 -44.23
N LYS SA 55 46.19 -45.05 -43.75
CA LYS SA 55 45.03 -45.14 -44.62
C LYS SA 55 44.63 -43.76 -45.11
N PRO SA 56 43.83 -43.69 -46.18
CA PRO SA 56 43.32 -42.39 -46.63
C PRO SA 56 42.52 -41.71 -45.53
N PHE SA 57 42.62 -40.38 -45.48
CA PHE SA 57 41.92 -39.64 -44.44
C PHE SA 57 40.98 -38.61 -45.09
N ILE SA 58 40.37 -37.79 -44.26
CA ILE SA 58 39.26 -36.92 -44.69
C ILE SA 58 39.61 -35.47 -44.37
N PHE SA 59 39.47 -34.61 -45.37
CA PHE SA 59 39.59 -33.16 -45.22
C PHE SA 59 38.18 -32.57 -45.32
N SER SA 60 37.73 -31.91 -44.27
CA SER SA 60 36.37 -31.44 -44.18
C SER SA 60 36.31 -29.92 -44.22
N ALA SA 61 35.25 -29.40 -44.84
CA ALA SA 61 35.02 -27.96 -44.92
C ALA SA 61 33.53 -27.72 -44.76
N LYS SA 62 33.13 -27.11 -43.65
CA LYS SA 62 31.74 -26.79 -43.40
C LYS SA 62 31.47 -25.39 -43.94
N CYS SA 63 30.36 -25.26 -44.68
CA CYS SA 63 30.02 -24.03 -45.38
C CYS SA 63 28.51 -23.91 -45.48
N ASN SA 64 28.07 -22.75 -45.97
CA ASN SA 64 26.66 -22.46 -46.14
C ASN SA 64 26.44 -21.81 -47.49
N LEU SA 65 25.24 -21.99 -48.04
CA LEU SA 65 24.83 -21.39 -49.30
C LEU SA 65 23.61 -20.51 -49.05
N GLN SA 66 23.70 -19.26 -49.49
CA GLN SA 66 22.64 -18.26 -49.31
C GLN SA 66 22.21 -17.80 -50.70
N ALA SA 67 21.22 -18.48 -51.27
CA ALA SA 67 20.77 -18.17 -52.61
C ALA SA 67 19.83 -16.97 -52.63
N LEU SA 68 19.64 -16.41 -53.81
CA LEU SA 68 18.74 -15.27 -53.96
C LEU SA 68 17.28 -15.69 -53.86
N ASP SA 69 16.94 -16.81 -54.48
CA ASP SA 69 15.57 -17.33 -54.43
C ASP SA 69 15.61 -18.82 -54.69
N ILE SA 70 14.43 -19.44 -54.71
CA ILE SA 70 14.34 -20.90 -54.87
C ILE SA 70 14.95 -21.38 -56.18
N PRO SA 71 14.62 -20.81 -57.35
CA PRO SA 71 15.31 -21.25 -58.57
C PRO SA 71 16.81 -21.08 -58.50
N ASP SA 72 17.27 -19.98 -57.88
CA ASP SA 72 18.70 -19.80 -57.69
C ASP SA 72 19.27 -20.87 -56.77
N TYR SA 73 18.52 -21.27 -55.75
CA TYR SA 73 18.98 -22.32 -54.85
C TYR SA 73 19.17 -23.64 -55.60
N HIS SA 74 18.17 -24.03 -56.40
CA HIS SA 74 18.28 -25.27 -57.15
C HIS SA 74 19.40 -25.21 -58.18
N LEU SA 75 19.54 -24.07 -58.86
CA LEU SA 75 20.60 -23.91 -59.84
C LEU SA 75 21.97 -24.00 -59.18
N ALA SA 76 22.13 -23.37 -58.01
CA ALA SA 76 23.41 -23.43 -57.31
C ALA SA 76 23.71 -24.85 -56.84
N VAL SA 77 22.68 -25.57 -56.38
CA VAL SA 77 22.90 -26.95 -55.95
C VAL SA 77 23.38 -27.79 -57.13
N ARG SA 78 22.72 -27.65 -58.28
CA ARG SA 78 23.15 -28.41 -59.45
C ARG SA 78 24.56 -28.02 -59.90
N GLU SA 79 24.86 -26.72 -59.88
CA GLU SA 79 26.19 -26.27 -60.29
C GLU SA 79 27.26 -26.82 -59.37
N ILE SA 80 27.02 -26.80 -58.05
CA ILE SA 80 27.99 -27.34 -57.11
C ILE SA 80 28.18 -28.83 -57.32
N TYR SA 81 27.08 -29.57 -57.53
CA TYR SA 81 27.20 -31.00 -57.77
C TYR SA 81 27.98 -31.29 -59.04
N GLU SA 82 27.73 -30.53 -60.11
CA GLU SA 82 28.47 -30.73 -61.35
C GLU SA 82 29.95 -30.40 -61.17
N PHE SA 83 30.26 -29.31 -60.47
CA PHE SA 83 31.64 -28.85 -60.38
C PHE SA 83 32.47 -29.75 -59.48
N LEU SA 84 31.93 -30.13 -58.33
CA LEU SA 84 32.72 -30.85 -57.33
C LEU SA 84 33.03 -32.27 -57.76
N PHE SA 85 32.04 -32.96 -58.35
CA PHE SA 85 32.17 -34.41 -58.61
C PHE SA 85 32.70 -34.62 -60.02
N GLN SA 86 34.02 -34.65 -60.14
CA GLN SA 86 34.70 -35.04 -61.37
C GLN SA 86 35.13 -36.50 -61.29
N ARG SA 87 35.55 -37.03 -62.42
CA ARG SA 87 35.96 -38.42 -62.52
C ARG SA 87 37.43 -38.63 -62.18
N ASP SA 88 38.18 -37.57 -61.90
CA ASP SA 88 39.59 -37.68 -61.57
C ASP SA 88 39.90 -36.81 -60.37
N SER SA 89 40.94 -37.20 -59.63
CA SER SA 89 41.31 -36.50 -58.42
C SER SA 89 41.84 -35.10 -58.74
N TYR SA 90 41.73 -34.21 -57.75
CA TYR SA 90 42.21 -32.84 -57.94
C TYR SA 90 42.74 -32.32 -56.61
N TYR SA 91 43.51 -31.24 -56.68
CA TYR SA 91 44.18 -30.72 -55.50
C TYR SA 91 43.34 -29.64 -54.83
N ILE SA 92 43.46 -29.55 -53.51
CA ILE SA 92 42.76 -28.53 -52.74
C ILE SA 92 43.69 -27.97 -51.68
N TRP SA 93 43.43 -26.73 -51.28
CA TRP SA 93 44.13 -26.14 -50.15
C TRP SA 93 43.28 -24.99 -49.60
N SER SA 94 43.77 -24.37 -48.53
CA SER SA 94 43.05 -23.31 -47.84
C SER SA 94 43.98 -22.14 -47.57
N ASP SA 95 43.38 -20.96 -47.38
CA ASP SA 95 44.16 -19.76 -47.13
C ASP SA 95 44.85 -19.79 -45.78
N GLN SA 96 44.31 -20.57 -44.83
CA GLN SA 96 44.93 -20.64 -43.51
C GLN SA 96 46.31 -21.27 -43.58
N MET SA 97 46.47 -22.32 -44.40
CA MET SA 97 47.76 -22.96 -44.64
C MET SA 97 47.97 -23.06 -46.15
N PRO SA 98 48.26 -21.93 -46.80
CA PRO SA 98 48.33 -21.92 -48.27
C PRO SA 98 49.48 -22.75 -48.83
N GLY SA 99 50.50 -23.06 -48.04
CA GLY SA 99 51.66 -23.75 -48.56
C GLY SA 99 51.55 -25.25 -48.69
N ILE SA 100 50.42 -25.84 -48.34
CA ILE SA 100 50.25 -27.29 -48.33
C ILE SA 100 48.92 -27.63 -48.99
N ARG SA 101 48.95 -28.60 -49.89
CA ARG SA 101 47.78 -29.01 -50.66
C ARG SA 101 47.57 -30.50 -50.53
N TYR SA 102 46.33 -30.93 -50.72
CA TYR SA 102 45.94 -32.34 -50.66
C TYR SA 102 45.35 -32.75 -51.99
N GLU SA 103 45.82 -33.88 -52.53
CA GLU SA 103 45.23 -34.46 -53.73
C GLU SA 103 44.10 -35.38 -53.29
N VAL SA 104 42.86 -35.01 -53.64
CA VAL SA 104 41.68 -35.61 -53.05
C VAL SA 104 40.70 -36.03 -54.14
N HIS SA 105 39.77 -36.89 -53.73
CA HIS SA 105 38.55 -37.26 -54.44
C HIS SA 105 37.33 -36.83 -53.61
N PRO SA 106 36.30 -36.27 -54.24
CA PRO SA 106 35.15 -35.80 -53.47
C PRO SA 106 34.39 -36.95 -52.82
N LYS SA 107 33.81 -36.64 -51.66
CA LYS SA 107 32.96 -37.57 -50.93
C LYS SA 107 31.50 -37.15 -51.02
N PRO SA 108 30.57 -38.07 -50.85
CA PRO SA 108 29.15 -37.70 -50.86
C PRO SA 108 28.84 -36.69 -49.76
N VAL SA 109 28.03 -35.70 -50.11
CA VAL SA 109 27.59 -34.65 -49.19
C VAL SA 109 26.08 -34.55 -49.27
N ASP SA 110 25.47 -33.87 -48.30
CA ASP SA 110 24.03 -33.67 -48.28
C ASP SA 110 23.73 -32.24 -47.89
N PHE SA 111 22.90 -31.58 -48.68
CA PHE SA 111 22.47 -30.21 -48.38
C PHE SA 111 21.38 -30.23 -47.32
N SER SA 112 21.58 -29.48 -46.24
CA SER SA 112 20.60 -29.36 -45.17
C SER SA 112 19.82 -28.07 -45.41
N ARG SA 113 18.71 -28.19 -46.13
CA ARG SA 113 17.91 -27.02 -46.48
C ARG SA 113 17.21 -26.50 -45.22
N GLU SA 114 17.68 -25.38 -44.70
CA GLU SA 114 17.09 -24.78 -43.51
C GLU SA 114 15.91 -23.88 -43.85
N SER SA 115 16.08 -22.99 -44.82
CA SER SA 115 14.99 -22.14 -45.29
C SER SA 115 14.84 -22.28 -46.79
N ASP SA 116 13.99 -21.44 -47.40
CA ASP SA 116 13.77 -21.53 -48.83
C ASP SA 116 14.99 -21.12 -49.64
N ARG SA 117 15.93 -20.38 -49.04
CA ARG SA 117 17.11 -19.92 -49.75
C ARG SA 117 18.42 -20.21 -49.04
N VAL SA 118 18.39 -20.85 -47.87
CA VAL SA 118 19.59 -21.08 -47.07
C VAL SA 118 19.80 -22.58 -46.91
N GLY SA 119 21.01 -23.05 -47.20
CA GLY SA 119 21.34 -24.44 -47.02
C GLY SA 119 22.74 -24.67 -46.49
N LEU SA 120 22.86 -25.36 -45.37
CA LEU SA 120 24.17 -25.68 -44.80
C LEU SA 120 24.67 -27.01 -45.34
N LEU SA 121 25.99 -27.12 -45.48
CA LEU SA 121 26.57 -28.36 -45.98
C LEU SA 121 27.99 -28.49 -45.45
N THR SA 122 28.52 -29.71 -45.54
CA THR SA 122 29.88 -30.02 -45.08
C THR SA 122 30.53 -30.87 -46.16
N ILE SA 123 31.37 -30.24 -46.99
CA ILE SA 123 32.03 -30.94 -48.07
C ILE SA 123 33.22 -31.71 -47.51
N GLU SA 124 33.24 -33.01 -47.76
CA GLU SA 124 34.33 -33.88 -47.31
C GLU SA 124 35.10 -34.38 -48.53
N PHE SA 125 36.43 -34.46 -48.39
CA PHE SA 125 37.30 -34.91 -49.45
C PHE SA 125 38.17 -36.04 -48.93
N ASP SA 126 38.23 -37.14 -49.67
CA ASP SA 126 39.11 -38.26 -49.34
C ASP SA 126 40.49 -37.96 -49.89
N VAL SA 127 41.45 -37.76 -48.98
CA VAL SA 127 42.87 -37.77 -49.33
C VAL SA 127 43.29 -39.24 -49.35
N PHE SA 128 43.41 -39.79 -50.55
CA PHE SA 128 43.61 -41.22 -50.74
C PHE SA 128 45.07 -41.63 -50.75
N LYS SA 129 46.00 -40.68 -50.84
CA LYS SA 129 47.41 -41.04 -50.77
C LYS SA 129 47.91 -41.16 -49.34
N GLY SA 130 47.11 -40.76 -48.36
CA GLY SA 130 47.49 -40.88 -46.97
C GLY SA 130 48.40 -39.79 -46.45
N TYR SA 131 48.70 -38.78 -47.26
CA TYR SA 131 49.59 -37.72 -46.82
C TYR SA 131 49.28 -36.45 -47.60
N ALA SA 132 49.70 -35.32 -47.03
CA ALA SA 132 49.68 -34.05 -47.73
C ALA SA 132 51.01 -33.82 -48.42
N GLU SA 133 51.08 -32.76 -49.22
CA GLU SA 133 52.29 -32.46 -49.95
C GLU SA 133 52.38 -30.96 -50.22
N SER SA 134 53.59 -30.50 -50.52
CA SER SA 134 53.79 -29.11 -50.86
C SER SA 134 53.12 -28.77 -52.19
N ARG SA 135 52.92 -27.48 -52.42
CA ARG SA 135 52.22 -27.03 -53.62
C ARG SA 135 53.02 -27.28 -54.89
N GLY SA 136 54.30 -27.62 -54.78
CA GLY SA 136 55.11 -27.93 -55.93
C GLY SA 136 56.26 -28.83 -55.53
N THR SA 137 57.06 -29.19 -56.54
CA THR SA 137 58.23 -30.03 -56.30
C THR SA 137 59.38 -29.20 -55.74
N SER SA 138 60.51 -29.86 -55.48
CA SER SA 138 61.66 -29.16 -54.92
C SER SA 138 62.20 -28.12 -55.89
N LEU SA 139 62.25 -28.45 -57.18
CA LEU SA 139 62.75 -27.52 -58.18
C LEU SA 139 61.74 -26.46 -58.57
N ASP SA 140 60.49 -26.59 -58.15
CA ASP SA 140 59.47 -25.61 -58.49
C ASP SA 140 59.69 -24.33 -57.69
N PRO SA 141 59.84 -23.17 -58.35
CA PRO SA 141 59.97 -21.92 -57.59
C PRO SA 141 58.75 -21.57 -56.76
N MET SA 142 57.58 -22.11 -57.11
CA MET SA 142 56.37 -21.83 -56.34
C MET SA 142 56.44 -22.42 -54.94
N THR SA 143 57.16 -23.54 -54.78
CA THR SA 143 57.18 -24.24 -53.50
C THR SA 143 57.74 -23.37 -52.39
N PHE SA 144 58.82 -22.64 -52.66
CA PHE SA 144 59.47 -21.80 -51.67
C PHE SA 144 59.08 -20.33 -51.81
N GLU SA 145 57.90 -20.05 -52.36
CA GLU SA 145 57.49 -18.68 -52.62
C GLU SA 145 56.18 -18.29 -51.94
N VAL SA 146 55.38 -19.22 -51.46
CA VAL SA 146 54.12 -18.84 -50.82
C VAL SA 146 54.24 -18.83 -49.30
N ASP SA 147 54.52 -19.99 -48.68
CA ASP SA 147 54.78 -20.10 -47.25
C ASP SA 147 55.09 -21.55 -46.89
N LEU SA 148 55.97 -21.76 -45.91
CA LEU SA 148 56.20 -23.10 -45.39
C LEU SA 148 56.86 -22.96 -44.03
N TRP SA 149 56.15 -23.35 -42.97
CA TRP SA 149 56.64 -23.23 -41.61
C TRP SA 149 57.02 -24.61 -41.06
N GLN SA 150 58.22 -24.71 -40.54
CA GLN SA 150 58.69 -25.94 -39.91
C GLN SA 150 59.40 -25.58 -38.61
N MET SA 151 59.10 -26.34 -37.56
CA MET SA 151 59.54 -26.10 -36.18
C MET SA 151 59.67 -24.61 -35.86
N GLY SA 152 58.63 -23.84 -36.19
CA GLY SA 152 58.61 -22.42 -35.87
C GLY SA 152 59.44 -21.55 -36.76
N MET SA 153 59.99 -22.08 -37.86
CA MET SA 153 60.79 -21.30 -38.79
C MET SA 153 60.21 -21.44 -40.19
N ASN SA 154 60.35 -20.37 -40.98
CA ASN SA 154 59.76 -20.33 -42.32
C ASN SA 154 60.80 -20.78 -43.33
N LEU SA 155 60.50 -21.86 -44.06
CA LEU SA 155 61.40 -22.38 -45.06
C LEU SA 155 61.42 -21.56 -46.35
N SER SA 156 60.42 -20.68 -46.55
CA SER SA 156 60.39 -19.86 -47.74
C SER SA 156 61.43 -18.75 -47.72
N ASN SA 157 62.08 -18.51 -46.58
CA ASN SA 157 63.10 -17.49 -46.46
C ASN SA 157 64.50 -18.05 -46.34
N ARG SA 158 64.66 -19.34 -46.10
CA ARG SA 158 65.97 -19.94 -46.01
C ARG SA 158 66.67 -19.90 -47.36
N ASP SA 159 67.95 -19.54 -47.35
CA ASP SA 159 68.74 -19.40 -48.56
C ASP SA 159 69.75 -20.53 -48.75
N ASP SA 160 69.83 -21.47 -47.82
CA ASP SA 160 70.78 -22.58 -47.91
C ASP SA 160 70.18 -23.82 -48.54
N LEU SA 161 68.93 -23.77 -49.01
CA LEU SA 161 68.27 -24.93 -49.59
C LEU SA 161 68.49 -24.91 -51.11
N PHE SA 162 69.36 -25.79 -51.58
CA PHE SA 162 69.62 -25.96 -53.00
C PHE SA 162 69.32 -27.39 -53.40
N TYR SA 163 68.95 -27.57 -54.67
CA TYR SA 163 68.65 -28.89 -55.19
C TYR SA 163 69.32 -29.16 -56.53
N VAL SA 164 70.18 -28.27 -57.00
CA VAL SA 164 71.03 -28.49 -58.15
C VAL SA 164 72.47 -28.35 -57.69
N PHE SA 165 73.27 -29.38 -57.94
CA PHE SA 165 74.63 -29.44 -57.41
C PHE SA 165 75.62 -29.69 -58.53
N ARG SA 166 76.84 -29.17 -58.35
CA ARG SA 166 77.91 -29.35 -59.32
C ARG SA 166 79.13 -30.06 -58.75
N GLU SA 167 79.19 -30.29 -57.45
CA GLU SA 167 80.33 -30.95 -56.84
C GLU SA 167 80.08 -32.46 -56.77
N ASN SA 168 80.94 -33.18 -56.06
CA ASN SA 168 80.80 -34.62 -55.90
C ASN SA 168 80.23 -35.01 -54.54
N THR SA 169 80.41 -34.19 -53.52
CA THR SA 169 79.81 -34.42 -52.21
C THR SA 169 78.98 -33.20 -51.82
N PHE SA 170 77.79 -33.44 -51.31
CA PHE SA 170 76.89 -32.34 -50.96
C PHE SA 170 75.84 -32.85 -49.98
N ARG SA 171 74.89 -31.97 -49.64
CA ARG SA 171 73.80 -32.29 -48.74
C ARG SA 171 72.48 -31.86 -49.37
N VAL SA 172 71.47 -32.70 -49.21
CA VAL SA 172 70.12 -32.43 -49.73
C VAL SA 172 69.17 -32.42 -48.55
N TYR SA 173 68.33 -31.38 -48.48
CA TYR SA 173 67.39 -31.23 -47.39
C TYR SA 173 66.00 -31.66 -47.83
N ASN SA 174 65.50 -32.73 -47.23
CA ASN SA 174 64.11 -33.16 -47.39
C ASN SA 174 63.32 -32.60 -46.20
N ALA SA 175 62.47 -31.62 -46.48
CA ALA SA 175 61.72 -30.92 -45.46
C ALA SA 175 60.39 -31.58 -45.13
N GLY SA 176 60.10 -32.73 -45.72
CA GLY SA 176 58.85 -33.41 -45.47
C GLY SA 176 58.79 -34.01 -44.08
N SER SA 177 57.61 -34.54 -43.75
CA SER SA 177 57.39 -35.12 -42.44
C SER SA 177 57.88 -36.56 -42.32
N ASP SA 178 58.28 -37.18 -43.42
CA ASP SA 178 58.78 -38.55 -43.37
C ASP SA 178 59.67 -38.79 -44.59
N ARG SA 179 60.30 -39.96 -44.62
CA ARG SA 179 61.23 -40.30 -45.67
C ARG SA 179 60.53 -40.45 -47.01
N VAL SA 180 61.17 -39.94 -48.05
CA VAL SA 180 60.70 -40.09 -49.43
C VAL SA 180 61.27 -41.38 -49.98
N ASN SA 181 60.40 -42.28 -50.44
CA ASN SA 181 60.81 -43.59 -50.93
C ASN SA 181 60.07 -43.89 -52.22
N PRO SA 182 60.78 -44.04 -53.34
CA PRO SA 182 60.08 -44.39 -54.60
C PRO SA 182 59.34 -45.71 -54.53
N LEU SA 183 59.81 -46.66 -53.70
CA LEU SA 183 59.12 -47.94 -53.58
C LEU SA 183 57.72 -47.78 -53.02
N MET SA 184 57.49 -46.72 -52.24
CA MET SA 184 56.18 -46.42 -51.70
C MET SA 184 55.31 -45.61 -52.67
N ARG SA 185 55.63 -45.67 -53.97
CA ARG SA 185 54.91 -44.93 -55.00
C ARG SA 185 55.02 -43.41 -54.80
N HIS SA 186 56.09 -42.97 -54.16
CA HIS SA 186 56.35 -41.54 -54.05
C HIS SA 186 56.98 -41.02 -55.34
N GLU SA 187 56.94 -39.70 -55.50
CA GLU SA 187 57.50 -39.04 -56.67
C GLU SA 187 58.89 -38.54 -56.33
N LEU SA 188 59.88 -38.99 -57.10
CA LEU SA 188 61.27 -38.58 -56.88
C LEU SA 188 62.04 -38.75 -58.18
N ASP SA 189 62.59 -37.65 -58.70
CA ASP SA 189 63.36 -37.65 -59.93
C ASP SA 189 64.77 -37.16 -59.64
N ILE SA 190 65.77 -37.85 -60.18
CA ILE SA 190 67.15 -37.45 -60.05
C ILE SA 190 67.76 -37.40 -61.44
N ALA SA 191 68.20 -36.21 -61.87
CA ALA SA 191 68.75 -36.00 -63.20
C ALA SA 191 70.24 -35.71 -63.08
N MET SA 192 71.05 -36.45 -63.82
CA MET SA 192 72.50 -36.34 -63.72
C MET SA 192 73.11 -36.24 -65.11
N THR SA 193 74.16 -35.42 -65.22
CA THR SA 193 74.95 -35.29 -66.44
C THR SA 193 76.41 -35.17 -66.05
N ALA SA 194 77.22 -36.14 -66.44
CA ALA SA 194 78.63 -36.18 -66.08
C ALA SA 194 79.38 -37.01 -67.10
N ASN SA 195 80.65 -37.28 -66.82
CA ASN SA 195 81.51 -38.09 -67.69
C ASN SA 195 82.15 -39.20 -66.87
N GLY SA 196 82.00 -40.43 -67.33
CA GLY SA 196 82.60 -41.56 -66.66
C GLY SA 196 81.62 -42.61 -66.22
N THR SA 197 81.94 -43.35 -65.16
CA THR SA 197 81.06 -44.38 -64.61
C THR SA 197 80.45 -43.85 -63.33
N PRO SA 198 79.16 -43.53 -63.29
CA PRO SA 198 78.58 -42.90 -62.11
C PRO SA 198 78.38 -43.88 -60.97
N THR SA 199 78.45 -43.35 -59.75
CA THR SA 199 78.11 -44.10 -58.55
C THR SA 199 77.65 -43.11 -57.49
N ILE SA 200 76.40 -43.23 -57.06
CA ILE SA 200 75.78 -42.31 -56.12
C ILE SA 200 75.61 -43.04 -54.80
N HIS SA 201 76.09 -42.43 -53.72
CA HIS SA 201 75.99 -42.99 -52.38
C HIS SA 201 75.23 -42.01 -51.48
N ASN SA 202 74.16 -42.50 -50.87
CA ASN SA 202 73.43 -41.77 -49.83
C ASN SA 202 73.97 -42.29 -48.51
N LEU SA 203 74.93 -41.56 -47.93
CA LEU SA 203 75.57 -42.02 -46.70
C LEU SA 203 74.63 -41.96 -45.51
N THR SA 204 73.72 -40.99 -45.49
CA THR SA 204 72.77 -40.88 -44.39
C THR SA 204 71.90 -42.13 -44.30
N THR SA 205 71.33 -42.55 -45.42
CA THR SA 205 70.54 -43.78 -45.47
C THR SA 205 71.36 -44.99 -45.88
N GLY SA 206 72.63 -44.81 -46.25
CA GLY SA 206 73.47 -45.92 -46.63
C GLY SA 206 73.00 -46.66 -47.87
N GLU SA 207 72.48 -45.94 -48.85
CA GLU SA 207 72.02 -46.54 -50.10
C GLU SA 207 73.01 -46.23 -51.21
N SER SA 208 72.90 -47.00 -52.30
CA SER SA 208 73.86 -46.85 -53.39
C SER SA 208 73.18 -47.20 -54.71
N PHE SA 209 73.53 -46.44 -55.75
CA PHE SA 209 73.12 -46.73 -57.11
C PHE SA 209 74.32 -46.61 -58.04
N GLU SA 210 74.57 -47.64 -58.84
CA GLU SA 210 75.72 -47.65 -59.73
C GLU SA 210 75.28 -48.00 -61.14
N TYR SA 211 75.85 -47.32 -62.12
CA TYR SA 211 75.67 -47.62 -63.53
C TYR SA 211 76.98 -48.14 -64.09
N ARG SA 212 76.92 -49.31 -64.74
CA ARG SA 212 78.13 -50.04 -65.14
C ARG SA 212 78.55 -49.76 -66.57
N LYS SA 213 78.31 -48.55 -67.06
CA LYS SA 213 78.73 -48.16 -68.39
C LYS SA 213 79.27 -46.73 -68.37
N GLU SA 214 80.14 -46.43 -69.33
CA GLU SA 214 80.68 -45.10 -69.45
C GLU SA 214 79.61 -44.11 -69.86
N LEU SA 215 79.71 -42.88 -69.36
CA LEU SA 215 78.74 -41.84 -69.61
C LEU SA 215 79.43 -40.61 -70.19
N GLN SA 216 78.68 -39.84 -70.96
CA GLN SA 216 79.19 -38.63 -71.60
C GLN SA 216 78.32 -37.45 -71.18
N LYS SA 217 78.88 -36.25 -71.28
CA LYS SA 217 78.21 -35.05 -70.78
C LYS SA 217 76.88 -34.80 -71.48
N THR SA 218 76.75 -35.22 -72.74
CA THR SA 218 75.50 -35.04 -73.47
C THR SA 218 74.49 -36.14 -73.17
N ASP SA 219 74.83 -37.12 -72.35
CA ASP SA 219 73.93 -38.19 -71.97
C ASP SA 219 73.39 -37.89 -70.58
N VAL SA 220 72.07 -37.87 -70.46
CA VAL SA 220 71.39 -37.53 -69.21
C VAL SA 220 70.87 -38.82 -68.59
N LEU SA 221 71.27 -39.08 -67.35
CA LEU SA 221 70.79 -40.23 -66.59
C LEU SA 221 69.71 -39.77 -65.63
N LEU SA 222 68.49 -40.28 -65.82
CA LEU SA 222 67.34 -39.86 -65.03
C LEU SA 222 66.77 -41.05 -64.28
N LEU SA 223 66.81 -40.98 -62.96
CA LEU SA 223 66.18 -41.98 -62.11
C LEU SA 223 64.82 -41.44 -61.70
N ASN SA 224 63.76 -42.03 -62.24
CA ASN SA 224 62.40 -41.65 -61.88
C ASN SA 224 61.66 -42.85 -61.33
N ASN SA 225 61.06 -42.69 -60.15
CA ASN SA 225 60.45 -43.78 -59.42
C ASN SA 225 61.43 -44.93 -59.25
N ILE SA 226 61.11 -46.10 -59.82
CA ILE SA 226 61.97 -47.27 -59.71
C ILE SA 226 62.69 -47.56 -61.03
N TYR SA 227 62.73 -46.62 -61.95
CA TYR SA 227 63.29 -46.86 -63.27
C TYR SA 227 64.41 -45.90 -63.57
N PRO SA 228 65.60 -46.40 -63.93
CA PRO SA 228 66.65 -45.54 -64.48
C PRO SA 228 66.60 -45.50 -65.99
N LEU SA 229 66.80 -44.31 -66.55
CA LEU SA 229 66.76 -44.09 -67.99
C LEU SA 229 68.02 -43.35 -68.42
N VAL SA 230 68.51 -43.69 -69.61
CA VAL SA 230 69.59 -42.96 -70.25
C VAL SA 230 69.05 -42.47 -71.59
N ASN SA 231 68.93 -41.15 -71.74
CA ASN SA 231 68.33 -40.54 -72.93
C ASN SA 231 66.94 -41.10 -73.18
N ASN SA 232 66.15 -41.17 -72.10
CA ASN SA 232 64.77 -41.67 -72.14
C ASN SA 232 64.70 -43.10 -72.68
N ARG SA 233 65.56 -43.97 -72.15
CA ARG SA 233 65.58 -45.38 -72.50
C ARG SA 233 65.89 -46.20 -71.27
N ARG SA 234 65.07 -47.20 -71.00
CA ARG SA 234 65.27 -48.03 -69.81
C ARG SA 234 66.55 -48.84 -69.96
N VAL SA 235 67.46 -48.68 -68.99
CA VAL SA 235 68.77 -49.33 -69.05
C VAL SA 235 69.01 -50.09 -67.75
N GLY SA 236 67.93 -50.58 -67.13
CA GLY SA 236 68.04 -51.23 -65.83
C GLY SA 236 68.91 -52.46 -65.82
N LYS SA 237 69.11 -53.11 -66.98
CA LYS SA 237 69.93 -54.31 -67.03
C LYS SA 237 71.40 -54.01 -66.77
N ASP SA 238 71.85 -52.77 -66.96
CA ASP SA 238 73.24 -52.41 -66.80
C ASP SA 238 73.51 -51.70 -65.47
N THR SA 239 72.57 -51.75 -64.54
CA THR SA 239 72.73 -51.14 -63.22
C THR SA 239 72.66 -52.22 -62.15
N ASN SA 240 72.72 -51.78 -60.90
CA ASN SA 240 72.55 -52.66 -59.75
C ASN SA 240 71.12 -52.64 -59.22
N HIS SA 241 70.21 -52.00 -59.94
CA HIS SA 241 68.81 -51.88 -59.52
C HIS SA 241 68.70 -51.21 -58.16
N GLY SA 242 69.57 -50.24 -57.91
CA GLY SA 242 69.54 -49.52 -56.65
C GLY SA 242 68.43 -48.48 -56.62
N ILE SA 243 67.91 -48.25 -55.42
CA ILE SA 243 66.86 -47.27 -55.17
C ILE SA 243 67.38 -46.27 -54.16
N ILE SA 244 67.30 -44.99 -54.49
CA ILE SA 244 67.79 -43.91 -53.63
C ILE SA 244 66.61 -43.28 -52.93
N THR SA 245 66.65 -43.26 -51.60
CA THR SA 245 65.60 -42.69 -50.78
C THR SA 245 66.15 -41.55 -49.95
N LEU SA 246 65.32 -40.54 -49.73
CA LEU SA 246 65.69 -39.36 -48.96
C LEU SA 246 65.04 -39.44 -47.58
N GLU SA 247 65.86 -39.38 -46.54
CA GLU SA 247 65.35 -39.40 -45.17
C GLU SA 247 64.94 -38.00 -44.75
N LYS SA 248 64.35 -37.90 -43.56
CA LYS SA 248 63.97 -36.61 -43.01
C LYS SA 248 65.20 -35.75 -42.75
N GLY SA 249 65.12 -34.48 -43.07
CA GLY SA 249 66.21 -33.57 -42.79
C GLY SA 249 67.33 -33.63 -43.82
N TRP SA 250 68.57 -33.63 -43.35
CA TRP SA 250 69.72 -33.56 -44.24
C TRP SA 250 70.21 -34.95 -44.60
N ASN SA 251 70.42 -35.18 -45.90
CA ASN SA 251 71.00 -36.40 -46.42
C ASN SA 251 72.31 -36.06 -47.11
N ASP SA 252 73.38 -36.75 -46.71
CA ASP SA 252 74.71 -36.49 -47.27
C ASP SA 252 74.93 -37.40 -48.47
N PHE SA 253 75.19 -36.80 -49.63
CA PHE SA 253 75.36 -37.53 -50.87
C PHE SA 253 76.79 -37.42 -51.35
N GLU SA 254 77.32 -38.55 -51.84
CA GLU SA 254 78.67 -38.62 -52.37
C GLU SA 254 78.62 -39.22 -53.77
N ILE SA 255 79.27 -38.55 -54.73
CA ILE SA 255 79.32 -39.01 -56.11
C ILE SA 255 80.74 -39.46 -56.40
N LYS SA 256 80.88 -40.67 -56.94
CA LYS SA 256 82.19 -41.19 -57.27
C LYS SA 256 82.15 -41.83 -58.65
N GLY SA 257 83.32 -41.82 -59.31
CA GLY SA 257 83.47 -42.43 -60.62
C GLY SA 257 83.26 -41.51 -61.79
N VAL SA 258 82.87 -40.25 -61.57
CA VAL SA 258 82.62 -39.30 -62.65
C VAL SA 258 83.23 -37.95 -62.29
N THR SA 259 83.36 -37.11 -63.31
CA THR SA 259 83.84 -35.74 -63.17
C THR SA 259 82.93 -34.81 -63.96
N ASP SA 260 82.96 -33.54 -63.60
CA ASP SA 260 82.09 -32.52 -64.20
C ASP SA 260 80.63 -32.93 -64.07
N VAL SA 261 80.21 -33.20 -62.84
CA VAL SA 261 78.88 -33.76 -62.57
C VAL SA 261 77.91 -32.63 -62.26
N THR SA 262 76.76 -32.65 -62.93
CA THR SA 262 75.64 -31.77 -62.62
C THR SA 262 74.45 -32.64 -62.26
N ILE SA 263 73.94 -32.50 -61.04
CA ILE SA 263 72.89 -33.36 -60.53
C ILE SA 263 71.78 -32.49 -59.94
N ALA SA 264 70.54 -32.86 -60.22
CA ALA SA 264 69.37 -32.12 -59.77
C ALA SA 264 68.34 -33.09 -59.19
N PHE SA 265 67.76 -32.71 -58.06
CA PHE SA 265 66.72 -33.49 -57.39
C PHE SA 265 65.39 -32.75 -57.55
N ASN SA 266 64.37 -33.48 -58.03
CA ASN SA 266 63.05 -32.93 -58.25
C ASN SA 266 62.03 -33.84 -57.58
N PHE SA 267 61.49 -33.39 -56.45
CA PHE SA 267 60.55 -34.22 -55.68
C PHE SA 267 59.71 -33.31 -54.80
N PRO SA 268 58.47 -33.66 -54.54
CA PRO SA 268 57.66 -32.91 -53.58
C PRO SA 268 57.81 -33.43 -52.16
N PHE SA 269 57.64 -32.53 -51.20
CA PHE SA 269 57.72 -32.89 -49.80
C PHE SA 269 56.46 -33.62 -49.37
N ILE SA 270 56.60 -34.50 -48.39
CA ILE SA 270 55.52 -35.34 -47.90
C ILE SA 270 55.23 -34.96 -46.46
N TYR SA 271 53.98 -34.60 -46.19
CA TYR SA 271 53.56 -34.19 -44.86
C TYR SA 271 52.48 -35.13 -44.34
N ARG SA 272 52.61 -35.50 -43.07
CA ARG SA 272 51.64 -36.40 -42.43
C ARG SA 272 50.43 -35.63 -41.94
#